data_4Q29
#
_entry.id   4Q29
#
_cell.length_a   55.738
_cell.length_b   147.687
_cell.length_c   83.843
_cell.angle_alpha   90.00
_cell.angle_beta   90.00
_cell.angle_gamma   90.00
#
_symmetry.space_group_name_H-M   'C 2 2 21'
#
loop_
_entity.id
_entity.type
_entity.pdbx_description
1 polymer 'plu4264 protein'
2 non-polymer 'NICKEL (II) ION'
3 non-polymer 'SODIUM ION'
4 water water
#
_entity_poly.entity_id   1
_entity_poly.type   'polypeptide(L)'
_entity_poly.pdbx_seq_one_letter_code
;(MSE)(MSE)NIIRK(MSE)DWDS(MSE)VHEYDLDGSRLLPWEGLNTPFGGAWCIVRPETKSFRHSHNEYELFIVIQGN
AIIRINDEDFPVTKGDLIIIPLDSEHHVINNNQEDFHFYTIWWDKESTLNFLTRLEQDHHHHHH
;
_entity_poly.pdbx_strand_id   A,B
#
loop_
_chem_comp.id
_chem_comp.type
_chem_comp.name
_chem_comp.formula
NA non-polymer 'SODIUM ION' 'Na 1'
NI non-polymer 'NICKEL (II) ION' 'Ni 2'
#
# COMPACT_ATOMS: atom_id res chain seq x y z
N MSE A 2 -10.76 -8.88 -16.57
CA MSE A 2 -9.58 -8.52 -15.81
C MSE A 2 -9.53 -9.21 -14.46
O MSE A 2 -10.49 -9.86 -14.02
CB MSE A 2 -9.55 -7.02 -15.55
CG MSE A 2 -10.82 -6.53 -14.88
SE MSE A 2 -11.14 -7.17 -13.11
CE MSE A 2 -9.99 -5.86 -12.26
HA MSE A 2 -8.79 -8.77 -16.31
HB2 MSE A 2 -8.80 -6.78 -15.00
HB3 MSE A 2 -9.49 -6.56 -16.41
HG2 MSE A 2 -10.78 -5.56 -14.83
HG3 MSE A 2 -11.58 -6.79 -15.43
HE1 MSE A 2 -10.38 -4.98 -12.33
HE2 MSE A 2 -9.88 -6.09 -11.32
HE3 MSE A 2 -9.14 -5.87 -12.72
N ASN A 3 -8.45 -8.94 -13.75
CA ASN A 3 -8.30 -9.49 -12.43
C ASN A 3 -8.59 -8.54 -11.29
N ILE A 4 -9.54 -8.94 -10.46
N ILE A 4 -9.56 -8.93 -10.47
CA ILE A 4 -9.87 -8.25 -9.23
CA ILE A 4 -9.86 -8.23 -9.22
C ILE A 4 -8.81 -8.58 -8.16
C ILE A 4 -8.77 -8.56 -8.18
N ILE A 5 -8.29 -9.79 -8.21
CA ILE A 5 -7.38 -10.30 -7.17
C ILE A 5 -6.17 -10.95 -7.78
N ARG A 6 -5.05 -10.73 -7.12
N ARG A 6 -5.05 -10.75 -7.11
CA ARG A 6 -3.82 -11.46 -7.38
CA ARG A 6 -3.83 -11.46 -7.37
C ARG A 6 -3.37 -12.12 -6.09
C ARG A 6 -3.38 -12.12 -6.09
N LYS A 7 -3.47 -13.43 -6.06
CA LYS A 7 -3.04 -14.19 -4.91
C LYS A 7 -1.54 -14.18 -4.91
N MSE A 8 -0.95 -13.91 -3.76
CA MSE A 8 0.48 -13.98 -3.74
C MSE A 8 0.97 -15.42 -3.86
O MSE A 8 0.51 -16.32 -3.14
CB MSE A 8 1.02 -13.32 -2.50
CG MSE A 8 2.50 -13.51 -2.25
SE MSE A 8 3.60 -12.40 -3.51
CE MSE A 8 2.93 -10.63 -2.76
HA MSE A 8 0.84 -13.48 -4.50
HB2 MSE A 8 0.92 -12.36 -2.61
HB3 MSE A 8 0.54 -13.62 -1.72
HG2 MSE A 8 2.68 -13.20 -1.35
HG3 MSE A 8 2.74 -14.44 -2.35
HE1 MSE A 8 3.05 -10.62 -1.80
HE2 MSE A 8 3.44 -9.91 -3.15
HE3 MSE A 8 2.01 -10.51 -2.99
N ASP A 9 1.88 -15.64 -4.83
CA ASP A 9 2.70 -16.86 -4.85
C ASP A 9 4.13 -16.42 -4.50
N TRP A 10 4.64 -16.73 -3.30
CA TRP A 10 5.98 -16.23 -2.98
C TRP A 10 7.12 -16.79 -3.85
N ASP A 11 6.91 -17.98 -4.40
CA ASP A 11 7.97 -18.58 -5.19
C ASP A 11 8.22 -17.83 -6.48
N SER A 12 7.22 -17.05 -6.90
CA SER A 12 7.34 -16.43 -8.22
C SER A 12 8.03 -15.09 -8.16
N MSE A 13 8.38 -14.65 -6.97
CA MSE A 13 9.10 -13.40 -6.77
C MSE A 13 10.35 -13.41 -7.64
O MSE A 13 11.00 -14.42 -7.87
CB MSE A 13 9.45 -13.24 -5.31
CG MSE A 13 8.24 -12.84 -4.52
SE MSE A 13 8.59 -12.69 -2.63
CE MSE A 13 7.36 -11.21 -2.29
H MSE A 13 8.18 -15.04 -6.24
HA MSE A 13 8.52 -12.67 -7.03
HB2 MSE A 13 9.73 -14.12 -5.00
HB3 MSE A 13 10.16 -12.61 -5.18
HG2 MSE A 13 7.93 -11.98 -4.84
HG3 MSE A 13 7.54 -13.50 -4.61
HE1 MSE A 13 7.79 -10.57 -1.72
HE2 MSE A 13 7.15 -10.80 -3.15
HE3 MSE A 13 6.53 -11.52 -1.89
N VAL A 14 10.66 -12.21 -8.14
CA VAL A 14 11.84 -11.96 -8.95
C VAL A 14 12.89 -11.33 -8.05
N HIS A 15 14.07 -11.93 -8.03
CA HIS A 15 15.18 -11.39 -7.28
C HIS A 15 15.79 -10.22 -8.01
N GLU A 16 15.80 -9.07 -7.37
CA GLU A 16 16.45 -7.87 -7.95
C GLU A 16 16.86 -6.88 -6.83
N TYR A 17 17.95 -6.15 -7.06
CA TYR A 17 18.53 -5.27 -6.06
C TYR A 17 18.83 -6.02 -4.78
N ASP A 18 19.08 -7.31 -4.93
CA ASP A 18 19.41 -8.16 -3.80
C ASP A 18 18.27 -8.37 -2.83
N LEU A 19 17.05 -8.33 -3.32
CA LEU A 19 15.90 -8.72 -2.54
C LEU A 19 14.95 -9.48 -3.41
N ASP A 20 13.92 -10.06 -2.81
CA ASP A 20 12.90 -10.77 -3.53
C ASP A 20 11.68 -9.89 -3.64
N GLY A 21 11.20 -9.67 -4.87
CA GLY A 21 10.08 -8.75 -5.09
C GLY A 21 8.95 -9.36 -5.90
N SER A 22 7.78 -8.80 -5.66
CA SER A 22 6.58 -9.06 -6.47
C SER A 22 6.01 -7.70 -6.89
N ARG A 23 6.30 -7.36 -8.15
CA ARG A 23 5.86 -6.05 -8.69
C ARG A 23 4.37 -6.01 -8.94
N LEU A 24 3.77 -4.87 -8.64
CA LEU A 24 2.34 -4.66 -8.94
C LEU A 24 2.04 -4.73 -10.42
N LEU A 25 2.88 -4.05 -11.19
CA LEU A 25 2.63 -3.91 -12.62
C LEU A 25 3.54 -4.85 -13.30
N PRO A 26 3.22 -5.30 -14.52
CA PRO A 26 1.94 -5.12 -15.21
C PRO A 26 0.73 -5.83 -14.56
N TRP A 27 -0.46 -5.27 -14.80
CA TRP A 27 -1.72 -5.81 -14.29
C TRP A 27 -2.77 -5.30 -15.27
N GLU A 28 -3.27 -6.18 -16.12
CA GLU A 28 -4.02 -5.69 -17.27
C GLU A 28 -5.34 -5.06 -16.81
N GLY A 29 -5.60 -3.84 -17.27
CA GLY A 29 -6.79 -3.10 -16.87
C GLY A 29 -6.62 -2.29 -15.60
N LEU A 30 -5.45 -2.37 -14.99
CA LEU A 30 -5.13 -1.54 -13.82
C LEU A 30 -4.38 -0.32 -14.27
N ASN A 31 -4.97 0.84 -14.01
CA ASN A 31 -4.35 2.13 -14.33
C ASN A 31 -4.04 2.89 -13.06
N THR A 32 -2.76 3.07 -12.80
CA THR A 32 -2.26 3.71 -11.58
C THR A 32 -1.30 4.85 -11.97
N PRO A 33 -1.18 5.85 -11.11
CA PRO A 33 -0.18 6.91 -11.31
C PRO A 33 1.12 6.58 -10.58
N PHE A 34 1.24 5.34 -10.07
CA PHE A 34 2.41 4.88 -9.29
C PHE A 34 2.73 3.46 -9.69
N GLY A 35 3.94 3.04 -9.33
CA GLY A 35 4.32 1.64 -9.36
C GLY A 35 4.53 1.16 -7.94
N GLY A 36 4.80 -0.13 -7.82
CA GLY A 36 5.16 -0.63 -6.52
C GLY A 36 5.51 -2.08 -6.56
N ALA A 37 5.84 -2.57 -5.35
CA ALA A 37 6.32 -3.94 -5.19
C ALA A 37 6.28 -4.34 -3.73
N TRP A 38 5.91 -5.60 -3.57
CA TRP A 38 6.11 -6.29 -2.27
C TRP A 38 7.52 -6.84 -2.26
N CYS A 39 8.28 -6.44 -1.24
CA CYS A 39 9.69 -6.80 -1.15
C CYS A 39 9.99 -7.54 0.14
N ILE A 40 10.91 -8.51 -0.01
CA ILE A 40 11.40 -9.29 1.16
C ILE A 40 12.91 -9.23 1.12
N VAL A 41 13.45 -8.73 2.21
CA VAL A 41 14.89 -8.79 2.47
C VAL A 41 15.09 -10.01 3.38
N ARG A 42 15.79 -10.99 2.85
CA ARG A 42 15.92 -12.29 3.54
C ARG A 42 16.78 -12.16 4.78
N PRO A 43 16.65 -13.12 5.71
CA PRO A 43 17.43 -13.02 6.94
C PRO A 43 18.92 -12.86 6.69
N GLU A 44 19.54 -11.96 7.45
CA GLU A 44 21.00 -11.72 7.39
C GLU A 44 21.49 -11.35 6.01
N THR A 45 20.72 -10.49 5.36
CA THR A 45 21.09 -9.95 4.05
C THR A 45 20.74 -8.45 4.00
N LYS A 46 21.23 -7.81 2.95
CA LYS A 46 21.01 -6.38 2.68
C LYS A 46 20.65 -6.23 1.24
N SER A 47 19.89 -5.18 0.91
CA SER A 47 19.54 -4.87 -0.50
C SER A 47 20.57 -3.96 -1.20
N PHE A 48 20.43 -3.80 -2.52
CA PHE A 48 21.37 -3.06 -3.38
C PHE A 48 21.02 -1.59 -3.23
N ARG A 49 22.02 -0.78 -2.90
CA ARG A 49 21.75 0.63 -2.63
C ARG A 49 21.66 1.40 -3.94
N HIS A 50 20.66 2.29 -4.00
CA HIS A 50 20.59 3.13 -5.17
C HIS A 50 20.02 4.47 -4.80
N SER A 51 20.17 5.42 -5.72
CA SER A 51 19.53 6.74 -5.70
C SER A 51 18.68 6.99 -6.95
N HIS A 52 17.67 7.85 -6.87
CA HIS A 52 16.86 8.18 -8.07
C HIS A 52 15.97 9.42 -7.89
N ASN A 53 15.55 9.99 -9.03
CA ASN A 53 14.67 11.17 -9.08
C ASN A 53 13.24 10.89 -8.65
N GLU A 54 12.81 9.64 -8.81
CA GLU A 54 11.45 9.28 -8.47
C GLU A 54 11.22 9.42 -6.98
N TYR A 55 9.98 9.75 -6.61
CA TYR A 55 9.48 9.71 -5.22
C TYR A 55 9.21 8.26 -4.88
N GLU A 56 9.35 7.95 -3.58
CA GLU A 56 9.18 6.59 -3.10
C GLU A 56 8.83 6.62 -1.66
N LEU A 57 7.96 5.66 -1.29
N LEU A 57 7.97 5.66 -1.28
CA LEU A 57 7.49 5.42 0.06
CA LEU A 57 7.51 5.44 0.09
C LEU A 57 7.66 3.94 0.37
C LEU A 57 7.60 3.95 0.40
N PHE A 58 8.07 3.62 1.60
CA PHE A 58 8.03 2.24 2.10
C PHE A 58 6.96 2.14 3.18
N ILE A 59 6.18 1.09 3.06
CA ILE A 59 5.20 0.67 4.07
C ILE A 59 5.77 -0.65 4.68
N VAL A 60 6.20 -0.57 5.94
CA VAL A 60 6.85 -1.74 6.56
C VAL A 60 5.79 -2.71 7.06
N ILE A 61 5.91 -3.93 6.59
CA ILE A 61 4.89 -4.96 6.81
C ILE A 61 5.22 -5.94 7.96
N GLN A 62 6.43 -6.47 7.98
CA GLN A 62 6.73 -7.55 8.96
C GLN A 62 8.22 -7.58 9.15
N GLY A 63 8.61 -7.91 10.39
CA GLY A 63 10.02 -8.05 10.70
C GLY A 63 10.53 -6.73 11.19
N ASN A 64 11.73 -6.74 11.76
CA ASN A 64 12.52 -5.58 12.17
C ASN A 64 13.69 -5.47 11.19
N ALA A 65 14.10 -4.25 10.80
CA ALA A 65 15.27 -3.98 9.92
C ALA A 65 15.73 -2.50 9.82
N ILE A 66 16.91 -2.23 9.23
CA ILE A 66 17.44 -0.85 9.21
C ILE A 66 17.37 -0.29 7.82
N ILE A 67 16.75 0.90 7.69
CA ILE A 67 16.80 1.60 6.41
C ILE A 67 17.92 2.61 6.56
N ARG A 68 18.93 2.53 5.70
CA ARG A 68 20.03 3.48 5.70
C ARG A 68 19.75 4.42 4.55
N ILE A 69 19.60 5.69 4.88
N ILE A 69 19.61 5.69 4.88
CA ILE A 69 19.29 6.74 3.91
CA ILE A 69 19.31 6.74 3.92
C ILE A 69 20.42 7.77 4.03
C ILE A 69 20.42 7.77 4.03
N ASN A 70 21.25 7.84 3.00
CA ASN A 70 22.45 8.67 3.05
C ASN A 70 23.20 8.48 4.35
N ASP A 71 23.46 7.22 4.63
CA ASP A 71 24.25 6.81 5.82
C ASP A 71 23.62 6.91 7.26
N GLU A 72 22.63 7.78 7.46
N GLU A 72 22.63 7.78 7.44
CA GLU A 72 21.85 7.76 8.70
CA GLU A 72 21.78 7.82 8.66
C GLU A 72 20.89 6.59 8.71
C GLU A 72 20.88 6.59 8.70
N ASP A 73 20.79 5.92 9.84
CA ASP A 73 20.11 4.65 9.94
C ASP A 73 18.75 4.81 10.63
N PHE A 74 17.73 4.25 9.99
CA PHE A 74 16.32 4.33 10.44
C PHE A 74 15.84 2.90 10.74
N PRO A 75 15.93 2.49 12.02
CA PRO A 75 15.28 1.28 12.56
C PRO A 75 13.77 1.26 12.28
N VAL A 76 13.27 0.11 11.85
CA VAL A 76 11.85 0.00 11.45
C VAL A 76 11.23 -1.35 11.73
N THR A 77 9.92 -1.32 11.91
CA THR A 77 9.10 -2.47 12.30
C THR A 77 7.76 -2.41 11.56
N LYS A 78 7.00 -3.48 11.44
CA LYS A 78 5.56 -3.38 11.20
C LYS A 78 4.89 -2.08 11.55
N GLY A 79 4.32 -1.50 10.50
CA GLY A 79 3.50 -0.28 10.61
C GLY A 79 4.25 0.99 10.29
N ASP A 80 5.56 0.99 10.34
CA ASP A 80 6.32 2.21 10.07
C ASP A 80 6.26 2.54 8.59
N LEU A 81 6.25 3.84 8.34
N LEU A 81 6.27 3.84 8.34
CA LEU A 81 6.31 4.39 6.98
CA LEU A 81 6.34 4.40 7.00
C LEU A 81 7.54 5.25 6.86
C LEU A 81 7.59 5.24 6.84
N ILE A 82 8.20 5.16 5.73
N ILE A 82 8.20 5.13 5.67
CA ILE A 82 9.37 5.97 5.48
CA ILE A 82 9.46 5.76 5.34
C ILE A 82 9.41 6.45 4.04
C ILE A 82 9.33 6.42 3.99
N ILE A 83 9.61 7.76 3.93
N ILE A 83 9.63 7.71 3.96
CA ILE A 83 9.67 8.48 2.66
CA ILE A 83 9.76 8.42 2.70
C ILE A 83 11.15 8.52 2.27
C ILE A 83 11.23 8.38 2.30
N ILE A 84 11.47 8.09 1.05
CA ILE A 84 12.80 8.19 0.54
C ILE A 84 13.00 9.58 -0.09
N PRO A 85 13.87 10.40 0.49
CA PRO A 85 14.12 11.66 -0.23
C PRO A 85 14.68 11.40 -1.61
N LEU A 86 14.31 12.34 -2.48
CA LEU A 86 14.69 12.26 -3.89
C LEU A 86 16.19 12.27 -4.01
N ASP A 87 16.69 11.39 -4.85
CA ASP A 87 18.12 11.30 -5.10
C ASP A 87 18.93 10.78 -3.91
N SER A 88 18.26 10.20 -2.92
CA SER A 88 19.01 9.67 -1.75
C SER A 88 19.70 8.33 -2.02
N GLU A 89 20.72 8.02 -1.27
CA GLU A 89 21.39 6.72 -1.35
C GLU A 89 20.79 5.68 -0.36
N HIS A 90 19.77 4.92 -0.80
CA HIS A 90 18.96 4.14 0.13
C HIS A 90 19.16 2.64 -0.04
N HIS A 91 19.19 1.87 1.05
CA HIS A 91 19.09 0.40 0.97
C HIS A 91 18.60 -0.10 2.32
N VAL A 92 18.31 -1.41 2.41
N VAL A 92 18.33 -1.40 2.41
CA VAL A 92 17.68 -2.03 3.56
CA VAL A 92 17.69 -2.01 3.56
C VAL A 92 18.56 -3.14 4.13
C VAL A 92 18.55 -3.15 4.13
N ILE A 93 18.77 -3.11 5.45
CA ILE A 93 19.66 -4.03 6.15
C ILE A 93 18.85 -4.86 7.10
N ASN A 94 18.83 -6.17 6.84
CA ASN A 94 18.15 -7.10 7.74
C ASN A 94 19.14 -7.99 8.46
N ASN A 95 19.51 -7.58 9.66
CA ASN A 95 20.50 -8.34 10.40
C ASN A 95 19.94 -9.55 11.09
N ASN A 96 18.63 -9.67 11.34
N ASN A 96 18.62 -9.69 11.09
CA ASN A 96 18.19 -10.87 12.03
CA ASN A 96 17.87 -10.66 11.88
C ASN A 96 17.66 -12.03 11.23
C ASN A 96 17.60 -11.99 11.19
N GLN A 97 17.02 -12.92 11.95
CA GLN A 97 16.81 -14.28 11.53
C GLN A 97 15.52 -14.54 10.78
N GLU A 98 14.72 -13.49 10.68
CA GLU A 98 13.36 -13.53 10.11
C GLU A 98 13.27 -12.60 8.91
N ASP A 99 12.52 -13.01 7.90
CA ASP A 99 12.25 -12.19 6.72
C ASP A 99 11.78 -10.83 7.15
N PHE A 100 12.25 -9.83 6.38
CA PHE A 100 11.76 -8.46 6.50
C PHE A 100 10.94 -8.12 5.26
N HIS A 101 9.68 -7.79 5.50
CA HIS A 101 8.75 -7.46 4.40
C HIS A 101 8.39 -5.98 4.42
N PHE A 102 8.33 -5.39 3.20
CA PHE A 102 7.84 -4.02 3.05
C PHE A 102 7.27 -3.92 1.67
N TYR A 103 6.36 -2.94 1.54
CA TYR A 103 5.82 -2.54 0.24
C TYR A 103 6.40 -1.19 -0.14
N THR A 104 6.88 -1.14 -1.36
CA THR A 104 7.39 0.14 -1.93
C THR A 104 6.38 0.63 -2.97
N ILE A 105 6.11 1.92 -2.90
N ILE A 105 6.10 1.93 -2.89
CA ILE A 105 5.36 2.62 -3.92
CA ILE A 105 5.33 2.66 -3.88
C ILE A 105 6.22 3.79 -4.41
C ILE A 105 6.22 3.79 -4.41
N TRP A 106 6.32 3.92 -5.74
CA TRP A 106 7.14 4.97 -6.33
C TRP A 106 6.30 5.69 -7.40
N TRP A 107 6.63 6.97 -7.63
CA TRP A 107 5.88 7.81 -8.57
C TRP A 107 6.74 8.99 -8.98
N ASP A 108 6.33 9.61 -10.12
CA ASP A 108 7.06 10.73 -10.73
C ASP A 108 6.01 11.47 -11.52
N LYS A 109 6.45 12.57 -12.13
CA LYS A 109 5.61 13.23 -13.15
C LYS A 109 5.30 12.34 -14.37
N GLU A 110 6.25 11.56 -14.84
CA GLU A 110 6.04 10.69 -16.00
C GLU A 110 4.92 9.62 -15.78
N SER A 111 4.92 9.01 -14.59
CA SER A 111 3.88 8.05 -14.19
C SER A 111 2.48 8.65 -13.92
N THR A 112 2.43 9.81 -13.30
N THR A 112 2.41 9.80 -13.29
CA THR A 112 1.17 10.50 -13.04
CA THR A 112 1.11 10.44 -13.09
C THR A 112 0.54 10.99 -14.35
C THR A 112 0.55 10.90 -14.42
N LEU A 113 1.32 11.69 -15.16
CA LEU A 113 0.88 12.11 -16.49
C LEU A 113 0.57 10.90 -17.36
N ASN A 114 1.32 9.82 -17.23
CA ASN A 114 1.00 8.67 -18.05
C ASN A 114 -0.36 8.07 -17.63
N PHE A 115 -0.67 8.09 -16.32
CA PHE A 115 -1.97 7.67 -15.84
C PHE A 115 -3.15 8.51 -16.44
N LEU A 116 -2.96 9.82 -16.39
CA LEU A 116 -3.97 10.74 -16.96
C LEU A 116 -4.17 10.56 -18.48
N THR A 117 -3.09 10.31 -19.19
CA THR A 117 -3.16 10.10 -20.63
C THR A 117 -3.99 8.85 -20.92
N ARG A 118 -3.82 7.83 -20.08
CA ARG A 118 -4.57 6.58 -20.23
C ARG A 118 -6.08 6.64 -19.98
N LEU A 119 -6.54 7.38 -18.97
CA LEU A 119 -7.98 7.53 -18.80
C LEU A 119 -8.49 8.20 -20.06
N GLU A 120 -7.76 9.21 -20.53
CA GLU A 120 -8.22 9.98 -21.68
C GLU A 120 -8.30 9.10 -22.92
N GLN A 121 -7.40 8.12 -23.02
CA GLN A 121 -7.41 7.18 -24.14
C GLN A 121 -8.42 6.06 -23.90
N ASP A 122 -8.68 5.75 -22.64
CA ASP A 122 -9.55 4.62 -22.29
C ASP A 122 -10.93 4.76 -22.95
N MSE B 2 11.73 18.37 6.98
CA MSE B 2 10.86 17.35 6.45
C MSE B 2 11.15 16.01 7.17
O MSE B 2 12.31 15.69 7.50
CB MSE B 2 10.95 17.29 4.91
CG MSE B 2 10.25 16.04 4.34
SE MSE B 2 9.86 15.94 2.44
CE MSE B 2 9.03 14.26 2.29
HA MSE B 2 9.95 17.61 6.67
HB2 MSE B 2 10.53 18.07 4.53
HB3 MSE B 2 11.88 17.27 4.64
HG2 MSE B 2 10.79 15.27 4.55
HG3 MSE B 2 9.39 15.96 4.78
HE1 MSE B 2 8.14 14.33 2.65
HE2 MSE B 2 9.01 13.99 1.37
HE3 MSE B 2 9.54 13.62 2.81
N ASN B 3 10.08 15.27 7.44
CA ASN B 3 10.13 14.04 8.22
C ASN B 3 10.12 12.85 7.30
N ILE B 4 11.24 12.14 7.31
N ILE B 4 11.16 12.05 7.29
CA ILE B 4 11.47 10.87 6.61
CA ILE B 4 11.10 10.91 6.42
C ILE B 4 10.60 9.70 7.14
C ILE B 4 10.68 9.60 7.12
N ILE B 5 10.50 9.59 8.45
CA ILE B 5 9.90 8.40 9.11
C ILE B 5 8.72 8.76 9.96
N ARG B 6 7.69 7.94 9.88
CA ARG B 6 6.61 7.96 10.85
C ARG B 6 6.52 6.57 11.48
N LYS B 7 6.92 6.52 12.74
CA LYS B 7 6.75 5.31 13.57
C LYS B 7 5.27 5.08 13.77
N MSE B 8 4.83 3.86 13.52
CA MSE B 8 3.43 3.56 13.76
C MSE B 8 3.09 3.64 15.23
O MSE B 8 3.74 2.98 16.06
CB MSE B 8 3.05 2.17 13.23
CG MSE B 8 1.74 1.67 13.76
SE MSE B 8 0.27 2.76 13.02
CE MSE B 8 0.10 1.66 11.33
H MSE B 8 5.30 3.22 13.19
HA MSE B 8 2.87 4.20 13.29
HB2 MSE B 8 2.93 2.24 12.28
HB3 MSE B 8 3.76 1.55 13.42
HG2 MSE B 8 1.63 0.78 13.40
HG3 MSE B 8 1.72 1.65 14.72
HE1 MSE B 8 -0.80 1.79 10.97
HE2 MSE B 8 0.75 1.96 10.68
HE3 MSE B 8 0.21 0.72 11.54
N ASP B 9 2.04 4.36 15.57
CA ASP B 9 1.55 4.43 16.96
C ASP B 9 0.25 3.69 16.95
N TRP B 10 0.31 2.43 17.39
CA TRP B 10 -0.87 1.58 17.45
C TRP B 10 -1.87 2.06 18.50
N ASP B 11 -1.49 3.00 19.36
CA ASP B 11 -2.40 3.61 20.30
C ASP B 11 -3.18 4.80 19.78
N SER B 12 -2.93 5.24 18.55
CA SER B 12 -3.67 6.41 18.08
C SER B 12 -4.33 6.08 16.75
N MSE B 13 -4.83 4.89 16.56
CA MSE B 13 -5.68 4.57 15.41
C MSE B 13 -6.98 5.34 15.56
O MSE B 13 -7.43 5.70 16.62
CB MSE B 13 -6.03 3.08 15.33
CG MSE B 13 -4.89 2.07 15.55
SE MSE B 13 -3.36 2.42 14.37
CE MSE B 13 -3.85 1.19 12.86
H MSE B 13 -4.69 4.23 17.09
HA MSE B 13 -5.25 4.82 14.58
HB2 MSE B 13 -6.71 2.92 15.99
HB3 MSE B 13 -6.40 2.88 14.46
HG2 MSE B 13 -4.58 2.11 16.46
HG3 MSE B 13 -5.18 1.19 15.30
HE1 MSE B 13 -3.27 1.40 12.10
HE2 MSE B 13 -3.71 0.26 13.10
HE3 MSE B 13 -4.77 1.32 12.62
N VAL B 14 -7.61 5.63 14.42
CA VAL B 14 -8.87 6.33 14.37
C VAL B 14 -9.91 5.42 13.77
N HIS B 15 -11.00 5.23 14.50
CA HIS B 15 -12.09 4.39 14.07
C HIS B 15 -12.86 5.11 12.97
N GLU B 16 -13.06 4.40 11.86
N GLU B 16 -12.88 4.50 11.81
CA GLU B 16 -13.79 4.92 10.69
CA GLU B 16 -13.34 5.20 10.62
C GLU B 16 -14.11 3.72 9.82
C GLU B 16 -14.16 4.17 9.92
N TYR B 17 -15.27 3.75 9.17
N TYR B 17 -15.29 4.70 9.44
CA TYR B 17 -15.78 2.66 8.35
CA TYR B 17 -16.57 4.04 9.55
C TYR B 17 -15.76 1.31 9.06
C TYR B 17 -16.58 2.91 10.61
N ASP B 18 -16.02 1.29 10.36
N ASP B 18 -16.08 1.69 10.24
CA ASP B 18 -16.13 0.05 11.11
CA ASP B 18 -16.18 0.41 11.03
C ASP B 18 -14.81 -0.69 11.11
C ASP B 18 -14.90 -0.52 11.19
N LEU B 19 -13.73 0.09 11.19
CA LEU B 19 -12.42 -0.50 11.28
C LEU B 19 -11.57 0.54 12.01
N ASP B 20 -10.36 0.16 12.40
CA ASP B 20 -9.46 1.07 13.08
C ASP B 20 -8.27 1.33 12.18
N GLY B 21 -8.05 2.61 11.84
CA GLY B 21 -7.13 2.98 10.77
C GLY B 21 -6.12 4.02 11.18
N SER B 22 -5.11 4.10 10.33
CA SER B 22 -4.17 5.22 10.41
C SER B 22 -3.85 5.72 8.98
N ARG B 23 -4.35 6.90 8.72
CA ARG B 23 -4.23 7.51 7.40
C ARG B 23 -2.83 8.02 7.15
N LEU B 24 -2.41 7.87 5.90
CA LEU B 24 -1.13 8.39 5.44
C LEU B 24 -1.04 9.92 5.54
N LEU B 25 -2.13 10.57 5.14
CA LEU B 25 -2.20 12.03 5.06
C LEU B 25 -3.05 12.52 6.20
N PRO B 26 -2.71 13.69 6.73
CA PRO B 26 -1.67 14.63 6.32
C PRO B 26 -0.25 14.20 6.66
N TRP B 27 0.71 14.57 5.84
CA TRP B 27 2.13 14.38 6.12
C TRP B 27 2.83 15.58 5.50
N GLU B 28 3.28 16.52 6.32
CA GLU B 28 3.88 17.72 5.73
C GLU B 28 5.13 17.38 4.93
N GLY B 29 5.26 18.00 3.76
CA GLY B 29 6.39 17.77 2.87
C GLY B 29 6.20 16.63 1.89
N LEU B 30 5.16 15.82 2.08
CA LEU B 30 4.91 14.64 1.24
C LEU B 30 3.87 14.92 0.16
N ASN B 31 4.36 15.13 -1.04
CA ASN B 31 3.47 15.24 -2.18
C ASN B 31 3.23 13.91 -2.88
N THR B 32 1.99 13.48 -2.79
CA THR B 32 1.58 12.24 -3.41
C THR B 32 0.35 12.40 -4.34
N PRO B 33 0.23 11.51 -5.33
CA PRO B 33 -0.97 11.53 -6.20
C PRO B 33 -2.05 10.56 -5.73
N PHE B 34 -1.86 9.99 -4.52
CA PHE B 34 -2.78 9.00 -3.93
C PHE B 34 -2.94 9.28 -2.44
N GLY B 35 -3.95 8.69 -1.86
CA GLY B 35 -4.13 8.66 -0.41
C GLY B 35 -3.91 7.22 0.05
N GLY B 36 -3.77 7.06 1.35
CA GLY B 36 -3.54 5.73 1.91
C GLY B 36 -3.97 5.63 3.33
N ALA B 37 -4.11 4.38 3.75
CA ALA B 37 -4.39 4.09 5.16
C ALA B 37 -4.03 2.66 5.50
N TRP B 38 -3.47 2.51 6.72
CA TRP B 38 -3.29 1.20 7.36
C TRP B 38 -4.55 0.89 8.11
N CYS B 39 -5.19 -0.22 7.78
CA CYS B 39 -6.49 -0.59 8.31
C CYS B 39 -6.45 -1.90 9.08
N ILE B 40 -7.17 -1.90 10.21
CA ILE B 40 -7.31 -3.12 11.02
C ILE B 40 -8.80 -3.41 11.19
N VAL B 41 -9.22 -4.58 10.71
CA VAL B 41 -10.57 -5.09 10.92
C VAL B 41 -10.42 -6.06 12.11
N ARG B 42 -11.08 -5.68 13.17
CA ARG B 42 -10.93 -6.42 14.42
C ARG B 42 -11.63 -7.78 14.32
N PRO B 43 -11.30 -8.72 15.24
CA PRO B 43 -11.86 -10.07 15.18
C PRO B 43 -13.37 -10.10 15.21
N GLU B 44 -13.95 -10.96 14.39
CA GLU B 44 -15.40 -11.19 14.38
C GLU B 44 -16.18 -9.95 14.04
N THR B 45 -15.62 -9.15 13.14
CA THR B 45 -16.27 -7.93 12.64
C THR B 45 -16.12 -7.84 11.16
N LYS B 46 -16.82 -6.83 10.63
N LYS B 46 -16.78 -6.83 10.63
CA LYS B 46 -16.82 -6.52 9.22
CA LYS B 46 -16.60 -6.53 9.23
C LYS B 46 -16.88 -5.00 9.05
C LYS B 46 -16.71 -5.06 8.96
N SER B 47 -16.17 -4.49 8.05
N SER B 47 -16.32 -4.75 7.75
CA SER B 47 -16.14 -3.03 7.75
CA SER B 47 -16.37 -3.42 7.17
C SER B 47 -17.43 -2.50 7.07
C SER B 47 -17.21 -3.55 5.90
N PHE B 48 -17.57 -1.18 6.98
N PHE B 48 -17.93 -2.49 5.59
CA PHE B 48 -18.75 -0.61 6.35
CA PHE B 48 -18.68 -2.41 4.35
C PHE B 48 -18.73 -0.80 4.81
C PHE B 48 -18.58 -0.96 3.89
N ARG B 49 -19.91 -0.98 4.22
N ARG B 49 -18.44 -0.80 2.58
CA ARG B 49 -20.05 -1.34 2.81
CA ARG B 49 -18.39 0.51 1.94
C ARG B 49 -20.22 -0.05 2.06
C ARG B 49 -19.26 0.46 0.69
N HIS B 50 -19.54 0.10 0.92
N HIS B 50 -20.05 1.52 0.48
CA HIS B 50 -19.62 1.34 0.18
CA HIS B 50 -20.87 1.67 -0.72
C HIS B 50 -19.02 1.23 -1.23
C HIS B 50 -19.96 1.83 -1.92
N SER B 51 -19.34 2.22 -2.06
N SER B 51 -20.54 1.68 -3.10
CA SER B 51 -18.78 2.34 -3.41
CA SER B 51 -19.80 1.94 -4.34
C SER B 51 -18.46 3.80 -3.76
C SER B 51 -19.48 3.43 -4.47
N HIS B 52 -17.62 3.98 -4.77
N HIS B 52 -18.34 3.70 -5.09
CA HIS B 52 -17.06 5.31 -5.09
CA HIS B 52 -17.82 5.06 -5.30
C HIS B 52 -16.31 5.43 -6.40
C HIS B 52 -17.03 5.14 -6.61
N ASN B 53 -16.31 6.67 -6.89
N ASN B 53 -16.50 6.33 -6.90
CA ASN B 53 -15.46 7.15 -7.98
CA ASN B 53 -15.83 6.63 -8.16
C ASN B 53 -14.10 7.62 -7.48
C ASN B 53 -14.31 6.44 -8.18
N GLU B 54 -13.29 6.65 -7.06
N GLU B 54 -13.63 6.75 -7.09
CA GLU B 54 -11.88 6.84 -6.82
CA GLU B 54 -12.18 6.69 -7.11
C GLU B 54 -11.27 5.44 -6.76
C GLU B 54 -11.64 5.27 -7.30
N TYR B 55 -10.38 5.17 -7.71
CA TYR B 55 -9.67 3.90 -7.78
C TYR B 55 -9.12 3.55 -6.40
N GLU B 56 -9.04 2.24 -6.12
CA GLU B 56 -8.59 1.77 -4.80
C GLU B 56 -7.99 0.41 -5.01
N LEU B 57 -6.93 0.14 -4.22
CA LEU B 57 -6.48 -1.25 -4.08
C LEU B 57 -6.10 -1.52 -2.65
N PHE B 58 -6.19 -2.80 -2.29
CA PHE B 58 -5.80 -3.28 -0.97
C PHE B 58 -4.55 -4.15 -1.11
N ILE B 59 -3.66 -3.96 -0.16
CA ILE B 59 -2.49 -4.81 0.03
C ILE B 59 -2.68 -5.54 1.38
N VAL B 60 -2.82 -6.86 1.31
CA VAL B 60 -3.16 -7.64 2.50
C VAL B 60 -1.90 -7.96 3.32
N ILE B 61 -1.92 -7.50 4.55
CA ILE B 61 -0.73 -7.52 5.39
C ILE B 61 -0.70 -8.65 6.40
N GLN B 62 -1.80 -8.92 7.11
CA GLN B 62 -1.76 -9.93 8.13
C GLN B 62 -3.14 -10.43 8.41
N GLY B 63 -3.20 -11.72 8.73
CA GLY B 63 -4.45 -12.39 9.03
C GLY B 63 -5.16 -12.90 7.79
N ASN B 64 -6.43 -13.17 8.00
CA ASN B 64 -7.25 -13.70 6.90
C ASN B 64 -8.61 -13.01 6.92
N ALA B 65 -9.23 -12.86 5.75
CA ALA B 65 -10.51 -12.19 5.65
C ALA B 65 -11.17 -12.72 4.40
N ILE B 66 -12.47 -12.45 4.29
CA ILE B 66 -13.21 -12.67 3.05
C ILE B 66 -13.55 -11.26 2.58
N ILE B 67 -13.22 -10.96 1.33
CA ILE B 67 -13.53 -9.64 0.81
C ILE B 67 -14.62 -9.79 -0.23
N ARG B 68 -15.65 -9.00 0.00
CA ARG B 68 -16.85 -9.13 -0.77
C ARG B 68 -16.89 -7.95 -1.72
N ILE B 69 -16.94 -8.22 -3.02
CA ILE B 69 -16.97 -7.18 -4.05
C ILE B 69 -18.17 -7.50 -4.92
N ASN B 70 -19.02 -6.48 -5.10
N ASN B 70 -19.19 -6.64 -4.84
CA ASN B 70 -20.38 -6.68 -5.59
CA ASN B 70 -20.47 -6.87 -5.51
C ASN B 70 -20.95 -7.82 -4.75
C ASN B 70 -20.92 -8.34 -5.44
N ASP B 71 -21.46 -8.87 -5.39
N ASP B 71 -20.88 -8.89 -4.23
CA ASP B 71 -22.02 -9.99 -4.65
CA ASP B 71 -21.30 -10.26 -3.94
C ASP B 71 -21.03 -11.16 -4.52
C ASP B 71 -20.28 -11.37 -4.27
N GLU B 72 -19.74 -10.91 -4.79
N GLU B 72 -19.19 -11.04 -4.94
CA GLU B 72 -18.76 -11.99 -4.77
CA GLU B 72 -18.15 -12.03 -5.17
C GLU B 72 -17.87 -11.89 -3.54
C GLU B 72 -17.21 -12.04 -3.98
N ASP B 73 -17.37 -13.05 -3.15
CA ASP B 73 -16.50 -13.22 -1.99
C ASP B 73 -15.14 -13.75 -2.46
N PHE B 74 -14.09 -13.28 -1.80
CA PHE B 74 -12.70 -13.73 -2.00
C PHE B 74 -12.03 -14.11 -0.67
N PRO B 75 -11.54 -15.36 -0.52
CA PRO B 75 -10.66 -15.58 0.65
C PRO B 75 -9.32 -14.83 0.43
N VAL B 76 -8.84 -14.08 1.42
CA VAL B 76 -7.60 -13.30 1.23
C VAL B 76 -6.68 -13.51 2.43
N THR B 77 -5.38 -13.38 2.17
N THR B 77 -5.38 -13.62 2.09
CA THR B 77 -4.37 -13.62 3.17
CA THR B 77 -4.29 -13.95 3.00
C THR B 77 -3.12 -12.84 2.80
C THR B 77 -3.10 -12.96 2.75
N LYS B 78 -2.13 -12.88 3.66
CA LYS B 78 -0.91 -12.05 3.53
C LYS B 78 -0.32 -12.16 2.16
N GLY B 79 -0.08 -11.00 1.55
CA GLY B 79 0.52 -10.92 0.23
C GLY B 79 -0.46 -10.71 -0.90
N ASP B 80 -1.71 -11.01 -0.69
CA ASP B 80 -2.72 -10.82 -1.73
C ASP B 80 -2.97 -9.34 -2.00
N LEU B 81 -3.21 -9.06 -3.28
CA LEU B 81 -3.60 -7.72 -3.78
C LEU B 81 -4.99 -7.81 -4.34
N ILE B 82 -5.77 -6.78 -4.05
N ILE B 82 -5.79 -6.80 -4.08
CA ILE B 82 -7.14 -6.63 -4.50
CA ILE B 82 -7.10 -6.77 -4.66
C ILE B 82 -7.30 -5.28 -5.14
C ILE B 82 -7.45 -5.35 -5.09
N ILE B 83 -7.84 -5.25 -6.35
CA ILE B 83 -8.20 -3.99 -7.01
C ILE B 83 -9.70 -3.89 -6.91
N ILE B 84 -10.21 -2.83 -6.31
CA ILE B 84 -11.66 -2.63 -6.30
C ILE B 84 -12.16 -1.90 -7.58
N PRO B 85 -12.95 -2.58 -8.40
CA PRO B 85 -13.48 -1.86 -9.58
C PRO B 85 -14.30 -0.62 -9.20
N LEU B 86 -14.26 0.45 -10.00
CA LEU B 86 -15.17 1.62 -9.80
C LEU B 86 -16.60 1.16 -9.68
N ASP B 87 -17.37 1.78 -8.77
CA ASP B 87 -18.85 1.66 -8.80
C ASP B 87 -19.18 0.36 -8.04
N SER B 88 -18.21 -0.16 -7.30
CA SER B 88 -18.40 -1.43 -6.58
C SER B 88 -18.57 -1.24 -5.11
N GLU B 89 -19.60 -1.87 -4.58
N GLU B 89 -19.57 -1.92 -4.55
CA GLU B 89 -19.71 -1.97 -3.13
CA GLU B 89 -19.68 -2.05 -3.08
C GLU B 89 -18.62 -2.95 -2.67
C GLU B 89 -18.73 -3.14 -2.62
N HIS B 90 -17.91 -2.53 -1.63
N HIS B 90 -18.39 -3.17 -1.34
CA HIS B 90 -16.90 -3.37 -1.03
CA HIS B 90 -17.54 -4.21 -0.87
C HIS B 90 -16.87 -3.16 0.47
C HIS B 90 -17.51 -4.37 0.64
N HIS B 91 -16.53 -4.24 1.14
N HIS B 91 -17.18 -5.57 1.09
CA HIS B 91 -16.22 -4.23 2.54
CA HIS B 91 -17.15 -5.90 2.49
C HIS B 91 -15.42 -5.51 2.86
C HIS B 91 -15.83 -6.57 2.79
N VAL B 92 -14.93 -5.62 4.10
N VAL B 92 -15.24 -6.21 3.93
CA VAL B 92 -14.02 -6.68 4.55
CA VAL B 92 -14.08 -6.90 4.48
C VAL B 92 -14.57 -7.46 5.76
C VAL B 92 -14.57 -7.50 5.75
N ILE B 93 -14.59 -8.80 5.70
CA ILE B 93 -15.19 -9.63 6.75
C ILE B 93 -14.07 -10.39 7.42
N ASN B 94 -13.91 -10.20 8.73
CA ASN B 94 -12.95 -10.98 9.51
C ASN B 94 -13.65 -11.91 10.49
N ASN B 95 -13.67 -13.19 10.13
CA ASN B 95 -14.26 -14.22 11.00
C ASN B 95 -13.28 -14.84 11.99
N ASN B 96 -12.01 -14.46 11.93
CA ASN B 96 -10.86 -15.01 12.68
C ASN B 96 -10.68 -14.30 14.03
N GLN B 97 -10.07 -15.00 14.98
CA GLN B 97 -9.67 -14.45 16.28
C GLN B 97 -8.35 -13.74 16.28
N GLU B 98 -7.95 -13.25 15.11
CA GLU B 98 -6.74 -12.46 14.91
C GLU B 98 -7.09 -11.22 14.05
N ASP B 99 -6.68 -10.06 14.51
CA ASP B 99 -6.82 -8.83 13.70
C ASP B 99 -6.45 -9.09 12.27
N PHE B 100 -7.21 -8.47 11.38
CA PHE B 100 -6.91 -8.48 9.94
C PHE B 100 -6.37 -7.11 9.54
N HIS B 101 -5.15 -7.11 9.03
CA HIS B 101 -4.47 -5.85 8.62
C HIS B 101 -4.35 -5.78 7.10
N PHE B 102 -4.63 -4.58 6.55
CA PHE B 102 -4.40 -4.33 5.13
C PHE B 102 -4.12 -2.86 4.99
N TYR B 103 -3.42 -2.54 3.88
CA TYR B 103 -3.16 -1.13 3.51
C TYR B 103 -3.95 -0.81 2.27
N THR B 104 -4.72 0.27 2.31
CA THR B 104 -5.46 0.73 1.13
C THR B 104 -4.78 1.97 0.56
N ILE B 105 -4.72 2.00 -0.77
N ILE B 105 -4.72 1.99 -0.77
CA ILE B 105 -4.23 3.14 -1.58
CA ILE B 105 -4.25 3.10 -1.61
C ILE B 105 -5.37 3.51 -2.52
C ILE B 105 -5.40 3.50 -2.50
N TRP B 106 -5.72 4.79 -2.59
CA TRP B 106 -6.81 5.25 -3.42
C TRP B 106 -6.33 6.49 -4.19
N TRP B 107 -6.91 6.69 -5.38
CA TRP B 107 -6.46 7.75 -6.29
C TRP B 107 -7.57 8.02 -7.30
N ASP B 108 -7.52 9.24 -7.86
CA ASP B 108 -8.38 9.58 -8.99
C ASP B 108 -7.70 10.67 -9.78
N LYS B 109 -8.49 11.20 -10.72
CA LYS B 109 -8.07 12.33 -11.57
C LYS B 109 -7.68 13.50 -10.71
N GLU B 110 -8.53 13.84 -9.76
CA GLU B 110 -8.28 14.97 -8.86
C GLU B 110 -6.98 14.83 -8.10
N SER B 111 -6.78 13.66 -7.49
CA SER B 111 -5.61 13.51 -6.62
C SER B 111 -4.33 13.59 -7.44
N THR B 112 -4.39 13.08 -8.64
N THR B 112 -4.38 13.07 -8.64
CA THR B 112 -3.24 13.07 -9.53
CA THR B 112 -3.23 13.05 -9.54
C THR B 112 -2.91 14.48 -10.04
C THR B 112 -2.91 14.48 -10.04
N LEU B 113 -3.94 15.18 -10.52
CA LEU B 113 -3.74 16.56 -10.94
C LEU B 113 -3.24 17.41 -9.78
N ASN B 114 -3.81 17.19 -8.60
CA ASN B 114 -3.43 18.00 -7.46
C ASN B 114 -1.94 17.76 -7.13
N PHE B 115 -1.46 16.53 -7.21
CA PHE B 115 -0.03 16.30 -7.09
C PHE B 115 0.86 17.13 -8.08
N LEU B 116 0.43 17.09 -9.35
CA LEU B 116 1.14 17.85 -10.39
C LEU B 116 1.14 19.38 -10.18
N THR B 117 0.05 19.87 -9.65
CA THR B 117 -0.08 21.29 -9.35
C THR B 117 0.87 21.73 -8.24
N ARG B 118 0.95 20.92 -7.18
CA ARG B 118 1.84 21.26 -6.07
C ARG B 118 3.32 21.20 -6.46
N LEU B 119 3.71 20.26 -7.34
CA LEU B 119 5.08 20.26 -7.84
C LEU B 119 5.34 21.52 -8.70
N GLU B 120 4.29 22.05 -9.32
CA GLU B 120 4.41 23.28 -10.09
C GLU B 120 4.69 24.44 -9.16
N GLN B 121 3.88 24.53 -8.12
CA GLN B 121 3.88 25.66 -7.23
C GLN B 121 4.98 25.53 -6.18
NI NI C . 14.42 3.17 -4.49
NA NA D . 7.92 -16.13 8.03
NI NI E . -13.30 2.09 -0.70
N MSE A 2 -10.52 -7.03 -16.23
CA MSE A 2 -9.81 -6.80 -14.96
C MSE A 2 -10.10 -7.96 -13.95
O MSE A 2 -11.18 -8.00 -13.42
CB MSE A 2 -10.23 -5.42 -14.37
CG MSE A 2 -9.71 -5.04 -12.95
SE MSE A 2 -8.38 -3.60 -12.90
CE MSE A 2 -7.36 -4.60 -14.11
HA MSE A 2 -8.85 -6.76 -15.15
HB2 MSE A 2 -9.92 -4.73 -14.98
HB3 MSE A 2 -11.19 -5.40 -14.33
HG2 MSE A 2 -10.47 -4.73 -12.42
HG3 MSE A 2 -9.32 -5.82 -12.53
HE1 MSE A 2 -7.73 -4.43 -14.98
HE2 MSE A 2 -6.45 -4.31 -14.05
HE3 MSE A 2 -7.46 -5.53 -13.90
N ASN A 3 -9.18 -8.92 -13.77
CA ASN A 3 -9.33 -10.03 -12.77
C ASN A 3 -10.05 -9.68 -11.39
N ILE A 4 -9.34 -8.89 -10.60
N ILE A 4 -9.35 -8.89 -10.59
CA ILE A 4 -9.68 -8.25 -9.29
CA ILE A 4 -9.73 -8.28 -9.27
C ILE A 4 -8.66 -8.56 -8.22
C ILE A 4 -8.67 -8.57 -8.21
N ILE A 5 -8.15 -9.78 -8.24
CA ILE A 5 -7.33 -10.27 -7.13
C ILE A 5 -6.14 -11.02 -7.68
N ARG A 6 -4.98 -10.65 -7.16
N ARG A 6 -4.97 -10.64 -7.16
CA ARG A 6 -3.76 -11.42 -7.38
CA ARG A 6 -3.77 -11.42 -7.38
C ARG A 6 -3.36 -12.09 -6.09
C ARG A 6 -3.39 -12.09 -6.08
N LYS A 7 -3.49 -13.40 -6.06
CA LYS A 7 -3.11 -14.16 -4.90
C LYS A 7 -1.58 -14.18 -4.90
N MSE A 8 -0.98 -14.03 -3.73
CA MSE A 8 0.47 -14.05 -3.72
C MSE A 8 0.99 -15.43 -4.04
O MSE A 8 0.42 -16.43 -3.60
CB MSE A 8 1.04 -13.58 -2.40
CG MSE A 8 2.58 -13.57 -2.35
SE MSE A 8 3.56 -12.33 -3.57
CE MSE A 8 3.15 -10.69 -2.53
HA MSE A 8 0.80 -13.43 -4.40
HB2 MSE A 8 0.74 -12.66 -2.22
HB3 MSE A 8 0.73 -14.16 -1.68
HG2 MSE A 8 2.83 -13.32 -1.45
HG3 MSE A 8 2.89 -14.48 -2.54
HE1 MSE A 8 3.98 -10.20 -2.36
HE2 MSE A 8 2.52 -10.14 -3.01
HE3 MSE A 8 2.77 -10.96 -1.68
N ASP A 9 2.02 -15.52 -4.87
CA ASP A 9 2.76 -16.79 -5.04
C ASP A 9 4.16 -16.43 -4.63
N TRP A 10 4.56 -16.87 -3.42
CA TRP A 10 5.82 -16.40 -2.92
C TRP A 10 7.02 -16.98 -3.62
N ASP A 11 6.85 -18.01 -4.44
CA ASP A 11 7.95 -18.63 -5.18
C ASP A 11 8.31 -17.87 -6.45
N SER A 12 7.28 -17.21 -7.00
CA SER A 12 7.44 -16.51 -8.28
C SER A 12 7.82 -15.04 -8.11
N MSE A 13 8.40 -14.69 -6.99
CA MSE A 13 8.97 -13.39 -6.74
C MSE A 13 10.30 -13.35 -7.54
O MSE A 13 11.00 -14.34 -7.69
CB MSE A 13 9.18 -13.20 -5.22
CG MSE A 13 7.82 -12.99 -4.31
SE MSE A 13 8.57 -12.68 -2.58
CE MSE A 13 8.61 -10.84 -2.84
H MSE A 13 8.44 -15.20 -6.30
HA MSE A 13 8.38 -12.70 -7.06
HB2 MSE A 13 9.57 -14.02 -4.92
HB3 MSE A 13 9.79 -12.48 -5.03
HG2 MSE A 13 7.35 -12.19 -4.57
HG3 MSE A 13 7.24 -13.75 -4.30
HE1 MSE A 13 9.32 -10.67 -3.48
HE2 MSE A 13 7.76 -10.58 -3.21
HE3 MSE A 13 8.79 -10.38 -2.01
N VAL A 14 10.61 -12.17 -8.05
CA VAL A 14 11.77 -11.89 -8.89
C VAL A 14 12.86 -11.29 -8.00
N HIS A 15 14.03 -11.91 -8.00
CA HIS A 15 15.16 -11.38 -7.28
C HIS A 15 15.77 -10.18 -8.01
N GLU A 16 15.65 -9.02 -7.36
CA GLU A 16 16.15 -7.73 -7.89
C GLU A 16 16.71 -6.85 -6.78
N TYR A 17 17.80 -6.14 -7.05
CA TYR A 17 18.43 -5.28 -6.07
C TYR A 17 18.54 -5.99 -4.75
N ASP A 18 18.98 -7.22 -4.87
CA ASP A 18 19.43 -8.03 -3.76
C ASP A 18 18.30 -8.36 -2.79
N LEU A 19 17.08 -8.35 -3.29
CA LEU A 19 15.93 -8.75 -2.52
C LEU A 19 14.96 -9.49 -3.41
N ASP A 20 13.92 -10.05 -2.81
CA ASP A 20 12.90 -10.77 -3.53
C ASP A 20 11.67 -9.90 -3.64
N GLY A 21 11.22 -9.67 -4.88
CA GLY A 21 10.09 -8.74 -5.10
C GLY A 21 8.97 -9.36 -5.91
N SER A 22 7.79 -8.79 -5.68
CA SER A 22 6.62 -9.03 -6.52
C SER A 22 6.07 -7.68 -6.93
N ARG A 23 6.35 -7.35 -8.18
CA ARG A 23 5.94 -6.03 -8.70
C ARG A 23 4.44 -5.97 -8.95
N LEU A 24 3.84 -4.83 -8.62
CA LEU A 24 2.42 -4.58 -8.93
C LEU A 24 2.10 -4.68 -10.42
N LEU A 25 2.97 -4.09 -11.21
CA LEU A 25 2.73 -3.96 -12.66
C LEU A 25 3.59 -4.90 -13.46
N PRO A 26 3.16 -5.27 -14.68
CA PRO A 26 1.83 -4.89 -15.16
C PRO A 26 0.70 -5.73 -14.51
N TRP A 27 -0.50 -5.18 -14.67
CA TRP A 27 -1.73 -5.78 -14.24
C TRP A 27 -2.72 -5.28 -15.27
N GLU A 28 -3.13 -6.15 -16.18
CA GLU A 28 -4.00 -5.74 -17.27
C GLU A 28 -5.23 -5.08 -16.73
N GLY A 29 -5.52 -3.89 -17.25
CA GLY A 29 -6.70 -3.09 -16.93
C GLY A 29 -6.61 -2.22 -15.68
N LEU A 30 -5.50 -2.34 -14.95
CA LEU A 30 -5.22 -1.52 -13.77
C LEU A 30 -4.49 -0.25 -14.18
N ASN A 31 -5.15 0.87 -13.99
CA ASN A 31 -4.60 2.21 -14.32
C ASN A 31 -4.16 2.93 -13.05
N THR A 32 -2.85 3.07 -12.84
CA THR A 32 -2.28 3.70 -11.63
C THR A 32 -1.27 4.82 -11.97
N PRO A 33 -1.18 5.83 -11.09
CA PRO A 33 -0.19 6.88 -11.30
C PRO A 33 1.13 6.57 -10.60
N PHE A 34 1.25 5.32 -10.09
CA PHE A 34 2.41 4.88 -9.30
C PHE A 34 2.76 3.46 -9.68
N GLY A 35 3.94 3.05 -9.26
CA GLY A 35 4.38 1.67 -9.36
C GLY A 35 4.50 1.14 -7.94
N GLY A 36 4.58 -0.18 -7.81
CA GLY A 36 4.65 -0.78 -6.50
C GLY A 36 5.36 -2.13 -6.55
N ALA A 37 5.78 -2.57 -5.36
CA ALA A 37 6.31 -3.95 -5.20
C ALA A 37 6.27 -4.35 -3.74
N TRP A 38 5.92 -5.62 -3.58
CA TRP A 38 6.11 -6.29 -2.27
C TRP A 38 7.52 -6.84 -2.26
N CYS A 39 8.28 -6.44 -1.24
CA CYS A 39 9.68 -6.84 -1.15
C CYS A 39 10.00 -7.55 0.16
N ILE A 40 10.91 -8.51 0.01
CA ILE A 40 11.42 -9.28 1.16
C ILE A 40 12.92 -9.23 1.12
N VAL A 41 13.47 -8.73 2.21
CA VAL A 41 14.91 -8.80 2.48
C VAL A 41 15.10 -10.02 3.40
N ARG A 42 15.77 -11.00 2.84
CA ARG A 42 15.92 -12.29 3.54
C ARG A 42 16.79 -12.15 4.78
N PRO A 43 16.63 -13.11 5.72
CA PRO A 43 17.40 -13.02 6.96
C PRO A 43 18.90 -12.85 6.72
N GLU A 44 19.51 -11.95 7.48
CA GLU A 44 20.97 -11.71 7.41
C GLU A 44 21.48 -11.33 6.05
N THR A 45 20.73 -10.45 5.40
CA THR A 45 21.12 -9.94 4.08
C THR A 45 20.76 -8.43 3.99
N LYS A 46 21.27 -7.76 2.94
CA LYS A 46 20.92 -6.36 2.59
C LYS A 46 20.54 -6.18 1.13
N SER A 47 19.80 -5.09 0.89
CA SER A 47 19.30 -4.56 -0.40
C SER A 47 20.43 -3.87 -1.19
N PHE A 48 20.30 -3.75 -2.51
CA PHE A 48 21.29 -3.08 -3.39
C PHE A 48 20.97 -1.59 -3.30
N ARG A 49 22.01 -0.84 -2.98
CA ARG A 49 21.87 0.57 -2.66
C ARG A 49 21.71 1.38 -3.94
N HIS A 50 20.70 2.27 -3.99
CA HIS A 50 20.54 3.17 -5.15
C HIS A 50 19.86 4.45 -4.68
N SER A 51 19.59 5.39 -5.56
CA SER A 51 18.47 6.31 -5.33
C SER A 51 18.09 6.74 -6.74
N HIS A 52 17.15 7.68 -6.82
CA HIS A 52 16.50 8.02 -8.07
C HIS A 52 15.74 9.37 -7.88
N ASN A 53 15.57 10.17 -8.95
CA ASN A 53 14.61 11.28 -8.88
C ASN A 53 13.17 10.80 -8.63
N GLU A 54 12.82 9.55 -9.00
CA GLU A 54 11.51 9.04 -8.60
C GLU A 54 11.30 9.35 -7.08
N TYR A 55 10.04 9.64 -6.68
CA TYR A 55 9.52 9.65 -5.29
C TYR A 55 9.26 8.23 -4.93
N GLU A 56 9.43 7.92 -3.63
CA GLU A 56 9.23 6.57 -3.13
C GLU A 56 8.88 6.59 -1.67
N LEU A 57 8.15 5.56 -1.31
N LEU A 57 8.02 5.64 -1.30
CA LEU A 57 7.58 5.38 0.00
CA LEU A 57 7.50 5.42 0.05
C LEU A 57 7.61 3.90 0.36
C LEU A 57 7.58 3.92 0.38
N PHE A 58 8.08 3.59 1.57
CA PHE A 58 8.03 2.21 2.07
C PHE A 58 6.97 2.14 3.18
N ILE A 59 6.19 1.09 3.06
CA ILE A 59 5.22 0.66 4.09
C ILE A 59 5.79 -0.66 4.70
N VAL A 60 6.21 -0.56 5.95
CA VAL A 60 6.88 -1.72 6.59
C VAL A 60 5.80 -2.69 7.07
N ILE A 61 5.94 -3.92 6.60
CA ILE A 61 4.91 -4.95 6.83
C ILE A 61 5.21 -5.96 7.93
N GLN A 62 6.44 -6.44 8.01
CA GLN A 62 6.75 -7.50 9.00
C GLN A 62 8.22 -7.56 9.16
N GLY A 63 8.63 -7.88 10.40
CA GLY A 63 10.03 -8.07 10.68
C GLY A 63 10.69 -6.82 11.22
N ASN A 64 12.02 -6.80 11.13
CA ASN A 64 12.80 -5.68 11.61
C ASN A 64 13.95 -5.44 10.65
N ALA A 65 14.31 -4.19 10.47
CA ALA A 65 15.41 -3.84 9.58
C ALA A 65 15.88 -2.45 9.89
N ILE A 66 17.06 -2.12 9.42
CA ILE A 66 17.62 -0.78 9.54
C ILE A 66 17.61 -0.21 8.14
N ILE A 67 16.93 0.93 7.96
CA ILE A 67 16.87 1.59 6.67
C ILE A 67 17.93 2.67 6.66
N ARG A 68 18.91 2.54 5.77
CA ARG A 68 20.01 3.48 5.71
C ARG A 68 19.76 4.43 4.57
N ILE A 69 19.54 5.69 4.94
N ILE A 69 19.59 5.69 4.93
CA ILE A 69 19.33 6.79 4.01
CA ILE A 69 19.38 6.75 3.96
C ILE A 69 20.47 7.79 4.23
C ILE A 69 20.48 7.79 4.22
N ASN A 70 21.43 7.78 3.31
CA ASN A 70 22.73 8.52 3.49
C ASN A 70 23.50 8.73 4.81
N ASP A 71 24.15 7.68 5.33
CA ASP A 71 24.84 7.80 6.61
C ASP A 71 23.86 7.70 7.83
N GLU A 72 22.57 7.98 7.60
N GLU A 72 22.57 7.93 7.61
CA GLU A 72 21.53 7.93 8.66
CA GLU A 72 21.61 7.88 8.74
C GLU A 72 20.81 6.59 8.68
C GLU A 72 20.76 6.62 8.71
N ASP A 73 20.73 5.95 9.85
CA ASP A 73 20.01 4.70 9.99
C ASP A 73 18.63 4.97 10.60
N PHE A 74 17.69 4.20 10.09
CA PHE A 74 16.28 4.23 10.53
C PHE A 74 15.79 2.81 10.78
N PRO A 75 15.90 2.39 12.07
CA PRO A 75 15.30 1.13 12.47
C PRO A 75 13.79 1.16 12.33
N VAL A 76 13.28 0.09 11.75
CA VAL A 76 11.86 0.01 11.43
C VAL A 76 11.30 -1.36 11.63
N THR A 77 9.98 -1.44 11.71
CA THR A 77 9.28 -2.72 11.79
C THR A 77 7.83 -2.48 11.38
N LYS A 78 6.98 -3.45 11.55
CA LYS A 78 5.58 -3.39 11.19
C LYS A 78 4.89 -2.08 11.53
N GLY A 79 4.32 -1.50 10.48
CA GLY A 79 3.50 -0.29 10.57
C GLY A 79 4.26 0.97 10.26
N ASP A 80 5.56 0.98 10.34
CA ASP A 80 6.31 2.19 10.07
C ASP A 80 6.25 2.54 8.58
N LEU A 81 6.21 3.85 8.35
N LEU A 81 6.31 3.85 8.36
CA LEU A 81 6.29 4.40 7.00
CA LEU A 81 6.36 4.45 7.02
C LEU A 81 7.51 5.28 6.90
C LEU A 81 7.62 5.27 6.88
N ILE A 82 8.19 5.20 5.77
N ILE A 82 8.25 5.13 5.72
CA ILE A 82 9.35 6.03 5.56
CA ILE A 82 9.45 5.86 5.36
C ILE A 82 9.36 6.52 4.12
C ILE A 82 9.20 6.54 4.05
N ILE A 83 9.46 7.84 4.01
N ILE A 83 9.48 7.85 4.00
CA ILE A 83 9.46 8.56 2.74
CA ILE A 83 9.54 8.61 2.75
C ILE A 83 10.89 8.84 2.32
C ILE A 83 10.97 8.77 2.37
N ILE A 84 11.35 8.22 1.23
CA ILE A 84 12.71 8.34 0.73
C ILE A 84 12.93 9.71 0.03
N PRO A 85 13.74 10.58 0.65
CA PRO A 85 13.97 11.91 0.08
C PRO A 85 14.60 11.84 -1.27
N LEU A 86 14.18 12.79 -2.11
CA LEU A 86 14.59 12.86 -3.52
C LEU A 86 16.07 12.74 -3.70
N ASP A 87 16.41 11.74 -4.50
CA ASP A 87 17.78 11.41 -4.92
C ASP A 87 18.73 10.86 -3.84
N SER A 88 18.20 10.32 -2.73
CA SER A 88 19.04 10.14 -1.48
C SER A 88 20.11 9.01 -1.18
N GLU A 89 20.35 8.02 -2.02
CA GLU A 89 21.09 6.75 -1.70
C GLU A 89 20.45 5.99 -0.54
N HIS A 90 19.86 4.84 -0.85
CA HIS A 90 19.18 3.99 0.11
C HIS A 90 19.42 2.55 -0.23
N HIS A 91 19.60 1.78 0.85
CA HIS A 91 19.36 0.33 0.89
C HIS A 91 18.67 -0.11 2.24
N VAL A 92 18.54 -1.42 2.46
N VAL A 92 18.56 -1.42 2.43
CA VAL A 92 17.79 -1.99 3.56
CA VAL A 92 17.85 -1.98 3.57
C VAL A 92 18.71 -3.07 4.11
C VAL A 92 18.74 -3.07 4.11
N ILE A 93 18.74 -3.19 5.43
CA ILE A 93 19.67 -4.07 6.15
C ILE A 93 18.88 -4.87 7.10
N ASN A 94 18.82 -6.18 6.85
CA ASN A 94 18.14 -7.10 7.76
C ASN A 94 19.14 -8.00 8.48
N ASN A 95 19.47 -7.61 9.70
CA ASN A 95 20.36 -8.41 10.57
C ASN A 95 19.67 -9.49 11.43
N ASN A 96 18.39 -9.65 11.25
N ASN A 96 18.37 -9.62 11.24
CA ASN A 96 17.58 -10.51 12.05
CA ASN A 96 17.52 -10.53 11.99
C ASN A 96 17.43 -11.88 11.36
C ASN A 96 17.44 -11.90 11.35
N GLN A 97 16.89 -12.82 12.11
CA GLN A 97 16.71 -14.19 11.70
C GLN A 97 15.43 -14.41 10.91
N GLU A 98 14.55 -13.41 10.87
CA GLU A 98 13.27 -13.53 10.15
C GLU A 98 13.22 -12.56 8.94
N ASP A 99 12.47 -13.00 7.94
CA ASP A 99 12.22 -12.18 6.73
C ASP A 99 11.75 -10.82 7.15
N PHE A 100 12.24 -9.84 6.40
CA PHE A 100 11.78 -8.46 6.50
C PHE A 100 10.95 -8.12 5.25
N HIS A 101 9.70 -7.79 5.50
CA HIS A 101 8.76 -7.48 4.40
C HIS A 101 8.40 -6.00 4.41
N PHE A 102 8.35 -5.40 3.21
CA PHE A 102 7.86 -4.02 3.05
C PHE A 102 7.27 -3.91 1.67
N TYR A 103 6.33 -2.97 1.54
CA TYR A 103 5.77 -2.58 0.24
C TYR A 103 6.31 -1.23 -0.14
N THR A 104 6.87 -1.14 -1.33
CA THR A 104 7.30 0.16 -1.86
C THR A 104 6.34 0.65 -2.96
N ILE A 105 6.04 1.94 -2.88
N ILE A 105 6.09 1.95 -2.89
CA ILE A 105 5.29 2.68 -3.88
CA ILE A 105 5.31 2.69 -3.88
C ILE A 105 6.20 3.80 -4.39
C ILE A 105 6.20 3.80 -4.39
N TRP A 106 6.29 3.94 -5.71
CA TRP A 106 7.09 4.99 -6.30
C TRP A 106 6.30 5.71 -7.42
N TRP A 107 6.66 6.97 -7.64
CA TRP A 107 5.90 7.81 -8.57
C TRP A 107 6.77 8.99 -8.96
N ASP A 108 6.39 9.63 -10.08
CA ASP A 108 6.95 10.92 -10.43
C ASP A 108 5.96 11.58 -11.36
N LYS A 109 6.36 12.73 -11.88
CA LYS A 109 5.44 13.57 -12.71
C LYS A 109 4.89 12.79 -13.91
N GLU A 110 5.80 12.05 -14.56
CA GLU A 110 5.50 11.17 -15.68
C GLU A 110 4.54 10.01 -15.39
N SER A 111 4.85 9.19 -14.39
CA SER A 111 3.91 8.11 -14.09
C SER A 111 2.50 8.67 -13.88
N THR A 112 2.43 9.84 -13.27
N THR A 112 2.42 9.84 -13.28
CA THR A 112 1.15 10.50 -13.02
CA THR A 112 1.15 10.51 -13.03
C THR A 112 0.49 11.03 -14.29
C THR A 112 0.49 11.01 -14.31
N LEU A 113 1.31 11.58 -15.19
CA LEU A 113 0.79 12.05 -16.47
C LEU A 113 0.34 10.89 -17.30
N ASN A 114 1.09 9.78 -17.23
CA ASN A 114 0.71 8.57 -17.94
C ASN A 114 -0.66 8.08 -17.54
N PHE A 115 -0.87 8.05 -16.22
CA PHE A 115 -2.16 7.66 -15.71
C PHE A 115 -3.26 8.52 -16.37
N LEU A 116 -3.06 9.82 -16.35
CA LEU A 116 -4.07 10.73 -16.90
C LEU A 116 -4.26 10.59 -18.41
N THR A 117 -3.17 10.36 -19.10
CA THR A 117 -3.20 10.15 -20.54
C THR A 117 -3.95 8.87 -20.90
N ARG A 118 -3.66 7.77 -20.18
CA ARG A 118 -4.30 6.50 -20.50
C ARG A 118 -5.79 6.50 -20.26
N LEU A 119 -6.21 7.19 -19.22
CA LEU A 119 -7.62 7.39 -18.98
C LEU A 119 -8.37 7.93 -20.19
N GLU A 120 -7.94 9.06 -20.73
CA GLU A 120 -8.77 9.65 -21.78
C GLU A 120 -8.62 8.92 -23.11
N GLN A 121 -7.59 8.10 -23.27
CA GLN A 121 -7.54 7.21 -24.43
C GLN A 121 -8.70 6.23 -24.36
N ASP A 122 -8.96 5.71 -23.17
CA ASP A 122 -10.05 4.76 -22.97
C ASP A 122 -11.42 5.46 -22.98
N MSE B 2 9.70 18.17 6.16
CA MSE B 2 9.25 16.79 5.96
C MSE B 2 10.01 15.80 6.83
O MSE B 2 11.22 15.61 6.68
CB MSE B 2 9.53 16.39 4.52
CG MSE B 2 8.91 15.10 4.13
SE MSE B 2 9.28 14.85 2.27
CE MSE B 2 7.87 13.57 2.28
HA MSE B 2 8.31 16.73 6.13
HB2 MSE B 2 9.22 17.09 3.93
HB3 MSE B 2 10.48 16.28 4.41
HG2 MSE B 2 9.31 14.39 4.63
HG3 MSE B 2 7.95 15.13 4.26
HE1 MSE B 2 8.05 12.88 2.94
HE2 MSE B 2 7.06 14.04 2.53
HE3 MSE B 2 7.78 13.19 1.40
N ASN B 3 9.28 15.15 7.71
CA ASN B 3 9.92 14.05 8.42
C ASN B 3 9.99 12.85 7.52
N ILE B 4 11.08 12.11 7.65
N ILE B 4 11.06 12.08 7.66
CA ILE B 4 11.39 10.97 6.80
CA ILE B 4 11.34 10.96 6.75
C ILE B 4 10.63 9.74 7.26
C ILE B 4 10.65 9.71 7.25
N ILE B 5 10.46 9.60 8.56
CA ILE B 5 9.91 8.39 9.14
C ILE B 5 8.72 8.74 9.98
N ARG B 6 7.68 7.92 9.88
CA ARG B 6 6.57 7.97 10.84
C ARG B 6 6.47 6.60 11.45
N LYS B 7 6.81 6.54 12.71
CA LYS B 7 6.68 5.31 13.47
C LYS B 7 5.21 5.06 13.69
N MSE B 8 4.79 3.83 13.45
CA MSE B 8 3.42 3.47 13.72
C MSE B 8 3.11 3.60 15.21
O MSE B 8 3.78 3.00 16.02
CB MSE B 8 3.18 2.02 13.28
CG MSE B 8 1.82 1.50 13.60
SE MSE B 8 0.31 2.66 13.03
CE MSE B 8 0.35 2.27 11.02
H MSE B 8 5.28 3.21 13.10
HA MSE B 8 2.81 4.03 13.22
HB2 MSE B 8 3.29 1.95 12.33
HB3 MSE B 8 3.84 1.47 13.71
HG2 MSE B 8 1.71 0.65 13.13
HG3 MSE B 8 1.75 1.35 14.56
HE1 MSE B 8 1.26 2.34 10.68
HE2 MSE B 8 0.04 1.36 10.90
HE3 MSE B 8 -0.23 2.89 10.56
N ASP B 9 2.07 4.33 15.57
CA ASP B 9 1.57 4.45 16.96
C ASP B 9 0.26 3.69 16.96
N TRP B 10 0.32 2.45 17.44
CA TRP B 10 -0.85 1.58 17.46
C TRP B 10 -1.89 2.06 18.49
N ASP B 11 -1.50 2.99 19.36
CA ASP B 11 -2.40 3.60 20.29
C ASP B 11 -3.16 4.81 19.74
N SER B 12 -2.87 5.18 18.49
CA SER B 12 -3.43 6.43 17.86
C SER B 12 -4.37 6.12 16.76
N MSE B 13 -4.77 4.89 16.52
CA MSE B 13 -5.71 4.62 15.42
C MSE B 13 -6.97 5.42 15.59
O MSE B 13 -7.35 5.85 16.65
CB MSE B 13 -6.10 3.17 15.37
CG MSE B 13 -4.93 2.19 15.60
SE MSE B 13 -3.35 2.48 14.43
CE MSE B 13 -3.72 1.47 12.79
H MSE B 13 -4.51 4.19 16.93
HA MSE B 13 -5.31 4.85 14.57
HB2 MSE B 13 -6.78 3.02 16.03
HB3 MSE B 13 -6.44 2.96 14.49
HG2 MSE B 13 -4.64 2.29 16.52
HG3 MSE B 13 -5.24 1.30 15.43
HE1 MSE B 13 -3.50 2.03 12.02
HE2 MSE B 13 -3.18 0.67 12.75
HE3 MSE B 13 -4.67 1.23 12.75
N VAL B 14 -7.62 5.65 14.45
CA VAL B 14 -8.89 6.34 14.39
C VAL B 14 -9.91 5.42 13.79
N HIS B 15 -11.01 5.24 14.50
CA HIS B 15 -12.09 4.38 14.04
C HIS B 15 -12.85 5.07 12.93
N GLU B 16 -12.99 4.40 11.80
N GLU B 16 -13.03 4.38 11.82
CA GLU B 16 -13.65 4.98 10.61
CA GLU B 16 -13.81 4.87 10.69
C GLU B 16 -14.12 3.79 9.80
C GLU B 16 -14.95 3.88 10.46
N TYR B 17 -15.32 3.89 9.22
N TYR B 17 -16.03 4.06 11.23
CA TYR B 17 -15.87 2.84 8.36
CA TYR B 17 -17.27 3.31 11.11
C TYR B 17 -15.76 1.45 9.02
C TYR B 17 -17.18 1.88 11.60
N ASP B 18 -16.00 1.45 10.32
N ASP B 18 -16.26 1.11 11.01
CA ASP B 18 -16.17 0.23 11.10
CA ASP B 18 -16.22 -0.29 11.29
C ASP B 18 -14.91 -0.65 11.23
C ASP B 18 -14.80 -0.85 11.16
N LEU B 19 -13.78 0.02 11.19
CA LEU B 19 -12.44 -0.50 11.35
C LEU B 19 -11.57 0.55 12.01
N ASP B 20 -10.37 0.16 12.41
CA ASP B 20 -9.45 1.08 13.07
C ASP B 20 -8.27 1.33 12.17
N GLY B 21 -8.06 2.61 11.82
CA GLY B 21 -7.13 2.98 10.76
C GLY B 21 -6.11 4.01 11.17
N SER B 22 -5.10 4.10 10.31
CA SER B 22 -4.13 5.18 10.40
C SER B 22 -3.84 5.71 8.98
N ARG B 23 -4.33 6.91 8.74
CA ARG B 23 -4.22 7.55 7.42
C ARG B 23 -2.81 8.02 7.15
N LEU B 24 -2.41 7.86 5.90
CA LEU B 24 -1.14 8.40 5.41
C LEU B 24 -1.05 9.93 5.54
N LEU B 25 -2.14 10.57 5.13
CA LEU B 25 -2.22 12.04 5.04
C LEU B 25 -3.15 12.60 6.07
N PRO B 26 -2.75 13.68 6.75
CA PRO B 26 -1.76 14.58 6.21
C PRO B 26 -0.38 14.23 6.67
N TRP B 27 0.62 14.53 5.87
CA TRP B 27 2.01 14.40 6.25
C TRP B 27 2.70 15.60 5.62
N GLU B 28 3.14 16.58 6.39
CA GLU B 28 3.66 17.73 5.63
C GLU B 28 4.99 17.31 5.03
N GLY B 29 5.19 17.82 3.83
CA GLY B 29 6.39 17.58 3.05
C GLY B 29 6.19 16.55 1.95
N LEU B 30 5.13 15.75 2.07
CA LEU B 30 4.91 14.55 1.25
C LEU B 30 3.96 14.87 0.06
N ASN B 31 4.54 15.06 -1.13
CA ASN B 31 3.73 15.24 -2.35
C ASN B 31 3.38 13.88 -2.98
N THR B 32 2.13 13.46 -2.88
CA THR B 32 1.64 12.17 -3.46
C THR B 32 0.40 12.36 -4.36
N PRO B 33 0.26 11.48 -5.36
CA PRO B 33 -0.96 11.53 -6.20
C PRO B 33 -2.04 10.56 -5.73
N PHE B 34 -1.87 10.01 -4.51
CA PHE B 34 -2.78 9.03 -3.92
C PHE B 34 -2.91 9.29 -2.44
N GLY B 35 -3.94 8.69 -1.84
CA GLY B 35 -4.08 8.65 -0.40
C GLY B 35 -3.88 7.21 0.05
N GLY B 36 -3.76 7.04 1.36
CA GLY B 36 -3.52 5.71 1.91
C GLY B 36 -3.98 5.63 3.33
N ALA B 37 -4.16 4.38 3.75
CA ALA B 37 -4.40 4.09 5.16
C ALA B 37 -4.02 2.66 5.50
N TRP B 38 -3.45 2.52 6.71
CA TRP B 38 -3.28 1.21 7.35
C TRP B 38 -4.54 0.90 8.11
N CYS B 39 -5.16 -0.20 7.79
CA CYS B 39 -6.45 -0.55 8.36
C CYS B 39 -6.44 -1.89 9.10
N ILE B 40 -7.19 -1.90 10.20
CA ILE B 40 -7.31 -3.11 11.01
C ILE B 40 -8.79 -3.40 11.19
N VAL B 41 -9.19 -4.58 10.72
CA VAL B 41 -10.54 -5.09 10.92
C VAL B 41 -10.41 -6.06 12.12
N ARG B 42 -11.08 -5.69 13.18
CA ARG B 42 -10.93 -6.42 14.44
C ARG B 42 -11.63 -7.78 14.34
N PRO B 43 -11.30 -8.71 15.25
CA PRO B 43 -11.82 -10.08 15.17
C PRO B 43 -13.33 -10.10 15.19
N GLU B 44 -13.88 -10.95 14.35
CA GLU B 44 -15.32 -11.20 14.30
C GLU B 44 -16.14 -9.94 14.06
N THR B 45 -15.64 -9.18 13.09
CA THR B 45 -16.31 -7.96 12.61
C THR B 45 -16.17 -7.86 11.12
N LYS B 46 -16.88 -6.88 10.57
N LYS B 46 -16.87 -6.89 10.57
CA LYS B 46 -16.77 -6.52 9.18
CA LYS B 46 -16.72 -6.57 9.18
C LYS B 46 -16.79 -5.01 9.05
C LYS B 46 -16.77 -5.09 8.93
N SER B 47 -16.01 -4.52 8.11
N SER B 47 -16.40 -4.76 7.70
CA SER B 47 -15.93 -3.09 7.84
CA SER B 47 -16.42 -3.40 7.17
C SER B 47 -17.18 -2.59 7.09
C SER B 47 -17.06 -3.42 5.79
N PHE B 48 -17.16 -1.31 6.72
N PHE B 48 -17.99 -2.48 5.56
CA PHE B 48 -18.34 -0.63 6.21
CA PHE B 48 -18.75 -2.38 4.32
C PHE B 48 -18.45 -0.76 4.69
C PHE B 48 -18.66 -0.94 3.83
N ARG B 49 -19.66 -1.08 4.21
N ARG B 49 -18.48 -0.75 2.52
CA ARG B 49 -19.91 -1.29 2.79
CA ARG B 49 -18.43 0.56 1.86
C ARG B 49 -20.10 0.06 2.13
C ARG B 49 -19.11 0.57 0.49
N HIS B 50 -19.19 0.39 1.23
N HIS B 50 -19.21 1.78 -0.06
CA HIS B 50 -19.33 1.60 0.41
CA HIS B 50 -19.84 2.06 -1.38
C HIS B 50 -18.78 1.37 -0.98
C HIS B 50 -19.15 3.05 -2.31
N SER B 51 -18.73 2.48 -1.70
N SER B 51 -19.12 2.65 -3.59
CA SER B 51 -18.45 2.46 -3.11
CA SER B 51 -18.96 3.51 -4.76
C SER B 51 -18.18 3.89 -3.50
C SER B 51 -18.42 4.94 -4.63
N HIS B 52 -17.52 4.04 -4.64
N HIS B 52 -17.17 5.11 -5.03
CA HIS B 52 -17.12 5.35 -5.09
CA HIS B 52 -16.66 6.44 -5.36
C HIS B 52 -16.58 5.24 -6.49
C HIS B 52 -16.18 6.37 -6.80
N ASN B 53 -16.12 6.37 -7.01
N ASN B 53 -15.93 7.52 -7.42
CA ASN B 53 -15.38 6.38 -8.25
CA ASN B 53 -15.25 7.50 -8.72
C ASN B 53 -14.04 7.08 -8.07
C ASN B 53 -13.75 7.20 -8.46
N GLU B 54 -13.41 6.77 -6.95
N GLU B 54 -13.33 7.17 -7.19
CA GLU B 54 -11.98 6.79 -6.87
CA GLU B 54 -11.96 6.85 -6.83
C GLU B 54 -11.56 5.35 -7.03
C GLU B 54 -11.58 5.39 -7.06
N TYR B 55 -10.40 5.17 -7.65
CA TYR B 55 -9.73 3.87 -7.75
C TYR B 55 -9.16 3.54 -6.39
N GLU B 56 -9.03 2.24 -6.12
CA GLU B 56 -8.57 1.76 -4.82
C GLU B 56 -7.96 0.40 -4.99
N LEU B 57 -6.92 0.14 -4.21
CA LEU B 57 -6.32 -1.20 -4.11
C LEU B 57 -6.05 -1.50 -2.66
N PHE B 58 -6.15 -2.79 -2.31
CA PHE B 58 -5.79 -3.26 -0.98
C PHE B 58 -4.56 -4.15 -1.12
N ILE B 59 -3.66 -3.94 -0.17
CA ILE B 59 -2.49 -4.80 0.03
C ILE B 59 -2.70 -5.53 1.36
N VAL B 60 -2.84 -6.85 1.29
CA VAL B 60 -3.18 -7.65 2.49
C VAL B 60 -1.90 -7.97 3.31
N ILE B 61 -1.92 -7.49 4.54
CA ILE B 61 -0.74 -7.49 5.42
C ILE B 61 -0.71 -8.65 6.44
N GLN B 62 -1.79 -8.92 7.14
CA GLN B 62 -1.73 -9.95 8.16
C GLN B 62 -3.10 -10.47 8.39
N GLY B 63 -3.18 -11.76 8.69
CA GLY B 63 -4.44 -12.37 9.02
C GLY B 63 -5.19 -12.90 7.82
N ASN B 64 -6.47 -13.11 8.02
CA ASN B 64 -7.31 -13.68 6.96
C ASN B 64 -8.70 -13.08 6.98
N ALA B 65 -9.20 -12.72 5.80
CA ALA B 65 -10.53 -12.15 5.66
C ALA B 65 -11.18 -12.73 4.41
N ILE B 66 -12.48 -12.48 4.30
CA ILE B 66 -13.23 -12.72 3.08
C ILE B 66 -13.59 -11.34 2.58
N ILE B 67 -13.26 -11.11 1.31
CA ILE B 67 -13.50 -9.83 0.67
C ILE B 67 -14.58 -10.03 -0.37
N ARG B 68 -15.64 -9.26 -0.19
CA ARG B 68 -16.84 -9.38 -1.01
C ARG B 68 -16.86 -8.18 -1.95
N ILE B 69 -16.21 -8.29 -3.12
CA ILE B 69 -16.27 -7.28 -4.20
C ILE B 69 -17.63 -7.42 -4.87
N ASN B 70 -18.51 -6.48 -4.52
N ASN B 70 -18.57 -6.51 -4.59
CA ASN B 70 -19.93 -6.50 -4.87
CA ASN B 70 -19.90 -6.58 -5.21
C ASN B 70 -20.59 -7.74 -4.28
C ASN B 70 -20.50 -7.98 -5.17
N ASP B 71 -20.87 -8.73 -5.11
N ASP B 71 -20.82 -8.45 -3.97
CA ASP B 71 -21.61 -9.92 -4.67
CA ASP B 71 -21.49 -9.74 -3.78
C ASP B 71 -20.72 -11.15 -4.55
C ASP B 71 -20.65 -11.00 -4.08
N GLU B 72 -19.45 -11.01 -4.91
N GLU B 72 -19.50 -10.86 -4.73
CA GLU B 72 -18.54 -12.13 -5.07
CA GLU B 72 -18.63 -12.02 -4.95
C GLU B 72 -17.57 -12.14 -3.88
C GLU B 72 -17.60 -12.10 -3.84
N ASP B 73 -17.56 -13.23 -3.13
CA ASP B 73 -16.62 -13.39 -2.04
C ASP B 73 -15.24 -13.82 -2.54
N PHE B 74 -14.19 -13.38 -1.84
CA PHE B 74 -12.80 -13.65 -2.22
C PHE B 74 -11.96 -13.77 -0.97
N PRO B 75 -11.58 -15.02 -0.61
CA PRO B 75 -10.69 -15.09 0.54
C PRO B 75 -9.33 -14.45 0.29
N VAL B 76 -8.82 -13.75 1.30
CA VAL B 76 -7.48 -13.19 1.20
C VAL B 76 -6.61 -13.46 2.43
N THR B 77 -5.33 -13.71 2.22
N THR B 77 -5.34 -13.73 2.13
CA THR B 77 -4.35 -13.48 3.28
CA THR B 77 -4.25 -13.89 3.08
C THR B 77 -3.13 -12.74 2.83
C THR B 77 -3.10 -12.89 2.79
N LYS B 78 -2.15 -12.70 3.72
CA LYS B 78 -0.90 -11.98 3.52
C LYS B 78 -0.31 -12.14 2.15
N GLY B 79 -0.08 -10.99 1.52
CA GLY B 79 0.55 -10.92 0.21
C GLY B 79 -0.45 -10.71 -0.90
N ASP B 80 -1.70 -11.00 -0.69
CA ASP B 80 -2.71 -10.83 -1.72
C ASP B 80 -2.96 -9.34 -1.99
N LEU B 81 -3.22 -9.04 -3.27
CA LEU B 81 -3.62 -7.70 -3.71
C LEU B 81 -4.97 -7.80 -4.33
N ILE B 82 -5.77 -6.79 -4.06
N ILE B 82 -5.78 -6.80 -4.09
CA ILE B 82 -7.14 -6.66 -4.53
CA ILE B 82 -7.11 -6.77 -4.65
C ILE B 82 -7.29 -5.29 -5.16
C ILE B 82 -7.42 -5.35 -5.12
N ILE B 83 -7.78 -5.25 -6.40
CA ILE B 83 -8.16 -4.00 -7.06
C ILE B 83 -9.66 -3.92 -7.01
N ILE B 84 -10.16 -2.79 -6.51
CA ILE B 84 -11.61 -2.59 -6.39
C ILE B 84 -12.20 -1.92 -7.65
N PRO B 85 -13.03 -2.63 -8.39
CA PRO B 85 -13.63 -2.03 -9.61
C PRO B 85 -14.31 -0.72 -9.27
N LEU B 86 -14.23 0.27 -10.15
CA LEU B 86 -14.99 1.50 -9.97
C LEU B 86 -16.47 1.20 -9.80
N ASP B 87 -17.04 1.87 -8.82
CA ASP B 87 -18.48 1.88 -8.53
C ASP B 87 -18.93 0.49 -8.04
N SER B 88 -18.01 -0.09 -7.31
CA SER B 88 -18.22 -1.36 -6.62
C SER B 88 -18.42 -1.13 -5.16
N GLU B 89 -19.45 -1.79 -4.63
N GLU B 89 -19.37 -1.82 -4.54
CA GLU B 89 -19.64 -1.91 -3.20
CA GLU B 89 -19.41 -1.88 -3.08
C GLU B 89 -18.66 -2.96 -2.72
C GLU B 89 -18.61 -3.09 -2.63
N HIS B 90 -17.94 -2.61 -1.67
N HIS B 90 -18.19 -3.10 -1.37
CA HIS B 90 -16.91 -3.46 -1.11
CA HIS B 90 -17.37 -4.20 -0.90
C HIS B 90 -16.78 -3.19 0.37
C HIS B 90 -17.46 -4.41 0.60
N HIS B 91 -16.37 -4.23 1.07
N HIS B 91 -17.14 -5.63 1.03
CA HIS B 91 -16.08 -4.21 2.49
CA HIS B 91 -17.13 -5.99 2.42
C HIS B 91 -15.36 -5.55 2.83
C HIS B 91 -15.80 -6.62 2.73
N VAL B 92 -14.95 -5.74 4.10
N VAL B 92 -15.26 -6.31 3.91
CA VAL B 92 -13.97 -6.75 4.53
CA VAL B 92 -14.07 -6.96 4.45
C VAL B 92 -14.44 -7.58 5.76
C VAL B 92 -14.47 -7.61 5.73
N ILE B 93 -14.65 -8.91 5.61
CA ILE B 93 -15.16 -9.74 6.68
C ILE B 93 -14.04 -10.50 7.36
N ASN B 94 -13.86 -10.25 8.67
CA ASN B 94 -12.90 -11.01 9.48
C ASN B 94 -13.64 -11.92 10.44
N ASN B 95 -13.70 -13.19 10.08
CA ASN B 95 -14.35 -14.20 10.92
C ASN B 95 -13.45 -14.82 11.99
N ASN B 96 -12.23 -14.36 12.13
CA ASN B 96 -11.22 -15.02 12.92
C ASN B 96 -10.84 -14.27 14.18
N GLN B 97 -9.94 -14.86 14.96
CA GLN B 97 -9.49 -14.32 16.25
C GLN B 97 -8.23 -13.42 16.13
N GLU B 98 -7.60 -13.42 14.99
CA GLU B 98 -6.54 -12.48 14.82
C GLU B 98 -7.16 -11.19 14.17
N ASP B 99 -6.56 -10.05 14.47
CA ASP B 99 -6.80 -8.81 13.71
C ASP B 99 -6.41 -9.07 12.26
N PHE B 100 -7.19 -8.48 11.38
CA PHE B 100 -6.90 -8.47 9.94
C PHE B 100 -6.36 -7.10 9.54
N HIS B 101 -5.13 -7.11 9.01
CA HIS B 101 -4.47 -5.85 8.61
C HIS B 101 -4.34 -5.80 7.09
N PHE B 102 -4.65 -4.61 6.54
CA PHE B 102 -4.42 -4.34 5.12
C PHE B 102 -4.14 -2.88 4.98
N TYR B 103 -3.44 -2.55 3.88
CA TYR B 103 -3.17 -1.16 3.49
C TYR B 103 -4.05 -0.84 2.28
N THR B 104 -4.70 0.31 2.30
CA THR B 104 -5.44 0.76 1.12
C THR B 104 -4.76 1.99 0.56
N ILE B 105 -4.67 1.99 -0.78
N ILE B 105 -4.70 2.00 -0.77
CA ILE B 105 -4.20 3.10 -1.61
CA ILE B 105 -4.23 3.13 -1.57
C ILE B 105 -5.38 3.50 -2.52
C ILE B 105 -5.38 3.50 -2.52
N TRP B 106 -5.73 4.79 -2.57
CA TRP B 106 -6.83 5.27 -3.40
C TRP B 106 -6.34 6.48 -4.21
N TRP B 107 -6.93 6.69 -5.39
CA TRP B 107 -6.47 7.75 -6.28
C TRP B 107 -7.57 8.02 -7.30
N ASP B 108 -7.50 9.22 -7.92
CA ASP B 108 -8.36 9.56 -9.02
C ASP B 108 -7.71 10.68 -9.76
N LYS B 109 -8.49 11.25 -10.69
CA LYS B 109 -8.02 12.39 -11.51
C LYS B 109 -7.65 13.56 -10.64
N GLU B 110 -8.53 13.89 -9.68
CA GLU B 110 -8.32 15.03 -8.79
C GLU B 110 -7.01 14.89 -8.05
N SER B 111 -6.80 13.72 -7.47
CA SER B 111 -5.61 13.54 -6.61
C SER B 111 -4.32 13.62 -7.44
N THR B 112 -4.36 13.04 -8.63
N THR B 112 -4.36 13.04 -8.63
CA THR B 112 -3.23 13.06 -9.54
CA THR B 112 -3.20 13.07 -9.52
C THR B 112 -2.92 14.48 -10.05
C THR B 112 -2.91 14.49 -10.04
N LEU B 113 -3.94 15.16 -10.55
CA LEU B 113 -3.78 16.55 -10.95
C LEU B 113 -3.27 17.40 -9.79
N ASN B 114 -3.75 17.14 -8.58
CA ASN B 114 -3.35 17.97 -7.46
C ASN B 114 -1.87 17.77 -7.13
N PHE B 115 -1.40 16.52 -7.22
CA PHE B 115 0.02 16.27 -7.07
C PHE B 115 0.83 17.13 -8.07
N LEU B 116 0.35 17.13 -9.31
CA LEU B 116 1.02 17.89 -10.35
C LEU B 116 0.98 19.41 -10.11
N THR B 117 -0.14 19.92 -9.65
CA THR B 117 -0.24 21.37 -9.43
C THR B 117 0.74 21.74 -8.35
N ARG B 118 0.81 20.88 -7.32
CA ARG B 118 1.61 21.18 -6.18
C ARG B 118 3.08 21.01 -6.49
N LEU B 119 3.45 20.06 -7.34
CA LEU B 119 4.85 19.95 -7.70
C LEU B 119 5.26 21.13 -8.57
N GLU B 120 4.32 21.74 -9.27
CA GLU B 120 4.60 22.99 -9.98
C GLU B 120 4.47 24.20 -9.05
N GLN B 121 3.60 24.10 -8.06
CA GLN B 121 3.60 25.04 -6.93
C GLN B 121 4.76 24.67 -5.98
NI NI C . 14.42 3.18 -4.48
NA NA D . 7.91 -16.13 7.96
NI NI E . -13.40 1.85 -0.80
N MSE A 2 -11.39 -8.18 -16.58
CA MSE A 2 -10.33 -7.51 -15.84
C MSE A 2 -10.26 -8.18 -14.47
O MSE A 2 -11.29 -8.63 -13.94
CB MSE A 2 -10.61 -6.00 -15.71
CG MSE A 2 -10.16 -5.43 -14.36
SE MSE A 2 -9.80 -3.55 -14.35
CE MSE A 2 -8.75 -3.24 -12.81
HA MSE A 2 -9.50 -7.64 -16.32
HB2 MSE A 2 -10.10 -5.54 -16.40
HB3 MSE A 2 -11.55 -5.83 -15.83
HG2 MSE A 2 -10.86 -5.60 -13.70
HG3 MSE A 2 -9.34 -5.85 -14.09
HE1 MSE A 2 -8.61 -2.29 -12.69
HE2 MSE A 2 -9.22 -3.60 -12.04
HE3 MSE A 2 -7.90 -3.69 -12.93
N ASN A 3 -9.06 -8.20 -13.86
CA ASN A 3 -8.79 -9.04 -12.67
C ASN A 3 -8.62 -8.40 -11.33
N ILE A 4 -9.51 -8.78 -10.41
N ILE A 4 -9.43 -8.92 -10.41
CA ILE A 4 -9.53 -8.15 -9.10
CA ILE A 4 -9.75 -8.27 -9.17
C ILE A 4 -8.37 -8.58 -8.26
C ILE A 4 -8.76 -8.65 -8.08
N ILE A 5 -8.23 -9.88 -8.13
CA ILE A 5 -7.36 -10.44 -7.11
C ILE A 5 -6.14 -11.07 -7.72
N ARG A 6 -5.01 -10.70 -7.17
N ARG A 6 -5.00 -10.67 -7.19
CA ARG A 6 -3.77 -11.43 -7.39
CA ARG A 6 -3.79 -11.44 -7.38
C ARG A 6 -3.35 -12.10 -6.09
C ARG A 6 -3.42 -12.10 -6.06
N LYS A 7 -3.45 -13.42 -6.08
CA LYS A 7 -3.06 -14.20 -4.95
C LYS A 7 -1.57 -14.31 -4.98
N MSE A 8 -0.93 -14.01 -3.84
CA MSE A 8 0.51 -14.03 -3.81
C MSE A 8 1.11 -15.41 -4.09
O MSE A 8 0.65 -16.42 -3.56
CB MSE A 8 1.05 -13.49 -2.51
CG MSE A 8 2.53 -13.69 -2.32
SE MSE A 8 3.57 -12.54 -3.52
CE MSE A 8 3.34 -10.97 -2.27
HA MSE A 8 0.83 -13.44 -4.52
HB2 MSE A 8 0.91 -12.53 -2.50
HB3 MSE A 8 0.58 -13.89 -1.77
HG2 MSE A 8 2.76 -13.44 -1.43
HG3 MSE A 8 2.78 -14.60 -2.49
HE1 MSE A 8 2.89 -11.29 -1.47
HE2 MSE A 8 4.21 -10.62 -2.01
HE3 MSE A 8 2.81 -10.29 -2.70
N ASP A 9 2.13 -15.42 -4.93
CA ASP A 9 2.86 -16.66 -5.25
C ASP A 9 4.25 -16.35 -4.75
N TRP A 10 4.61 -16.80 -3.53
CA TRP A 10 5.87 -16.39 -2.97
C TRP A 10 7.08 -16.90 -3.83
N ASP A 11 6.87 -18.06 -4.43
CA ASP A 11 7.89 -18.66 -5.27
C ASP A 11 8.13 -17.90 -6.56
N SER A 12 7.11 -17.14 -7.01
CA SER A 12 7.23 -16.47 -8.33
C SER A 12 7.92 -15.13 -8.23
N MSE A 13 8.34 -14.71 -7.04
CA MSE A 13 9.10 -13.48 -6.86
C MSE A 13 10.32 -13.51 -7.75
O MSE A 13 10.89 -14.56 -8.10
CB MSE A 13 9.50 -13.29 -5.41
CG MSE A 13 8.36 -12.74 -4.62
SE MSE A 13 8.63 -12.79 -2.71
CE MSE A 13 7.83 -11.03 -2.35
H MSE A 13 8.17 -15.11 -6.31
HA MSE A 13 8.54 -12.74 -7.10
HB2 MSE A 13 9.71 -14.17 -5.06
HB3 MSE A 13 10.27 -12.71 -5.34
HG2 MSE A 13 8.20 -11.82 -4.88
HG3 MSE A 13 7.58 -13.29 -4.77
HE1 MSE A 13 8.54 -10.36 -2.31
HE2 MSE A 13 7.22 -10.83 -3.08
HE3 MSE A 13 7.34 -11.03 -1.51
N VAL A 14 10.68 -12.31 -8.19
CA VAL A 14 11.87 -12.09 -8.98
C VAL A 14 12.89 -11.36 -8.10
N HIS A 15 14.09 -11.92 -8.04
CA HIS A 15 15.16 -11.39 -7.27
C HIS A 15 15.76 -10.20 -8.01
N GLU A 16 15.71 -9.04 -7.35
CA GLU A 16 16.18 -7.75 -7.90
C GLU A 16 16.57 -6.88 -6.74
N TYR A 17 17.56 -6.01 -6.95
CA TYR A 17 17.95 -5.09 -5.92
C TYR A 17 18.37 -5.85 -4.67
N ASP A 18 18.93 -7.04 -4.94
CA ASP A 18 19.36 -7.99 -3.89
C ASP A 18 18.26 -8.32 -2.87
N LEU A 19 17.02 -8.28 -3.32
CA LEU A 19 15.88 -8.71 -2.54
C LEU A 19 14.94 -9.47 -3.42
N ASP A 20 13.91 -10.04 -2.82
CA ASP A 20 12.88 -10.75 -3.54
C ASP A 20 11.66 -9.88 -3.64
N GLY A 21 11.19 -9.67 -4.87
CA GLY A 21 10.08 -8.74 -5.08
C GLY A 21 8.97 -9.35 -5.91
N SER A 22 7.79 -8.79 -5.68
CA SER A 22 6.62 -9.05 -6.52
C SER A 22 6.08 -7.68 -6.92
N ARG A 23 6.36 -7.35 -8.17
CA ARG A 23 5.93 -6.04 -8.70
C ARG A 23 4.42 -5.99 -8.94
N LEU A 24 3.83 -4.85 -8.62
CA LEU A 24 2.42 -4.58 -8.93
C LEU A 24 2.13 -4.68 -10.42
N LEU A 25 3.02 -4.07 -11.20
CA LEU A 25 2.82 -3.91 -12.63
C LEU A 25 3.70 -4.85 -13.44
N PRO A 26 3.21 -5.29 -14.60
CA PRO A 26 1.90 -4.88 -15.10
C PRO A 26 0.75 -5.73 -14.55
N TRP A 27 -0.46 -5.17 -14.68
CA TRP A 27 -1.71 -5.75 -14.24
C TRP A 27 -2.74 -5.25 -15.25
N GLU A 28 -3.20 -6.12 -16.12
CA GLU A 28 -4.13 -5.73 -17.16
C GLU A 28 -5.41 -5.18 -16.53
N GLY A 29 -5.86 -4.03 -17.05
CA GLY A 29 -7.00 -3.32 -16.50
C GLY A 29 -6.70 -2.44 -15.30
N LEU A 30 -5.43 -2.34 -14.92
CA LEU A 30 -5.05 -1.56 -13.76
C LEU A 30 -4.31 -0.34 -14.25
N ASN A 31 -4.91 0.81 -13.98
CA ASN A 31 -4.31 2.10 -14.34
C ASN A 31 -4.04 2.90 -13.08
N THR A 32 -2.77 3.09 -12.80
CA THR A 32 -2.28 3.72 -11.59
C THR A 32 -1.31 4.84 -11.97
N PRO A 33 -1.18 5.84 -11.10
CA PRO A 33 -0.18 6.89 -11.31
C PRO A 33 1.12 6.59 -10.57
N PHE A 34 1.26 5.33 -10.09
CA PHE A 34 2.42 4.88 -9.29
C PHE A 34 2.77 3.46 -9.69
N GLY A 35 3.97 3.05 -9.32
CA GLY A 35 4.40 1.66 -9.37
C GLY A 35 4.49 1.15 -7.93
N GLY A 36 4.59 -0.18 -7.82
CA GLY A 36 4.68 -0.78 -6.50
C GLY A 36 5.38 -2.13 -6.55
N ALA A 37 5.80 -2.57 -5.37
CA ALA A 37 6.32 -3.94 -5.20
C ALA A 37 6.27 -4.35 -3.74
N TRP A 38 5.91 -5.62 -3.57
CA TRP A 38 6.10 -6.29 -2.26
C TRP A 38 7.52 -6.83 -2.25
N CYS A 39 8.27 -6.44 -1.22
CA CYS A 39 9.68 -6.80 -1.12
C CYS A 39 9.98 -7.55 0.16
N ILE A 40 10.90 -8.51 0.00
CA ILE A 40 11.41 -9.28 1.16
C ILE A 40 12.92 -9.22 1.12
N VAL A 41 13.47 -8.73 2.22
CA VAL A 41 14.91 -8.80 2.48
C VAL A 41 15.10 -10.02 3.40
N ARG A 42 15.78 -11.00 2.85
CA ARG A 42 15.92 -12.30 3.54
C ARG A 42 16.78 -12.16 4.77
N PRO A 43 16.65 -13.12 5.71
CA PRO A 43 17.43 -13.03 6.96
C PRO A 43 18.91 -12.87 6.70
N GLU A 44 19.53 -11.96 7.46
CA GLU A 44 20.98 -11.70 7.33
C GLU A 44 21.46 -11.32 5.95
N THR A 45 20.62 -10.52 5.23
CA THR A 45 21.00 -9.82 3.97
C THR A 45 20.80 -8.38 4.13
N LYS A 46 21.35 -7.69 3.17
CA LYS A 46 21.03 -6.29 3.02
C LYS A 46 20.76 -6.07 1.50
N SER A 47 19.86 -5.12 1.15
CA SER A 47 19.45 -4.85 -0.26
C SER A 47 20.41 -3.92 -0.98
N PHE A 48 20.13 -3.69 -2.25
CA PHE A 48 21.08 -2.99 -3.10
C PHE A 48 21.00 -1.46 -3.01
N ARG A 49 22.14 -0.77 -2.88
CA ARG A 49 22.15 0.69 -2.69
C ARG A 49 21.85 1.37 -4.04
N HIS A 50 20.80 2.21 -4.08
CA HIS A 50 20.55 3.04 -5.27
C HIS A 50 19.96 4.37 -4.88
N SER A 51 19.97 5.28 -5.85
CA SER A 51 19.24 6.55 -5.77
C SER A 51 18.57 6.80 -7.08
N HIS A 52 17.50 7.59 -7.05
CA HIS A 52 16.73 7.79 -8.26
C HIS A 52 15.83 8.97 -8.08
N ASN A 53 15.38 9.51 -9.20
CA ASN A 53 14.62 10.76 -9.13
C ASN A 53 13.14 10.53 -8.80
N GLU A 54 12.64 9.29 -8.91
CA GLU A 54 11.26 9.01 -8.57
C GLU A 54 11.09 9.22 -7.06
N TYR A 55 9.91 9.71 -6.65
CA TYR A 55 9.44 9.69 -5.25
C TYR A 55 9.19 8.25 -4.89
N GLU A 56 9.39 7.95 -3.60
CA GLU A 56 9.21 6.58 -3.09
C GLU A 56 8.82 6.61 -1.63
N LEU A 57 8.00 5.62 -1.29
N LEU A 57 7.92 5.67 -1.29
CA LEU A 57 7.45 5.41 0.04
CA LEU A 57 7.30 5.41 0.04
C LEU A 57 7.51 3.92 0.37
C LEU A 57 7.50 3.91 0.36
N PHE A 58 8.05 3.59 1.54
CA PHE A 58 8.03 2.22 2.05
C PHE A 58 6.97 2.13 3.16
N ILE A 59 6.18 1.08 3.06
CA ILE A 59 5.21 0.67 4.08
C ILE A 59 5.78 -0.66 4.68
N VAL A 60 6.20 -0.56 5.94
CA VAL A 60 6.84 -1.73 6.57
C VAL A 60 5.78 -2.72 7.06
N ILE A 61 5.93 -3.94 6.58
CA ILE A 61 4.89 -4.97 6.80
C ILE A 61 5.20 -5.96 7.91
N GLN A 62 6.43 -6.45 8.00
CA GLN A 62 6.71 -7.51 8.98
C GLN A 62 8.20 -7.55 9.18
N GLY A 63 8.60 -7.78 10.44
CA GLY A 63 10.01 -7.94 10.77
C GLY A 63 10.66 -6.73 11.38
N ASN A 64 11.97 -6.65 11.18
CA ASN A 64 12.73 -5.65 11.89
C ASN A 64 13.94 -5.47 11.04
N ALA A 65 14.22 -4.22 10.66
CA ALA A 65 15.32 -3.88 9.76
C ALA A 65 15.81 -2.46 9.90
N ILE A 66 16.89 -2.17 9.18
CA ILE A 66 17.39 -0.79 9.05
C ILE A 66 17.22 -0.31 7.66
N ILE A 67 16.58 0.84 7.52
CA ILE A 67 16.65 1.53 6.23
C ILE A 67 17.79 2.54 6.43
N ARG A 68 18.84 2.45 5.62
CA ARG A 68 19.94 3.40 5.64
C ARG A 68 19.72 4.37 4.53
N ILE A 69 19.56 5.63 4.87
N ILE A 69 19.56 5.63 4.87
CA ILE A 69 19.28 6.68 3.91
CA ILE A 69 19.29 6.68 3.90
C ILE A 69 20.42 7.69 3.97
C ILE A 69 20.42 7.69 3.97
N ASN A 70 21.19 7.74 2.90
CA ASN A 70 22.38 8.61 2.78
C ASN A 70 23.52 8.60 3.75
N ASP A 71 23.27 8.51 5.06
CA ASP A 71 24.31 8.22 6.10
C ASP A 71 23.61 8.10 7.51
N GLU A 72 22.29 7.90 7.47
N GLU A 72 22.29 7.91 7.49
CA GLU A 72 21.40 7.92 8.63
CA GLU A 72 21.50 7.86 8.71
C GLU A 72 20.67 6.58 8.71
C GLU A 72 20.66 6.58 8.73
N ASP A 73 20.69 5.95 9.89
CA ASP A 73 20.10 4.65 10.11
C ASP A 73 18.78 4.78 10.85
N PHE A 74 17.72 4.33 10.19
CA PHE A 74 16.36 4.31 10.73
C PHE A 74 15.94 2.87 11.01
N PRO A 75 16.01 2.44 12.29
CA PRO A 75 15.32 1.22 12.71
C PRO A 75 13.82 1.25 12.43
N VAL A 76 13.33 0.22 11.77
CA VAL A 76 11.91 0.12 11.39
C VAL A 76 11.32 -1.22 11.75
N THR A 77 10.01 -1.23 11.96
CA THR A 77 9.25 -2.42 12.25
C THR A 77 7.82 -2.28 11.65
N LYS A 78 6.98 -3.26 11.80
CA LYS A 78 5.62 -3.32 11.25
C LYS A 78 4.89 -2.06 11.56
N GLY A 79 4.33 -1.50 10.49
CA GLY A 79 3.50 -0.29 10.58
C GLY A 79 4.25 0.97 10.27
N ASP A 80 5.56 0.98 10.34
CA ASP A 80 6.31 2.19 10.08
C ASP A 80 6.26 2.54 8.59
N LEU A 81 6.25 3.85 8.34
N LEU A 81 6.30 3.85 8.35
CA LEU A 81 6.27 4.42 6.99
CA LEU A 81 6.36 4.45 7.02
C LEU A 81 7.51 5.27 6.88
C LEU A 81 7.62 5.25 6.86
N ILE A 82 8.20 5.16 5.75
N ILE A 82 8.23 5.14 5.68
CA ILE A 82 9.38 5.96 5.50
CA ILE A 82 9.46 5.81 5.31
C ILE A 82 9.34 6.54 4.09
C ILE A 82 9.21 6.58 4.01
N ILE A 83 9.45 7.87 4.03
N ILE A 83 9.42 7.90 4.01
CA ILE A 83 9.45 8.64 2.78
CA ILE A 83 9.44 8.72 2.78
C ILE A 83 10.89 8.89 2.38
C ILE A 83 10.89 8.90 2.37
N ILE A 84 11.31 8.27 1.28
CA ILE A 84 12.68 8.37 0.76
C ILE A 84 12.92 9.68 0.04
N PRO A 85 13.74 10.55 0.64
CA PRO A 85 13.83 11.84 -0.05
C PRO A 85 14.51 11.70 -1.37
N LEU A 86 14.09 12.58 -2.29
CA LEU A 86 14.56 12.43 -3.66
C LEU A 86 16.05 12.59 -3.78
N ASP A 87 16.60 11.67 -4.56
CA ASP A 87 18.02 11.41 -4.78
C ASP A 87 18.83 10.82 -3.65
N SER A 88 18.19 10.55 -2.51
CA SER A 88 18.89 9.88 -1.43
C SER A 88 19.33 8.48 -1.86
N GLU A 89 20.55 8.11 -1.48
CA GLU A 89 21.07 6.74 -1.51
C GLU A 89 20.36 5.97 -0.41
N HIS A 90 19.67 4.90 -0.77
CA HIS A 90 18.90 4.16 0.19
C HIS A 90 19.14 2.65 -0.06
N HIS A 91 19.10 1.86 1.03
CA HIS A 91 19.24 0.38 0.99
C HIS A 91 18.57 -0.14 2.30
N VAL A 92 18.21 -1.43 2.34
N VAL A 92 18.24 -1.44 2.35
CA VAL A 92 17.62 -2.07 3.53
CA VAL A 92 17.61 -2.08 3.51
C VAL A 92 18.49 -3.20 4.12
C VAL A 92 18.46 -3.22 4.12
N ILE A 93 18.80 -3.08 5.41
CA ILE A 93 19.68 -4.04 6.14
C ILE A 93 18.84 -4.87 7.06
N ASN A 94 18.85 -6.19 6.84
CA ASN A 94 18.16 -7.12 7.73
C ASN A 94 19.16 -8.01 8.46
N ASN A 95 19.52 -7.61 9.68
CA ASN A 95 20.47 -8.37 10.51
C ASN A 95 19.80 -9.48 11.35
N ASN A 96 18.54 -9.74 11.11
N ASN A 96 18.53 -9.74 11.08
CA ASN A 96 17.73 -10.59 11.95
CA ASN A 96 17.70 -10.55 11.94
C ASN A 96 17.43 -11.94 11.32
C ASN A 96 17.40 -11.92 11.32
N GLN A 97 16.85 -12.81 12.13
CA GLN A 97 16.60 -14.19 11.77
C GLN A 97 15.37 -14.39 10.91
N GLU A 98 14.56 -13.36 10.86
CA GLU A 98 13.22 -13.39 10.27
C GLU A 98 13.20 -12.54 8.97
N ASP A 99 12.49 -13.01 7.94
CA ASP A 99 12.25 -12.20 6.72
C ASP A 99 11.78 -10.84 7.14
N PHE A 100 12.26 -9.84 6.38
CA PHE A 100 11.78 -8.47 6.49
C PHE A 100 10.95 -8.11 5.24
N HIS A 101 9.69 -7.78 5.49
CA HIS A 101 8.76 -7.47 4.40
C HIS A 101 8.38 -5.99 4.39
N PHE A 102 8.32 -5.38 3.19
CA PHE A 102 7.84 -4.01 3.07
C PHE A 102 7.27 -3.92 1.68
N TYR A 103 6.34 -2.96 1.53
CA TYR A 103 5.78 -2.60 0.23
C TYR A 103 6.32 -1.23 -0.14
N THR A 104 6.85 -1.14 -1.34
CA THR A 104 7.28 0.17 -1.83
C THR A 104 6.34 0.65 -2.94
N ILE A 105 6.11 1.97 -2.93
N ILE A 105 6.12 1.97 -2.93
CA ILE A 105 5.32 2.65 -3.92
CA ILE A 105 5.30 2.67 -3.89
C ILE A 105 6.19 3.79 -4.40
C ILE A 105 6.19 3.79 -4.41
N TRP A 106 6.28 3.93 -5.73
CA TRP A 106 7.12 4.97 -6.31
C TRP A 106 6.31 5.69 -7.40
N TRP A 107 6.64 6.97 -7.62
CA TRP A 107 5.88 7.81 -8.55
C TRP A 107 6.73 8.99 -8.96
N ASP A 108 6.32 9.62 -10.07
CA ASP A 108 6.93 10.88 -10.50
C ASP A 108 5.97 11.51 -11.47
N LYS A 109 6.45 12.59 -12.10
CA LYS A 109 5.66 13.30 -13.13
C LYS A 109 5.30 12.40 -14.31
N GLU A 110 6.25 11.62 -14.79
CA GLU A 110 5.97 10.74 -15.92
C GLU A 110 4.85 9.74 -15.64
N SER A 111 4.95 9.10 -14.49
CA SER A 111 3.94 8.10 -14.11
C SER A 111 2.54 8.69 -13.91
N THR A 112 2.47 9.86 -13.30
N THR A 112 2.47 9.85 -13.28
CA THR A 112 1.19 10.50 -13.03
CA THR A 112 1.20 10.52 -13.03
C THR A 112 0.52 11.00 -14.33
C THR A 112 0.52 10.99 -14.33
N LEU A 113 1.29 11.61 -15.21
CA LEU A 113 0.75 12.06 -16.47
C LEU A 113 0.35 10.89 -17.31
N ASN A 114 1.09 9.78 -17.21
CA ASN A 114 0.67 8.59 -17.95
C ASN A 114 -0.68 8.08 -17.49
N PHE A 115 -0.92 8.10 -16.17
CA PHE A 115 -2.22 7.71 -15.67
C PHE A 115 -3.32 8.58 -16.34
N LEU A 116 -3.11 9.87 -16.32
CA LEU A 116 -4.08 10.80 -16.88
C LEU A 116 -4.27 10.61 -18.40
N THR A 117 -3.19 10.34 -19.09
CA THR A 117 -3.26 10.14 -20.53
C THR A 117 -4.03 8.88 -20.86
N ARG A 118 -3.90 7.86 -19.99
CA ARG A 118 -4.64 6.63 -20.18
C ARG A 118 -6.12 6.70 -19.88
N LEU A 119 -6.53 7.45 -18.85
CA LEU A 119 -7.97 7.64 -18.64
C LEU A 119 -8.51 8.20 -19.96
N GLU A 120 -7.83 9.20 -20.50
CA GLU A 120 -8.26 9.88 -21.70
C GLU A 120 -8.32 8.96 -22.92
N GLN A 121 -7.35 8.06 -23.02
CA GLN A 121 -7.23 7.18 -24.18
C GLN A 121 -7.93 5.84 -23.97
N ASP A 122 -8.14 5.45 -22.71
CA ASP A 122 -8.88 4.21 -22.42
C ASP A 122 -10.39 4.44 -22.52
N MSE B 2 10.63 18.52 8.69
CA MSE B 2 10.17 17.64 7.61
C MSE B 2 10.54 16.16 7.91
O MSE B 2 11.71 15.85 8.26
CB MSE B 2 10.74 18.12 6.25
CG MSE B 2 9.66 18.42 5.17
SE MSE B 2 10.08 19.34 3.42
CE MSE B 2 10.34 17.74 2.29
HA MSE B 2 9.21 17.70 7.57
HB2 MSE B 2 11.25 18.94 6.38
HB3 MSE B 2 11.33 17.44 5.88
HG2 MSE B 2 9.28 17.55 4.93
HG3 MSE B 2 8.95 18.94 5.59
HE1 MSE B 2 10.24 16.93 2.82
HE2 MSE B 2 9.68 17.72 1.58
HE3 MSE B 2 11.23 17.76 1.90
N ASN B 3 9.56 15.26 7.79
CA ASN B 3 9.69 13.89 8.27
C ASN B 3 9.94 12.82 7.24
N ILE B 4 11.07 12.13 7.42
N ILE B 4 11.03 12.09 7.38
CA ILE B 4 11.39 10.92 6.67
CA ILE B 4 11.16 10.97 6.50
C ILE B 4 10.55 9.76 7.17
C ILE B 4 10.67 9.65 7.14
N ILE B 5 10.54 9.56 8.48
CA ILE B 5 9.94 8.37 9.10
C ILE B 5 8.76 8.75 9.94
N ARG B 6 7.70 7.96 9.86
CA ARG B 6 6.62 8.02 10.84
C ARG B 6 6.54 6.63 11.51
N LYS B 7 6.89 6.53 12.78
CA LYS B 7 6.73 5.29 13.54
C LYS B 7 5.24 5.06 13.73
N MSE B 8 4.77 3.82 13.57
CA MSE B 8 3.35 3.51 13.76
C MSE B 8 3.07 3.60 15.25
O MSE B 8 3.75 2.93 16.04
CB MSE B 8 3.01 2.06 13.25
CG MSE B 8 1.55 1.57 13.43
SE MSE B 8 0.21 2.83 12.62
CE MSE B 8 0.37 2.32 10.66
H MSE B 8 5.26 3.16 13.36
HA MSE B 8 2.79 4.14 13.29
HB2 MSE B 8 3.19 2.02 12.30
HB3 MSE B 8 3.60 1.45 13.70
HG2 MSE B 8 1.46 0.72 12.96
HG3 MSE B 8 1.38 1.46 14.37
HE1 MSE B 8 0.68 3.09 10.16
HE2 MSE B 8 0.98 1.57 10.56
HE3 MSE B 8 -0.51 2.05 10.35
N ASP B 9 2.10 4.40 15.65
CA ASP B 9 1.60 4.49 17.04
C ASP B 9 0.28 3.71 17.01
N TRP B 10 0.33 2.46 17.46
CA TRP B 10 -0.84 1.58 17.48
C TRP B 10 -1.87 2.06 18.50
N ASP B 11 -1.50 2.99 19.36
CA ASP B 11 -2.43 3.60 20.31
C ASP B 11 -3.20 4.81 19.76
N SER B 12 -2.96 5.11 18.50
CA SER B 12 -3.41 6.37 17.87
C SER B 12 -4.32 6.10 16.73
N MSE B 13 -4.77 4.88 16.52
CA MSE B 13 -5.68 4.57 15.39
C MSE B 13 -6.97 5.36 15.55
O MSE B 13 -7.38 5.75 16.62
CB MSE B 13 -6.02 3.10 15.32
CG MSE B 13 -4.83 2.13 15.56
SE MSE B 13 -3.34 2.37 14.31
CE MSE B 13 -4.22 1.59 12.72
H MSE B 13 -4.55 4.19 16.98
HA MSE B 13 -5.26 4.82 14.56
HB2 MSE B 13 -6.71 2.94 15.98
HB3 MSE B 13 -6.37 2.88 14.45
HG2 MSE B 13 -4.50 2.26 16.46
HG3 MSE B 13 -5.15 1.23 15.41
HE1 MSE B 13 -3.92 2.09 11.94
HE2 MSE B 13 -3.97 0.66 12.64
HE3 MSE B 13 -5.18 1.67 12.83
N VAL B 14 -7.61 5.64 14.42
CA VAL B 14 -8.87 6.33 14.38
C VAL B 14 -9.91 5.42 13.77
N HIS B 15 -11.00 5.24 14.50
CA HIS B 15 -12.09 4.38 14.05
C HIS B 15 -12.88 5.09 12.94
N GLU B 16 -12.99 4.40 11.82
N GLU B 16 -13.04 4.41 11.82
CA GLU B 16 -13.81 4.86 10.68
CA GLU B 16 -13.78 5.02 10.70
C GLU B 16 -14.05 3.67 9.79
C GLU B 16 -14.93 4.14 10.23
N TYR B 17 -15.21 3.66 9.12
N TYR B 17 -15.90 3.98 11.13
CA TYR B 17 -15.60 2.58 8.21
CA TYR B 17 -17.15 3.23 10.95
C TYR B 17 -15.60 1.24 8.92
C TYR B 17 -17.05 1.82 11.55
N ASP B 18 -15.99 1.30 10.18
N ASP B 18 -16.20 1.01 10.93
CA ASP B 18 -16.15 0.13 11.02
CA ASP B 18 -16.19 -0.39 11.20
C ASP B 18 -14.87 -0.72 11.16
C ASP B 18 -14.77 -0.90 11.11
N LEU B 19 -13.76 -0.01 11.20
CA LEU B 19 -12.42 -0.51 11.32
C LEU B 19 -11.57 0.54 12.01
N ASP B 20 -10.36 0.17 12.40
CA ASP B 20 -9.47 1.07 13.08
C ASP B 20 -8.27 1.33 12.19
N GLY B 21 -8.05 2.61 11.85
CA GLY B 21 -7.07 2.93 10.80
C GLY B 21 -6.09 4.02 11.18
N SER B 22 -5.08 4.12 10.32
CA SER B 22 -4.04 5.15 10.41
C SER B 22 -3.80 5.68 8.98
N ARG B 23 -4.34 6.87 8.74
CA ARG B 23 -4.24 7.50 7.42
C ARG B 23 -2.83 8.02 7.15
N LEU B 24 -2.41 7.88 5.90
CA LEU B 24 -1.12 8.42 5.46
C LEU B 24 -1.03 9.94 5.55
N LEU B 25 -2.11 10.58 5.12
CA LEU B 25 -2.14 12.04 4.98
C LEU B 25 -3.00 12.66 6.06
N PRO B 26 -2.60 13.82 6.58
CA PRO B 26 -1.55 14.63 5.98
C PRO B 26 -0.19 14.26 6.53
N TRP B 27 0.81 14.61 5.77
CA TRP B 27 2.21 14.43 6.12
C TRP B 27 2.92 15.65 5.57
N GLU B 28 3.36 16.56 6.44
CA GLU B 28 4.09 17.74 5.96
C GLU B 28 5.26 17.27 5.09
N GLY B 29 5.31 17.76 3.86
CA GLY B 29 6.35 17.39 2.90
C GLY B 29 6.08 16.15 2.03
N LEU B 30 5.02 15.40 2.34
CA LEU B 30 4.66 14.33 1.44
C LEU B 30 3.72 14.90 0.38
N ASN B 31 4.10 14.72 -0.88
CA ASN B 31 3.34 15.13 -2.07
C ASN B 31 3.08 13.86 -2.85
N THR B 32 1.87 13.36 -2.74
CA THR B 32 1.49 12.12 -3.41
C THR B 32 0.32 12.33 -4.35
N PRO B 33 0.22 11.48 -5.36
CA PRO B 33 -0.98 11.53 -6.21
C PRO B 33 -2.06 10.57 -5.74
N PHE B 34 -1.86 10.01 -4.52
CA PHE B 34 -2.78 9.02 -3.92
C PHE B 34 -2.92 9.27 -2.44
N GLY B 35 -3.97 8.70 -1.87
CA GLY B 35 -4.13 8.60 -0.42
C GLY B 35 -3.85 7.18 0.04
N GLY B 36 -3.63 7.04 1.36
CA GLY B 36 -3.25 5.76 1.99
C GLY B 36 -3.89 5.64 3.34
N ALA B 37 -4.08 4.38 3.75
CA ALA B 37 -4.37 4.09 5.15
C ALA B 37 -4.00 2.66 5.49
N TRP B 38 -3.46 2.51 6.71
CA TRP B 38 -3.28 1.19 7.34
C TRP B 38 -4.55 0.90 8.09
N CYS B 39 -5.18 -0.21 7.78
CA CYS B 39 -6.48 -0.57 8.35
C CYS B 39 -6.45 -1.90 9.09
N ILE B 40 -7.18 -1.91 10.20
CA ILE B 40 -7.30 -3.11 11.04
C ILE B 40 -8.78 -3.40 11.21
N VAL B 41 -9.19 -4.57 10.73
CA VAL B 41 -10.55 -5.09 10.91
C VAL B 41 -10.41 -6.06 12.12
N ARG B 42 -11.08 -5.69 13.19
CA ARG B 42 -10.92 -6.43 14.44
C ARG B 42 -11.62 -7.79 14.33
N PRO B 43 -11.27 -8.71 15.24
CA PRO B 43 -11.83 -10.06 15.20
C PRO B 43 -13.34 -10.10 15.21
N GLU B 44 -13.90 -10.94 14.36
CA GLU B 44 -15.34 -11.17 14.31
C GLU B 44 -16.12 -9.89 14.07
N THR B 45 -15.66 -9.16 13.07
CA THR B 45 -16.31 -7.93 12.61
C THR B 45 -16.20 -7.86 11.10
N LYS B 46 -16.99 -6.93 10.55
N LYS B 46 -17.03 -6.99 10.52
CA LYS B 46 -16.93 -6.58 9.14
CA LYS B 46 -16.98 -6.72 9.11
C LYS B 46 -16.81 -5.05 9.02
C LYS B 46 -16.96 -5.22 8.89
N SER B 47 -16.26 -4.60 7.91
N SER B 47 -16.36 -4.87 7.76
CA SER B 47 -15.99 -3.17 7.72
CA SER B 47 -16.30 -3.51 7.28
C SER B 47 -17.14 -2.51 6.94
C SER B 47 -17.03 -3.51 5.94
N PHE B 48 -16.84 -1.42 6.23
N PHE B 48 -17.79 -2.46 5.70
CA PHE B 48 -17.89 -0.52 5.74
CA PHE B 48 -18.52 -2.32 4.46
C PHE B 48 -18.21 -0.64 4.27
C PHE B 48 -18.44 -0.87 4.02
N ARG B 49 -19.31 -1.34 3.96
N ARG B 49 -18.32 -0.67 2.70
CA ARG B 49 -19.76 -1.45 2.56
CA ARG B 49 -18.62 0.63 2.08
C ARG B 49 -19.98 -0.08 1.99
C ARG B 49 -19.31 0.52 0.73
N HIS B 50 -19.14 0.28 1.01
N HIS B 50 -20.13 1.54 0.43
CA HIS B 50 -19.38 1.45 0.20
CA HIS B 50 -20.62 1.87 -0.93
C HIS B 50 -18.89 1.25 -1.22
C HIS B 50 -19.49 2.12 -1.89
N SER B 51 -19.03 2.32 -1.99
N SER B 51 -19.90 2.04 -3.14
CA SER B 51 -18.48 2.41 -3.33
CA SER B 51 -19.17 2.57 -4.27
C SER B 51 -17.96 3.82 -3.50
C SER B 51 -18.54 3.92 -3.98
N HIS B 52 -17.33 4.10 -4.66
N HIS B 52 -17.43 4.18 -4.67
CA HIS B 52 -16.91 5.44 -5.02
CA HIS B 52 -16.91 5.54 -4.74
C HIS B 52 -16.29 5.58 -6.43
C HIS B 52 -16.08 5.80 -6.00
N ASN B 53 -16.12 6.83 -6.85
N ASN B 53 -16.71 6.45 -6.99
CA ASN B 53 -15.52 7.17 -8.14
CA ASN B 53 -16.11 6.76 -8.31
C ASN B 53 -14.02 6.91 -8.10
C ASN B 53 -14.61 7.19 -8.20
N GLU B 54 -13.37 7.04 -6.92
N GLU B 54 -13.79 6.29 -7.67
CA GLU B 54 -11.92 6.86 -6.87
CA GLU B 54 -12.38 6.52 -7.33
C GLU B 54 -11.52 5.39 -6.94
C GLU B 54 -11.69 5.18 -7.32
N TYR B 55 -10.39 5.17 -7.62
CA TYR B 55 -9.69 3.90 -7.74
C TYR B 55 -9.13 3.55 -6.38
N GLU B 56 -9.04 2.24 -6.12
CA GLU B 56 -8.55 1.77 -4.83
C GLU B 56 -7.92 0.39 -4.99
N LEU B 57 -6.87 0.18 -4.18
CA LEU B 57 -6.02 -1.05 -4.16
C LEU B 57 -5.96 -1.46 -2.69
N PHE B 58 -6.11 -2.77 -2.37
CA PHE B 58 -5.78 -3.29 -1.03
C PHE B 58 -4.55 -4.17 -1.14
N ILE B 59 -3.67 -3.97 -0.18
CA ILE B 59 -2.46 -4.80 0.02
C ILE B 59 -2.67 -5.53 1.37
N VAL B 60 -2.82 -6.86 1.30
CA VAL B 60 -3.17 -7.62 2.51
C VAL B 60 -1.91 -7.94 3.33
N ILE B 61 -1.94 -7.48 4.55
CA ILE B 61 -0.73 -7.52 5.42
C ILE B 61 -0.68 -8.63 6.47
N GLN B 62 -1.78 -8.93 7.15
CA GLN B 62 -1.75 -9.92 8.23
C GLN B 62 -3.13 -10.44 8.43
N GLY B 63 -3.22 -11.72 8.72
CA GLY B 63 -4.49 -12.35 9.05
C GLY B 63 -5.21 -12.88 7.84
N ASN B 64 -6.49 -13.15 8.01
CA ASN B 64 -7.28 -13.72 6.92
C ASN B 64 -8.65 -13.11 6.96
N ALA B 65 -9.20 -12.81 5.80
CA ALA B 65 -10.49 -12.17 5.74
C ALA B 65 -11.14 -12.52 4.44
N ILE B 66 -12.34 -11.95 4.27
CA ILE B 66 -13.12 -12.10 3.05
C ILE B 66 -13.38 -10.66 2.59
N ILE B 67 -13.02 -10.46 1.33
CA ILE B 67 -13.33 -9.32 0.56
C ILE B 67 -14.54 -9.76 -0.32
N ARG B 68 -15.71 -9.20 -0.06
CA ARG B 68 -16.84 -9.41 -0.97
C ARG B 68 -16.95 -8.16 -1.84
N ILE B 69 -16.95 -8.37 -3.14
CA ILE B 69 -17.02 -7.25 -4.08
C ILE B 69 -18.18 -7.55 -5.01
N ASN B 70 -19.09 -6.59 -5.14
N ASN B 70 -19.12 -6.61 -5.07
CA ASN B 70 -20.47 -6.82 -5.61
CA ASN B 70 -20.37 -6.76 -5.78
C ASN B 70 -20.99 -8.10 -4.94
C ASN B 70 -20.89 -8.16 -5.61
N ASP B 71 -21.41 -9.10 -5.72
N ASP B 71 -21.01 -8.50 -4.35
CA ASP B 71 -22.04 -10.30 -5.15
CA ASP B 71 -21.64 -9.73 -3.92
C ASP B 71 -21.09 -11.49 -5.05
C ASP B 71 -20.87 -11.03 -4.23
N GLU B 72 -19.79 -11.25 -4.93
N GLU B 72 -19.59 -10.88 -4.60
CA GLU B 72 -18.86 -12.37 -4.85
CA GLU B 72 -18.70 -12.03 -4.90
C GLU B 72 -17.74 -12.21 -3.85
C GLU B 72 -17.64 -12.15 -3.82
N ASP B 73 -17.50 -13.33 -3.21
CA ASP B 73 -16.54 -13.46 -2.12
C ASP B 73 -15.16 -13.92 -2.61
N PHE B 74 -14.14 -13.51 -1.88
CA PHE B 74 -12.77 -13.91 -2.17
C PHE B 74 -11.97 -13.98 -0.89
N PRO B 75 -11.55 -15.20 -0.48
CA PRO B 75 -10.69 -15.28 0.72
C PRO B 75 -9.38 -14.54 0.45
N VAL B 76 -8.84 -13.87 1.45
CA VAL B 76 -7.54 -13.22 1.25
C VAL B 76 -6.62 -13.50 2.45
N THR B 77 -5.34 -13.52 2.18
N THR B 77 -5.34 -13.68 2.10
CA THR B 77 -4.36 -13.59 3.23
CA THR B 77 -4.20 -13.85 3.01
C THR B 77 -3.15 -12.82 2.83
C THR B 77 -3.14 -12.80 2.81
N LYS B 78 -2.18 -12.74 3.73
CA LYS B 78 -0.96 -11.95 3.56
C LYS B 78 -0.34 -12.11 2.19
N GLY B 79 -0.09 -10.96 1.56
CA GLY B 79 0.54 -10.91 0.24
C GLY B 79 -0.45 -10.70 -0.89
N ASP B 80 -1.71 -11.01 -0.67
CA ASP B 80 -2.72 -10.81 -1.71
C ASP B 80 -2.95 -9.32 -1.97
N LEU B 81 -3.16 -9.02 -3.25
CA LEU B 81 -3.55 -7.67 -3.67
C LEU B 81 -4.92 -7.79 -4.31
N ILE B 82 -5.76 -6.80 -4.01
N ILE B 82 -5.79 -6.82 -4.02
CA ILE B 82 -7.10 -6.68 -4.53
CA ILE B 82 -7.10 -6.79 -4.64
C ILE B 82 -7.28 -5.31 -5.16
C ILE B 82 -7.46 -5.36 -5.08
N ILE B 83 -7.93 -5.30 -6.31
CA ILE B 83 -8.36 -4.05 -7.01
C ILE B 83 -9.84 -3.87 -6.74
N ILE B 84 -10.21 -2.69 -6.27
CA ILE B 84 -11.60 -2.36 -5.94
C ILE B 84 -12.18 -1.67 -7.20
N PRO B 85 -12.97 -2.42 -7.99
CA PRO B 85 -13.48 -1.94 -9.28
C PRO B 85 -14.18 -0.65 -9.01
N LEU B 86 -14.04 0.28 -9.95
CA LEU B 86 -14.61 1.56 -9.75
C LEU B 86 -16.10 1.46 -9.49
N ASP B 87 -16.53 2.18 -8.47
CA ASP B 87 -17.93 2.28 -8.14
C ASP B 87 -18.63 1.00 -7.73
N SER B 88 -17.89 -0.08 -7.59
CA SER B 88 -18.50 -1.35 -7.18
C SER B 88 -18.59 -1.35 -5.63
N GLU B 89 -19.44 -2.22 -5.07
N GLU B 89 -19.37 -2.24 -5.02
CA GLU B 89 -19.74 -2.23 -3.64
CA GLU B 89 -19.59 -2.17 -3.56
C GLU B 89 -18.91 -3.29 -2.95
C GLU B 89 -18.90 -3.33 -2.80
N HIS B 90 -18.30 -2.91 -1.84
N HIS B 90 -18.15 -2.99 -1.75
CA HIS B 90 -17.34 -3.75 -1.14
CA HIS B 90 -17.21 -3.91 -1.09
C HIS B 90 -17.09 -3.35 0.31
C HIS B 90 -17.38 -4.24 0.43
N HIS B 91 -16.74 -4.36 1.12
N HIS B 91 -17.06 -5.49 0.80
CA HIS B 91 -16.17 -4.19 2.45
CA HIS B 91 -17.08 -5.90 2.21
C HIS B 91 -15.34 -5.46 2.81
C HIS B 91 -15.71 -6.43 2.59
N VAL B 92 -14.94 -5.59 4.08
N VAL B 92 -15.34 -6.27 3.86
CA VAL B 92 -14.02 -6.66 4.56
CA VAL B 92 -14.15 -6.88 4.46
C VAL B 92 -14.56 -7.49 5.76
C VAL B 92 -14.59 -7.53 5.73
N ILE B 93 -14.55 -8.83 5.68
CA ILE B 93 -15.14 -9.71 6.70
C ILE B 93 -14.04 -10.50 7.38
N ASN B 94 -13.86 -10.24 8.67
CA ASN B 94 -12.90 -11.00 9.48
C ASN B 94 -13.62 -11.92 10.45
N ASN B 95 -13.63 -13.21 10.13
CA ASN B 95 -14.28 -14.22 10.98
C ASN B 95 -13.38 -14.80 12.01
N ASN B 96 -12.15 -14.35 12.06
CA ASN B 96 -11.17 -14.97 12.89
C ASN B 96 -11.00 -14.23 14.20
N GLN B 97 -10.25 -14.85 15.11
CA GLN B 97 -9.96 -14.31 16.43
C GLN B 97 -8.65 -13.53 16.49
N GLU B 98 -8.10 -13.18 15.32
CA GLU B 98 -6.97 -12.30 15.22
C GLU B 98 -7.37 -11.11 14.32
N ASP B 99 -6.58 -10.06 14.45
CA ASP B 99 -6.80 -8.84 13.68
C ASP B 99 -6.46 -9.10 12.25
N PHE B 100 -7.22 -8.47 11.38
CA PHE B 100 -6.92 -8.47 9.95
C PHE B 100 -6.36 -7.10 9.54
N HIS B 101 -5.14 -7.10 9.03
CA HIS B 101 -4.47 -5.85 8.61
C HIS B 101 -4.34 -5.79 7.10
N PHE B 102 -4.61 -4.58 6.55
CA PHE B 102 -4.40 -4.33 5.12
C PHE B 102 -4.15 -2.86 4.99
N TYR B 103 -3.43 -2.53 3.91
CA TYR B 103 -3.18 -1.13 3.52
C TYR B 103 -4.00 -0.83 2.28
N THR B 104 -4.71 0.28 2.29
CA THR B 104 -5.41 0.69 1.08
C THR B 104 -4.77 1.97 0.54
N ILE B 105 -4.73 2.00 -0.78
N ILE B 105 -4.76 2.01 -0.79
CA ILE B 105 -4.24 3.12 -1.60
CA ILE B 105 -4.27 3.14 -1.57
C ILE B 105 -5.40 3.50 -2.52
C ILE B 105 -5.40 3.50 -2.52
N TRP B 106 -5.75 4.78 -2.57
CA TRP B 106 -6.82 5.26 -3.42
C TRP B 106 -6.32 6.50 -4.20
N TRP B 107 -6.91 6.69 -5.37
CA TRP B 107 -6.46 7.75 -6.29
C TRP B 107 -7.53 8.02 -7.32
N ASP B 108 -7.40 9.18 -7.99
CA ASP B 108 -8.28 9.54 -9.06
C ASP B 108 -7.66 10.70 -9.77
N LYS B 109 -8.50 11.30 -10.63
CA LYS B 109 -8.09 12.46 -11.43
C LYS B 109 -7.66 13.63 -10.59
N GLU B 110 -8.51 13.98 -9.63
CA GLU B 110 -8.29 15.15 -8.79
C GLU B 110 -7.02 14.95 -7.97
N SER B 111 -6.80 13.75 -7.41
CA SER B 111 -5.61 13.52 -6.57
C SER B 111 -4.33 13.61 -7.41
N THR B 112 -4.39 13.08 -8.61
N THR B 112 -4.37 13.07 -8.61
CA THR B 112 -3.24 13.09 -9.50
CA THR B 112 -3.22 13.09 -9.49
C THR B 112 -2.93 14.50 -10.00
C THR B 112 -2.93 14.51 -9.99
N LEU B 113 -3.97 15.21 -10.42
CA LEU B 113 -3.83 16.59 -10.85
C LEU B 113 -3.31 17.45 -9.70
N ASN B 114 -3.79 17.21 -8.49
CA ASN B 114 -3.35 18.03 -7.38
C ASN B 114 -1.86 17.81 -7.11
N PHE B 115 -1.39 16.54 -7.19
CA PHE B 115 0.02 16.27 -7.07
C PHE B 115 0.84 17.13 -8.06
N LEU B 116 0.39 17.12 -9.31
CA LEU B 116 1.09 17.86 -10.36
C LEU B 116 1.12 19.39 -10.16
N THR B 117 0.05 19.95 -9.63
CA THR B 117 0.05 21.41 -9.39
C THR B 117 0.94 21.79 -8.21
N ARG B 118 1.00 20.89 -7.22
CA ARG B 118 1.92 21.00 -6.08
C ARG B 118 3.37 21.06 -6.55
N LEU B 119 3.79 20.15 -7.43
CA LEU B 119 5.18 20.20 -7.92
C LEU B 119 5.44 21.45 -8.76
N GLU B 120 4.43 21.93 -9.47
CA GLU B 120 4.63 23.15 -10.21
C GLU B 120 4.57 24.36 -9.27
N GLN B 121 3.74 24.27 -8.24
CA GLN B 121 3.67 25.33 -7.24
C GLN B 121 4.92 25.36 -6.39
NI NI C . 14.42 3.17 -4.49
NA NA D . 7.93 -16.17 8.07
NI NI E . -13.25 2.22 -0.65
N MSE A 2 -8.64 -6.47 -15.61
CA MSE A 2 -8.75 -6.79 -14.20
C MSE A 2 -9.62 -8.01 -13.92
O MSE A 2 -10.85 -7.94 -13.73
CB MSE A 2 -9.14 -5.56 -13.38
CG MSE A 2 -9.89 -4.50 -14.14
SE MSE A 2 -9.70 -2.92 -13.07
CE MSE A 2 -10.73 -1.74 -14.15
HA MSE A 2 -7.86 -7.04 -13.89
HB2 MSE A 2 -9.68 -5.84 -12.62
HB3 MSE A 2 -8.32 -5.14 -13.08
HG2 MSE A 2 -9.48 -4.32 -15.01
HG3 MSE A 2 -10.82 -4.72 -14.23
HE1 MSE A 2 -10.43 -0.85 -13.98
HE2 MSE A 2 -10.59 -2.00 -15.08
HE3 MSE A 2 -11.67 -1.86 -13.94
N ASN A 3 -8.95 -9.15 -13.94
CA ASN A 3 -9.25 -10.03 -12.88
C ASN A 3 -8.77 -9.14 -11.73
N ILE A 4 -9.54 -9.17 -10.64
N ILE A 4 -9.39 -9.34 -10.58
CA ILE A 4 -9.37 -8.34 -9.44
CA ILE A 4 -9.48 -8.39 -9.48
C ILE A 4 -8.21 -8.67 -8.56
C ILE A 4 -8.52 -8.67 -8.33
N ILE A 5 -8.16 -9.94 -8.21
CA ILE A 5 -7.37 -10.43 -7.10
C ILE A 5 -6.14 -10.99 -7.72
N ARG A 6 -5.00 -10.69 -7.12
N ARG A 6 -5.02 -10.66 -7.12
CA ARG A 6 -3.76 -11.40 -7.38
CA ARG A 6 -3.82 -11.43 -7.34
C ARG A 6 -3.33 -12.07 -6.09
C ARG A 6 -3.39 -12.07 -6.06
N LYS A 7 -3.54 -13.37 -6.01
CA LYS A 7 -3.16 -14.13 -4.84
C LYS A 7 -1.63 -14.20 -4.89
N MSE A 8 -1.00 -14.00 -3.74
CA MSE A 8 0.44 -14.02 -3.73
C MSE A 8 0.93 -15.44 -3.81
O MSE A 8 0.59 -16.29 -2.98
CB MSE A 8 1.01 -13.39 -2.49
CG MSE A 8 2.50 -13.62 -2.29
SE MSE A 8 3.57 -12.57 -3.54
CE MSE A 8 3.42 -10.93 -2.44
HA MSE A 8 0.78 -13.53 -4.49
HB2 MSE A 8 0.91 -12.43 -2.57
HB3 MSE A 8 0.55 -13.72 -1.71
HG2 MSE A 8 2.71 -13.30 -1.41
HG3 MSE A 8 2.72 -14.56 -2.40
HE1 MSE A 8 4.25 -10.43 -2.51
HE2 MSE A 8 2.68 -10.39 -2.79
HE3 MSE A 8 3.25 -11.15 -1.51
N ASP A 9 1.78 -15.65 -4.81
CA ASP A 9 2.47 -16.93 -4.98
C ASP A 9 3.86 -16.63 -4.57
N TRP A 10 4.25 -17.15 -3.41
CA TRP A 10 5.48 -16.75 -2.81
C TRP A 10 6.77 -17.14 -3.58
N ASP A 11 6.69 -18.10 -4.49
CA ASP A 11 7.87 -18.59 -5.22
C ASP A 11 8.18 -17.83 -6.52
N SER A 12 7.17 -17.11 -7.00
CA SER A 12 7.21 -16.38 -8.30
C SER A 12 7.97 -15.09 -8.21
N MSE A 13 8.32 -14.69 -7.01
CA MSE A 13 8.99 -13.40 -6.79
C MSE A 13 10.26 -13.44 -7.65
O MSE A 13 10.85 -14.48 -7.95
CB MSE A 13 9.24 -13.22 -5.30
CG MSE A 13 7.92 -12.96 -4.44
SE MSE A 13 8.59 -12.74 -2.65
CE MSE A 13 7.65 -11.09 -2.20
H MSE A 13 8.17 -15.12 -6.29
HA MSE A 13 8.40 -12.71 -7.09
HB2 MSE A 13 9.59 -14.08 -4.99
HB3 MSE A 13 9.88 -12.54 -5.12
HG2 MSE A 13 7.52 -12.12 -4.72
HG3 MSE A 13 7.29 -13.69 -4.48
HE1 MSE A 13 7.73 -10.94 -1.24
HE2 MSE A 13 8.07 -10.36 -2.68
HE3 MSE A 13 6.71 -11.17 -2.44
N VAL A 14 10.65 -12.24 -8.11
CA VAL A 14 11.84 -12.06 -8.92
C VAL A 14 12.89 -11.35 -8.07
N HIS A 15 14.06 -11.94 -8.01
CA HIS A 15 15.17 -11.39 -7.29
C HIS A 15 15.74 -10.23 -8.07
N GLU A 16 15.75 -9.08 -7.43
CA GLU A 16 16.33 -7.86 -7.98
C GLU A 16 16.70 -6.91 -6.83
N TYR A 17 17.74 -6.11 -7.06
CA TYR A 17 18.39 -5.31 -6.02
C TYR A 17 18.70 -6.04 -4.75
N ASP A 18 19.17 -7.27 -4.90
CA ASP A 18 19.53 -8.07 -3.75
C ASP A 18 18.36 -8.46 -2.86
N LEU A 19 17.13 -8.31 -3.32
CA LEU A 19 15.98 -8.74 -2.55
C LEU A 19 14.97 -9.46 -3.43
N ASP A 20 13.94 -10.03 -2.81
CA ASP A 20 12.91 -10.73 -3.53
C ASP A 20 11.69 -9.86 -3.63
N GLY A 21 11.20 -9.67 -4.86
CA GLY A 21 10.09 -8.75 -5.10
C GLY A 21 8.96 -9.35 -5.91
N SER A 22 7.79 -8.79 -5.67
CA SER A 22 6.57 -9.06 -6.45
C SER A 22 6.03 -7.70 -6.90
N ARG A 23 6.32 -7.36 -8.14
CA ARG A 23 5.91 -6.03 -8.69
C ARG A 23 4.42 -6.01 -8.95
N LEU A 24 3.80 -4.87 -8.65
CA LEU A 24 2.38 -4.63 -8.95
C LEU A 24 2.06 -4.71 -10.43
N LEU A 25 2.89 -4.04 -11.19
CA LEU A 25 2.66 -3.91 -12.63
C LEU A 25 3.63 -4.83 -13.30
N PRO A 26 3.28 -5.39 -14.47
CA PRO A 26 2.02 -5.18 -15.17
C PRO A 26 0.80 -5.84 -14.51
N TRP A 27 -0.37 -5.24 -14.76
CA TRP A 27 -1.63 -5.78 -14.27
C TRP A 27 -2.68 -5.29 -15.26
N GLU A 28 -3.11 -6.18 -16.14
CA GLU A 28 -4.04 -5.81 -17.19
C GLU A 28 -5.30 -5.18 -16.63
N GLY A 29 -5.64 -3.97 -17.16
CA GLY A 29 -6.81 -3.22 -16.75
C GLY A 29 -6.60 -2.36 -15.51
N LEU A 30 -5.40 -2.36 -14.96
CA LEU A 30 -5.12 -1.52 -13.79
C LEU A 30 -4.32 -0.34 -14.23
N ASN A 31 -4.87 0.84 -13.99
CA ASN A 31 -4.13 2.06 -14.27
C ASN A 31 -3.96 2.90 -13.04
N THR A 32 -2.69 3.09 -12.74
CA THR A 32 -2.23 3.71 -11.52
C THR A 32 -1.28 4.84 -11.93
N PRO A 33 -1.19 5.85 -11.09
CA PRO A 33 -0.19 6.90 -11.30
C PRO A 33 1.12 6.56 -10.58
N PHE A 34 1.23 5.32 -10.08
CA PHE A 34 2.39 4.88 -9.30
C PHE A 34 2.75 3.46 -9.70
N GLY A 35 3.94 3.05 -9.31
CA GLY A 35 4.39 1.67 -9.37
C GLY A 35 4.50 1.16 -7.95
N GLY A 36 4.66 -0.15 -7.81
CA GLY A 36 4.82 -0.72 -6.49
C GLY A 36 5.40 -2.11 -6.55
N ALA A 37 5.81 -2.57 -5.35
CA ALA A 37 6.32 -3.94 -5.19
C ALA A 37 6.26 -4.35 -3.74
N TRP A 38 5.90 -5.60 -3.57
CA TRP A 38 6.10 -6.29 -2.26
C TRP A 38 7.51 -6.85 -2.25
N CYS A 39 8.28 -6.44 -1.24
CA CYS A 39 9.67 -6.84 -1.16
C CYS A 39 9.99 -7.57 0.14
N ILE A 40 10.91 -8.51 0.00
CA ILE A 40 11.41 -9.28 1.16
C ILE A 40 12.92 -9.22 1.12
N VAL A 41 13.47 -8.72 2.22
CA VAL A 41 14.91 -8.80 2.46
C VAL A 41 15.10 -10.02 3.39
N ARG A 42 15.79 -11.00 2.86
CA ARG A 42 15.93 -12.30 3.54
C ARG A 42 16.78 -12.16 4.78
N PRO A 43 16.64 -13.12 5.72
CA PRO A 43 17.42 -13.03 6.95
C PRO A 43 18.92 -12.86 6.72
N GLU A 44 19.52 -11.94 7.47
CA GLU A 44 20.98 -11.69 7.35
C GLU A 44 21.48 -11.32 5.94
N THR A 45 20.65 -10.54 5.19
CA THR A 45 21.08 -9.85 3.93
C THR A 45 20.87 -8.31 4.01
N LYS A 46 21.59 -7.58 3.14
CA LYS A 46 21.25 -6.19 2.65
C LYS A 46 20.67 -6.18 1.22
N SER A 47 19.86 -5.16 0.92
CA SER A 47 19.44 -4.87 -0.48
C SER A 47 20.42 -3.87 -1.15
N PHE A 48 20.50 -3.84 -2.50
CA PHE A 48 21.47 -3.06 -3.34
C PHE A 48 21.08 -1.57 -3.24
N ARG A 49 22.11 -0.76 -3.27
CA ARG A 49 22.00 0.59 -2.75
C ARG A 49 21.86 1.45 -3.96
N HIS A 50 20.81 2.27 -4.02
CA HIS A 50 20.75 3.22 -5.12
C HIS A 50 20.00 4.48 -4.75
N SER A 51 19.91 5.33 -5.76
CA SER A 51 19.33 6.66 -5.70
C SER A 51 18.61 6.98 -6.99
N HIS A 52 17.55 7.79 -6.91
CA HIS A 52 16.79 8.18 -8.09
C HIS A 52 15.89 9.43 -7.88
N ASN A 53 15.69 10.11 -9.03
CA ASN A 53 14.56 10.98 -9.40
C ASN A 53 13.17 10.67 -8.78
N GLU A 54 12.68 9.45 -8.96
CA GLU A 54 11.34 9.10 -8.49
C GLU A 54 11.14 9.32 -6.98
N TYR A 55 9.95 9.76 -6.61
CA TYR A 55 9.46 9.71 -5.22
C TYR A 55 9.21 8.25 -4.87
N GLU A 56 9.40 7.94 -3.60
CA GLU A 56 9.19 6.58 -3.11
C GLU A 56 8.82 6.60 -1.65
N LEU A 57 7.97 5.67 -1.27
N LEU A 57 7.91 5.67 -1.30
CA LEU A 57 7.75 5.43 0.12
CA LEU A 57 7.31 5.42 0.04
C LEU A 57 7.68 3.95 0.40
C LEU A 57 7.56 3.94 0.39
N PHE A 58 8.07 3.61 1.61
CA PHE A 58 8.05 2.25 2.09
C PHE A 58 6.98 2.14 3.18
N ILE A 59 6.20 1.08 3.06
CA ILE A 59 5.22 0.65 4.07
C ILE A 59 5.78 -0.65 4.69
N VAL A 60 6.19 -0.56 5.94
CA VAL A 60 6.85 -1.73 6.57
C VAL A 60 5.78 -2.69 7.07
N ILE A 61 5.91 -3.94 6.61
CA ILE A 61 4.87 -4.96 6.82
C ILE A 61 5.19 -5.94 7.94
N GLN A 62 6.42 -6.44 8.00
CA GLN A 62 6.70 -7.51 8.98
C GLN A 62 8.19 -7.58 9.14
N GLY A 63 8.62 -7.88 10.39
CA GLY A 63 10.02 -8.10 10.66
C GLY A 63 10.69 -6.81 11.04
N ASN A 64 12.02 -6.83 11.13
CA ASN A 64 12.80 -5.67 11.56
C ASN A 64 13.94 -5.43 10.61
N ALA A 65 14.28 -4.18 10.40
CA ALA A 65 15.39 -3.82 9.54
C ALA A 65 15.90 -2.45 9.89
N ILE A 66 17.05 -2.13 9.31
CA ILE A 66 17.57 -0.77 9.25
C ILE A 66 17.37 -0.26 7.85
N ILE A 67 16.74 0.91 7.71
CA ILE A 67 16.81 1.64 6.43
C ILE A 67 17.91 2.64 6.57
N ARG A 68 18.89 2.51 5.70
CA ARG A 68 20.01 3.42 5.64
C ARG A 68 19.73 4.38 4.52
N ILE A 69 19.58 5.65 4.87
N ILE A 69 19.57 5.65 4.87
CA ILE A 69 19.29 6.69 3.90
CA ILE A 69 19.30 6.70 3.91
C ILE A 69 20.46 7.66 3.89
C ILE A 69 20.47 7.65 3.90
N ASN A 70 21.13 7.67 2.75
CA ASN A 70 22.48 8.13 2.64
C ASN A 70 23.15 7.21 3.70
N ASP A 71 23.47 7.76 4.86
CA ASP A 71 24.23 7.07 5.90
C ASP A 71 23.56 7.38 7.24
N GLU A 72 22.28 7.76 7.17
N GLU A 72 22.27 7.73 7.18
CA GLU A 72 21.41 7.90 8.33
CA GLU A 72 21.42 7.90 8.35
C GLU A 72 20.70 6.56 8.49
C GLU A 72 20.68 6.58 8.50
N ASP A 73 20.74 5.99 9.69
CA ASP A 73 20.07 4.73 9.96
C ASP A 73 18.69 4.99 10.57
N PHE A 74 17.72 4.19 10.12
CA PHE A 74 16.33 4.27 10.60
C PHE A 74 15.88 2.85 10.98
N PRO A 75 15.88 2.51 12.29
CA PRO A 75 15.34 1.23 12.74
C PRO A 75 13.83 1.22 12.62
N VAL A 76 13.33 0.25 11.86
CA VAL A 76 11.91 0.14 11.49
C VAL A 76 11.34 -1.24 11.68
N THR A 77 10.02 -1.28 11.81
CA THR A 77 9.29 -2.45 12.18
C THR A 77 7.84 -2.27 11.64
N LYS A 78 7.02 -3.30 11.73
CA LYS A 78 5.63 -3.34 11.24
C LYS A 78 4.90 -2.07 11.56
N GLY A 79 4.32 -1.51 10.49
CA GLY A 79 3.49 -0.31 10.58
C GLY A 79 4.25 0.97 10.26
N ASP A 80 5.55 0.98 10.31
CA ASP A 80 6.30 2.20 10.07
C ASP A 80 6.24 2.55 8.59
N LEU A 81 6.23 3.86 8.34
N LEU A 81 6.27 3.86 8.35
CA LEU A 81 6.31 4.40 6.99
CA LEU A 81 6.31 4.44 7.02
C LEU A 81 7.53 5.26 6.89
C LEU A 81 7.59 5.26 6.87
N ILE A 82 8.18 5.19 5.75
N ILE A 82 8.23 5.10 5.72
CA ILE A 82 9.35 5.99 5.52
CA ILE A 82 9.49 5.73 5.37
C ILE A 82 9.41 6.45 4.08
C ILE A 82 9.33 6.42 4.03
N ILE A 83 9.71 7.73 3.95
N ILE A 83 9.73 7.67 3.97
CA ILE A 83 9.79 8.40 2.67
CA ILE A 83 9.84 8.34 2.69
C ILE A 83 11.24 8.32 2.21
C ILE A 83 11.27 8.16 2.22
N ILE A 84 11.45 8.03 0.93
CA ILE A 84 12.79 7.92 0.38
C ILE A 84 13.09 9.19 -0.39
N PRO A 85 13.84 10.12 0.21
CA PRO A 85 14.08 11.33 -0.57
C PRO A 85 14.73 11.10 -1.93
N LEU A 86 14.32 12.02 -2.81
CA LEU A 86 14.80 12.10 -4.17
C LEU A 86 16.30 12.18 -4.14
N ASP A 87 16.93 11.33 -4.91
CA ASP A 87 18.36 11.39 -5.13
C ASP A 87 19.16 11.04 -3.88
N SER A 88 18.47 10.50 -2.86
CA SER A 88 19.19 9.96 -1.70
C SER A 88 19.33 8.48 -1.90
N GLU A 89 20.47 7.98 -1.47
CA GLU A 89 20.78 6.58 -1.49
C GLU A 89 20.02 5.81 -0.41
N HIS A 90 19.36 4.70 -0.76
CA HIS A 90 18.57 3.91 0.22
C HIS A 90 18.69 2.42 0.04
N HIS A 91 18.79 1.73 1.18
CA HIS A 91 18.93 0.31 1.16
C HIS A 91 18.52 -0.15 2.54
N VAL A 92 18.34 -1.47 2.64
N VAL A 92 18.22 -1.44 2.59
CA VAL A 92 17.57 -2.11 3.69
CA VAL A 92 17.58 -2.08 3.73
C VAL A 92 18.41 -3.24 4.28
C VAL A 92 18.52 -3.15 4.23
N ILE A 93 18.82 -3.08 5.53
CA ILE A 93 19.69 -4.03 6.18
C ILE A 93 18.86 -4.85 7.10
N ASN A 94 18.84 -6.17 6.86
CA ASN A 94 18.15 -7.10 7.76
C ASN A 94 19.15 -8.00 8.48
N ASN A 95 19.50 -7.61 9.69
CA ASN A 95 20.47 -8.37 10.48
C ASN A 95 19.83 -9.53 11.27
N ASN A 96 18.51 -9.63 11.24
N ASN A 96 18.51 -9.63 11.20
CA ASN A 96 17.78 -10.63 11.97
CA ASN A 96 17.78 -10.63 11.93
C ASN A 96 17.65 -11.93 11.19
C ASN A 96 17.63 -11.93 11.17
N GLN A 97 17.20 -12.97 11.86
CA GLN A 97 17.05 -14.28 11.23
C GLN A 97 15.60 -14.58 10.75
N GLU A 98 14.77 -13.53 10.69
CA GLU A 98 13.40 -13.56 10.11
C GLU A 98 13.27 -12.61 8.91
N ASP A 99 12.53 -13.04 7.90
CA ASP A 99 12.24 -12.20 6.71
C ASP A 99 11.77 -10.83 7.15
N PHE A 100 12.24 -9.84 6.38
CA PHE A 100 11.78 -8.47 6.49
C PHE A 100 10.95 -8.11 5.25
N HIS A 101 9.70 -7.80 5.50
CA HIS A 101 8.74 -7.46 4.42
C HIS A 101 8.40 -5.98 4.43
N PHE A 102 8.35 -5.39 3.21
CA PHE A 102 7.83 -4.03 3.07
C PHE A 102 7.24 -3.91 1.69
N TYR A 103 6.34 -2.94 1.56
CA TYR A 103 5.80 -2.52 0.27
C TYR A 103 6.43 -1.18 -0.13
N THR A 104 6.86 -1.13 -1.36
CA THR A 104 7.34 0.15 -1.92
C THR A 104 6.35 0.64 -2.98
N ILE A 105 6.03 1.92 -2.87
N ILE A 105 6.08 1.93 -2.92
CA ILE A 105 5.27 2.69 -3.85
CA ILE A 105 5.30 2.63 -3.91
C ILE A 105 6.19 3.79 -4.38
C ILE A 105 6.16 3.79 -4.39
N TRP A 106 6.27 3.92 -5.71
CA TRP A 106 7.09 4.97 -6.30
C TRP A 106 6.28 5.68 -7.40
N TRP A 107 6.62 6.96 -7.62
CA TRP A 107 5.85 7.80 -8.55
C TRP A 107 6.71 8.99 -8.95
N ASP A 108 6.31 9.63 -10.06
CA ASP A 108 6.93 10.88 -10.53
C ASP A 108 5.98 11.51 -11.51
N LYS A 109 6.50 12.55 -12.16
CA LYS A 109 5.78 13.27 -13.25
C LYS A 109 5.52 12.32 -14.44
N GLU A 110 6.49 11.51 -14.84
CA GLU A 110 6.23 10.59 -15.96
C GLU A 110 5.03 9.67 -15.67
N SER A 111 4.97 9.14 -14.46
CA SER A 111 3.97 8.13 -14.14
C SER A 111 2.56 8.67 -13.92
N THR A 112 2.46 9.84 -13.30
N THR A 112 2.47 9.82 -13.30
CA THR A 112 1.18 10.46 -13.02
CA THR A 112 1.20 10.46 -13.04
C THR A 112 0.54 10.93 -14.34
C THR A 112 0.55 10.91 -14.35
N LEU A 113 1.37 11.39 -15.26
CA LEU A 113 0.86 11.95 -16.50
C LEU A 113 0.48 10.81 -17.40
N ASN A 114 1.23 9.72 -17.30
CA ASN A 114 0.91 8.56 -18.12
C ASN A 114 -0.45 7.99 -17.66
N PHE A 115 -0.70 8.00 -16.33
CA PHE A 115 -2.01 7.64 -15.81
C PHE A 115 -3.18 8.49 -16.42
N LEU A 116 -3.01 9.80 -16.38
CA LEU A 116 -4.03 10.71 -16.91
C LEU A 116 -4.25 10.57 -18.41
N THR A 117 -3.18 10.32 -19.11
CA THR A 117 -3.23 10.11 -20.54
C THR A 117 -3.98 8.83 -20.88
N ARG A 118 -3.64 7.71 -20.20
CA ARG A 118 -4.27 6.44 -20.58
C ARG A 118 -5.75 6.46 -20.26
N LEU A 119 -6.12 7.14 -19.20
CA LEU A 119 -7.54 7.35 -18.94
C LEU A 119 -8.17 8.15 -20.03
N GLU A 120 -7.53 9.25 -20.43
CA GLU A 120 -8.14 10.05 -21.43
C GLU A 120 -8.36 9.24 -22.71
N GLN A 121 -7.53 8.22 -22.92
CA GLN A 121 -7.64 7.44 -24.15
C GLN A 121 -8.95 6.67 -24.29
N ASP A 122 -9.85 6.83 -23.32
CA ASP A 122 -11.09 6.06 -23.27
C ASP A 122 -12.27 6.89 -23.77
N MSE B 2 10.02 18.17 6.20
CA MSE B 2 9.67 16.78 5.90
C MSE B 2 10.47 15.75 6.72
O MSE B 2 11.42 15.16 6.19
CB MSE B 2 9.84 16.48 4.39
CG MSE B 2 11.26 16.85 3.89
SE MSE B 2 11.53 17.49 2.03
CE MSE B 2 11.16 15.89 0.95
HA MSE B 2 8.73 16.66 6.12
HB2 MSE B 2 9.71 15.54 4.23
HB3 MSE B 2 9.20 17.00 3.88
HG2 MSE B 2 11.62 17.54 4.47
HG3 MSE B 2 11.82 16.06 3.96
HE1 MSE B 2 11.45 15.08 1.42
HE2 MSE B 2 10.22 15.85 0.76
HE3 MSE B 2 11.63 15.98 0.10
N ASN B 3 10.12 15.56 8.00
CA ASN B 3 10.37 14.27 8.67
C ASN B 3 10.12 13.10 7.73
N ILE B 4 11.05 12.14 7.80
N ILE B 4 11.03 12.14 7.75
CA ILE B 4 11.23 11.04 6.84
CA ILE B 4 11.06 11.11 6.74
C ILE B 4 10.46 9.81 7.28
C ILE B 4 10.47 9.78 7.26
N ILE B 5 10.49 9.57 8.57
CA ILE B 5 9.92 8.38 9.17
C ILE B 5 8.70 8.75 9.99
N ARG B 6 7.66 7.94 9.88
CA ARG B 6 6.56 7.95 10.82
C ARG B 6 6.45 6.56 11.43
N LYS B 7 6.83 6.46 12.66
CA LYS B 7 6.65 5.21 13.40
C LYS B 7 5.17 5.00 13.64
N MSE B 8 4.70 3.78 13.40
CA MSE B 8 3.35 3.46 13.77
C MSE B 8 3.14 3.71 15.29
O MSE B 8 4.02 3.38 16.15
CB MSE B 8 3.08 2.01 13.41
CG MSE B 8 1.66 1.66 13.67
SE MSE B 8 0.27 2.88 12.81
CE MSE B 8 0.23 1.82 11.22
H MSE B 8 5.13 3.16 12.99
HA MSE B 8 2.73 4.02 13.28
HB2 MSE B 8 3.29 1.80 12.48
HB3 MSE B 8 3.63 1.46 14.00
HG2 MSE B 8 1.52 0.78 13.33
HG3 MSE B 8 1.53 1.67 14.63
HE1 MSE B 8 -0.43 1.12 11.33
HE2 MSE B 8 0.01 2.40 10.48
HE3 MSE B 8 1.10 1.42 11.10
N ASP B 9 2.03 4.34 15.61
CA ASP B 9 1.54 4.49 17.00
C ASP B 9 0.23 3.71 16.99
N TRP B 10 0.30 2.46 17.43
CA TRP B 10 -0.86 1.58 17.48
C TRP B 10 -1.87 2.07 18.50
N ASP B 11 -1.48 2.99 19.37
CA ASP B 11 -2.39 3.64 20.29
C ASP B 11 -3.18 4.84 19.75
N SER B 12 -2.89 5.24 18.51
CA SER B 12 -3.45 6.44 17.89
C SER B 12 -4.36 6.02 16.67
N MSE B 13 -4.81 4.79 16.54
CA MSE B 13 -5.70 4.46 15.39
C MSE B 13 -6.99 5.30 15.56
O MSE B 13 -7.35 5.74 16.62
CB MSE B 13 -6.04 2.98 15.29
CG MSE B 13 -4.82 2.05 15.51
SE MSE B 13 -3.34 2.35 14.29
CE MSE B 13 -4.44 1.87 12.73
H MSE B 13 -4.61 4.14 17.05
HA MSE B 13 -5.28 4.70 14.55
HB2 MSE B 13 -6.71 2.79 15.97
HB3 MSE B 13 -6.41 2.77 14.43
HG2 MSE B 13 -4.51 2.16 16.42
HG3 MSE B 13 -5.09 1.14 15.32
HE1 MSE B 13 -4.02 2.24 11.95
HE2 MSE B 13 -4.45 0.90 12.65
HE3 MSE B 13 -5.32 2.19 12.84
N VAL B 14 -7.62 5.62 14.43
CA VAL B 14 -8.88 6.33 14.39
C VAL B 14 -9.90 5.41 13.77
N HIS B 15 -11.01 5.24 14.48
CA HIS B 15 -12.09 4.37 14.05
C HIS B 15 -12.87 5.08 12.93
N GLU B 16 -12.99 4.38 11.82
N GLU B 16 -13.01 4.37 11.83
CA GLU B 16 -13.65 4.92 10.62
CA GLU B 16 -13.79 4.85 10.69
C GLU B 16 -14.03 3.71 9.78
C GLU B 16 -14.91 3.84 10.46
N TYR B 17 -15.21 3.73 9.15
N TYR B 17 -15.94 3.98 11.29
CA TYR B 17 -15.58 2.65 8.26
CA TYR B 17 -17.19 3.22 11.23
C TYR B 17 -15.63 1.28 8.95
C TYR B 17 -17.08 1.78 11.69
N ASP B 18 -15.99 1.29 10.22
N ASP B 18 -16.21 1.03 11.04
CA ASP B 18 -16.11 0.07 11.01
CA ASP B 18 -16.14 -0.38 11.25
C ASP B 18 -14.83 -0.74 11.14
C ASP B 18 -14.73 -0.90 11.13
N LEU B 19 -13.73 -0.02 11.17
CA LEU B 19 -12.39 -0.50 11.28
C LEU B 19 -11.56 0.55 11.99
N ASP B 20 -10.35 0.18 12.39
CA ASP B 20 -9.44 1.08 13.07
C ASP B 20 -8.26 1.33 12.17
N GLY B 21 -8.05 2.62 11.82
CA GLY B 21 -7.11 3.00 10.76
C GLY B 21 -6.09 4.04 11.16
N SER B 22 -5.06 4.11 10.33
CA SER B 22 -4.02 5.16 10.40
C SER B 22 -3.80 5.69 8.99
N ARG B 23 -4.31 6.88 8.74
CA ARG B 23 -4.18 7.50 7.42
C ARG B 23 -2.80 8.03 7.18
N LEU B 24 -2.37 7.89 5.93
CA LEU B 24 -1.08 8.42 5.48
C LEU B 24 -0.99 9.94 5.56
N LEU B 25 -2.06 10.57 5.11
CA LEU B 25 -2.10 12.01 4.94
C LEU B 25 -3.04 12.58 5.98
N PRO B 26 -2.71 13.76 6.53
CA PRO B 26 -1.64 14.65 6.14
C PRO B 26 -0.23 14.26 6.61
N TRP B 27 0.76 14.62 5.83
CA TRP B 27 2.19 14.43 6.11
C TRP B 27 2.94 15.60 5.49
N GLU B 28 3.49 16.47 6.31
CA GLU B 28 4.17 17.66 5.83
C GLU B 28 5.36 17.38 4.87
N GLY B 29 5.35 17.98 3.67
CA GLY B 29 6.42 17.73 2.71
C GLY B 29 6.29 16.42 1.97
N LEU B 30 5.10 15.84 2.06
CA LEU B 30 4.84 14.65 1.29
C LEU B 30 3.78 15.05 0.32
N ASN B 31 4.12 14.94 -0.93
CA ASN B 31 3.16 15.16 -1.98
C ASN B 31 3.03 13.88 -2.82
N THR B 32 1.86 13.26 -2.75
CA THR B 32 1.62 12.05 -3.54
C THR B 32 0.38 12.29 -4.39
N PRO B 33 0.22 11.46 -5.40
CA PRO B 33 -0.98 11.50 -6.24
C PRO B 33 -2.06 10.54 -5.75
N PHE B 34 -1.87 9.99 -4.54
CA PHE B 34 -2.78 9.00 -3.93
C PHE B 34 -2.92 9.30 -2.46
N GLY B 35 -3.96 8.74 -1.86
CA GLY B 35 -4.11 8.66 -0.41
C GLY B 35 -3.93 7.22 0.04
N GLY B 36 -3.85 7.03 1.34
CA GLY B 36 -3.75 5.68 1.88
C GLY B 36 -4.05 5.61 3.33
N ALA B 37 -4.14 4.37 3.77
CA ALA B 37 -4.40 4.09 5.17
C ALA B 37 -4.01 2.66 5.50
N TRP B 38 -3.44 2.50 6.70
CA TRP B 38 -3.28 1.19 7.34
C TRP B 38 -4.54 0.89 8.10
N CYS B 39 -5.17 -0.21 7.78
CA CYS B 39 -6.46 -0.58 8.36
C CYS B 39 -6.44 -1.90 9.10
N ILE B 40 -7.15 -1.91 10.21
CA ILE B 40 -7.32 -3.13 11.01
C ILE B 40 -8.81 -3.41 11.18
N VAL B 41 -9.22 -4.59 10.70
CA VAL B 41 -10.57 -5.08 10.92
C VAL B 41 -10.42 -6.06 12.11
N ARG B 42 -11.09 -5.70 13.17
CA ARG B 42 -10.93 -6.44 14.44
C ARG B 42 -11.63 -7.80 14.34
N PRO B 43 -11.30 -8.73 15.25
CA PRO B 43 -11.86 -10.07 15.19
C PRO B 43 -13.37 -10.10 15.20
N GLU B 44 -13.91 -10.96 14.36
CA GLU B 44 -15.34 -11.22 14.28
C GLU B 44 -16.18 -10.02 13.97
N THR B 45 -15.60 -9.13 13.18
CA THR B 45 -16.28 -7.93 12.65
C THR B 45 -16.14 -7.83 11.16
N LYS B 46 -16.94 -6.92 10.60
N LYS B 46 -16.81 -6.84 10.62
CA LYS B 46 -16.93 -6.53 9.19
CA LYS B 46 -16.58 -6.51 9.27
C LYS B 46 -16.83 -5.01 9.10
C LYS B 46 -16.69 -5.04 9.02
N SER B 47 -16.05 -4.51 8.15
N SER B 47 -16.29 -4.72 7.82
CA SER B 47 -16.00 -3.07 7.93
CA SER B 47 -16.29 -3.38 7.29
C SER B 47 -17.20 -2.52 7.15
C SER B 47 -17.01 -3.44 5.96
N PHE B 48 -17.14 -1.24 6.81
N PHE B 48 -17.86 -2.46 5.73
CA PHE B 48 -18.22 -0.55 6.15
CA PHE B 48 -18.60 -2.34 4.48
C PHE B 48 -18.32 -0.99 4.71
C PHE B 48 -18.38 -0.94 3.94
N ARG B 49 -19.51 -0.86 4.14
N ARG B 49 -18.25 -0.84 2.61
CA ARG B 49 -19.60 -0.95 2.72
CA ARG B 49 -18.30 0.43 1.91
C ARG B 49 -19.89 0.45 2.25
C ARG B 49 -19.09 0.23 0.64
N HIS B 50 -18.93 0.95 1.46
N HIS B 50 -19.90 1.23 0.29
CA HIS B 50 -19.17 2.11 0.62
CA HIS B 50 -20.79 1.10 -0.83
C HIS B 50 -18.70 1.83 -0.80
C HIS B 50 -20.12 1.57 -2.12
N SER B 51 -19.34 2.51 -1.75
N SER B 51 -20.95 1.83 -3.12
CA SER B 51 -19.00 2.42 -3.17
CA SER B 51 -20.58 2.46 -4.39
C SER B 51 -18.53 3.79 -3.66
C SER B 51 -19.74 3.75 -4.27
N HIS B 52 -17.64 3.78 -4.65
N HIS B 52 -18.55 3.80 -4.86
CA HIS B 52 -17.14 5.00 -5.26
CA HIS B 52 -17.78 5.08 -4.93
C HIS B 52 -16.65 4.75 -6.70
C HIS B 52 -16.79 5.22 -6.13
N ASN B 53 -16.69 5.80 -7.52
N ASN B 53 -16.53 6.45 -6.57
CA ASN B 53 -16.06 5.78 -8.83
CA ASN B 53 -15.81 6.73 -7.83
C ASN B 53 -14.84 6.66 -8.67
C ASN B 53 -14.28 6.58 -7.87
N GLU B 54 -13.74 5.98 -8.43
N GLU B 54 -13.60 6.88 -6.75
CA GLU B 54 -12.54 6.43 -7.69
CA GLU B 54 -12.15 6.75 -6.71
C GLU B 54 -11.77 5.18 -7.33
C GLU B 54 -11.66 5.31 -7.00
N TYR B 55 -10.46 5.20 -7.58
CA TYR B 55 -9.72 3.94 -7.70
C TYR B 55 -9.16 3.58 -6.35
N GLU B 56 -9.07 2.28 -6.11
CA GLU B 56 -8.58 1.79 -4.82
C GLU B 56 -8.01 0.42 -5.00
N LEU B 57 -6.99 0.15 -4.19
CA LEU B 57 -6.55 -1.25 -4.06
C LEU B 57 -6.09 -1.53 -2.65
N PHE B 58 -6.14 -2.81 -2.31
CA PHE B 58 -5.77 -3.28 -0.98
C PHE B 58 -4.55 -4.16 -1.11
N ILE B 59 -3.66 -3.94 -0.17
CA ILE B 59 -2.47 -4.78 0.04
C ILE B 59 -2.68 -5.52 1.37
N VAL B 60 -2.83 -6.85 1.30
CA VAL B 60 -3.16 -7.62 2.51
C VAL B 60 -1.90 -7.96 3.32
N ILE B 61 -1.92 -7.52 4.56
CA ILE B 61 -0.72 -7.50 5.41
C ILE B 61 -0.68 -8.65 6.40
N GLN B 62 -1.75 -8.95 7.10
CA GLN B 62 -1.75 -10.21 7.82
C GLN B 62 -3.14 -10.51 8.37
N GLY B 63 -3.26 -11.77 8.77
CA GLY B 63 -4.53 -12.37 9.08
C GLY B 63 -5.21 -12.89 7.82
N ASN B 64 -6.50 -13.14 7.98
CA ASN B 64 -7.34 -13.78 6.97
C ASN B 64 -8.68 -13.12 6.94
N ALA B 65 -9.20 -12.89 5.74
CA ALA B 65 -10.48 -12.21 5.59
C ALA B 65 -11.16 -12.66 4.34
N ILE B 66 -12.41 -12.18 4.22
CA ILE B 66 -13.16 -12.07 2.96
C ILE B 66 -13.37 -10.58 2.59
N ILE B 67 -13.02 -10.29 1.34
CA ILE B 67 -13.34 -9.01 0.76
C ILE B 67 -14.55 -9.34 -0.10
N ARG B 68 -15.64 -8.63 0.14
CA ARG B 68 -16.86 -8.87 -0.60
C ARG B 68 -16.97 -7.74 -1.57
N ILE B 69 -17.13 -8.07 -2.86
CA ILE B 69 -17.24 -7.09 -3.95
C ILE B 69 -18.30 -7.55 -4.96
N ASN B 70 -19.38 -6.77 -5.06
N ASN B 70 -19.28 -6.66 -5.18
CA ASN B 70 -20.57 -7.08 -5.90
CA ASN B 70 -20.35 -6.88 -6.16
C ASN B 70 -21.23 -8.42 -5.52
C ASN B 70 -20.96 -8.24 -5.90
N ASP B 71 -21.33 -9.36 -6.47
N ASP B 71 -20.96 -8.58 -4.62
CA ASP B 71 -21.78 -10.72 -6.16
CA ASP B 71 -21.51 -9.84 -4.13
C ASP B 71 -20.53 -11.58 -6.01
C ASP B 71 -20.70 -11.08 -4.53
N GLU B 72 -19.75 -11.39 -4.96
N GLU B 72 -19.42 -10.91 -4.85
CA GLU B 72 -18.46 -12.04 -4.92
CA GLU B 72 -18.48 -12.03 -4.96
C GLU B 72 -17.78 -11.96 -3.56
C GLU B 72 -17.50 -12.01 -3.77
N ASP B 73 -17.42 -13.13 -3.07
CA ASP B 73 -16.49 -13.32 -1.96
C ASP B 73 -15.13 -13.82 -2.46
N PHE B 74 -14.05 -13.18 -1.99
CA PHE B 74 -12.66 -13.63 -2.26
C PHE B 74 -11.93 -13.87 -0.93
N PRO B 75 -11.59 -15.13 -0.58
CA PRO B 75 -10.74 -15.25 0.62
C PRO B 75 -9.37 -14.59 0.41
N VAL B 76 -8.87 -13.85 1.41
CA VAL B 76 -7.56 -13.18 1.29
C VAL B 76 -6.69 -13.40 2.51
N THR B 77 -5.40 -13.25 2.28
N THR B 77 -5.39 -13.52 2.24
CA THR B 77 -4.42 -13.43 3.30
CA THR B 77 -4.34 -13.62 3.26
C THR B 77 -3.16 -12.70 2.89
C THR B 77 -3.16 -12.74 2.88
N LYS B 78 -2.20 -12.62 3.78
CA LYS B 78 -0.93 -11.95 3.55
C LYS B 78 -0.34 -12.13 2.17
N GLY B 79 -0.08 -10.98 1.54
CA GLY B 79 0.53 -10.92 0.22
C GLY B 79 -0.46 -10.71 -0.90
N ASP B 80 -1.71 -11.02 -0.69
CA ASP B 80 -2.72 -10.83 -1.72
C ASP B 80 -2.97 -9.35 -1.99
N LEU B 81 -3.21 -9.05 -3.27
CA LEU B 81 -3.58 -7.72 -3.74
C LEU B 81 -4.98 -7.81 -4.34
N ILE B 82 -5.77 -6.80 -4.03
N ILE B 82 -5.80 -6.84 -4.04
CA ILE B 82 -7.16 -6.66 -4.46
CA ILE B 82 -7.10 -6.79 -4.67
C ILE B 82 -7.34 -5.30 -5.10
C ILE B 82 -7.42 -5.37 -5.09
N ILE B 83 -7.77 -5.25 -6.36
CA ILE B 83 -8.19 -4.00 -7.00
C ILE B 83 -9.68 -3.90 -6.91
N ILE B 84 -10.14 -2.75 -6.43
CA ILE B 84 -11.55 -2.48 -6.18
C ILE B 84 -12.17 -1.83 -7.45
N PRO B 85 -13.07 -2.55 -8.15
CA PRO B 85 -13.69 -2.07 -9.39
C PRO B 85 -14.29 -0.72 -9.14
N LEU B 86 -14.18 0.20 -10.11
CA LEU B 86 -14.91 1.44 -9.95
C LEU B 86 -16.39 1.11 -9.88
N ASP B 87 -17.03 1.71 -8.89
CA ASP B 87 -18.46 1.64 -8.63
C ASP B 87 -18.94 0.33 -8.08
N SER B 88 -18.07 -0.17 -7.24
CA SER B 88 -18.32 -1.38 -6.49
C SER B 88 -18.41 -1.09 -5.02
N GLU B 89 -19.49 -1.54 -4.40
N GLU B 89 -19.47 -1.62 -4.38
CA GLU B 89 -19.52 -1.63 -2.94
CA GLU B 89 -19.51 -1.79 -2.92
C GLU B 89 -18.43 -2.57 -2.52
C GLU B 89 -18.55 -2.89 -2.51
N HIS B 90 -17.55 -2.09 -1.64
N HIS B 90 -17.92 -2.74 -1.34
CA HIS B 90 -16.52 -2.92 -1.04
CA HIS B 90 -17.15 -3.85 -0.75
C HIS B 90 -16.72 -2.89 0.46
C HIS B 90 -17.44 -4.19 0.71
N HIS B 91 -16.46 -4.06 1.08
N HIS B 91 -17.21 -5.45 1.09
CA HIS B 91 -16.30 -4.24 2.53
CA HIS B 91 -17.15 -5.82 2.48
C HIS B 91 -15.41 -5.50 2.82
C HIS B 91 -15.77 -6.40 2.76
N VAL B 92 -14.96 -5.62 4.08
N VAL B 92 -15.26 -6.16 3.96
CA VAL B 92 -14.01 -6.66 4.53
CA VAL B 92 -14.07 -6.84 4.49
C VAL B 92 -14.58 -7.47 5.72
C VAL B 92 -14.54 -7.50 5.73
N ILE B 93 -14.59 -8.81 5.65
CA ILE B 93 -15.16 -9.66 6.71
C ILE B 93 -14.05 -10.43 7.38
N ASN B 94 -13.89 -10.22 8.69
CA ASN B 94 -12.92 -10.98 9.48
C ASN B 94 -13.62 -11.89 10.46
N ASN B 95 -13.64 -13.17 10.15
CA ASN B 95 -14.32 -14.15 11.00
C ASN B 95 -13.45 -14.70 12.13
N ASN B 96 -12.15 -14.45 12.04
CA ASN B 96 -11.12 -15.06 12.86
C ASN B 96 -10.72 -14.22 14.09
N GLN B 97 -10.42 -14.91 15.18
CA GLN B 97 -9.84 -14.42 16.45
C GLN B 97 -8.42 -13.81 16.21
N GLU B 98 -8.21 -13.18 15.06
CA GLU B 98 -6.95 -12.51 14.88
C GLU B 98 -7.26 -11.24 14.08
N ASP B 99 -6.58 -10.13 14.41
CA ASP B 99 -6.74 -8.85 13.66
C ASP B 99 -6.39 -9.10 12.23
N PHE B 100 -7.20 -8.50 11.37
CA PHE B 100 -6.92 -8.49 9.93
C PHE B 100 -6.36 -7.12 9.53
N HIS B 101 -5.14 -7.13 9.01
CA HIS B 101 -4.47 -5.86 8.61
C HIS B 101 -4.35 -5.80 7.09
N PHE B 102 -4.63 -4.60 6.55
CA PHE B 102 -4.39 -4.33 5.13
C PHE B 102 -4.09 -2.86 4.99
N TYR B 103 -3.41 -2.55 3.88
CA TYR B 103 -3.20 -1.15 3.48
C TYR B 103 -4.07 -0.85 2.28
N THR B 104 -4.72 0.30 2.31
CA THR B 104 -5.46 0.77 1.14
C THR B 104 -4.76 1.99 0.56
N ILE B 105 -4.68 1.99 -0.77
N ILE B 105 -4.72 2.00 -0.77
CA ILE B 105 -4.21 3.11 -1.60
CA ILE B 105 -4.23 3.14 -1.55
C ILE B 105 -5.38 3.49 -2.51
C ILE B 105 -5.38 3.49 -2.51
N TRP B 106 -5.75 4.77 -2.52
CA TRP B 106 -6.80 5.24 -3.42
C TRP B 106 -6.32 6.48 -4.20
N TRP B 107 -6.92 6.69 -5.38
CA TRP B 107 -6.48 7.75 -6.30
C TRP B 107 -7.59 8.03 -7.31
N ASP B 108 -7.55 9.24 -7.89
CA ASP B 108 -8.40 9.57 -9.03
C ASP B 108 -7.71 10.68 -9.78
N LYS B 109 -8.42 11.21 -10.77
CA LYS B 109 -7.82 12.24 -11.65
C LYS B 109 -7.41 13.46 -10.86
N GLU B 110 -8.29 13.85 -9.93
CA GLU B 110 -8.11 15.01 -9.05
C GLU B 110 -6.93 14.86 -8.13
N SER B 111 -6.79 13.69 -7.51
CA SER B 111 -5.62 13.51 -6.64
C SER B 111 -4.32 13.59 -7.43
N THR B 112 -4.35 13.05 -8.63
N THR B 112 -4.34 13.06 -8.63
CA THR B 112 -3.20 13.05 -9.52
CA THR B 112 -3.17 13.06 -9.51
C THR B 112 -2.88 14.47 -10.01
C THR B 112 -2.87 14.48 -10.02
N LEU B 113 -3.91 15.16 -10.47
CA LEU B 113 -3.79 16.55 -10.89
C LEU B 113 -3.24 17.42 -9.76
N ASN B 114 -3.68 17.26 -8.50
CA ASN B 114 -3.16 18.17 -7.48
C ASN B 114 -1.73 17.88 -7.15
N PHE B 115 -1.36 16.58 -7.17
CA PHE B 115 0.03 16.27 -7.06
C PHE B 115 0.85 17.13 -8.05
N LEU B 116 0.42 17.13 -9.30
CA LEU B 116 1.17 17.87 -10.33
C LEU B 116 1.12 19.38 -10.17
N THR B 117 0.00 19.87 -9.69
CA THR B 117 -0.17 21.30 -9.44
C THR B 117 0.72 21.70 -8.30
N ARG B 118 0.67 20.91 -7.22
CA ARG B 118 1.43 21.24 -6.02
C ARG B 118 2.93 21.25 -6.31
N LEU B 119 3.39 20.33 -7.16
CA LEU B 119 4.78 20.40 -7.60
C LEU B 119 5.13 21.71 -8.24
N GLU B 120 4.23 22.24 -9.05
CA GLU B 120 4.59 23.42 -9.79
C GLU B 120 4.50 24.66 -8.93
N GLN B 121 3.73 24.60 -7.87
CA GLN B 121 3.65 25.68 -6.90
C GLN B 121 4.93 25.77 -6.07
NI NI C . 14.41 3.17 -4.50
NA NA D . 7.94 -16.14 7.99
NI NI E . -13.26 2.14 -0.69
N MSE A 2 -10.55 -6.73 -16.14
CA MSE A 2 -9.48 -6.65 -15.09
C MSE A 2 -9.65 -7.76 -14.02
O MSE A 2 -10.72 -7.78 -13.42
CB MSE A 2 -9.46 -5.21 -14.47
CG MSE A 2 -10.49 -4.79 -13.25
SE MSE A 2 -9.83 -4.30 -11.31
CE MSE A 2 -8.27 -5.34 -11.53
HA MSE A 2 -8.63 -6.79 -15.54
HB2 MSE A 2 -8.55 -5.07 -14.14
HB3 MSE A 2 -9.61 -4.57 -15.20
HG2 MSE A 2 -10.95 -4.00 -13.57
HG3 MSE A 2 -11.14 -5.49 -13.14
HE1 MSE A 2 -8.08 -5.76 -10.69
HE2 MSE A 2 -8.45 -5.97 -12.23
HE3 MSE A 2 -7.53 -4.78 -11.79
N ASN A 3 -8.68 -8.68 -13.83
CA ASN A 3 -8.78 -9.65 -12.72
C ASN A 3 -8.68 -8.77 -11.51
N ILE A 4 -9.58 -8.94 -10.55
N ILE A 4 -9.58 -8.99 -10.55
CA ILE A 4 -9.53 -8.22 -9.29
CA ILE A 4 -9.70 -8.22 -9.32
C ILE A 4 -8.30 -8.46 -8.49
C ILE A 4 -8.63 -8.57 -8.26
N ILE A 5 -8.01 -9.75 -8.36
CA ILE A 5 -7.25 -10.30 -7.24
C ILE A 5 -6.04 -11.06 -7.72
N ARG A 6 -4.90 -10.67 -7.20
N ARG A 6 -4.91 -10.67 -7.19
CA ARG A 6 -3.67 -11.42 -7.41
CA ARG A 6 -3.68 -11.42 -7.40
C ARG A 6 -3.30 -12.06 -6.10
C ARG A 6 -3.30 -12.06 -6.10
N LYS A 7 -3.46 -13.36 -6.08
CA LYS A 7 -3.11 -14.13 -4.95
C LYS A 7 -1.61 -14.32 -4.99
N MSE A 8 -1.00 -14.04 -3.84
CA MSE A 8 0.45 -14.07 -3.76
C MSE A 8 1.07 -15.41 -3.93
O MSE A 8 0.83 -16.28 -3.09
CB MSE A 8 0.90 -13.53 -2.45
CG MSE A 8 2.39 -13.68 -2.21
SE MSE A 8 3.56 -12.76 -3.50
CE MSE A 8 3.39 -11.05 -2.69
HA MSE A 8 0.83 -13.48 -4.44
HB2 MSE A 8 0.74 -12.57 -2.44
HB3 MSE A 8 0.41 -13.96 -1.73
HG2 MSE A 8 2.56 -13.25 -1.35
HG3 MSE A 8 2.63 -14.62 -2.18
HE1 MSE A 8 2.68 -11.09 -2.03
HE2 MSE A 8 4.22 -10.80 -2.23
HE3 MSE A 8 3.17 -10.38 -3.36
N ASP A 9 1.96 -15.56 -4.94
CA ASP A 9 2.77 -16.80 -5.14
C ASP A 9 4.18 -16.41 -4.70
N TRP A 10 4.58 -16.82 -3.47
CA TRP A 10 5.89 -16.34 -2.97
C TRP A 10 7.11 -16.83 -3.81
N ASP A 11 6.92 -18.00 -4.41
CA ASP A 11 7.97 -18.58 -5.24
C ASP A 11 8.16 -17.90 -6.60
N SER A 12 7.16 -17.10 -6.96
CA SER A 12 7.18 -16.44 -8.28
C SER A 12 7.87 -15.10 -8.18
N MSE A 13 8.37 -14.71 -7.01
CA MSE A 13 9.11 -13.46 -6.82
C MSE A 13 10.33 -13.50 -7.69
O MSE A 13 10.89 -14.55 -8.05
CB MSE A 13 9.48 -13.30 -5.36
CG MSE A 13 8.24 -12.96 -4.60
SE MSE A 13 8.62 -12.79 -2.70
CE MSE A 13 7.48 -11.19 -2.37
H MSE A 13 8.26 -15.13 -6.29
HA MSE A 13 8.53 -12.72 -7.06
HB2 MSE A 13 9.76 -14.18 -5.08
HB3 MSE A 13 10.19 -12.67 -5.20
HG2 MSE A 13 7.85 -12.14 -4.96
HG3 MSE A 13 7.60 -13.68 -4.70
HE1 MSE A 13 6.70 -11.38 -1.84
HE2 MSE A 13 8.03 -10.52 -1.94
HE3 MSE A 13 7.21 -10.87 -3.24
N VAL A 14 10.67 -12.28 -8.18
CA VAL A 14 11.88 -12.06 -8.93
C VAL A 14 12.90 -11.36 -8.04
N HIS A 15 14.08 -11.92 -8.00
CA HIS A 15 15.17 -11.38 -7.29
C HIS A 15 15.73 -10.23 -8.08
N GLU A 16 15.64 -9.08 -7.44
CA GLU A 16 16.23 -7.82 -7.99
C GLU A 16 16.45 -6.91 -6.80
N TYR A 17 17.41 -6.00 -7.00
CA TYR A 17 17.86 -5.09 -5.95
C TYR A 17 18.28 -5.84 -4.66
N ASP A 18 18.92 -7.01 -4.90
CA ASP A 18 19.30 -8.03 -3.90
C ASP A 18 18.24 -8.35 -2.86
N LEU A 19 17.00 -8.31 -3.30
CA LEU A 19 15.91 -8.71 -2.50
C LEU A 19 14.95 -9.47 -3.37
N ASP A 20 13.89 -10.02 -2.79
CA ASP A 20 12.90 -10.76 -3.52
C ASP A 20 11.67 -9.90 -3.63
N GLY A 21 11.20 -9.67 -4.87
CA GLY A 21 10.06 -8.75 -5.09
C GLY A 21 8.96 -9.38 -5.91
N SER A 22 7.80 -8.79 -5.67
CA SER A 22 6.58 -9.05 -6.47
C SER A 22 6.02 -7.69 -6.90
N ARG A 23 6.35 -7.37 -8.15
CA ARG A 23 5.93 -6.04 -8.71
C ARG A 23 4.42 -6.00 -8.94
N LEU A 24 3.83 -4.86 -8.61
CA LEU A 24 2.42 -4.58 -8.95
C LEU A 24 2.12 -4.67 -10.45
N LEU A 25 3.01 -4.08 -11.21
CA LEU A 25 2.80 -3.96 -12.65
C LEU A 25 3.71 -4.85 -13.42
N PRO A 26 3.28 -5.35 -14.60
CA PRO A 26 1.96 -5.05 -15.18
C PRO A 26 0.78 -5.74 -14.49
N TRP A 27 -0.39 -5.12 -14.57
CA TRP A 27 -1.64 -5.67 -14.11
C TRP A 27 -2.62 -5.27 -15.19
N GLU A 28 -2.95 -6.19 -16.07
CA GLU A 28 -3.80 -5.86 -17.18
C GLU A 28 -5.16 -5.31 -16.68
N GLY A 29 -5.54 -4.16 -17.25
CA GLY A 29 -6.74 -3.45 -16.85
C GLY A 29 -6.54 -2.44 -15.73
N LEU A 30 -5.38 -2.48 -15.08
CA LEU A 30 -5.12 -1.61 -13.94
C LEU A 30 -4.27 -0.41 -14.32
N ASN A 31 -4.86 0.75 -14.02
CA ASN A 31 -4.33 2.04 -14.37
C ASN A 31 -4.04 2.86 -13.10
N THR A 32 -2.78 3.07 -12.85
CA THR A 32 -2.24 3.71 -11.62
C THR A 32 -1.27 4.85 -11.98
N PRO A 33 -1.17 5.83 -11.10
CA PRO A 33 -0.18 6.88 -11.32
C PRO A 33 1.12 6.58 -10.58
N PHE A 34 1.24 5.33 -10.07
CA PHE A 34 2.42 4.89 -9.28
C PHE A 34 2.74 3.47 -9.70
N GLY A 35 3.94 3.06 -9.33
CA GLY A 35 4.38 1.66 -9.35
C GLY A 35 4.49 1.16 -7.92
N GLY A 36 4.62 -0.16 -7.81
CA GLY A 36 4.79 -0.72 -6.48
C GLY A 36 5.39 -2.10 -6.55
N ALA A 37 5.79 -2.55 -5.36
CA ALA A 37 6.31 -3.93 -5.20
C ALA A 37 6.26 -4.32 -3.73
N TRP A 38 5.88 -5.59 -3.58
CA TRP A 38 6.11 -6.28 -2.26
C TRP A 38 7.53 -6.85 -2.25
N CYS A 39 8.28 -6.44 -1.24
CA CYS A 39 9.68 -6.81 -1.15
C CYS A 39 9.99 -7.56 0.16
N ILE A 40 10.92 -8.50 0.00
CA ILE A 40 11.41 -9.30 1.15
C ILE A 40 12.92 -9.22 1.11
N VAL A 41 13.46 -8.73 2.21
CA VAL A 41 14.90 -8.81 2.47
C VAL A 41 15.10 -10.03 3.39
N ARG A 42 15.79 -11.00 2.85
CA ARG A 42 15.93 -12.30 3.54
C ARG A 42 16.80 -12.16 4.76
N PRO A 43 16.64 -13.09 5.71
CA PRO A 43 17.41 -13.01 6.96
C PRO A 43 18.89 -12.84 6.72
N GLU A 44 19.47 -11.95 7.51
CA GLU A 44 20.94 -11.73 7.50
C GLU A 44 21.44 -11.38 6.15
N THR A 45 20.63 -10.56 5.49
CA THR A 45 21.06 -9.90 4.24
C THR A 45 20.73 -8.42 4.18
N LYS A 46 21.31 -7.76 3.20
CA LYS A 46 21.05 -6.35 2.90
C LYS A 46 20.79 -6.19 1.42
N SER A 47 20.07 -5.13 1.08
CA SER A 47 19.61 -4.84 -0.29
C SER A 47 20.57 -3.95 -1.07
N PHE A 48 20.26 -3.71 -2.34
CA PHE A 48 21.12 -2.98 -3.29
C PHE A 48 20.98 -1.46 -3.16
N ARG A 49 22.07 -0.78 -2.92
CA ARG A 49 21.98 0.66 -2.62
C ARG A 49 21.84 1.48 -3.90
N HIS A 50 20.68 2.18 -4.06
CA HIS A 50 20.46 2.95 -5.29
C HIS A 50 19.85 4.30 -4.92
N SER A 51 19.62 5.14 -5.91
CA SER A 51 19.19 6.52 -5.70
C SER A 51 18.58 6.98 -6.97
N HIS A 52 17.63 7.89 -6.87
CA HIS A 52 16.75 8.08 -8.00
C HIS A 52 15.93 9.35 -7.88
N ASN A 53 15.48 9.76 -9.07
CA ASN A 53 14.67 10.96 -9.30
C ASN A 53 13.27 10.85 -8.75
N GLU A 54 12.76 9.64 -8.83
CA GLU A 54 11.38 9.33 -8.52
C GLU A 54 11.16 9.39 -7.01
N TYR A 55 9.94 9.75 -6.62
CA TYR A 55 9.46 9.70 -5.22
C TYR A 55 9.16 8.26 -4.89
N GLU A 56 9.30 7.96 -3.59
CA GLU A 56 9.17 6.59 -3.08
C GLU A 56 8.85 6.64 -1.64
N LEU A 57 8.08 5.67 -1.24
N LEU A 57 8.00 5.67 -1.26
CA LEU A 57 7.83 5.44 0.15
CA LEU A 57 7.38 5.44 0.07
C LEU A 57 7.71 3.94 0.41
C LEU A 57 7.61 3.94 0.40
N PHE A 58 8.03 3.58 1.63
CA PHE A 58 8.01 2.22 2.08
C PHE A 58 6.95 2.16 3.18
N ILE A 59 6.20 1.08 3.09
CA ILE A 59 5.22 0.66 4.10
C ILE A 59 5.80 -0.66 4.69
N VAL A 60 6.20 -0.56 5.95
CA VAL A 60 6.83 -1.74 6.58
C VAL A 60 5.78 -2.71 7.08
N ILE A 61 5.91 -3.94 6.60
CA ILE A 61 4.87 -4.98 6.80
C ILE A 61 5.19 -5.97 7.93
N GLN A 62 6.42 -6.47 8.00
CA GLN A 62 6.69 -7.53 8.97
C GLN A 62 8.17 -7.58 9.15
N GLY A 63 8.62 -7.91 10.37
CA GLY A 63 10.04 -8.13 10.59
C GLY A 63 10.73 -6.87 10.95
N ASN A 64 12.08 -6.88 10.97
CA ASN A 64 12.88 -5.74 11.42
C ASN A 64 14.04 -5.47 10.49
N ALA A 65 14.32 -4.20 10.33
CA ALA A 65 15.39 -3.81 9.45
C ALA A 65 15.89 -2.46 9.87
N ILE A 66 17.05 -2.14 9.30
CA ILE A 66 17.58 -0.77 9.24
C ILE A 66 17.39 -0.26 7.85
N ILE A 67 16.74 0.89 7.73
CA ILE A 67 16.68 1.57 6.45
C ILE A 67 17.82 2.62 6.54
N ARG A 68 18.86 2.50 5.74
CA ARG A 68 19.95 3.48 5.74
C ARG A 68 19.74 4.44 4.59
N ILE A 69 19.61 5.71 4.92
N ILE A 69 19.63 5.72 4.92
CA ILE A 69 19.36 6.78 3.96
CA ILE A 69 19.36 6.77 3.95
C ILE A 69 20.46 7.82 4.12
C ILE A 69 20.45 7.82 4.11
N ASN A 70 21.25 8.00 3.07
CA ASN A 70 22.47 8.78 3.17
C ASN A 70 23.31 8.01 4.19
N ASP A 71 23.75 8.68 5.23
CA ASP A 71 24.61 8.02 6.19
C ASP A 71 23.81 7.78 7.47
N GLU A 72 22.49 7.74 7.31
N GLU A 72 22.51 7.69 7.31
CA GLU A 72 21.58 7.84 8.44
CA GLU A 72 21.60 7.78 8.41
C GLU A 72 20.73 6.57 8.53
C GLU A 72 20.74 6.54 8.51
N ASP A 73 20.78 5.93 9.68
CA ASP A 73 20.03 4.71 9.89
C ASP A 73 18.63 5.04 10.42
N PHE A 74 17.68 4.22 10.02
CA PHE A 74 16.27 4.37 10.43
C PHE A 74 15.83 2.92 10.76
N PRO A 75 15.88 2.53 12.05
CA PRO A 75 15.34 1.23 12.47
C PRO A 75 13.82 1.23 12.28
N VAL A 76 13.29 0.15 11.75
CA VAL A 76 11.87 0.07 11.48
C VAL A 76 11.32 -1.28 11.76
N THR A 77 10.03 -1.32 12.09
CA THR A 77 9.31 -2.64 12.00
C THR A 77 7.87 -2.34 11.59
N LYS A 78 7.01 -3.31 11.67
CA LYS A 78 5.62 -3.33 11.24
C LYS A 78 4.91 -2.06 11.57
N GLY A 79 4.34 -1.52 10.50
CA GLY A 79 3.51 -0.30 10.56
C GLY A 79 4.26 0.96 10.26
N ASP A 80 5.55 0.99 10.32
CA ASP A 80 6.30 2.21 10.06
C ASP A 80 6.25 2.54 8.58
N LEU A 81 6.26 3.84 8.34
N LEU A 81 6.25 3.84 8.34
CA LEU A 81 6.30 4.43 6.99
CA LEU A 81 6.28 4.43 7.00
C LEU A 81 7.52 5.28 6.88
C LEU A 81 7.53 5.27 6.85
N ILE A 82 8.19 5.16 5.75
N ILE A 82 8.17 5.11 5.70
CA ILE A 82 9.37 5.93 5.51
CA ILE A 82 9.43 5.74 5.35
C ILE A 82 9.44 6.38 4.07
C ILE A 82 9.31 6.41 4.00
N ILE A 83 9.79 7.64 3.95
N ILE A 83 9.80 7.64 3.94
CA ILE A 83 9.86 8.29 2.66
CA ILE A 83 9.88 8.38 2.67
C ILE A 83 11.30 8.29 2.22
C ILE A 83 11.31 8.33 2.21
N ILE A 84 11.51 7.92 0.97
CA ILE A 84 12.83 7.87 0.38
C ILE A 84 13.09 9.20 -0.32
N PRO A 85 13.91 10.07 0.30
CA PRO A 85 14.08 11.40 -0.31
C PRO A 85 14.65 11.29 -1.68
N LEU A 86 14.38 12.42 -2.37
CA LEU A 86 14.85 12.64 -3.76
C LEU A 86 16.32 12.50 -3.84
N ASP A 87 16.74 11.56 -4.67
CA ASP A 87 18.12 11.36 -4.98
C ASP A 87 18.91 11.05 -3.73
N SER A 88 18.29 10.43 -2.74
CA SER A 88 19.22 9.87 -1.71
C SER A 88 19.63 8.42 -1.84
N GLU A 89 20.80 8.17 -1.28
CA GLU A 89 21.46 6.88 -1.26
C GLU A 89 20.78 6.04 -0.18
N HIS A 90 20.29 4.83 -0.53
CA HIS A 90 19.51 4.09 0.41
C HIS A 90 19.47 2.66 0.07
N HIS A 91 19.24 1.88 1.12
CA HIS A 91 19.03 0.46 1.00
C HIS A 91 18.52 -0.04 2.40
N VAL A 92 18.40 -1.35 2.53
N VAL A 92 18.25 -1.32 2.45
CA VAL A 92 17.69 -2.04 3.59
CA VAL A 92 17.69 -2.01 3.61
C VAL A 92 18.51 -3.19 4.17
C VAL A 92 18.66 -3.07 4.13
N ILE A 93 18.82 -3.11 5.45
CA ILE A 93 19.69 -4.05 6.15
C ILE A 93 18.85 -4.86 7.05
N ASN A 94 18.84 -6.19 6.83
CA ASN A 94 18.15 -7.10 7.76
C ASN A 94 19.17 -7.99 8.44
N ASN A 95 19.62 -7.56 9.60
CA ASN A 95 20.64 -8.37 10.29
C ASN A 95 20.07 -9.54 11.01
N ASN A 96 18.76 -9.76 10.97
N ASN A 96 18.74 -9.67 11.04
CA ASN A 96 18.04 -10.68 11.81
CA ASN A 96 18.02 -10.63 11.87
C ASN A 96 17.67 -12.00 11.16
C ASN A 96 17.72 -11.98 11.20
N GLN A 97 17.15 -12.90 11.96
CA GLN A 97 16.85 -14.26 11.50
C GLN A 97 15.52 -14.50 10.81
N GLU A 98 14.68 -13.48 10.75
CA GLU A 98 13.36 -13.56 10.11
C GLU A 98 13.27 -12.61 8.91
N ASP A 99 12.51 -13.02 7.91
CA ASP A 99 12.25 -12.18 6.72
C ASP A 99 11.77 -10.83 7.17
N PHE A 100 12.23 -9.86 6.39
CA PHE A 100 11.77 -8.47 6.49
C PHE A 100 10.95 -8.12 5.23
N HIS A 101 9.71 -7.79 5.51
CA HIS A 101 8.76 -7.47 4.40
C HIS A 101 8.39 -5.98 4.40
N PHE A 102 8.33 -5.37 3.19
CA PHE A 102 7.85 -4.00 3.05
C PHE A 102 7.29 -3.92 1.66
N TYR A 103 6.37 -2.95 1.54
CA TYR A 103 5.83 -2.53 0.24
C TYR A 103 6.41 -1.17 -0.13
N THR A 104 6.87 -1.14 -1.36
CA THR A 104 7.34 0.15 -1.89
C THR A 104 6.34 0.63 -2.96
N ILE A 105 6.04 1.92 -2.87
N ILE A 105 6.10 1.94 -2.92
CA ILE A 105 5.27 2.66 -3.87
CA ILE A 105 5.29 2.67 -3.86
C ILE A 105 6.19 3.80 -4.38
C ILE A 105 6.17 3.80 -4.38
N TRP A 106 6.27 3.92 -5.71
CA TRP A 106 7.11 4.96 -6.32
C TRP A 106 6.29 5.68 -7.44
N TRP A 107 6.65 6.95 -7.65
CA TRP A 107 5.87 7.83 -8.56
C TRP A 107 6.72 9.00 -8.94
N ASP A 108 6.29 9.64 -10.05
CA ASP A 108 6.98 10.83 -10.53
C ASP A 108 5.98 11.52 -11.43
N LYS A 109 6.45 12.66 -11.96
CA LYS A 109 5.64 13.49 -12.90
C LYS A 109 5.11 12.65 -14.06
N GLU A 110 5.96 11.82 -14.67
CA GLU A 110 5.56 11.03 -15.83
C GLU A 110 4.68 9.83 -15.60
N SER A 111 4.87 9.18 -14.46
CA SER A 111 3.94 8.12 -14.13
C SER A 111 2.54 8.69 -13.91
N THR A 112 2.47 9.84 -13.25
N THR A 112 2.46 9.83 -13.25
CA THR A 112 1.22 10.53 -13.01
CA THR A 112 1.21 10.52 -13.03
C THR A 112 0.58 11.00 -14.33
C THR A 112 0.58 10.99 -14.35
N LEU A 113 1.38 11.57 -15.22
CA LEU A 113 0.84 12.02 -16.48
C LEU A 113 0.45 10.86 -17.32
N ASN A 114 1.22 9.77 -17.26
CA ASN A 114 0.89 8.60 -18.06
C ASN A 114 -0.48 8.02 -17.63
N PHE A 115 -0.74 7.98 -16.30
CA PHE A 115 -2.06 7.65 -15.80
C PHE A 115 -3.21 8.51 -16.43
N LEU A 116 -2.99 9.83 -16.35
CA LEU A 116 -3.98 10.76 -16.93
C LEU A 116 -4.19 10.60 -18.44
N THR A 117 -3.11 10.33 -19.13
CA THR A 117 -3.22 10.08 -20.56
C THR A 117 -4.01 8.82 -20.89
N ARG A 118 -3.70 7.70 -20.22
CA ARG A 118 -4.41 6.47 -20.56
C ARG A 118 -5.89 6.53 -20.19
N LEU A 119 -6.18 7.22 -19.09
CA LEU A 119 -7.56 7.40 -18.61
C LEU A 119 -8.44 8.03 -19.64
N GLU A 120 -7.90 9.06 -20.26
CA GLU A 120 -8.64 9.84 -21.18
C GLU A 120 -8.60 9.20 -22.57
N GLN A 121 -7.56 8.40 -22.79
CA GLN A 121 -7.36 7.79 -24.10
C GLN A 121 -8.37 6.68 -24.33
N ASP A 122 -8.87 6.10 -23.25
CA ASP A 122 -9.98 5.15 -23.33
C ASP A 122 -11.26 5.91 -23.01
N MSE B 2 11.54 18.33 6.57
CA MSE B 2 10.49 17.33 6.45
C MSE B 2 10.58 16.41 7.65
O MSE B 2 11.22 16.79 8.67
CB MSE B 2 10.72 16.52 5.15
CG MSE B 2 9.48 16.21 4.34
SE MSE B 2 9.60 16.31 2.40
CE MSE B 2 9.18 14.42 2.08
HA MSE B 2 9.62 17.76 6.40
HB2 MSE B 2 11.31 17.05 4.59
HB3 MSE B 2 11.15 15.68 5.38
HG2 MSE B 2 9.23 15.29 4.53
HG3 MSE B 2 8.77 16.79 4.61
HE1 MSE B 2 8.76 14.29 1.22
HE2 MSE B 2 10.01 13.92 2.11
HE3 MSE B 2 8.58 14.16 2.78
N ASN B 3 9.89 15.27 7.53
CA ASN B 3 10.22 14.05 8.25
C ASN B 3 10.18 12.94 7.25
N ILE B 4 11.05 11.99 7.50
N ILE B 4 11.00 11.95 7.44
CA ILE B 4 11.34 10.84 6.65
CA ILE B 4 10.96 10.88 6.48
C ILE B 4 10.52 9.66 7.15
C ILE B 4 10.50 9.60 7.13
N ILE B 5 10.43 9.55 8.46
CA ILE B 5 9.91 8.36 9.12
C ILE B 5 8.70 8.71 9.94
N ARG B 6 7.67 7.91 9.82
CA ARG B 6 6.52 7.95 10.73
C ARG B 6 6.43 6.57 11.37
N LYS B 7 6.83 6.54 12.60
CA LYS B 7 6.72 5.35 13.41
C LYS B 7 5.28 5.10 13.71
N MSE B 8 4.86 3.85 13.53
CA MSE B 8 3.47 3.52 13.80
C MSE B 8 3.21 3.71 15.28
O MSE B 8 3.98 3.22 16.15
CB MSE B 8 3.19 2.04 13.46
CG MSE B 8 1.73 1.57 13.67
SE MSE B 8 0.26 2.76 12.96
CE MSE B 8 0.20 2.14 11.05
H MSE B 8 5.34 3.23 13.20
HA MSE B 8 2.85 4.06 13.30
HB2 MSE B 8 3.46 1.79 12.57
HB3 MSE B 8 3.74 1.53 14.09
HG2 MSE B 8 1.64 0.73 13.20
HG3 MSE B 8 1.60 1.44 14.62
HE1 MSE B 8 -0.17 1.23 11.05
HE2 MSE B 8 -0.38 2.73 10.56
HE3 MSE B 8 1.07 2.14 10.65
N ASP B 9 2.13 4.35 15.61
CA ASP B 9 1.63 4.38 17.00
C ASP B 9 0.29 3.67 16.94
N TRP B 10 0.32 2.43 17.41
CA TRP B 10 -0.84 1.57 17.46
C TRP B 10 -1.87 2.05 18.48
N ASP B 11 -1.51 2.98 19.36
CA ASP B 11 -2.42 3.60 20.29
C ASP B 11 -3.19 4.81 19.76
N SER B 12 -2.92 5.20 18.52
CA SER B 12 -3.63 6.38 18.03
C SER B 12 -4.29 6.04 16.72
N MSE B 13 -4.80 4.87 16.54
CA MSE B 13 -5.67 4.56 15.40
C MSE B 13 -6.97 5.37 15.58
O MSE B 13 -7.35 5.79 16.63
CB MSE B 13 -6.02 3.09 15.31
CG MSE B 13 -4.86 2.12 15.57
SE MSE B 13 -3.33 2.38 14.34
CE MSE B 13 -4.08 1.47 12.73
H MSE B 13 -4.67 4.21 17.08
HA MSE B 13 -5.26 4.82 14.56
HB2 MSE B 13 -6.75 2.95 15.90
HB3 MSE B 13 -6.29 2.86 14.41
HG2 MSE B 13 -4.54 2.23 16.49
HG3 MSE B 13 -5.16 1.22 15.39
HE1 MSE B 13 -3.58 1.79 11.95
HE2 MSE B 13 -3.98 0.51 12.80
HE3 MSE B 13 -5.02 1.70 12.67
N VAL B 14 -7.61 5.62 14.45
CA VAL B 14 -8.88 6.33 14.39
C VAL B 14 -9.90 5.42 13.78
N HIS B 15 -11.00 5.23 14.49
CA HIS B 15 -12.08 4.38 14.04
C HIS B 15 -12.86 5.09 12.93
N GLU B 16 -13.01 4.38 11.83
N GLU B 16 -13.06 4.38 11.84
CA GLU B 16 -13.69 4.92 10.64
CA GLU B 16 -13.87 4.90 10.73
C GLU B 16 -14.06 3.73 9.79
C GLU B 16 -15.03 3.91 10.48
N TYR B 17 -15.20 3.85 9.11
N TYR B 17 -16.10 4.00 11.29
CA TYR B 17 -15.86 2.76 8.38
CA TYR B 17 -17.30 3.20 11.16
C TYR B 17 -15.73 1.41 9.06
C TYR B 17 -17.16 1.78 11.70
N ASP B 18 -16.04 1.40 10.33
N ASP B 18 -16.27 1.03 11.08
CA ASP B 18 -16.19 0.18 11.10
CA ASP B 18 -16.21 -0.37 11.27
C ASP B 18 -14.90 -0.68 11.21
C ASP B 18 -14.79 -0.88 11.12
N LEU B 19 -13.78 0.01 11.18
CA LEU B 19 -12.43 -0.49 11.32
C LEU B 19 -11.57 0.54 12.01
N ASP B 20 -10.36 0.17 12.40
CA ASP B 20 -9.45 1.07 13.07
C ASP B 20 -8.27 1.33 12.17
N GLY B 21 -8.06 2.64 11.84
CA GLY B 21 -7.12 3.02 10.76
C GLY B 21 -6.09 4.03 11.19
N SER B 22 -5.10 4.11 10.32
CA SER B 22 -4.02 5.13 10.41
C SER B 22 -3.80 5.69 8.97
N ARG B 23 -4.32 6.89 8.75
CA ARG B 23 -4.25 7.59 7.44
C ARG B 23 -2.83 8.02 7.15
N LEU B 24 -2.41 7.84 5.89
CA LEU B 24 -1.14 8.41 5.42
C LEU B 24 -1.01 9.93 5.54
N LEU B 25 -2.07 10.59 5.13
CA LEU B 25 -2.08 12.05 5.01
C LEU B 25 -2.97 12.70 6.02
N PRO B 26 -2.56 13.85 6.60
CA PRO B 26 -1.49 14.59 5.96
C PRO B 26 -0.17 14.21 6.52
N TRP B 27 0.84 14.64 5.84
CA TRP B 27 2.23 14.42 6.19
C TRP B 27 2.92 15.59 5.54
N GLU B 28 3.50 16.47 6.35
CA GLU B 28 4.12 17.68 5.82
C GLU B 28 5.29 17.35 4.91
N GLY B 29 5.26 17.96 3.73
CA GLY B 29 6.33 17.80 2.76
C GLY B 29 6.18 16.57 1.89
N LEU B 30 5.14 15.78 2.14
CA LEU B 30 4.87 14.59 1.34
C LEU B 30 3.82 14.96 0.30
N ASN B 31 4.19 14.75 -0.94
CA ASN B 31 3.33 15.06 -2.05
C ASN B 31 3.12 13.85 -2.89
N THR B 32 1.92 13.33 -2.79
CA THR B 32 1.57 12.11 -3.47
C THR B 32 0.36 12.34 -4.39
N PRO B 33 0.21 11.47 -5.38
CA PRO B 33 -0.97 11.52 -6.23
C PRO B 33 -2.06 10.57 -5.76
N PHE B 34 -1.84 10.00 -4.55
CA PHE B 34 -2.78 9.02 -3.92
C PHE B 34 -2.91 9.30 -2.46
N GLY B 35 -3.94 8.72 -1.88
CA GLY B 35 -4.13 8.62 -0.42
C GLY B 35 -3.91 7.19 0.03
N GLY B 36 -3.76 7.03 1.35
CA GLY B 36 -3.46 5.71 1.93
C GLY B 36 -3.96 5.64 3.32
N ALA B 37 -4.10 4.39 3.74
CA ALA B 37 -4.38 4.10 5.15
C ALA B 37 -4.02 2.66 5.49
N TRP B 38 -3.48 2.52 6.71
CA TRP B 38 -3.30 1.19 7.36
C TRP B 38 -4.56 0.89 8.13
N CYS B 39 -5.18 -0.21 7.79
CA CYS B 39 -6.47 -0.59 8.32
C CYS B 39 -6.44 -1.92 9.10
N ILE B 40 -7.19 -1.91 10.19
CA ILE B 40 -7.30 -3.12 11.04
C ILE B 40 -8.79 -3.38 11.20
N VAL B 41 -9.20 -4.54 10.72
CA VAL B 41 -10.55 -5.07 10.91
C VAL B 41 -10.41 -6.05 12.12
N ARG B 42 -11.08 -5.69 13.17
CA ARG B 42 -10.90 -6.43 14.44
C ARG B 42 -11.62 -7.79 14.32
N PRO B 43 -11.30 -8.72 15.26
CA PRO B 43 -11.85 -10.08 15.17
C PRO B 43 -13.34 -10.08 15.20
N GLU B 44 -13.92 -10.92 14.36
CA GLU B 44 -15.37 -11.14 14.32
C GLU B 44 -16.18 -9.91 14.06
N THR B 45 -15.66 -9.15 13.10
CA THR B 45 -16.32 -7.91 12.59
C THR B 45 -16.22 -7.85 11.08
N LYS B 46 -17.00 -6.93 10.54
N LYS B 46 -17.03 -6.97 10.53
CA LYS B 46 -17.00 -6.55 9.12
CA LYS B 46 -16.99 -6.67 9.13
C LYS B 46 -16.87 -5.03 9.02
C LYS B 46 -16.94 -5.19 8.95
N SER B 47 -16.17 -4.59 7.99
N SER B 47 -16.47 -4.82 7.78
CA SER B 47 -16.07 -3.15 7.62
CA SER B 47 -16.54 -3.46 7.32
C SER B 47 -17.42 -2.60 7.07
C SER B 47 -17.30 -3.52 6.01
N PHE B 48 -17.57 -1.27 6.91
N PHE B 48 -17.90 -2.40 5.64
CA PHE B 48 -18.86 -0.74 6.46
CA PHE B 48 -18.67 -2.29 4.42
C PHE B 48 -18.85 -0.64 4.92
C PHE B 48 -18.54 -0.87 3.89
N ARG B 49 -19.87 -1.21 4.29
N ARG B 49 -18.40 -0.74 2.57
CA ARG B 49 -19.92 -1.49 2.86
CA ARG B 49 -18.28 0.54 1.89
C ARG B 49 -20.25 -0.23 2.07
C ARG B 49 -19.11 0.57 0.63
N HIS B 50 -19.61 -0.05 0.90
N HIS B 50 -19.56 1.80 0.31
CA HIS B 50 -19.70 1.20 0.15
CA HIS B 50 -20.53 2.07 -0.76
C HIS B 50 -19.14 1.09 -1.26
C HIS B 50 -19.77 2.16 -2.05
N SER B 51 -19.26 2.22 -1.97
N SER B 51 -20.49 2.13 -3.15
CA SER B 51 -19.04 2.37 -3.42
CA SER B 51 -19.88 2.23 -4.46
C SER B 51 -18.86 3.84 -3.77
C SER B 51 -19.33 3.64 -4.61
N HIS B 52 -17.66 4.20 -4.24
N HIS B 52 -18.06 3.76 -5.02
CA HIS B 52 -17.31 5.59 -4.55
CA HIS B 52 -17.44 5.09 -5.26
C HIS B 52 -16.35 5.69 -5.75
C HIS B 52 -16.59 5.14 -6.53
N ASN B 53 -16.62 6.64 -6.65
N ASN B 53 -16.41 6.35 -7.05
CA ASN B 53 -15.93 6.81 -7.95
CA ASN B 53 -15.64 6.57 -8.27
C ASN B 53 -14.44 6.38 -8.01
C ASN B 53 -14.13 6.40 -8.16
N GLU B 54 -13.67 6.80 -7.02
N GLU B 54 -13.55 6.79 -7.04
CA GLU B 54 -12.22 6.61 -7.07
CA GLU B 54 -12.11 6.65 -6.87
C GLU B 54 -11.74 5.18 -7.29
C GLU B 54 -11.67 5.22 -7.15
N TYR B 55 -10.50 5.09 -7.75
CA TYR B 55 -9.73 3.85 -7.79
C TYR B 55 -9.16 3.55 -6.40
N GLU B 56 -9.08 2.24 -6.09
CA GLU B 56 -8.58 1.79 -4.77
C GLU B 56 -7.99 0.44 -4.98
N LEU B 57 -6.96 0.17 -4.18
CA LEU B 57 -6.52 -1.23 -4.05
C LEU B 57 -6.06 -1.51 -2.64
N PHE B 58 -6.15 -2.79 -2.31
CA PHE B 58 -5.79 -3.28 -0.98
C PHE B 58 -4.57 -4.17 -1.13
N ILE B 59 -3.67 -3.94 -0.18
CA ILE B 59 -2.47 -4.78 0.04
C ILE B 59 -2.67 -5.53 1.39
N VAL B 60 -2.81 -6.86 1.30
CA VAL B 60 -3.15 -7.64 2.51
C VAL B 60 -1.88 -7.98 3.31
N ILE B 61 -1.92 -7.49 4.53
CA ILE B 61 -0.72 -7.53 5.39
C ILE B 61 -0.70 -8.66 6.44
N GLN B 62 -1.80 -8.94 7.13
CA GLN B 62 -1.74 -9.92 8.20
C GLN B 62 -3.12 -10.45 8.41
N GLY B 63 -3.19 -11.74 8.71
CA GLY B 63 -4.44 -12.38 9.06
C GLY B 63 -5.21 -12.86 7.85
N ASN B 64 -6.48 -12.98 8.09
CA ASN B 64 -7.42 -13.60 7.15
C ASN B 64 -8.68 -12.86 7.05
N ALA B 65 -9.24 -12.82 5.85
CA ALA B 65 -10.53 -12.18 5.67
C ALA B 65 -11.16 -12.61 4.38
N ILE B 66 -12.39 -12.12 4.25
CA ILE B 66 -13.17 -12.19 3.01
C ILE B 66 -13.41 -10.75 2.58
N ILE B 67 -13.04 -10.53 1.33
CA ILE B 67 -13.36 -9.30 0.68
C ILE B 67 -14.50 -9.61 -0.26
N ARG B 68 -15.62 -8.96 0.02
CA ARG B 68 -16.78 -9.17 -0.84
C ARG B 68 -16.94 -7.93 -1.71
N ILE B 69 -17.08 -8.19 -2.98
CA ILE B 69 -17.18 -7.13 -3.98
C ILE B 69 -18.36 -7.51 -4.85
N ASN B 70 -19.38 -6.65 -4.75
N ASN B 70 -19.39 -6.67 -4.81
CA ASN B 70 -20.73 -6.95 -5.24
CA ASN B 70 -20.57 -6.85 -5.65
C ASN B 70 -21.10 -8.36 -4.76
C ASN B 70 -21.00 -8.30 -5.62
N ASP B 71 -21.39 -9.28 -5.70
N ASP B 71 -21.18 -8.78 -4.39
CA ASP B 71 -21.89 -10.61 -5.39
CA ASP B 71 -21.76 -10.09 -4.18
C ASP B 71 -20.80 -11.68 -5.31
C ASP B 71 -20.90 -11.20 -4.79
N GLU B 72 -19.55 -11.27 -5.12
N GLU B 72 -19.58 -11.06 -4.63
CA GLU B 72 -18.44 -12.20 -5.18
CA GLU B 72 -18.60 -12.05 -5.04
C GLU B 72 -17.58 -12.12 -3.91
C GLU B 72 -17.54 -12.12 -3.91
N ASP B 73 -17.26 -13.30 -3.38
CA ASP B 73 -16.46 -13.46 -2.16
C ASP B 73 -15.05 -13.90 -2.51
N PHE B 74 -14.06 -13.12 -2.07
CA PHE B 74 -12.66 -13.43 -2.32
C PHE B 74 -11.94 -13.73 -0.99
N PRO B 75 -11.59 -15.00 -0.71
CA PRO B 75 -10.72 -15.25 0.45
C PRO B 75 -9.36 -14.54 0.27
N VAL B 76 -8.82 -13.96 1.34
CA VAL B 76 -7.50 -13.30 1.21
C VAL B 76 -6.64 -13.52 2.46
N THR B 77 -5.34 -13.40 2.28
N THR B 77 -5.34 -13.57 2.20
CA THR B 77 -4.41 -13.40 3.38
CA THR B 77 -4.31 -13.70 3.21
C THR B 77 -3.15 -12.73 2.91
C THR B 77 -3.12 -12.80 2.86
N LYS B 78 -2.18 -12.63 3.77
CA LYS B 78 -0.92 -11.93 3.54
C LYS B 78 -0.33 -12.14 2.18
N GLY B 79 -0.10 -11.00 1.53
CA GLY B 79 0.53 -10.91 0.22
C GLY B 79 -0.46 -10.71 -0.88
N ASP B 80 -1.71 -11.01 -0.69
CA ASP B 80 -2.71 -10.82 -1.74
C ASP B 80 -2.97 -9.32 -1.98
N LEU B 81 -3.19 -9.02 -3.27
CA LEU B 81 -3.54 -7.68 -3.75
C LEU B 81 -4.94 -7.79 -4.36
N ILE B 82 -5.76 -6.79 -4.05
N ILE B 82 -5.79 -6.82 -4.02
CA ILE B 82 -7.12 -6.65 -4.55
CA ILE B 82 -7.10 -6.67 -4.61
C ILE B 82 -7.28 -5.28 -5.13
C ILE B 82 -7.25 -5.28 -5.15
N ILE B 83 -7.81 -5.22 -6.35
CA ILE B 83 -8.20 -3.96 -7.01
C ILE B 83 -9.71 -3.88 -6.87
N ILE B 84 -10.20 -2.77 -6.34
CA ILE B 84 -11.66 -2.56 -6.22
C ILE B 84 -12.23 -1.88 -7.52
N PRO B 85 -13.01 -2.63 -8.32
CA PRO B 85 -13.65 -2.09 -9.54
C PRO B 85 -14.19 -0.72 -9.24
N LEU B 86 -14.01 0.22 -10.15
CA LEU B 86 -14.71 1.50 -10.07
C LEU B 86 -16.23 1.28 -9.87
N ASP B 87 -16.74 1.92 -8.82
CA ASP B 87 -18.16 1.99 -8.44
C ASP B 87 -18.61 0.90 -7.50
N SER B 88 -19.61 0.05 -7.67
CA SER B 88 -19.38 -1.28 -6.83
C SER B 88 -19.41 -1.36 -5.23
N GLU B 89 -19.90 -2.44 -4.65
N GLU B 89 -19.93 -2.43 -4.64
CA GLU B 89 -20.07 -2.47 -3.18
CA GLU B 89 -19.96 -2.55 -3.17
C GLU B 89 -18.99 -3.32 -2.47
C GLU B 89 -18.75 -3.34 -2.67
N HIS B 90 -17.99 -2.66 -1.87
N HIS B 90 -18.38 -3.18 -1.39
CA HIS B 90 -16.88 -3.35 -1.16
CA HIS B 90 -17.30 -3.97 -0.82
C HIS B 90 -16.81 -3.10 0.35
C HIS B 90 -17.46 -4.26 0.69
N HIS B 91 -16.42 -4.18 1.03
N HIS B 91 -17.14 -5.50 1.07
CA HIS B 91 -16.19 -4.23 2.45
CA HIS B 91 -17.13 -5.89 2.44
C HIS B 91 -15.38 -5.52 2.82
C HIS B 91 -15.78 -6.50 2.76
N VAL B 92 -14.91 -5.62 4.07
N VAL B 92 -15.21 -6.18 3.93
CA VAL B 92 -14.00 -6.68 4.55
CA VAL B 92 -14.05 -6.87 4.50
C VAL B 92 -14.56 -7.48 5.76
C VAL B 92 -14.54 -7.51 5.76
N ILE B 93 -14.62 -8.82 5.66
CA ILE B 93 -15.16 -9.65 6.74
C ILE B 93 -14.03 -10.39 7.41
N ASN B 94 -13.88 -10.22 8.72
CA ASN B 94 -12.90 -10.99 9.50
C ASN B 94 -13.62 -11.90 10.47
N ASN B 95 -13.66 -13.18 10.12
CA ASN B 95 -14.29 -14.19 11.00
C ASN B 95 -13.39 -14.77 12.05
N ASN B 96 -12.10 -14.48 12.03
CA ASN B 96 -11.09 -15.13 12.86
C ASN B 96 -10.75 -14.32 14.09
N GLN B 97 -10.14 -14.98 15.04
CA GLN B 97 -9.87 -14.45 16.33
C GLN B 97 -8.55 -13.70 16.35
N GLU B 98 -8.05 -13.29 15.17
CA GLU B 98 -6.93 -12.38 15.14
C GLU B 98 -7.30 -11.18 14.24
N ASP B 99 -6.63 -10.08 14.50
CA ASP B 99 -6.85 -8.86 13.68
C ASP B 99 -6.45 -9.13 12.26
N PHE B 100 -7.19 -8.47 11.39
CA PHE B 100 -6.91 -8.46 9.94
C PHE B 100 -6.37 -7.11 9.54
N HIS B 101 -5.14 -7.13 9.03
CA HIS B 101 -4.48 -5.87 8.62
C HIS B 101 -4.34 -5.80 7.11
N PHE B 102 -4.61 -4.58 6.56
CA PHE B 102 -4.40 -4.32 5.12
C PHE B 102 -4.05 -2.86 5.02
N TYR B 103 -3.43 -2.57 3.87
CA TYR B 103 -3.18 -1.14 3.49
C TYR B 103 -4.03 -0.83 2.27
N THR B 104 -4.78 0.27 2.28
CA THR B 104 -5.44 0.70 1.06
C THR B 104 -4.76 1.98 0.55
N ILE B 105 -4.75 2.04 -0.78
N ILE B 105 -4.75 2.04 -0.78
CA ILE B 105 -4.24 3.15 -1.59
CA ILE B 105 -4.25 3.14 -1.58
C ILE B 105 -5.41 3.49 -2.52
C ILE B 105 -5.40 3.49 -2.54
N TRP B 106 -5.73 4.78 -2.60
CA TRP B 106 -6.81 5.24 -3.44
C TRP B 106 -6.32 6.50 -4.19
N TRP B 107 -6.94 6.71 -5.36
CA TRP B 107 -6.47 7.76 -6.29
C TRP B 107 -7.57 8.03 -7.32
N ASP B 108 -7.47 9.22 -7.95
CA ASP B 108 -8.36 9.59 -9.03
C ASP B 108 -7.69 10.69 -9.74
N LYS B 109 -8.51 11.28 -10.64
CA LYS B 109 -8.05 12.44 -11.46
C LYS B 109 -7.70 13.61 -10.59
N GLU B 110 -8.56 13.92 -9.64
CA GLU B 110 -8.36 15.05 -8.72
C GLU B 110 -7.04 14.91 -7.98
N SER B 111 -6.82 13.72 -7.45
CA SER B 111 -5.62 13.53 -6.59
C SER B 111 -4.32 13.62 -7.39
N THR B 112 -4.36 13.07 -8.58
N THR B 112 -4.34 13.07 -8.59
CA THR B 112 -3.21 13.08 -9.47
CA THR B 112 -3.18 13.09 -9.46
C THR B 112 -2.88 14.50 -9.94
C THR B 112 -2.87 14.51 -9.93
N LEU B 113 -3.93 15.25 -10.15
CA LEU B 113 -3.77 16.60 -10.66
C LEU B 113 -3.28 17.49 -9.59
N ASN B 114 -3.78 17.27 -8.39
CA ASN B 114 -3.37 18.10 -7.29
C ASN B 114 -1.90 17.90 -7.02
N PHE B 115 -1.45 16.64 -7.05
CA PHE B 115 -0.04 16.36 -6.99
C PHE B 115 0.80 17.18 -8.03
N LEU B 116 0.36 17.11 -9.29
CA LEU B 116 1.09 17.88 -10.34
C LEU B 116 1.10 19.41 -10.19
N THR B 117 0.02 19.92 -9.65
CA THR B 117 -0.03 21.36 -9.44
C THR B 117 0.73 21.79 -8.20
N ARG B 118 0.65 20.98 -7.13
CA ARG B 118 1.39 21.34 -5.93
C ARG B 118 2.89 21.25 -6.27
N LEU B 119 3.26 20.28 -7.11
CA LEU B 119 4.63 20.20 -7.58
C LEU B 119 5.10 21.44 -8.34
N GLU B 120 4.31 21.88 -9.31
CA GLU B 120 4.61 23.08 -10.07
C GLU B 120 4.59 24.32 -9.18
N GLN B 121 3.73 24.32 -8.17
CA GLN B 121 3.72 25.39 -7.19
C GLN B 121 4.99 25.33 -6.33
NI NI C . 14.41 3.18 -4.48
NA NA D . 7.93 -16.15 8.03
NI NI E . -13.35 1.91 -0.75
N MSE A 2 -9.15 -8.94 -17.34
CA MSE A 2 -9.15 -8.25 -16.06
C MSE A 2 -9.07 -9.26 -14.90
O MSE A 2 -9.64 -10.36 -14.97
CB MSE A 2 -10.40 -7.36 -16.05
CG MSE A 2 -10.36 -6.05 -15.21
SE MSE A 2 -9.88 -6.15 -13.37
CE MSE A 2 -8.05 -5.69 -13.75
HA MSE A 2 -8.37 -7.66 -16.02
HB2 MSE A 2 -10.50 -7.05 -16.95
HB3 MSE A 2 -11.18 -7.87 -15.80
HG2 MSE A 2 -9.72 -5.45 -15.63
HG3 MSE A 2 -11.23 -5.65 -15.24
HE1 MSE A 2 -7.62 -5.44 -12.92
HE2 MSE A 2 -7.59 -6.44 -14.15
HE3 MSE A 2 -8.01 -4.94 -14.36
N ASN A 3 -8.36 -8.88 -13.84
CA ASN A 3 -8.36 -9.61 -12.55
C ASN A 3 -8.52 -8.74 -11.30
N ILE A 4 -9.58 -8.95 -10.53
N ILE A 4 -9.59 -8.96 -10.54
CA ILE A 4 -9.75 -8.32 -9.21
CA ILE A 4 -9.75 -8.33 -9.22
C ILE A 4 -8.65 -8.70 -8.20
C ILE A 4 -8.63 -8.70 -8.22
N ILE A 5 -8.41 -10.00 -8.01
CA ILE A 5 -7.42 -10.47 -7.05
C ILE A 5 -6.20 -10.99 -7.74
N ARG A 6 -5.06 -10.72 -7.14
N ARG A 6 -5.06 -10.71 -7.14
CA ARG A 6 -3.82 -11.43 -7.39
CA ARG A 6 -3.84 -11.45 -7.39
C ARG A 6 -3.37 -12.09 -6.11
C ARG A 6 -3.39 -12.10 -6.09
N LYS A 7 -3.52 -13.40 -6.03
CA LYS A 7 -3.07 -14.15 -4.88
C LYS A 7 -1.56 -14.17 -4.91
N MSE A 8 -0.90 -13.98 -3.77
CA MSE A 8 0.55 -14.03 -3.78
C MSE A 8 1.15 -15.40 -3.97
O MSE A 8 0.89 -16.29 -3.17
CB MSE A 8 1.12 -13.40 -2.54
CG MSE A 8 2.59 -13.66 -2.32
SE MSE A 8 3.60 -12.46 -3.47
CE MSE A 8 3.38 -10.83 -2.27
HA MSE A 8 0.86 -13.47 -4.52
HB2 MSE A 8 1.05 -12.44 -2.61
HB3 MSE A 8 0.64 -13.71 -1.76
HG2 MSE A 8 2.80 -13.43 -1.40
HG3 MSE A 8 2.83 -14.57 -2.51
HE1 MSE A 8 2.54 -10.90 -1.80
HE2 MSE A 8 4.11 -10.77 -1.63
HE3 MSE A 8 3.36 -10.05 -2.84
N ASP A 9 2.03 -15.53 -4.95
CA ASP A 9 2.84 -16.76 -5.13
C ASP A 9 4.25 -16.34 -4.71
N TRP A 10 4.66 -16.71 -3.48
CA TRP A 10 5.98 -16.27 -3.00
C TRP A 10 7.12 -16.83 -3.84
N ASP A 11 6.89 -18.01 -4.40
CA ASP A 11 7.90 -18.65 -5.24
C ASP A 11 8.17 -17.84 -6.52
N SER A 12 7.11 -17.12 -6.99
CA SER A 12 7.04 -16.30 -8.26
C SER A 12 7.93 -15.09 -8.21
N MSE A 13 8.41 -14.71 -7.05
CA MSE A 13 9.19 -13.48 -6.90
C MSE A 13 10.39 -13.52 -7.78
O MSE A 13 10.94 -14.57 -8.16
CB MSE A 13 9.62 -13.29 -5.46
CG MSE A 13 8.42 -13.15 -4.72
SE MSE A 13 8.65 -12.93 -2.82
CE MSE A 13 8.42 -11.07 -3.05
H MSE A 13 8.29 -15.13 -6.32
HA MSE A 13 8.62 -12.73 -7.14
HB2 MSE A 13 10.09 -14.10 -5.19
HB3 MSE A 13 10.19 -12.52 -5.35
HG2 MSE A 13 7.92 -12.39 -5.07
HG3 MSE A 13 7.89 -13.94 -4.83
HE1 MSE A 13 8.37 -10.63 -2.18
HE2 MSE A 13 9.19 -10.74 -3.54
HE3 MSE A 13 7.61 -10.93 -3.54
N VAL A 14 10.74 -12.28 -8.14
CA VAL A 14 11.88 -11.96 -8.93
C VAL A 14 12.92 -11.32 -8.03
N HIS A 15 14.10 -11.91 -8.02
CA HIS A 15 15.21 -11.39 -7.28
C HIS A 15 15.87 -10.22 -8.00
N GLU A 16 15.67 -9.06 -7.42
CA GLU A 16 16.30 -7.85 -7.93
C GLU A 16 16.57 -6.90 -6.78
N TYR A 17 17.53 -6.02 -7.03
CA TYR A 17 18.03 -5.16 -5.98
C TYR A 17 18.54 -5.95 -4.77
N ASP A 18 18.82 -7.23 -5.04
CA ASP A 18 19.36 -8.14 -4.04
C ASP A 18 18.30 -8.41 -2.94
N LEU A 19 17.04 -8.31 -3.33
CA LEU A 19 15.91 -8.72 -2.51
C LEU A 19 14.94 -9.48 -3.39
N ASP A 20 13.90 -10.04 -2.80
CA ASP A 20 12.88 -10.75 -3.53
C ASP A 20 11.65 -9.90 -3.64
N GLY A 21 11.22 -9.66 -4.87
CA GLY A 21 10.11 -8.74 -5.11
C GLY A 21 8.99 -9.35 -5.92
N SER A 22 7.81 -8.78 -5.68
CA SER A 22 6.62 -9.02 -6.50
C SER A 22 6.06 -7.68 -6.92
N ARG A 23 6.34 -7.33 -8.17
CA ARG A 23 5.92 -6.03 -8.69
C ARG A 23 4.43 -6.01 -8.96
N LEU A 24 3.82 -4.88 -8.64
CA LEU A 24 2.40 -4.61 -8.94
C LEU A 24 2.09 -4.71 -10.42
N LEU A 25 2.93 -4.05 -11.19
CA LEU A 25 2.69 -3.92 -12.63
C LEU A 25 3.56 -4.89 -13.33
N PRO A 26 3.17 -5.32 -14.54
CA PRO A 26 1.88 -5.00 -15.16
C PRO A 26 0.68 -5.78 -14.54
N TRP A 27 -0.53 -5.25 -14.76
CA TRP A 27 -1.80 -5.85 -14.31
C TRP A 27 -2.82 -5.38 -15.33
N GLU A 28 -3.29 -6.31 -16.18
CA GLU A 28 -4.19 -6.00 -17.30
C GLU A 28 -5.34 -5.13 -16.82
N GLY A 29 -5.53 -3.93 -17.37
CA GLY A 29 -6.72 -3.16 -17.04
C GLY A 29 -6.60 -2.30 -15.80
N LEU A 30 -5.47 -2.44 -15.10
CA LEU A 30 -5.19 -1.62 -13.93
C LEU A 30 -4.34 -0.47 -14.34
N ASN A 31 -4.79 0.70 -13.97
CA ASN A 31 -3.79 1.71 -14.03
C ASN A 31 -3.86 2.82 -13.03
N THR A 32 -2.64 3.15 -12.74
CA THR A 32 -2.26 3.76 -11.51
C THR A 32 -1.31 4.88 -11.90
N PRO A 33 -1.21 5.87 -11.04
CA PRO A 33 -0.20 6.92 -11.28
C PRO A 33 1.10 6.57 -10.57
N PHE A 34 1.21 5.33 -10.06
CA PHE A 34 2.37 4.91 -9.27
C PHE A 34 2.73 3.48 -9.66
N GLY A 35 3.93 3.06 -9.28
CA GLY A 35 4.36 1.67 -9.36
C GLY A 35 4.49 1.15 -7.93
N GLY A 36 4.58 -0.18 -7.81
CA GLY A 36 4.63 -0.78 -6.49
C GLY A 36 5.35 -2.12 -6.54
N ALA A 37 5.77 -2.57 -5.36
CA ALA A 37 6.31 -3.93 -5.20
C ALA A 37 6.27 -4.34 -3.75
N TRP A 38 5.92 -5.61 -3.58
CA TRP A 38 6.10 -6.29 -2.27
C TRP A 38 7.52 -6.85 -2.26
N CYS A 39 8.28 -6.45 -1.24
CA CYS A 39 9.69 -6.80 -1.13
C CYS A 39 9.99 -7.55 0.16
N ILE A 40 10.90 -8.50 0.01
CA ILE A 40 11.40 -9.29 1.16
C ILE A 40 12.91 -9.23 1.13
N VAL A 41 13.46 -8.72 2.22
CA VAL A 41 14.90 -8.81 2.47
C VAL A 41 15.10 -10.02 3.40
N ARG A 42 15.78 -11.00 2.85
CA ARG A 42 15.93 -12.30 3.54
C ARG A 42 16.80 -12.16 4.77
N PRO A 43 16.65 -13.10 5.72
CA PRO A 43 17.44 -13.02 6.95
C PRO A 43 18.92 -12.86 6.71
N GLU A 44 19.54 -11.95 7.45
CA GLU A 44 21.00 -11.70 7.38
C GLU A 44 21.51 -11.35 6.01
N THR A 45 20.73 -10.51 5.34
CA THR A 45 21.10 -10.04 4.03
C THR A 45 20.73 -8.54 3.96
N LYS A 46 21.20 -7.89 2.91
CA LYS A 46 20.97 -6.48 2.67
C LYS A 46 20.61 -6.32 1.23
N SER A 47 19.85 -5.28 0.96
CA SER A 47 19.46 -4.99 -0.40
C SER A 47 20.40 -4.01 -1.12
N PHE A 48 20.14 -3.81 -2.42
CA PHE A 48 20.99 -3.02 -3.35
C PHE A 48 20.78 -1.52 -3.21
N ARG A 49 21.89 -0.83 -3.11
CA ARG A 49 21.87 0.56 -2.72
C ARG A 49 21.68 1.41 -3.96
N HIS A 50 20.67 2.30 -4.00
CA HIS A 50 20.67 3.25 -5.10
C HIS A 50 20.03 4.54 -4.74
N SER A 51 20.15 5.52 -5.64
CA SER A 51 19.41 6.77 -5.54
C SER A 51 18.86 7.26 -6.87
N HIS A 52 17.85 8.13 -6.89
CA HIS A 52 17.18 8.48 -8.17
C HIS A 52 15.97 9.41 -7.97
N ASN A 53 15.70 10.23 -8.99
CA ASN A 53 14.47 11.03 -9.17
C ASN A 53 13.14 10.60 -8.54
N GLU A 54 12.68 9.41 -8.94
CA GLU A 54 11.32 8.97 -8.66
C GLU A 54 11.08 9.13 -7.14
N TYR A 55 9.93 9.68 -6.74
CA TYR A 55 9.44 9.65 -5.34
C TYR A 55 9.21 8.22 -4.93
N GLU A 56 9.39 7.95 -3.64
CA GLU A 56 9.23 6.59 -3.12
C GLU A 56 8.86 6.63 -1.65
N LEU A 57 8.05 5.66 -1.26
N LEU A 57 7.99 5.68 -1.29
CA LEU A 57 7.75 5.46 0.13
CA LEU A 57 7.44 5.45 0.06
C LEU A 57 7.67 3.95 0.40
C LEU A 57 7.61 3.94 0.40
N PHE A 58 8.06 3.61 1.62
CA PHE A 58 8.04 2.24 2.09
C PHE A 58 6.96 2.13 3.17
N ILE A 59 6.17 1.07 3.05
CA ILE A 59 5.23 0.64 4.08
C ILE A 59 5.79 -0.68 4.68
N VAL A 60 6.21 -0.57 5.92
CA VAL A 60 6.85 -1.74 6.56
C VAL A 60 5.79 -2.70 7.07
N ILE A 61 5.92 -3.93 6.60
CA ILE A 61 4.89 -4.95 6.84
C ILE A 61 5.21 -5.94 7.94
N GLN A 62 6.43 -6.46 8.00
CA GLN A 62 6.72 -7.51 8.99
C GLN A 62 8.20 -7.55 9.18
N GLY A 63 8.59 -7.84 10.42
CA GLY A 63 9.99 -8.01 10.77
C GLY A 63 10.66 -6.74 11.21
N ASN A 64 11.98 -6.75 11.16
CA ASN A 64 12.79 -5.63 11.60
C ASN A 64 13.91 -5.44 10.66
N ALA A 65 14.29 -4.18 10.49
CA ALA A 65 15.38 -3.83 9.61
C ALA A 65 15.88 -2.47 9.97
N ILE A 66 17.01 -2.13 9.34
CA ILE A 66 17.60 -0.78 9.39
C ILE A 66 17.54 -0.23 7.99
N ILE A 67 16.84 0.90 7.80
CA ILE A 67 16.85 1.56 6.49
C ILE A 67 17.91 2.63 6.58
N ARG A 68 18.93 2.51 5.74
CA ARG A 68 20.00 3.50 5.71
C ARG A 68 19.76 4.44 4.55
N ILE A 69 19.58 5.70 4.91
N ILE A 69 19.61 5.71 4.91
CA ILE A 69 19.36 6.79 3.96
CA ILE A 69 19.36 6.78 3.96
C ILE A 69 20.50 7.81 4.10
C ILE A 69 20.48 7.82 4.08
N ASN A 70 21.27 7.94 3.02
CA ASN A 70 22.52 8.74 3.03
C ASN A 70 23.32 8.32 4.25
N ASP A 71 23.63 9.23 5.16
CA ASP A 71 24.51 8.77 6.24
C ASP A 71 23.73 8.47 7.54
N GLU A 72 22.46 8.13 7.41
N GLU A 72 22.44 8.15 7.41
CA GLU A 72 21.59 7.96 8.57
CA GLU A 72 21.52 8.02 8.55
C GLU A 72 20.81 6.65 8.59
C GLU A 72 20.78 6.67 8.60
N ASP A 73 20.75 6.03 9.76
CA ASP A 73 20.01 4.79 9.94
C ASP A 73 18.61 5.06 10.54
N PHE A 74 17.70 4.17 10.23
CA PHE A 74 16.31 4.27 10.69
C PHE A 74 15.91 2.84 11.00
N PRO A 75 16.00 2.43 12.29
CA PRO A 75 15.43 1.11 12.58
C PRO A 75 13.91 1.14 12.60
N VAL A 76 13.32 0.26 11.80
CA VAL A 76 11.89 0.23 11.52
C VAL A 76 11.33 -1.13 11.85
N THR A 77 10.01 -1.24 11.87
CA THR A 77 9.28 -2.46 12.15
C THR A 77 7.87 -2.26 11.67
N LYS A 78 6.97 -3.15 11.96
CA LYS A 78 5.68 -3.29 11.31
C LYS A 78 4.89 -2.06 11.59
N GLY A 79 4.32 -1.51 10.50
CA GLY A 79 3.50 -0.29 10.58
C GLY A 79 4.25 0.98 10.26
N ASP A 80 5.56 0.99 10.32
CA ASP A 80 6.30 2.21 10.06
C ASP A 80 6.25 2.55 8.58
N LEU A 81 6.26 3.86 8.34
N LEU A 81 6.26 3.85 8.33
CA LEU A 81 6.31 4.44 7.00
CA LEU A 81 6.31 4.41 6.99
C LEU A 81 7.54 5.28 6.90
C LEU A 81 7.56 5.25 6.84
N ILE A 82 8.22 5.20 5.77
N ILE A 82 8.22 5.09 5.70
CA ILE A 82 9.37 6.05 5.54
CA ILE A 82 9.43 5.81 5.34
C ILE A 82 9.38 6.53 4.10
C ILE A 82 9.21 6.53 4.03
N ILE A 83 9.60 7.84 3.98
N ILE A 83 9.58 7.81 4.00
CA ILE A 83 9.62 8.58 2.72
CA ILE A 83 9.66 8.56 2.75
C ILE A 83 11.06 8.68 2.28
C ILE A 83 11.11 8.58 2.33
N ILE A 84 11.38 8.12 1.11
CA ILE A 84 12.73 8.12 0.57
C ILE A 84 12.97 9.48 -0.13
N PRO A 85 13.78 10.36 0.51
CA PRO A 85 13.99 11.66 -0.14
C PRO A 85 14.61 11.55 -1.49
N LEU A 86 14.18 12.49 -2.34
CA LEU A 86 14.62 12.55 -3.73
C LEU A 86 16.11 12.49 -3.85
N ASP A 87 16.58 11.59 -4.70
CA ASP A 87 18.00 11.42 -5.01
C ASP A 87 18.84 10.72 -3.94
N SER A 88 18.26 10.45 -2.77
CA SER A 88 19.03 9.87 -1.65
C SER A 88 19.43 8.43 -1.96
N GLU A 89 20.62 8.04 -1.49
CA GLU A 89 21.37 6.76 -1.77
C GLU A 89 20.91 5.36 -1.33
N HIS A 90 19.73 5.28 -0.73
CA HIS A 90 19.13 4.17 0.09
C HIS A 90 19.37 2.67 -0.15
N HIS A 91 19.41 1.90 0.97
CA HIS A 91 19.17 0.44 1.00
C HIS A 91 18.61 -0.09 2.36
N VAL A 92 18.37 -1.40 2.44
N VAL A 92 18.35 -1.39 2.43
CA VAL A 92 17.69 -2.04 3.56
CA VAL A 92 17.71 -2.03 3.57
C VAL A 92 18.53 -3.18 4.16
C VAL A 92 18.60 -3.13 4.15
N ILE A 93 18.77 -3.12 5.47
CA ILE A 93 19.66 -4.05 6.17
C ILE A 93 18.84 -4.87 7.10
N ASN A 94 18.83 -6.19 6.87
CA ASN A 94 18.15 -7.10 7.77
C ASN A 94 19.15 -8.01 8.49
N ASN A 95 19.53 -7.60 9.69
CA ASN A 95 20.50 -8.39 10.47
C ASN A 95 19.83 -9.48 11.31
N ASN A 96 18.56 -9.74 11.09
N ASN A 96 18.54 -9.70 11.10
CA ASN A 96 17.76 -10.58 11.94
CA ASN A 96 17.74 -10.58 11.94
C ASN A 96 17.48 -11.93 11.27
C ASN A 96 17.51 -11.93 11.27
N GLN A 97 16.96 -12.88 12.02
CA GLN A 97 16.74 -14.23 11.49
C GLN A 97 15.35 -14.42 10.85
N GLU A 98 14.55 -13.37 10.87
CA GLU A 98 13.21 -13.40 10.23
C GLU A 98 13.20 -12.54 8.97
N ASP A 99 12.50 -13.01 7.94
CA ASP A 99 12.24 -12.19 6.73
C ASP A 99 11.78 -10.84 7.16
N PHE A 100 12.24 -9.84 6.37
CA PHE A 100 11.78 -8.47 6.50
C PHE A 100 10.94 -8.12 5.26
N HIS A 101 9.69 -7.78 5.52
CA HIS A 101 8.76 -7.47 4.42
C HIS A 101 8.40 -5.98 4.41
N PHE A 102 8.33 -5.38 3.20
CA PHE A 102 7.85 -4.02 3.05
C PHE A 102 7.27 -3.92 1.68
N TYR A 103 6.34 -2.97 1.56
CA TYR A 103 5.79 -2.55 0.27
C TYR A 103 6.40 -1.20 -0.13
N THR A 104 6.84 -1.14 -1.36
CA THR A 104 7.28 0.16 -1.86
C THR A 104 6.33 0.64 -2.96
N ILE A 105 6.03 1.94 -2.90
N ILE A 105 6.07 1.95 -2.90
CA ILE A 105 5.28 2.66 -3.90
CA ILE A 105 5.29 2.68 -3.89
C ILE A 105 6.17 3.79 -4.41
C ILE A 105 6.19 3.79 -4.41
N TRP A 106 6.28 3.92 -5.73
CA TRP A 106 7.11 4.96 -6.32
C TRP A 106 6.30 5.68 -7.42
N TRP A 107 6.64 6.96 -7.62
CA TRP A 107 5.88 7.81 -8.57
C TRP A 107 6.72 8.99 -8.97
N ASP A 108 6.34 9.59 -10.10
CA ASP A 108 6.95 10.84 -10.55
C ASP A 108 5.98 11.51 -11.49
N LYS A 109 6.47 12.59 -12.10
CA LYS A 109 5.72 13.30 -13.16
C LYS A 109 5.52 12.37 -14.36
N GLU A 110 6.53 11.61 -14.75
CA GLU A 110 6.34 10.71 -15.89
C GLU A 110 5.12 9.78 -15.64
N SER A 111 5.09 9.13 -14.47
CA SER A 111 4.06 8.14 -14.19
C SER A 111 2.65 8.69 -13.96
N THR A 112 2.54 9.85 -13.36
N THR A 112 2.55 9.83 -13.34
CA THR A 112 1.24 10.45 -13.10
CA THR A 112 1.27 10.47 -13.08
C THR A 112 0.59 10.95 -14.38
C THR A 112 0.59 10.97 -14.37
N LEU A 113 1.37 11.54 -15.27
CA LEU A 113 0.84 12.03 -16.51
C LEU A 113 0.47 10.85 -17.37
N ASN A 114 1.20 9.75 -17.24
CA ASN A 114 0.82 8.55 -17.99
C ASN A 114 -0.56 8.02 -17.55
N PHE A 115 -0.83 8.02 -16.24
CA PHE A 115 -2.15 7.65 -15.74
C PHE A 115 -3.26 8.51 -16.39
N LEU A 116 -3.05 9.82 -16.34
CA LEU A 116 -4.02 10.77 -16.90
C LEU A 116 -4.23 10.60 -18.42
N THR A 117 -3.14 10.37 -19.11
CA THR A 117 -3.20 10.14 -20.54
C THR A 117 -3.97 8.85 -20.89
N ARG A 118 -3.80 7.80 -20.08
CA ARG A 118 -4.52 6.54 -20.30
C ARG A 118 -6.01 6.62 -20.07
N LEU A 119 -6.42 7.31 -19.02
CA LEU A 119 -7.85 7.48 -18.78
C LEU A 119 -8.53 8.25 -19.90
N GLU A 120 -7.90 9.34 -20.32
CA GLU A 120 -8.48 10.17 -21.35
C GLU A 120 -8.53 9.38 -22.64
N GLN A 121 -7.53 8.52 -22.82
CA GLN A 121 -7.51 7.64 -23.97
C GLN A 121 -8.63 6.60 -23.81
N ASP A 122 -9.88 7.06 -23.76
CA ASP A 122 -11.04 6.16 -23.60
C ASP A 122 -12.32 6.74 -24.25
N MSE B 2 11.04 17.83 5.91
CA MSE B 2 10.05 16.76 5.89
C MSE B 2 10.09 16.03 7.27
O MSE B 2 10.81 16.43 8.17
CB MSE B 2 10.34 15.76 4.71
CG MSE B 2 9.68 16.01 3.25
SE MSE B 2 9.07 14.41 2.19
CE MSE B 2 10.50 13.27 2.84
HA MSE B 2 9.17 17.14 5.75
HB2 MSE B 2 11.30 15.77 4.57
HB3 MSE B 2 10.08 14.88 4.99
HG2 MSE B 2 8.94 16.61 3.36
HG3 MSE B 2 10.36 16.45 2.70
HE1 MSE B 2 10.79 12.68 2.12
HE2 MSE B 2 11.23 13.83 3.10
HE3 MSE B 2 10.20 12.75 3.60
N ASN B 3 9.26 15.02 7.46
CA ASN B 3 9.66 13.89 8.32
C ASN B 3 9.97 12.78 7.35
N ILE B 4 11.14 12.16 7.53
N ILE B 4 11.10 12.12 7.48
CA ILE B 4 11.52 10.99 6.73
CA ILE B 4 11.33 11.01 6.58
C ILE B 4 10.71 9.78 7.17
C ILE B 4 10.82 9.70 7.18
N ILE B 5 10.48 9.69 8.48
CA ILE B 5 9.95 8.47 9.12
C ILE B 5 8.73 8.78 9.96
N ARG B 6 7.71 7.93 9.86
CA ARG B 6 6.58 7.97 10.77
C ARG B 6 6.54 6.60 11.45
N LYS B 7 6.84 6.57 12.72
CA LYS B 7 6.76 5.33 13.50
C LYS B 7 5.30 5.09 13.79
N MSE B 8 4.84 3.87 13.53
CA MSE B 8 3.44 3.55 13.78
C MSE B 8 3.10 3.64 15.25
O MSE B 8 3.74 2.99 16.07
CB MSE B 8 3.08 2.13 13.30
CG MSE B 8 1.62 1.69 13.61
SE MSE B 8 0.21 2.82 12.78
CE MSE B 8 0.25 1.95 11.03
H MSE B 8 5.31 3.22 13.20
HA MSE B 8 2.88 4.18 13.30
HB2 MSE B 8 3.19 2.06 12.34
HB3 MSE B 8 3.67 1.51 13.73
HG2 MSE B 8 1.51 0.81 13.25
HG3 MSE B 8 1.50 1.68 14.57
HE1 MSE B 8 0.19 0.98 11.16
HE2 MSE B 8 -0.52 2.25 10.53
HE3 MSE B 8 1.06 2.18 10.56
N ASP B 9 2.04 4.36 15.57
CA ASP B 9 1.51 4.49 16.94
C ASP B 9 0.23 3.71 16.94
N TRP B 10 0.30 2.47 17.45
CA TRP B 10 -0.86 1.60 17.48
C TRP B 10 -1.88 2.07 18.50
N ASP B 11 -1.50 2.99 19.37
CA ASP B 11 -2.41 3.61 20.32
C ASP B 11 -3.17 4.81 19.75
N SER B 12 -2.88 5.18 18.51
CA SER B 12 -3.47 6.39 17.91
C SER B 12 -4.37 6.10 16.76
N MSE B 13 -4.79 4.87 16.53
CA MSE B 13 -5.69 4.57 15.40
C MSE B 13 -6.97 5.38 15.58
O MSE B 13 -7.35 5.80 16.67
CB MSE B 13 -6.04 3.09 15.33
CG MSE B 13 -4.86 2.09 15.49
SE MSE B 13 -3.33 2.39 14.33
CE MSE B 13 -3.89 1.44 12.73
H MSE B 13 -4.57 4.19 17.00
HA MSE B 13 -5.26 4.82 14.58
HB2 MSE B 13 -6.70 2.92 16.01
HB3 MSE B 13 -6.43 2.91 14.46
HG2 MSE B 13 -4.56 2.14 16.41
HG3 MSE B 13 -5.17 1.21 15.26
HE1 MSE B 13 -3.40 1.79 11.96
HE2 MSE B 13 -3.70 0.49 12.81
HE3 MSE B 13 -4.85 1.56 12.62
N VAL B 14 -7.62 5.65 14.45
CA VAL B 14 -8.89 6.35 14.40
C VAL B 14 -9.91 5.42 13.79
N HIS B 15 -11.02 5.25 14.50
CA HIS B 15 -12.09 4.38 14.05
C HIS B 15 -12.87 5.08 12.94
N GLU B 16 -13.01 4.40 11.83
N GLU B 16 -13.02 4.38 11.83
CA GLU B 16 -13.84 4.94 10.73
CA GLU B 16 -13.80 4.87 10.68
C GLU B 16 -14.09 3.78 9.80
C GLU B 16 -14.95 3.90 10.43
N TYR B 17 -15.23 3.81 9.12
N TYR B 17 -16.08 4.18 11.09
CA TYR B 17 -15.54 2.77 8.16
CA TYR B 17 -17.32 3.43 10.99
C TYR B 17 -15.60 1.39 8.88
C TYR B 17 -17.31 2.03 11.52
N ASP B 18 -16.03 1.42 10.14
N ASP B 18 -16.34 1.25 11.05
CA ASP B 18 -16.22 0.19 10.95
CA ASP B 18 -16.27 -0.16 11.30
C ASP B 18 -14.93 -0.63 11.20
C ASP B 18 -14.86 -0.77 11.19
N LEU B 19 -13.80 0.06 11.19
CA LEU B 19 -12.46 -0.50 11.34
C LEU B 19 -11.56 0.55 11.99
N ASP B 20 -10.36 0.17 12.38
CA ASP B 20 -9.46 1.07 13.07
C ASP B 20 -8.26 1.34 12.18
N GLY B 21 -8.06 2.63 11.83
CA GLY B 21 -7.13 3.01 10.77
C GLY B 21 -6.09 4.04 11.16
N SER B 22 -5.08 4.10 10.31
CA SER B 22 -4.02 5.12 10.39
C SER B 22 -3.79 5.69 8.98
N ARG B 23 -4.31 6.88 8.75
CA ARG B 23 -4.23 7.55 7.44
C ARG B 23 -2.81 8.04 7.15
N LEU B 24 -2.40 7.86 5.91
CA LEU B 24 -1.12 8.38 5.44
C LEU B 24 -1.02 9.91 5.53
N LEU B 25 -2.07 10.57 5.09
CA LEU B 25 -2.08 12.03 4.98
C LEU B 25 -2.84 12.48 6.20
N PRO B 26 -2.64 13.72 6.66
CA PRO B 26 -1.61 14.63 6.22
C PRO B 26 -0.21 14.15 6.55
N TRP B 27 0.76 14.65 5.81
CA TRP B 27 2.17 14.43 6.09
C TRP B 27 2.93 15.59 5.49
N GLU B 28 3.43 16.48 6.34
CA GLU B 28 4.08 17.69 5.85
C GLU B 28 5.26 17.39 4.93
N GLY B 29 5.27 18.04 3.77
CA GLY B 29 6.35 17.90 2.81
C GLY B 29 6.15 16.79 1.79
N LEU B 30 5.15 15.95 2.04
CA LEU B 30 4.87 14.75 1.25
C LEU B 30 3.81 15.05 0.21
N ASN B 31 4.28 15.02 -1.02
CA ASN B 31 3.46 15.23 -2.20
C ASN B 31 3.18 13.90 -2.88
N THR B 32 1.94 13.46 -2.77
CA THR B 32 1.55 12.22 -3.39
C THR B 32 0.33 12.35 -4.34
N PRO B 33 0.24 11.48 -5.35
CA PRO B 33 -0.96 11.52 -6.21
C PRO B 33 -2.06 10.56 -5.74
N PHE B 34 -1.87 10.00 -4.53
CA PHE B 34 -2.79 9.02 -3.94
C PHE B 34 -2.95 9.28 -2.45
N GLY B 35 -3.97 8.67 -1.87
CA GLY B 35 -4.15 8.60 -0.42
C GLY B 35 -3.89 7.18 0.05
N GLY B 36 -3.73 7.04 1.37
CA GLY B 36 -3.22 5.79 1.97
C GLY B 36 -3.85 5.64 3.33
N ALA B 37 -4.05 4.37 3.73
CA ALA B 37 -4.36 4.07 5.13
C ALA B 37 -4.01 2.64 5.48
N TRP B 38 -3.46 2.50 6.69
CA TRP B 38 -3.28 1.19 7.34
C TRP B 38 -4.53 0.90 8.12
N CYS B 39 -5.16 -0.19 7.78
CA CYS B 39 -6.46 -0.57 8.33
C CYS B 39 -6.44 -1.88 9.09
N ILE B 40 -7.19 -1.90 10.20
CA ILE B 40 -7.30 -3.11 11.02
C ILE B 40 -8.78 -3.40 11.19
N VAL B 41 -9.19 -4.58 10.72
CA VAL B 41 -10.54 -5.08 10.91
C VAL B 41 -10.41 -6.05 12.12
N ARG B 42 -11.08 -5.68 13.17
CA ARG B 42 -10.93 -6.43 14.43
C ARG B 42 -11.62 -7.79 14.33
N PRO B 43 -11.28 -8.71 15.26
CA PRO B 43 -11.86 -10.05 15.20
C PRO B 43 -13.36 -10.07 15.20
N GLU B 44 -13.90 -10.92 14.34
CA GLU B 44 -15.34 -11.17 14.26
C GLU B 44 -16.16 -9.92 14.04
N THR B 45 -15.64 -9.11 13.12
CA THR B 45 -16.29 -7.87 12.64
C THR B 45 -16.15 -7.80 11.14
N LYS B 46 -16.92 -6.87 10.58
N LYS B 46 -16.94 -6.89 10.56
CA LYS B 46 -16.79 -6.48 9.20
CA LYS B 46 -16.90 -6.61 9.14
C LYS B 46 -16.73 -4.96 9.09
C LYS B 46 -16.81 -5.12 8.93
N SER B 47 -16.08 -4.49 8.03
N SER B 47 -16.28 -4.78 7.77
CA SER B 47 -16.05 -3.04 7.75
CA SER B 47 -16.31 -3.44 7.20
C SER B 47 -17.34 -2.52 7.07
C SER B 47 -17.12 -3.51 5.91
N PHE B 48 -17.44 -1.21 6.90
N PHE B 48 -17.87 -2.46 5.65
CA PHE B 48 -18.59 -0.53 6.30
CA PHE B 48 -18.62 -2.32 4.41
C PHE B 48 -18.60 -0.65 4.78
C PHE B 48 -18.55 -0.89 3.97
N ARG B 49 -19.74 -0.91 4.17
N ARG B 49 -18.44 -0.71 2.66
CA ARG B 49 -19.75 -1.11 2.74
CA ARG B 49 -18.62 0.58 2.02
C ARG B 49 -19.91 0.23 2.06
C ARG B 49 -19.45 0.40 0.75
N HIS B 50 -18.84 0.76 1.48
N HIS B 50 -20.37 1.35 0.53
CA HIS B 50 -18.99 1.92 0.59
CA HIS B 50 -20.99 1.58 -0.77
C HIS B 50 -18.49 1.64 -0.81
C HIS B 50 -19.88 1.95 -1.75
N SER B 51 -18.41 2.69 -1.57
N SER B 51 -20.27 2.43 -2.91
CA SER B 51 -18.07 2.54 -2.95
CA SER B 51 -19.35 2.70 -4.00
C SER B 51 -17.73 3.93 -3.35
C SER B 51 -18.49 3.97 -3.80
N HIS B 52 -17.08 4.06 -4.49
N HIS B 52 -17.45 4.16 -4.63
CA HIS B 52 -16.83 5.34 -5.10
CA HIS B 52 -16.87 5.50 -4.86
C HIS B 52 -16.28 5.08 -6.48
C HIS B 52 -16.07 5.64 -6.17
N ASN B 53 -16.76 5.84 -7.43
N ASN B 53 -15.99 6.88 -6.64
CA ASN B 53 -16.09 5.88 -8.69
CA ASN B 53 -15.35 7.20 -7.92
C ASN B 53 -14.77 6.61 -8.43
C ASN B 53 -13.82 7.02 -7.87
N GLU B 54 -13.77 5.86 -7.99
N GLU B 54 -13.27 7.03 -6.66
CA GLU B 54 -12.48 6.40 -7.62
CA GLU B 54 -11.83 6.85 -6.51
C GLU B 54 -11.67 5.19 -7.28
C GLU B 54 -11.46 5.39 -6.81
N TYR B 55 -10.37 5.21 -7.56
CA TYR B 55 -9.68 3.95 -7.73
C TYR B 55 -9.13 3.57 -6.38
N GLU B 56 -9.05 2.27 -6.12
CA GLU B 56 -8.58 1.78 -4.81
C GLU B 56 -8.00 0.43 -4.99
N LEU B 57 -6.98 0.15 -4.17
CA LEU B 57 -6.49 -1.20 -4.05
C LEU B 57 -6.07 -1.50 -2.65
N PHE B 58 -6.15 -2.79 -2.31
CA PHE B 58 -5.79 -3.27 -1.00
C PHE B 58 -4.55 -4.15 -1.12
N ILE B 59 -3.65 -3.93 -0.17
CA ILE B 59 -2.45 -4.77 0.02
C ILE B 59 -2.67 -5.52 1.36
N VAL B 60 -2.81 -6.85 1.29
CA VAL B 60 -3.16 -7.61 2.50
C VAL B 60 -1.90 -7.95 3.32
N ILE B 61 -1.94 -7.50 4.55
CA ILE B 61 -0.74 -7.53 5.39
C ILE B 61 -0.70 -8.67 6.42
N GLN B 62 -1.77 -8.92 7.15
CA GLN B 62 -1.72 -9.93 8.19
C GLN B 62 -3.12 -10.42 8.44
N GLY B 63 -3.20 -11.72 8.73
CA GLY B 63 -4.46 -12.37 9.05
C GLY B 63 -5.19 -12.88 7.82
N ASN B 64 -6.48 -13.13 8.02
CA ASN B 64 -7.31 -13.71 6.98
C ASN B 64 -8.63 -12.97 6.96
N ALA B 65 -9.23 -12.82 5.78
CA ALA B 65 -10.52 -12.11 5.64
C ALA B 65 -11.14 -12.50 4.34
N ILE B 66 -12.47 -12.50 4.29
CA ILE B 66 -13.21 -12.67 3.04
C ILE B 66 -13.55 -11.26 2.59
N ILE B 67 -13.18 -10.89 1.36
CA ILE B 67 -13.46 -9.54 0.88
C ILE B 67 -14.56 -9.62 -0.17
N ARG B 68 -15.68 -8.97 0.10
CA ARG B 68 -16.84 -9.14 -0.77
C ARG B 68 -16.87 -7.90 -1.66
N ILE B 69 -16.87 -8.17 -2.96
CA ILE B 69 -16.89 -7.14 -4.00
C ILE B 69 -18.06 -7.54 -4.88
N ASN B 70 -19.13 -6.77 -4.69
N ASN B 70 -19.15 -6.80 -4.81
CA ASN B 70 -20.42 -7.04 -5.29
CA ASN B 70 -20.33 -7.08 -5.66
C ASN B 70 -20.90 -8.40 -4.78
C ASN B 70 -20.73 -8.56 -5.66
N ASP B 71 -21.02 -9.40 -5.65
N ASP B 71 -21.01 -9.08 -4.46
CA ASP B 71 -21.55 -10.70 -5.25
CA ASP B 71 -21.52 -10.44 -4.28
C ASP B 71 -20.51 -11.80 -5.10
C ASP B 71 -20.58 -11.56 -4.75
N GLU B 72 -19.22 -11.45 -5.26
N GLU B 72 -19.31 -11.22 -4.98
CA GLU B 72 -18.15 -12.44 -5.28
CA GLU B 72 -18.25 -12.21 -5.16
C GLU B 72 -17.25 -12.33 -4.04
C GLU B 72 -17.34 -12.20 -3.94
N ASP B 73 -17.47 -13.19 -3.08
CA ASP B 73 -16.57 -13.31 -1.94
C ASP B 73 -15.12 -13.44 -2.45
N PHE B 74 -14.20 -12.66 -1.89
CA PHE B 74 -12.77 -12.83 -2.20
C PHE B 74 -11.95 -13.11 -0.94
N PRO B 75 -11.70 -14.39 -0.66
CA PRO B 75 -10.87 -14.74 0.49
C PRO B 75 -9.39 -14.51 0.27
N VAL B 76 -8.80 -13.81 1.23
CA VAL B 76 -7.43 -13.35 1.08
C VAL B 76 -6.63 -13.64 2.35
N THR B 77 -5.35 -13.32 2.27
N THR B 77 -5.32 -13.48 2.20
CA THR B 77 -4.44 -13.39 3.37
CA THR B 77 -4.32 -13.68 3.22
C THR B 77 -3.18 -12.69 2.91
C THR B 77 -3.13 -12.80 2.85
N LYS B 78 -2.17 -12.68 3.76
CA LYS B 78 -0.95 -11.95 3.54
C LYS B 78 -0.33 -12.12 2.17
N GLY B 79 -0.07 -10.98 1.54
CA GLY B 79 0.54 -10.93 0.23
C GLY B 79 -0.45 -10.71 -0.89
N ASP B 80 -1.70 -11.02 -0.69
CA ASP B 80 -2.71 -10.81 -1.72
C ASP B 80 -2.96 -9.33 -1.99
N LEU B 81 -3.20 -9.03 -3.27
CA LEU B 81 -3.59 -7.69 -3.76
C LEU B 81 -4.98 -7.80 -4.33
N ILE B 82 -5.80 -6.81 -4.00
N ILE B 82 -5.78 -6.79 -4.06
CA ILE B 82 -7.16 -6.70 -4.52
CA ILE B 82 -7.10 -6.77 -4.66
C ILE B 82 -7.35 -5.32 -5.12
C ILE B 82 -7.47 -5.36 -5.06
N ILE B 83 -7.93 -5.29 -6.30
CA ILE B 83 -8.34 -4.02 -6.96
C ILE B 83 -9.84 -3.87 -6.73
N ILE B 84 -10.25 -2.65 -6.45
CA ILE B 84 -11.63 -2.36 -6.05
C ILE B 84 -12.20 -1.66 -7.33
N PRO B 85 -12.75 -2.44 -8.29
CA PRO B 85 -13.01 -1.80 -9.60
C PRO B 85 -13.95 -0.63 -9.42
N LEU B 86 -13.80 0.45 -10.20
CA LEU B 86 -14.60 1.67 -10.01
C LEU B 86 -16.08 1.33 -9.83
N ASP B 87 -16.68 1.91 -8.80
CA ASP B 87 -18.12 1.88 -8.57
C ASP B 87 -18.56 0.74 -7.69
N SER B 88 -17.68 -0.27 -7.70
CA SER B 88 -17.48 -1.33 -6.66
C SER B 88 -17.99 -1.03 -5.26
N GLU B 89 -19.01 -1.76 -4.86
N GLU B 89 -19.00 -1.78 -4.81
CA GLU B 89 -19.32 -1.90 -3.45
CA GLU B 89 -19.27 -1.85 -3.36
C GLU B 89 -18.27 -2.80 -2.79
C GLU B 89 -18.42 -3.00 -2.75
N HIS B 90 -17.52 -2.27 -1.82
N HIS B 90 -17.94 -2.85 -1.51
CA HIS B 90 -16.51 -3.05 -1.07
CA HIS B 90 -17.23 -3.98 -0.87
C HIS B 90 -16.72 -2.97 0.43
C HIS B 90 -17.47 -4.28 0.61
N HIS B 91 -16.45 -4.11 1.07
N HIS B 91 -17.13 -5.51 0.99
CA HIS B 91 -16.24 -4.23 2.51
CA HIS B 91 -17.13 -5.92 2.37
C HIS B 91 -15.44 -5.52 2.85
C HIS B 91 -15.77 -6.49 2.68
N VAL B 92 -14.88 -5.57 4.07
N VAL B 92 -15.31 -6.27 3.91
CA VAL B 92 -13.98 -6.63 4.57
CA VAL B 92 -14.11 -6.89 4.44
C VAL B 92 -14.61 -7.48 5.71
C VAL B 92 -14.55 -7.52 5.72
N ILE B 93 -14.57 -8.83 5.66
CA ILE B 93 -15.15 -9.66 6.71
C ILE B 93 -14.06 -10.46 7.38
N ASN B 94 -13.87 -10.23 8.69
CA ASN B 94 -12.91 -10.99 9.49
C ASN B 94 -13.64 -11.89 10.47
N ASN B 95 -13.70 -13.16 10.12
CA ASN B 95 -14.34 -14.19 10.94
C ASN B 95 -13.41 -14.83 11.93
N ASN B 96 -12.31 -14.18 12.26
CA ASN B 96 -11.16 -14.88 12.80
C ASN B 96 -10.81 -14.23 14.08
N GLN B 97 -10.01 -14.92 14.87
CA GLN B 97 -9.67 -14.53 16.23
C GLN B 97 -8.53 -13.61 16.35
N GLU B 98 -7.98 -13.26 15.19
CA GLU B 98 -6.89 -12.30 15.09
C GLU B 98 -7.23 -11.14 14.18
N ASP B 99 -6.65 -10.01 14.51
CA ASP B 99 -6.80 -8.84 13.68
C ASP B 99 -6.57 -9.23 12.25
N PHE B 100 -7.17 -8.43 11.40
CA PHE B 100 -6.90 -8.47 9.95
C PHE B 100 -6.36 -7.11 9.55
N HIS B 101 -5.13 -7.10 9.04
CA HIS B 101 -4.48 -5.85 8.63
C HIS B 101 -4.35 -5.77 7.11
N PHE B 102 -4.63 -4.57 6.57
CA PHE B 102 -4.38 -4.30 5.14
C PHE B 102 -4.02 -2.85 4.99
N TYR B 103 -3.45 -2.55 3.83
CA TYR B 103 -3.17 -1.15 3.47
C TYR B 103 -4.02 -0.85 2.25
N THR B 104 -4.70 0.29 2.29
CA THR B 104 -5.47 0.76 1.13
C THR B 104 -4.78 1.99 0.57
N ILE B 105 -4.72 2.00 -0.77
N ILE B 105 -4.70 1.99 -0.77
CA ILE B 105 -4.25 3.13 -1.57
CA ILE B 105 -4.23 3.12 -1.58
C ILE B 105 -5.38 3.49 -2.52
C ILE B 105 -5.38 3.49 -2.52
N TRP B 106 -5.73 4.77 -2.58
CA TRP B 106 -6.80 5.21 -3.46
C TRP B 106 -6.33 6.48 -4.20
N TRP B 107 -6.93 6.69 -5.39
CA TRP B 107 -6.46 7.74 -6.30
C TRP B 107 -7.56 8.03 -7.30
N ASP B 108 -7.48 9.22 -7.91
CA ASP B 108 -8.38 9.58 -8.99
C ASP B 108 -7.75 10.74 -9.71
N LYS B 109 -8.56 11.36 -10.57
CA LYS B 109 -8.10 12.52 -11.34
C LYS B 109 -7.83 13.70 -10.42
N GLU B 110 -8.68 13.94 -9.43
CA GLU B 110 -8.43 15.12 -8.60
C GLU B 110 -7.14 14.98 -7.80
N SER B 111 -6.81 13.75 -7.39
CA SER B 111 -5.60 13.54 -6.55
C SER B 111 -4.31 13.62 -7.37
N THR B 112 -4.37 13.10 -8.58
N THR B 112 -4.36 13.11 -8.59
CA THR B 112 -3.21 13.09 -9.48
CA THR B 112 -3.19 13.09 -9.46
C THR B 112 -2.87 14.50 -9.98
C THR B 112 -2.86 14.51 -9.98
N LEU B 113 -3.90 15.25 -10.36
CA LEU B 113 -3.67 16.60 -10.83
C LEU B 113 -3.21 17.49 -9.69
N ASN B 114 -3.66 17.20 -8.48
CA ASN B 114 -3.27 18.04 -7.38
C ASN B 114 -1.79 17.82 -7.09
N PHE B 115 -1.35 16.55 -7.19
CA PHE B 115 0.07 16.27 -7.09
C PHE B 115 0.89 17.13 -8.09
N LEU B 116 0.46 17.09 -9.35
CA LEU B 116 1.21 17.84 -10.38
C LEU B 116 1.15 19.37 -10.22
N THR B 117 0.02 19.82 -9.73
CA THR B 117 -0.22 21.22 -9.44
C THR B 117 0.72 21.69 -8.31
N ARG B 118 0.86 20.86 -7.28
CA ARG B 118 1.63 21.19 -6.07
C ARG B 118 3.11 21.50 -6.28
N LEU B 119 3.82 20.72 -7.09
CA LEU B 119 5.17 21.14 -7.50
C LEU B 119 5.23 22.57 -8.02
N GLU B 120 4.51 22.82 -9.10
CA GLU B 120 4.63 24.07 -9.83
C GLU B 120 4.60 25.28 -8.91
N GLN B 121 3.79 25.19 -7.86
CA GLN B 121 3.52 26.33 -6.97
C GLN B 121 4.73 26.72 -6.10
NI NI C . 14.43 3.17 -4.47
NA NA D . 7.84 -16.15 7.93
NI NI E . -13.15 2.63 -0.46
N MSE A 2 -10.88 -6.04 -15.99
CA MSE A 2 -10.42 -6.20 -14.62
C MSE A 2 -10.60 -7.65 -14.12
O MSE A 2 -11.69 -8.24 -14.20
CB MSE A 2 -11.04 -5.14 -13.68
CG MSE A 2 -10.69 -3.69 -14.02
SE MSE A 2 -9.34 -2.84 -12.88
CE MSE A 2 -8.02 -4.20 -13.21
HA MSE A 2 -9.47 -6.03 -14.65
HB2 MSE A 2 -11.99 -5.24 -13.73
HB3 MSE A 2 -10.72 -5.30 -12.79
HG2 MSE A 2 -10.37 -3.66 -14.93
HG3 MSE A 2 -11.48 -3.13 -13.96
HE1 MSE A 2 -7.65 -4.08 -14.10
HE2 MSE A 2 -7.32 -4.13 -12.54
HE3 MSE A 2 -8.43 -5.06 -13.15
N ASN A 3 -9.45 -8.18 -13.77
CA ASN A 3 -9.18 -9.44 -13.13
C ASN A 3 -8.64 -8.90 -11.74
N ILE A 4 -9.45 -9.04 -10.69
N ILE A 4 -9.43 -9.09 -10.69
CA ILE A 4 -9.41 -8.22 -9.46
CA ILE A 4 -9.49 -8.24 -9.49
C ILE A 4 -8.44 -8.65 -8.37
C ILE A 4 -8.58 -8.65 -8.31
N ILE A 5 -8.42 -9.95 -8.12
CA ILE A 5 -7.53 -10.48 -7.11
C ILE A 5 -6.26 -10.88 -7.80
N ARG A 6 -5.15 -10.74 -7.09
N ARG A 6 -5.15 -10.72 -7.09
CA ARG A 6 -3.92 -11.43 -7.41
CA ARG A 6 -3.93 -11.43 -7.40
C ARG A 6 -3.38 -12.13 -6.17
C ARG A 6 -3.46 -12.13 -6.13
N LYS A 7 -3.41 -13.45 -6.16
CA LYS A 7 -3.03 -14.24 -5.03
C LYS A 7 -1.52 -14.23 -4.98
N MSE A 8 -0.96 -13.99 -3.79
CA MSE A 8 0.48 -14.02 -3.74
C MSE A 8 0.96 -15.45 -3.87
O MSE A 8 0.52 -16.33 -3.12
CB MSE A 8 1.01 -13.41 -2.46
CG MSE A 8 2.52 -13.51 -2.30
SE MSE A 8 3.58 -12.39 -3.54
CE MSE A 8 3.40 -10.79 -2.39
HA MSE A 8 0.85 -13.51 -4.48
HB2 MSE A 8 0.82 -12.45 -2.49
HB3 MSE A 8 0.58 -13.81 -1.70
HG2 MSE A 8 2.72 -13.21 -1.40
HG3 MSE A 8 2.78 -14.44 -2.43
HE1 MSE A 8 4.27 -10.50 -2.09
HE2 MSE A 8 2.95 -10.09 -2.90
HE3 MSE A 8 2.87 -11.01 -1.61
N ASP A 9 1.85 -15.66 -4.84
CA ASP A 9 2.62 -16.93 -4.90
C ASP A 9 4.04 -16.52 -4.53
N TRP A 10 4.54 -16.90 -3.35
CA TRP A 10 5.86 -16.41 -2.96
C TRP A 10 7.03 -16.90 -3.87
N ASP A 11 6.84 -18.05 -4.49
CA ASP A 11 7.86 -18.67 -5.33
C ASP A 11 8.10 -17.96 -6.67
N SER A 12 7.15 -17.12 -7.04
CA SER A 12 7.27 -16.42 -8.33
C SER A 12 7.99 -15.07 -8.17
N MSE A 13 8.37 -14.69 -6.99
CA MSE A 13 9.06 -13.41 -6.77
C MSE A 13 10.34 -13.42 -7.61
O MSE A 13 10.97 -14.43 -7.85
CB MSE A 13 9.36 -13.21 -5.27
CG MSE A 13 8.08 -12.87 -4.43
SE MSE A 13 8.59 -12.66 -2.60
CE MSE A 13 8.34 -10.79 -2.57
H MSE A 13 8.23 -15.11 -6.27
HA MSE A 13 8.48 -12.70 -7.05
HB2 MSE A 13 9.69 -14.07 -4.95
HB3 MSE A 13 10.04 -12.55 -5.13
HG2 MSE A 13 7.70 -12.04 -4.74
HG3 MSE A 13 7.41 -13.57 -4.48
HE1 MSE A 13 7.60 -10.57 -3.16
HE2 MSE A 13 8.13 -10.51 -1.67
HE3 MSE A 13 9.14 -10.35 -2.88
N VAL A 14 10.66 -12.23 -8.12
CA VAL A 14 11.83 -11.99 -8.96
C VAL A 14 12.87 -11.35 -8.06
N HIS A 15 14.07 -11.93 -8.05
CA HIS A 15 15.17 -11.39 -7.29
C HIS A 15 15.75 -10.24 -8.08
N GLU A 16 15.75 -9.09 -7.42
CA GLU A 16 16.10 -7.80 -8.02
C GLU A 16 16.52 -6.92 -6.86
N TYR A 17 17.48 -6.01 -7.05
CA TYR A 17 17.82 -5.09 -5.97
C TYR A 17 18.33 -5.85 -4.71
N ASP A 18 18.84 -7.06 -4.95
CA ASP A 18 19.32 -7.99 -3.92
C ASP A 18 18.25 -8.35 -2.89
N LEU A 19 17.01 -8.32 -3.32
CA LEU A 19 15.90 -8.73 -2.52
C LEU A 19 14.94 -9.47 -3.41
N ASP A 20 13.91 -10.04 -2.82
CA ASP A 20 12.91 -10.75 -3.55
C ASP A 20 11.70 -9.87 -3.64
N GLY A 21 11.19 -9.67 -4.87
CA GLY A 21 10.08 -8.75 -5.08
C GLY A 21 8.96 -9.35 -5.90
N SER A 22 7.79 -8.78 -5.67
CA SER A 22 6.56 -9.04 -6.45
C SER A 22 6.04 -7.68 -6.89
N ARG A 23 6.35 -7.35 -8.15
CA ARG A 23 5.92 -6.04 -8.72
C ARG A 23 4.42 -6.00 -8.96
N LEU A 24 3.80 -4.86 -8.62
CA LEU A 24 2.37 -4.58 -8.93
C LEU A 24 2.05 -4.69 -10.42
N LEU A 25 2.87 -4.03 -11.21
CA LEU A 25 2.63 -3.93 -12.66
C LEU A 25 3.60 -4.84 -13.34
N PRO A 26 3.22 -5.44 -14.50
CA PRO A 26 1.97 -5.34 -15.26
C PRO A 26 0.74 -5.89 -14.51
N TRP A 27 -0.40 -5.27 -14.72
CA TRP A 27 -1.67 -5.77 -14.24
C TRP A 27 -2.70 -5.28 -15.22
N GLU A 28 -3.17 -6.22 -16.03
CA GLU A 28 -4.05 -5.92 -17.12
C GLU A 28 -5.32 -5.20 -16.62
N GLY A 29 -5.64 -4.07 -17.25
CA GLY A 29 -6.84 -3.34 -16.90
C GLY A 29 -6.64 -2.37 -15.75
N LEU A 30 -5.47 -2.44 -15.09
CA LEU A 30 -5.18 -1.60 -13.92
C LEU A 30 -4.37 -0.35 -14.29
N ASN A 31 -4.97 0.80 -14.02
CA ASN A 31 -4.36 2.10 -14.36
C ASN A 31 -4.07 2.89 -13.08
N THR A 32 -2.79 3.07 -12.83
CA THR A 32 -2.27 3.70 -11.61
C THR A 32 -1.29 4.83 -11.98
N PRO A 33 -1.18 5.84 -11.11
CA PRO A 33 -0.17 6.88 -11.31
C PRO A 33 1.13 6.57 -10.58
N PHE A 34 1.25 5.32 -10.08
CA PHE A 34 2.42 4.89 -9.28
C PHE A 34 2.76 3.47 -9.68
N GLY A 35 3.96 3.05 -9.32
CA GLY A 35 4.37 1.65 -9.36
C GLY A 35 4.45 1.12 -7.94
N GLY A 36 4.44 -0.20 -7.81
CA GLY A 36 4.44 -0.86 -6.51
C GLY A 36 5.27 -2.14 -6.54
N ALA A 37 5.74 -2.56 -5.36
CA ALA A 37 6.32 -3.92 -5.19
C ALA A 37 6.28 -4.33 -3.74
N TRP A 38 5.93 -5.62 -3.58
CA TRP A 38 6.11 -6.29 -2.25
C TRP A 38 7.51 -6.85 -2.24
N CYS A 39 8.29 -6.45 -1.24
CA CYS A 39 9.68 -6.86 -1.17
C CYS A 39 9.99 -7.57 0.14
N ILE A 40 10.92 -8.51 0.01
CA ILE A 40 11.41 -9.28 1.16
C ILE A 40 12.91 -9.23 1.13
N VAL A 41 13.46 -8.73 2.23
CA VAL A 41 14.90 -8.80 2.48
C VAL A 41 15.09 -10.02 3.39
N ARG A 42 15.78 -11.00 2.85
CA ARG A 42 15.92 -12.29 3.54
C ARG A 42 16.80 -12.15 4.77
N PRO A 43 16.65 -13.10 5.72
CA PRO A 43 17.41 -13.02 6.97
C PRO A 43 18.89 -12.86 6.72
N GLU A 44 19.49 -11.94 7.48
CA GLU A 44 20.95 -11.70 7.43
C GLU A 44 21.46 -11.34 6.07
N THR A 45 20.69 -10.49 5.39
CA THR A 45 21.14 -9.93 4.12
C THR A 45 20.80 -8.43 3.98
N LYS A 46 21.26 -7.83 2.88
CA LYS A 46 21.06 -6.39 2.54
C LYS A 46 20.61 -6.15 1.11
N SER A 47 19.87 -5.03 0.92
CA SER A 47 19.35 -4.49 -0.38
C SER A 47 20.25 -3.63 -1.32
N PHE A 48 20.29 -3.95 -2.60
CA PHE A 48 21.09 -3.10 -3.50
C PHE A 48 20.80 -1.58 -3.30
N ARG A 49 21.86 -0.74 -3.29
CA ARG A 49 21.83 0.63 -2.64
C ARG A 49 21.85 1.77 -3.64
N HIS A 50 20.65 2.19 -4.02
CA HIS A 50 20.49 2.75 -5.32
C HIS A 50 19.89 4.07 -5.02
N SER A 51 19.17 4.61 -5.99
CA SER A 51 18.63 5.91 -5.82
C SER A 51 17.92 6.07 -7.12
N HIS A 52 17.13 7.13 -7.21
CA HIS A 52 16.50 7.49 -8.46
C HIS A 52 15.86 8.85 -8.33
N ASN A 53 15.50 9.34 -9.50
CA ASN A 53 14.90 10.66 -9.69
C ASN A 53 13.40 10.66 -9.29
N GLU A 54 12.91 9.54 -8.81
CA GLU A 54 11.49 9.40 -8.47
C GLU A 54 11.22 9.44 -6.96
N TYR A 55 9.97 9.75 -6.61
CA TYR A 55 9.43 9.68 -5.24
C TYR A 55 9.19 8.23 -4.91
N GLU A 56 9.39 7.92 -3.63
CA GLU A 56 9.22 6.56 -3.11
C GLU A 56 8.86 6.62 -1.65
N LEU A 57 8.02 5.68 -1.27
N LEU A 57 8.00 5.65 -1.29
CA LEU A 57 7.82 5.42 0.12
CA LEU A 57 7.44 5.42 0.06
C LEU A 57 7.66 3.94 0.40
C LEU A 57 7.61 3.93 0.39
N PHE A 58 8.09 3.59 1.60
CA PHE A 58 8.06 2.22 2.06
C PHE A 58 6.99 2.12 3.16
N ILE A 59 6.19 1.08 3.05
CA ILE A 59 5.27 0.67 4.12
C ILE A 59 5.80 -0.66 4.69
N VAL A 60 6.21 -0.56 5.95
CA VAL A 60 6.86 -1.73 6.60
C VAL A 60 5.77 -2.70 7.07
N ILE A 61 5.92 -3.93 6.59
CA ILE A 61 4.88 -4.96 6.78
C ILE A 61 5.19 -5.97 7.90
N GLN A 62 6.40 -6.50 7.96
CA GLN A 62 6.69 -7.56 8.94
C GLN A 62 8.18 -7.60 9.14
N GLY A 63 8.60 -7.87 10.39
CA GLY A 63 10.01 -8.07 10.68
C GLY A 63 10.68 -6.78 11.07
N ASN A 64 12.01 -6.79 11.14
CA ASN A 64 12.77 -5.64 11.62
C ASN A 64 13.96 -5.41 10.67
N ALA A 65 14.30 -4.16 10.44
CA ALA A 65 15.41 -3.84 9.54
C ALA A 65 15.88 -2.45 9.81
N ILE A 66 17.06 -2.14 9.30
CA ILE A 66 17.58 -0.77 9.33
C ILE A 66 17.47 -0.22 7.95
N ILE A 67 16.73 0.88 7.79
CA ILE A 67 16.71 1.58 6.51
C ILE A 67 17.84 2.60 6.57
N ARG A 68 18.80 2.44 5.66
CA ARG A 68 19.94 3.33 5.56
C ARG A 68 19.61 4.31 4.47
N ILE A 69 19.58 5.59 4.83
N ILE A 69 19.56 5.59 4.85
CA ILE A 69 19.26 6.67 3.91
CA ILE A 69 19.26 6.68 3.93
C ILE A 69 20.36 7.73 4.05
C ILE A 69 20.37 7.72 4.06
N ASN A 70 21.21 7.81 3.03
CA ASN A 70 22.39 8.68 3.05
C ASN A 70 23.25 8.28 4.24
N ASP A 71 23.73 9.19 5.08
CA ASP A 71 24.59 8.65 6.18
C ASP A 71 23.81 8.17 7.41
N GLU A 72 22.56 7.76 7.24
N GLU A 72 22.55 7.79 7.25
CA GLU A 72 21.64 7.71 8.37
CA GLU A 72 21.64 7.72 8.39
C GLU A 72 20.80 6.43 8.45
C GLU A 72 20.81 6.44 8.45
N ASP A 73 20.87 5.84 9.64
CA ASP A 73 20.24 4.58 9.99
C ASP A 73 18.89 4.88 10.66
N PHE A 74 17.79 4.34 10.12
CA PHE A 74 16.45 4.44 10.72
C PHE A 74 15.93 3.01 10.93
N PRO A 75 15.88 2.54 12.18
CA PRO A 75 15.29 1.22 12.39
C PRO A 75 13.80 1.23 12.09
N VAL A 76 13.30 0.09 11.66
CA VAL A 76 11.89 0.01 11.33
C VAL A 76 11.33 -1.37 11.56
N THR A 77 10.02 -1.39 11.74
CA THR A 77 9.30 -2.66 11.74
C THR A 77 7.84 -2.38 11.44
N LYS A 78 7.01 -3.39 11.56
CA LYS A 78 5.59 -3.35 11.22
C LYS A 78 4.91 -2.06 11.57
N GLY A 79 4.33 -1.50 10.50
CA GLY A 79 3.50 -0.29 10.57
C GLY A 79 4.25 0.98 10.27
N ASP A 80 5.57 0.99 10.33
CA ASP A 80 6.32 2.19 10.07
C ASP A 80 6.26 2.54 8.59
N LEU A 81 6.27 3.85 8.35
N LEU A 81 6.24 3.86 8.35
CA LEU A 81 6.30 4.46 7.02
CA LEU A 81 6.30 4.44 7.02
C LEU A 81 7.54 5.29 6.91
C LEU A 81 7.57 5.26 6.86
N ILE A 82 8.20 5.19 5.77
N ILE A 82 8.20 5.11 5.71
CA ILE A 82 9.38 5.98 5.52
CA ILE A 82 9.45 5.77 5.36
C ILE A 82 9.38 6.47 4.09
C ILE A 82 9.24 6.47 4.02
N ILE A 83 9.56 7.77 3.97
N ILE A 83 9.58 7.75 3.97
CA ILE A 83 9.52 8.45 2.68
CA ILE A 83 9.54 8.51 2.71
C ILE A 83 10.96 8.69 2.27
C ILE A 83 10.98 8.67 2.29
N ILE A 84 11.37 8.09 1.15
CA ILE A 84 12.74 8.21 0.65
C ILE A 84 12.96 9.54 -0.06
N PRO A 85 13.81 10.40 0.51
CA PRO A 85 14.07 11.69 -0.14
C PRO A 85 14.65 11.52 -1.52
N LEU A 86 14.33 12.53 -2.34
CA LEU A 86 14.74 12.56 -3.75
C LEU A 86 16.24 12.43 -3.91
N ASP A 87 16.61 11.51 -4.80
CA ASP A 87 17.99 11.25 -5.13
C ASP A 87 18.82 10.71 -3.93
N SER A 88 18.20 10.51 -2.78
CA SER A 88 18.96 9.98 -1.65
C SER A 88 19.28 8.53 -1.94
N GLU A 89 20.52 8.16 -1.59
CA GLU A 89 21.00 6.78 -1.62
C GLU A 89 20.39 5.98 -0.47
N HIS A 90 19.77 4.87 -0.81
CA HIS A 90 19.06 4.10 0.19
C HIS A 90 19.26 2.63 0.01
N HIS A 91 19.38 1.95 1.16
CA HIS A 91 19.10 0.51 1.28
C HIS A 91 18.76 -0.09 2.72
N VAL A 92 18.39 -1.37 2.66
N VAL A 92 18.29 -1.33 2.62
CA VAL A 92 17.69 -2.05 3.72
CA VAL A 92 17.68 -2.04 3.72
C VAL A 92 18.54 -3.15 4.29
C VAL A 92 18.65 -3.06 4.28
N ILE A 93 18.74 -3.13 5.59
CA ILE A 93 19.67 -4.04 6.27
C ILE A 93 18.88 -4.83 7.22
N ASN A 94 18.78 -6.14 6.92
CA ASN A 94 18.12 -7.09 7.80
C ASN A 94 19.14 -7.99 8.49
N ASN A 95 19.52 -7.59 9.70
CA ASN A 95 20.53 -8.36 10.44
C ASN A 95 19.90 -9.52 11.22
N ASN A 96 18.63 -9.77 11.03
N ASN A 96 18.62 -9.77 11.01
CA ASN A 96 17.87 -10.65 11.89
CA ASN A 96 17.84 -10.64 11.88
C ASN A 96 17.49 -12.00 11.29
C ASN A 96 17.49 -12.00 11.29
N GLN A 97 16.88 -12.82 12.15
CA GLN A 97 16.49 -14.20 11.88
C GLN A 97 15.41 -14.39 10.88
N GLU A 98 14.58 -13.40 10.76
CA GLU A 98 13.28 -13.53 10.11
C GLU A 98 13.19 -12.57 8.94
N ASP A 99 12.48 -13.01 7.92
CA ASP A 99 12.24 -12.18 6.71
C ASP A 99 11.77 -10.83 7.14
N PHE A 100 12.25 -9.85 6.38
CA PHE A 100 11.78 -8.46 6.50
C PHE A 100 10.95 -8.11 5.25
N HIS A 101 9.69 -7.78 5.51
CA HIS A 101 8.75 -7.46 4.40
C HIS A 101 8.40 -5.98 4.43
N PHE A 102 8.33 -5.40 3.21
CA PHE A 102 7.84 -4.03 3.06
C PHE A 102 7.24 -3.93 1.68
N TYR A 103 6.34 -2.95 1.55
CA TYR A 103 5.77 -2.58 0.23
C TYR A 103 6.29 -1.22 -0.15
N THR A 104 6.87 -1.15 -1.34
CA THR A 104 7.30 0.16 -1.86
C THR A 104 6.33 0.64 -2.95
N ILE A 105 6.02 1.93 -2.86
N ILE A 105 6.09 1.94 -2.90
CA ILE A 105 5.27 2.66 -3.88
CA ILE A 105 5.29 2.67 -3.88
C ILE A 105 6.18 3.78 -4.39
C ILE A 105 6.19 3.77 -4.41
N TRP A 106 6.28 3.92 -5.73
CA TRP A 106 7.11 4.96 -6.32
C TRP A 106 6.31 5.68 -7.43
N TRP A 107 6.65 6.95 -7.65
CA TRP A 107 5.90 7.80 -8.58
C TRP A 107 6.75 8.99 -8.98
N ASP A 108 6.36 9.59 -10.11
CA ASP A 108 6.97 10.85 -10.57
C ASP A 108 5.98 11.51 -11.48
N LYS A 109 6.45 12.60 -12.08
CA LYS A 109 5.63 13.30 -13.11
C LYS A 109 5.39 12.40 -14.30
N GLU A 110 6.37 11.64 -14.73
CA GLU A 110 6.17 10.74 -15.85
C GLU A 110 5.00 9.74 -15.59
N SER A 111 4.88 9.25 -14.36
CA SER A 111 3.85 8.25 -14.07
C SER A 111 2.43 8.82 -13.80
N THR A 112 2.40 9.97 -13.16
N THR A 112 2.39 9.97 -13.16
CA THR A 112 1.14 10.66 -12.88
CA THR A 112 1.13 10.64 -12.90
C THR A 112 0.48 11.12 -14.19
C THR A 112 0.48 11.10 -14.21
N LEU A 113 1.28 11.76 -15.01
CA LEU A 113 0.87 12.14 -16.36
C LEU A 113 0.42 10.95 -17.18
N ASN A 114 1.17 9.84 -17.13
CA ASN A 114 0.77 8.69 -17.93
C ASN A 114 -0.58 8.08 -17.46
N PHE A 115 -0.82 8.10 -16.16
CA PHE A 115 -2.14 7.70 -15.70
C PHE A 115 -3.25 8.53 -16.38
N LEU A 116 -3.04 9.84 -16.37
CA LEU A 116 -4.03 10.75 -16.93
C LEU A 116 -4.22 10.57 -18.45
N THR A 117 -3.13 10.29 -19.16
CA THR A 117 -3.23 9.99 -20.60
C THR A 117 -4.10 8.79 -20.90
N ARG A 118 -3.92 7.70 -20.13
CA ARG A 118 -4.64 6.47 -20.41
C ARG A 118 -6.12 6.55 -20.00
N LEU A 119 -6.41 7.26 -18.92
CA LEU A 119 -7.80 7.48 -18.56
C LEU A 119 -8.43 8.14 -19.76
N GLU A 120 -7.82 9.25 -20.16
CA GLU A 120 -8.36 10.11 -21.18
C GLU A 120 -8.73 9.38 -22.47
N GLN A 121 -7.96 8.36 -22.85
CA GLN A 121 -8.19 7.69 -24.14
C GLN A 121 -9.35 6.67 -24.09
N ASP A 122 -10.32 6.90 -23.22
CA ASP A 122 -11.52 6.05 -23.11
C ASP A 122 -12.76 6.82 -23.54
N MSE B 2 11.85 17.26 7.01
CA MSE B 2 11.50 15.81 7.05
C MSE B 2 11.88 15.14 8.37
O MSE B 2 13.06 14.83 8.61
CB MSE B 2 12.23 15.08 5.94
CG MSE B 2 11.47 14.07 5.15
SE MSE B 2 12.49 12.53 4.54
CE MSE B 2 11.73 12.42 2.74
HA MSE B 2 10.55 15.70 6.90
HB2 MSE B 2 12.54 15.76 5.30
HB3 MSE B 2 13.00 14.63 6.29
HG2 MSE B 2 10.70 13.77 5.65
HG3 MSE B 2 11.17 14.53 4.34
HE1 MSE B 2 12.12 11.70 2.24
HE2 MSE B 2 10.77 12.31 2.81
HE3 MSE B 2 11.91 13.27 2.28
N ASN B 3 10.87 14.89 9.21
CA ASN B 3 11.00 13.83 10.20
C ASN B 3 11.40 12.48 9.50
N ILE B 4 11.05 12.35 8.19
N ILE B 4 11.07 12.36 8.19
CA ILE B 4 11.48 11.22 7.32
CA ILE B 4 11.44 11.22 7.29
C ILE B 4 10.68 9.94 7.51
C ILE B 4 10.66 9.94 7.50
N ILE B 5 10.37 9.66 8.76
CA ILE B 5 9.85 8.38 9.15
C ILE B 5 8.65 8.75 9.94
N ARG B 6 7.65 7.92 9.87
CA ARG B 6 6.57 7.97 10.82
C ARG B 6 6.47 6.60 11.44
N LYS B 7 6.79 6.53 12.71
CA LYS B 7 6.61 5.27 13.40
C LYS B 7 5.18 5.03 13.65
N MSE B 8 4.78 3.80 13.43
CA MSE B 8 3.42 3.46 13.71
C MSE B 8 3.12 3.61 15.21
O MSE B 8 3.83 3.04 16.05
CB MSE B 8 3.09 2.02 13.26
CG MSE B 8 1.86 1.51 13.92
SE MSE B 8 0.24 2.39 13.36
CE MSE B 8 0.36 1.86 11.56
H MSE B 8 5.27 3.18 13.11
HA MSE B 8 2.82 4.04 13.23
HB2 MSE B 8 2.95 2.02 12.31
HB3 MSE B 8 3.84 1.46 13.47
HG2 MSE B 8 1.78 0.58 13.67
HG3 MSE B 8 1.94 1.57 14.89
HE1 MSE B 8 -0.22 1.09 11.43
HE2 MSE B 8 0.08 2.59 10.98
HE3 MSE B 8 1.27 1.61 11.35
N ASP B 9 2.05 4.30 15.53
CA ASP B 9 1.56 4.41 16.91
C ASP B 9 0.24 3.67 16.92
N TRP B 10 0.30 2.44 17.41
CA TRP B 10 -0.84 1.56 17.46
C TRP B 10 -1.87 2.04 18.47
N ASP B 11 -1.49 2.96 19.36
CA ASP B 11 -2.40 3.57 20.30
C ASP B 11 -3.13 4.71 19.69
N SER B 12 -2.81 5.06 18.45
CA SER B 12 -3.27 6.26 17.82
C SER B 12 -4.19 6.00 16.63
N MSE B 13 -4.74 4.82 16.48
CA MSE B 13 -5.70 4.55 15.41
C MSE B 13 -6.98 5.37 15.59
O MSE B 13 -7.35 5.81 16.66
CB MSE B 13 -6.07 3.08 15.33
CG MSE B 13 -4.91 2.13 15.58
SE MSE B 13 -3.35 2.42 14.37
CE MSE B 13 -3.94 1.49 12.77
H MSE B 13 -4.54 4.15 16.96
HA MSE B 13 -5.30 4.79 14.55
HB2 MSE B 13 -6.77 2.93 15.98
HB3 MSE B 13 -6.41 2.86 14.46
HG2 MSE B 13 -4.61 2.25 16.49
HG3 MSE B 13 -5.22 1.22 15.43
HE1 MSE B 13 -3.46 1.85 11.99
HE2 MSE B 13 -3.75 0.54 12.84
HE3 MSE B 13 -4.89 1.62 12.66
N VAL B 14 -7.62 5.63 14.45
CA VAL B 14 -8.88 6.33 14.39
C VAL B 14 -9.91 5.41 13.78
N HIS B 15 -11.00 5.22 14.50
CA HIS B 15 -12.09 4.38 14.05
C HIS B 15 -12.88 5.10 12.95
N GLU B 16 -13.04 4.41 11.84
N GLU B 16 -13.11 4.40 11.86
CA GLU B 16 -13.83 4.94 10.71
CA GLU B 16 -13.90 4.97 10.76
C GLU B 16 -14.08 3.75 9.79
C GLU B 16 -15.08 4.05 10.44
N TYR B 17 -15.22 3.80 9.08
N TYR B 17 -16.26 4.46 10.90
CA TYR B 17 -15.77 2.69 8.29
CA TYR B 17 -17.51 3.67 10.83
C TYR B 17 -15.72 1.34 8.99
C TYR B 17 -17.42 2.30 11.48
N ASP B 18 -16.02 1.42 10.28
N ASP B 18 -16.44 1.52 11.01
CA ASP B 18 -16.13 0.25 11.13
CA ASP B 18 -16.30 0.09 11.32
C ASP B 18 -14.86 -0.60 11.19
C ASP B 18 -14.88 -0.62 11.25
N LEU B 19 -13.76 0.10 11.20
CA LEU B 19 -12.44 -0.49 11.29
C LEU B 19 -11.55 0.54 12.00
N ASP B 20 -10.35 0.16 12.40
CA ASP B 20 -9.43 1.07 13.06
C ASP B 20 -8.25 1.34 12.17
N GLY B 21 -8.07 2.62 11.82
CA GLY B 21 -7.14 3.01 10.75
C GLY B 21 -6.11 4.03 11.18
N SER B 22 -5.11 4.13 10.33
CA SER B 22 -4.11 5.20 10.44
C SER B 22 -3.84 5.71 9.00
N ARG B 23 -4.36 6.89 8.73
CA ARG B 23 -4.21 7.48 7.38
C ARG B 23 -2.81 8.00 7.15
N LEU B 24 -2.38 7.89 5.89
CA LEU B 24 -1.09 8.46 5.50
C LEU B 24 -1.02 9.98 5.57
N LEU B 25 -2.10 10.59 5.10
CA LEU B 25 -2.21 12.07 5.04
C LEU B 25 -3.02 12.60 6.18
N PRO B 26 -2.70 13.82 6.66
CA PRO B 26 -1.65 14.70 6.16
C PRO B 26 -0.27 14.31 6.64
N TRP B 27 0.74 14.74 5.91
CA TRP B 27 2.15 14.48 6.20
C TRP B 27 2.89 15.68 5.62
N GLU B 28 3.32 16.61 6.48
CA GLU B 28 4.06 17.79 6.05
C GLU B 28 5.16 17.41 5.08
N GLY B 29 5.12 17.95 3.86
CA GLY B 29 6.19 17.78 2.90
C GLY B 29 6.09 16.62 1.91
N LEU B 30 5.16 15.68 2.17
CA LEU B 30 4.93 14.51 1.32
C LEU B 30 3.97 14.93 0.21
N ASN B 31 4.43 14.87 -1.03
CA ASN B 31 3.58 15.15 -2.17
C ASN B 31 3.30 13.86 -2.94
N THR B 32 2.06 13.41 -2.86
CA THR B 32 1.62 12.15 -3.49
C THR B 32 0.38 12.35 -4.39
N PRO B 33 0.23 11.48 -5.37
CA PRO B 33 -0.97 11.52 -6.22
C PRO B 33 -2.05 10.57 -5.73
N PHE B 34 -1.86 10.00 -4.53
CA PHE B 34 -2.78 9.01 -3.93
C PHE B 34 -2.91 9.29 -2.45
N GLY B 35 -3.95 8.76 -1.84
CA GLY B 35 -4.06 8.66 -0.39
C GLY B 35 -3.87 7.21 0.04
N GLY B 36 -3.70 7.05 1.36
CA GLY B 36 -3.36 5.74 1.94
C GLY B 36 -3.84 5.63 3.35
N ALA B 37 -4.07 4.38 3.75
CA ALA B 37 -4.34 4.09 5.15
C ALA B 37 -4.02 2.66 5.49
N TRP B 38 -3.47 2.51 6.71
CA TRP B 38 -3.27 1.18 7.34
C TRP B 38 -4.51 0.90 8.11
N CYS B 39 -5.17 -0.20 7.77
CA CYS B 39 -6.46 -0.55 8.33
C CYS B 39 -6.43 -1.88 9.10
N ILE B 40 -7.15 -1.89 10.22
CA ILE B 40 -7.30 -3.11 11.02
C ILE B 40 -8.78 -3.39 11.19
N VAL B 41 -9.19 -4.57 10.72
CA VAL B 41 -10.54 -5.08 10.91
C VAL B 41 -10.41 -6.05 12.11
N ARG B 42 -11.08 -5.69 13.17
CA ARG B 42 -10.91 -6.44 14.42
C ARG B 42 -11.63 -7.80 14.33
N PRO B 43 -11.30 -8.72 15.26
CA PRO B 43 -11.86 -10.07 15.19
C PRO B 43 -13.36 -10.10 15.19
N GLU B 44 -13.89 -10.95 14.34
CA GLU B 44 -15.32 -11.23 14.29
C GLU B 44 -16.18 -10.01 14.00
N THR B 45 -15.63 -9.14 13.15
CA THR B 45 -16.32 -7.94 12.64
C THR B 45 -16.20 -7.87 11.13
N LYS B 46 -16.97 -6.95 10.56
N LYS B 46 -16.96 -6.94 10.57
CA LYS B 46 -16.94 -6.61 9.14
CA LYS B 46 -16.93 -6.66 9.16
C LYS B 46 -16.81 -5.10 9.02
C LYS B 46 -16.88 -5.16 8.93
N SER B 47 -15.97 -4.67 8.09
N SER B 47 -16.45 -4.81 7.73
CA SER B 47 -15.81 -3.25 7.80
CA SER B 47 -16.48 -3.44 7.25
C SER B 47 -16.88 -2.93 6.80
C SER B 47 -17.14 -3.49 5.89
N PHE B 48 -17.19 -1.65 6.70
N PHE B 48 -17.91 -2.45 5.61
CA PHE B 48 -18.39 -1.16 6.05
CA PHE B 48 -18.66 -2.34 4.37
C PHE B 48 -18.37 -1.38 4.55
C PHE B 48 -18.55 -0.91 3.88
N ARG B 49 -19.57 -1.27 3.96
N ARG B 49 -18.43 -0.76 2.56
CA ARG B 49 -19.78 -1.49 2.54
CA ARG B 49 -18.42 0.55 1.90
C ARG B 49 -20.07 -0.18 1.82
C ARG B 49 -19.30 0.53 0.67
N HIS B 50 -19.13 0.25 1.00
N HIS B 50 -19.97 1.67 0.43
CA HIS B 50 -19.37 1.41 0.14
CA HIS B 50 -20.88 1.82 -0.70
C HIS B 50 -18.91 1.17 -1.30
C HIS B 50 -20.10 1.99 -1.99
N SER B 51 -19.25 2.12 -2.17
N SER B 51 -20.82 2.18 -3.09
CA SER B 51 -18.91 2.08 -3.61
CA SER B 51 -20.22 2.39 -4.41
C SER B 51 -18.77 3.48 -4.24
C SER B 51 -19.52 3.75 -4.47
N HIS B 52 -17.61 3.73 -4.85
N HIS B 52 -18.23 3.79 -4.87
CA HIS B 52 -17.17 5.07 -5.27
CA HIS B 52 -17.52 5.08 -5.07
C HIS B 52 -16.61 5.05 -6.70
C HIS B 52 -16.63 5.17 -6.33
N ASN B 53 -16.77 6.17 -7.40
N ASN B 53 -16.07 6.37 -6.51
CA ASN B 53 -16.33 6.33 -8.78
CA ASN B 53 -15.51 6.84 -7.78
C ASN B 53 -14.88 6.81 -8.82
C ASN B 53 -13.99 6.78 -7.84
N GLU B 54 -14.02 6.09 -8.12
N GLU B 54 -13.33 7.00 -6.71
CA GLU B 54 -12.56 6.32 -8.14
CA GLU B 54 -11.88 6.85 -6.68
C GLU B 54 -11.82 5.12 -7.58
C GLU B 54 -11.49 5.38 -6.84
N TYR B 55 -10.49 5.14 -7.69
CA TYR B 55 -9.75 3.88 -7.73
C TYR B 55 -9.17 3.56 -6.38
N GLU B 56 -9.04 2.26 -6.12
CA GLU B 56 -8.54 1.78 -4.82
C GLU B 56 -7.97 0.41 -5.00
N LEU B 57 -6.90 0.14 -4.21
CA LEU B 57 -6.24 -1.18 -4.13
C LEU B 57 -6.04 -1.51 -2.66
N PHE B 58 -6.15 -2.79 -2.31
CA PHE B 58 -5.78 -3.26 -0.97
C PHE B 58 -4.55 -4.16 -1.11
N ILE B 59 -3.65 -3.94 -0.17
CA ILE B 59 -2.45 -4.77 0.02
C ILE B 59 -2.67 -5.53 1.37
N VAL B 60 -2.83 -6.85 1.28
CA VAL B 60 -3.16 -7.63 2.50
C VAL B 60 -1.90 -7.96 3.32
N ILE B 61 -1.93 -7.49 4.55
CA ILE B 61 -0.73 -7.54 5.41
C ILE B 61 -0.70 -8.67 6.46
N GLN B 62 -1.79 -8.91 7.18
CA GLN B 62 -1.81 -9.91 8.26
C GLN B 62 -3.18 -10.44 8.43
N GLY B 63 -3.25 -11.73 8.75
CA GLY B 63 -4.49 -12.37 9.07
C GLY B 63 -5.24 -12.90 7.85
N ASN B 64 -6.52 -13.14 8.06
CA ASN B 64 -7.40 -13.71 7.05
C ASN B 64 -8.65 -12.89 6.96
N ALA B 65 -9.26 -12.89 5.78
CA ALA B 65 -10.54 -12.25 5.59
C ALA B 65 -11.18 -12.85 4.36
N ILE B 66 -12.48 -12.61 4.25
CA ILE B 66 -13.20 -12.84 2.99
C ILE B 66 -13.62 -11.46 2.56
N ILE B 67 -13.22 -11.08 1.33
CA ILE B 67 -13.51 -9.74 0.82
C ILE B 67 -14.59 -9.90 -0.25
N ARG B 68 -15.73 -9.27 -0.01
CA ARG B 68 -16.87 -9.33 -0.91
C ARG B 68 -16.80 -8.05 -1.74
N ILE B 69 -16.71 -8.25 -3.04
CA ILE B 69 -16.74 -7.17 -4.01
C ILE B 69 -17.94 -7.52 -4.84
N ASN B 70 -18.99 -6.74 -4.64
N ASN B 70 -18.96 -6.68 -4.74
CA ASN B 70 -20.28 -6.99 -5.29
CA ASN B 70 -20.13 -6.82 -5.61
C ASN B 70 -20.89 -8.28 -4.77
C ASN B 70 -20.82 -8.18 -5.45
N ASP B 71 -21.52 -9.09 -5.62
N ASP B 71 -21.23 -8.47 -4.21
CA ASP B 71 -22.13 -10.33 -5.16
CA ASP B 71 -21.96 -9.69 -3.90
C ASP B 71 -21.08 -11.37 -4.73
C ASP B 71 -21.09 -10.94 -4.11
N GLU B 72 -19.80 -11.12 -5.04
N GLU B 72 -19.77 -10.79 -4.18
CA GLU B 72 -18.75 -12.16 -4.98
CA GLU B 72 -18.90 -11.86 -4.65
C GLU B 72 -17.78 -12.09 -3.79
C GLU B 72 -17.65 -12.08 -3.77
N ASP B 73 -17.52 -13.26 -3.19
CA ASP B 73 -16.53 -13.46 -2.11
C ASP B 73 -15.15 -14.00 -2.55
N PHE B 74 -14.11 -13.35 -2.01
CA PHE B 74 -12.71 -13.64 -2.31
C PHE B 74 -11.98 -13.88 -0.97
N PRO B 75 -11.60 -15.15 -0.64
CA PRO B 75 -10.70 -15.30 0.52
C PRO B 75 -9.38 -14.54 0.31
N VAL B 76 -8.83 -13.98 1.38
CA VAL B 76 -7.55 -13.26 1.23
C VAL B 76 -6.65 -13.53 2.43
N THR B 77 -5.35 -13.54 2.19
N THR B 77 -5.35 -13.60 2.14
CA THR B 77 -4.38 -13.54 3.26
CA THR B 77 -4.29 -13.81 3.11
C THR B 77 -3.13 -12.80 2.85
C THR B 77 -3.11 -12.87 2.81
N LYS B 78 -2.17 -12.73 3.74
CA LYS B 78 -0.92 -12.00 3.54
C LYS B 78 -0.32 -12.15 2.17
N GLY B 79 -0.09 -10.99 1.55
CA GLY B 79 0.53 -10.91 0.23
C GLY B 79 -0.46 -10.71 -0.88
N ASP B 80 -1.72 -11.01 -0.67
CA ASP B 80 -2.71 -10.83 -1.72
C ASP B 80 -2.96 -9.33 -1.98
N LEU B 81 -3.17 -9.02 -3.26
CA LEU B 81 -3.59 -7.69 -3.71
C LEU B 81 -4.97 -7.79 -4.32
N ILE B 82 -5.81 -6.80 -4.02
N ILE B 82 -5.82 -6.82 -4.02
CA ILE B 82 -7.14 -6.67 -4.57
CA ILE B 82 -7.13 -6.76 -4.64
C ILE B 82 -7.30 -5.31 -5.17
C ILE B 82 -7.45 -5.35 -5.12
N ILE B 83 -7.90 -5.28 -6.36
CA ILE B 83 -8.30 -4.05 -7.07
C ILE B 83 -9.79 -3.85 -6.76
N ILE B 84 -10.17 -2.66 -6.37
CA ILE B 84 -11.57 -2.37 -6.07
C ILE B 84 -12.19 -1.70 -7.33
N PRO B 85 -13.11 -2.37 -8.01
CA PRO B 85 -13.64 -1.74 -9.24
C PRO B 85 -14.42 -0.45 -8.94
N LEU B 86 -14.33 0.53 -9.86
CA LEU B 86 -15.25 1.69 -9.92
C LEU B 86 -16.65 1.23 -9.58
N ASP B 87 -17.27 1.91 -8.63
CA ASP B 87 -18.67 1.70 -8.29
C ASP B 87 -18.99 0.26 -7.95
N SER B 88 -17.95 -0.43 -7.53
CA SER B 88 -18.10 -1.68 -6.80
C SER B 88 -18.36 -1.41 -5.35
N GLU B 89 -19.37 -2.13 -4.85
N GLU B 89 -19.32 -2.13 -4.77
CA GLU B 89 -19.70 -2.19 -3.44
CA GLU B 89 -19.57 -2.09 -3.33
C GLU B 89 -18.81 -3.27 -2.83
C GLU B 89 -18.81 -3.26 -2.66
N HIS B 90 -18.11 -2.89 -1.77
N HIS B 90 -18.15 -2.97 -1.54
CA HIS B 90 -17.13 -3.78 -1.17
CA HIS B 90 -17.23 -3.96 -0.93
C HIS B 90 -16.90 -3.58 0.32
C HIS B 90 -17.40 -4.30 0.58
N HIS B 91 -16.49 -4.67 0.95
N HIS B 91 -17.02 -5.53 0.94
CA HIS B 91 -16.34 -4.73 2.39
CA HIS B 91 -17.07 -5.98 2.32
C HIS B 91 -15.57 -6.00 2.81
C HIS B 91 -15.73 -6.58 2.67
N VAL B 92 -14.98 -5.92 4.00
N VAL B 92 -15.27 -6.31 3.89
CA VAL B 92 -13.99 -6.85 4.51
CA VAL B 92 -14.10 -6.97 4.46
C VAL B 92 -14.52 -7.60 5.74
C VAL B 92 -14.54 -7.62 5.73
N ILE B 93 -14.61 -8.92 5.64
CA ILE B 93 -15.16 -9.75 6.70
C ILE B 93 -14.05 -10.50 7.38
N ASN B 94 -13.87 -10.25 8.68
CA ASN B 94 -12.90 -11.00 9.48
C ASN B 94 -13.62 -11.92 10.46
N ASN B 95 -13.61 -13.21 10.14
CA ASN B 95 -14.22 -14.26 10.99
C ASN B 95 -13.26 -14.99 11.88
N ASN B 96 -12.13 -14.40 12.18
CA ASN B 96 -11.07 -15.11 12.86
C ASN B 96 -10.72 -14.34 14.13
N GLN B 97 -10.14 -15.04 15.08
CA GLN B 97 -9.76 -14.40 16.34
C GLN B 97 -8.41 -13.74 16.29
N GLU B 98 -8.14 -13.10 15.18
CA GLU B 98 -6.87 -12.41 14.96
C GLU B 98 -7.19 -11.18 14.12
N ASP B 99 -6.65 -10.04 14.51
CA ASP B 99 -6.81 -8.83 13.69
C ASP B 99 -6.41 -9.08 12.25
N PHE B 100 -7.19 -8.48 11.38
CA PHE B 100 -6.92 -8.49 9.93
C PHE B 100 -6.36 -7.11 9.55
N HIS B 101 -5.14 -7.12 9.02
CA HIS B 101 -4.49 -5.86 8.61
C HIS B 101 -4.37 -5.80 7.10
N PHE B 102 -4.62 -4.59 6.54
CA PHE B 102 -4.41 -4.34 5.11
C PHE B 102 -4.12 -2.87 4.98
N TYR B 103 -3.43 -2.55 3.87
CA TYR B 103 -3.17 -1.14 3.49
C TYR B 103 -3.99 -0.84 2.26
N THR B 104 -4.70 0.28 2.30
CA THR B 104 -5.42 0.72 1.11
C THR B 104 -4.77 1.98 0.53
N ILE B 105 -4.73 2.00 -0.80
N ILE B 105 -4.76 2.02 -0.79
CA ILE B 105 -4.22 3.12 -1.61
CA ILE B 105 -4.25 3.16 -1.55
C ILE B 105 -5.38 3.52 -2.51
C ILE B 105 -5.38 3.52 -2.50
N TRP B 106 -5.73 4.80 -2.54
CA TRP B 106 -6.82 5.32 -3.37
C TRP B 106 -6.30 6.50 -4.18
N TRP B 107 -6.91 6.69 -5.36
CA TRP B 107 -6.48 7.75 -6.30
C TRP B 107 -7.58 8.02 -7.31
N ASP B 108 -7.50 9.21 -7.92
CA ASP B 108 -8.38 9.61 -9.00
C ASP B 108 -7.70 10.68 -9.78
N LYS B 109 -8.43 11.23 -10.76
CA LYS B 109 -7.88 12.31 -11.60
C LYS B 109 -7.52 13.50 -10.76
N GLU B 110 -8.37 13.82 -9.80
CA GLU B 110 -8.10 14.95 -8.95
C GLU B 110 -6.94 14.84 -8.02
N SER B 111 -6.72 13.64 -7.48
CA SER B 111 -5.57 13.46 -6.60
C SER B 111 -4.30 13.58 -7.41
N THR B 112 -4.34 13.06 -8.62
N THR B 112 -4.34 13.06 -8.62
CA THR B 112 -3.19 13.08 -9.51
CA THR B 112 -3.18 13.08 -9.51
C THR B 112 -2.87 14.48 -10.03
C THR B 112 -2.87 14.49 -10.02
N LEU B 113 -3.89 15.15 -10.53
CA LEU B 113 -3.73 16.51 -10.95
C LEU B 113 -3.22 17.37 -9.80
N ASN B 114 -3.76 17.14 -8.60
CA ASN B 114 -3.34 17.96 -7.50
C ASN B 114 -1.86 17.75 -7.17
N PHE B 115 -1.38 16.49 -7.27
CA PHE B 115 0.04 16.25 -7.12
C PHE B 115 0.87 17.09 -8.13
N LEU B 116 0.43 17.07 -9.39
CA LEU B 116 1.14 17.81 -10.44
C LEU B 116 1.13 19.33 -10.24
N THR B 117 0.03 19.86 -9.74
CA THR B 117 -0.04 21.30 -9.60
C THR B 117 0.69 21.73 -8.32
N ARG B 118 0.60 20.93 -7.26
CA ARG B 118 1.34 21.28 -6.07
C ARG B 118 2.82 21.19 -6.38
N LEU B 119 3.18 20.20 -7.19
CA LEU B 119 4.54 20.04 -7.65
C LEU B 119 5.02 21.28 -8.42
N GLU B 120 4.28 21.71 -9.44
CA GLU B 120 4.64 22.91 -10.17
C GLU B 120 4.62 24.16 -9.29
N GLN B 121 3.75 24.19 -8.29
CA GLN B 121 3.72 25.33 -7.36
C GLN B 121 4.92 25.29 -6.42
NI NI C . 14.42 3.18 -4.49
NA NA D . 7.89 -16.19 8.03
NI NI E . -13.51 1.68 -0.82
N MSE A 2 -10.35 -6.65 -16.23
CA MSE A 2 -9.39 -6.11 -15.26
C MSE A 2 -9.57 -6.75 -13.90
O MSE A 2 -10.44 -6.32 -13.11
CB MSE A 2 -9.57 -4.58 -15.14
CG MSE A 2 -10.96 -4.07 -15.35
SE MSE A 2 -10.54 -2.24 -15.76
CE MSE A 2 -10.28 -1.71 -13.90
HA MSE A 2 -8.49 -6.28 -15.58
HB2 MSE A 2 -9.29 -4.32 -14.25
HB3 MSE A 2 -9.03 -4.16 -15.80
HG2 MSE A 2 -11.40 -4.47 -16.12
HG3 MSE A 2 -11.48 -4.13 -14.55
HE1 MSE A 2 -10.72 -2.35 -13.34
HE2 MSE A 2 -9.34 -1.72 -13.67
HE3 MSE A 2 -10.66 -0.83 -13.77
N ASN A 3 -8.79 -7.78 -13.61
CA ASN A 3 -9.15 -8.64 -12.48
C ASN A 3 -8.90 -8.12 -11.12
N ILE A 4 -9.72 -8.66 -10.24
N ILE A 4 -9.67 -8.70 -10.24
CA ILE A 4 -9.88 -8.16 -8.90
CA ILE A 4 -9.89 -8.17 -8.91
C ILE A 4 -8.69 -8.63 -8.05
C ILE A 4 -8.71 -8.63 -8.04
N ILE A 5 -8.55 -9.94 -7.86
CA ILE A 5 -7.46 -10.46 -7.04
C ILE A 5 -6.23 -11.00 -7.76
N ARG A 6 -5.09 -10.75 -7.15
N ARG A 6 -5.08 -10.73 -7.16
CA ARG A 6 -3.86 -11.47 -7.41
CA ARG A 6 -3.85 -11.49 -7.40
C ARG A 6 -3.38 -12.14 -6.13
C ARG A 6 -3.42 -12.13 -6.11
N LYS A 7 -3.47 -13.44 -6.09
CA LYS A 7 -2.98 -14.22 -4.95
C LYS A 7 -1.46 -14.09 -4.91
N MSE A 8 -0.91 -13.96 -3.72
CA MSE A 8 0.54 -13.97 -3.67
C MSE A 8 1.15 -15.36 -3.85
O MSE A 8 0.85 -16.26 -3.08
CB MSE A 8 1.03 -13.32 -2.39
CG MSE A 8 2.51 -13.41 -2.12
SE MSE A 8 3.58 -12.40 -3.47
CE MSE A 8 2.79 -10.55 -3.03
HA MSE A 8 0.89 -13.42 -4.39
HB2 MSE A 8 0.87 -12.37 -2.49
HB3 MSE A 8 0.53 -13.65 -1.62
HG2 MSE A 8 2.67 -13.01 -1.26
HG3 MSE A 8 2.78 -14.35 -2.13
HE1 MSE A 8 3.39 -9.85 -3.35
HE2 MSE A 8 1.93 -10.48 -3.48
HE3 MSE A 8 2.68 -10.47 -2.07
N ASP A 9 2.00 -15.51 -4.88
CA ASP A 9 2.84 -16.74 -5.08
C ASP A 9 4.28 -16.35 -4.68
N TRP A 10 4.67 -16.68 -3.44
CA TRP A 10 5.97 -16.17 -2.94
C TRP A 10 7.16 -16.73 -3.75
N ASP A 11 6.93 -17.88 -4.42
CA ASP A 11 8.04 -18.53 -5.14
C ASP A 11 8.37 -17.90 -6.48
N SER A 12 7.40 -17.23 -7.06
CA SER A 12 7.70 -16.56 -8.33
C SER A 12 8.07 -15.09 -8.15
N MSE A 13 8.37 -14.67 -6.96
CA MSE A 13 9.03 -13.39 -6.76
C MSE A 13 10.30 -13.41 -7.61
O MSE A 13 10.92 -14.42 -7.84
CB MSE A 13 9.34 -13.20 -5.28
CG MSE A 13 8.07 -12.84 -4.43
SE MSE A 13 8.58 -12.66 -2.60
CE MSE A 13 7.57 -11.06 -2.22
H MSE A 13 8.18 -15.08 -6.22
HA MSE A 13 8.43 -12.69 -7.04
HB2 MSE A 13 9.69 -14.05 -4.96
HB3 MSE A 13 10.01 -12.52 -5.16
HG2 MSE A 13 7.70 -11.99 -4.74
HG3 MSE A 13 7.39 -13.54 -4.49
HE1 MSE A 13 7.12 -10.79 -3.03
HE2 MSE A 13 6.91 -11.21 -1.52
HE3 MSE A 13 8.19 -10.36 -1.94
N VAL A 14 10.66 -12.22 -8.11
CA VAL A 14 11.85 -12.04 -8.90
C VAL A 14 12.90 -11.34 -8.05
N HIS A 15 14.09 -11.94 -8.01
CA HIS A 15 15.20 -11.41 -7.27
C HIS A 15 15.81 -10.25 -8.04
N GLU A 16 15.78 -9.09 -7.43
CA GLU A 16 16.36 -7.88 -8.02
C GLU A 16 16.69 -6.93 -6.88
N TYR A 17 17.72 -6.11 -7.06
CA TYR A 17 18.05 -5.16 -6.03
C TYR A 17 18.45 -5.93 -4.75
N ASP A 18 18.95 -7.14 -4.98
CA ASP A 18 19.35 -8.08 -3.93
C ASP A 18 18.27 -8.38 -2.91
N LEU A 19 17.04 -8.34 -3.35
CA LEU A 19 15.93 -8.76 -2.55
C LEU A 19 14.94 -9.48 -3.42
N ASP A 20 13.90 -10.03 -2.82
CA ASP A 20 12.90 -10.78 -3.53
C ASP A 20 11.68 -9.89 -3.64
N GLY A 21 11.20 -9.69 -4.87
CA GLY A 21 10.09 -8.74 -5.10
C GLY A 21 8.97 -9.35 -5.90
N SER A 22 7.80 -8.78 -5.66
CA SER A 22 6.61 -9.01 -6.48
C SER A 22 6.07 -7.66 -6.92
N ARG A 23 6.34 -7.33 -8.17
CA ARG A 23 5.95 -6.00 -8.72
C ARG A 23 4.46 -5.99 -8.96
N LEU A 24 3.84 -4.87 -8.63
CA LEU A 24 2.43 -4.63 -8.94
C LEU A 24 2.12 -4.71 -10.43
N LEU A 25 2.96 -4.06 -11.20
CA LEU A 25 2.76 -3.89 -12.65
C LEU A 25 3.71 -4.79 -13.37
N PRO A 26 3.30 -5.35 -14.52
CA PRO A 26 2.01 -5.08 -15.19
C PRO A 26 0.83 -5.82 -14.55
N TRP A 27 -0.36 -5.29 -14.76
CA TRP A 27 -1.60 -5.86 -14.29
C TRP A 27 -2.64 -5.41 -15.30
N GLU A 28 -3.08 -6.34 -16.14
CA GLU A 28 -3.94 -5.98 -17.23
C GLU A 28 -5.22 -5.34 -16.68
N GLY A 29 -5.52 -4.15 -17.21
CA GLY A 29 -6.74 -3.46 -16.88
C GLY A 29 -6.63 -2.56 -15.65
N LEU A 30 -5.43 -2.46 -15.09
CA LEU A 30 -5.16 -1.58 -13.97
C LEU A 30 -4.39 -0.36 -14.48
N ASN A 31 -4.82 0.78 -13.99
CA ASN A 31 -4.22 2.03 -14.36
C ASN A 31 -3.97 2.86 -13.10
N THR A 32 -2.70 3.07 -12.83
CA THR A 32 -2.24 3.71 -11.59
C THR A 32 -1.28 4.84 -11.96
N PRO A 33 -1.19 5.85 -11.11
CA PRO A 33 -0.19 6.90 -11.30
C PRO A 33 1.13 6.57 -10.58
N PHE A 34 1.25 5.32 -10.09
CA PHE A 34 2.42 4.87 -9.29
C PHE A 34 2.75 3.45 -9.69
N GLY A 35 3.96 3.04 -9.35
CA GLY A 35 4.37 1.65 -9.36
C GLY A 35 4.50 1.14 -7.94
N GLY A 36 4.62 -0.16 -7.81
CA GLY A 36 4.75 -0.75 -6.49
C GLY A 36 5.38 -2.12 -6.54
N ALA A 37 5.80 -2.57 -5.37
CA ALA A 37 6.31 -3.93 -5.19
C ALA A 37 6.26 -4.35 -3.74
N TRP A 38 5.89 -5.61 -3.56
CA TRP A 38 6.10 -6.29 -2.25
C TRP A 38 7.52 -6.84 -2.26
N CYS A 39 8.27 -6.44 -1.23
CA CYS A 39 9.68 -6.81 -1.13
C CYS A 39 9.98 -7.55 0.16
N ILE A 40 10.90 -8.51 0.01
CA ILE A 40 11.41 -9.28 1.16
C ILE A 40 12.91 -9.23 1.12
N VAL A 41 13.47 -8.73 2.21
CA VAL A 41 14.90 -8.81 2.47
C VAL A 41 15.09 -10.02 3.39
N ARG A 42 15.78 -11.00 2.87
CA ARG A 42 15.93 -12.30 3.55
C ARG A 42 16.79 -12.16 4.77
N PRO A 43 16.64 -13.10 5.72
CA PRO A 43 17.44 -13.02 6.95
C PRO A 43 18.94 -12.87 6.69
N GLU A 44 19.58 -11.97 7.44
CA GLU A 44 21.03 -11.71 7.33
C GLU A 44 21.51 -11.36 5.93
N THR A 45 20.70 -10.52 5.26
CA THR A 45 21.07 -9.92 3.94
C THR A 45 20.79 -8.42 3.98
N LYS A 46 21.34 -7.73 2.99
CA LYS A 46 21.03 -6.31 2.73
C LYS A 46 20.66 -6.18 1.28
N SER A 47 19.92 -5.12 0.96
CA SER A 47 19.47 -4.85 -0.41
C SER A 47 20.31 -3.81 -1.16
N PHE A 48 19.82 -3.40 -2.34
CA PHE A 48 20.56 -2.50 -3.29
C PHE A 48 20.79 -1.01 -2.96
N ARG A 49 22.03 -0.64 -2.72
CA ARG A 49 22.20 0.80 -2.49
C ARG A 49 22.01 1.56 -3.80
N HIS A 50 20.98 2.43 -3.87
CA HIS A 50 20.82 3.27 -5.06
C HIS A 50 20.13 4.56 -4.71
N SER A 51 20.25 5.53 -5.61
CA SER A 51 19.44 6.75 -5.56
C SER A 51 18.62 6.90 -6.85
N HIS A 52 17.60 7.76 -6.88
CA HIS A 52 16.84 7.93 -8.13
C HIS A 52 15.73 8.92 -7.95
N ASN A 53 15.57 9.74 -8.99
CA ASN A 53 14.78 10.95 -8.94
C ASN A 53 13.24 10.73 -8.91
N GLU A 54 12.78 9.49 -8.91
CA GLU A 54 11.39 9.20 -8.59
C GLU A 54 11.13 9.26 -7.06
N TYR A 55 9.93 9.68 -6.69
CA TYR A 55 9.45 9.66 -5.29
C TYR A 55 9.20 8.23 -4.91
N GLU A 56 9.39 7.94 -3.62
CA GLU A 56 9.21 6.58 -3.11
C GLU A 56 8.88 6.63 -1.64
N LEU A 57 8.03 5.71 -1.24
N LEU A 57 8.00 5.68 -1.26
CA LEU A 57 7.86 5.46 0.16
CA LEU A 57 7.52 5.46 0.11
C LEU A 57 7.71 3.96 0.42
C LEU A 57 7.63 3.96 0.42
N PHE A 58 8.07 3.60 1.63
CA PHE A 58 8.03 2.22 2.09
C PHE A 58 6.96 2.13 3.17
N ILE A 59 6.18 1.07 3.06
CA ILE A 59 5.20 0.65 4.06
C ILE A 59 5.77 -0.65 4.68
N VAL A 60 6.18 -0.56 5.94
CA VAL A 60 6.83 -1.73 6.57
C VAL A 60 5.77 -2.70 7.07
N ILE A 61 5.91 -3.94 6.60
CA ILE A 61 4.90 -4.96 6.81
C ILE A 61 5.23 -5.95 7.92
N GLN A 62 6.46 -6.48 7.95
CA GLN A 62 6.77 -7.53 8.92
C GLN A 62 8.24 -7.58 9.12
N GLY A 63 8.62 -7.85 10.38
CA GLY A 63 10.01 -8.04 10.71
C GLY A 63 10.66 -6.77 11.18
N ASN A 64 11.99 -6.79 11.13
CA ASN A 64 12.81 -5.69 11.62
C ASN A 64 13.95 -5.45 10.67
N ALA A 65 14.31 -4.18 10.52
CA ALA A 65 15.37 -3.78 9.62
C ALA A 65 15.90 -2.43 9.97
N ILE A 66 17.04 -2.13 9.35
CA ILE A 66 17.56 -0.78 9.27
C ILE A 66 17.34 -0.30 7.88
N ILE A 67 16.77 0.89 7.75
CA ILE A 67 16.78 1.58 6.47
C ILE A 67 17.89 2.62 6.57
N ARG A 68 18.91 2.51 5.74
CA ARG A 68 20.01 3.47 5.72
C ARG A 68 19.72 4.38 4.56
N ILE A 69 19.57 5.66 4.88
N ILE A 69 19.57 5.65 4.88
CA ILE A 69 19.26 6.69 3.91
CA ILE A 69 19.26 6.69 3.91
C ILE A 69 20.35 7.74 4.06
C ILE A 69 20.35 7.73 4.07
N ASN A 70 21.23 7.80 3.08
CA ASN A 70 22.34 8.75 3.11
C ASN A 70 23.10 8.60 4.41
N ASP A 71 23.47 7.34 4.70
CA ASP A 71 24.13 6.94 5.96
C ASP A 71 23.29 7.02 7.27
N GLU A 72 22.33 7.94 7.36
N GLU A 72 22.30 7.90 7.33
CA GLU A 72 21.38 7.98 8.49
CA GLU A 72 21.40 7.95 8.49
C GLU A 72 20.69 6.62 8.60
C GLU A 72 20.68 6.61 8.60
N ASP A 73 20.71 6.03 9.80
CA ASP A 73 20.07 4.74 10.06
C ASP A 73 18.73 4.95 10.73
N PHE A 74 17.69 4.38 10.14
CA PHE A 74 16.32 4.45 10.65
C PHE A 74 15.88 3.01 10.91
N PRO A 75 15.91 2.55 12.19
CA PRO A 75 15.37 1.21 12.44
C PRO A 75 13.85 1.21 12.33
N VAL A 76 13.35 0.17 11.66
CA VAL A 76 11.94 0.07 11.28
C VAL A 76 11.34 -1.30 11.56
N THR A 77 10.02 -1.27 11.77
CA THR A 77 9.21 -2.33 12.33
C THR A 77 7.80 -2.20 11.73
N LYS A 78 7.02 -3.25 11.76
CA LYS A 78 5.64 -3.32 11.26
C LYS A 78 4.90 -2.06 11.56
N GLY A 79 4.35 -1.49 10.48
CA GLY A 79 3.52 -0.30 10.56
C GLY A 79 4.26 0.97 10.24
N ASP A 80 5.56 0.99 10.34
CA ASP A 80 6.32 2.19 10.07
C ASP A 80 6.26 2.54 8.59
N LEU A 81 6.27 3.86 8.36
N LEU A 81 6.28 3.85 8.34
CA LEU A 81 6.31 4.46 7.04
CA LEU A 81 6.35 4.42 7.00
C LEU A 81 7.56 5.28 6.92
C LEU A 81 7.59 5.27 6.88
N ILE A 82 8.18 5.21 5.75
N ILE A 82 8.23 5.17 5.72
CA ILE A 82 9.38 5.96 5.50
CA ILE A 82 9.49 5.82 5.39
C ILE A 82 9.34 6.53 4.08
C ILE A 82 9.34 6.49 4.05
N ILE A 83 9.66 7.82 3.98
N ILE A 83 9.65 7.78 4.00
CA ILE A 83 9.66 8.54 2.72
CA ILE A 83 9.74 8.53 2.76
C ILE A 83 11.12 8.62 2.25
C ILE A 83 11.18 8.47 2.30
N ILE A 84 11.40 8.11 1.06
CA ILE A 84 12.74 8.10 0.52
C ILE A 84 12.98 9.46 -0.13
N PRO A 85 13.80 10.33 0.49
CA PRO A 85 13.95 11.64 -0.17
C PRO A 85 14.57 11.49 -1.53
N LEU A 86 14.21 12.46 -2.36
CA LEU A 86 14.54 12.41 -3.77
C LEU A 86 16.05 12.48 -3.89
N ASP A 87 16.59 11.60 -4.73
CA ASP A 87 18.04 11.43 -4.92
C ASP A 87 18.81 10.89 -3.72
N SER A 88 18.11 10.38 -2.71
CA SER A 88 18.77 9.73 -1.58
C SER A 88 19.30 8.38 -1.98
N GLU A 89 20.52 8.07 -1.58
CA GLU A 89 20.98 6.68 -1.59
C GLU A 89 20.28 5.94 -0.46
N HIS A 90 19.80 4.75 -0.73
CA HIS A 90 19.44 3.93 0.39
C HIS A 90 19.38 2.50 0.04
N HIS A 91 19.34 1.75 1.12
CA HIS A 91 19.22 0.32 1.08
C HIS A 91 18.72 -0.12 2.47
N VAL A 92 18.50 -1.44 2.62
N VAL A 92 18.36 -1.41 2.55
CA VAL A 92 17.70 -2.03 3.65
CA VAL A 92 17.67 -2.02 3.68
C VAL A 92 18.51 -3.17 4.22
C VAL A 92 18.51 -3.16 4.21
N ILE A 93 18.81 -3.09 5.51
CA ILE A 93 19.70 -4.05 6.17
C ILE A 93 18.85 -4.89 7.06
N ASN A 94 18.87 -6.18 6.82
CA ASN A 94 18.18 -7.11 7.74
C ASN A 94 19.17 -8.02 8.47
N ASN A 95 19.51 -7.60 9.68
CA ASN A 95 20.39 -8.37 10.56
C ASN A 95 19.70 -9.51 11.37
N ASN A 96 18.37 -9.54 11.35
N ASN A 96 18.38 -9.55 11.28
CA ASN A 96 17.51 -10.53 12.00
CA ASN A 96 17.59 -10.53 12.00
C ASN A 96 17.55 -11.88 11.29
C ASN A 96 17.54 -11.87 11.29
N GLN A 97 16.95 -12.83 11.98
CA GLN A 97 16.92 -14.21 11.57
C GLN A 97 15.63 -14.56 10.85
N GLU A 98 14.83 -13.52 10.62
CA GLU A 98 13.48 -13.60 10.03
C GLU A 98 13.35 -12.64 8.85
N ASP A 99 12.53 -13.03 7.90
CA ASP A 99 12.24 -12.19 6.71
C ASP A 99 11.76 -10.84 7.15
N PHE A 100 12.25 -9.85 6.40
CA PHE A 100 11.77 -8.47 6.49
C PHE A 100 10.95 -8.12 5.24
N HIS A 101 9.69 -7.78 5.49
CA HIS A 101 8.76 -7.47 4.40
C HIS A 101 8.39 -5.98 4.41
N PHE A 102 8.31 -5.39 3.19
CA PHE A 102 7.84 -4.01 3.05
C PHE A 102 7.26 -3.92 1.68
N TYR A 103 6.35 -2.95 1.54
CA TYR A 103 5.79 -2.57 0.24
C TYR A 103 6.34 -1.22 -0.15
N THR A 104 6.88 -1.14 -1.34
CA THR A 104 7.32 0.16 -1.88
C THR A 104 6.35 0.65 -2.96
N ILE A 105 6.07 1.94 -2.88
N ILE A 105 6.12 1.96 -2.91
CA ILE A 105 5.31 2.66 -3.89
CA ILE A 105 5.31 2.67 -3.88
C ILE A 105 6.19 3.79 -4.39
C ILE A 105 6.20 3.80 -4.40
N TRP A 106 6.28 3.93 -5.72
CA TRP A 106 7.11 4.97 -6.32
C TRP A 106 6.31 5.69 -7.42
N TRP A 107 6.64 6.96 -7.62
CA TRP A 107 5.88 7.82 -8.55
C TRP A 107 6.72 9.02 -8.94
N ASP A 108 6.28 9.69 -10.02
CA ASP A 108 6.98 10.84 -10.57
C ASP A 108 6.00 11.52 -11.47
N LYS A 109 6.46 12.61 -12.08
CA LYS A 109 5.62 13.32 -13.08
C LYS A 109 5.28 12.44 -14.25
N GLU A 110 6.25 11.69 -14.75
CA GLU A 110 6.01 10.78 -15.88
C GLU A 110 4.85 9.86 -15.57
N SER A 111 4.96 9.17 -14.44
CA SER A 111 3.97 8.15 -14.11
C SER A 111 2.55 8.69 -13.91
N THR A 112 2.44 9.84 -13.26
N THR A 112 2.43 9.84 -13.26
CA THR A 112 1.17 10.50 -13.02
CA THR A 112 1.13 10.45 -13.07
C THR A 112 0.49 11.03 -14.30
C THR A 112 0.50 10.94 -14.37
N LEU A 113 1.26 11.69 -15.15
CA LEU A 113 0.76 12.07 -16.45
C LEU A 113 0.30 10.89 -17.26
N ASN A 114 1.09 9.80 -17.26
CA ASN A 114 0.75 8.61 -18.03
C ASN A 114 -0.60 8.06 -17.57
N PHE A 115 -0.83 8.10 -16.24
CA PHE A 115 -2.13 7.72 -15.73
C PHE A 115 -3.26 8.54 -16.37
N LEU A 116 -3.10 9.86 -16.33
CA LEU A 116 -4.12 10.76 -16.86
C LEU A 116 -4.32 10.64 -18.36
N THR A 117 -3.24 10.39 -19.05
CA THR A 117 -3.31 10.33 -20.48
C THR A 117 -3.92 8.97 -20.92
N ARG A 118 -3.69 7.92 -20.14
CA ARG A 118 -4.29 6.63 -20.46
C ARG A 118 -5.81 6.61 -20.37
N LEU A 119 -6.35 7.18 -19.31
CA LEU A 119 -7.80 7.35 -19.18
C LEU A 119 -8.43 8.07 -20.38
N GLU A 120 -7.73 9.02 -21.00
CA GLU A 120 -8.32 9.77 -22.10
C GLU A 120 -8.75 8.86 -23.24
N GLN A 121 -8.08 7.72 -23.33
CA GLN A 121 -8.39 6.70 -24.32
C GLN A 121 -9.68 5.93 -24.00
N ASP A 122 -9.90 5.65 -22.71
CA ASP A 122 -11.08 4.91 -22.20
C ASP A 122 -12.20 4.67 -23.20
N MSE B 2 10.38 18.44 6.75
CA MSE B 2 9.92 17.06 6.63
C MSE B 2 10.31 16.14 7.77
O MSE B 2 11.43 16.18 8.27
CB MSE B 2 10.65 16.41 5.49
CG MSE B 2 9.98 16.14 4.24
SE MSE B 2 11.74 15.82 3.47
CE MSE B 2 11.50 14.07 2.56
HA MSE B 2 8.97 17.01 6.46
HB2 MSE B 2 11.41 17.00 5.27
HB3 MSE B 2 11.01 15.57 5.81
HG2 MSE B 2 9.43 15.35 4.29
HG3 MSE B 2 9.55 16.92 3.87
HE1 MSE B 2 11.02 13.45 3.12
HE2 MSE B 2 11.03 14.20 1.72
HE3 MSE B 2 12.39 13.71 2.35
N ASN B 3 9.40 15.24 8.06
CA ASN B 3 9.76 13.99 8.68
C ASN B 3 9.96 12.99 7.59
N ILE B 4 11.01 12.19 7.70
N ILE B 4 10.96 12.14 7.73
CA ILE B 4 11.25 11.02 6.83
CA ILE B 4 11.14 11.04 6.80
C ILE B 4 10.51 9.78 7.32
C ILE B 4 10.49 9.76 7.31
N ILE B 5 10.55 9.54 8.63
CA ILE B 5 9.93 8.37 9.23
C ILE B 5 8.72 8.77 10.00
N ARG B 6 7.68 7.96 9.89
CA ARG B 6 6.59 7.98 10.86
C ARG B 6 6.52 6.60 11.50
N LYS B 7 6.86 6.53 12.77
CA LYS B 7 6.62 5.31 13.58
C LYS B 7 5.16 5.03 13.60
N MSE B 8 4.76 3.79 13.48
CA MSE B 8 3.35 3.49 13.73
C MSE B 8 3.08 3.61 15.22
O MSE B 8 3.74 2.95 16.02
CB MSE B 8 2.94 2.08 13.30
CG MSE B 8 1.47 1.68 13.56
SE MSE B 8 0.13 2.87 12.72
CE MSE B 8 0.35 2.13 10.85
H MSE B 8 5.25 3.13 13.23
HA MSE B 8 2.78 4.11 13.25
HB2 MSE B 8 3.11 1.95 12.36
HB3 MSE B 8 3.51 1.47 13.81
HG2 MSE B 8 1.34 0.81 13.17
HG3 MSE B 8 1.32 1.66 14.52
HE1 MSE B 8 -0.46 2.28 10.34
HE2 MSE B 8 1.12 2.53 10.42
HE3 MSE B 8 0.51 1.17 10.95
N ASP B 9 2.07 4.36 15.58
CA ASP B 9 1.57 4.39 16.96
C ASP B 9 0.25 3.68 16.95
N TRP B 10 0.30 2.43 17.39
CA TRP B 10 -0.87 1.57 17.47
C TRP B 10 -1.88 2.07 18.49
N ASP B 11 -1.49 3.00 19.36
CA ASP B 11 -2.40 3.60 20.31
C ASP B 11 -3.18 4.79 19.76
N SER B 12 -2.92 5.17 18.51
CA SER B 12 -3.50 6.40 17.98
C SER B 12 -4.41 6.12 16.81
N MSE B 13 -4.80 4.90 16.54
CA MSE B 13 -5.68 4.58 15.41
C MSE B 13 -6.98 5.37 15.57
O MSE B 13 -7.38 5.76 16.65
CB MSE B 13 -6.05 3.11 15.32
CG MSE B 13 -4.89 2.11 15.54
SE MSE B 13 -3.33 2.41 14.36
CE MSE B 13 -3.74 1.26 12.80
H MSE B 13 -4.56 4.22 16.99
HA MSE B 13 -5.26 4.84 14.58
HB2 MSE B 13 -6.74 2.94 15.96
HB3 MSE B 13 -6.39 2.92 14.43
HG2 MSE B 13 -4.58 2.18 16.46
HG3 MSE B 13 -5.17 1.21 15.32
HE1 MSE B 13 -3.47 0.34 12.99
HE2 MSE B 13 -4.70 1.29 12.62
HE3 MSE B 13 -3.25 1.59 12.04
N VAL B 14 -7.61 5.64 14.44
CA VAL B 14 -8.88 6.34 14.38
C VAL B 14 -9.91 5.40 13.79
N HIS B 15 -11.01 5.23 14.49
CA HIS B 15 -12.09 4.38 14.05
C HIS B 15 -12.89 5.08 12.94
N GLU B 16 -13.04 4.38 11.84
N GLU B 16 -13.02 4.38 11.83
CA GLU B 16 -13.78 4.91 10.70
CA GLU B 16 -13.81 4.87 10.69
C GLU B 16 -14.10 3.75 9.80
C GLU B 16 -14.99 3.92 10.52
N TYR B 17 -15.26 3.81 9.14
N TYR B 17 -16.03 4.16 11.32
CA TYR B 17 -15.65 2.77 8.20
CA TYR B 17 -17.30 3.46 11.27
C TYR B 17 -15.67 1.40 8.91
C TYR B 17 -17.26 2.00 11.65
N ASP B 18 -16.04 1.46 10.17
N ASP B 18 -16.32 1.25 11.06
CA ASP B 18 -16.20 0.28 11.05
CA ASP B 18 -16.24 -0.17 11.28
C ASP B 18 -14.93 -0.59 11.25
C ASP B 18 -14.83 -0.77 11.17
N LEU B 19 -13.77 0.05 11.18
CA LEU B 19 -12.45 -0.51 11.37
C LEU B 19 -11.56 0.55 12.01
N ASP B 20 -10.35 0.17 12.40
CA ASP B 20 -9.43 1.08 13.06
C ASP B 20 -8.26 1.33 12.16
N GLY B 21 -8.07 2.62 11.82
CA GLY B 21 -7.13 3.00 10.75
C GLY B 21 -6.11 4.03 11.18
N SER B 22 -5.10 4.10 10.33
CA SER B 22 -4.07 5.15 10.40
C SER B 22 -3.83 5.70 8.98
N ARG B 23 -4.33 6.90 8.73
CA ARG B 23 -4.20 7.50 7.39
C ARG B 23 -2.79 7.99 7.14
N LEU B 24 -2.39 7.84 5.88
CA LEU B 24 -1.12 8.37 5.40
C LEU B 24 -1.01 9.89 5.50
N LEU B 25 -2.08 10.55 5.09
CA LEU B 25 -2.11 12.00 4.95
C LEU B 25 -3.03 12.56 6.00
N PRO B 26 -2.74 13.77 6.51
CA PRO B 26 -1.66 14.62 6.02
C PRO B 26 -0.30 14.27 6.59
N TRP B 27 0.72 14.57 5.81
CA TRP B 27 2.12 14.38 6.15
C TRP B 27 2.85 15.56 5.60
N GLU B 28 3.39 16.40 6.47
CA GLU B 28 4.08 17.61 6.06
C GLU B 28 5.21 17.33 5.10
N GLY B 29 5.20 18.11 4.02
CA GLY B 29 6.23 18.08 3.00
C GLY B 29 6.11 16.94 2.00
N LEU B 30 5.17 16.04 2.24
CA LEU B 30 5.01 14.92 1.33
C LEU B 30 3.91 15.23 0.36
N ASN B 31 4.16 14.97 -0.91
CA ASN B 31 3.12 15.12 -1.92
C ASN B 31 2.95 13.88 -2.77
N THR B 32 1.76 13.31 -2.71
CA THR B 32 1.49 12.10 -3.44
C THR B 32 0.31 12.32 -4.37
N PRO B 33 0.23 11.50 -5.40
CA PRO B 33 -0.98 11.51 -6.24
C PRO B 33 -2.05 10.55 -5.75
N PHE B 34 -1.86 9.98 -4.54
CA PHE B 34 -2.78 9.00 -3.93
C PHE B 34 -2.91 9.28 -2.45
N GLY B 35 -3.93 8.67 -1.85
CA GLY B 35 -4.12 8.65 -0.39
C GLY B 35 -3.89 7.22 0.04
N GLY B 36 -3.74 7.04 1.36
CA GLY B 36 -3.49 5.72 1.92
C GLY B 36 -3.97 5.63 3.33
N ALA B 37 -4.12 4.37 3.76
CA ALA B 37 -4.39 4.10 5.15
C ALA B 37 -4.02 2.67 5.49
N TRP B 38 -3.46 2.52 6.71
CA TRP B 38 -3.29 1.20 7.34
C TRP B 38 -4.55 0.90 8.12
N CYS B 39 -5.18 -0.21 7.79
CA CYS B 39 -6.47 -0.57 8.36
C CYS B 39 -6.44 -1.90 9.09
N ILE B 40 -7.17 -1.90 10.21
CA ILE B 40 -7.30 -3.12 11.02
C ILE B 40 -8.79 -3.40 11.18
N VAL B 41 -9.20 -4.58 10.71
CA VAL B 41 -10.55 -5.08 10.92
C VAL B 41 -10.42 -6.05 12.11
N ARG B 42 -11.08 -5.69 13.17
CA ARG B 42 -10.93 -6.43 14.43
C ARG B 42 -11.63 -7.79 14.33
N PRO B 43 -11.31 -8.72 15.25
CA PRO B 43 -11.85 -10.07 15.18
C PRO B 43 -13.35 -10.09 15.20
N GLU B 44 -13.89 -10.97 14.37
CA GLU B 44 -15.33 -11.20 14.30
C GLU B 44 -16.16 -9.98 14.01
N THR B 45 -15.59 -9.13 13.16
CA THR B 45 -16.28 -7.92 12.66
C THR B 45 -16.12 -7.83 11.17
N LYS B 46 -16.85 -6.87 10.61
N LYS B 46 -16.83 -6.87 10.62
CA LYS B 46 -16.72 -6.47 9.22
CA LYS B 46 -16.79 -6.61 9.21
C LYS B 46 -16.71 -4.95 9.08
C LYS B 46 -16.81 -5.12 8.95
N SER B 47 -16.09 -4.48 8.01
N SER B 47 -16.28 -4.79 7.79
CA SER B 47 -16.05 -3.04 7.71
CA SER B 47 -16.32 -3.44 7.23
C SER B 47 -17.32 -2.49 7.02
C SER B 47 -17.04 -3.51 5.91
N PHE B 48 -17.36 -1.18 6.80
N PHE B 48 -17.82 -2.48 5.62
CA PHE B 48 -18.54 -0.54 6.25
CA PHE B 48 -18.46 -2.36 4.34
C PHE B 48 -18.58 -0.54 4.70
C PHE B 48 -18.42 -0.91 3.93
N ARG B 49 -19.64 -1.15 4.18
N ARG B 49 -18.26 -0.68 2.64
CA ARG B 49 -19.85 -1.36 2.75
CA ARG B 49 -18.51 0.62 2.05
C ARG B 49 -20.07 -0.05 2.02
C ARG B 49 -19.31 0.39 0.77
N HIS B 50 -19.24 0.21 1.03
N HIS B 50 -20.32 1.24 0.57
CA HIS B 50 -19.42 1.40 0.18
CA HIS B 50 -21.27 1.11 -0.53
C HIS B 50 -18.85 1.20 -1.22
C HIS B 50 -20.61 1.32 -1.90
N SER B 51 -18.88 2.29 -1.97
N SER B 51 -19.49 2.07 -1.93
CA SER B 51 -18.71 2.30 -3.43
CA SER B 51 -18.76 2.49 -3.16
C SER B 51 -18.58 3.74 -3.89
C SER B 51 -18.42 3.99 -3.26
N HIS B 52 -17.46 4.05 -4.56
N HIS B 52 -17.37 4.34 -4.02
CA HIS B 52 -17.09 5.43 -4.87
CA HIS B 52 -17.08 5.75 -4.27
C HIS B 52 -16.53 5.62 -6.28
C HIS B 52 -16.36 5.96 -5.60
N ASN B 53 -16.33 6.89 -6.61
N ASN B 53 -16.15 7.23 -5.92
CA ASN B 53 -15.76 7.32 -7.88
CA ASN B 53 -15.86 7.66 -7.29
C ASN B 53 -14.29 7.66 -7.70
C ASN B 53 -14.39 7.60 -7.66
N GLU B 54 -13.58 6.78 -6.99
N GLU B 54 -13.61 6.87 -6.85
CA GLU B 54 -12.13 6.80 -6.79
CA GLU B 54 -12.16 6.78 -6.96
C GLU B 54 -11.60 5.35 -6.93
C GLU B 54 -11.69 5.33 -7.10
N TYR B 55 -10.47 5.17 -7.61
CA TYR B 55 -9.79 3.87 -7.71
C TYR B 55 -9.17 3.54 -6.37
N GLU B 56 -9.06 2.24 -6.11
CA GLU B 56 -8.56 1.77 -4.82
C GLU B 56 -7.99 0.41 -4.99
N LEU B 57 -6.96 0.14 -4.20
CA LEU B 57 -6.50 -1.24 -4.07
C LEU B 57 -6.05 -1.51 -2.67
N PHE B 58 -6.12 -2.80 -2.32
CA PHE B 58 -5.77 -3.27 -0.99
C PHE B 58 -4.56 -4.16 -1.12
N ILE B 59 -3.65 -3.95 -0.18
CA ILE B 59 -2.47 -4.80 0.02
C ILE B 59 -2.68 -5.53 1.37
N VAL B 60 -2.83 -6.85 1.30
CA VAL B 60 -3.17 -7.64 2.50
C VAL B 60 -1.91 -7.96 3.31
N ILE B 61 -1.93 -7.51 4.55
CA ILE B 61 -0.73 -7.54 5.38
C ILE B 61 -0.68 -8.64 6.44
N GLN B 62 -1.76 -8.93 7.13
CA GLN B 62 -1.70 -9.96 8.17
C GLN B 62 -3.11 -10.44 8.45
N GLY B 63 -3.21 -11.74 8.71
CA GLY B 63 -4.48 -12.37 9.03
C GLY B 63 -5.21 -12.92 7.83
N ASN B 64 -6.50 -13.13 8.02
CA ASN B 64 -7.37 -13.76 7.04
C ASN B 64 -8.65 -12.98 6.98
N ALA B 65 -9.22 -12.85 5.79
CA ALA B 65 -10.52 -12.20 5.64
C ALA B 65 -11.15 -12.68 4.37
N ILE B 66 -12.41 -12.29 4.23
CA ILE B 66 -13.16 -12.45 3.00
C ILE B 66 -13.46 -11.01 2.54
N ILE B 67 -12.97 -10.64 1.35
CA ILE B 67 -13.30 -9.35 0.76
C ILE B 67 -14.46 -9.60 -0.18
N ARG B 68 -15.59 -8.97 0.08
CA ARG B 68 -16.72 -9.15 -0.79
C ARG B 68 -16.81 -7.92 -1.66
N ILE B 69 -16.85 -8.17 -2.97
CA ILE B 69 -16.94 -7.09 -3.93
C ILE B 69 -18.17 -7.41 -4.75
N ASN B 70 -19.19 -6.60 -4.50
N ASN B 70 -19.20 -6.58 -4.63
CA ASN B 70 -20.56 -6.87 -4.97
CA ASN B 70 -20.43 -6.79 -5.39
C ASN B 70 -21.04 -8.16 -4.33
C ASN B 70 -20.83 -8.27 -5.39
N ASP B 71 -21.16 -9.23 -5.13
N ASP B 71 -21.04 -8.79 -4.17
CA ASP B 71 -21.70 -10.49 -4.65
CA ASP B 71 -21.65 -10.11 -3.98
C ASP B 71 -20.62 -11.55 -4.46
C ASP B 71 -20.78 -11.33 -4.32
N GLU B 72 -19.43 -11.27 -4.99
N GLU B 72 -19.53 -11.11 -4.72
CA GLU B 72 -18.38 -12.26 -5.14
CA GLU B 72 -18.59 -12.22 -4.96
C GLU B 72 -17.43 -12.20 -3.94
C GLU B 72 -17.52 -12.19 -3.88
N ASP B 73 -17.21 -13.35 -3.33
CA ASP B 73 -16.39 -13.44 -2.14
C ASP B 73 -15.01 -13.95 -2.49
N PHE B 74 -14.01 -13.12 -2.16
CA PHE B 74 -12.61 -13.42 -2.43
C PHE B 74 -11.91 -13.66 -1.08
N PRO B 75 -11.60 -14.93 -0.70
CA PRO B 75 -10.73 -15.09 0.47
C PRO B 75 -9.38 -14.43 0.26
N VAL B 76 -8.84 -13.85 1.33
CA VAL B 76 -7.53 -13.21 1.22
C VAL B 76 -6.66 -13.52 2.43
N THR B 77 -5.36 -13.38 2.21
N THR B 77 -5.35 -13.48 2.18
CA THR B 77 -4.32 -13.75 3.15
CA THR B 77 -4.33 -13.69 3.18
C THR B 77 -3.11 -12.89 2.80
C THR B 77 -3.15 -12.82 2.83
N LYS B 78 -2.17 -12.75 3.72
CA LYS B 78 -0.98 -11.95 3.54
C LYS B 78 -0.34 -12.12 2.19
N GLY B 79 -0.07 -10.97 1.55
CA GLY B 79 0.54 -10.91 0.23
C GLY B 79 -0.45 -10.70 -0.88
N ASP B 80 -1.72 -11.00 -0.68
CA ASP B 80 -2.71 -10.82 -1.73
C ASP B 80 -2.95 -9.33 -1.99
N LEU B 81 -3.13 -9.01 -3.27
CA LEU B 81 -3.62 -7.68 -3.67
C LEU B 81 -4.97 -7.79 -4.32
N ILE B 82 -5.78 -6.78 -4.02
N ILE B 82 -5.79 -6.79 -4.06
CA ILE B 82 -7.14 -6.63 -4.50
CA ILE B 82 -7.09 -6.76 -4.66
C ILE B 82 -7.28 -5.29 -5.13
C ILE B 82 -7.49 -5.34 -5.01
N ILE B 83 -8.10 -5.25 -6.17
CA ILE B 83 -8.49 -3.99 -6.78
C ILE B 83 -9.93 -3.78 -6.38
N ILE B 84 -10.26 -2.58 -5.98
CA ILE B 84 -11.65 -2.23 -5.71
C ILE B 84 -12.15 -1.52 -6.97
N PRO B 85 -12.82 -2.27 -7.88
CA PRO B 85 -13.12 -1.65 -9.17
C PRO B 85 -14.07 -0.54 -9.00
N LEU B 86 -14.02 0.30 -10.02
CA LEU B 86 -14.81 1.48 -10.14
C LEU B 86 -16.28 1.23 -9.83
N ASP B 87 -16.70 1.97 -8.82
CA ASP B 87 -18.08 2.09 -8.40
C ASP B 87 -18.73 0.85 -7.75
N SER B 88 -17.92 -0.19 -7.58
CA SER B 88 -18.23 -1.41 -6.84
C SER B 88 -18.43 -1.21 -5.36
N GLU B 89 -19.31 -2.03 -4.76
N GLU B 89 -19.38 -1.93 -4.74
CA GLU B 89 -19.46 -2.11 -3.31
CA GLU B 89 -19.52 -1.94 -3.28
C GLU B 89 -18.44 -3.06 -2.73
C GLU B 89 -18.70 -3.10 -2.74
N HIS B 90 -17.85 -2.71 -1.59
N HIS B 90 -18.21 -2.99 -1.51
CA HIS B 90 -17.04 -3.70 -0.87
CA HIS B 90 -17.42 -4.07 -0.93
C HIS B 90 -16.96 -3.55 0.63
C HIS B 90 -17.51 -4.33 0.58
N HIS B 91 -16.74 -4.69 1.26
N HIS B 91 -17.22 -5.56 0.97
CA HIS B 91 -16.31 -4.68 2.62
CA HIS B 91 -17.22 -5.95 2.36
C HIS B 91 -15.46 -5.89 2.86
C HIS B 91 -15.88 -6.55 2.69
N VAL B 92 -14.91 -5.90 4.06
N VAL B 92 -15.38 -6.28 3.88
CA VAL B 92 -13.93 -6.85 4.55
CA VAL B 92 -14.21 -6.94 4.42
C VAL B 92 -14.52 -7.58 5.76
C VAL B 92 -14.61 -7.59 5.71
N ILE B 93 -14.67 -8.90 5.63
CA ILE B 93 -15.19 -9.71 6.71
C ILE B 93 -14.05 -10.43 7.39
N ASN B 94 -13.90 -10.22 8.69
CA ASN B 94 -12.93 -10.98 9.49
C ASN B 94 -13.64 -11.90 10.46
N ASN B 95 -13.70 -13.18 10.10
CA ASN B 95 -14.29 -14.21 10.96
C ASN B 95 -13.32 -14.89 11.92
N ASN B 96 -12.15 -14.32 12.14
CA ASN B 96 -11.09 -15.00 12.86
C ASN B 96 -10.69 -14.28 14.16
N GLN B 97 -9.89 -14.95 14.98
CA GLN B 97 -9.37 -14.40 16.25
C GLN B 97 -8.21 -13.42 16.10
N GLU B 98 -7.62 -13.42 14.93
CA GLU B 98 -6.49 -12.55 14.70
C GLU B 98 -6.98 -11.26 13.98
N ASP B 99 -6.57 -10.10 14.45
CA ASP B 99 -6.77 -8.84 13.69
C ASP B 99 -6.39 -9.09 12.26
N PHE B 100 -7.17 -8.47 11.39
CA PHE B 100 -6.91 -8.47 9.93
C PHE B 100 -6.36 -7.09 9.53
N HIS B 101 -5.13 -7.10 9.04
CA HIS B 101 -4.47 -5.86 8.62
C HIS B 101 -4.34 -5.80 7.10
N PHE B 102 -4.63 -4.61 6.56
CA PHE B 102 -4.41 -4.34 5.13
C PHE B 102 -4.12 -2.85 4.99
N TYR B 103 -3.43 -2.54 3.88
CA TYR B 103 -3.18 -1.14 3.49
C TYR B 103 -4.00 -0.84 2.27
N THR B 104 -4.72 0.29 2.31
CA THR B 104 -5.43 0.75 1.13
C THR B 104 -4.74 1.98 0.54
N ILE B 105 -4.68 1.98 -0.78
N ILE B 105 -4.65 1.98 -0.77
CA ILE B 105 -4.20 3.10 -1.60
CA ILE B 105 -4.20 3.13 -1.57
C ILE B 105 -5.36 3.49 -2.51
C ILE B 105 -5.34 3.49 -2.51
N TRP B 106 -5.72 4.77 -2.52
CA TRP B 106 -6.78 5.25 -3.40
C TRP B 106 -6.31 6.50 -4.18
N TRP B 107 -6.92 6.69 -5.36
CA TRP B 107 -6.46 7.75 -6.29
C TRP B 107 -7.56 8.01 -7.30
N ASP B 108 -7.47 9.21 -7.93
CA ASP B 108 -8.33 9.53 -9.04
C ASP B 108 -7.67 10.63 -9.80
N LYS B 109 -8.46 11.18 -10.74
CA LYS B 109 -7.97 12.28 -11.60
C LYS B 109 -7.56 13.47 -10.78
N GLU B 110 -8.39 13.84 -9.82
CA GLU B 110 -8.16 15.02 -8.97
C GLU B 110 -6.93 14.90 -8.10
N SER B 111 -6.78 13.74 -7.47
CA SER B 111 -5.63 13.54 -6.57
C SER B 111 -4.34 13.61 -7.38
N THR B 112 -4.39 13.09 -8.59
N THR B 112 -4.39 13.09 -8.59
CA THR B 112 -3.24 13.10 -9.47
CA THR B 112 -3.23 13.10 -9.45
C THR B 112 -2.90 14.51 -9.95
C THR B 112 -2.90 14.51 -9.95
N LEU B 113 -3.94 15.25 -10.29
CA LEU B 113 -3.75 16.63 -10.72
C LEU B 113 -3.24 17.51 -9.59
N ASN B 114 -3.71 17.30 -8.37
CA ASN B 114 -3.23 18.10 -7.26
C ASN B 114 -1.75 17.87 -7.05
N PHE B 115 -1.33 16.60 -7.15
CA PHE B 115 0.08 16.29 -7.05
C PHE B 115 0.88 17.13 -8.07
N LEU B 116 0.40 17.10 -9.32
CA LEU B 116 1.09 17.85 -10.37
C LEU B 116 1.04 19.36 -10.18
N THR B 117 -0.08 19.87 -9.71
CA THR B 117 -0.19 21.31 -9.55
C THR B 117 0.60 21.73 -8.31
N ARG B 118 0.59 20.89 -7.27
CA ARG B 118 1.43 21.19 -6.11
C ARG B 118 2.92 21.07 -6.47
N LEU B 119 3.26 20.08 -7.29
CA LEU B 119 4.61 19.92 -7.82
C LEU B 119 5.07 21.25 -8.42
N GLU B 120 4.25 21.78 -9.33
CA GLU B 120 4.58 22.98 -10.09
C GLU B 120 4.61 24.23 -9.23
N GLN B 121 3.74 24.29 -8.22
CA GLN B 121 3.74 25.41 -7.30
C GLN B 121 5.06 25.46 -6.54
NI NI C . 14.43 3.18 -4.48
NA NA D . 7.91 -16.13 7.96
NI NI E . -13.18 2.40 -0.56
N MSE A 2 -10.15 -8.44 -16.89
CA MSE A 2 -10.13 -7.55 -15.73
C MSE A 2 -10.63 -8.29 -14.43
O MSE A 2 -11.73 -8.08 -13.94
CB MSE A 2 -10.79 -6.15 -16.03
CG MSE A 2 -11.71 -5.92 -17.34
SE MSE A 2 -11.54 -4.21 -18.43
CE MSE A 2 -10.53 -3.20 -17.06
HA MSE A 2 -9.20 -7.34 -15.57
HB2 MSE A 2 -11.32 -5.90 -15.26
HB3 MSE A 2 -10.06 -5.52 -16.12
HG2 MSE A 2 -11.57 -6.66 -17.95
HG3 MSE A 2 -12.63 -5.95 -17.01
HE1 MSE A 2 -10.99 -3.21 -16.22
HE2 MSE A 2 -9.67 -3.64 -16.94
HE3 MSE A 2 -10.36 -2.29 -17.35
N ASN A 3 -9.75 -9.20 -14.02
CA ASN A 3 -9.69 -10.01 -12.77
C ASN A 3 -8.99 -9.12 -11.76
N ILE A 4 -9.42 -9.19 -10.52
N ILE A 4 -9.42 -9.23 -10.52
CA ILE A 4 -9.31 -8.09 -9.58
CA ILE A 4 -9.37 -8.15 -9.58
C ILE A 4 -8.61 -8.56 -8.28
C ILE A 4 -8.64 -8.57 -8.29
N ILE A 5 -8.25 -9.84 -8.23
CA ILE A 5 -7.46 -10.39 -7.14
C ILE A 5 -6.23 -10.97 -7.78
N ARG A 6 -5.11 -10.73 -7.12
N ARG A 6 -5.11 -10.72 -7.13
CA ARG A 6 -3.89 -11.44 -7.40
CA ARG A 6 -3.89 -11.45 -7.40
C ARG A 6 -3.42 -12.11 -6.13
C ARG A 6 -3.44 -12.11 -6.11
N LYS A 7 -3.51 -13.43 -6.11
CA LYS A 7 -3.08 -14.21 -4.98
C LYS A 7 -1.55 -14.24 -4.97
N MSE A 8 -0.97 -14.05 -3.78
CA MSE A 8 0.49 -13.99 -3.72
C MSE A 8 1.15 -15.32 -3.88
O MSE A 8 0.89 -16.22 -3.11
CB MSE A 8 0.95 -13.45 -2.38
CG MSE A 8 2.49 -13.48 -2.20
SE MSE A 8 3.55 -12.44 -3.56
CE MSE A 8 3.19 -10.80 -2.58
HA MSE A 8 0.83 -13.39 -4.40
HB2 MSE A 8 0.67 -12.53 -2.28
HB3 MSE A 8 0.56 -13.99 -1.68
HG2 MSE A 8 2.68 -13.08 -1.34
HG3 MSE A 8 2.80 -14.40 -2.21
HE1 MSE A 8 3.95 -10.56 -2.02
HE2 MSE A 8 2.97 -10.08 -3.19
HE3 MSE A 8 2.42 -10.97 -2.01
N ASP A 9 2.10 -15.43 -4.82
CA ASP A 9 2.90 -16.68 -4.94
C ASP A 9 4.33 -16.28 -4.62
N TRP A 10 4.81 -16.61 -3.40
CA TRP A 10 6.14 -16.14 -3.03
C TRP A 10 7.20 -16.77 -3.93
N ASP A 11 6.94 -17.98 -4.42
CA ASP A 11 7.95 -18.64 -5.24
C ASP A 11 8.20 -17.84 -6.52
N SER A 12 7.17 -17.10 -6.93
CA SER A 12 7.18 -16.33 -8.19
C SER A 12 7.91 -15.01 -8.07
N MSE A 13 8.40 -14.66 -6.92
CA MSE A 13 9.09 -13.41 -6.74
C MSE A 13 10.35 -13.41 -7.61
O MSE A 13 10.99 -14.41 -7.85
CB MSE A 13 9.39 -13.20 -5.26
CG MSE A 13 8.11 -12.86 -4.47
SE MSE A 13 8.57 -12.70 -2.62
CE MSE A 13 7.43 -11.17 -2.24
H MSE A 13 8.31 -15.12 -6.19
HA MSE A 13 8.50 -12.69 -7.02
HB2 MSE A 13 9.72 -14.04 -4.91
HB3 MSE A 13 10.04 -12.51 -5.12
HG2 MSE A 13 7.77 -12.00 -4.78
HG3 MSE A 13 7.44 -13.54 -4.56
HE1 MSE A 13 7.97 -10.48 -1.84
HE2 MSE A 13 7.05 -10.86 -3.08
HE3 MSE A 13 6.71 -11.42 -1.65
N VAL A 14 10.65 -12.22 -8.15
CA VAL A 14 11.87 -11.95 -8.90
C VAL A 14 12.91 -11.32 -8.01
N HIS A 15 14.09 -11.92 -7.98
CA HIS A 15 15.18 -11.39 -7.25
C HIS A 15 15.78 -10.21 -8.02
N GLU A 16 15.74 -9.05 -7.39
CA GLU A 16 16.37 -7.86 -7.98
C GLU A 16 16.83 -6.89 -6.88
N TYR A 17 17.90 -6.15 -7.14
CA TYR A 17 18.41 -5.24 -6.13
C TYR A 17 18.84 -6.00 -4.85
N ASP A 18 19.16 -7.27 -5.04
CA ASP A 18 19.50 -8.13 -3.93
C ASP A 18 18.36 -8.41 -2.92
N LEU A 19 17.11 -8.33 -3.34
CA LEU A 19 15.99 -8.74 -2.53
C LEU A 19 14.97 -9.47 -3.40
N ASP A 20 13.91 -10.01 -2.80
CA ASP A 20 12.90 -10.74 -3.53
C ASP A 20 11.67 -9.88 -3.63
N GLY A 21 11.22 -9.68 -4.87
CA GLY A 21 10.09 -8.75 -5.10
C GLY A 21 8.99 -9.36 -5.91
N SER A 22 7.81 -8.80 -5.69
CA SER A 22 6.63 -9.04 -6.52
C SER A 22 6.07 -7.69 -6.93
N ARG A 23 6.35 -7.35 -8.17
CA ARG A 23 5.92 -6.03 -8.71
C ARG A 23 4.43 -6.00 -8.95
N LEU A 24 3.82 -4.86 -8.63
CA LEU A 24 2.40 -4.63 -8.94
C LEU A 24 2.09 -4.70 -10.42
N LEU A 25 2.94 -4.05 -11.19
CA LEU A 25 2.70 -3.90 -12.63
C LEU A 25 3.60 -4.85 -13.35
N PRO A 26 3.20 -5.33 -14.53
CA PRO A 26 1.93 -5.04 -15.20
C PRO A 26 0.75 -5.78 -14.56
N TRP A 27 -0.42 -5.14 -14.62
CA TRP A 27 -1.68 -5.74 -14.22
C TRP A 27 -2.69 -5.28 -15.27
N GLU A 28 -3.00 -6.21 -16.15
CA GLU A 28 -3.95 -6.04 -17.26
C GLU A 28 -5.21 -5.30 -16.71
N GLY A 29 -5.49 -4.09 -17.21
CA GLY A 29 -6.64 -3.32 -16.75
C GLY A 29 -6.51 -2.39 -15.55
N LEU A 30 -5.36 -2.36 -14.89
CA LEU A 30 -5.12 -1.49 -13.72
C LEU A 30 -4.46 -0.23 -14.24
N ASN A 31 -5.10 0.91 -14.02
CA ASN A 31 -4.45 2.19 -14.35
C ASN A 31 -4.12 2.92 -13.06
N THR A 32 -2.83 3.09 -12.85
CA THR A 32 -2.31 3.70 -11.64
C THR A 32 -1.37 4.81 -12.04
N PRO A 33 -1.17 5.79 -11.16
CA PRO A 33 -0.17 6.85 -11.34
C PRO A 33 1.13 6.56 -10.59
N PHE A 34 1.27 5.32 -10.08
CA PHE A 34 2.43 4.91 -9.27
C PHE A 34 2.78 3.48 -9.67
N GLY A 35 3.97 3.05 -9.28
CA GLY A 35 4.31 1.63 -9.37
C GLY A 35 4.52 1.15 -7.95
N GLY A 36 4.76 -0.14 -7.82
CA GLY A 36 5.14 -0.63 -6.52
C GLY A 36 5.49 -2.08 -6.55
N ALA A 37 5.82 -2.57 -5.36
CA ALA A 37 6.31 -3.95 -5.20
C ALA A 37 6.26 -4.35 -3.74
N TRP A 38 5.91 -5.63 -3.57
CA TRP A 38 6.11 -6.28 -2.25
C TRP A 38 7.52 -6.83 -2.25
N CYS A 39 8.28 -6.43 -1.24
CA CYS A 39 9.68 -6.81 -1.15
C CYS A 39 9.99 -7.55 0.15
N ILE A 40 10.91 -8.52 0.00
CA ILE A 40 11.41 -9.28 1.16
C ILE A 40 12.92 -9.23 1.12
N VAL A 41 13.47 -8.74 2.21
CA VAL A 41 14.91 -8.82 2.46
C VAL A 41 15.10 -10.02 3.39
N ARG A 42 15.79 -11.01 2.85
CA ARG A 42 15.92 -12.30 3.54
C ARG A 42 16.78 -12.17 4.78
N PRO A 43 16.65 -13.10 5.71
CA PRO A 43 17.43 -13.02 6.96
C PRO A 43 18.92 -12.86 6.71
N GLU A 44 19.53 -11.94 7.46
CA GLU A 44 20.98 -11.71 7.37
C GLU A 44 21.50 -11.35 5.98
N THR A 45 20.71 -10.51 5.30
CA THR A 45 21.01 -9.99 3.94
C THR A 45 20.74 -8.49 3.97
N LYS A 46 21.26 -7.79 2.97
CA LYS A 46 20.93 -6.39 2.73
C LYS A 46 20.52 -6.23 1.29
N SER A 47 19.66 -5.23 1.05
CA SER A 47 19.15 -4.86 -0.28
C SER A 47 20.10 -3.87 -0.82
N PHE A 48 20.17 -3.78 -2.17
CA PHE A 48 21.10 -3.00 -3.03
C PHE A 48 20.91 -1.50 -3.02
N ARG A 49 22.01 -0.81 -2.87
CA ARG A 49 21.92 0.63 -2.63
C ARG A 49 21.81 1.36 -3.91
N HIS A 50 20.96 2.36 -3.89
CA HIS A 50 20.91 3.15 -5.06
C HIS A 50 20.05 4.31 -4.78
N SER A 51 19.75 5.00 -5.83
CA SER A 51 18.84 6.05 -5.69
C SER A 51 17.77 5.65 -6.67
N HIS A 52 17.26 6.72 -7.33
CA HIS A 52 16.50 6.77 -8.61
C HIS A 52 15.58 8.05 -8.65
N ASN A 53 15.83 8.97 -9.58
CA ASN A 53 15.06 10.27 -9.73
C ASN A 53 13.51 10.28 -9.68
N GLU A 54 12.94 9.53 -8.73
CA GLU A 54 11.51 9.33 -8.51
C GLU A 54 11.23 9.39 -7.01
N TYR A 55 10.00 9.71 -6.64
CA TYR A 55 9.52 9.68 -5.25
C TYR A 55 9.25 8.24 -4.89
N GLU A 56 9.41 7.93 -3.60
CA GLU A 56 9.21 6.56 -3.13
C GLU A 56 8.85 6.60 -1.66
N LEU A 57 8.01 5.67 -1.27
N LEU A 57 7.97 5.66 -1.28
CA LEU A 57 7.79 5.44 0.13
CA LEU A 57 7.43 5.45 0.07
C LEU A 57 7.67 3.95 0.39
C LEU A 57 7.58 3.95 0.40
N PHE A 58 8.06 3.61 1.61
CA PHE A 58 8.02 2.24 2.09
C PHE A 58 6.96 2.14 3.18
N ILE A 59 6.17 1.08 3.06
CA ILE A 59 5.20 0.66 4.08
C ILE A 59 5.78 -0.65 4.68
N VAL A 60 6.20 -0.57 5.94
CA VAL A 60 6.84 -1.74 6.57
C VAL A 60 5.78 -2.70 7.06
N ILE A 61 5.92 -3.94 6.59
CA ILE A 61 4.89 -4.97 6.80
C ILE A 61 5.20 -5.94 7.94
N GLN A 62 6.42 -6.45 8.02
CA GLN A 62 6.69 -7.52 8.97
C GLN A 62 8.16 -7.52 9.22
N GLY A 63 8.55 -7.79 10.47
CA GLY A 63 9.94 -7.97 10.79
C GLY A 63 10.58 -6.70 11.25
N ASN A 64 11.91 -6.72 11.28
CA ASN A 64 12.70 -5.63 11.80
C ASN A 64 13.90 -5.48 10.93
N ALA A 65 14.20 -4.26 10.52
CA ALA A 65 15.35 -3.94 9.69
C ALA A 65 15.82 -2.51 9.90
N ILE A 66 16.94 -2.17 9.28
CA ILE A 66 17.48 -0.81 9.40
C ILE A 66 17.42 -0.26 7.97
N ILE A 67 16.82 0.92 7.82
CA ILE A 67 16.80 1.59 6.51
C ILE A 67 17.89 2.61 6.63
N ARG A 68 18.87 2.52 5.73
CA ARG A 68 19.98 3.47 5.70
C ARG A 68 19.72 4.41 4.54
N ILE A 69 19.70 5.70 4.86
N ILE A 69 19.71 5.70 4.85
CA ILE A 69 19.45 6.79 3.92
CA ILE A 69 19.43 6.78 3.91
C ILE A 69 20.51 7.91 4.13
C ILE A 69 20.48 7.92 4.12
N ASN A 70 21.25 8.30 3.09
CA ASN A 70 22.11 9.56 3.15
C ASN A 70 23.06 9.98 4.36
N ASP A 71 23.44 8.94 5.09
CA ASP A 71 24.11 8.89 6.39
C ASP A 71 23.26 8.96 7.67
N GLU A 72 22.17 8.21 7.61
N GLU A 72 22.18 8.21 7.63
CA GLU A 72 21.20 8.11 8.70
CA GLU A 72 21.33 8.05 8.79
C GLU A 72 20.65 6.68 8.69
C GLU A 72 20.65 6.68 8.71
N ASP A 73 20.66 6.01 9.85
CA ASP A 73 20.04 4.69 9.99
C ASP A 73 18.71 4.85 10.72
N PHE A 74 17.69 4.21 10.19
CA PHE A 74 16.35 4.18 10.81
C PHE A 74 16.02 2.74 11.27
N PRO A 75 15.96 2.47 12.60
CA PRO A 75 15.31 1.19 12.95
C PRO A 75 13.82 1.24 12.60
N VAL A 76 13.33 0.24 11.89
CA VAL A 76 11.90 0.16 11.53
C VAL A 76 11.34 -1.21 11.78
N THR A 77 10.01 -1.27 11.89
CA THR A 77 9.31 -2.55 11.93
C THR A 77 7.86 -2.35 11.53
N LYS A 78 7.04 -3.34 11.69
CA LYS A 78 5.64 -3.36 11.23
C LYS A 78 4.90 -2.09 11.56
N GLY A 79 4.33 -1.52 10.49
CA GLY A 79 3.50 -0.30 10.59
C GLY A 79 4.26 0.96 10.27
N ASP A 80 5.56 0.99 10.34
CA ASP A 80 6.32 2.19 10.07
C ASP A 80 6.26 2.54 8.59
N LEU A 81 6.27 3.85 8.35
N LEU A 81 6.22 3.85 8.33
CA LEU A 81 6.35 4.43 7.01
CA LEU A 81 6.28 4.38 6.98
C LEU A 81 7.58 5.26 6.91
C LEU A 81 7.54 5.24 6.85
N ILE A 82 8.21 5.21 5.75
N ILE A 82 8.20 5.10 5.70
CA ILE A 82 9.38 6.03 5.53
CA ILE A 82 9.46 5.75 5.39
C ILE A 82 9.39 6.50 4.09
C ILE A 82 9.31 6.43 4.05
N ILE A 83 9.66 7.79 3.95
N ILE A 83 9.69 7.71 4.00
CA ILE A 83 9.65 8.48 2.67
CA ILE A 83 9.77 8.42 2.74
C ILE A 83 11.10 8.59 2.24
C ILE A 83 11.20 8.37 2.30
N ILE A 84 11.41 8.10 1.04
CA ILE A 84 12.76 8.12 0.52
C ILE A 84 12.98 9.50 -0.14
N PRO A 85 13.84 10.34 0.46
CA PRO A 85 14.10 11.66 -0.12
C PRO A 85 14.62 11.56 -1.51
N LEU A 86 14.32 12.61 -2.28
CA LEU A 86 14.76 12.65 -3.67
C LEU A 86 16.24 12.55 -3.82
N ASP A 87 16.62 11.60 -4.65
CA ASP A 87 18.01 11.34 -4.96
C ASP A 87 18.82 10.89 -3.77
N SER A 88 18.15 10.32 -2.75
CA SER A 88 18.85 9.74 -1.59
C SER A 88 19.37 8.36 -1.90
N GLU A 89 20.57 8.04 -1.40
CA GLU A 89 21.16 6.68 -1.38
C GLU A 89 20.61 5.63 -0.39
N HIS A 90 19.58 4.92 -0.80
CA HIS A 90 18.81 4.09 0.13
C HIS A 90 19.08 2.61 -0.07
N HIS A 91 19.13 1.88 1.06
CA HIS A 91 19.05 0.42 1.06
C HIS A 91 18.56 -0.08 2.42
N VAL A 92 18.37 -1.39 2.51
N VAL A 92 18.22 -1.36 2.45
CA VAL A 92 17.65 -2.04 3.59
CA VAL A 92 17.68 -2.00 3.63
C VAL A 92 18.48 -3.17 4.18
C VAL A 92 18.66 -3.03 4.16
N ILE A 93 18.74 -3.12 5.49
CA ILE A 93 19.66 -4.04 6.16
C ILE A 93 18.84 -4.87 7.09
N ASN A 94 18.85 -6.19 6.86
CA ASN A 94 18.14 -7.10 7.75
C ASN A 94 19.15 -8.01 8.46
N ASN A 95 19.61 -7.59 9.62
CA ASN A 95 20.59 -8.41 10.33
C ASN A 95 19.98 -9.59 11.05
N ASN A 96 18.65 -9.68 11.06
N ASN A 96 18.65 -9.69 11.03
CA ASN A 96 17.89 -10.54 11.93
CA ASN A 96 17.93 -10.61 11.89
C ASN A 96 17.55 -11.91 11.29
C ASN A 96 17.60 -11.96 11.28
N GLN A 97 16.99 -12.81 12.09
CA GLN A 97 16.76 -14.20 11.72
C GLN A 97 15.59 -14.47 10.82
N GLU A 98 14.69 -13.51 10.74
CA GLU A 98 13.43 -13.68 9.98
C GLU A 98 13.29 -12.64 8.88
N ASP A 99 12.50 -13.02 7.89
CA ASP A 99 12.23 -12.18 6.71
C ASP A 99 11.76 -10.82 7.15
N PHE A 100 12.25 -9.83 6.39
CA PHE A 100 11.77 -8.45 6.50
C PHE A 100 10.94 -8.11 5.25
N HIS A 101 9.68 -7.80 5.51
CA HIS A 101 8.75 -7.47 4.39
C HIS A 101 8.39 -5.99 4.42
N PHE A 102 8.34 -5.39 3.20
CA PHE A 102 7.85 -4.02 3.04
C PHE A 102 7.27 -3.91 1.66
N TYR A 103 6.33 -2.97 1.54
CA TYR A 103 5.77 -2.58 0.24
C TYR A 103 6.30 -1.23 -0.15
N THR A 104 6.86 -1.16 -1.35
CA THR A 104 7.31 0.14 -1.88
C THR A 104 6.34 0.63 -2.96
N ILE A 105 6.01 1.91 -2.85
N ILE A 105 6.05 1.92 -2.87
CA ILE A 105 5.27 2.65 -3.86
CA ILE A 105 5.31 2.66 -3.87
C ILE A 105 6.18 3.78 -4.38
C ILE A 105 6.21 3.78 -4.39
N TRP A 106 6.29 3.91 -5.71
CA TRP A 106 7.11 4.96 -6.32
C TRP A 106 6.31 5.68 -7.41
N TRP A 107 6.64 6.96 -7.62
CA TRP A 107 5.87 7.79 -8.56
C TRP A 107 6.72 8.98 -8.95
N ASP A 108 6.30 9.61 -10.07
CA ASP A 108 6.93 10.86 -10.50
C ASP A 108 5.97 11.52 -11.44
N LYS A 109 6.43 12.64 -12.00
CA LYS A 109 5.57 13.41 -12.93
C LYS A 109 5.12 12.57 -14.11
N GLU A 110 6.03 11.79 -14.67
CA GLU A 110 5.71 10.92 -15.79
C GLU A 110 4.70 9.83 -15.52
N SER A 111 4.83 9.17 -14.38
CA SER A 111 3.90 8.11 -14.07
C SER A 111 2.50 8.68 -13.88
N THR A 112 2.42 9.85 -13.27
N THR A 112 2.42 9.86 -13.31
CA THR A 112 1.16 10.53 -13.02
CA THR A 112 1.11 10.45 -13.10
C THR A 112 0.51 11.05 -14.32
C THR A 112 0.51 10.97 -14.40
N LEU A 113 1.30 11.66 -15.20
CA LEU A 113 0.79 12.08 -16.48
C LEU A 113 0.34 10.90 -17.28
N ASN A 114 1.11 9.79 -17.21
CA ASN A 114 0.76 8.61 -18.00
C ASN A 114 -0.60 8.05 -17.55
N PHE A 115 -0.85 8.05 -16.24
CA PHE A 115 -2.14 7.66 -15.73
C PHE A 115 -3.27 8.50 -16.39
N LEU A 116 -3.07 9.82 -16.35
CA LEU A 116 -4.09 10.72 -16.90
C LEU A 116 -4.28 10.57 -18.43
N THR A 117 -3.17 10.35 -19.13
CA THR A 117 -3.24 10.15 -20.58
C THR A 117 -3.99 8.86 -20.90
N ARG A 118 -3.67 7.78 -20.19
CA ARG A 118 -4.26 6.50 -20.52
C ARG A 118 -5.73 6.50 -20.17
N LEU A 119 -6.09 7.18 -19.09
CA LEU A 119 -7.50 7.36 -18.84
C LEU A 119 -8.15 8.07 -20.03
N GLU A 120 -7.47 9.07 -20.64
CA GLU A 120 -8.07 9.70 -21.84
C GLU A 120 -8.26 8.67 -22.92
N GLN A 121 -7.25 7.86 -23.18
CA GLN A 121 -7.30 6.85 -24.25
C GLN A 121 -8.11 5.62 -23.86
N ASP A 122 -8.51 5.55 -22.59
CA ASP A 122 -9.45 4.53 -22.15
C ASP A 122 -10.84 4.77 -22.74
N MSE B 2 11.78 17.14 5.65
CA MSE B 2 10.54 16.40 5.86
C MSE B 2 10.64 15.76 7.21
O MSE B 2 11.67 15.93 7.87
CB MSE B 2 10.36 15.31 4.82
CG MSE B 2 9.01 15.44 4.22
SE MSE B 2 8.49 14.27 2.81
CE MSE B 2 9.90 14.37 1.50
HA MSE B 2 9.77 16.99 5.84
HB2 MSE B 2 11.04 15.39 4.13
HB3 MSE B 2 10.41 14.44 5.25
HG2 MSE B 2 8.35 15.31 4.93
HG3 MSE B 2 8.95 16.35 3.89
HE1 MSE B 2 10.08 13.50 1.14
HE2 MSE B 2 9.63 14.97 0.78
HE3 MSE B 2 10.70 14.72 1.93
N ASN B 3 9.54 15.11 7.63
CA ASN B 3 9.65 13.82 8.31
C ASN B 3 9.86 12.76 7.24
N ILE B 4 11.06 12.18 7.29
N ILE B 4 10.98 12.10 7.24
CA ILE B 4 11.44 10.96 6.57
CA ILE B 4 11.03 10.96 6.38
C ILE B 4 10.64 9.76 7.12
C ILE B 4 10.72 9.65 7.10
N ILE B 5 10.57 9.63 8.44
CA ILE B 5 9.97 8.44 9.12
C ILE B 5 8.75 8.78 9.94
N ARG B 6 7.70 7.96 9.84
CA ARG B 6 6.60 7.99 10.82
C ARG B 6 6.50 6.61 11.43
N LYS B 7 6.83 6.55 12.70
CA LYS B 7 6.67 5.32 13.45
C LYS B 7 5.22 5.05 13.65
N MSE B 8 4.78 3.81 13.46
CA MSE B 8 3.36 3.53 13.78
C MSE B 8 3.14 3.67 15.27
O MSE B 8 3.92 3.17 16.11
CB MSE B 8 2.81 2.15 13.32
CG MSE B 8 1.12 2.02 13.40
SE MSE B 8 -0.03 2.96 12.29
CE MSE B 8 0.26 1.62 10.91
H MSE B 8 5.22 3.16 13.11
HA MSE B 8 2.81 4.19 13.34
HB2 MSE B 8 3.12 1.93 12.43
HB3 MSE B 8 3.17 1.50 13.94
HG2 MSE B 8 0.91 1.10 13.22
HG3 MSE B 8 0.84 2.25 14.30
HE1 MSE B 8 0.36 2.05 10.05
HE2 MSE B 8 1.07 1.13 11.13
HE3 MSE B 8 -0.49 1.01 10.91
N ASP B 9 2.07 4.36 15.59
CA ASP B 9 1.58 4.46 16.98
C ASP B 9 0.25 3.71 16.97
N TRP B 10 0.31 2.46 17.44
CA TRP B 10 -0.85 1.58 17.45
C TRP B 10 -1.88 2.06 18.47
N ASP B 11 -1.49 2.97 19.36
CA ASP B 11 -2.40 3.58 20.32
C ASP B 11 -3.16 4.79 19.77
N SER B 12 -2.90 5.16 18.52
CA SER B 12 -3.54 6.36 17.98
C SER B 12 -4.37 6.06 16.74
N MSE B 13 -4.82 4.86 16.53
CA MSE B 13 -5.69 4.54 15.40
C MSE B 13 -6.97 5.36 15.57
O MSE B 13 -7.37 5.77 16.64
CB MSE B 13 -6.03 3.05 15.29
CG MSE B 13 -4.86 2.06 15.44
SE MSE B 13 -3.31 2.34 14.29
CE MSE B 13 -3.85 1.27 12.75
H MSE B 13 -4.63 4.18 17.03
HA MSE B 13 -5.26 4.80 14.58
HB2 MSE B 13 -6.70 2.88 15.97
HB3 MSE B 13 -6.41 2.86 14.43
HG2 MSE B 13 -4.54 2.11 16.36
HG3 MSE B 13 -5.13 1.16 15.20
HE1 MSE B 13 -3.65 0.33 12.89
HE2 MSE B 13 -4.80 1.38 12.60
HE3 MSE B 13 -3.35 1.59 11.97
N VAL B 14 -7.61 5.63 14.44
CA VAL B 14 -8.87 6.34 14.38
C VAL B 14 -9.91 5.42 13.77
N HIS B 15 -11.00 5.23 14.49
CA HIS B 15 -12.09 4.38 14.05
C HIS B 15 -12.87 5.07 12.92
N GLU B 16 -12.98 4.39 11.80
N GLU B 16 -12.99 4.37 11.81
CA GLU B 16 -13.72 4.90 10.63
CA GLU B 16 -13.75 4.85 10.64
C GLU B 16 -14.10 3.71 9.80
C GLU B 16 -14.87 3.86 10.40
N TYR B 17 -15.24 3.77 9.13
N TYR B 17 -15.92 4.03 11.21
CA TYR B 17 -15.64 2.71 8.22
CA TYR B 17 -17.15 3.28 11.14
C TYR B 17 -15.66 1.35 8.94
C TYR B 17 -17.06 1.85 11.63
N ASP B 18 -16.01 1.40 10.22
N ASP B 18 -16.21 1.07 10.98
CA ASP B 18 -16.17 0.19 11.04
CA ASP B 18 -16.19 -0.33 11.21
C ASP B 18 -14.90 -0.67 11.18
C ASP B 18 -14.78 -0.87 11.13
N LEU B 19 -13.77 0.01 11.19
CA LEU B 19 -12.44 -0.50 11.32
C LEU B 19 -11.58 0.54 12.02
N ASP B 20 -10.37 0.16 12.39
CA ASP B 20 -9.45 1.07 13.07
C ASP B 20 -8.28 1.32 12.18
N GLY B 21 -8.08 2.62 11.83
CA GLY B 21 -7.12 2.98 10.77
C GLY B 21 -6.11 4.02 11.18
N SER B 22 -5.11 4.11 10.30
CA SER B 22 -4.11 5.17 10.39
C SER B 22 -3.84 5.70 8.99
N ARG B 23 -4.32 6.89 8.73
CA ARG B 23 -4.15 7.41 7.36
C ARG B 23 -2.79 8.04 7.18
N LEU B 24 -2.34 7.90 5.94
CA LEU B 24 -1.07 8.45 5.52
C LEU B 24 -1.00 9.98 5.59
N LEU B 25 -2.06 10.60 5.11
CA LEU B 25 -2.11 12.06 4.97
C LEU B 25 -3.03 12.67 5.99
N PRO B 26 -2.65 13.79 6.62
CA PRO B 26 -1.56 14.64 6.18
C PRO B 26 -0.17 14.18 6.58
N TRP B 27 0.80 14.61 5.81
CA TRP B 27 2.21 14.39 6.06
C TRP B 27 2.90 15.62 5.51
N GLU B 28 3.16 16.55 6.42
CA GLU B 28 3.94 17.76 6.17
C GLU B 28 5.06 17.50 5.15
N GLY B 29 4.95 18.07 3.93
CA GLY B 29 5.97 17.91 2.91
C GLY B 29 5.98 16.68 1.98
N LEU B 30 5.02 15.76 2.17
CA LEU B 30 4.86 14.60 1.29
C LEU B 30 3.94 14.95 0.10
N ASN B 31 4.52 15.05 -1.11
CA ASN B 31 3.78 15.21 -2.39
C ASN B 31 3.37 13.85 -2.98
N THR B 32 2.12 13.42 -2.83
CA THR B 32 1.61 12.15 -3.46
C THR B 32 0.38 12.35 -4.36
N PRO B 33 0.24 11.50 -5.37
CA PRO B 33 -0.96 11.52 -6.20
C PRO B 33 -2.05 10.56 -5.73
N PHE B 34 -1.84 9.98 -4.53
CA PHE B 34 -2.78 8.99 -3.93
C PHE B 34 -2.94 9.28 -2.46
N GLY B 35 -3.99 8.71 -1.88
CA GLY B 35 -4.16 8.63 -0.43
C GLY B 35 -3.90 7.21 0.05
N GLY B 36 -3.75 7.05 1.37
CA GLY B 36 -3.40 5.75 1.94
C GLY B 36 -3.92 5.63 3.33
N ALA B 37 -4.11 4.38 3.76
CA ALA B 37 -4.36 4.10 5.16
C ALA B 37 -4.01 2.66 5.50
N TRP B 38 -3.45 2.52 6.72
CA TRP B 38 -3.27 1.19 7.33
C TRP B 38 -4.52 0.89 8.10
N CYS B 39 -5.18 -0.21 7.77
CA CYS B 39 -6.47 -0.56 8.34
C CYS B 39 -6.44 -1.89 9.09
N ILE B 40 -7.15 -1.90 10.21
CA ILE B 40 -7.31 -3.11 11.01
C ILE B 40 -8.79 -3.39 11.19
N VAL B 41 -9.20 -4.56 10.71
CA VAL B 41 -10.54 -5.08 10.92
C VAL B 41 -10.41 -6.05 12.11
N ARG B 42 -11.08 -5.69 13.18
CA ARG B 42 -10.95 -6.44 14.44
C ARG B 42 -11.65 -7.80 14.34
N PRO B 43 -11.32 -8.73 15.25
CA PRO B 43 -11.86 -10.08 15.18
C PRO B 43 -13.36 -10.11 15.19
N GLU B 44 -13.89 -10.97 14.35
CA GLU B 44 -15.31 -11.24 14.27
C GLU B 44 -16.18 -10.00 14.03
N THR B 45 -15.63 -9.14 13.15
CA THR B 45 -16.31 -7.93 12.64
C THR B 45 -16.18 -7.86 11.14
N LYS B 46 -16.91 -6.92 10.56
N LYS B 46 -16.90 -6.91 10.57
CA LYS B 46 -16.80 -6.55 9.15
CA LYS B 46 -16.72 -6.60 9.18
C LYS B 46 -16.80 -5.04 9.03
C LYS B 46 -16.77 -5.12 8.95
N SER B 47 -16.04 -4.53 8.06
N SER B 47 -16.44 -4.79 7.72
CA SER B 47 -15.97 -3.09 7.81
CA SER B 47 -16.44 -3.44 7.21
C SER B 47 -17.20 -2.57 7.06
C SER B 47 -17.12 -3.51 5.87
N PHE B 48 -17.27 -1.25 6.86
N PHE B 48 -17.96 -2.51 5.62
CA PHE B 48 -18.42 -0.55 6.30
CA PHE B 48 -18.70 -2.39 4.38
C PHE B 48 -18.51 -0.84 4.80
C PHE B 48 -18.53 -0.98 3.91
N ARG B 49 -19.72 -0.88 4.27
N ARG B 49 -18.25 -0.82 2.62
CA ARG B 49 -19.91 -1.24 2.88
CA ARG B 49 -18.26 0.48 1.98
C ARG B 49 -20.11 0.04 2.09
C ARG B 49 -19.12 0.45 0.72
N HIS B 50 -19.30 0.26 1.06
N HIS B 50 -19.75 1.60 0.44
CA HIS B 50 -19.41 1.49 0.27
CA HIS B 50 -20.85 1.73 -0.55
C HIS B 50 -18.84 1.34 -1.11
C HIS B 50 -20.45 1.92 -1.99
N SER B 51 -18.80 2.46 -1.81
N SER B 51 -19.17 1.95 -2.31
CA SER B 51 -18.54 2.45 -3.24
CA SER B 51 -18.80 2.03 -3.73
C SER B 51 -18.25 3.87 -3.70
C SER B 51 -18.87 3.43 -4.30
N HIS B 52 -17.63 4.00 -4.87
N HIS B 52 -17.83 3.76 -5.04
CA HIS B 52 -17.56 5.26 -5.65
CA HIS B 52 -17.68 5.08 -5.59
C HIS B 52 -16.61 5.26 -6.85
C HIS B 52 -16.66 5.00 -6.68
N ASN B 53 -16.67 6.40 -7.53
N ASN B 53 -16.44 6.15 -7.29
CA ASN B 53 -16.04 6.74 -8.80
CA ASN B 53 -15.52 6.27 -8.39
C ASN B 53 -14.57 7.17 -8.65
C ASN B 53 -14.21 6.99 -8.05
N GLU B 54 -13.82 6.39 -7.87
N GLU B 54 -13.50 6.47 -7.05
CA GLU B 54 -12.37 6.50 -7.65
CA GLU B 54 -12.07 6.68 -6.91
C GLU B 54 -11.73 5.14 -7.49
C GLU B 54 -11.47 5.28 -6.92
N TYR B 55 -10.43 5.09 -7.72
CA TYR B 55 -9.67 3.86 -7.76
C TYR B 55 -9.14 3.54 -6.39
N GLU B 56 -9.03 2.24 -6.12
CA GLU B 56 -8.58 1.78 -4.81
C GLU B 56 -7.98 0.42 -4.99
N LEU B 57 -6.95 0.16 -4.19
CA LEU B 57 -6.43 -1.19 -4.08
C LEU B 57 -6.08 -1.49 -2.64
N PHE B 58 -6.15 -2.77 -2.30
CA PHE B 58 -5.79 -3.27 -0.97
C PHE B 58 -4.56 -4.15 -1.12
N ILE B 59 -3.66 -3.94 -0.17
CA ILE B 59 -2.48 -4.80 0.03
C ILE B 59 -2.69 -5.52 1.37
N VAL B 60 -2.82 -6.85 1.30
CA VAL B 60 -3.15 -7.63 2.51
C VAL B 60 -1.90 -7.96 3.31
N ILE B 61 -1.93 -7.50 4.55
CA ILE B 61 -0.72 -7.52 5.40
C ILE B 61 -0.69 -8.68 6.40
N GLN B 62 -1.79 -8.94 7.09
CA GLN B 62 -1.89 -9.99 8.12
C GLN B 62 -3.21 -10.50 8.31
N GLY B 63 -3.24 -11.77 8.66
CA GLY B 63 -4.48 -12.39 9.06
C GLY B 63 -5.22 -12.90 7.85
N ASN B 64 -6.51 -13.10 8.05
CA ASN B 64 -7.34 -13.69 7.02
C ASN B 64 -8.67 -13.00 6.99
N ALA B 65 -9.22 -12.84 5.80
CA ALA B 65 -10.50 -12.19 5.66
C ALA B 65 -11.18 -12.60 4.39
N ILE B 66 -12.41 -12.06 4.25
CA ILE B 66 -13.16 -12.05 2.99
C ILE B 66 -13.40 -10.59 2.59
N ILE B 67 -13.12 -10.34 1.32
CA ILE B 67 -13.37 -9.04 0.71
C ILE B 67 -14.36 -9.09 -0.40
N ARG B 68 -15.62 -9.34 -0.07
CA ARG B 68 -16.65 -9.52 -1.07
C ARG B 68 -16.74 -8.25 -1.91
N ILE B 69 -16.70 -8.45 -3.21
CA ILE B 69 -16.68 -7.35 -4.18
C ILE B 69 -18.03 -7.48 -4.85
N ASN B 70 -18.85 -6.46 -4.58
N ASN B 70 -18.90 -6.50 -4.62
CA ASN B 70 -20.28 -6.45 -4.91
CA ASN B 70 -20.23 -6.46 -5.25
C ASN B 70 -20.91 -7.67 -4.27
C ASN B 70 -20.95 -7.79 -5.15
N ASP B 71 -21.26 -8.68 -5.08
N ASP B 71 -21.10 -8.28 -3.92
CA ASP B 71 -21.85 -9.91 -4.58
CA ASP B 71 -21.75 -9.57 -3.71
C ASP B 71 -20.94 -11.14 -4.81
C ASP B 71 -21.00 -10.73 -4.38
N GLU B 72 -19.62 -10.93 -4.84
N GLU B 72 -19.66 -10.71 -4.26
CA GLU B 72 -18.66 -12.04 -5.01
CA GLU B 72 -18.83 -11.81 -4.73
C GLU B 72 -17.63 -12.15 -3.88
C GLU B 72 -17.64 -12.11 -3.79
N ASP B 73 -17.68 -13.30 -3.23
CA ASP B 73 -16.59 -13.98 -2.46
C ASP B 73 -15.05 -13.84 -2.74
N PHE B 74 -14.28 -12.97 -2.05
CA PHE B 74 -12.79 -12.97 -2.21
C PHE B 74 -11.98 -13.18 -0.91
N PRO B 75 -11.62 -14.44 -0.61
CA PRO B 75 -10.82 -14.83 0.55
C PRO B 75 -9.36 -14.53 0.37
N VAL B 76 -8.81 -13.87 1.37
CA VAL B 76 -7.51 -13.26 1.21
C VAL B 76 -6.66 -13.50 2.43
N THR B 77 -5.36 -13.51 2.19
N THR B 77 -5.38 -13.69 2.14
CA THR B 77 -4.42 -13.52 3.27
CA THR B 77 -4.30 -13.88 3.10
C THR B 77 -3.19 -12.76 2.85
C THR B 77 -3.15 -12.89 2.80
N LYS B 78 -2.23 -12.67 3.75
CA LYS B 78 -0.99 -11.93 3.55
C LYS B 78 -0.36 -12.12 2.19
N GLY B 79 -0.10 -10.97 1.56
CA GLY B 79 0.53 -10.92 0.23
C GLY B 79 -0.45 -10.70 -0.88
N ASP B 80 -1.71 -11.01 -0.69
CA ASP B 80 -2.72 -10.83 -1.73
C ASP B 80 -2.96 -9.34 -2.00
N LEU B 81 -3.19 -9.05 -3.29
CA LEU B 81 -3.58 -7.71 -3.77
C LEU B 81 -4.97 -7.81 -4.34
N ILE B 82 -5.76 -6.78 -4.05
N ILE B 82 -5.76 -6.79 -4.08
CA ILE B 82 -7.15 -6.66 -4.47
CA ILE B 82 -7.09 -6.76 -4.63
C ILE B 82 -7.39 -5.29 -5.07
C ILE B 82 -7.45 -5.33 -5.05
N ILE B 83 -7.93 -5.26 -6.28
CA ILE B 83 -8.38 -4.02 -6.92
C ILE B 83 -9.85 -3.78 -6.59
N ILE B 84 -10.21 -2.54 -6.31
CA ILE B 84 -11.58 -2.24 -5.92
C ILE B 84 -12.24 -1.53 -7.10
N PRO B 85 -13.12 -2.23 -7.81
CA PRO B 85 -13.87 -1.63 -8.91
C PRO B 85 -14.52 -0.30 -8.55
N LEU B 86 -14.38 0.69 -9.45
CA LEU B 86 -15.15 1.93 -9.35
C LEU B 86 -16.61 1.51 -9.29
N ASP B 87 -17.36 2.11 -8.37
CA ASP B 87 -18.79 1.90 -8.28
C ASP B 87 -19.23 0.48 -7.87
N SER B 88 -18.26 -0.37 -7.55
CA SER B 88 -18.63 -1.60 -6.82
C SER B 88 -18.57 -1.40 -5.32
N GLU B 89 -19.56 -1.99 -4.68
N GLU B 89 -19.52 -2.00 -4.61
CA GLU B 89 -19.65 -2.06 -3.24
CA GLU B 89 -19.55 -2.02 -3.13
C GLU B 89 -18.57 -3.01 -2.76
C GLU B 89 -18.70 -3.19 -2.64
N HIS B 90 -17.80 -2.53 -1.80
N HIS B 90 -18.26 -3.14 -1.38
CA HIS B 90 -16.72 -3.29 -1.20
CA HIS B 90 -17.33 -4.14 -0.89
C HIS B 90 -16.78 -3.12 0.31
C HIS B 90 -17.44 -4.38 0.63
N HIS B 91 -16.47 -4.21 1.01
N HIS B 91 -17.11 -5.60 1.04
CA HIS B 91 -16.19 -4.20 2.45
CA HIS B 91 -17.23 -6.03 2.43
C HIS B 91 -15.44 -5.51 2.82
C HIS B 91 -15.91 -6.60 2.77
N VAL B 92 -14.94 -5.60 4.06
N VAL B 92 -15.42 -6.32 3.97
CA VAL B 92 -14.03 -6.67 4.53
CA VAL B 92 -14.20 -6.90 4.48
C VAL B 92 -14.61 -7.46 5.73
C VAL B 92 -14.60 -7.51 5.75
N ILE B 93 -14.63 -8.82 5.68
CA ILE B 93 -15.21 -9.63 6.74
C ILE B 93 -14.08 -10.36 7.39
N ASN B 94 -13.93 -10.21 8.71
CA ASN B 94 -12.94 -10.98 9.47
C ASN B 94 -13.67 -11.89 10.45
N ASN B 95 -13.79 -13.16 10.08
CA ASN B 95 -14.42 -14.17 10.96
C ASN B 95 -13.49 -14.77 11.98
N ASN B 96 -12.24 -14.35 12.02
CA ASN B 96 -11.22 -15.00 12.79
C ASN B 96 -11.06 -14.25 14.12
N GLN B 97 -10.32 -14.87 15.04
CA GLN B 97 -10.08 -14.33 16.37
C GLN B 97 -8.69 -13.67 16.48
N GLU B 98 -8.12 -13.27 15.31
CA GLU B 98 -6.98 -12.37 15.19
C GLU B 98 -7.38 -11.16 14.33
N ASP B 99 -6.66 -10.05 14.53
CA ASP B 99 -6.86 -8.83 13.72
C ASP B 99 -6.47 -9.06 12.28
N PHE B 100 -7.22 -8.46 11.40
CA PHE B 100 -6.92 -8.45 9.96
C PHE B 100 -6.37 -7.09 9.55
N HIS B 101 -5.13 -7.09 9.04
CA HIS B 101 -4.48 -5.84 8.62
C HIS B 101 -4.35 -5.79 7.11
N PHE B 102 -4.65 -4.59 6.55
CA PHE B 102 -4.40 -4.33 5.13
C PHE B 102 -4.09 -2.87 4.98
N TYR B 103 -3.41 -2.56 3.87
CA TYR B 103 -3.16 -1.16 3.48
C TYR B 103 -4.03 -0.85 2.27
N THR B 104 -4.64 0.33 2.31
CA THR B 104 -5.46 0.85 1.20
C THR B 104 -4.74 2.02 0.57
N ILE B 105 -4.69 2.00 -0.76
N ILE B 105 -4.69 2.00 -0.76
CA ILE B 105 -4.21 3.12 -1.59
CA ILE B 105 -4.23 3.12 -1.58
C ILE B 105 -5.37 3.48 -2.53
C ILE B 105 -5.37 3.48 -2.53
N TRP B 106 -5.73 4.78 -2.58
CA TRP B 106 -6.79 5.24 -3.44
C TRP B 106 -6.32 6.50 -4.20
N TRP B 107 -6.91 6.70 -5.38
CA TRP B 107 -6.46 7.76 -6.30
C TRP B 107 -7.55 8.03 -7.30
N ASP B 108 -7.46 9.22 -7.92
CA ASP B 108 -8.34 9.54 -9.03
C ASP B 108 -7.69 10.66 -9.79
N LYS B 109 -8.44 11.17 -10.76
CA LYS B 109 -7.93 12.23 -11.63
C LYS B 109 -7.63 13.42 -10.80
N GLU B 110 -8.56 13.75 -9.90
CA GLU B 110 -8.35 14.82 -8.95
C GLU B 110 -6.96 14.69 -8.40
N SER B 111 -6.81 13.73 -7.46
CA SER B 111 -5.61 13.55 -6.61
C SER B 111 -4.31 13.62 -7.41
N THR B 112 -4.36 13.09 -8.62
N THR B 112 -4.36 13.09 -8.61
CA THR B 112 -3.21 13.08 -9.51
CA THR B 112 -3.19 13.09 -9.48
C THR B 112 -2.88 14.50 -10.00
C THR B 112 -2.87 14.50 -9.99
N LEU B 113 -3.89 15.22 -10.45
CA LEU B 113 -3.72 16.62 -10.80
C LEU B 113 -3.24 17.47 -9.62
N ASN B 114 -3.79 17.26 -8.40
CA ASN B 114 -3.30 18.07 -7.26
C ASN B 114 -1.81 17.83 -7.11
N PHE B 115 -1.39 16.57 -7.20
CA PHE B 115 0.02 16.28 -7.08
C PHE B 115 0.87 17.12 -8.08
N LEU B 116 0.43 17.09 -9.33
CA LEU B 116 1.14 17.83 -10.39
C LEU B 116 1.13 19.36 -10.19
N THR B 117 0.03 19.85 -9.67
CA THR B 117 -0.15 21.26 -9.38
C THR B 117 0.74 21.71 -8.23
N ARG B 118 0.75 20.90 -7.16
CA ARG B 118 1.54 21.24 -5.98
C ARG B 118 3.04 21.31 -6.30
N LEU B 119 3.54 20.42 -7.14
CA LEU B 119 4.85 20.61 -7.77
C LEU B 119 5.12 22.04 -8.25
N GLU B 120 4.28 22.48 -9.16
CA GLU B 120 4.54 23.67 -9.93
C GLU B 120 4.68 24.89 -9.04
N GLN B 121 3.90 24.94 -7.97
CA GLN B 121 3.84 26.13 -7.14
C GLN B 121 5.18 26.48 -6.45
NI NI C . 14.43 3.17 -4.49
NA NA D . 7.96 -16.12 8.00
NI NI E . -13.02 2.86 -0.31
N MSE A 2 -11.15 -6.90 -15.99
CA MSE A 2 -9.84 -7.07 -15.35
C MSE A 2 -9.80 -7.97 -14.11
O MSE A 2 -10.84 -8.40 -13.63
CB MSE A 2 -9.26 -5.70 -14.98
CG MSE A 2 -9.89 -4.93 -13.76
SE MSE A 2 -8.80 -3.53 -12.97
CE MSE A 2 -7.17 -4.34 -13.49
HA MSE A 2 -9.26 -7.46 -16.03
HB2 MSE A 2 -8.34 -5.92 -14.76
HB3 MSE A 2 -9.29 -5.12 -15.75
HG2 MSE A 2 -10.72 -4.52 -14.04
HG3 MSE A 2 -10.08 -5.58 -13.06
HE1 MSE A 2 -7.12 -5.23 -13.11
HE2 MSE A 2 -7.10 -4.37 -14.44
HE3 MSE A 2 -6.46 -3.79 -13.15
N ASN A 3 -8.59 -8.18 -13.58
CA ASN A 3 -8.31 -8.94 -12.33
C ASN A 3 -8.65 -8.23 -11.07
N ILE A 4 -9.68 -8.67 -10.38
N ILE A 4 -9.68 -8.66 -10.38
CA ILE A 4 -10.00 -8.11 -9.08
CA ILE A 4 -9.97 -8.07 -9.08
C ILE A 4 -8.90 -8.50 -8.03
C ILE A 4 -8.81 -8.45 -8.09
N ILE A 5 -8.24 -9.65 -8.24
CA ILE A 5 -7.41 -10.30 -7.20
C ILE A 5 -6.18 -10.98 -7.76
N ARG A 6 -5.03 -10.65 -7.18
N ARG A 6 -5.04 -10.65 -7.17
CA ARG A 6 -3.80 -11.39 -7.40
CA ARG A 6 -3.81 -11.40 -7.39
C ARG A 6 -3.35 -12.03 -6.10
C ARG A 6 -3.36 -12.03 -6.09
N LYS A 7 -3.48 -13.33 -6.04
CA LYS A 7 -3.14 -14.05 -4.88
C LYS A 7 -1.63 -14.24 -4.93
N MSE A 8 -0.98 -14.00 -3.79
CA MSE A 8 0.45 -14.07 -3.79
C MSE A 8 0.90 -15.50 -3.93
O MSE A 8 0.36 -16.40 -3.25
CB MSE A 8 1.04 -13.45 -2.57
CG MSE A 8 2.49 -13.71 -2.35
SE MSE A 8 3.58 -12.57 -3.53
CE MSE A 8 3.21 -10.90 -2.55
HA MSE A 8 0.81 -13.58 -4.54
HB2 MSE A 8 0.99 -12.48 -2.67
HB3 MSE A 8 0.57 -13.73 -1.78
HG2 MSE A 8 2.71 -13.45 -1.45
HG3 MSE A 8 2.72 -14.63 -2.54
HE1 MSE A 8 3.03 -10.18 -3.17
HE2 MSE A 8 2.42 -11.05 -2.01
HE3 MSE A 8 3.95 -10.67 -1.96
N ASP A 9 1.81 -15.70 -4.88
CA ASP A 9 2.52 -16.99 -4.99
C ASP A 9 3.91 -16.60 -4.54
N TRP A 10 4.36 -17.13 -3.40
CA TRP A 10 5.62 -16.68 -2.89
C TRP A 10 6.90 -17.26 -3.52
N ASP A 11 6.75 -18.11 -4.52
CA ASP A 11 7.90 -18.63 -5.23
C ASP A 11 8.23 -17.89 -6.52
N SER A 12 7.25 -17.11 -6.94
CA SER A 12 7.41 -16.43 -8.24
C SER A 12 7.89 -15.02 -8.07
N MSE A 13 8.45 -14.67 -6.96
CA MSE A 13 9.05 -13.37 -6.75
C MSE A 13 10.33 -13.37 -7.59
O MSE A 13 10.99 -14.33 -7.76
CB MSE A 13 9.37 -13.20 -5.27
CG MSE A 13 8.05 -12.90 -4.46
SE MSE A 13 8.59 -12.75 -2.66
CE MSE A 13 7.47 -11.19 -2.22
H MSE A 13 8.47 -15.15 -6.26
HA MSE A 13 8.45 -12.68 -7.04
HB2 MSE A 13 9.70 -14.07 -4.99
HB3 MSE A 13 10.04 -12.53 -5.10
HG2 MSE A 13 7.68 -12.04 -4.73
HG3 MSE A 13 7.38 -13.59 -4.54
HE1 MSE A 13 6.54 -11.44 -2.17
HE2 MSE A 13 7.77 -10.81 -1.38
HE3 MSE A 13 7.60 -10.55 -2.93
N VAL A 14 10.64 -12.19 -8.12
CA VAL A 14 11.84 -11.99 -8.90
C VAL A 14 12.91 -11.32 -8.04
N HIS A 15 14.08 -11.92 -8.01
CA HIS A 15 15.21 -11.40 -7.31
C HIS A 15 15.89 -10.30 -8.10
N GLU A 16 15.78 -9.15 -7.50
CA GLU A 16 16.33 -7.93 -8.12
C GLU A 16 16.63 -7.00 -6.98
N TYR A 17 17.63 -6.13 -7.11
CA TYR A 17 17.92 -5.19 -6.05
C TYR A 17 18.38 -5.91 -4.76
N ASP A 18 18.96 -7.12 -4.93
CA ASP A 18 19.39 -7.96 -3.82
C ASP A 18 18.28 -8.34 -2.84
N LEU A 19 17.06 -8.34 -3.32
CA LEU A 19 15.93 -8.74 -2.55
C LEU A 19 14.95 -9.48 -3.42
N ASP A 20 13.91 -10.03 -2.83
CA ASP A 20 12.91 -10.77 -3.54
C ASP A 20 11.69 -9.91 -3.64
N GLY A 21 11.20 -9.69 -4.88
CA GLY A 21 10.07 -8.75 -5.11
C GLY A 21 8.97 -9.38 -5.90
N SER A 22 7.81 -8.79 -5.68
CA SER A 22 6.59 -9.07 -6.46
C SER A 22 6.04 -7.70 -6.89
N ARG A 23 6.33 -7.38 -8.14
CA ARG A 23 5.89 -6.04 -8.68
C ARG A 23 4.40 -6.00 -8.93
N LEU A 24 3.81 -4.87 -8.62
CA LEU A 24 2.38 -4.64 -8.98
C LEU A 24 2.09 -4.72 -10.47
N LEU A 25 2.99 -4.11 -11.22
CA LEU A 25 2.79 -3.95 -12.65
C LEU A 25 3.69 -4.83 -13.45
N PRO A 26 3.23 -5.31 -14.62
CA PRO A 26 1.92 -5.02 -15.23
C PRO A 26 0.75 -5.80 -14.59
N TRP A 27 -0.43 -5.21 -14.73
CA TRP A 27 -1.67 -5.79 -14.26
C TRP A 27 -2.71 -5.26 -15.24
N GLU A 28 -3.18 -6.14 -16.10
CA GLU A 28 -3.95 -5.70 -17.22
C GLU A 28 -5.27 -5.08 -16.80
N GLY A 29 -5.52 -3.84 -17.20
CA GLY A 29 -6.71 -3.11 -16.80
C GLY A 29 -6.50 -2.22 -15.58
N LEU A 30 -5.35 -2.33 -14.93
CA LEU A 30 -5.04 -1.51 -13.75
C LEU A 30 -4.24 -0.27 -14.08
N ASN A 31 -4.97 0.82 -14.06
CA ASN A 31 -4.45 2.18 -14.35
C ASN A 31 -4.08 2.91 -13.07
N THR A 32 -2.79 3.07 -12.83
CA THR A 32 -2.25 3.71 -11.59
C THR A 32 -1.30 4.86 -11.97
N PRO A 33 -1.19 5.84 -11.10
CA PRO A 33 -0.19 6.89 -11.31
C PRO A 33 1.13 6.57 -10.59
N PHE A 34 1.26 5.31 -10.10
CA PHE A 34 2.43 4.87 -9.31
C PHE A 34 2.75 3.45 -9.73
N GLY A 35 3.95 3.04 -9.32
CA GLY A 35 4.40 1.65 -9.37
C GLY A 35 4.50 1.14 -7.92
N GLY A 36 4.58 -0.18 -7.81
CA GLY A 36 4.58 -0.81 -6.50
C GLY A 36 5.35 -2.11 -6.55
N ALA A 37 5.78 -2.55 -5.35
CA ALA A 37 6.33 -3.93 -5.19
C ALA A 37 6.28 -4.34 -3.73
N TRP A 38 5.91 -5.61 -3.58
CA TRP A 38 6.11 -6.30 -2.25
C TRP A 38 7.53 -6.85 -2.26
N CYS A 39 8.29 -6.45 -1.24
CA CYS A 39 9.69 -6.85 -1.16
C CYS A 39 9.97 -7.57 0.16
N ILE A 40 10.91 -8.49 0.01
CA ILE A 40 11.40 -9.30 1.17
C ILE A 40 12.90 -9.22 1.12
N VAL A 41 13.44 -8.72 2.21
CA VAL A 41 14.90 -8.81 2.48
C VAL A 41 15.10 -10.03 3.41
N ARG A 42 15.79 -11.01 2.86
CA ARG A 42 15.93 -12.31 3.56
C ARG A 42 16.80 -12.16 4.76
N PRO A 43 16.67 -13.10 5.72
CA PRO A 43 17.43 -13.01 6.97
C PRO A 43 18.92 -12.86 6.72
N GLU A 44 19.51 -11.95 7.49
CA GLU A 44 20.98 -11.72 7.44
C GLU A 44 21.49 -11.37 6.06
N THR A 45 20.69 -10.52 5.39
CA THR A 45 21.03 -9.99 4.04
C THR A 45 20.73 -8.49 4.02
N LYS A 46 21.13 -7.87 2.93
CA LYS A 46 20.81 -6.46 2.71
C LYS A 46 20.55 -6.26 1.27
N SER A 47 19.76 -5.23 0.99
CA SER A 47 19.38 -4.87 -0.40
C SER A 47 20.33 -3.90 -1.05
N PHE A 48 20.24 -3.80 -2.36
CA PHE A 48 21.13 -3.00 -3.20
C PHE A 48 20.91 -1.47 -3.02
N ARG A 49 22.01 -0.76 -3.03
CA ARG A 49 21.96 0.67 -2.72
C ARG A 49 21.76 1.40 -4.02
N HIS A 50 20.74 2.27 -4.10
CA HIS A 50 20.68 3.07 -5.37
C HIS A 50 20.84 4.63 -5.38
N SER A 51 19.86 5.36 -5.97
CA SER A 51 19.40 6.72 -5.66
C SER A 51 18.71 7.17 -6.92
N HIS A 52 17.51 7.74 -6.85
CA HIS A 52 16.78 8.05 -8.10
C HIS A 52 15.93 9.28 -7.96
N ASN A 53 15.54 9.78 -9.13
CA ASN A 53 14.68 10.95 -9.32
C ASN A 53 13.28 10.80 -8.74
N GLU A 54 12.73 9.61 -8.87
CA GLU A 54 11.37 9.37 -8.43
C GLU A 54 11.14 9.41 -6.93
N TYR A 55 9.96 9.84 -6.56
CA TYR A 55 9.42 9.72 -5.19
C TYR A 55 9.19 8.26 -4.87
N GLU A 56 9.39 7.96 -3.59
CA GLU A 56 9.21 6.59 -3.07
C GLU A 56 8.85 6.63 -1.63
N LEU A 57 8.03 5.68 -1.27
N LEU A 57 8.01 5.67 -1.28
CA LEU A 57 7.73 5.45 0.12
CA LEU A 57 7.44 5.45 0.06
C LEU A 57 7.65 3.94 0.39
C LEU A 57 7.62 3.94 0.39
N PHE A 58 8.08 3.59 1.60
CA PHE A 58 8.02 2.23 2.09
C PHE A 58 6.95 2.15 3.19
N ILE A 59 6.18 1.09 3.06
CA ILE A 59 5.21 0.67 4.10
C ILE A 59 5.79 -0.67 4.69
N VAL A 60 6.19 -0.56 5.94
CA VAL A 60 6.84 -1.74 6.59
C VAL A 60 5.77 -2.70 7.08
N ILE A 61 5.92 -3.92 6.58
CA ILE A 61 4.88 -4.97 6.80
C ILE A 61 5.21 -5.93 7.94
N GLN A 62 6.43 -6.43 8.00
CA GLN A 62 6.70 -7.50 8.98
C GLN A 62 8.19 -7.57 9.15
N GLY A 63 8.61 -7.96 10.37
CA GLY A 63 10.03 -8.05 10.68
C GLY A 63 10.57 -6.73 11.16
N ASN A 64 11.88 -6.71 11.39
CA ASN A 64 12.61 -5.57 11.92
C ASN A 64 13.79 -5.47 10.99
N ALA A 65 14.16 -4.25 10.55
CA ALA A 65 15.30 -3.89 9.69
C ALA A 65 15.89 -2.56 10.12
N ILE A 66 16.95 -2.16 9.37
CA ILE A 66 17.47 -0.77 9.31
C ILE A 66 17.32 -0.29 7.90
N ILE A 67 16.72 0.90 7.74
CA ILE A 67 16.73 1.58 6.43
C ILE A 67 17.87 2.56 6.55
N ARG A 68 18.86 2.47 5.68
CA ARG A 68 19.96 3.42 5.68
C ARG A 68 19.74 4.39 4.55
N ILE A 69 19.60 5.67 4.88
N ILE A 69 19.61 5.66 4.89
CA ILE A 69 19.30 6.71 3.93
CA ILE A 69 19.31 6.71 3.94
C ILE A 69 20.40 7.78 4.06
C ILE A 69 20.40 7.78 4.06
N ASN A 70 21.18 7.94 3.00
CA ASN A 70 22.35 8.82 3.07
C ASN A 70 23.17 8.43 4.30
N ASP A 71 23.57 7.17 4.43
CA ASP A 71 24.42 6.85 5.61
C ASP A 71 23.72 7.04 7.03
N GLU A 72 22.54 7.68 7.11
N GLU A 72 22.53 7.65 7.10
CA GLU A 72 21.74 7.74 8.34
CA GLU A 72 21.70 7.74 8.32
C GLU A 72 20.86 6.51 8.48
C GLU A 72 20.85 6.50 8.47
N ASP A 73 20.74 6.00 9.71
CA ASP A 73 20.07 4.72 9.98
C ASP A 73 18.66 4.87 10.59
N PHE A 74 17.72 4.17 9.99
CA PHE A 74 16.29 4.13 10.40
C PHE A 74 15.86 2.72 10.78
N PRO A 75 15.91 2.39 12.08
CA PRO A 75 15.32 1.15 12.57
C PRO A 75 13.82 1.18 12.37
N VAL A 76 13.29 0.18 11.70
CA VAL A 76 11.86 0.09 11.50
C VAL A 76 11.31 -1.25 11.78
N THR A 77 9.99 -1.27 12.04
CA THR A 77 9.23 -2.52 12.19
C THR A 77 7.83 -2.32 11.64
N LYS A 78 7.00 -3.30 11.68
CA LYS A 78 5.61 -3.34 11.22
C LYS A 78 4.91 -2.07 11.56
N GLY A 79 4.34 -1.50 10.49
CA GLY A 79 3.50 -0.28 10.58
C GLY A 79 4.26 0.96 10.27
N ASP A 80 5.55 1.00 10.33
CA ASP A 80 6.30 2.21 10.08
C ASP A 80 6.25 2.55 8.58
N LEU A 81 6.27 3.85 8.34
N LEU A 81 6.22 3.86 8.34
CA LEU A 81 6.35 4.45 6.99
CA LEU A 81 6.29 4.42 6.98
C LEU A 81 7.59 5.29 6.90
C LEU A 81 7.53 5.27 6.86
N ILE A 82 8.33 5.19 5.79
N ILE A 82 8.18 5.14 5.71
CA ILE A 82 9.45 6.10 5.54
CA ILE A 82 9.42 5.79 5.38
C ILE A 82 9.47 6.49 4.08
C ILE A 82 9.31 6.41 4.03
N ILE A 83 9.61 7.79 3.91
N ILE A 83 9.60 7.70 3.98
CA ILE A 83 9.55 8.45 2.62
CA ILE A 83 9.73 8.41 2.73
C ILE A 83 10.96 8.74 2.15
C ILE A 83 11.17 8.30 2.31
N ILE A 84 11.38 8.09 1.05
CA ILE A 84 12.74 8.09 0.54
C ILE A 84 12.98 9.46 -0.16
N PRO A 85 13.80 10.33 0.43
CA PRO A 85 14.08 11.64 -0.18
C PRO A 85 14.65 11.43 -1.54
N LEU A 86 14.21 12.35 -2.44
CA LEU A 86 14.62 12.32 -3.83
C LEU A 86 16.12 12.38 -3.96
N ASP A 87 16.65 11.53 -4.83
CA ASP A 87 18.10 11.41 -5.02
C ASP A 87 18.95 11.02 -3.82
N SER A 88 18.32 10.58 -2.72
CA SER A 88 19.10 10.04 -1.61
C SER A 88 19.40 8.57 -1.88
N GLU A 89 20.57 8.15 -1.44
CA GLU A 89 20.95 6.74 -1.44
C GLU A 89 20.19 5.94 -0.37
N HIS A 90 19.89 4.68 -0.62
CA HIS A 90 19.01 4.02 0.31
C HIS A 90 18.95 2.55 0.07
N HIS A 91 19.07 1.81 1.18
CA HIS A 91 19.09 0.38 1.10
C HIS A 91 18.59 -0.10 2.46
N VAL A 92 18.30 -1.40 2.53
N VAL A 92 18.33 -1.40 2.54
CA VAL A 92 17.64 -2.08 3.64
CA VAL A 92 17.64 -2.07 3.63
C VAL A 92 18.52 -3.18 4.18
C VAL A 92 18.52 -3.18 4.18
N ILE A 93 18.79 -3.12 5.48
CA ILE A 93 19.68 -4.05 6.16
C ILE A 93 18.86 -4.87 7.06
N ASN A 94 18.86 -6.18 6.83
CA ASN A 94 18.16 -7.09 7.75
C ASN A 94 19.15 -7.99 8.47
N ASN A 95 19.51 -7.55 9.66
CA ASN A 95 20.41 -8.27 10.57
C ASN A 95 19.83 -9.50 11.23
N ASN A 96 18.51 -9.63 11.24
N ASN A 96 18.50 -9.59 11.25
CA ASN A 96 17.72 -10.63 11.94
CA ASN A 96 17.69 -10.61 11.97
C ASN A 96 17.63 -11.99 11.25
C ASN A 96 17.59 -11.96 11.24
N GLN A 97 17.09 -12.96 11.96
CA GLN A 97 16.91 -14.29 11.38
C GLN A 97 15.43 -14.43 10.79
N GLU A 98 14.69 -13.34 10.79
CA GLU A 98 13.31 -13.29 10.20
C GLU A 98 13.28 -12.51 8.91
N ASP A 99 12.50 -12.98 7.94
CA ASP A 99 12.24 -12.17 6.71
C ASP A 99 11.76 -10.81 7.17
N PHE A 100 12.23 -9.84 6.39
CA PHE A 100 11.76 -8.46 6.50
C PHE A 100 10.96 -8.11 5.25
N HIS A 101 9.71 -7.79 5.51
CA HIS A 101 8.76 -7.47 4.40
C HIS A 101 8.39 -5.98 4.42
N PHE A 102 8.32 -5.39 3.20
CA PHE A 102 7.84 -4.01 3.05
C PHE A 102 7.25 -3.95 1.67
N TYR A 103 6.34 -2.97 1.54
CA TYR A 103 5.79 -2.57 0.24
C TYR A 103 6.33 -1.20 -0.15
N THR A 104 6.87 -1.13 -1.35
CA THR A 104 7.31 0.17 -1.86
C THR A 104 6.36 0.65 -2.97
N ILE A 105 6.06 1.93 -2.91
N ILE A 105 6.10 1.95 -2.93
CA ILE A 105 5.32 2.66 -3.92
CA ILE A 105 5.31 2.67 -3.89
C ILE A 105 6.22 3.80 -4.39
C ILE A 105 6.21 3.79 -4.40
N TRP A 106 6.30 3.94 -5.72
CA TRP A 106 7.12 4.98 -6.32
C TRP A 106 6.29 5.70 -7.42
N TRP A 107 6.65 6.97 -7.63
CA TRP A 107 5.87 7.82 -8.55
C TRP A 107 6.73 9.00 -8.95
N ASP A 108 6.29 9.67 -10.06
CA ASP A 108 6.95 10.88 -10.53
C ASP A 108 5.97 11.53 -11.46
N LYS A 109 6.49 12.61 -12.05
CA LYS A 109 5.76 13.40 -13.10
C LYS A 109 5.33 12.49 -14.22
N GLU A 110 6.22 11.65 -14.72
CA GLU A 110 5.81 10.87 -15.87
C GLU A 110 4.80 9.77 -15.61
N SER A 111 4.93 9.16 -14.46
CA SER A 111 3.99 8.11 -14.10
C SER A 111 2.58 8.69 -13.93
N THR A 112 2.51 9.86 -13.32
N THR A 112 2.51 9.85 -13.31
CA THR A 112 1.24 10.52 -13.06
CA THR A 112 1.24 10.50 -13.08
C THR A 112 0.62 11.01 -14.38
C THR A 112 0.62 10.99 -14.40
N LEU A 113 1.40 11.65 -15.23
CA LEU A 113 0.90 12.10 -16.51
C LEU A 113 0.51 10.91 -17.36
N ASN A 114 1.21 9.78 -17.20
CA ASN A 114 0.84 8.62 -18.01
C ASN A 114 -0.54 8.08 -17.58
N PHE A 115 -0.79 8.06 -16.25
CA PHE A 115 -2.10 7.68 -15.76
C PHE A 115 -3.23 8.53 -16.42
N LEU A 116 -3.03 9.85 -16.35
CA LEU A 116 -4.03 10.77 -16.90
C LEU A 116 -4.25 10.62 -18.42
N THR A 117 -3.18 10.31 -19.11
CA THR A 117 -3.24 10.10 -20.54
C THR A 117 -4.00 8.83 -20.91
N ARG A 118 -3.70 7.73 -20.19
CA ARG A 118 -4.42 6.49 -20.44
C ARG A 118 -5.86 6.61 -19.98
N LEU A 119 -6.10 7.39 -18.95
CA LEU A 119 -7.47 7.69 -18.55
C LEU A 119 -8.20 8.31 -19.72
N GLU A 120 -7.67 9.40 -20.23
CA GLU A 120 -8.35 10.14 -21.30
C GLU A 120 -8.68 9.28 -22.51
N GLN A 121 -7.77 8.39 -22.87
CA GLN A 121 -7.73 7.90 -24.24
C GLN A 121 -8.46 6.58 -24.52
N ASP A 122 -8.98 5.93 -23.48
CA ASP A 122 -9.60 4.60 -23.67
C ASP A 122 -11.07 4.69 -24.07
N MSE B 2 10.95 17.94 6.47
CA MSE B 2 9.69 17.46 5.84
C MSE B 2 9.01 16.23 6.53
O MSE B 2 8.23 15.60 5.87
CB MSE B 2 9.87 17.17 4.27
CG MSE B 2 10.12 15.62 3.78
SE MSE B 2 9.09 14.54 2.33
CE MSE B 2 9.53 15.69 0.83
HA MSE B 2 9.08 18.21 5.91
HB2 MSE B 2 9.13 17.55 3.77
HB3 MSE B 2 10.68 17.64 4.02
HG2 MSE B 2 11.04 15.64 3.44
HG3 MSE B 2 10.12 15.05 4.55
HE1 MSE B 2 10.44 15.50 0.57
HE2 MSE B 2 8.93 15.46 0.11
HE3 MSE B 2 9.43 16.61 1.11
N ASN B 3 9.18 15.85 7.84
CA ASN B 3 8.79 14.45 8.29
C ASN B 3 9.35 13.36 7.33
N ILE B 4 10.19 12.46 7.84
N ILE B 4 10.24 12.46 7.73
CA ILE B 4 10.84 11.38 7.04
CA ILE B 4 10.52 11.31 6.81
C ILE B 4 10.35 9.96 7.36
C ILE B 4 10.44 9.86 7.32
N ILE B 5 10.41 9.63 8.64
CA ILE B 5 9.90 8.36 9.18
C ILE B 5 8.71 8.72 9.98
N ARG B 6 7.68 7.92 9.88
CA ARG B 6 6.58 7.95 10.85
C ARG B 6 6.46 6.56 11.45
N LYS B 7 6.83 6.49 12.71
CA LYS B 7 6.55 5.24 13.47
C LYS B 7 5.12 5.03 13.56
N MSE B 8 4.78 3.78 13.41
CA MSE B 8 3.44 3.47 13.74
C MSE B 8 3.19 3.69 15.26
O MSE B 8 4.02 3.30 16.17
CB MSE B 8 3.17 2.01 13.36
CG MSE B 8 1.70 1.60 13.46
SE MSE B 8 0.22 2.89 12.82
CE MSE B 8 0.57 2.44 10.78
H MSE B 8 5.28 3.15 13.09
HA MSE B 8 2.81 4.00 13.24
HB2 MSE B 8 3.51 1.78 12.51
HB3 MSE B 8 3.65 1.51 14.05
HG2 MSE B 8 1.59 0.82 12.89
HG3 MSE B 8 1.54 1.37 14.37
HE1 MSE B 8 0.05 3.04 10.22
HE2 MSE B 8 1.51 2.57 10.58
HE3 MSE B 8 0.34 1.52 10.63
N ASP B 9 2.06 4.32 15.58
CA ASP B 9 1.56 4.46 16.98
C ASP B 9 0.26 3.70 16.95
N TRP B 10 0.31 2.46 17.44
CA TRP B 10 -0.84 1.60 17.45
C TRP B 10 -1.87 2.06 18.48
N ASP B 11 -1.51 2.98 19.37
CA ASP B 11 -2.42 3.58 20.32
C ASP B 11 -3.18 4.78 19.77
N SER B 12 -2.91 5.13 18.54
CA SER B 12 -3.65 6.28 18.03
C SER B 12 -4.32 6.02 16.72
N MSE B 13 -4.82 4.85 16.51
CA MSE B 13 -5.70 4.55 15.39
C MSE B 13 -6.98 5.36 15.57
O MSE B 13 -7.38 5.77 16.61
CB MSE B 13 -6.05 3.10 15.35
CG MSE B 13 -4.84 2.14 15.55
SE MSE B 13 -3.33 2.39 14.33
CE MSE B 13 -4.44 1.88 12.80
H MSE B 13 -4.67 4.17 17.01
HA MSE B 13 -5.29 4.78 14.54
HB2 MSE B 13 -6.71 2.97 16.05
HB3 MSE B 13 -6.44 2.87 14.51
HG2 MSE B 13 -4.52 2.20 16.47
HG3 MSE B 13 -5.14 1.24 15.33
HE1 MSE B 13 -4.26 0.95 12.57
HE2 MSE B 13 -5.36 1.97 13.06
HE3 MSE B 13 -4.23 2.48 12.07
N VAL B 14 -7.62 5.62 14.44
CA VAL B 14 -8.88 6.32 14.36
C VAL B 14 -9.91 5.40 13.79
N HIS B 15 -11.00 5.23 14.50
CA HIS B 15 -12.09 4.39 14.06
C HIS B 15 -12.87 5.10 12.94
N GLU B 16 -13.01 4.39 11.83
N GLU B 16 -13.01 4.40 11.82
CA GLU B 16 -13.78 4.90 10.67
CA GLU B 16 -13.78 4.92 10.69
C GLU B 16 -14.09 3.72 9.77
C GLU B 16 -14.87 3.90 10.37
N TYR B 17 -15.24 3.78 9.09
N TYR B 17 -15.98 4.02 11.14
CA TYR B 17 -15.67 2.71 8.17
CA TYR B 17 -17.20 3.24 11.05
C TYR B 17 -15.69 1.37 8.93
C TYR B 17 -17.18 1.85 11.59
N ASP B 18 -16.02 1.47 10.19
N ASP B 18 -16.27 1.07 11.05
CA ASP B 18 -16.18 0.33 11.10
CA ASP B 18 -16.22 -0.31 11.29
C ASP B 18 -14.94 -0.60 11.24
C ASP B 18 -14.81 -0.84 11.16
N LEU B 19 -13.78 0.03 11.19
CA LEU B 19 -12.44 -0.48 11.32
C LEU B 19 -11.57 0.55 12.00
N ASP B 20 -10.37 0.18 12.41
CA ASP B 20 -9.44 1.08 13.07
C ASP B 20 -8.27 1.34 12.18
N GLY B 21 -8.06 2.63 11.83
CA GLY B 21 -7.11 3.00 10.76
C GLY B 21 -6.09 4.04 11.18
N SER B 22 -5.09 4.10 10.33
CA SER B 22 -4.03 5.15 10.42
C SER B 22 -3.79 5.70 8.98
N ARG B 23 -4.31 6.90 8.76
CA ARG B 23 -4.26 7.59 7.44
C ARG B 23 -2.83 8.01 7.14
N LEU B 24 -2.43 7.84 5.88
CA LEU B 24 -1.16 8.42 5.40
C LEU B 24 -1.04 9.94 5.52
N LEU B 25 -2.13 10.56 5.13
CA LEU B 25 -2.24 12.04 5.06
C LEU B 25 -3.09 12.58 6.17
N PRO B 26 -2.77 13.77 6.65
CA PRO B 26 -1.69 14.62 6.15
C PRO B 26 -0.30 14.28 6.66
N TRP B 27 0.70 14.59 5.87
CA TRP B 27 2.12 14.44 6.21
C TRP B 27 2.87 15.63 5.60
N GLU B 28 3.44 16.49 6.44
CA GLU B 28 4.11 17.69 5.91
C GLU B 28 5.21 17.29 4.94
N GLY B 29 5.06 17.75 3.70
CA GLY B 29 5.90 17.36 2.54
C GLY B 29 5.69 15.93 2.01
N LEU B 30 4.62 15.25 2.38
CA LEU B 30 4.22 14.13 1.57
C LEU B 30 3.38 14.72 0.40
N ASN B 31 4.01 14.87 -0.78
CA ASN B 31 3.25 15.12 -2.01
C ASN B 31 3.10 13.86 -2.87
N THR B 32 1.91 13.32 -2.83
CA THR B 32 1.61 12.09 -3.54
C THR B 32 0.39 12.34 -4.43
N PRO B 33 0.23 11.45 -5.39
CA PRO B 33 -0.97 11.51 -6.22
C PRO B 33 -2.05 10.56 -5.75
N PHE B 34 -1.86 9.99 -4.53
CA PHE B 34 -2.78 9.00 -3.91
C PHE B 34 -2.91 9.28 -2.45
N GLY B 35 -3.95 8.73 -1.86
CA GLY B 35 -4.14 8.64 -0.40
C GLY B 35 -3.90 7.21 0.03
N GLY B 36 -3.80 7.05 1.35
CA GLY B 36 -3.57 5.71 1.89
C GLY B 36 -4.00 5.63 3.31
N ALA B 37 -4.12 4.38 3.74
CA ALA B 37 -4.38 4.10 5.15
C ALA B 37 -4.02 2.66 5.49
N TRP B 38 -3.47 2.52 6.72
CA TRP B 38 -3.29 1.20 7.37
C TRP B 38 -4.55 0.89 8.11
N CYS B 39 -5.18 -0.21 7.79
CA CYS B 39 -6.48 -0.58 8.32
C CYS B 39 -6.43 -1.91 9.09
N ILE B 40 -7.18 -1.91 10.20
CA ILE B 40 -7.30 -3.13 11.04
C ILE B 40 -8.78 -3.39 11.20
N VAL B 41 -9.20 -4.58 10.74
CA VAL B 41 -10.54 -5.10 10.91
C VAL B 41 -10.40 -6.05 12.13
N ARG B 42 -11.07 -5.68 13.18
CA ARG B 42 -10.92 -6.43 14.45
C ARG B 42 -11.63 -7.79 14.32
N PRO B 43 -11.29 -8.73 15.23
CA PRO B 43 -11.86 -10.08 15.20
C PRO B 43 -13.35 -10.09 15.20
N GLU B 44 -13.90 -10.96 14.36
CA GLU B 44 -15.36 -11.19 14.22
C GLU B 44 -16.17 -9.97 14.01
N THR B 45 -15.62 -9.14 13.13
CA THR B 45 -16.28 -7.90 12.63
C THR B 45 -16.11 -7.83 11.15
N LYS B 46 -16.85 -6.88 10.60
N LYS B 46 -16.87 -6.92 10.58
CA LYS B 46 -16.74 -6.47 9.21
CA LYS B 46 -16.74 -6.63 9.19
C LYS B 46 -16.72 -4.95 9.10
C LYS B 46 -16.84 -5.15 8.93
N SER B 47 -16.12 -4.47 8.03
N SER B 47 -16.17 -4.75 7.87
CA SER B 47 -16.09 -3.03 7.71
CA SER B 47 -16.27 -3.41 7.28
C SER B 47 -17.40 -2.47 7.11
C SER B 47 -17.04 -3.50 5.98
N PHE B 48 -17.55 -1.15 7.04
N PHE B 48 -17.82 -2.46 5.72
CA PHE B 48 -18.78 -0.55 6.57
CA PHE B 48 -18.57 -2.33 4.50
C PHE B 48 -18.69 -0.61 5.04
C PHE B 48 -18.49 -0.89 4.00
N ARG B 49 -19.82 -0.78 4.37
N ARG B 49 -18.20 -0.75 2.71
CA ARG B 49 -19.81 -1.06 2.94
CA ARG B 49 -18.29 0.53 2.04
C ARG B 49 -19.98 0.24 2.22
C ARG B 49 -19.21 0.40 0.85
N HIS B 50 -19.39 0.32 1.03
N HIS B 50 -20.14 1.36 0.71
CA HIS B 50 -19.53 1.51 0.21
CA HIS B 50 -21.20 1.31 -0.27
C HIS B 50 -19.09 1.28 -1.24
C HIS B 50 -20.61 1.28 -1.67
N SER B 51 -19.71 2.02 -2.15
N SER B 51 -19.32 1.66 -1.77
CA SER B 51 -19.26 2.17 -3.58
CA SER B 51 -18.55 1.78 -3.01
C SER B 51 -19.20 3.62 -4.02
C SER B 51 -18.15 3.25 -3.16
N HIS B 52 -18.17 3.88 -4.83
N HIS B 52 -17.40 3.55 -4.21
CA HIS B 52 -17.74 5.23 -5.16
CA HIS B 52 -16.94 4.92 -4.44
C HIS B 52 -17.07 5.19 -6.50
C HIS B 52 -16.42 5.12 -5.87
N ASN B 53 -16.60 6.36 -6.90
N ASN B 53 -16.38 6.38 -6.27
CA ASN B 53 -15.97 6.54 -8.19
CA ASN B 53 -15.89 6.75 -7.60
C ASN B 53 -14.57 7.13 -7.98
C ASN B 53 -14.35 6.55 -7.75
N GLU B 54 -13.78 6.45 -7.13
N GLU B 54 -13.55 6.90 -6.75
CA GLU B 54 -12.32 6.60 -7.03
CA GLU B 54 -12.10 6.69 -6.90
C GLU B 54 -11.66 5.20 -7.02
C GLU B 54 -11.66 5.22 -7.02
N TYR B 55 -10.56 5.04 -7.76
CA TYR B 55 -9.77 3.80 -7.77
C TYR B 55 -9.16 3.52 -6.39
N GLU B 56 -9.05 2.21 -6.11
CA GLU B 56 -8.56 1.74 -4.80
C GLU B 56 -7.96 0.39 -5.01
N LEU B 57 -6.88 0.14 -4.22
CA LEU B 57 -6.12 -1.16 -4.18
C LEU B 57 -5.98 -1.51 -2.71
N PHE B 58 -6.12 -2.79 -2.35
CA PHE B 58 -5.79 -3.26 -1.00
C PHE B 58 -4.57 -4.17 -1.13
N ILE B 59 -3.67 -3.96 -0.17
CA ILE B 59 -2.48 -4.82 0.02
C ILE B 59 -2.68 -5.55 1.38
N VAL B 60 -2.81 -6.88 1.30
CA VAL B 60 -3.15 -7.66 2.51
C VAL B 60 -1.89 -7.97 3.32
N ILE B 61 -1.92 -7.48 4.54
CA ILE B 61 -0.72 -7.51 5.41
C ILE B 61 -0.70 -8.66 6.45
N GLN B 62 -1.79 -8.92 7.16
CA GLN B 62 -1.76 -9.93 8.21
C GLN B 62 -3.14 -10.45 8.39
N GLY B 63 -3.21 -11.74 8.70
CA GLY B 63 -4.47 -12.38 9.02
C GLY B 63 -5.20 -12.94 7.81
N ASN B 64 -6.48 -13.14 8.03
CA ASN B 64 -7.33 -13.75 6.97
C ASN B 64 -8.64 -13.02 6.96
N ALA B 65 -9.24 -12.88 5.79
CA ALA B 65 -10.54 -12.25 5.67
C ALA B 65 -11.16 -12.72 4.38
N ILE B 66 -12.46 -12.46 4.27
CA ILE B 66 -13.21 -12.65 3.02
C ILE B 66 -13.52 -11.24 2.55
N ILE B 67 -13.15 -10.98 1.30
CA ILE B 67 -13.42 -9.73 0.60
C ILE B 67 -14.58 -9.99 -0.34
N ARG B 68 -15.67 -9.27 -0.12
CA ARG B 68 -16.84 -9.38 -0.96
C ARG B 68 -16.91 -8.12 -1.84
N ILE B 69 -16.84 -8.36 -3.13
CA ILE B 69 -16.92 -7.30 -4.13
C ILE B 69 -18.25 -7.58 -4.85
N ASN B 70 -19.16 -6.63 -4.65
N ASN B 70 -19.23 -6.70 -4.69
CA ASN B 70 -20.56 -6.72 -5.08
CA ASN B 70 -20.49 -6.82 -5.43
C ASN B 70 -21.12 -8.00 -4.50
C ASN B 70 -21.26 -8.08 -5.09
N ASP B 71 -21.22 -9.06 -5.31
N ASP B 71 -21.04 -8.59 -3.89
CA ASP B 71 -21.65 -10.36 -4.79
CA ASP B 71 -21.61 -9.85 -3.42
C ASP B 71 -20.66 -11.48 -5.12
C ASP B 71 -20.86 -11.07 -3.92
N GLU B 72 -19.41 -11.22 -4.80
N GLU B 72 -19.60 -10.87 -4.36
CA GLU B 72 -18.31 -12.09 -5.16
CA GLU B 72 -18.73 -11.98 -4.76
C GLU B 72 -17.35 -12.11 -3.95
C GLU B 72 -17.56 -12.03 -3.78
N ASP B 73 -17.37 -13.20 -3.20
CA ASP B 73 -16.45 -13.36 -2.09
C ASP B 73 -15.06 -13.78 -2.58
N PHE B 74 -14.04 -12.99 -2.19
CA PHE B 74 -12.63 -13.33 -2.45
C PHE B 74 -11.91 -13.57 -1.09
N PRO B 75 -11.53 -14.83 -0.75
CA PRO B 75 -10.67 -14.96 0.43
C PRO B 75 -9.33 -14.35 0.24
N VAL B 76 -8.80 -13.79 1.33
CA VAL B 76 -7.48 -13.16 1.23
C VAL B 76 -6.63 -13.52 2.43
N THR B 77 -5.33 -13.43 2.23
N THR B 77 -5.34 -13.67 2.12
CA THR B 77 -4.37 -13.67 3.26
CA THR B 77 -4.27 -13.90 3.07
C THR B 77 -3.13 -12.91 2.81
C THR B 77 -3.10 -12.96 2.75
N LYS B 78 -2.09 -12.92 3.60
CA LYS B 78 -0.96 -12.02 3.50
C LYS B 78 -0.32 -12.17 2.15
N GLY B 79 -0.10 -11.00 1.53
CA GLY B 79 0.54 -10.89 0.22
C GLY B 79 -0.46 -10.69 -0.88
N ASP B 80 -1.70 -10.99 -0.68
CA ASP B 80 -2.71 -10.81 -1.73
C ASP B 80 -2.98 -9.33 -1.97
N LEU B 81 -3.23 -9.05 -3.26
CA LEU B 81 -3.60 -7.71 -3.75
C LEU B 81 -4.98 -7.81 -4.34
N ILE B 82 -5.76 -6.79 -4.05
N ILE B 82 -5.80 -6.82 -4.05
CA ILE B 82 -7.16 -6.64 -4.45
CA ILE B 82 -7.12 -6.76 -4.62
C ILE B 82 -7.36 -5.29 -5.09
C ILE B 82 -7.48 -5.35 -5.05
N ILE B 83 -7.98 -5.30 -6.26
CA ILE B 83 -8.43 -4.06 -6.98
C ILE B 83 -9.89 -3.87 -6.67
N ILE B 84 -10.24 -2.65 -6.30
CA ILE B 84 -11.63 -2.32 -5.92
C ILE B 84 -12.25 -1.59 -7.13
N PRO B 85 -13.09 -2.30 -7.88
CA PRO B 85 -13.72 -1.71 -9.07
C PRO B 85 -14.51 -0.46 -8.76
N LEU B 86 -14.55 0.39 -9.78
CA LEU B 86 -15.49 1.54 -9.81
C LEU B 86 -16.92 1.07 -9.55
N ASP B 87 -17.58 1.76 -8.65
CA ASP B 87 -18.98 1.53 -8.34
C ASP B 87 -19.39 0.07 -8.12
N SER B 88 -18.41 -0.76 -7.76
CA SER B 88 -18.72 -1.98 -7.04
C SER B 88 -18.66 -1.66 -5.54
N GLU B 89 -19.65 -2.17 -4.80
N GLU B 89 -19.56 -2.26 -4.76
CA GLU B 89 -19.72 -1.99 -3.36
CA GLU B 89 -19.52 -2.17 -3.29
C GLU B 89 -18.81 -3.07 -2.79
C GLU B 89 -18.63 -3.28 -2.73
N HIS B 90 -17.90 -2.62 -1.93
N HIS B 90 -17.98 -3.00 -1.60
CA HIS B 90 -16.87 -3.44 -1.30
CA HIS B 90 -17.16 -4.03 -0.93
C HIS B 90 -16.87 -3.20 0.19
C HIS B 90 -17.42 -4.30 0.57
N HIS B 91 -16.62 -4.29 0.91
N HIS B 91 -17.16 -5.53 0.99
CA HIS B 91 -16.27 -4.25 2.31
CA HIS B 91 -17.17 -5.89 2.39
C HIS B 91 -15.44 -5.52 2.73
C HIS B 91 -15.85 -6.54 2.69
N VAL B 92 -14.86 -5.50 3.95
N VAL B 92 -15.21 -6.13 3.78
CA VAL B 92 -14.00 -6.58 4.48
CA VAL B 92 -14.12 -6.87 4.38
C VAL B 92 -14.74 -7.38 5.60
C VAL B 92 -14.74 -7.43 5.60
N ILE B 93 -14.53 -8.72 5.72
CA ILE B 93 -15.17 -9.57 6.74
C ILE B 93 -14.06 -10.35 7.42
N ASN B 94 -13.90 -10.20 8.73
CA ASN B 94 -12.91 -10.98 9.50
C ASN B 94 -13.66 -11.88 10.46
N ASN B 95 -13.85 -13.12 10.05
CA ASN B 95 -14.42 -14.14 10.95
C ASN B 95 -13.50 -14.71 12.04
N ASN B 96 -12.25 -14.31 12.10
CA ASN B 96 -11.20 -14.94 12.84
C ASN B 96 -10.82 -14.22 14.12
N GLN B 97 -10.07 -14.91 15.00
CA GLN B 97 -9.50 -14.38 16.28
C GLN B 97 -8.28 -13.54 16.23
N GLU B 98 -7.77 -13.38 15.01
CA GLU B 98 -6.57 -12.60 14.71
C GLU B 98 -7.09 -11.26 14.04
N ASP B 99 -6.52 -10.12 14.40
CA ASP B 99 -6.74 -8.86 13.63
C ASP B 99 -6.40 -9.13 12.22
N PHE B 100 -7.16 -8.48 11.39
CA PHE B 100 -6.91 -8.48 9.93
C PHE B 100 -6.37 -7.10 9.54
N HIS B 101 -5.14 -7.12 9.02
CA HIS B 101 -4.47 -5.86 8.62
C HIS B 101 -4.35 -5.80 7.11
N PHE B 102 -4.61 -4.58 6.55
CA PHE B 102 -4.41 -4.33 5.10
C PHE B 102 -4.08 -2.88 4.99
N TYR B 103 -3.45 -2.56 3.84
CA TYR B 103 -3.20 -1.16 3.48
C TYR B 103 -4.04 -0.85 2.26
N THR B 104 -4.71 0.28 2.30
CA THR B 104 -5.45 0.72 1.12
C THR B 104 -4.78 1.98 0.55
N ILE B 105 -4.75 2.03 -0.78
N ILE B 105 -4.76 2.02 -0.78
CA ILE B 105 -4.23 3.14 -1.59
CA ILE B 105 -4.23 3.14 -1.59
C ILE B 105 -5.39 3.50 -2.52
C ILE B 105 -5.39 3.51 -2.51
N TRP B 106 -5.73 4.79 -2.59
CA TRP B 106 -6.83 5.25 -3.40
C TRP B 106 -6.33 6.49 -4.19
N TRP B 107 -6.93 6.70 -5.38
CA TRP B 107 -6.47 7.75 -6.31
C TRP B 107 -7.58 8.01 -7.31
N ASP B 108 -7.47 9.21 -7.93
CA ASP B 108 -8.36 9.56 -9.02
C ASP B 108 -7.73 10.68 -9.75
N LYS B 109 -8.57 11.26 -10.63
CA LYS B 109 -8.13 12.45 -11.42
C LYS B 109 -7.77 13.58 -10.54
N GLU B 110 -8.63 13.87 -9.59
CA GLU B 110 -8.37 15.00 -8.71
C GLU B 110 -7.04 14.86 -8.01
N SER B 111 -6.83 13.70 -7.38
CA SER B 111 -5.61 13.51 -6.59
C SER B 111 -4.34 13.64 -7.43
N THR B 112 -4.38 13.06 -8.61
N THR B 112 -4.37 13.06 -8.62
CA THR B 112 -3.23 13.07 -9.51
CA THR B 112 -3.21 13.07 -9.50
C THR B 112 -2.89 14.48 -10.03
C THR B 112 -2.89 14.49 -10.02
N LEU B 113 -3.91 15.19 -10.50
CA LEU B 113 -3.72 16.55 -10.90
C LEU B 113 -3.22 17.41 -9.77
N ASN B 114 -3.73 17.14 -8.56
CA ASN B 114 -3.36 17.97 -7.46
C ASN B 114 -1.89 17.77 -7.14
N PHE B 115 -1.39 16.50 -7.20
CA PHE B 115 0.01 16.27 -7.09
C PHE B 115 0.85 17.14 -8.08
N LEU B 116 0.41 17.09 -9.35
CA LEU B 116 1.14 17.86 -10.40
C LEU B 116 1.12 19.39 -10.21
N THR B 117 0.02 19.86 -9.67
CA THR B 117 -0.12 21.28 -9.35
C THR B 117 0.81 21.73 -8.25
N ARG B 118 0.83 20.95 -7.15
CA ARG B 118 1.74 21.26 -6.05
C ARG B 118 3.18 21.09 -6.49
N LEU B 119 3.42 20.07 -7.30
CA LEU B 119 4.74 19.80 -7.86
C LEU B 119 5.16 21.07 -8.59
N GLU B 120 4.22 21.63 -9.35
CA GLU B 120 4.42 22.89 -10.06
C GLU B 120 4.49 24.15 -9.16
N GLN B 121 3.61 24.22 -8.16
CA GLN B 121 3.56 25.38 -7.24
C GLN B 121 4.96 25.85 -6.84
NI NI C . 14.41 3.18 -4.48
NA NA D . 7.90 -16.17 8.01
NI NI E . -13.31 1.94 -0.76
N MSE A 2 -10.48 -6.94 -16.29
CA MSE A 2 -9.45 -6.76 -15.28
C MSE A 2 -9.69 -7.75 -14.13
O MSE A 2 -10.74 -7.72 -13.49
CB MSE A 2 -9.49 -5.33 -14.74
CG MSE A 2 -8.47 -5.03 -13.63
SE MSE A 2 -8.79 -3.29 -12.82
CE MSE A 2 -10.07 -3.89 -11.57
HA MSE A 2 -8.59 -6.91 -15.68
HB2 MSE A 2 -9.31 -4.71 -15.47
HB3 MSE A 2 -10.37 -5.14 -14.37
HG2 MSE A 2 -8.59 -5.69 -12.94
HG3 MSE A 2 -7.57 -5.07 -13.99
HE1 MSE A 2 -10.81 -4.26 -12.07
HE2 MSE A 2 -9.68 -4.58 -11.00
HE3 MSE A 2 -10.35 -3.13 -11.04
N ASN A 3 -8.73 -8.64 -13.89
CA ASN A 3 -8.83 -9.48 -12.71
C ASN A 3 -8.76 -8.59 -11.52
N ILE A 4 -9.49 -8.93 -10.46
N ILE A 4 -9.48 -9.00 -10.48
CA ILE A 4 -9.53 -8.09 -9.28
CA ILE A 4 -9.71 -8.20 -9.29
C ILE A 4 -8.55 -8.51 -8.21
C ILE A 4 -8.70 -8.55 -8.20
N ILE A 5 -8.22 -9.79 -8.20
CA ILE A 5 -7.39 -10.33 -7.15
C ILE A 5 -6.17 -10.93 -7.78
N ARG A 6 -5.05 -10.69 -7.14
N ARG A 6 -5.04 -10.69 -7.14
CA ARG A 6 -3.84 -11.45 -7.39
CA ARG A 6 -3.79 -11.42 -7.40
C ARG A 6 -3.37 -12.09 -6.11
C ARG A 6 -3.35 -12.09 -6.10
N LYS A 7 -3.51 -13.40 -6.06
CA LYS A 7 -3.11 -14.15 -4.92
C LYS A 7 -1.58 -14.22 -4.93
N MSE A 8 -1.00 -13.99 -3.77
CA MSE A 8 0.44 -14.06 -3.68
C MSE A 8 0.87 -15.49 -3.90
O MSE A 8 0.34 -16.44 -3.28
CB MSE A 8 0.88 -13.54 -2.32
CG MSE A 8 2.41 -13.43 -2.09
SE MSE A 8 3.57 -12.74 -3.57
CE MSE A 8 3.41 -10.98 -3.20
HA MSE A 8 0.85 -13.50 -4.36
HB2 MSE A 8 0.53 -12.64 -2.22
HB3 MSE A 8 0.52 -14.10 -1.63
HG2 MSE A 8 2.53 -12.81 -1.35
HG3 MSE A 8 2.74 -14.30 -1.82
HE1 MSE A 8 3.86 -10.50 -3.92
HE2 MSE A 8 2.48 -10.73 -3.16
HE3 MSE A 8 3.85 -10.79 -2.35
N ASP A 9 1.83 -15.65 -4.83
CA ASP A 9 2.56 -16.92 -5.00
C ASP A 9 3.95 -16.56 -4.56
N TRP A 10 4.33 -17.04 -3.36
CA TRP A 10 5.60 -16.65 -2.82
C TRP A 10 6.85 -17.22 -3.50
N ASP A 11 6.67 -18.08 -4.47
CA ASP A 11 7.81 -18.58 -5.24
C ASP A 11 7.95 -17.93 -6.62
N SER A 12 7.01 -17.02 -6.92
CA SER A 12 7.08 -16.28 -8.20
C SER A 12 7.82 -14.96 -8.05
N MSE A 13 8.46 -14.70 -6.96
CA MSE A 13 9.09 -13.41 -6.76
C MSE A 13 10.36 -13.42 -7.61
O MSE A 13 10.98 -14.43 -7.88
CB MSE A 13 9.36 -13.21 -5.28
CG MSE A 13 8.07 -12.95 -4.49
SE MSE A 13 8.61 -12.79 -2.70
CE MSE A 13 7.44 -11.22 -2.30
H MSE A 13 8.55 -15.23 -6.30
HA MSE A 13 8.49 -12.71 -7.05
HB2 MSE A 13 9.74 -14.04 -4.96
HB3 MSE A 13 9.99 -12.50 -5.13
HG2 MSE A 13 7.67 -12.11 -4.78
HG3 MSE A 13 7.44 -13.67 -4.59
HE1 MSE A 13 6.57 -11.50 -1.98
HE2 MSE A 13 7.87 -10.66 -1.64
HE3 MSE A 13 7.33 -10.74 -3.12
N VAL A 14 10.68 -12.22 -8.13
CA VAL A 14 11.86 -12.02 -8.93
C VAL A 14 12.92 -11.34 -8.06
N HIS A 15 14.09 -11.95 -8.03
CA HIS A 15 15.21 -11.43 -7.32
C HIS A 15 15.85 -10.31 -8.11
N GLU A 16 15.74 -9.14 -7.54
CA GLU A 16 16.24 -7.94 -8.20
C GLU A 16 16.59 -7.00 -7.07
N TYR A 17 17.63 -6.17 -7.23
CA TYR A 17 18.01 -5.26 -6.15
C TYR A 17 18.47 -6.00 -4.88
N ASP A 18 18.92 -7.24 -5.07
CA ASP A 18 19.34 -8.11 -3.97
C ASP A 18 18.25 -8.42 -2.94
N LEU A 19 17.01 -8.33 -3.35
CA LEU A 19 15.88 -8.74 -2.55
C LEU A 19 14.93 -9.50 -3.43
N ASP A 20 13.90 -10.06 -2.83
CA ASP A 20 12.91 -10.79 -3.56
C ASP A 20 11.72 -9.89 -3.64
N GLY A 21 11.20 -9.69 -4.87
CA GLY A 21 10.09 -8.75 -5.10
C GLY A 21 8.98 -9.35 -5.90
N SER A 22 7.81 -8.79 -5.68
CA SER A 22 6.64 -9.03 -6.53
C SER A 22 6.06 -7.68 -6.94
N ARG A 23 6.33 -7.35 -8.20
CA ARG A 23 5.92 -6.03 -8.72
C ARG A 23 4.42 -5.98 -8.94
N LEU A 24 3.83 -4.82 -8.62
CA LEU A 24 2.41 -4.53 -8.91
C LEU A 24 2.10 -4.64 -10.40
N LEU A 25 2.96 -4.02 -11.19
CA LEU A 25 2.70 -3.87 -12.62
C LEU A 25 3.60 -4.84 -13.33
N PRO A 26 3.22 -5.28 -14.54
CA PRO A 26 1.92 -4.93 -15.13
C PRO A 26 0.74 -5.71 -14.52
N TRP A 27 -0.45 -5.19 -14.75
CA TRP A 27 -1.68 -5.77 -14.28
C TRP A 27 -2.71 -5.32 -15.29
N GLU A 28 -3.12 -6.25 -16.15
CA GLU A 28 -4.04 -5.98 -17.25
C GLU A 28 -5.22 -5.15 -16.75
N GLY A 29 -5.43 -3.97 -17.32
CA GLY A 29 -6.59 -3.17 -17.00
C GLY A 29 -6.48 -2.36 -15.70
N LEU A 30 -5.33 -2.40 -15.06
CA LEU A 30 -5.07 -1.60 -13.86
C LEU A 30 -4.22 -0.38 -14.16
N ASN A 31 -4.81 0.75 -13.86
CA ASN A 31 -4.21 2.03 -14.20
C ASN A 31 -3.98 2.93 -12.98
N THR A 32 -2.69 3.16 -12.72
CA THR A 32 -2.13 3.76 -11.48
C THR A 32 -1.22 4.87 -11.87
N PRO A 33 -1.17 5.89 -11.04
CA PRO A 33 -0.18 6.94 -11.28
C PRO A 33 1.14 6.59 -10.57
N PHE A 34 1.26 5.36 -10.07
CA PHE A 34 2.41 4.91 -9.28
C PHE A 34 2.74 3.48 -9.66
N GLY A 35 3.96 3.06 -9.32
CA GLY A 35 4.39 1.67 -9.37
C GLY A 35 4.48 1.14 -7.94
N GLY A 36 4.57 -0.18 -7.81
CA GLY A 36 4.57 -0.82 -6.50
C GLY A 36 5.34 -2.13 -6.55
N ALA A 37 5.77 -2.57 -5.36
CA ALA A 37 6.32 -3.93 -5.18
C ALA A 37 6.28 -4.33 -3.73
N TRP A 38 5.91 -5.60 -3.57
CA TRP A 38 6.11 -6.28 -2.25
C TRP A 38 7.52 -6.84 -2.25
N CYS A 39 8.28 -6.44 -1.23
CA CYS A 39 9.69 -6.80 -1.14
C CYS A 39 9.99 -7.55 0.15
N ILE A 40 10.91 -8.51 0.00
CA ILE A 40 11.41 -9.29 1.16
C ILE A 40 12.91 -9.23 1.11
N VAL A 41 13.47 -8.72 2.21
CA VAL A 41 14.91 -8.80 2.46
C VAL A 41 15.10 -10.01 3.40
N ARG A 42 15.78 -10.99 2.86
CA ARG A 42 15.92 -12.29 3.55
C ARG A 42 16.79 -12.16 4.79
N PRO A 43 16.65 -13.12 5.73
CA PRO A 43 17.41 -13.03 6.98
C PRO A 43 18.88 -12.87 6.74
N GLU A 44 19.49 -11.96 7.50
CA GLU A 44 20.94 -11.71 7.40
C GLU A 44 21.43 -11.35 6.01
N THR A 45 20.61 -10.59 5.26
CA THR A 45 21.06 -9.92 4.01
C THR A 45 20.77 -8.42 4.07
N LYS A 46 21.26 -7.74 3.07
CA LYS A 46 20.94 -6.33 2.88
C LYS A 46 20.64 -6.21 1.40
N SER A 47 19.76 -5.29 1.01
CA SER A 47 19.50 -5.02 -0.42
C SER A 47 20.66 -4.28 -1.14
N PHE A 48 20.64 -4.22 -2.48
CA PHE A 48 21.50 -3.37 -3.32
C PHE A 48 21.98 -2.09 -2.63
N ARG A 49 21.21 -1.03 -2.86
CA ARG A 49 21.51 0.44 -2.69
C ARG A 49 20.98 1.04 -3.98
N HIS A 50 20.99 2.35 -4.08
CA HIS A 50 20.64 3.06 -5.32
C HIS A 50 19.99 4.39 -4.95
N SER A 51 19.85 5.26 -5.95
CA SER A 51 19.70 6.76 -5.86
C SER A 51 18.47 7.53 -6.36
N HIS A 52 17.97 7.08 -7.48
CA HIS A 52 16.94 7.81 -8.29
C HIS A 52 16.20 9.17 -7.94
N ASN A 53 15.98 9.98 -8.95
CA ASN A 53 14.85 10.89 -8.94
C ASN A 53 13.75 9.91 -9.22
N GLU A 54 12.62 10.09 -8.57
CA GLU A 54 11.46 9.21 -8.48
C GLU A 54 11.13 9.26 -7.01
N TYR A 55 9.93 9.70 -6.64
CA TYR A 55 9.42 9.67 -5.25
C TYR A 55 9.19 8.23 -4.89
N GLU A 56 9.39 7.93 -3.61
CA GLU A 56 9.21 6.56 -3.12
C GLU A 56 8.85 6.60 -1.65
N LEU A 57 7.96 5.69 -1.28
N LEU A 57 7.98 5.65 -1.29
CA LEU A 57 7.61 5.44 0.11
CA LEU A 57 7.43 5.42 0.07
C LEU A 57 7.62 3.94 0.39
C LEU A 57 7.59 3.93 0.39
N PHE A 58 8.07 3.61 1.60
CA PHE A 58 8.04 2.25 2.11
C PHE A 58 6.95 2.15 3.19
N ILE A 59 6.16 1.09 3.06
CA ILE A 59 5.19 0.67 4.07
C ILE A 59 5.77 -0.65 4.68
N VAL A 60 6.17 -0.56 5.94
CA VAL A 60 6.81 -1.74 6.56
C VAL A 60 5.76 -2.72 7.06
N ILE A 61 5.90 -3.94 6.58
CA ILE A 61 4.88 -5.00 6.77
C ILE A 61 5.18 -5.97 7.91
N GLN A 62 6.41 -6.43 8.02
CA GLN A 62 6.67 -7.49 9.01
C GLN A 62 8.15 -7.48 9.27
N GLY A 63 8.54 -7.79 10.51
CA GLY A 63 9.95 -7.96 10.81
C GLY A 63 10.64 -6.70 11.21
N ASN A 64 11.96 -6.76 11.19
CA ASN A 64 12.80 -5.71 11.72
C ASN A 64 13.87 -5.46 10.69
N ALA A 65 14.26 -4.22 10.55
CA ALA A 65 15.33 -3.88 9.66
C ALA A 65 15.87 -2.55 10.05
N ILE A 66 16.83 -2.14 9.20
CA ILE A 66 17.32 -0.76 9.15
C ILE A 66 17.19 -0.28 7.73
N ILE A 67 16.52 0.85 7.54
CA ILE A 67 16.67 1.57 6.28
C ILE A 67 17.84 2.55 6.50
N ARG A 68 18.88 2.48 5.67
CA ARG A 68 19.96 3.46 5.72
C ARG A 68 19.72 4.39 4.57
N ILE A 69 19.59 5.67 4.89
N ILE A 69 19.58 5.67 4.90
CA ILE A 69 19.28 6.70 3.92
CA ILE A 69 19.28 6.71 3.94
C ILE A 69 20.34 7.78 4.11
C ILE A 69 20.36 7.77 4.12
N ASN A 70 21.19 7.94 3.11
CA ASN A 70 22.30 8.89 3.21
C ASN A 70 23.15 8.66 4.47
N ASP A 71 23.67 7.44 4.63
CA ASP A 71 24.44 7.04 5.85
C ASP A 71 23.88 7.39 7.29
N GLU A 72 22.64 7.89 7.37
N GLU A 72 22.64 7.87 7.38
CA GLU A 72 21.87 7.89 8.63
CA GLU A 72 21.87 7.89 8.63
C GLU A 72 20.96 6.66 8.66
C GLU A 72 20.93 6.67 8.67
N ASP A 73 20.77 6.07 9.84
CA ASP A 73 20.00 4.82 9.97
C ASP A 73 18.67 5.04 10.67
N PHE A 74 17.71 4.26 10.25
CA PHE A 74 16.34 4.29 10.80
C PHE A 74 15.91 2.85 11.06
N PRO A 75 15.92 2.42 12.33
CA PRO A 75 15.24 1.15 12.61
C PRO A 75 13.76 1.17 12.19
N VAL A 76 13.31 0.05 11.68
CA VAL A 76 11.91 -0.05 11.31
C VAL A 76 11.30 -1.37 11.56
N THR A 77 10.00 -1.26 11.81
CA THR A 77 9.20 -2.32 12.30
C THR A 77 7.79 -2.21 11.73
N LYS A 78 6.96 -3.22 11.87
CA LYS A 78 5.63 -3.30 11.28
C LYS A 78 4.89 -2.05 11.56
N GLY A 79 4.33 -1.50 10.49
CA GLY A 79 3.50 -0.29 10.57
C GLY A 79 4.26 0.97 10.26
N ASP A 80 5.57 0.99 10.33
CA ASP A 80 6.31 2.20 10.07
C ASP A 80 6.25 2.54 8.58
N LEU A 81 6.23 3.85 8.35
N LEU A 81 6.23 3.85 8.33
CA LEU A 81 6.29 4.44 7.01
CA LEU A 81 6.31 4.36 6.97
C LEU A 81 7.53 5.25 6.88
C LEU A 81 7.54 5.24 6.84
N ILE A 82 8.20 5.15 5.75
N ILE A 82 8.21 5.10 5.69
CA ILE A 82 9.37 5.96 5.52
CA ILE A 82 9.46 5.76 5.37
C ILE A 82 9.47 6.41 4.07
C ILE A 82 9.30 6.44 4.04
N ILE A 83 9.76 7.69 3.95
N ILE A 83 9.79 7.67 3.96
CA ILE A 83 9.84 8.34 2.68
CA ILE A 83 9.84 8.38 2.70
C ILE A 83 11.28 8.34 2.22
C ILE A 83 11.29 8.32 2.23
N ILE A 84 11.49 7.93 0.98
CA ILE A 84 12.82 7.85 0.39
C ILE A 84 13.09 9.14 -0.37
N PRO A 85 13.92 10.03 0.21
CA PRO A 85 14.12 11.30 -0.51
C PRO A 85 14.70 11.03 -1.93
N LEU A 86 14.20 11.85 -2.87
CA LEU A 86 14.71 11.87 -4.24
C LEU A 86 16.20 12.09 -4.19
N ASP A 87 16.93 11.33 -4.98
CA ASP A 87 18.37 11.47 -5.08
C ASP A 87 19.09 11.15 -3.76
N SER A 88 18.42 10.41 -2.87
CA SER A 88 19.10 9.87 -1.70
C SER A 88 19.49 8.43 -1.96
N GLU A 89 20.65 8.02 -1.46
CA GLU A 89 21.04 6.62 -1.45
C GLU A 89 20.29 5.89 -0.38
N HIS A 90 19.78 4.72 -0.74
CA HIS A 90 18.95 3.97 0.16
C HIS A 90 19.03 2.50 -0.11
N HIS A 91 19.13 1.80 1.02
CA HIS A 91 19.06 0.35 1.03
C HIS A 91 18.51 -0.12 2.39
N VAL A 92 18.19 -1.41 2.44
N VAL A 92 18.10 -1.40 2.40
CA VAL A 92 17.58 -2.08 3.59
CA VAL A 92 17.58 -2.09 3.58
C VAL A 92 18.51 -3.18 4.12
C VAL A 92 18.62 -3.08 4.11
N ILE A 93 18.75 -3.15 5.42
CA ILE A 93 19.68 -4.06 6.11
C ILE A 93 18.84 -4.89 7.01
N ASN A 94 18.87 -6.21 6.81
CA ASN A 94 18.17 -7.11 7.73
C ASN A 94 19.14 -8.00 8.48
N ASN A 95 19.48 -7.61 9.70
CA ASN A 95 20.43 -8.40 10.52
C ASN A 95 19.78 -9.50 11.36
N ASN A 96 18.49 -9.68 11.20
N ASN A 96 18.47 -9.65 11.25
CA ASN A 96 17.70 -10.60 11.96
CA ASN A 96 17.76 -10.61 12.04
C ASN A 96 17.52 -11.94 11.27
C ASN A 96 17.52 -11.91 11.28
N GLN A 97 17.02 -12.90 11.99
CA GLN A 97 16.89 -14.23 11.46
C GLN A 97 15.53 -14.51 10.81
N GLU A 98 14.69 -13.49 10.75
CA GLU A 98 13.36 -13.57 10.11
C GLU A 98 13.26 -12.61 8.90
N ASP A 99 12.51 -13.02 7.89
CA ASP A 99 12.25 -12.19 6.71
C ASP A 99 11.79 -10.83 7.14
N PHE A 100 12.24 -9.84 6.37
CA PHE A 100 11.76 -8.47 6.49
C PHE A 100 10.95 -8.11 5.25
N HIS A 101 9.70 -7.80 5.50
CA HIS A 101 8.75 -7.46 4.40
C HIS A 101 8.40 -5.99 4.42
N PHE A 102 8.35 -5.39 3.21
CA PHE A 102 7.84 -4.03 3.06
C PHE A 102 7.26 -3.93 1.68
N TYR A 103 6.34 -2.96 1.55
CA TYR A 103 5.78 -2.57 0.25
C TYR A 103 6.35 -1.22 -0.14
N THR A 104 6.86 -1.14 -1.35
CA THR A 104 7.31 0.14 -1.88
C THR A 104 6.34 0.63 -2.96
N ILE A 105 6.07 1.93 -2.90
N ILE A 105 6.10 1.93 -2.92
CA ILE A 105 5.28 2.66 -3.88
CA ILE A 105 5.31 2.65 -3.89
C ILE A 105 6.18 3.79 -4.40
C ILE A 105 6.18 3.78 -4.41
N TRP A 106 6.30 3.92 -5.72
CA TRP A 106 7.13 4.96 -6.31
C TRP A 106 6.30 5.70 -7.41
N TRP A 107 6.64 6.97 -7.63
CA TRP A 107 5.87 7.80 -8.57
C TRP A 107 6.72 8.98 -8.97
N ASP A 108 6.32 9.61 -10.11
CA ASP A 108 6.96 10.84 -10.56
C ASP A 108 5.99 11.47 -11.53
N LYS A 109 6.48 12.52 -12.17
CA LYS A 109 5.71 13.21 -13.21
C LYS A 109 5.51 12.30 -14.40
N GLU A 110 6.52 11.55 -14.81
CA GLU A 110 6.30 10.64 -15.94
C GLU A 110 5.02 9.87 -15.63
N SER A 111 5.03 9.16 -14.50
CA SER A 111 4.02 8.15 -14.18
C SER A 111 2.60 8.68 -13.94
N THR A 112 2.50 9.82 -13.29
N THR A 112 2.50 9.81 -13.27
CA THR A 112 1.21 10.46 -13.08
CA THR A 112 1.22 10.47 -13.07
C THR A 112 0.58 10.95 -14.39
C THR A 112 0.57 10.96 -14.38
N LEU A 113 1.37 11.55 -15.25
CA LEU A 113 0.84 12.01 -16.52
C LEU A 113 0.32 10.82 -17.32
N ASN A 114 1.04 9.70 -17.29
CA ASN A 114 0.69 8.52 -18.11
C ASN A 114 -0.66 8.00 -17.64
N PHE A 115 -0.86 7.97 -16.30
CA PHE A 115 -2.14 7.62 -15.77
C PHE A 115 -3.25 8.50 -16.41
N LEU A 116 -3.01 9.81 -16.37
CA LEU A 116 -3.99 10.77 -16.91
C LEU A 116 -4.22 10.61 -18.41
N THR A 117 -3.17 10.31 -19.16
CA THR A 117 -3.41 10.10 -20.59
C THR A 117 -4.14 8.82 -20.90
N ARG A 118 -3.93 7.78 -20.09
CA ARG A 118 -4.58 6.51 -20.35
C ARG A 118 -6.10 6.52 -20.17
N LEU A 119 -6.58 7.27 -19.20
CA LEU A 119 -8.01 7.47 -19.00
C LEU A 119 -8.72 8.13 -20.18
N GLU A 120 -8.07 9.12 -20.79
CA GLU A 120 -8.74 9.90 -21.82
C GLU A 120 -8.71 9.27 -23.17
N GLN A 121 -7.90 8.23 -23.30
CA GLN A 121 -7.94 7.41 -24.47
C GLN A 121 -9.18 6.49 -24.43
N ASP A 122 -10.09 6.74 -23.48
CA ASP A 122 -11.36 6.02 -23.36
C ASP A 122 -12.58 6.96 -23.37
N MSE B 2 8.45 18.41 8.46
CA MSE B 2 9.00 17.51 7.46
C MSE B 2 9.76 16.42 8.14
O MSE B 2 10.80 16.65 8.77
CB MSE B 2 9.92 18.23 6.45
CG MSE B 2 9.27 19.08 5.39
SE MSE B 2 8.49 18.10 3.92
CE MSE B 2 9.96 16.83 3.44
HA MSE B 2 8.27 17.12 6.95
HB2 MSE B 2 10.54 18.77 6.95
HB3 MSE B 2 10.42 17.54 5.99
HG2 MSE B 2 8.55 19.59 5.78
HG3 MSE B 2 9.94 19.66 5.00
HE1 MSE B 2 9.71 15.93 3.66
HE2 MSE B 2 10.12 16.90 2.47
HE3 MSE B 2 10.80 17.09 3.89
N ASN B 3 9.26 15.23 7.93
CA ASN B 3 9.83 14.04 8.53
C ASN B 3 10.36 13.15 7.41
N ILE B 4 10.96 12.02 7.77
N ILE B 4 10.99 12.03 7.76
CA ILE B 4 11.35 10.96 6.83
CA ILE B 4 11.32 10.97 6.79
C ILE B 4 10.62 9.71 7.23
C ILE B 4 10.56 9.74 7.23
N ILE B 5 10.43 9.56 8.54
CA ILE B 5 9.84 8.35 9.10
C ILE B 5 8.66 8.72 9.96
N ARG B 6 7.63 7.91 9.88
CA ARG B 6 6.56 7.97 10.87
C ARG B 6 6.48 6.59 11.52
N LYS B 7 6.86 6.52 12.78
CA LYS B 7 6.67 5.28 13.59
C LYS B 7 5.20 5.05 13.67
N MSE B 8 4.82 3.82 13.48
CA MSE B 8 3.44 3.49 13.75
C MSE B 8 3.14 3.64 15.23
O MSE B 8 3.88 3.12 16.09
CB MSE B 8 3.19 2.04 13.31
CG MSE B 8 1.95 1.46 13.91
SE MSE B 8 0.37 2.49 13.46
CE MSE B 8 0.21 1.87 11.73
H MSE B 8 5.31 3.18 13.18
HA MSE B 8 2.86 4.07 13.25
HB2 MSE B 8 3.08 2.01 12.35
HB3 MSE B 8 3.95 1.52 13.56
HG2 MSE B 8 1.84 0.58 13.51
HG3 MSE B 8 2.04 1.38 14.85
HE1 MSE B 8 0.05 0.91 11.75
HE2 MSE B 8 -0.56 2.33 11.35
HE3 MSE B 8 1.01 2.06 11.24
N ASP B 9 2.07 4.32 15.55
CA ASP B 9 1.57 4.42 16.92
C ASP B 9 0.24 3.67 16.91
N TRP B 10 0.30 2.43 17.40
CA TRP B 10 -0.84 1.57 17.43
C TRP B 10 -1.88 2.05 18.42
N ASP B 11 -1.50 2.94 19.32
CA ASP B 11 -2.44 3.50 20.21
C ASP B 11 -3.16 4.80 19.76
N SER B 12 -2.92 5.15 18.50
CA SER B 12 -3.45 6.36 17.89
C SER B 12 -4.31 6.04 16.71
N MSE B 13 -4.82 4.85 16.56
CA MSE B 13 -5.69 4.56 15.41
C MSE B 13 -6.97 5.36 15.58
O MSE B 13 -7.39 5.76 16.65
CB MSE B 13 -6.02 3.09 15.32
CG MSE B 13 -4.83 2.13 15.55
SE MSE B 13 -3.34 2.35 14.29
CE MSE B 13 -4.27 1.68 12.73
H MSE B 13 -4.70 4.20 17.10
HA MSE B 13 -5.25 4.81 14.59
HB2 MSE B 13 -6.70 2.92 15.99
HB3 MSE B 13 -6.37 2.88 14.45
HG2 MSE B 13 -4.49 2.25 16.45
HG3 MSE B 13 -5.15 1.23 15.41
HE1 MSE B 13 -4.15 0.72 12.69
HE2 MSE B 13 -5.22 1.88 12.84
HE3 MSE B 13 -3.90 2.10 11.94
N VAL B 14 -7.62 5.65 14.44
CA VAL B 14 -8.88 6.33 14.39
C VAL B 14 -9.91 5.42 13.79
N HIS B 15 -11.00 5.24 14.50
CA HIS B 15 -12.09 4.38 14.06
C HIS B 15 -12.86 5.11 12.95
N GLU B 16 -13.03 4.40 11.85
N GLU B 16 -12.96 4.47 11.81
CA GLU B 16 -13.81 4.90 10.69
CA GLU B 16 -13.53 5.16 10.65
C GLU B 16 -14.09 3.71 9.78
C GLU B 16 -14.62 4.35 10.01
N TYR B 17 -15.20 3.76 9.05
N TYR B 17 -15.42 3.77 10.91
CA TYR B 17 -15.62 2.68 8.13
CA TYR B 17 -16.86 3.48 10.79
C TYR B 17 -15.67 1.36 8.91
C TYR B 17 -17.11 2.14 11.42
N ASP B 18 -16.07 1.46 10.16
N ASP B 18 -16.27 1.23 10.97
CA ASP B 18 -16.24 0.30 11.04
CA ASP B 18 -16.31 -0.14 11.28
C ASP B 18 -14.97 -0.59 11.23
C ASP B 18 -14.89 -0.75 11.22
N LEU B 19 -13.82 0.06 11.21
CA LEU B 19 -12.48 -0.50 11.33
C LEU B 19 -11.59 0.54 12.00
N ASP B 20 -10.38 0.17 12.39
CA ASP B 20 -9.47 1.07 13.06
C ASP B 20 -8.29 1.34 12.16
N GLY B 21 -8.08 2.62 11.83
CA GLY B 21 -7.15 2.99 10.77
C GLY B 21 -6.12 4.01 11.17
N SER B 22 -5.12 4.09 10.33
CA SER B 22 -4.15 5.18 10.39
C SER B 22 -3.86 5.71 8.99
N ARG B 23 -4.35 6.91 8.74
CA ARG B 23 -4.22 7.52 7.41
C ARG B 23 -2.81 8.03 7.18
N LEU B 24 -2.38 7.86 5.93
CA LEU B 24 -1.10 8.40 5.48
C LEU B 24 -1.00 9.90 5.56
N LEU B 25 -2.07 10.53 5.11
CA LEU B 25 -2.08 11.99 4.95
C LEU B 25 -3.02 12.58 5.98
N PRO B 26 -2.72 13.78 6.46
CA PRO B 26 -1.63 14.68 6.12
C PRO B 26 -0.27 14.23 6.59
N TRP B 27 0.73 14.55 5.80
CA TRP B 27 2.13 14.34 6.16
C TRP B 27 2.75 15.59 5.61
N GLU B 28 3.06 16.51 6.51
CA GLU B 28 3.46 17.83 6.08
C GLU B 28 4.63 17.68 5.12
N GLY B 29 4.41 18.26 3.93
CA GLY B 29 5.34 18.27 2.81
C GLY B 29 5.69 16.95 2.09
N LEU B 30 4.86 15.91 2.27
CA LEU B 30 4.86 14.71 1.41
C LEU B 30 3.89 15.02 0.27
N ASN B 31 4.36 14.96 -0.96
CA ASN B 31 3.47 15.13 -2.11
C ASN B 31 3.24 13.85 -2.91
N THR B 32 2.00 13.41 -2.85
CA THR B 32 1.56 12.14 -3.42
C THR B 32 0.37 12.33 -4.36
N PRO B 33 0.25 11.47 -5.36
CA PRO B 33 -0.94 11.52 -6.22
C PRO B 33 -2.03 10.57 -5.75
N PHE B 34 -1.84 10.01 -4.53
CA PHE B 34 -2.77 9.02 -3.93
C PHE B 34 -2.91 9.29 -2.45
N GLY B 35 -3.98 8.74 -1.88
CA GLY B 35 -4.16 8.62 -0.43
C GLY B 35 -3.91 7.20 0.04
N GLY B 36 -3.76 7.04 1.35
CA GLY B 36 -3.50 5.73 1.94
C GLY B 36 -3.98 5.63 3.33
N ALA B 37 -4.14 4.37 3.75
CA ALA B 37 -4.40 4.09 5.16
C ALA B 37 -4.03 2.65 5.49
N TRP B 38 -3.48 2.51 6.70
CA TRP B 38 -3.30 1.20 7.36
C TRP B 38 -4.57 0.90 8.11
N CYS B 39 -5.18 -0.21 7.77
CA CYS B 39 -6.47 -0.59 8.32
C CYS B 39 -6.45 -1.91 9.08
N ILE B 40 -7.17 -1.91 10.20
CA ILE B 40 -7.31 -3.12 11.01
C ILE B 40 -8.79 -3.40 11.18
N VAL B 41 -9.21 -4.58 10.71
CA VAL B 41 -10.56 -5.09 10.91
C VAL B 41 -10.42 -6.05 12.11
N ARG B 42 -11.08 -5.69 13.17
CA ARG B 42 -10.93 -6.44 14.42
C ARG B 42 -11.64 -7.79 14.33
N PRO B 43 -11.32 -8.72 15.27
CA PRO B 43 -11.87 -10.06 15.19
C PRO B 43 -13.37 -10.10 15.22
N GLU B 44 -13.92 -10.94 14.36
CA GLU B 44 -15.35 -11.19 14.32
C GLU B 44 -16.19 -9.97 14.03
N THR B 45 -15.62 -9.13 13.15
CA THR B 45 -16.31 -7.93 12.64
C THR B 45 -16.15 -7.83 11.16
N LYS B 46 -16.91 -6.88 10.60
N LYS B 46 -16.88 -6.88 10.59
CA LYS B 46 -16.86 -6.51 9.19
CA LYS B 46 -16.73 -6.61 9.20
C LYS B 46 -16.76 -4.99 9.06
C LYS B 46 -16.81 -5.12 8.95
N SER B 47 -16.17 -4.55 7.96
N SER B 47 -16.40 -4.78 7.75
CA SER B 47 -16.07 -3.10 7.69
CA SER B 47 -16.42 -3.42 7.26
C SER B 47 -17.34 -2.53 7.04
C SER B 47 -17.08 -3.47 5.89
N PHE B 48 -17.35 -1.22 6.82
N PHE B 48 -17.94 -2.48 5.65
CA PHE B 48 -18.52 -0.49 6.32
CA PHE B 48 -18.70 -2.37 4.42
C PHE B 48 -18.63 -0.50 4.78
C PHE B 48 -18.59 -0.91 3.97
N ARG B 49 -19.77 -0.98 4.29
N ARG B 49 -18.30 -0.71 2.70
CA ARG B 49 -20.01 -1.11 2.87
CA ARG B 49 -18.36 0.61 2.10
C ARG B 49 -20.02 0.24 2.20
C ARG B 49 -19.27 0.56 0.92
N HIS B 50 -19.20 0.40 1.17
N HIS B 50 -20.10 1.60 0.75
CA HIS B 50 -19.35 1.55 0.29
CA HIS B 50 -21.09 1.59 -0.31
C HIS B 50 -18.82 1.32 -1.10
C HIS B 50 -20.42 1.47 -1.67
N SER B 51 -18.91 2.39 -1.88
N SER B 51 -19.46 2.32 -1.98
CA SER B 51 -18.58 2.43 -3.29
CA SER B 51 -19.14 2.61 -3.38
C SER B 51 -18.42 3.88 -3.73
C SER B 51 -18.29 3.87 -3.50
N HIS B 52 -17.46 4.08 -4.63
N HIS B 52 -17.50 3.91 -4.56
CA HIS B 52 -16.95 5.39 -4.99
CA HIS B 52 -16.53 4.97 -4.81
C HIS B 52 -16.27 5.24 -6.37
C HIS B 52 -16.32 4.99 -6.30
N ASN B 53 -16.61 6.15 -7.29
N ASN B 53 -16.39 6.17 -6.91
CA ASN B 53 -16.07 6.18 -8.64
CA ASN B 53 -15.85 6.31 -8.24
C ASN B 53 -14.63 6.71 -8.56
C ASN B 53 -14.31 6.50 -8.16
N GLU B 54 -13.85 6.08 -7.67
N GLU B 54 -13.75 6.54 -6.97
CA GLU B 54 -12.50 6.48 -7.26
CA GLU B 54 -12.28 6.59 -6.86
C GLU B 54 -11.70 5.20 -7.04
C GLU B 54 -11.64 5.21 -6.94
N TYR B 55 -10.51 5.13 -7.64
CA TYR B 55 -9.71 3.92 -7.70
C TYR B 55 -9.17 3.57 -6.35
N GLU B 56 -9.06 2.25 -6.11
CA GLU B 56 -8.54 1.74 -4.82
C GLU B 56 -7.91 0.37 -5.01
N LEU B 57 -6.82 0.15 -4.24
CA LEU B 57 -6.06 -1.15 -4.15
C LEU B 57 -5.95 -1.48 -2.69
N PHE B 58 -6.13 -2.77 -2.32
CA PHE B 58 -5.80 -3.24 -0.99
C PHE B 58 -4.57 -4.13 -1.09
N ILE B 59 -3.63 -3.90 -0.18
CA ILE B 59 -2.44 -4.76 0.03
C ILE B 59 -2.68 -5.52 1.36
N VAL B 60 -2.81 -6.85 1.29
CA VAL B 60 -3.16 -7.62 2.51
C VAL B 60 -1.90 -7.95 3.32
N ILE B 61 -1.93 -7.50 4.56
CA ILE B 61 -0.73 -7.52 5.41
C ILE B 61 -0.69 -8.64 6.46
N GLN B 62 -1.79 -8.91 7.13
CA GLN B 62 -1.75 -9.93 8.18
C GLN B 62 -3.12 -10.44 8.41
N GLY B 63 -3.19 -11.73 8.71
CA GLY B 63 -4.44 -12.38 9.04
C GLY B 63 -5.18 -12.88 7.81
N ASN B 64 -6.46 -13.09 8.00
CA ASN B 64 -7.28 -13.68 6.96
C ASN B 64 -8.66 -13.07 6.96
N ALA B 65 -9.18 -12.79 5.77
CA ALA B 65 -10.50 -12.17 5.65
C ALA B 65 -11.16 -12.69 4.39
N ILE B 66 -12.44 -12.34 4.26
CA ILE B 66 -13.18 -12.54 3.02
C ILE B 66 -13.51 -11.13 2.57
N ILE B 67 -13.11 -10.78 1.35
CA ILE B 67 -13.45 -9.48 0.83
C ILE B 67 -14.58 -9.64 -0.17
N ARG B 68 -15.65 -8.91 0.07
CA ARG B 68 -16.83 -9.06 -0.73
C ARG B 68 -16.92 -7.87 -1.65
N ILE B 69 -17.00 -8.16 -2.93
CA ILE B 69 -17.08 -7.16 -4.01
C ILE B 69 -18.38 -7.45 -4.77
N ASN B 70 -19.39 -6.59 -4.59
N ASN B 70 -19.36 -6.55 -4.62
CA ASN B 70 -20.75 -6.87 -5.09
CA ASN B 70 -20.70 -6.68 -5.26
C ASN B 70 -21.17 -8.24 -4.55
C ASN B 70 -21.25 -8.10 -5.20
N ASP B 71 -21.46 -9.23 -5.40
N ASP B 71 -21.22 -8.73 -4.02
CA ASP B 71 -21.86 -10.57 -4.90
CA ASP B 71 -21.84 -10.05 -3.84
C ASP B 71 -20.76 -11.62 -4.82
C ASP B 71 -20.99 -11.19 -4.42
N GLU B 72 -19.52 -11.22 -5.12
N GLU B 72 -19.68 -10.95 -4.53
CA GLU B 72 -18.40 -12.16 -5.16
CA GLU B 72 -18.70 -12.00 -4.85
C GLU B 72 -17.61 -11.99 -3.85
C GLU B 72 -17.64 -11.96 -3.75
N ASP B 73 -17.02 -13.10 -3.43
CA ASP B 73 -16.32 -13.22 -2.13
C ASP B 73 -14.85 -13.66 -2.18
N PHE B 74 -13.93 -12.72 -2.02
CA PHE B 74 -12.52 -13.05 -2.17
C PHE B 74 -11.87 -13.34 -0.83
N PRO B 75 -11.65 -14.63 -0.50
CA PRO B 75 -10.74 -14.89 0.60
C PRO B 75 -9.37 -14.29 0.33
N VAL B 76 -8.81 -13.76 1.39
CA VAL B 76 -7.50 -13.17 1.24
C VAL B 76 -6.66 -13.45 2.47
N THR B 77 -5.36 -13.33 2.27
N THR B 77 -5.37 -13.61 2.17
CA THR B 77 -4.42 -13.38 3.36
CA THR B 77 -4.30 -13.82 3.14
C THR B 77 -3.15 -12.75 2.87
C THR B 77 -3.11 -12.89 2.80
N LYS B 78 -2.11 -12.85 3.66
CA LYS B 78 -0.97 -11.96 3.51
C LYS B 78 -0.33 -12.12 2.17
N GLY B 79 -0.09 -10.97 1.54
CA GLY B 79 0.54 -10.90 0.23
C GLY B 79 -0.45 -10.70 -0.89
N ASP B 80 -1.70 -11.01 -0.68
CA ASP B 80 -2.71 -10.82 -1.73
C ASP B 80 -2.96 -9.34 -1.99
N LEU B 81 -3.21 -9.05 -3.27
CA LEU B 81 -3.62 -7.72 -3.71
C LEU B 81 -4.98 -7.81 -4.33
N ILE B 82 -5.79 -6.79 -4.04
N ILE B 82 -5.79 -6.79 -4.09
CA ILE B 82 -7.18 -6.64 -4.49
CA ILE B 82 -7.11 -6.76 -4.66
C ILE B 82 -7.34 -5.29 -5.13
C ILE B 82 -7.47 -5.33 -5.06
N ILE B 83 -8.10 -5.24 -6.22
CA ILE B 83 -8.37 -3.95 -6.91
C ILE B 83 -9.87 -3.60 -7.02
N ILE B 84 -10.31 -2.79 -6.07
CA ILE B 84 -11.71 -2.38 -5.94
C ILE B 84 -12.24 -1.69 -7.25
N PRO B 85 -13.00 -2.44 -8.08
CA PRO B 85 -13.45 -1.83 -9.34
C PRO B 85 -14.18 -0.57 -9.05
N LEU B 86 -14.03 0.39 -9.95
CA LEU B 86 -14.62 1.67 -9.72
C LEU B 86 -16.13 1.48 -9.59
N ASP B 87 -16.64 2.13 -8.58
CA ASP B 87 -18.03 2.09 -8.22
C ASP B 87 -18.62 0.77 -7.70
N SER B 88 -17.78 -0.24 -7.54
CA SER B 88 -18.22 -1.46 -6.87
C SER B 88 -18.34 -1.27 -5.35
N GLU B 89 -19.32 -1.95 -4.77
N GLU B 89 -19.29 -1.96 -4.72
CA GLU B 89 -19.49 -2.02 -3.33
CA GLU B 89 -19.41 -2.00 -3.24
C GLU B 89 -18.42 -2.95 -2.78
C GLU B 89 -18.53 -3.09 -2.66
N HIS B 90 -17.73 -2.49 -1.76
N HIS B 90 -17.98 -2.87 -1.46
CA HIS B 90 -16.67 -3.27 -1.13
CA HIS B 90 -17.16 -3.90 -0.80
C HIS B 90 -16.73 -3.08 0.36
C HIS B 90 -17.42 -4.25 0.69
N HIS B 91 -16.44 -4.19 1.04
N HIS B 91 -17.18 -5.51 1.05
CA HIS B 91 -16.12 -4.17 2.44
CA HIS B 91 -17.16 -5.91 2.43
C HIS B 91 -15.35 -5.47 2.81
C HIS B 91 -15.80 -6.53 2.73
N VAL B 92 -14.88 -5.55 4.07
N VAL B 92 -15.21 -6.14 3.86
CA VAL B 92 -14.00 -6.63 4.56
CA VAL B 92 -14.07 -6.85 4.45
C VAL B 92 -14.63 -7.42 5.74
C VAL B 92 -14.61 -7.46 5.71
N ILE B 93 -14.57 -8.76 5.70
CA ILE B 93 -15.19 -9.61 6.73
C ILE B 93 -14.07 -10.36 7.40
N ASN B 94 -13.92 -10.20 8.71
CA ASN B 94 -12.93 -10.97 9.48
C ASN B 94 -13.63 -11.89 10.47
N ASN B 95 -13.70 -13.16 10.12
CA ASN B 95 -14.30 -14.17 11.00
C ASN B 95 -13.42 -14.76 12.09
N ASN B 96 -12.12 -14.49 12.10
CA ASN B 96 -11.17 -15.19 12.96
C ASN B 96 -10.76 -14.36 14.15
N GLN B 97 -9.85 -14.96 14.93
CA GLN B 97 -9.20 -14.36 16.10
C GLN B 97 -8.10 -13.33 15.75
N GLU B 98 -7.32 -13.59 14.75
CA GLU B 98 -6.27 -12.66 14.52
C GLU B 98 -6.95 -11.29 14.05
N ASP B 99 -6.40 -10.13 14.39
CA ASP B 99 -6.80 -8.87 13.70
C ASP B 99 -6.50 -9.14 12.26
N PHE B 100 -7.20 -8.44 11.39
CA PHE B 100 -6.91 -8.47 9.95
C PHE B 100 -6.36 -7.11 9.55
N HIS B 101 -5.13 -7.11 9.04
CA HIS B 101 -4.47 -5.86 8.62
C HIS B 101 -4.34 -5.79 7.10
N PHE B 102 -4.63 -4.60 6.57
CA PHE B 102 -4.40 -4.33 5.13
C PHE B 102 -4.10 -2.87 4.99
N TYR B 103 -3.42 -2.56 3.88
CA TYR B 103 -3.18 -1.16 3.49
C TYR B 103 -4.08 -0.86 2.29
N THR B 104 -4.67 0.32 2.29
CA THR B 104 -5.42 0.74 1.12
C THR B 104 -4.75 1.98 0.55
N ILE B 105 -4.68 1.98 -0.78
N ILE B 105 -4.68 2.00 -0.78
CA ILE B 105 -4.22 3.11 -1.61
CA ILE B 105 -4.23 3.14 -1.58
C ILE B 105 -5.39 3.50 -2.52
C ILE B 105 -5.38 3.50 -2.53
N TRP B 106 -5.73 4.79 -2.59
CA TRP B 106 -6.83 5.25 -3.42
C TRP B 106 -6.34 6.48 -4.19
N TRP B 107 -6.93 6.70 -5.38
CA TRP B 107 -6.48 7.75 -6.30
C TRP B 107 -7.58 8.01 -7.32
N ASP B 108 -7.52 9.22 -7.90
CA ASP B 108 -8.40 9.60 -9.00
C ASP B 108 -7.70 10.67 -9.78
N LYS B 109 -8.42 11.21 -10.76
CA LYS B 109 -7.85 12.25 -11.64
C LYS B 109 -7.46 13.49 -10.81
N GLU B 110 -8.34 13.87 -9.89
CA GLU B 110 -8.13 15.01 -8.98
C GLU B 110 -6.95 14.87 -8.03
N SER B 111 -6.72 13.66 -7.52
CA SER B 111 -5.58 13.47 -6.61
C SER B 111 -4.28 13.59 -7.40
N THR B 112 -4.33 13.07 -8.61
N THR B 112 -4.32 13.07 -8.61
CA THR B 112 -3.19 13.11 -9.51
CA THR B 112 -3.18 13.12 -9.49
C THR B 112 -2.91 14.54 -9.99
C THR B 112 -2.91 14.54 -9.99
N LEU B 113 -3.93 15.24 -10.46
CA LEU B 113 -3.78 16.62 -10.82
C LEU B 113 -3.26 17.46 -9.66
N ASN B 114 -3.87 17.30 -8.47
CA ASN B 114 -3.42 18.06 -7.31
C ASN B 114 -1.92 17.82 -7.08
N PHE B 115 -1.46 16.56 -7.17
CA PHE B 115 -0.03 16.30 -7.08
C PHE B 115 0.83 17.14 -8.08
N LEU B 116 0.41 17.09 -9.34
CA LEU B 116 1.10 17.85 -10.41
C LEU B 116 1.10 19.38 -10.18
N THR B 117 -0.01 19.87 -9.67
CA THR B 117 -0.14 21.29 -9.39
C THR B 117 0.82 21.71 -8.29
N ARG B 118 0.90 20.90 -7.24
CA ARG B 118 1.82 21.17 -6.13
C ARG B 118 3.28 21.12 -6.51
N LEU B 119 3.66 20.14 -7.33
CA LEU B 119 5.01 20.14 -7.87
C LEU B 119 5.37 21.49 -8.46
N GLU B 120 4.50 21.98 -9.35
CA GLU B 120 4.76 23.18 -10.14
C GLU B 120 5.12 24.36 -9.26
N GLN B 121 4.40 24.51 -8.16
CA GLN B 121 4.73 25.53 -7.17
C GLN B 121 5.82 24.97 -6.25
NI NI C . 14.42 3.16 -4.48
NA NA D . 7.96 -16.14 8.00
NI NI E . -13.22 2.33 -0.61
N MSE A 2 -11.10 -7.84 -16.13
CA MSE A 2 -10.29 -6.95 -15.30
C MSE A 2 -10.09 -7.58 -13.97
O MSE A 2 -11.03 -7.61 -13.19
CB MSE A 2 -10.97 -5.59 -15.04
CG MSE A 2 -10.14 -4.64 -14.16
SE MSE A 2 -10.43 -4.13 -12.21
CE MSE A 2 -8.86 -3.05 -12.65
HA MSE A 2 -9.43 -6.79 -15.72
HB2 MSE A 2 -11.09 -5.16 -15.89
HB3 MSE A 2 -11.83 -5.74 -14.62
HG2 MSE A 2 -9.26 -5.02 -14.20
HG3 MSE A 2 -10.12 -3.79 -14.62
HE1 MSE A 2 -8.31 -2.95 -11.85
HE2 MSE A 2 -8.33 -3.52 -13.30
HE3 MSE A 2 -9.13 -2.19 -12.96
N ASN A 3 -8.87 -8.05 -13.68
CA ASN A 3 -8.67 -8.96 -12.56
C ASN A 3 -8.82 -8.32 -11.21
N ILE A 4 -9.72 -8.87 -10.42
N ILE A 4 -9.67 -8.91 -10.39
CA ILE A 4 -9.96 -8.39 -9.06
CA ILE A 4 -9.93 -8.36 -9.08
C ILE A 4 -8.79 -8.75 -8.15
C ILE A 4 -8.85 -8.76 -8.07
N ILE A 5 -8.53 -10.05 -7.98
CA ILE A 5 -7.47 -10.51 -7.09
C ILE A 5 -6.23 -11.05 -7.76
N ARG A 6 -5.10 -10.72 -7.16
N ARG A 6 -5.10 -10.72 -7.16
CA ARG A 6 -3.85 -11.44 -7.39
CA ARG A 6 -3.85 -11.43 -7.40
C ARG A 6 -3.39 -12.11 -6.12
C ARG A 6 -3.39 -12.11 -6.12
N LYS A 7 -3.58 -13.41 -6.06
CA LYS A 7 -3.15 -14.23 -4.96
C LYS A 7 -1.63 -14.33 -5.00
N MSE A 8 -1.02 -14.02 -3.86
CA MSE A 8 0.43 -14.07 -3.79
C MSE A 8 1.01 -15.46 -4.10
O MSE A 8 0.48 -16.46 -3.63
CB MSE A 8 0.91 -13.57 -2.45
CG MSE A 8 2.43 -13.58 -2.24
SE MSE A 8 3.56 -12.54 -3.52
CE MSE A 8 3.17 -10.79 -2.67
HA MSE A 8 0.81 -13.46 -4.46
HB2 MSE A 8 0.63 -12.64 -2.35
HB3 MSE A 8 0.52 -14.11 -1.75
HG2 MSE A 8 2.60 -13.18 -1.37
HG3 MSE A 8 2.74 -14.50 -2.25
HE1 MSE A 8 2.23 -10.76 -2.43
HE2 MSE A 8 3.72 -10.68 -1.88
HE3 MSE A 8 3.36 -10.09 -3.31
N ASP A 9 2.06 -15.48 -4.91
CA ASP A 9 2.89 -16.71 -5.13
C ASP A 9 4.31 -16.33 -4.74
N TRP A 10 4.73 -16.71 -3.51
CA TRP A 10 6.05 -16.27 -3.05
C TRP A 10 7.16 -16.84 -3.94
N ASP A 11 6.92 -18.04 -4.48
CA ASP A 11 7.94 -18.69 -5.30
C ASP A 11 8.21 -17.94 -6.63
N SER A 12 7.20 -17.20 -7.04
CA SER A 12 7.33 -16.43 -8.29
C SER A 12 7.88 -15.02 -8.11
N MSE A 13 8.40 -14.69 -6.97
CA MSE A 13 9.05 -13.40 -6.79
C MSE A 13 10.30 -13.44 -7.68
O MSE A 13 10.89 -14.49 -7.98
CB MSE A 13 9.36 -13.22 -5.31
CG MSE A 13 8.07 -12.95 -4.49
SE MSE A 13 8.59 -12.73 -2.64
CE MSE A 13 7.37 -11.22 -2.29
H MSE A 13 8.38 -15.16 -6.26
HA MSE A 13 8.46 -12.71 -7.07
HB2 MSE A 13 9.74 -14.06 -4.99
HB3 MSE A 13 9.99 -12.52 -5.16
HG2 MSE A 13 7.66 -12.14 -4.79
HG3 MSE A 13 7.46 -13.70 -4.57
HE1 MSE A 13 6.51 -11.54 -2.01
HE2 MSE A 13 7.75 -10.65 -1.61
HE3 MSE A 13 7.27 -10.72 -3.12
N VAL A 14 10.66 -12.24 -8.15
CA VAL A 14 11.87 -12.04 -8.93
C VAL A 14 12.91 -11.35 -8.05
N HIS A 15 14.10 -11.93 -8.03
CA HIS A 15 15.21 -11.41 -7.29
C HIS A 15 15.87 -10.26 -8.05
N GLU A 16 15.66 -9.09 -7.46
CA GLU A 16 16.17 -7.83 -7.98
C GLU A 16 16.40 -6.93 -6.80
N TYR A 17 17.34 -6.01 -7.04
CA TYR A 17 17.86 -5.14 -6.02
C TYR A 17 18.27 -5.89 -4.75
N ASP A 18 18.81 -7.09 -4.96
CA ASP A 18 19.34 -7.98 -3.92
C ASP A 18 18.29 -8.37 -2.90
N LEU A 19 17.04 -8.34 -3.33
CA LEU A 19 15.93 -8.75 -2.52
C LEU A 19 14.93 -9.49 -3.40
N ASP A 20 13.89 -10.03 -2.80
CA ASP A 20 12.88 -10.74 -3.53
C ASP A 20 11.65 -9.90 -3.64
N GLY A 21 11.22 -9.65 -4.88
CA GLY A 21 10.09 -8.75 -5.11
C GLY A 21 8.97 -9.37 -5.92
N SER A 22 7.80 -8.81 -5.68
CA SER A 22 6.59 -9.05 -6.49
C SER A 22 6.05 -7.69 -6.92
N ARG A 23 6.34 -7.36 -8.16
CA ARG A 23 5.90 -6.04 -8.68
C ARG A 23 4.42 -6.03 -8.98
N LEU A 24 3.79 -4.91 -8.66
CA LEU A 24 2.36 -4.69 -8.97
C LEU A 24 2.07 -4.74 -10.46
N LEU A 25 2.95 -4.08 -11.20
CA LEU A 25 2.77 -3.90 -12.63
C LEU A 25 3.70 -4.82 -13.40
N PRO A 26 3.29 -5.29 -14.59
CA PRO A 26 1.98 -4.91 -15.14
C PRO A 26 0.83 -5.76 -14.55
N TRP A 27 -0.27 -5.08 -14.27
CA TRP A 27 -1.58 -5.65 -14.05
C TRP A 27 -2.56 -5.18 -15.13
N GLU A 28 -2.96 -6.07 -16.00
CA GLU A 28 -3.86 -5.69 -17.07
C GLU A 28 -5.23 -5.15 -16.60
N GLY A 29 -5.62 -4.02 -17.20
CA GLY A 29 -6.84 -3.36 -16.81
C GLY A 29 -6.69 -2.47 -15.58
N LEU A 30 -5.49 -2.40 -15.00
CA LEU A 30 -5.23 -1.54 -13.83
C LEU A 30 -4.42 -0.32 -14.24
N ASN A 31 -5.06 0.83 -14.02
CA ASN A 31 -4.45 2.12 -14.36
C ASN A 31 -4.10 2.90 -13.09
N THR A 32 -2.81 3.08 -12.86
CA THR A 32 -2.29 3.68 -11.63
C THR A 32 -1.31 4.82 -11.99
N PRO A 33 -1.20 5.83 -11.13
CA PRO A 33 -0.20 6.88 -11.30
C PRO A 33 1.12 6.57 -10.57
N PHE A 34 1.25 5.32 -10.09
CA PHE A 34 2.42 4.89 -9.29
C PHE A 34 2.76 3.46 -9.68
N GLY A 35 3.96 3.05 -9.28
CA GLY A 35 4.37 1.66 -9.37
C GLY A 35 4.50 1.14 -7.94
N GLY A 36 4.61 -0.18 -7.82
CA GLY A 36 4.67 -0.78 -6.50
C GLY A 36 5.37 -2.13 -6.55
N ALA A 37 5.81 -2.56 -5.36
CA ALA A 37 6.31 -3.93 -5.20
C ALA A 37 6.26 -4.35 -3.74
N TRP A 38 5.91 -5.62 -3.56
CA TRP A 38 6.10 -6.29 -2.25
C TRP A 38 7.51 -6.84 -2.26
N CYS A 39 8.27 -6.44 -1.24
CA CYS A 39 9.67 -6.83 -1.15
C CYS A 39 9.99 -7.56 0.16
N ILE A 40 10.92 -8.50 0.00
CA ILE A 40 11.40 -9.29 1.16
C ILE A 40 12.91 -9.23 1.12
N VAL A 41 13.45 -8.72 2.21
CA VAL A 41 14.90 -8.80 2.48
C VAL A 41 15.10 -10.01 3.39
N ARG A 42 15.78 -11.00 2.85
CA ARG A 42 15.92 -12.29 3.54
C ARG A 42 16.79 -12.16 4.77
N PRO A 43 16.64 -13.10 5.72
CA PRO A 43 17.43 -13.02 6.96
C PRO A 43 18.92 -12.86 6.71
N GLU A 44 19.52 -11.95 7.47
CA GLU A 44 20.97 -11.71 7.41
C GLU A 44 21.48 -11.34 6.02
N THR A 45 20.69 -10.51 5.33
CA THR A 45 21.06 -9.95 4.00
C THR A 45 20.78 -8.45 3.98
N LYS A 46 21.27 -7.80 2.94
CA LYS A 46 21.02 -6.40 2.66
C LYS A 46 20.57 -6.24 1.23
N SER A 47 19.80 -5.19 0.94
CA SER A 47 19.40 -4.91 -0.44
C SER A 47 20.40 -3.99 -1.15
N PHE A 48 20.22 -3.82 -2.46
CA PHE A 48 21.21 -3.13 -3.31
C PHE A 48 21.28 -1.67 -3.10
N ARG A 49 20.18 -0.99 -3.12
CA ARG A 49 20.20 0.39 -2.73
C ARG A 49 19.89 0.95 -3.99
N HIS A 50 20.09 2.25 -4.04
CA HIS A 50 20.44 2.98 -5.25
C HIS A 50 20.07 4.38 -4.87
N SER A 51 19.97 5.26 -5.86
CA SER A 51 19.21 6.49 -5.70
C SER A 51 18.50 6.83 -7.00
N HIS A 52 17.50 7.72 -6.90
CA HIS A 52 16.76 8.10 -8.10
C HIS A 52 15.93 9.36 -7.93
N ASN A 53 15.59 10.00 -9.06
CA ASN A 53 14.74 11.20 -9.12
C ASN A 53 13.29 10.98 -8.82
N GLU A 54 12.85 9.74 -8.76
CA GLU A 54 11.46 9.54 -8.51
C GLU A 54 11.19 9.41 -7.03
N TYR A 55 9.97 9.76 -6.63
CA TYR A 55 9.46 9.66 -5.26
C TYR A 55 9.21 8.22 -4.91
N GLU A 56 9.39 7.92 -3.62
CA GLU A 56 9.20 6.56 -3.12
C GLU A 56 8.85 6.61 -1.65
N LEU A 57 8.03 5.66 -1.26
N LEU A 57 7.99 5.66 -1.27
CA LEU A 57 7.81 5.44 0.14
CA LEU A 57 7.46 5.45 0.09
C LEU A 57 7.71 3.95 0.41
C LEU A 57 7.60 3.94 0.41
N PHE A 58 8.07 3.60 1.63
CA PHE A 58 8.04 2.23 2.10
C PHE A 58 6.96 2.14 3.18
N ILE A 59 6.17 1.08 3.06
CA ILE A 59 5.20 0.67 4.09
C ILE A 59 5.77 -0.64 4.69
N VAL A 60 6.19 -0.56 5.94
CA VAL A 60 6.83 -1.74 6.56
C VAL A 60 5.77 -2.70 7.07
N ILE A 61 5.91 -3.92 6.60
CA ILE A 61 4.89 -4.95 6.79
C ILE A 61 5.22 -5.93 7.94
N GLN A 62 6.44 -6.46 8.00
CA GLN A 62 6.74 -7.51 8.98
C GLN A 62 8.24 -7.56 9.15
N GLY A 63 8.64 -7.90 10.38
CA GLY A 63 10.05 -8.00 10.71
C GLY A 63 10.71 -6.73 11.14
N ASN A 64 12.04 -6.75 11.15
CA ASN A 64 12.87 -5.65 11.62
C ASN A 64 13.94 -5.41 10.60
N ALA A 65 14.31 -4.16 10.47
CA ALA A 65 15.38 -3.79 9.58
C ALA A 65 15.93 -2.47 10.02
N ILE A 66 16.99 -2.10 9.31
CA ILE A 66 17.52 -0.74 9.31
C ILE A 66 17.44 -0.21 7.89
N ILE A 67 16.61 0.81 7.64
CA ILE A 67 16.71 1.54 6.35
C ILE A 67 17.88 2.52 6.55
N ARG A 68 18.87 2.49 5.64
CA ARG A 68 19.98 3.45 5.69
C ARG A 68 19.81 4.42 4.55
N ILE A 69 19.58 5.67 4.92
N ILE A 69 19.59 5.68 4.93
CA ILE A 69 19.32 6.74 3.97
CA ILE A 69 19.32 6.73 3.97
C ILE A 69 20.40 7.80 4.13
C ILE A 69 20.39 7.80 4.13
N ASN A 70 21.21 7.96 3.09
CA ASN A 70 22.30 8.93 3.12
C ASN A 70 23.05 8.94 4.45
N ASP A 71 23.40 7.75 4.91
CA ASP A 71 24.19 7.61 6.16
C ASP A 71 23.52 8.03 7.52
N GLU A 72 22.20 8.14 7.51
N GLU A 72 22.20 8.15 7.50
CA GLU A 72 21.42 8.05 8.74
CA GLU A 72 21.37 8.07 8.70
C GLU A 72 20.60 6.76 8.73
C GLU A 72 20.67 6.70 8.70
N ASP A 73 20.60 6.07 9.87
CA ASP A 73 19.97 4.76 9.98
C ASP A 73 18.59 4.91 10.59
N PHE A 74 17.63 4.25 9.98
CA PHE A 74 16.26 4.24 10.46
C PHE A 74 15.83 2.81 10.76
N PRO A 75 16.00 2.35 12.02
CA PRO A 75 15.45 0.99 12.18
C PRO A 75 13.92 1.05 12.25
N VAL A 76 13.34 0.06 11.61
CA VAL A 76 11.91 0.01 11.34
C VAL A 76 11.35 -1.37 11.50
N THR A 77 10.03 -1.39 11.64
CA THR A 77 9.32 -2.66 11.73
C THR A 77 7.84 -2.41 11.41
N LYS A 78 7.02 -3.41 11.57
CA LYS A 78 5.61 -3.37 11.20
C LYS A 78 4.90 -2.07 11.54
N GLY A 79 4.33 -1.51 10.48
CA GLY A 79 3.51 -0.29 10.59
C GLY A 79 4.26 0.97 10.28
N ASP A 80 5.56 1.00 10.34
CA ASP A 80 6.31 2.21 10.09
C ASP A 80 6.26 2.56 8.60
N LEU A 81 6.27 3.87 8.36
N LEU A 81 6.21 3.86 8.35
CA LEU A 81 6.32 4.45 7.01
CA LEU A 81 6.27 4.40 6.99
C LEU A 81 7.56 5.27 6.90
C LEU A 81 7.51 5.26 6.85
N ILE A 82 8.22 5.18 5.76
N ILE A 82 8.16 5.12 5.70
CA ILE A 82 9.40 5.99 5.54
CA ILE A 82 9.41 5.80 5.38
C ILE A 82 9.47 6.42 4.08
C ILE A 82 9.29 6.43 4.03
N ILE A 83 9.64 7.73 3.95
N ILE A 83 9.65 7.70 3.97
CA ILE A 83 9.68 8.38 2.65
CA ILE A 83 9.78 8.35 2.69
C ILE A 83 11.15 8.49 2.23
C ILE A 83 11.24 8.33 2.28
N ILE A 84 11.45 8.02 1.02
CA ILE A 84 12.79 8.01 0.48
C ILE A 84 13.03 9.34 -0.22
N PRO A 85 13.83 10.22 0.39
CA PRO A 85 13.96 11.53 -0.25
C PRO A 85 14.58 11.43 -1.60
N LEU A 86 14.13 12.37 -2.46
CA LEU A 86 14.62 12.47 -3.82
C LEU A 86 16.12 12.51 -3.85
N ASP A 87 16.67 11.65 -4.70
CA ASP A 87 18.11 11.57 -4.92
C ASP A 87 18.88 11.00 -3.74
N SER A 88 18.20 10.59 -2.66
CA SER A 88 18.93 10.01 -1.54
C SER A 88 19.37 8.59 -1.86
N GLU A 89 20.54 8.24 -1.36
CA GLU A 89 21.14 6.94 -1.54
C GLU A 89 20.56 6.02 -0.44
N HIS A 90 20.11 4.82 -0.76
CA HIS A 90 19.33 4.07 0.18
C HIS A 90 19.37 2.61 -0.11
N HIS A 91 19.62 1.80 0.91
CA HIS A 91 19.31 0.35 0.92
C HIS A 91 18.66 -0.14 2.26
N VAL A 92 18.38 -1.44 2.34
N VAL A 92 18.47 -1.45 2.37
CA VAL A 92 17.73 -2.06 3.51
CA VAL A 92 17.74 -2.06 3.49
C VAL A 92 18.55 -3.18 4.09
C VAL A 92 18.52 -3.21 4.10
N ILE A 93 18.81 -3.10 5.40
CA ILE A 93 19.68 -4.05 6.12
C ILE A 93 18.86 -4.87 7.04
N ASN A 94 18.84 -6.19 6.81
CA ASN A 94 18.15 -7.11 7.74
C ASN A 94 19.15 -8.01 8.47
N ASN A 95 19.52 -7.59 9.66
CA ASN A 95 20.49 -8.35 10.47
C ASN A 95 19.84 -9.49 11.26
N ASN A 96 18.54 -9.67 11.13
N ASN A 96 18.54 -9.65 11.11
CA ASN A 96 17.80 -10.61 11.93
CA ASN A 96 17.77 -10.57 11.93
C ASN A 96 17.55 -11.96 11.27
C ASN A 96 17.51 -11.93 11.27
N GLN A 97 16.96 -12.84 12.06
CA GLN A 97 16.77 -14.22 11.70
C GLN A 97 15.59 -14.49 10.84
N GLU A 98 14.78 -13.47 10.66
CA GLU A 98 13.52 -13.63 9.94
C GLU A 98 13.30 -12.60 8.88
N ASP A 99 12.48 -13.01 7.92
CA ASP A 99 12.23 -12.18 6.71
C ASP A 99 11.77 -10.83 7.14
N PHE A 100 12.25 -9.84 6.39
CA PHE A 100 11.77 -8.46 6.50
C PHE A 100 10.95 -8.10 5.25
N HIS A 101 9.69 -7.77 5.51
CA HIS A 101 8.75 -7.45 4.41
C HIS A 101 8.39 -5.98 4.42
N PHE A 102 8.33 -5.38 3.21
CA PHE A 102 7.85 -4.02 3.05
C PHE A 102 7.29 -3.90 1.66
N TYR A 103 6.35 -2.95 1.54
CA TYR A 103 5.79 -2.56 0.24
C TYR A 103 6.37 -1.21 -0.14
N THR A 104 6.84 -1.13 -1.35
CA THR A 104 7.29 0.17 -1.85
C THR A 104 6.35 0.65 -2.95
N ILE A 105 6.11 1.96 -2.91
N ILE A 105 6.16 1.97 -2.95
CA ILE A 105 5.32 2.66 -3.91
CA ILE A 105 5.34 2.67 -3.90
C ILE A 105 6.20 3.79 -4.40
C ILE A 105 6.22 3.79 -4.41
N TRP A 106 6.32 3.91 -5.73
CA TRP A 106 7.13 4.96 -6.35
C TRP A 106 6.30 5.70 -7.41
N TRP A 107 6.64 6.98 -7.62
CA TRP A 107 5.89 7.81 -8.57
C TRP A 107 6.73 9.00 -8.97
N ASP A 108 6.35 9.61 -10.11
CA ASP A 108 6.98 10.85 -10.56
C ASP A 108 5.97 11.55 -11.44
N LYS A 109 6.40 12.70 -11.95
CA LYS A 109 5.55 13.55 -12.80
C LYS A 109 4.99 12.76 -13.92
N GLU A 110 5.89 12.01 -14.54
CA GLU A 110 5.56 11.10 -15.61
C GLU A 110 4.49 10.06 -15.28
N SER A 111 4.79 9.13 -14.40
CA SER A 111 3.78 8.13 -14.05
C SER A 111 2.38 8.74 -13.81
N THR A 112 2.37 9.92 -13.21
N THR A 112 2.36 9.91 -13.21
CA THR A 112 1.13 10.63 -12.93
CA THR A 112 1.13 10.62 -12.93
C THR A 112 0.43 11.11 -14.22
C THR A 112 0.43 11.11 -14.22
N LEU A 113 1.18 11.76 -15.08
CA LEU A 113 0.65 12.11 -16.39
C LEU A 113 0.20 10.93 -17.19
N ASN A 114 1.00 9.85 -17.15
CA ASN A 114 0.65 8.65 -17.89
C ASN A 114 -0.70 8.15 -17.45
N PHE A 115 -0.93 8.16 -16.13
CA PHE A 115 -2.20 7.73 -15.65
C PHE A 115 -3.31 8.54 -16.35
N LEU A 116 -3.16 9.87 -16.32
CA LEU A 116 -4.20 10.73 -16.89
C LEU A 116 -4.34 10.60 -18.40
N THR A 117 -3.25 10.36 -19.08
CA THR A 117 -3.29 10.16 -20.52
C THR A 117 -4.00 8.86 -20.88
N ARG A 118 -3.68 7.77 -20.18
CA ARG A 118 -4.24 6.47 -20.52
C ARG A 118 -5.75 6.47 -20.32
N LEU A 119 -6.20 7.13 -19.27
CA LEU A 119 -7.63 7.28 -19.10
C LEU A 119 -8.31 8.10 -20.20
N GLU A 120 -7.69 9.22 -20.63
CA GLU A 120 -8.22 10.03 -21.74
C GLU A 120 -8.50 9.14 -22.93
N GLN A 121 -7.62 8.18 -23.16
CA GLN A 121 -7.75 7.31 -24.34
C GLN A 121 -9.08 6.56 -24.33
N ASP A 122 -9.83 6.68 -23.25
CA ASP A 122 -11.24 6.29 -23.21
C ASP A 122 -12.15 7.52 -23.40
N MSE B 2 9.57 17.47 5.99
CA MSE B 2 10.53 16.45 5.60
C MSE B 2 10.97 15.70 6.92
O MSE B 2 12.16 15.63 7.22
CB MSE B 2 11.71 17.02 4.76
CG MSE B 2 11.30 17.81 3.43
SE MSE B 2 12.31 17.65 1.66
CE MSE B 2 10.80 17.05 0.50
HA MSE B 2 10.07 15.83 5.04
HB2 MSE B 2 12.24 17.62 5.32
HB3 MSE B 2 12.26 16.27 4.49
HG2 MSE B 2 10.37 17.60 3.25
HG3 MSE B 2 11.35 18.76 3.66
HE1 MSE B 2 9.98 17.45 0.81
HE2 MSE B 2 10.99 17.31 -0.42
HE3 MSE B 2 10.73 16.08 0.57
N ASN B 3 9.99 15.29 7.73
CA ASN B 3 10.05 14.09 8.58
C ASN B 3 10.00 12.90 7.70
N ILE B 4 11.17 12.30 7.43
N ILE B 4 11.10 12.23 7.42
CA ILE B 4 11.38 11.01 6.73
CA ILE B 4 11.00 11.09 6.55
C ILE B 4 10.56 9.82 7.23
C ILE B 4 10.58 9.74 7.20
N ILE B 5 10.55 9.61 8.53
CA ILE B 5 9.95 8.40 9.14
C ILE B 5 8.76 8.76 9.97
N ARG B 6 7.75 7.90 9.88
CA ARG B 6 6.64 7.94 10.81
C ARG B 6 6.49 6.55 11.40
N LYS B 7 6.83 6.49 12.67
CA LYS B 7 6.66 5.27 13.44
C LYS B 7 5.19 4.99 13.70
N MSE B 8 4.75 3.79 13.40
CA MSE B 8 3.36 3.51 13.72
C MSE B 8 3.07 3.61 15.21
O MSE B 8 3.72 2.97 16.04
CB MSE B 8 2.91 2.12 13.22
CG MSE B 8 1.40 1.71 13.43
SE MSE B 8 0.08 2.90 12.59
CE MSE B 8 0.36 2.09 10.75
H MSE B 8 5.20 3.17 12.98
HA MSE B 8 2.80 4.15 13.26
HB2 MSE B 8 3.06 2.08 12.28
HB3 MSE B 8 3.48 1.47 13.65
HG2 MSE B 8 1.28 0.86 12.99
HG3 MSE B 8 1.21 1.64 14.37
HE1 MSE B 8 0.94 2.66 10.21
HE2 MSE B 8 0.77 1.21 10.85
HE3 MSE B 8 -0.51 2.01 10.33
N ASP B 9 2.02 4.33 15.55
CA ASP B 9 1.55 4.44 16.94
C ASP B 9 0.27 3.68 16.95
N TRP B 10 0.33 2.44 17.41
CA TRP B 10 -0.84 1.57 17.45
C TRP B 10 -1.88 2.04 18.46
N ASP B 11 -1.51 2.96 19.35
CA ASP B 11 -2.41 3.59 20.31
C ASP B 11 -3.18 4.79 19.78
N SER B 12 -2.92 5.17 18.54
CA SER B 12 -3.57 6.40 18.07
C SER B 12 -4.41 6.16 16.83
N MSE B 13 -4.74 4.92 16.50
CA MSE B 13 -5.69 4.61 15.39
C MSE B 13 -6.96 5.40 15.57
O MSE B 13 -7.37 5.78 16.64
CB MSE B 13 -6.07 3.13 15.37
CG MSE B 13 -4.92 2.10 15.54
SE MSE B 13 -3.35 2.50 14.45
CE MSE B 13 -3.87 1.64 12.79
H MSE B 13 -4.40 4.22 16.84
HA MSE B 13 -5.30 4.83 14.54
HB2 MSE B 13 -6.71 3.00 16.08
HB3 MSE B 13 -6.50 2.91 14.53
HG2 MSE B 13 -4.63 2.08 16.47
HG3 MSE B 13 -5.20 1.22 15.23
HE1 MSE B 13 -3.80 0.68 12.89
HE2 MSE B 13 -4.80 1.88 12.64
HE3 MSE B 13 -3.31 1.94 12.06
N VAL B 14 -7.60 5.68 14.43
CA VAL B 14 -8.87 6.36 14.38
C VAL B 14 -9.90 5.43 13.78
N HIS B 15 -10.99 5.24 14.50
CA HIS B 15 -12.10 4.40 14.06
C HIS B 15 -12.91 5.09 12.96
N GLU B 16 -13.00 4.40 11.84
N GLU B 16 -13.04 4.39 11.84
CA GLU B 16 -13.75 4.88 10.67
CA GLU B 16 -13.86 4.89 10.73
C GLU B 16 -13.97 3.65 9.80
C GLU B 16 -14.98 3.89 10.46
N TYR B 17 -15.14 3.56 9.16
N TYR B 17 -16.07 4.06 11.23
CA TYR B 17 -15.46 2.49 8.22
CA TYR B 17 -17.32 3.35 11.07
C TYR B 17 -15.55 1.18 8.93
C TYR B 17 -17.27 1.89 11.54
N ASP B 18 -15.98 1.28 10.17
N ASP B 18 -16.29 1.14 11.05
CA ASP B 18 -16.17 0.12 11.03
CA ASP B 18 -16.24 -0.28 11.27
C ASP B 18 -14.88 -0.70 11.20
C ASP B 18 -14.80 -0.84 11.15
N LEU B 19 -13.77 0.01 11.18
CA LEU B 19 -12.43 -0.50 11.32
C LEU B 19 -11.57 0.54 12.01
N ASP B 20 -10.36 0.16 12.40
CA ASP B 20 -9.46 1.07 13.07
C ASP B 20 -8.28 1.33 12.16
N GLY B 21 -8.06 2.61 11.83
CA GLY B 21 -7.13 3.00 10.77
C GLY B 21 -6.10 4.03 11.17
N SER B 22 -5.10 4.11 10.31
CA SER B 22 -4.07 5.14 10.39
C SER B 22 -3.84 5.72 8.98
N ARG B 23 -4.37 6.92 8.75
CA ARG B 23 -4.26 7.61 7.45
C ARG B 23 -2.83 8.02 7.15
N LEU B 24 -2.43 7.84 5.89
CA LEU B 24 -1.15 8.36 5.40
C LEU B 24 -1.05 9.88 5.50
N LEU B 25 -2.12 10.54 5.09
CA LEU B 25 -2.16 12.00 5.03
C LEU B 25 -2.96 12.50 6.21
N PRO B 26 -2.65 13.69 6.70
CA PRO B 26 -1.64 14.59 6.15
C PRO B 26 -0.21 14.24 6.56
N TRP B 27 0.78 14.59 5.78
CA TRP B 27 2.20 14.39 6.06
C TRP B 27 2.95 15.61 5.53
N GLU B 28 3.40 16.51 6.41
CA GLU B 28 4.12 17.72 5.95
C GLU B 28 5.24 17.38 4.95
N GLY B 29 5.09 17.81 3.70
CA GLY B 29 6.05 17.51 2.63
C GLY B 29 6.01 16.09 2.07
N LEU B 30 4.89 15.40 2.29
CA LEU B 30 4.56 14.29 1.43
C LEU B 30 3.63 14.67 0.21
N ASN B 31 4.35 14.73 -0.90
CA ASN B 31 3.89 15.10 -2.18
C ASN B 31 3.37 13.87 -2.93
N THR B 32 2.11 13.44 -2.79
CA THR B 32 1.63 12.19 -3.45
C THR B 32 0.38 12.37 -4.36
N PRO B 33 0.23 11.49 -5.35
CA PRO B 33 -0.97 11.53 -6.21
C PRO B 33 -2.05 10.56 -5.74
N PHE B 34 -1.85 10.00 -4.52
CA PHE B 34 -2.79 9.02 -3.93
C PHE B 34 -2.93 9.28 -2.44
N GLY B 35 -3.98 8.72 -1.87
CA GLY B 35 -4.16 8.62 -0.42
C GLY B 35 -3.91 7.20 0.05
N GLY B 36 -3.77 7.03 1.37
CA GLY B 36 -3.42 5.73 1.93
C GLY B 36 -3.93 5.62 3.33
N ALA B 37 -4.10 4.36 3.75
CA ALA B 37 -4.39 4.07 5.15
C ALA B 37 -4.01 2.65 5.49
N TRP B 38 -3.45 2.51 6.70
CA TRP B 38 -3.27 1.19 7.33
C TRP B 38 -4.52 0.89 8.12
N CYS B 39 -5.16 -0.21 7.79
CA CYS B 39 -6.46 -0.57 8.33
C CYS B 39 -6.43 -1.89 9.09
N ILE B 40 -7.18 -1.91 10.20
CA ILE B 40 -7.31 -3.12 11.02
C ILE B 40 -8.79 -3.40 11.19
N VAL B 41 -9.21 -4.58 10.71
CA VAL B 41 -10.56 -5.09 10.92
C VAL B 41 -10.43 -6.06 12.12
N ARG B 42 -11.08 -5.69 13.18
CA ARG B 42 -10.93 -6.43 14.43
C ARG B 42 -11.63 -7.78 14.34
N PRO B 43 -11.29 -8.72 15.26
CA PRO B 43 -11.84 -10.07 15.20
C PRO B 43 -13.34 -10.10 15.20
N GLU B 44 -13.88 -10.95 14.33
CA GLU B 44 -15.31 -11.22 14.28
C GLU B 44 -16.16 -10.01 13.99
N THR B 45 -15.61 -9.14 13.15
CA THR B 45 -16.30 -7.95 12.64
C THR B 45 -16.18 -7.86 11.14
N LYS B 46 -16.93 -6.89 10.59
N LYS B 46 -16.85 -6.85 10.60
CA LYS B 46 -16.90 -6.53 9.17
CA LYS B 46 -16.61 -6.52 9.22
C LYS B 46 -16.86 -5.01 9.03
C LYS B 46 -16.72 -5.04 8.99
N SER B 47 -16.27 -4.53 7.94
N SER B 47 -15.97 -4.63 7.97
CA SER B 47 -16.15 -3.07 7.72
CA SER B 47 -16.05 -3.30 7.38
C SER B 47 -17.40 -2.46 7.08
C SER B 47 -16.72 -3.39 6.01
N PHE B 48 -17.40 -1.15 6.85
N PHE B 48 -17.61 -2.44 5.79
CA PHE B 48 -18.55 -0.51 6.21
CA PHE B 48 -18.24 -2.28 4.49
C PHE B 48 -18.56 -0.66 4.67
C PHE B 48 -18.24 -0.83 4.05
N ARG B 49 -19.65 -1.24 4.19
N ARG B 49 -17.98 -0.63 2.76
CA ARG B 49 -19.89 -1.50 2.78
CA ARG B 49 -18.09 0.68 2.16
C ARG B 49 -20.22 -0.18 2.09
C ARG B 49 -18.98 0.63 0.94
N HIS B 50 -19.41 0.19 1.10
N HIS B 50 -19.68 1.75 0.72
CA HIS B 50 -19.59 1.43 0.34
CA HIS B 50 -20.54 1.89 -0.41
C HIS B 50 -19.01 1.36 -1.07
C HIS B 50 -19.64 2.19 -1.61
N SER B 51 -19.26 2.40 -1.86
N SER B 51 -20.20 1.95 -2.79
CA SER B 51 -18.64 2.58 -3.18
CA SER B 51 -19.58 2.26 -4.05
C SER B 51 -18.37 4.05 -3.55
C SER B 51 -18.87 3.61 -4.06
N HIS B 52 -17.61 4.25 -4.63
N HIS B 52 -17.72 3.67 -4.73
CA HIS B 52 -17.55 5.54 -5.36
CA HIS B 52 -16.89 4.88 -4.76
C HIS B 52 -16.72 5.46 -6.65
C HIS B 52 -16.41 5.24 -6.16
N ASN B 53 -16.43 6.64 -7.22
N ASN B 53 -16.33 6.55 -6.40
CA ASN B 53 -15.64 6.74 -8.42
CA ASN B 53 -15.91 7.13 -7.66
C ASN B 53 -14.19 6.35 -8.22
C ASN B 53 -14.39 7.19 -7.84
N GLU B 54 -13.56 6.73 -7.11
N GLU B 54 -13.65 6.62 -6.88
CA GLU B 54 -12.12 6.65 -7.05
CA GLU B 54 -12.19 6.60 -6.91
C GLU B 54 -11.53 5.24 -6.97
C GLU B 54 -11.63 5.18 -7.07
N TYR B 55 -10.51 5.05 -7.78
CA TYR B 55 -9.73 3.80 -7.78
C TYR B 55 -9.16 3.52 -6.41
N GLU B 56 -9.06 2.23 -6.12
CA GLU B 56 -8.57 1.79 -4.81
C GLU B 56 -7.98 0.43 -4.98
N LEU B 57 -6.93 0.18 -4.17
CA LEU B 57 -6.38 -1.17 -4.08
C LEU B 57 -6.06 -1.48 -2.65
N PHE B 58 -6.13 -2.78 -2.31
CA PHE B 58 -5.78 -3.26 -0.97
C PHE B 58 -4.55 -4.16 -1.11
N ILE B 59 -3.66 -3.95 -0.15
CA ILE B 59 -2.48 -4.79 0.04
C ILE B 59 -2.68 -5.53 1.38
N VAL B 60 -2.83 -6.85 1.30
CA VAL B 60 -3.14 -7.64 2.51
C VAL B 60 -1.88 -7.96 3.32
N ILE B 61 -1.91 -7.49 4.55
CA ILE B 61 -0.71 -7.48 5.41
C ILE B 61 -0.68 -8.63 6.41
N GLN B 62 -1.79 -8.96 7.04
CA GLN B 62 -1.79 -10.00 8.05
C GLN B 62 -3.16 -10.47 8.37
N GLY B 63 -3.25 -11.75 8.75
CA GLY B 63 -4.51 -12.40 9.05
C GLY B 63 -5.21 -12.93 7.81
N ASN B 64 -6.47 -13.29 7.92
CA ASN B 64 -7.26 -13.50 6.71
C ASN B 64 -8.60 -12.91 6.91
N ALA B 65 -9.28 -12.81 5.78
CA ALA B 65 -10.55 -12.13 5.75
C ALA B 65 -11.17 -12.47 4.43
N ILE B 66 -12.36 -11.89 4.25
CA ILE B 66 -13.08 -11.91 2.96
C ILE B 66 -13.31 -10.46 2.56
N ILE B 67 -12.92 -10.16 1.33
CA ILE B 67 -13.32 -8.95 0.68
C ILE B 67 -14.52 -9.37 -0.20
N ARG B 68 -15.67 -8.76 0.09
CA ARG B 68 -16.91 -8.94 -0.66
C ARG B 68 -16.92 -7.82 -1.65
N ILE B 69 -16.80 -8.10 -2.93
CA ILE B 69 -16.79 -7.03 -3.93
C ILE B 69 -17.91 -7.38 -4.87
N ASN B 70 -18.89 -6.49 -4.81
N ASN B 70 -18.96 -6.58 -4.79
CA ASN B 70 -20.22 -6.74 -5.33
CA ASN B 70 -20.14 -6.78 -5.65
C ASN B 70 -20.67 -8.08 -4.77
C ASN B 70 -20.55 -8.26 -5.77
N ASP B 71 -20.69 -9.12 -5.60
N ASP B 71 -20.77 -8.89 -4.61
CA ASP B 71 -21.37 -10.35 -5.24
CA ASP B 71 -21.30 -10.27 -4.56
C ASP B 71 -20.42 -11.48 -4.88
C ASP B 71 -20.41 -11.31 -5.21
N GLU B 72 -19.17 -11.36 -5.34
N GLU B 72 -19.13 -11.21 -4.92
CA GLU B 72 -18.22 -12.47 -5.22
CA GLU B 72 -18.21 -12.28 -5.18
C GLU B 72 -17.45 -12.26 -3.94
C GLU B 72 -17.30 -12.24 -3.97
N ASP B 73 -17.20 -13.35 -3.25
CA ASP B 73 -16.37 -13.38 -2.09
C ASP B 73 -14.95 -13.61 -2.56
N PHE B 74 -14.03 -12.80 -2.05
CA PHE B 74 -12.63 -12.96 -2.36
C PHE B 74 -11.90 -13.28 -1.07
N PRO B 75 -11.58 -14.56 -0.85
CA PRO B 75 -10.77 -14.94 0.31
C PRO B 75 -9.36 -14.37 0.23
N VAL B 76 -8.86 -13.77 1.31
CA VAL B 76 -7.53 -13.17 1.26
C VAL B 76 -6.63 -13.51 2.44
N THR B 77 -5.34 -13.60 2.15
N THR B 77 -5.35 -13.67 2.12
CA THR B 77 -4.29 -13.80 3.12
CA THR B 77 -4.28 -13.86 3.09
C THR B 77 -3.13 -12.88 2.79
C THR B 77 -3.12 -12.90 2.79
N LYS B 78 -2.12 -12.86 3.65
CA LYS B 78 -0.96 -12.00 3.53
C LYS B 78 -0.34 -12.13 2.17
N GLY B 79 -0.09 -10.98 1.54
CA GLY B 79 0.54 -10.92 0.24
C GLY B 79 -0.45 -10.70 -0.89
N ASP B 80 -1.71 -11.00 -0.68
CA ASP B 80 -2.72 -10.81 -1.73
C ASP B 80 -2.96 -9.32 -2.00
N LEU B 81 -3.20 -9.06 -3.29
CA LEU B 81 -3.50 -7.75 -3.86
C LEU B 81 -4.92 -7.82 -4.38
N ILE B 82 -5.72 -6.81 -4.03
N ILE B 82 -5.74 -6.83 -4.05
CA ILE B 82 -7.11 -6.66 -4.45
CA ILE B 82 -7.08 -6.78 -4.59
C ILE B 82 -7.30 -5.30 -5.07
C ILE B 82 -7.49 -5.36 -4.95
N ILE B 83 -8.05 -5.25 -6.14
CA ILE B 83 -8.43 -3.97 -6.70
C ILE B 83 -9.93 -3.86 -6.55
N ILE B 84 -10.31 -2.67 -6.14
CA ILE B 84 -11.68 -2.36 -5.77
C ILE B 84 -12.20 -1.57 -6.95
N PRO B 85 -12.80 -2.26 -7.94
CA PRO B 85 -13.05 -1.65 -9.25
C PRO B 85 -14.00 -0.51 -9.06
N LEU B 86 -13.91 0.50 -9.94
CA LEU B 86 -14.73 1.68 -9.78
C LEU B 86 -16.18 1.29 -9.72
N ASP B 87 -16.84 1.83 -8.72
CA ASP B 87 -18.27 1.67 -8.48
C ASP B 87 -18.65 0.53 -7.66
N SER B 88 -17.74 -0.42 -7.55
CA SER B 88 -17.97 -1.56 -6.66
C SER B 88 -18.13 -1.22 -5.18
N GLU B 89 -19.26 -1.70 -4.65
N GLU B 89 -19.18 -1.76 -4.55
CA GLU B 89 -19.48 -1.81 -3.21
CA GLU B 89 -19.25 -1.75 -3.06
C GLU B 89 -18.42 -2.75 -2.64
C GLU B 89 -18.39 -2.88 -2.50
N HIS B 90 -17.61 -2.29 -1.68
N HIS B 90 -17.99 -2.80 -1.23
CA HIS B 90 -16.61 -3.16 -1.05
CA HIS B 90 -17.30 -3.95 -0.62
C HIS B 90 -16.93 -3.54 0.44
C HIS B 90 -17.54 -4.23 0.86
N HIS B 91 -15.91 -3.91 1.17
N HIS B 91 -17.26 -5.47 1.24
CA HIS B 91 -15.89 -4.04 2.61
CA HIS B 91 -17.24 -5.85 2.63
C HIS B 91 -15.31 -5.40 2.93
C HIS B 91 -15.91 -6.52 2.90
N VAL B 92 -14.89 -5.56 4.17
N VAL B 92 -15.18 -6.04 3.91
CA VAL B 92 -13.99 -6.64 4.59
CA VAL B 92 -14.06 -6.78 4.50
C VAL B 92 -14.59 -7.45 5.77
C VAL B 92 -14.59 -7.47 5.74
N ILE B 93 -14.64 -8.78 5.65
CA ILE B 93 -15.19 -9.66 6.70
C ILE B 93 -14.06 -10.41 7.39
N ASN B 94 -13.91 -10.21 8.70
CA ASN B 94 -12.94 -10.97 9.48
C ASN B 94 -13.65 -11.90 10.44
N ASN B 95 -13.66 -13.18 10.11
CA ASN B 95 -14.29 -14.21 10.97
C ASN B 95 -13.38 -14.82 12.02
N ASN B 96 -12.11 -14.43 12.09
CA ASN B 96 -11.08 -15.13 12.83
C ASN B 96 -10.68 -14.39 14.10
N GLN B 97 -9.71 -14.98 14.79
CA GLN B 97 -9.26 -14.53 16.10
C GLN B 97 -7.99 -13.78 16.10
N GLU B 98 -7.55 -13.45 14.90
CA GLU B 98 -6.45 -12.55 14.64
C GLU B 98 -6.89 -11.28 13.88
N ASP B 99 -6.60 -10.12 14.44
CA ASP B 99 -6.82 -8.86 13.69
C ASP B 99 -6.44 -9.09 12.25
N PHE B 100 -7.20 -8.46 11.38
CA PHE B 100 -6.91 -8.46 9.94
C PHE B 100 -6.36 -7.10 9.54
N HIS B 101 -5.13 -7.09 9.04
CA HIS B 101 -4.46 -5.85 8.63
C HIS B 101 -4.35 -5.78 7.10
N PHE B 102 -4.63 -4.58 6.55
CA PHE B 102 -4.46 -4.32 5.11
C PHE B 102 -4.15 -2.86 4.96
N TYR B 103 -3.45 -2.55 3.86
CA TYR B 103 -3.19 -1.16 3.48
C TYR B 103 -4.06 -0.84 2.28
N THR B 104 -4.70 0.31 2.30
CA THR B 104 -5.45 0.76 1.13
C THR B 104 -4.76 1.99 0.56
N ILE B 105 -4.67 1.99 -0.76
N ILE B 105 -4.70 2.01 -0.76
CA ILE B 105 -4.21 3.12 -1.59
CA ILE B 105 -4.24 3.14 -1.56
C ILE B 105 -5.38 3.50 -2.52
C ILE B 105 -5.38 3.51 -2.53
N TRP B 106 -5.72 4.79 -2.58
CA TRP B 106 -6.80 5.24 -3.43
C TRP B 106 -6.34 6.48 -4.21
N TRP B 107 -6.93 6.68 -5.39
CA TRP B 107 -6.47 7.74 -6.30
C TRP B 107 -7.57 8.02 -7.33
N ASP B 108 -7.46 9.21 -7.96
CA ASP B 108 -8.40 9.62 -8.98
C ASP B 108 -7.68 10.66 -9.82
N LYS B 109 -8.41 11.14 -10.83
CA LYS B 109 -7.89 12.21 -11.71
C LYS B 109 -7.58 13.41 -10.85
N GLU B 110 -8.52 13.70 -9.96
CA GLU B 110 -8.35 14.74 -8.95
C GLU B 110 -7.07 14.74 -8.19
N SER B 111 -6.80 13.60 -7.57
CA SER B 111 -5.64 13.52 -6.65
C SER B 111 -4.34 13.61 -7.43
N THR B 112 -4.35 13.03 -8.61
N THR B 112 -4.35 13.03 -8.63
CA THR B 112 -3.19 13.06 -9.50
CA THR B 112 -3.17 13.05 -9.49
C THR B 112 -2.86 14.47 -9.97
C THR B 112 -2.86 14.48 -9.98
N LEU B 113 -3.90 15.25 -10.24
CA LEU B 113 -3.72 16.64 -10.66
C LEU B 113 -3.24 17.55 -9.53
N ASN B 114 -3.74 17.32 -8.33
CA ASN B 114 -3.26 18.09 -7.19
C ASN B 114 -1.77 17.87 -7.02
N PHE B 115 -1.33 16.58 -7.10
CA PHE B 115 0.08 16.30 -7.04
C PHE B 115 0.89 17.13 -8.07
N LEU B 116 0.43 17.10 -9.32
CA LEU B 116 1.12 17.84 -10.40
C LEU B 116 1.12 19.36 -10.19
N THR B 117 0.02 19.86 -9.67
CA THR B 117 -0.16 21.28 -9.43
C THR B 117 0.74 21.71 -8.28
N ARG B 118 0.76 20.91 -7.22
CA ARG B 118 1.57 21.25 -6.08
C ARG B 118 3.07 21.11 -6.40
N LEU B 119 3.44 20.13 -7.23
CA LEU B 119 4.84 20.02 -7.64
C LEU B 119 5.31 21.25 -8.39
N GLU B 120 4.56 21.67 -9.41
CA GLU B 120 5.02 22.82 -10.18
C GLU B 120 4.81 24.12 -9.37
N GLN B 121 3.86 24.12 -8.43
CA GLN B 121 3.71 25.27 -7.53
C GLN B 121 4.93 25.38 -6.63
NI NI C . 14.42 3.18 -4.48
NA NA D . 7.92 -16.15 8.01
NI NI E . -13.17 2.53 -0.51
N MSE A 2 -10.55 -6.61 -16.27
CA MSE A 2 -9.52 -6.54 -15.21
C MSE A 2 -9.74 -7.60 -14.12
O MSE A 2 -10.83 -7.66 -13.53
CB MSE A 2 -9.55 -5.15 -14.57
CG MSE A 2 -8.60 -4.89 -13.42
SE MSE A 2 -8.90 -3.06 -12.81
CE MSE A 2 -10.46 -2.53 -13.79
HA MSE A 2 -8.65 -6.66 -15.62
HB2 MSE A 2 -9.37 -4.50 -15.25
HB3 MSE A 2 -10.46 -5.04 -14.22
HG2 MSE A 2 -8.81 -5.48 -12.68
HG3 MSE A 2 -7.67 -5.00 -13.69
HE1 MSE A 2 -11.20 -3.12 -13.58
HE2 MSE A 2 -10.65 -1.62 -13.54
HE3 MSE A 2 -10.26 -2.58 -14.73
N ASN A 3 -8.76 -8.45 -13.88
CA ASN A 3 -8.87 -9.37 -12.76
C ASN A 3 -8.75 -8.60 -11.45
N ILE A 4 -9.57 -9.03 -10.51
N ILE A 4 -9.63 -8.97 -10.53
CA ILE A 4 -9.82 -8.30 -9.28
CA ILE A 4 -9.79 -8.25 -9.28
C ILE A 4 -8.80 -8.62 -8.20
C ILE A 4 -8.70 -8.57 -8.26
N ILE A 5 -8.30 -9.84 -8.22
CA ILE A 5 -7.45 -10.33 -7.17
C ILE A 5 -6.23 -10.88 -7.84
N ARG A 6 -5.13 -10.80 -7.11
N ARG A 6 -5.14 -10.78 -7.12
CA ARG A 6 -3.91 -11.51 -7.42
CA ARG A 6 -3.92 -11.51 -7.41
C ARG A 6 -3.42 -12.17 -6.15
C ARG A 6 -3.46 -12.18 -6.13
N LYS A 7 -3.51 -13.48 -6.12
CA LYS A 7 -3.05 -14.28 -5.00
C LYS A 7 -1.53 -14.17 -4.96
N MSE A 8 -0.97 -13.97 -3.77
CA MSE A 8 0.47 -14.00 -3.69
C MSE A 8 0.94 -15.42 -3.88
O MSE A 8 0.42 -16.36 -3.23
CB MSE A 8 0.97 -13.49 -2.35
CG MSE A 8 2.49 -13.52 -2.16
SE MSE A 8 3.57 -12.55 -3.51
CE MSE A 8 3.17 -10.66 -2.90
HA MSE A 8 0.86 -13.44 -4.39
HB2 MSE A 8 0.70 -12.57 -2.24
HB3 MSE A 8 0.57 -14.03 -1.65
HG2 MSE A 8 2.68 -13.11 -1.31
HG3 MSE A 8 2.79 -14.45 -2.17
HE1 MSE A 8 3.62 -10.05 -3.51
HE2 MSE A 8 2.22 -10.48 -2.92
HE3 MSE A 8 3.51 -10.54 -2.00
N ASP A 9 1.92 -15.58 -4.75
CA ASP A 9 2.66 -16.85 -4.84
C ASP A 9 4.10 -16.46 -4.56
N TRP A 10 4.63 -16.76 -3.36
CA TRP A 10 5.98 -16.29 -3.02
C TRP A 10 7.05 -16.86 -3.94
N ASP A 11 6.80 -18.05 -4.48
CA ASP A 11 7.74 -18.65 -5.42
C ASP A 11 7.65 -18.07 -6.85
N SER A 12 6.85 -17.02 -6.97
CA SER A 12 6.84 -16.22 -8.20
C SER A 12 7.57 -14.89 -8.05
N MSE A 13 8.41 -14.73 -7.05
CA MSE A 13 9.11 -13.46 -6.84
C MSE A 13 10.34 -13.48 -7.72
O MSE A 13 10.95 -14.52 -8.04
CB MSE A 13 9.49 -13.31 -5.38
CG MSE A 13 8.27 -13.01 -4.59
SE MSE A 13 8.61 -12.77 -2.69
CE MSE A 13 7.75 -11.05 -2.59
H MSE A 13 8.61 -15.32 -6.47
HA MSE A 13 8.53 -12.73 -7.07
HB2 MSE A 13 9.83 -14.17 -5.08
HB3 MSE A 13 10.16 -12.63 -5.25
HG2 MSE A 13 7.87 -12.20 -4.94
HG3 MSE A 13 7.64 -13.74 -4.69
HE1 MSE A 13 8.43 -10.37 -2.49
HE2 MSE A 13 7.24 -10.91 -3.39
HE3 MSE A 13 7.16 -11.05 -1.82
N VAL A 14 10.69 -12.26 -8.14
CA VAL A 14 11.87 -11.98 -8.93
C VAL A 14 12.92 -11.33 -8.04
N HIS A 15 14.10 -11.92 -8.01
CA HIS A 15 15.20 -11.38 -7.25
C HIS A 15 15.79 -10.17 -7.99
N GLU A 16 15.64 -9.03 -7.33
CA GLU A 16 16.06 -7.71 -7.79
C GLU A 16 16.53 -6.88 -6.65
N TYR A 17 17.56 -6.10 -6.98
CA TYR A 17 18.14 -5.18 -6.04
C TYR A 17 18.46 -5.92 -4.74
N ASP A 18 18.93 -7.16 -4.93
CA ASP A 18 19.40 -8.03 -3.86
C ASP A 18 18.30 -8.39 -2.86
N LEU A 19 17.07 -8.34 -3.31
CA LEU A 19 15.94 -8.73 -2.51
C LEU A 19 14.94 -9.45 -3.37
N ASP A 20 13.89 -10.03 -2.78
CA ASP A 20 12.90 -10.74 -3.53
C ASP A 20 11.70 -9.86 -3.62
N GLY A 21 11.19 -9.68 -4.85
CA GLY A 21 10.09 -8.75 -5.10
C GLY A 21 8.97 -9.36 -5.91
N SER A 22 7.79 -8.79 -5.67
CA SER A 22 6.56 -9.05 -6.43
C SER A 22 6.04 -7.69 -6.90
N ARG A 23 6.34 -7.38 -8.16
CA ARG A 23 5.95 -6.05 -8.72
C ARG A 23 4.45 -6.00 -8.96
N LEU A 24 3.84 -4.86 -8.65
CA LEU A 24 2.42 -4.62 -8.96
C LEU A 24 2.12 -4.70 -10.45
N LEU A 25 3.01 -4.10 -11.24
CA LEU A 25 2.83 -3.99 -12.69
C LEU A 25 3.74 -4.95 -13.44
N PRO A 26 3.31 -5.45 -14.60
CA PRO A 26 2.04 -5.08 -15.24
C PRO A 26 0.84 -5.78 -14.58
N TRP A 27 -0.34 -5.22 -14.83
CA TRP A 27 -1.55 -5.80 -14.35
C TRP A 27 -2.66 -5.33 -15.29
N GLU A 28 -3.16 -6.26 -16.10
CA GLU A 28 -4.17 -5.97 -17.12
C GLU A 28 -5.35 -5.21 -16.52
N GLY A 29 -5.65 -4.06 -17.14
CA GLY A 29 -6.82 -3.26 -16.79
C GLY A 29 -6.59 -2.27 -15.67
N LEU A 30 -5.45 -2.38 -14.99
CA LEU A 30 -5.16 -1.55 -13.82
C LEU A 30 -4.34 -0.34 -14.23
N ASN A 31 -4.95 0.82 -14.01
CA ASN A 31 -4.34 2.12 -14.33
C ASN A 31 -4.05 2.90 -13.06
N THR A 32 -2.78 3.08 -12.80
CA THR A 32 -2.25 3.72 -11.59
C THR A 32 -1.28 4.84 -11.96
N PRO A 33 -1.17 5.84 -11.09
CA PRO A 33 -0.17 6.90 -11.29
C PRO A 33 1.14 6.58 -10.56
N PHE A 34 1.24 5.33 -10.07
CA PHE A 34 2.40 4.88 -9.27
C PHE A 34 2.75 3.46 -9.68
N GLY A 35 3.96 3.05 -9.32
CA GLY A 35 4.39 1.67 -9.38
C GLY A 35 4.49 1.15 -7.93
N GLY A 36 4.52 -0.18 -7.81
CA GLY A 36 4.59 -0.80 -6.49
C GLY A 36 5.34 -2.13 -6.54
N ALA A 37 5.78 -2.56 -5.35
CA ALA A 37 6.30 -3.93 -5.19
C ALA A 37 6.27 -4.34 -3.74
N TRP A 38 5.92 -5.61 -3.58
CA TRP A 38 6.11 -6.28 -2.26
C TRP A 38 7.53 -6.83 -2.25
N CYS A 39 8.28 -6.43 -1.22
CA CYS A 39 9.68 -6.80 -1.14
C CYS A 39 9.99 -7.56 0.16
N ILE A 40 10.90 -8.52 0.00
CA ILE A 40 11.39 -9.29 1.15
C ILE A 40 12.90 -9.23 1.12
N VAL A 41 13.45 -8.73 2.21
CA VAL A 41 14.88 -8.81 2.46
C VAL A 41 15.08 -10.02 3.38
N ARG A 42 15.77 -11.00 2.84
CA ARG A 42 15.93 -12.30 3.54
C ARG A 42 16.79 -12.16 4.77
N PRO A 43 16.65 -13.11 5.72
CA PRO A 43 17.43 -13.03 6.96
C PRO A 43 18.92 -12.86 6.70
N GLU A 44 19.54 -11.95 7.45
CA GLU A 44 20.98 -11.70 7.35
C GLU A 44 21.48 -11.35 5.98
N THR A 45 20.67 -10.53 5.30
CA THR A 45 21.03 -9.93 4.01
C THR A 45 20.74 -8.45 4.03
N LYS A 46 21.25 -7.78 3.02
CA LYS A 46 20.92 -6.38 2.77
C LYS A 46 20.65 -6.21 1.30
N SER A 47 19.68 -5.31 0.99
CA SER A 47 19.24 -4.94 -0.39
C SER A 47 20.13 -3.90 -1.01
N PHE A 48 19.96 -3.66 -2.33
CA PHE A 48 20.88 -2.85 -3.19
C PHE A 48 20.83 -1.33 -3.05
N ARG A 49 22.03 -0.74 -2.96
CA ARG A 49 22.14 0.66 -2.58
C ARG A 49 22.21 1.52 -3.79
N HIS A 50 21.27 2.45 -3.85
CA HIS A 50 21.16 3.29 -5.02
C HIS A 50 20.17 4.44 -4.81
N SER A 51 19.80 5.19 -5.87
CA SER A 51 19.28 6.56 -5.67
C SER A 51 18.57 7.34 -6.78
N HIS A 52 17.34 6.99 -7.11
CA HIS A 52 16.65 7.59 -8.29
C HIS A 52 15.94 8.95 -8.12
N ASN A 53 15.39 9.45 -9.23
CA ASN A 53 14.63 10.72 -9.20
C ASN A 53 13.13 10.55 -8.91
N GLU A 54 12.66 9.30 -8.88
CA GLU A 54 11.29 9.00 -8.50
C GLU A 54 11.09 9.25 -7.00
N TYR A 55 9.92 9.73 -6.62
CA TYR A 55 9.42 9.71 -5.23
C TYR A 55 9.17 8.26 -4.88
N GLU A 56 9.40 7.94 -3.60
CA GLU A 56 9.21 6.58 -3.10
C GLU A 56 8.86 6.63 -1.64
N LEU A 57 8.02 5.70 -1.25
N LEU A 57 8.00 5.68 -1.27
CA LEU A 57 7.86 5.45 0.15
CA LEU A 57 7.50 5.44 0.09
C LEU A 57 7.71 3.95 0.41
C LEU A 57 7.66 3.94 0.41
N PHE A 58 8.06 3.59 1.63
CA PHE A 58 8.01 2.21 2.09
C PHE A 58 6.94 2.12 3.18
N ILE A 59 6.17 1.06 3.07
CA ILE A 59 5.20 0.65 4.09
C ILE A 59 5.77 -0.66 4.70
N VAL A 60 6.17 -0.57 5.95
CA VAL A 60 6.83 -1.74 6.56
C VAL A 60 5.78 -2.72 7.06
N ILE A 61 5.93 -3.93 6.58
CA ILE A 61 4.91 -4.96 6.80
C ILE A 61 5.22 -5.97 7.90
N GLN A 62 6.43 -6.51 7.96
CA GLN A 62 6.68 -7.67 8.87
C GLN A 62 8.19 -7.64 9.11
N GLY A 63 8.63 -7.88 10.37
CA GLY A 63 10.04 -7.98 10.70
C GLY A 63 10.71 -6.70 11.23
N ASN A 64 12.04 -6.73 11.27
CA ASN A 64 12.91 -5.70 11.88
C ASN A 64 13.89 -5.44 10.78
N ALA A 65 14.25 -4.20 10.54
CA ALA A 65 15.33 -3.88 9.60
C ALA A 65 15.83 -2.48 9.83
N ILE A 66 16.91 -2.16 9.13
CA ILE A 66 17.41 -0.77 9.06
C ILE A 66 17.26 -0.27 7.65
N ILE A 67 16.56 0.84 7.51
CA ILE A 67 16.65 1.59 6.24
C ILE A 67 17.80 2.58 6.46
N ARG A 68 18.86 2.47 5.65
CA ARG A 68 19.97 3.43 5.68
C ARG A 68 19.74 4.39 4.53
N ILE A 69 19.54 5.65 4.87
N ILE A 69 19.57 5.65 4.86
CA ILE A 69 19.24 6.70 3.90
CA ILE A 69 19.26 6.67 3.88
C ILE A 69 20.32 7.75 4.06
C ILE A 69 20.29 7.75 4.04
N ASN A 70 21.16 7.88 3.04
CA ASN A 70 22.32 8.76 3.12
C ASN A 70 22.90 8.70 4.52
N ASP A 71 23.59 7.62 4.83
CA ASP A 71 24.38 7.57 6.09
C ASP A 71 23.69 8.07 7.44
N GLU A 72 22.36 8.06 7.45
N GLU A 72 22.37 7.99 7.44
CA GLU A 72 21.57 7.99 8.70
CA GLU A 72 21.53 7.99 8.65
C GLU A 72 20.77 6.67 8.74
C GLU A 72 20.77 6.65 8.72
N ASP A 73 20.71 6.04 9.92
CA ASP A 73 20.16 4.68 10.11
C ASP A 73 18.91 4.67 10.97
N PHE A 74 17.80 4.30 10.35
CA PHE A 74 16.50 4.25 11.03
C PHE A 74 16.14 2.78 11.33
N PRO A 75 16.04 2.41 12.62
CA PRO A 75 15.31 1.17 12.92
C PRO A 75 13.84 1.30 12.50
N VAL A 76 13.31 0.27 11.85
CA VAL A 76 11.88 0.19 11.47
C VAL A 76 11.33 -1.15 11.90
N THR A 77 9.99 -1.26 11.96
CA THR A 77 9.22 -2.41 12.39
C THR A 77 7.85 -2.26 11.72
N LYS A 78 7.02 -3.29 11.75
CA LYS A 78 5.65 -3.32 11.26
C LYS A 78 4.91 -2.05 11.56
N GLY A 79 4.34 -1.50 10.49
CA GLY A 79 3.50 -0.29 10.58
C GLY A 79 4.25 0.98 10.27
N ASP A 80 5.56 0.99 10.35
CA ASP A 80 6.32 2.19 10.07
C ASP A 80 6.26 2.54 8.59
N LEU A 81 6.26 3.85 8.35
N LEU A 81 6.24 3.84 8.35
CA LEU A 81 6.29 4.45 7.02
CA LEU A 81 6.34 4.38 7.00
C LEU A 81 7.55 5.25 6.89
C LEU A 81 7.57 5.25 6.86
N ILE A 82 8.21 5.11 5.74
N ILE A 82 8.20 5.11 5.69
CA ILE A 82 9.41 5.87 5.46
CA ILE A 82 9.46 5.72 5.35
C ILE A 82 9.38 6.43 4.05
C ILE A 82 9.29 6.43 4.01
N ILE A 83 9.73 7.72 3.96
N ILE A 83 9.67 7.71 3.99
CA ILE A 83 9.72 8.47 2.72
CA ILE A 83 9.77 8.47 2.74
C ILE A 83 11.17 8.59 2.28
C ILE A 83 11.22 8.47 2.32
N ILE A 84 11.47 8.13 1.07
CA ILE A 84 12.81 8.22 0.58
C ILE A 84 12.99 9.60 -0.04
N PRO A 85 13.81 10.48 0.56
CA PRO A 85 13.94 11.78 -0.11
C PRO A 85 14.50 11.60 -1.47
N LEU A 86 13.99 12.44 -2.39
CA LEU A 86 14.35 12.37 -3.79
C LEU A 86 15.84 12.37 -3.95
N ASP A 87 16.30 11.41 -4.74
CA ASP A 87 17.72 11.18 -4.98
C ASP A 87 18.65 10.76 -3.85
N SER A 88 18.11 10.40 -2.70
CA SER A 88 18.93 9.82 -1.62
C SER A 88 19.40 8.42 -2.00
N GLU A 89 20.59 8.03 -1.55
CA GLU A 89 21.00 6.63 -1.57
C GLU A 89 20.26 5.93 -0.43
N HIS A 90 19.69 4.75 -0.69
CA HIS A 90 18.76 4.12 0.27
C HIS A 90 18.59 2.64 0.06
N HIS A 91 19.43 1.84 0.74
CA HIS A 91 19.20 0.38 0.80
C HIS A 91 18.50 -0.07 2.12
N VAL A 92 18.40 -1.39 2.31
N VAL A 92 18.40 -1.39 2.31
CA VAL A 92 17.72 -1.99 3.46
CA VAL A 92 17.72 -1.97 3.46
C VAL A 92 18.57 -3.09 4.08
C VAL A 92 18.55 -3.09 4.07
N ILE A 93 18.78 -3.04 5.39
CA ILE A 93 19.63 -4.01 6.13
C ILE A 93 18.85 -4.85 7.10
N ASN A 94 18.84 -6.16 6.86
CA ASN A 94 18.15 -7.09 7.76
C ASN A 94 19.14 -8.00 8.50
N ASN A 95 19.47 -7.60 9.72
CA ASN A 95 20.36 -8.40 10.58
C ASN A 95 19.65 -9.45 11.47
N ASN A 96 18.40 -9.67 11.24
N ASN A 96 18.35 -9.58 11.29
CA ASN A 96 17.60 -10.55 12.02
CA ASN A 96 17.53 -10.52 12.04
C ASN A 96 17.48 -11.89 11.32
C ASN A 96 17.51 -11.88 11.35
N GLN A 97 16.99 -12.87 12.04
CA GLN A 97 16.97 -14.20 11.52
C GLN A 97 15.62 -14.50 10.86
N GLU A 98 14.80 -13.48 10.71
CA GLU A 98 13.55 -13.65 9.96
C GLU A 98 13.34 -12.62 8.86
N ASP A 99 12.54 -13.03 7.90
CA ASP A 99 12.23 -12.19 6.72
C ASP A 99 11.76 -10.84 7.15
N PHE A 100 12.25 -9.86 6.39
CA PHE A 100 11.77 -8.48 6.51
C PHE A 100 10.94 -8.10 5.26
N HIS A 101 9.68 -7.79 5.52
CA HIS A 101 8.76 -7.47 4.41
C HIS A 101 8.40 -5.99 4.43
N PHE A 102 8.34 -5.38 3.22
CA PHE A 102 7.84 -4.03 3.06
C PHE A 102 7.28 -3.91 1.67
N TYR A 103 6.35 -2.95 1.54
CA TYR A 103 5.80 -2.57 0.24
C TYR A 103 6.41 -1.22 -0.15
N THR A 104 6.86 -1.14 -1.37
CA THR A 104 7.32 0.15 -1.89
C THR A 104 6.35 0.64 -2.96
N ILE A 105 6.06 1.94 -2.89
N ILE A 105 6.09 1.94 -2.90
CA ILE A 105 5.28 2.67 -3.87
CA ILE A 105 5.30 2.68 -3.87
C ILE A 105 6.18 3.80 -4.39
C ILE A 105 6.18 3.79 -4.40
N TRP A 106 6.28 3.93 -5.73
CA TRP A 106 7.10 4.97 -6.32
C TRP A 106 6.29 5.70 -7.42
N TRP A 107 6.63 6.97 -7.63
CA TRP A 107 5.86 7.79 -8.56
C TRP A 107 6.72 8.98 -8.96
N ASP A 108 6.28 9.64 -10.05
CA ASP A 108 6.92 10.86 -10.50
C ASP A 108 5.97 11.49 -11.49
N LYS A 109 6.49 12.52 -12.14
CA LYS A 109 5.74 13.25 -13.22
C LYS A 109 5.33 12.35 -14.36
N GLU A 110 6.25 11.54 -14.88
CA GLU A 110 5.94 10.67 -16.02
C GLU A 110 4.82 9.73 -15.68
N SER A 111 4.92 9.08 -14.52
CA SER A 111 3.93 8.09 -14.14
C SER A 111 2.52 8.68 -13.90
N THR A 112 2.46 9.85 -13.30
N THR A 112 2.46 9.84 -13.28
CA THR A 112 1.19 10.49 -13.02
CA THR A 112 1.21 10.52 -13.02
C THR A 112 0.52 10.99 -14.31
C THR A 112 0.52 11.01 -14.29
N LEU A 113 1.32 11.50 -15.21
CA LEU A 113 0.80 12.01 -16.48
C LEU A 113 0.36 10.85 -17.32
N ASN A 114 1.10 9.75 -17.25
CA ASN A 114 0.76 8.58 -18.05
C ASN A 114 -0.58 7.98 -17.63
N PHE A 115 -0.82 7.93 -16.30
CA PHE A 115 -2.13 7.62 -15.77
C PHE A 115 -3.26 8.50 -16.41
N LEU A 116 -3.07 9.81 -16.35
CA LEU A 116 -4.06 10.73 -16.90
C LEU A 116 -4.25 10.59 -18.42
N THR A 117 -3.17 10.35 -19.10
CA THR A 117 -3.23 10.15 -20.54
C THR A 117 -4.01 8.90 -20.89
N ARG A 118 -3.81 7.83 -20.12
CA ARG A 118 -4.45 6.57 -20.43
C ARG A 118 -5.99 6.62 -20.34
N LEU A 119 -6.61 7.80 -20.54
CA LEU A 119 -8.07 7.93 -20.52
C LEU A 119 -8.58 8.64 -21.75
N GLU A 120 -7.71 8.82 -22.73
CA GLU A 120 -8.12 9.46 -23.98
C GLU A 120 -8.39 8.30 -24.92
N GLN A 121 -8.13 7.09 -24.45
CA GLN A 121 -8.43 5.90 -25.26
C GLN A 121 -8.81 4.64 -24.44
N ASP A 122 -8.75 4.70 -23.11
CA ASP A 122 -9.06 3.53 -22.26
C ASP A 122 -10.43 2.90 -22.61
N MSE B 2 11.78 17.58 6.06
CA MSE B 2 10.86 16.55 5.58
C MSE B 2 11.11 15.44 6.62
O MSE B 2 12.21 14.90 6.67
CB MSE B 2 11.16 16.16 4.08
CG MSE B 2 9.91 15.73 3.16
SE MSE B 2 10.13 15.64 1.14
CE MSE B 2 8.98 14.03 0.93
HA MSE B 2 9.95 16.87 5.63
HB2 MSE B 2 11.55 16.95 3.68
HB3 MSE B 2 11.82 15.45 4.05
HG2 MSE B 2 9.61 14.85 3.43
HG3 MSE B 2 9.20 16.37 3.31
HE1 MSE B 2 9.54 13.25 0.94
HE2 MSE B 2 8.36 14.03 1.67
HE3 MSE B 2 8.51 14.09 0.09
N ASN B 3 10.15 15.20 7.54
CA ASN B 3 10.26 13.98 8.35
C ASN B 3 10.04 12.77 7.48
N ILE B 4 11.04 11.88 7.61
N ILE B 4 10.97 11.84 7.51
CA ILE B 4 11.36 10.81 6.67
CA ILE B 4 10.91 10.87 6.48
C ILE B 4 10.63 9.58 7.13
C ILE B 4 10.59 9.52 7.10
N ILE B 5 10.53 9.43 8.43
CA ILE B 5 9.92 8.26 9.08
C ILE B 5 8.75 8.70 9.92
N ARG B 6 7.68 7.92 9.87
CA ARG B 6 6.61 8.00 10.84
C ARG B 6 6.54 6.61 11.50
N LYS B 7 6.88 6.55 12.78
CA LYS B 7 6.71 5.29 13.53
C LYS B 7 5.25 5.06 13.72
N MSE B 8 4.82 3.84 13.49
CA MSE B 8 3.45 3.52 13.82
C MSE B 8 3.19 3.73 15.32
O MSE B 8 4.01 3.32 16.20
CB MSE B 8 3.12 2.06 13.45
CG MSE B 8 1.66 1.66 13.69
SE MSE B 8 0.23 2.81 12.83
CE MSE B 8 0.32 2.08 10.97
H MSE B 8 5.28 3.21 13.13
HA MSE B 8 2.84 4.07 13.31
HB2 MSE B 8 3.34 1.87 12.53
HB3 MSE B 8 3.68 1.52 14.03
HG2 MSE B 8 1.55 0.77 13.33
HG3 MSE B 8 1.51 1.65 14.65
HE1 MSE B 8 -0.45 2.41 10.46
HE2 MSE B 8 1.14 2.36 10.54
HE3 MSE B 8 0.29 1.11 11.02
N ASP B 9 2.06 4.34 15.61
CA ASP B 9 1.53 4.42 16.97
C ASP B 9 0.20 3.69 16.95
N TRP B 10 0.26 2.44 17.41
CA TRP B 10 -0.89 1.57 17.48
C TRP B 10 -1.90 2.07 18.52
N ASP B 11 -1.48 3.01 19.35
CA ASP B 11 -2.37 3.67 20.31
C ASP B 11 -3.13 4.89 19.78
N SER B 12 -2.84 5.32 18.56
CA SER B 12 -3.52 6.47 17.99
C SER B 12 -4.34 6.11 16.76
N MSE B 13 -4.80 4.91 16.57
CA MSE B 13 -5.66 4.63 15.41
C MSE B 13 -6.97 5.39 15.57
O MSE B 13 -7.37 5.80 16.63
CB MSE B 13 -5.96 3.15 15.28
CG MSE B 13 -4.78 2.23 15.57
SE MSE B 13 -3.32 2.38 14.32
CE MSE B 13 -4.00 1.25 12.80
H MSE B 13 -4.65 4.25 17.08
HA MSE B 13 -5.22 4.91 14.59
HB2 MSE B 13 -6.71 2.96 15.87
HB3 MSE B 13 -6.21 2.96 14.37
HG2 MSE B 13 -4.44 2.39 16.47
HG3 MSE B 13 -5.11 1.32 15.48
HE1 MSE B 13 -4.01 0.31 13.04
HE2 MSE B 13 -4.89 1.53 12.58
HE3 MSE B 13 -3.40 1.38 12.04
N VAL B 14 -7.61 5.67 14.44
CA VAL B 14 -8.90 6.34 14.39
C VAL B 14 -9.92 5.43 13.78
N HIS B 15 -11.01 5.24 14.50
CA HIS B 15 -12.11 4.40 14.05
C HIS B 15 -12.91 5.10 12.95
N GLU B 16 -13.03 4.40 11.83
N GLU B 16 -13.06 4.40 11.84
CA GLU B 16 -13.83 4.91 10.70
CA GLU B 16 -13.90 4.88 10.73
C GLU B 16 -14.10 3.73 9.80
C GLU B 16 -15.04 3.89 10.51
N TYR B 17 -15.25 3.75 9.12
N TYR B 17 -16.16 4.09 11.24
CA TYR B 17 -15.59 2.69 8.18
CA TYR B 17 -17.38 3.32 11.12
C TYR B 17 -15.63 1.33 8.91
C TYR B 17 -17.28 1.86 11.57
N ASP B 18 -16.02 1.38 10.17
N ASP B 18 -16.29 1.15 11.06
CA ASP B 18 -16.18 0.18 11.02
CA ASP B 18 -16.21 -0.27 11.28
C ASP B 18 -14.88 -0.66 11.18
C ASP B 18 -14.79 -0.82 11.15
N LEU B 19 -13.75 0.02 11.17
CA LEU B 19 -12.40 -0.51 11.28
C LEU B 19 -11.55 0.52 11.99
N ASP B 20 -10.34 0.14 12.40
CA ASP B 20 -9.44 1.07 13.07
C ASP B 20 -8.26 1.33 12.17
N GLY B 21 -8.05 2.63 11.84
CA GLY B 21 -7.11 3.01 10.79
C GLY B 21 -6.09 4.05 11.17
N SER B 22 -5.10 4.13 10.29
CA SER B 22 -3.93 5.02 10.38
C SER B 22 -3.75 5.64 8.97
N ARG B 23 -4.28 6.85 8.74
CA ARG B 23 -4.19 7.48 7.40
C ARG B 23 -2.78 7.99 7.14
N LEU B 24 -2.36 7.83 5.88
CA LEU B 24 -1.09 8.38 5.42
C LEU B 24 -0.99 9.89 5.52
N LEU B 25 -2.06 10.55 5.09
CA LEU B 25 -2.11 12.02 5.01
C LEU B 25 -2.91 12.43 6.20
N PRO B 26 -2.72 13.65 6.68
CA PRO B 26 -1.70 14.63 6.28
C PRO B 26 -0.26 14.23 6.62
N TRP B 27 0.70 14.58 5.79
CA TRP B 27 2.14 14.39 6.05
C TRP B 27 2.87 15.60 5.52
N GLU B 28 3.28 16.49 6.43
CA GLU B 28 3.90 17.75 6.03
C GLU B 28 5.07 17.51 5.09
N GLY B 29 5.01 18.10 3.90
CA GLY B 29 6.10 18.01 2.94
C GLY B 29 6.03 16.82 1.99
N LEU B 30 5.03 15.95 2.18
CA LEU B 30 4.86 14.76 1.35
C LEU B 30 3.78 15.01 0.33
N ASN B 31 4.15 14.78 -0.92
CA ASN B 31 3.27 15.06 -2.04
C ASN B 31 3.10 13.83 -2.87
N THR B 32 1.91 13.31 -2.78
CA THR B 32 1.54 12.09 -3.44
C THR B 32 0.35 12.32 -4.35
N PRO B 33 0.24 11.48 -5.36
CA PRO B 33 -0.96 11.52 -6.22
C PRO B 33 -2.05 10.57 -5.73
N PHE B 34 -1.84 10.00 -4.52
CA PHE B 34 -2.77 9.02 -3.92
C PHE B 34 -2.93 9.30 -2.44
N GLY B 35 -3.98 8.72 -1.88
CA GLY B 35 -4.18 8.62 -0.43
C GLY B 35 -3.90 7.19 0.03
N GLY B 36 -3.70 7.04 1.35
CA GLY B 36 -3.35 5.74 1.95
C GLY B 36 -3.92 5.63 3.33
N ALA B 37 -4.12 4.37 3.74
CA ALA B 37 -4.39 4.09 5.15
C ALA B 37 -4.02 2.66 5.50
N TRP B 38 -3.46 2.52 6.71
CA TRP B 38 -3.29 1.20 7.34
C TRP B 38 -4.57 0.90 8.10
N CYS B 39 -5.19 -0.21 7.77
CA CYS B 39 -6.49 -0.59 8.32
C CYS B 39 -6.46 -1.90 9.08
N ILE B 40 -7.18 -1.90 10.20
CA ILE B 40 -7.32 -3.12 11.01
C ILE B 40 -8.79 -3.40 11.19
N VAL B 41 -9.21 -4.58 10.73
CA VAL B 41 -10.56 -5.08 10.93
C VAL B 41 -10.42 -6.05 12.12
N ARG B 42 -11.08 -5.69 13.19
CA ARG B 42 -10.93 -6.44 14.45
C ARG B 42 -11.63 -7.79 14.34
N PRO B 43 -11.29 -8.72 15.26
CA PRO B 43 -11.85 -10.08 15.16
C PRO B 43 -13.35 -10.09 15.19
N GLU B 44 -13.91 -10.95 14.35
CA GLU B 44 -15.35 -11.15 14.32
C GLU B 44 -16.12 -9.87 14.07
N THR B 45 -15.64 -9.15 13.07
CA THR B 45 -16.30 -7.91 12.62
C THR B 45 -16.15 -7.83 11.13
N LYS B 46 -16.92 -6.88 10.57
N LYS B 46 -16.85 -6.86 10.58
CA LYS B 46 -16.90 -6.53 9.15
CA LYS B 46 -16.66 -6.54 9.19
C LYS B 46 -16.81 -5.02 9.03
C LYS B 46 -16.70 -5.06 8.98
N SER B 47 -16.20 -4.54 7.96
N SER B 47 -16.19 -4.68 7.82
CA SER B 47 -16.10 -3.09 7.71
CA SER B 47 -16.20 -3.33 7.31
C SER B 47 -17.38 -2.54 7.03
C SER B 47 -17.00 -3.42 6.02
N PHE B 48 -17.44 -1.23 6.86
N PHE B 48 -17.82 -2.40 5.74
CA PHE B 48 -18.60 -0.58 6.26
CA PHE B 48 -18.55 -2.31 4.48
C PHE B 48 -18.63 -0.78 4.75
C PHE B 48 -18.48 -0.89 3.96
N ARG B 49 -19.82 -1.07 4.20
N ARG B 49 -18.31 -0.74 2.64
CA ARG B 49 -19.93 -1.38 2.78
CA ARG B 49 -18.67 0.51 1.97
C ARG B 49 -20.21 -0.10 2.00
C ARG B 49 -19.36 0.34 0.60
N HIS B 50 -19.41 0.16 0.96
N HIS B 50 -20.25 1.30 0.32
CA HIS B 50 -19.58 1.37 0.17
CA HIS B 50 -20.95 1.48 -0.97
C HIS B 50 -18.97 1.22 -1.23
C HIS B 50 -20.04 1.62 -2.14
N SER B 51 -19.00 2.32 -1.98
N SER B 51 -20.72 1.50 -3.28
CA SER B 51 -18.57 2.36 -3.38
CA SER B 51 -20.26 2.01 -4.56
C SER B 51 -18.28 3.80 -3.81
C SER B 51 -19.62 3.39 -4.48
N HIS B 52 -17.56 3.97 -4.92
N HIS B 52 -18.37 3.48 -4.98
CA HIS B 52 -17.25 5.32 -5.46
CA HIS B 52 -17.66 4.76 -5.04
C HIS B 52 -16.46 5.41 -6.80
C HIS B 52 -16.88 5.06 -6.33
N ASN B 53 -16.25 6.65 -7.24
N ASN B 53 -16.71 6.35 -6.57
CA ASN B 53 -15.46 7.02 -8.42
CA ASN B 53 -16.30 6.85 -7.86
C ASN B 53 -13.95 6.78 -8.24
C ASN B 53 -14.80 7.01 -8.13
N GLU B 54 -13.43 6.92 -7.02
N GLU B 54 -13.95 6.48 -7.25
CA GLU B 54 -12.01 6.71 -6.79
CA GLU B 54 -12.47 6.51 -7.42
C GLU B 54 -11.59 5.24 -7.02
C GLU B 54 -11.82 5.10 -7.52
N TYR B 55 -10.51 5.08 -7.77
CA TYR B 55 -9.74 3.82 -7.81
C TYR B 55 -9.17 3.51 -6.42
N GLU B 56 -9.09 2.22 -6.12
CA GLU B 56 -8.60 1.75 -4.81
C GLU B 56 -7.99 0.40 -5.00
N LEU B 57 -6.96 0.13 -4.20
CA LEU B 57 -6.46 -1.24 -4.08
C LEU B 57 -6.07 -1.51 -2.66
N PHE B 58 -6.13 -2.80 -2.31
CA PHE B 58 -5.78 -3.26 -0.99
C PHE B 58 -4.57 -4.17 -1.12
N ILE B 59 -3.66 -3.96 -0.17
CA ILE B 59 -2.49 -4.81 0.03
C ILE B 59 -2.70 -5.53 1.37
N VAL B 60 -2.83 -6.85 1.30
CA VAL B 60 -3.16 -7.64 2.50
C VAL B 60 -1.90 -7.97 3.31
N ILE B 61 -1.92 -7.49 4.54
CA ILE B 61 -0.73 -7.52 5.40
C ILE B 61 -0.69 -8.65 6.45
N GLN B 62 -1.77 -8.91 7.17
CA GLN B 62 -1.73 -9.92 8.24
C GLN B 62 -3.11 -10.43 8.44
N GLY B 63 -3.21 -11.73 8.72
CA GLY B 63 -4.46 -12.38 9.03
C GLY B 63 -5.19 -12.90 7.80
N ASN B 64 -6.46 -13.14 8.01
CA ASN B 64 -7.32 -13.76 7.00
C ASN B 64 -8.62 -12.98 6.98
N ALA B 65 -9.21 -12.82 5.80
CA ALA B 65 -10.47 -12.10 5.68
C ALA B 65 -11.14 -12.55 4.41
N ILE B 66 -12.36 -12.04 4.24
CA ILE B 66 -13.11 -12.23 3.01
C ILE B 66 -13.40 -10.80 2.57
N ILE B 67 -12.99 -10.50 1.34
CA ILE B 67 -13.37 -9.30 0.68
C ILE B 67 -14.52 -9.69 -0.24
N ARG B 68 -15.63 -9.01 -0.02
CA ARG B 68 -16.77 -9.23 -0.89
C ARG B 68 -16.86 -7.98 -1.75
N ILE B 69 -16.99 -8.23 -3.03
CA ILE B 69 -17.01 -7.18 -4.04
C ILE B 69 -18.15 -7.53 -4.97
N ASN B 70 -19.18 -6.70 -4.76
N ASN B 70 -19.10 -6.62 -5.16
CA ASN B 70 -20.53 -6.78 -5.32
CA ASN B 70 -20.16 -6.85 -6.13
C ASN B 70 -21.14 -8.04 -4.77
C ASN B 70 -20.73 -8.24 -5.84
N ASP B 71 -21.26 -9.11 -5.55
N ASP B 71 -20.74 -8.56 -4.55
CA ASP B 71 -21.90 -10.31 -5.05
CA ASP B 71 -21.35 -9.79 -4.05
C ASP B 71 -20.97 -11.53 -5.05
C ASP B 71 -20.69 -11.11 -4.48
N GLU B 72 -19.66 -11.27 -5.19
N GLU B 72 -19.47 -10.98 -5.01
CA GLU B 72 -18.64 -12.32 -5.20
CA GLU B 72 -18.53 -12.08 -5.21
C GLU B 72 -17.78 -12.16 -3.95
C GLU B 72 -17.60 -12.12 -3.99
N ASP B 73 -17.35 -13.28 -3.38
CA ASP B 73 -16.47 -13.31 -2.20
C ASP B 73 -15.05 -13.36 -2.76
N PHE B 74 -14.08 -13.64 -1.90
CA PHE B 74 -12.63 -13.68 -2.25
C PHE B 74 -11.89 -13.87 -0.91
N PRO B 75 -11.49 -15.13 -0.53
CA PRO B 75 -10.71 -15.32 0.73
C PRO B 75 -9.22 -14.89 0.69
N VAL B 76 -8.87 -13.77 1.33
CA VAL B 76 -7.51 -13.23 1.20
C VAL B 76 -6.64 -13.54 2.42
N THR B 77 -5.34 -13.36 2.22
N THR B 77 -5.33 -13.57 2.18
CA THR B 77 -4.31 -13.77 3.16
CA THR B 77 -4.32 -13.70 3.21
C THR B 77 -3.11 -12.88 2.83
C THR B 77 -3.16 -12.79 2.87
N LYS B 78 -2.20 -12.70 3.76
CA LYS B 78 -0.98 -11.92 3.56
C LYS B 78 -0.35 -12.11 2.19
N GLY B 79 -0.09 -10.96 1.56
CA GLY B 79 0.53 -10.92 0.23
C GLY B 79 -0.45 -10.70 -0.89
N ASP B 80 -1.71 -11.00 -0.69
CA ASP B 80 -2.71 -10.83 -1.73
C ASP B 80 -2.95 -9.35 -1.98
N LEU B 81 -3.18 -9.03 -3.27
CA LEU B 81 -3.58 -7.68 -3.70
C LEU B 81 -4.97 -7.80 -4.32
N ILE B 82 -5.78 -6.78 -4.03
N ILE B 82 -5.79 -6.80 -4.05
CA ILE B 82 -7.16 -6.66 -4.45
CA ILE B 82 -7.11 -6.76 -4.62
C ILE B 82 -7.34 -5.31 -5.11
C ILE B 82 -7.47 -5.35 -5.05
N ILE B 83 -7.98 -5.30 -6.26
CA ILE B 83 -8.43 -4.06 -6.90
C ILE B 83 -9.89 -3.85 -6.53
N ILE B 84 -10.25 -2.62 -6.28
CA ILE B 84 -11.63 -2.32 -5.95
C ILE B 84 -12.21 -1.66 -7.22
N PRO B 85 -12.93 -2.45 -8.06
CA PRO B 85 -13.46 -2.02 -9.35
C PRO B 85 -14.18 -0.73 -9.12
N LEU B 86 -14.07 0.13 -10.12
CA LEU B 86 -14.66 1.41 -10.04
C LEU B 86 -16.16 1.28 -9.76
N ASP B 87 -16.59 2.00 -8.73
CA ASP B 87 -17.98 2.08 -8.33
C ASP B 87 -18.52 0.79 -7.69
N SER B 88 -17.62 -0.15 -7.47
CA SER B 88 -18.00 -1.41 -6.82
C SER B 88 -18.29 -1.27 -5.33
N GLU B 89 -19.30 -2.01 -4.91
N GLU B 89 -19.29 -2.03 -4.87
CA GLU B 89 -19.67 -2.11 -3.51
CA GLU B 89 -19.62 -2.19 -3.46
C GLU B 89 -18.75 -3.13 -2.85
C GLU B 89 -18.64 -3.16 -2.80
N HIS B 90 -17.92 -2.64 -1.93
N HIS B 90 -18.54 -3.16 -1.48
CA HIS B 90 -16.84 -3.40 -1.31
CA HIS B 90 -17.58 -4.06 -0.85
C HIS B 90 -16.79 -3.22 0.21
C HIS B 90 -17.63 -4.30 0.68
N HIS B 91 -16.36 -4.29 0.88
N HIS B 91 -17.21 -5.50 1.08
CA HIS B 91 -16.14 -4.36 2.32
CA HIS B 91 -17.21 -5.88 2.48
C HIS B 91 -15.38 -5.64 2.78
C HIS B 91 -15.86 -6.51 2.78
N VAL B 92 -14.79 -5.57 3.99
N VAL B 92 -15.20 -6.09 3.86
CA VAL B 92 -13.94 -6.64 4.57
CA VAL B 92 -14.09 -6.82 4.45
C VAL B 92 -14.62 -7.42 5.73
C VAL B 92 -14.66 -7.45 5.69
N ILE B 93 -14.62 -8.75 5.67
CA ILE B 93 -15.18 -9.59 6.76
C ILE B 93 -14.04 -10.30 7.42
N ASN B 94 -13.92 -10.19 8.74
CA ASN B 94 -12.93 -10.97 9.49
C ASN B 94 -13.66 -11.86 10.46
N ASN B 95 -13.82 -13.12 10.06
CA ASN B 95 -14.49 -14.11 10.92
C ASN B 95 -13.63 -14.68 12.03
N ASN B 96 -12.35 -14.39 12.04
CA ASN B 96 -11.40 -15.01 12.91
C ASN B 96 -11.20 -14.24 14.20
N GLN B 97 -10.46 -14.87 15.10
CA GLN B 97 -10.21 -14.39 16.44
C GLN B 97 -9.06 -13.42 16.57
N GLU B 98 -8.50 -12.93 15.42
CA GLU B 98 -7.23 -12.19 15.37
C GLU B 98 -7.37 -11.08 14.33
N ASP B 99 -6.62 -10.00 14.53
CA ASP B 99 -6.78 -8.81 13.69
C ASP B 99 -6.40 -9.08 12.26
N PHE B 100 -7.19 -8.50 11.38
CA PHE B 100 -6.91 -8.48 9.93
C PHE B 100 -6.36 -7.11 9.55
N HIS B 101 -5.13 -7.10 9.04
CA HIS B 101 -4.48 -5.84 8.64
C HIS B 101 -4.35 -5.78 7.12
N PHE B 102 -4.64 -4.59 6.56
CA PHE B 102 -4.41 -4.34 5.13
C PHE B 102 -4.11 -2.86 4.98
N TYR B 103 -3.42 -2.55 3.87
CA TYR B 103 -3.16 -1.14 3.49
C TYR B 103 -3.99 -0.83 2.27
N THR B 104 -4.73 0.27 2.31
CA THR B 104 -5.45 0.72 1.12
C THR B 104 -4.77 1.98 0.55
N ILE B 105 -4.68 1.97 -0.78
N ILE B 105 -4.70 1.98 -0.78
CA ILE B 105 -4.21 3.10 -1.59
CA ILE B 105 -4.22 3.11 -1.58
C ILE B 105 -5.38 3.47 -2.52
C ILE B 105 -5.37 3.47 -2.53
N TRP B 106 -5.78 4.74 -2.53
CA TRP B 106 -6.82 5.19 -3.45
C TRP B 106 -6.34 6.47 -4.19
N TRP B 107 -6.93 6.70 -5.38
CA TRP B 107 -6.47 7.75 -6.28
C TRP B 107 -7.57 8.04 -7.30
N ASP B 108 -7.50 9.24 -7.89
CA ASP B 108 -8.39 9.61 -8.99
C ASP B 108 -7.71 10.71 -9.74
N LYS B 109 -8.49 11.26 -10.68
CA LYS B 109 -7.97 12.36 -11.52
C LYS B 109 -7.67 13.56 -10.65
N GLU B 110 -8.57 13.86 -9.72
CA GLU B 110 -8.38 14.97 -8.79
C GLU B 110 -7.07 14.86 -8.06
N SER B 111 -6.85 13.70 -7.46
CA SER B 111 -5.66 13.54 -6.61
C SER B 111 -4.35 13.63 -7.42
N THR B 112 -4.38 13.10 -8.63
N THR B 112 -4.38 13.10 -8.63
CA THR B 112 -3.22 13.09 -9.50
CA THR B 112 -3.19 13.10 -9.48
C THR B 112 -2.87 14.51 -10.01
C THR B 112 -2.87 14.51 -10.00
N LEU B 113 -3.90 15.22 -10.42
CA LEU B 113 -3.73 16.59 -10.87
C LEU B 113 -3.24 17.46 -9.73
N ASN B 114 -3.77 17.23 -8.54
CA ASN B 114 -3.34 18.00 -7.40
C ASN B 114 -1.85 17.80 -7.09
N PHE B 115 -1.38 16.54 -7.18
CA PHE B 115 0.04 16.28 -7.07
C PHE B 115 0.87 17.13 -8.08
N LEU B 116 0.46 17.09 -9.34
CA LEU B 116 1.15 17.85 -10.38
C LEU B 116 1.11 19.37 -10.17
N THR B 117 -0.01 19.87 -9.69
CA THR B 117 -0.13 21.29 -9.40
C THR B 117 0.81 21.70 -8.27
N ARG B 118 0.89 20.85 -7.25
CA ARG B 118 1.84 21.05 -6.15
C ARG B 118 3.31 21.11 -6.56
N LEU B 119 3.77 20.18 -7.39
CA LEU B 119 5.15 20.25 -7.92
C LEU B 119 5.42 21.63 -8.45
N GLU B 120 4.47 22.16 -9.21
CA GLU B 120 4.68 23.43 -9.84
C GLU B 120 4.39 24.60 -8.89
N GLN B 121 5.08 25.72 -9.07
CA GLN B 121 4.81 26.95 -8.31
C GLN B 121 5.57 26.99 -6.98
NI NI C . 14.42 3.18 -4.50
NA NA D . 7.96 -16.17 7.97
NI NI E . -13.28 2.06 -0.73
N MSE A 2 -13.29 -8.09 -15.34
CA MSE A 2 -11.95 -7.75 -14.97
C MSE A 2 -11.33 -8.86 -14.10
O MSE A 2 -11.95 -9.92 -13.80
CB MSE A 2 -11.93 -6.39 -14.27
CG MSE A 2 -12.92 -5.35 -14.92
SE MSE A 2 -13.50 -3.74 -13.96
CE MSE A 2 -11.70 -2.84 -14.05
HA MSE A 2 -11.41 -7.67 -15.78
HB2 MSE A 2 -12.16 -6.50 -13.33
HB3 MSE A 2 -11.03 -6.02 -14.33
HG2 MSE A 2 -12.50 -5.02 -15.73
HG3 MSE A 2 -13.73 -5.82 -15.17
HE1 MSE A 2 -11.65 -2.06 -13.47
HE2 MSE A 2 -11.04 -3.49 -13.76
HE3 MSE A 2 -11.47 -2.58 -14.97
N ASN A 3 -10.09 -8.61 -13.74
CA ASN A 3 -9.27 -9.61 -13.07
C ASN A 3 -8.67 -8.95 -11.82
N ILE A 4 -9.41 -9.03 -10.72
N ILE A 4 -9.46 -9.00 -10.72
CA ILE A 4 -9.31 -8.10 -9.63
CA ILE A 4 -9.37 -8.16 -9.51
C ILE A 4 -8.51 -8.58 -8.36
C ILE A 4 -8.44 -8.58 -8.38
N ILE A 5 -8.24 -9.88 -8.25
CA ILE A 5 -7.42 -10.42 -7.17
C ILE A 5 -6.19 -10.94 -7.83
N ARG A 6 -5.07 -10.70 -7.16
N ARG A 6 -5.07 -10.70 -7.17
CA ARG A 6 -3.85 -11.43 -7.40
CA ARG A 6 -3.84 -11.43 -7.40
C ARG A 6 -3.41 -12.11 -6.11
C ARG A 6 -3.41 -12.10 -6.10
N LYS A 7 -3.50 -13.41 -6.10
CA LYS A 7 -3.11 -14.22 -4.97
C LYS A 7 -1.59 -14.24 -4.94
N MSE A 8 -1.01 -13.94 -3.79
CA MSE A 8 0.43 -14.02 -3.73
C MSE A 8 1.01 -15.41 -4.02
O MSE A 8 0.51 -16.45 -3.55
CB MSE A 8 0.95 -13.49 -2.42
CG MSE A 8 2.46 -13.60 -2.25
SE MSE A 8 3.58 -12.51 -3.53
CE MSE A 8 3.29 -10.86 -2.46
HA MSE A 8 0.79 -13.42 -4.41
HB2 MSE A 8 0.74 -12.55 -2.35
HB3 MSE A 8 0.53 -13.98 -1.69
HG2 MSE A 8 2.67 -13.26 -1.37
HG3 MSE A 8 2.73 -14.53 -2.34
HE1 MSE A 8 3.12 -10.12 -3.05
HE2 MSE A 8 2.51 -11.01 -1.90
HE3 MSE A 8 4.05 -10.70 -1.89
N ASP A 9 2.09 -15.41 -4.80
CA ASP A 9 2.91 -16.64 -5.00
C ASP A 9 4.35 -16.23 -4.62
N TRP A 10 4.80 -16.60 -3.40
CA TRP A 10 6.14 -16.14 -3.01
C TRP A 10 7.23 -16.78 -3.86
N ASP A 11 6.95 -17.96 -4.41
CA ASP A 11 7.96 -18.59 -5.28
C ASP A 11 8.08 -17.95 -6.69
N SER A 12 7.13 -17.05 -6.96
CA SER A 12 7.15 -16.34 -8.24
C SER A 12 7.88 -15.02 -8.11
N MSE A 13 8.37 -14.67 -6.96
CA MSE A 13 9.08 -13.41 -6.78
C MSE A 13 10.33 -13.45 -7.67
O MSE A 13 10.91 -14.50 -8.00
CB MSE A 13 9.42 -13.21 -5.29
CG MSE A 13 8.17 -12.72 -4.43
SE MSE A 13 8.57 -12.63 -2.56
CE MSE A 13 7.17 -11.28 -2.25
H MSE A 13 8.29 -15.13 -6.24
HA MSE A 13 8.51 -12.69 -7.06
HB2 MSE A 13 9.66 -14.09 -4.96
HB3 MSE A 13 10.15 -12.61 -5.19
HG2 MSE A 13 7.91 -11.84 -4.72
HG3 MSE A 13 7.42 -13.33 -4.51
HE1 MSE A 13 7.57 -10.54 -1.77
HE2 MSE A 13 6.82 -10.97 -3.10
HE3 MSE A 13 6.44 -11.65 -1.73
N VAL A 14 10.69 -12.25 -8.13
CA VAL A 14 11.86 -11.99 -8.94
C VAL A 14 12.92 -11.34 -8.06
N HIS A 15 14.11 -11.92 -8.04
CA HIS A 15 15.21 -11.39 -7.30
C HIS A 15 15.88 -10.22 -8.02
N GLU A 16 15.67 -9.06 -7.42
CA GLU A 16 16.22 -7.76 -7.85
C GLU A 16 16.46 -6.88 -6.66
N TYR A 17 17.34 -5.90 -6.94
CA TYR A 17 18.21 -5.21 -5.98
C TYR A 17 18.41 -5.94 -4.70
N ASP A 18 18.84 -7.16 -4.91
CA ASP A 18 19.36 -8.05 -3.89
C ASP A 18 18.29 -8.39 -2.87
N LEU A 19 17.04 -8.31 -3.29
CA LEU A 19 15.92 -8.72 -2.52
C LEU A 19 14.94 -9.48 -3.40
N ASP A 20 13.90 -10.02 -2.81
CA ASP A 20 12.89 -10.77 -3.54
C ASP A 20 11.66 -9.91 -3.64
N GLY A 21 11.19 -9.68 -4.87
CA GLY A 21 10.06 -8.76 -5.09
C GLY A 21 8.96 -9.37 -5.91
N SER A 22 7.79 -8.80 -5.70
CA SER A 22 6.60 -9.05 -6.51
C SER A 22 6.03 -7.71 -6.92
N ARG A 23 6.32 -7.36 -8.16
CA ARG A 23 5.90 -6.04 -8.68
C ARG A 23 4.41 -5.99 -8.93
N LEU A 24 3.80 -4.86 -8.61
CA LEU A 24 2.38 -4.61 -8.93
C LEU A 24 2.07 -4.69 -10.41
N LEU A 25 2.92 -4.01 -11.15
CA LEU A 25 2.67 -3.83 -12.58
C LEU A 25 3.61 -4.76 -13.24
N PRO A 26 3.28 -5.27 -14.45
CA PRO A 26 2.01 -4.96 -15.10
C PRO A 26 0.83 -5.74 -14.52
N TRP A 27 -0.35 -5.16 -14.67
CA TRP A 27 -1.58 -5.76 -14.26
C TRP A 27 -2.61 -5.25 -15.25
N GLU A 28 -3.01 -6.15 -16.13
CA GLU A 28 -3.89 -5.82 -17.22
C GLU A 28 -5.20 -5.23 -16.65
N GLY A 29 -5.60 -4.05 -17.15
CA GLY A 29 -6.75 -3.32 -16.63
C GLY A 29 -6.46 -2.30 -15.52
N LEU A 30 -5.28 -2.35 -14.95
CA LEU A 30 -4.97 -1.53 -13.75
C LEU A 30 -4.17 -0.32 -14.13
N ASN A 31 -4.85 0.80 -14.06
CA ASN A 31 -4.22 2.08 -14.35
C ASN A 31 -3.99 2.90 -13.08
N THR A 32 -2.72 3.10 -12.79
CA THR A 32 -2.25 3.73 -11.56
C THR A 32 -1.29 4.85 -11.95
N PRO A 33 -1.17 5.84 -11.10
CA PRO A 33 -0.18 6.89 -11.31
C PRO A 33 1.13 6.56 -10.57
N PHE A 34 1.25 5.31 -10.09
CA PHE A 34 2.42 4.88 -9.29
C PHE A 34 2.74 3.45 -9.69
N GLY A 35 3.94 3.04 -9.31
CA GLY A 35 4.38 1.66 -9.35
C GLY A 35 4.50 1.15 -7.93
N GLY A 36 4.65 -0.15 -7.82
CA GLY A 36 4.76 -0.75 -6.50
C GLY A 36 5.42 -2.10 -6.56
N ALA A 37 5.82 -2.56 -5.37
CA ALA A 37 6.33 -3.94 -5.19
C ALA A 37 6.28 -4.33 -3.74
N TRP A 38 5.95 -5.61 -3.57
CA TRP A 38 6.12 -6.28 -2.26
C TRP A 38 7.52 -6.84 -2.26
N CYS A 39 8.28 -6.45 -1.24
CA CYS A 39 9.68 -6.84 -1.14
C CYS A 39 9.98 -7.55 0.16
N ILE A 40 10.91 -8.49 0.01
CA ILE A 40 11.41 -9.28 1.16
C ILE A 40 12.92 -9.22 1.12
N VAL A 41 13.46 -8.71 2.21
CA VAL A 41 14.90 -8.79 2.46
C VAL A 41 15.09 -10.02 3.39
N ARG A 42 15.77 -11.00 2.87
CA ARG A 42 15.93 -12.30 3.54
C ARG A 42 16.80 -12.16 4.77
N PRO A 43 16.65 -13.10 5.72
CA PRO A 43 17.42 -13.04 6.96
C PRO A 43 18.91 -12.87 6.71
N GLU A 44 19.52 -11.96 7.47
CA GLU A 44 20.98 -11.73 7.40
C GLU A 44 21.51 -11.37 6.04
N THR A 45 20.76 -10.49 5.38
CA THR A 45 21.10 -10.04 4.02
C THR A 45 20.74 -8.53 3.94
N LYS A 46 21.21 -7.85 2.90
CA LYS A 46 20.91 -6.41 2.72
C LYS A 46 20.60 -6.18 1.26
N SER A 47 19.91 -5.06 0.92
CA SER A 47 19.54 -4.68 -0.53
C SER A 47 20.32 -3.61 -1.53
N PHE A 48 20.75 -4.06 -2.74
CA PHE A 48 21.32 -3.23 -3.86
C PHE A 48 20.54 -1.92 -4.05
N ARG A 49 20.50 -1.16 -2.99
CA ARG A 49 20.25 0.24 -2.99
C ARG A 49 19.93 0.72 -4.37
N HIS A 50 18.67 1.01 -4.60
CA HIS A 50 18.44 1.50 -5.95
C HIS A 50 17.94 2.87 -5.59
N SER A 51 17.89 3.85 -6.52
CA SER A 51 18.34 5.21 -6.15
C SER A 51 18.20 6.38 -7.19
N HIS A 52 17.53 7.51 -6.91
CA HIS A 52 16.76 8.11 -8.01
C HIS A 52 15.97 9.44 -7.73
N ASN A 53 15.71 10.25 -8.75
CA ASN A 53 14.73 11.32 -8.62
C ASN A 53 13.34 10.86 -9.09
N GLU A 54 12.84 9.83 -8.39
CA GLU A 54 11.53 9.18 -8.50
C GLU A 54 11.19 9.30 -7.01
N TYR A 55 9.96 9.69 -6.65
CA TYR A 55 9.42 9.67 -5.27
C TYR A 55 9.19 8.23 -4.92
N GLU A 56 9.36 7.94 -3.63
CA GLU A 56 9.22 6.59 -3.09
C GLU A 56 8.86 6.62 -1.65
N LEU A 57 8.03 5.67 -1.27
N LEU A 57 8.01 5.66 -1.28
CA LEU A 57 7.81 5.41 0.12
CA LEU A 57 7.47 5.43 0.07
C LEU A 57 7.65 3.92 0.39
C LEU A 57 7.59 3.92 0.38
N PHE A 58 8.07 3.59 1.59
CA PHE A 58 8.04 2.22 2.08
C PHE A 58 6.98 2.15 3.19
N ILE A 59 6.18 1.09 3.08
CA ILE A 59 5.22 0.66 4.10
C ILE A 59 5.77 -0.66 4.69
N VAL A 60 6.18 -0.57 5.95
CA VAL A 60 6.84 -1.74 6.58
C VAL A 60 5.79 -2.70 7.07
N ILE A 61 5.91 -3.92 6.59
CA ILE A 61 4.88 -4.96 6.77
C ILE A 61 5.19 -5.95 7.90
N GLN A 62 6.42 -6.46 7.98
CA GLN A 62 6.72 -7.49 8.97
C GLN A 62 8.22 -7.55 9.17
N GLY A 63 8.63 -7.87 10.41
CA GLY A 63 10.03 -8.02 10.74
C GLY A 63 10.68 -6.74 11.21
N ASN A 64 12.00 -6.74 11.15
CA ASN A 64 12.79 -5.65 11.70
C ASN A 64 13.94 -5.47 10.80
N ALA A 65 14.26 -4.22 10.50
CA ALA A 65 15.39 -3.87 9.67
C ALA A 65 15.94 -2.52 10.08
N ILE A 66 17.01 -2.14 9.38
CA ILE A 66 17.57 -0.79 9.40
C ILE A 66 17.40 -0.25 7.96
N ILE A 67 16.78 0.91 7.83
CA ILE A 67 16.78 1.62 6.53
C ILE A 67 17.90 2.65 6.63
N ARG A 68 18.91 2.54 5.77
CA ARG A 68 20.01 3.49 5.73
C ARG A 68 19.73 4.41 4.57
N ILE A 69 19.59 5.69 4.87
N ILE A 69 19.60 5.69 4.86
CA ILE A 69 19.28 6.72 3.90
CA ILE A 69 19.28 6.71 3.90
C ILE A 69 20.42 7.74 4.02
C ILE A 69 20.41 7.74 4.02
N ASN A 70 21.23 7.83 2.98
CA ASN A 70 22.43 8.67 3.05
C ASN A 70 23.14 8.43 4.40
N ASP A 71 23.32 7.19 4.76
CA ASP A 71 23.83 6.93 6.13
C ASP A 71 23.34 7.68 7.47
N GLU A 72 22.06 8.08 7.52
N GLU A 72 22.07 8.09 7.55
CA GLU A 72 21.33 8.07 8.80
CA GLU A 72 21.38 8.05 8.84
C GLU A 72 20.65 6.70 8.82
C GLU A 72 20.66 6.70 8.83
N ASP A 73 20.65 6.06 9.99
CA ASP A 73 20.09 4.74 10.16
C ASP A 73 18.80 4.90 10.92
N PHE A 74 17.77 4.28 10.36
CA PHE A 74 16.39 4.36 10.85
C PHE A 74 15.97 2.90 11.14
N PRO A 75 15.94 2.48 12.43
CA PRO A 75 15.31 1.15 12.59
C PRO A 75 13.79 1.17 12.42
N VAL A 76 13.30 0.16 11.72
CA VAL A 76 11.90 0.07 11.37
C VAL A 76 11.32 -1.29 11.65
N THR A 77 10.01 -1.30 11.80
CA THR A 77 9.27 -2.50 12.07
C THR A 77 7.82 -2.27 11.63
N LYS A 78 6.97 -3.24 11.82
CA LYS A 78 5.62 -3.32 11.28
C LYS A 78 4.89 -2.05 11.57
N GLY A 79 4.35 -1.49 10.50
CA GLY A 79 3.49 -0.30 10.56
C GLY A 79 4.25 0.97 10.27
N ASP A 80 5.57 0.99 10.33
CA ASP A 80 6.30 2.20 10.09
C ASP A 80 6.25 2.55 8.59
N LEU A 81 6.27 3.84 8.33
N LEU A 81 6.25 3.85 8.33
CA LEU A 81 6.35 4.40 6.98
CA LEU A 81 6.31 4.42 6.98
C LEU A 81 7.57 5.27 6.88
C LEU A 81 7.58 5.27 6.86
N ILE A 82 8.22 5.21 5.74
N ILE A 82 8.21 5.15 5.70
CA ILE A 82 9.37 6.03 5.52
CA ILE A 82 9.45 5.82 5.35
C ILE A 82 9.37 6.53 4.08
C ILE A 82 9.27 6.51 4.02
N ILE A 83 9.62 7.82 3.99
N ILE A 83 9.64 7.79 3.99
CA ILE A 83 9.69 8.56 2.72
CA ILE A 83 9.73 8.55 2.75
C ILE A 83 11.14 8.61 2.28
C ILE A 83 11.18 8.55 2.30
N ILE A 84 11.40 8.14 1.07
CA ILE A 84 12.76 8.17 0.54
C ILE A 84 12.98 9.52 -0.11
N PRO A 85 13.85 10.36 0.47
CA PRO A 85 14.14 11.68 -0.09
C PRO A 85 14.62 11.53 -1.49
N LEU A 86 14.27 12.54 -2.27
CA LEU A 86 14.66 12.52 -3.66
C LEU A 86 16.15 12.51 -3.78
N ASP A 87 16.58 11.57 -4.59
CA ASP A 87 17.99 11.36 -4.91
C ASP A 87 18.86 10.84 -3.79
N SER A 88 18.21 10.52 -2.67
CA SER A 88 18.87 9.88 -1.52
C SER A 88 19.41 8.52 -1.88
N GLU A 89 18.58 7.79 -2.58
CA GLU A 89 18.98 6.52 -3.12
C GLU A 89 18.29 5.53 -2.11
N HIS A 90 19.04 4.74 -1.26
CA HIS A 90 18.64 4.00 0.00
C HIS A 90 19.09 2.58 -0.09
N HIS A 91 19.14 1.85 1.04
CA HIS A 91 19.08 0.38 1.06
C HIS A 91 18.58 -0.10 2.46
N VAL A 92 18.32 -1.39 2.54
N VAL A 92 18.31 -1.38 2.53
CA VAL A 92 17.63 -2.06 3.65
CA VAL A 92 17.63 -2.04 3.65
C VAL A 92 18.50 -3.16 4.19
C VAL A 92 18.52 -3.14 4.18
N ILE A 93 18.72 -3.15 5.50
CA ILE A 93 19.66 -4.04 6.16
C ILE A 93 18.86 -4.87 7.09
N ASN A 94 18.85 -6.18 6.84
CA ASN A 94 18.15 -7.10 7.74
C ASN A 94 19.14 -8.00 8.46
N ASN A 95 19.50 -7.59 9.67
CA ASN A 95 20.44 -8.38 10.47
C ASN A 95 19.82 -9.55 11.26
N ASN A 96 18.53 -9.74 11.13
N ASN A 96 18.48 -9.61 11.25
CA ASN A 96 17.82 -10.67 11.92
CA ASN A 96 17.66 -10.57 12.00
C ASN A 96 17.55 -11.97 11.22
C ASN A 96 17.57 -11.92 11.27
N GLN A 97 17.04 -12.94 11.94
CA GLN A 97 16.84 -14.24 11.30
C GLN A 97 15.48 -14.52 10.79
N GLU A 98 14.66 -13.48 10.73
CA GLU A 98 13.32 -13.55 10.12
C GLU A 98 13.26 -12.60 8.92
N ASP A 99 12.51 -13.02 7.90
CA ASP A 99 12.26 -12.18 6.72
C ASP A 99 11.78 -10.83 7.16
N PHE A 100 12.23 -9.85 6.38
CA PHE A 100 11.77 -8.47 6.49
C PHE A 100 10.95 -8.10 5.25
N HIS A 101 9.70 -7.77 5.51
CA HIS A 101 8.77 -7.47 4.40
C HIS A 101 8.38 -5.99 4.39
N PHE A 102 8.31 -5.39 3.19
CA PHE A 102 7.84 -4.02 3.04
C PHE A 102 7.25 -3.93 1.67
N TYR A 103 6.36 -2.94 1.55
CA TYR A 103 5.81 -2.53 0.28
C TYR A 103 6.44 -1.18 -0.12
N THR A 104 6.84 -1.15 -1.36
CA THR A 104 7.28 0.13 -1.89
C THR A 104 6.32 0.62 -2.97
N ILE A 105 5.98 1.91 -2.86
N ILE A 105 6.07 1.92 -2.91
CA ILE A 105 5.27 2.67 -3.88
CA ILE A 105 5.30 2.65 -3.89
C ILE A 105 6.19 3.79 -4.38
C ILE A 105 6.20 3.78 -4.40
N TRP A 106 6.29 3.92 -5.71
CA TRP A 106 7.11 4.97 -6.31
C TRP A 106 6.31 5.68 -7.41
N TRP A 107 6.64 6.96 -7.62
CA TRP A 107 5.87 7.81 -8.55
C TRP A 107 6.73 9.00 -8.96
N ASP A 108 6.34 9.61 -10.08
CA ASP A 108 6.95 10.86 -10.54
C ASP A 108 5.96 11.52 -11.47
N LYS A 109 6.42 12.63 -12.05
CA LYS A 109 5.60 13.37 -13.03
C LYS A 109 5.21 12.51 -14.21
N GLU A 110 6.19 11.76 -14.69
CA GLU A 110 6.03 10.82 -15.80
C GLU A 110 4.94 9.79 -15.56
N SER A 111 4.95 9.24 -14.38
CA SER A 111 4.03 8.16 -14.11
C SER A 111 2.64 8.69 -13.94
N THR A 112 2.51 9.82 -13.26
N THR A 112 2.48 9.81 -13.29
CA THR A 112 1.23 10.48 -13.05
CA THR A 112 1.16 10.34 -13.15
C THR A 112 0.59 10.99 -14.35
C THR A 112 0.57 10.85 -14.45
N LEU A 113 1.39 11.44 -15.31
CA LEU A 113 0.85 11.99 -16.53
C LEU A 113 0.41 10.84 -17.37
N ASN A 114 1.08 9.70 -17.26
CA ASN A 114 0.55 8.59 -18.03
C ASN A 114 -0.75 8.03 -17.56
N PHE A 115 -0.91 7.98 -16.25
CA PHE A 115 -2.18 7.62 -15.72
C PHE A 115 -3.26 8.50 -16.39
N LEU A 116 -3.07 9.81 -16.37
CA LEU A 116 -4.10 10.71 -16.91
C LEU A 116 -4.29 10.59 -18.41
N THR A 117 -3.20 10.35 -19.09
CA THR A 117 -3.24 10.20 -20.52
C THR A 117 -3.88 8.88 -20.89
N ARG A 118 -3.46 7.83 -20.19
CA ARG A 118 -3.81 6.50 -20.58
C ARG A 118 -5.28 6.26 -20.18
N LEU A 119 -5.79 7.13 -19.32
CA LEU A 119 -7.23 7.28 -19.14
C LEU A 119 -8.01 8.07 -20.19
N GLU A 120 -7.47 9.13 -20.79
CA GLU A 120 -8.30 9.97 -21.69
C GLU A 120 -8.71 9.32 -23.00
N GLN A 121 -7.72 8.89 -23.78
CA GLN A 121 -7.91 7.98 -24.90
C GLN A 121 -8.59 6.67 -24.43
N ASP A 122 -9.93 6.63 -24.47
CA ASP A 122 -10.71 5.44 -24.10
C ASP A 122 -12.21 5.72 -24.26
N MSE B 2 9.54 16.56 6.19
CA MSE B 2 9.36 15.12 6.44
C MSE B 2 10.27 14.69 7.65
O MSE B 2 11.42 15.14 7.77
CB MSE B 2 9.64 14.37 5.10
CG MSE B 2 8.68 14.82 3.88
SE MSE B 2 9.07 14.26 1.98
CE MSE B 2 10.71 13.35 2.49
HA MSE B 2 8.43 14.94 6.66
HB2 MSE B 2 10.55 14.59 4.85
HB3 MSE B 2 9.55 13.42 5.23
HG2 MSE B 2 7.79 14.48 4.08
HG3 MSE B 2 8.65 15.78 3.88
HE1 MSE B 2 10.51 12.67 3.15
HE2 MSE B 2 11.11 12.96 1.71
HE3 MSE B 2 11.32 14.00 2.88
N ASN B 3 9.76 13.84 8.57
CA ASN B 3 10.56 13.27 9.68
C ASN B 3 10.93 11.98 9.00
N ILE B 4 11.22 12.00 7.68
N ILE B 4 11.28 12.07 7.73
CA ILE B 4 11.54 10.83 6.85
CA ILE B 4 10.97 11.05 6.76
C ILE B 4 10.68 9.64 7.27
C ILE B 4 10.48 9.69 7.30
N ILE B 5 10.79 9.31 8.55
CA ILE B 5 10.03 8.29 9.21
C ILE B 5 8.75 8.75 9.94
N ARG B 6 7.71 7.94 9.85
CA ARG B 6 6.66 7.98 10.84
C ARG B 6 6.52 6.60 11.47
N LYS B 7 6.90 6.52 12.73
CA LYS B 7 6.86 5.25 13.45
C LYS B 7 5.45 5.11 13.90
N MSE B 8 4.85 3.92 13.62
CA MSE B 8 3.43 3.57 13.85
C MSE B 8 3.19 3.76 15.35
O MSE B 8 4.04 3.40 16.23
CB MSE B 8 3.05 2.10 13.45
CG MSE B 8 1.55 1.68 13.56
SE MSE B 8 0.24 2.88 12.65
CE MSE B 8 0.20 1.93 10.80
H MSE B 8 5.28 3.27 13.26
HA MSE B 8 2.85 4.17 13.36
HB2 MSE B 8 3.35 1.88 12.55
HB3 MSE B 8 3.52 1.53 14.07
HG2 MSE B 8 1.46 0.80 13.16
HG3 MSE B 8 1.32 1.66 14.50
HE1 MSE B 8 0.99 2.13 10.28
HE2 MSE B 8 0.16 0.96 10.94
HE3 MSE B 8 -0.59 2.21 10.31
N ASP B 9 2.06 4.36 15.64
CA ASP B 9 1.55 4.46 17.00
C ASP B 9 0.25 3.68 16.96
N TRP B 10 0.32 2.44 17.41
CA TRP B 10 -0.85 1.57 17.46
C TRP B 10 -1.87 2.07 18.47
N ASP B 11 -1.50 2.98 19.37
CA ASP B 11 -2.43 3.59 20.32
C ASP B 11 -3.17 4.80 19.76
N SER B 12 -2.91 5.19 18.52
CA SER B 12 -3.56 6.40 18.02
C SER B 12 -4.36 6.14 16.78
N MSE B 13 -4.80 4.92 16.54
CA MSE B 13 -5.69 4.63 15.42
C MSE B 13 -6.98 5.41 15.58
O MSE B 13 -7.38 5.79 16.65
CB MSE B 13 -6.04 3.16 15.39
CG MSE B 13 -4.83 2.18 15.60
SE MSE B 13 -3.34 2.35 14.30
CE MSE B 13 -4.52 1.84 12.83
H MSE B 13 -4.58 4.24 17.02
HA MSE B 13 -5.28 4.88 14.59
HB2 MSE B 13 -6.70 3.01 16.07
HB3 MSE B 13 -6.44 2.96 14.53
HG2 MSE B 13 -4.45 2.32 16.49
HG3 MSE B 13 -5.17 1.29 15.51
HE1 MSE B 13 -4.30 2.40 12.06
HE2 MSE B 13 -4.38 0.91 12.60
HE3 MSE B 13 -5.43 1.98 13.10
N VAL B 14 -7.63 5.66 14.46
CA VAL B 14 -8.90 6.35 14.39
C VAL B 14 -9.92 5.43 13.78
N HIS B 15 -11.01 5.23 14.49
CA HIS B 15 -12.09 4.38 14.03
C HIS B 15 -12.87 5.07 12.93
N GLU B 16 -13.03 4.37 11.82
N GLU B 16 -13.03 4.38 11.82
CA GLU B 16 -13.73 4.91 10.65
CA GLU B 16 -13.78 4.89 10.67
C GLU B 16 -14.04 3.73 9.76
C GLU B 16 -14.89 3.88 10.40
N TYR B 17 -15.17 3.75 9.08
N TYR B 17 -15.96 4.05 11.18
CA TYR B 17 -15.49 2.69 8.14
CA TYR B 17 -17.26 3.38 11.08
C TYR B 17 -15.60 1.34 8.89
C TYR B 17 -17.32 1.95 11.55
N ASP B 18 -16.03 1.44 10.13
N ASP B 18 -16.32 1.19 11.11
CA ASP B 18 -16.18 0.28 11.03
CA ASP B 18 -16.27 -0.22 11.31
C ASP B 18 -14.92 -0.59 11.21
C ASP B 18 -14.84 -0.78 11.19
N LEU B 19 -13.79 0.05 11.20
CA LEU B 19 -12.45 -0.49 11.33
C LEU B 19 -11.57 0.54 12.01
N ASP B 20 -10.37 0.17 12.39
CA ASP B 20 -9.46 1.08 13.06
C ASP B 20 -8.28 1.33 12.16
N GLY B 21 -8.05 2.61 11.84
CA GLY B 21 -7.13 2.99 10.78
C GLY B 21 -6.12 4.04 11.18
N SER B 22 -5.11 4.12 10.33
CA SER B 22 -4.09 5.17 10.41
C SER B 22 -3.80 5.71 9.00
N ARG B 23 -4.28 6.92 8.74
CA ARG B 23 -4.17 7.51 7.42
C ARG B 23 -2.77 8.01 7.16
N LEU B 24 -2.36 7.84 5.91
CA LEU B 24 -1.10 8.40 5.42
C LEU B 24 -1.01 9.93 5.54
N LEU B 25 -2.09 10.58 5.13
CA LEU B 25 -2.14 12.04 5.03
C LEU B 25 -3.02 12.60 6.11
N PRO B 26 -2.72 13.80 6.60
CA PRO B 26 -1.67 14.64 6.07
C PRO B 26 -0.31 14.22 6.58
N TRP B 27 0.68 14.51 5.76
CA TRP B 27 2.05 14.37 6.11
C TRP B 27 2.76 15.56 5.54
N GLU B 28 3.14 16.45 6.44
CA GLU B 28 3.71 17.69 6.05
C GLU B 28 4.95 17.39 5.21
N GLY B 29 5.02 18.05 4.05
CA GLY B 29 6.15 17.93 3.13
C GLY B 29 6.12 16.83 2.05
N LEU B 30 5.16 15.93 2.11
CA LEU B 30 5.09 14.78 1.19
C LEU B 30 4.20 15.15 0.03
N ASN B 31 4.65 14.95 -1.21
CA ASN B 31 3.81 15.21 -2.36
C ASN B 31 3.39 13.87 -3.00
N THR B 32 2.13 13.48 -2.83
CA THR B 32 1.58 12.20 -3.39
C THR B 32 0.39 12.39 -4.35
N PRO B 33 0.23 11.51 -5.35
CA PRO B 33 -0.97 11.55 -6.19
C PRO B 33 -2.05 10.58 -5.72
N PHE B 34 -1.86 9.99 -4.52
CA PHE B 34 -2.78 9.01 -3.93
C PHE B 34 -2.94 9.27 -2.45
N GLY B 35 -3.99 8.71 -1.87
CA GLY B 35 -4.16 8.62 -0.42
C GLY B 35 -3.90 7.21 0.05
N GLY B 36 -3.78 7.04 1.36
CA GLY B 36 -3.47 5.74 1.93
C GLY B 36 -3.97 5.64 3.33
N ALA B 37 -4.14 4.40 3.73
CA ALA B 37 -4.41 4.10 5.14
C ALA B 37 -4.02 2.67 5.50
N TRP B 38 -3.49 2.53 6.73
CA TRP B 38 -3.30 1.20 7.36
C TRP B 38 -4.56 0.90 8.12
N CYS B 39 -5.19 -0.21 7.79
CA CYS B 39 -6.48 -0.58 8.36
C CYS B 39 -6.44 -1.91 9.09
N ILE B 40 -7.18 -1.92 10.19
CA ILE B 40 -7.33 -3.12 11.01
C ILE B 40 -8.81 -3.40 11.19
N VAL B 41 -9.22 -4.56 10.70
CA VAL B 41 -10.57 -5.09 10.92
C VAL B 41 -10.42 -6.05 12.12
N ARG B 42 -11.07 -5.68 13.18
CA ARG B 42 -10.92 -6.43 14.43
C ARG B 42 -11.64 -7.80 14.32
N PRO B 43 -11.31 -8.72 15.25
CA PRO B 43 -11.85 -10.07 15.19
C PRO B 43 -13.36 -10.09 15.21
N GLU B 44 -13.90 -10.96 14.37
CA GLU B 44 -15.33 -11.22 14.31
C GLU B 44 -16.20 -10.07 13.92
N THR B 45 -15.62 -9.16 13.15
CA THR B 45 -16.30 -7.96 12.63
C THR B 45 -16.13 -7.85 11.14
N LYS B 46 -16.88 -6.90 10.59
N LYS B 46 -16.80 -6.86 10.60
CA LYS B 46 -16.82 -6.48 9.18
CA LYS B 46 -16.56 -6.49 9.24
C LYS B 46 -16.76 -4.95 9.07
C LYS B 46 -16.75 -5.02 9.02
N SER B 47 -16.12 -4.47 8.01
N SER B 47 -16.03 -4.58 8.00
CA SER B 47 -16.08 -3.02 7.69
CA SER B 47 -16.19 -3.29 7.36
C SER B 47 -17.38 -2.39 7.09
C SER B 47 -16.94 -3.44 6.03
N PHE B 48 -17.41 -1.05 6.97
N PHE B 48 -17.66 -2.38 5.70
CA PHE B 48 -18.56 -0.30 6.46
CA PHE B 48 -18.38 -2.28 4.45
C PHE B 48 -18.49 -0.11 4.95
C PHE B 48 -18.23 -0.88 3.91
N ARG B 49 -19.44 -0.83 4.34
N ARG B 49 -18.23 -0.73 2.57
CA ARG B 49 -19.54 -1.17 2.92
CA ARG B 49 -18.16 0.54 1.85
C ARG B 49 -20.03 0.01 2.13
C ARG B 49 -18.90 0.43 0.50
N HIS B 50 -19.40 0.19 0.98
N HIS B 50 -19.42 1.58 0.01
CA HIS B 50 -19.54 1.41 0.22
CA HIS B 50 -20.41 1.62 -1.11
C HIS B 50 -18.87 1.29 -1.13
C HIS B 50 -19.84 2.01 -2.53
N SER B 51 -18.88 2.40 -1.86
N SER B 51 -20.78 2.19 -3.53
CA SER B 51 -18.06 2.56 -3.06
CA SER B 51 -20.48 2.59 -4.93
C SER B 51 -17.81 4.05 -3.14
C SER B 51 -19.61 3.87 -4.89
N HIS B 52 -17.20 4.48 -4.23
N HIS B 52 -18.35 3.81 -5.32
CA HIS B 52 -16.75 5.86 -4.39
CA HIS B 52 -17.53 5.05 -5.57
C HIS B 52 -16.09 5.96 -5.75
C HIS B 52 -16.66 5.19 -6.84
N ASN B 53 -15.86 7.18 -6.20
N ASN B 53 -16.58 6.43 -7.36
CA ASN B 53 -15.47 7.32 -7.58
CA ASN B 53 -15.81 6.84 -8.56
C ASN B 53 -14.07 6.80 -7.68
C ASN B 53 -14.30 6.78 -8.49
N GLU B 54 -13.22 7.27 -6.78
N GLU B 54 -13.73 6.75 -7.28
CA GLU B 54 -11.84 6.83 -6.74
CA GLU B 54 -12.27 6.70 -7.06
C GLU B 54 -11.64 5.35 -7.07
C GLU B 54 -11.67 5.27 -7.06
N TYR B 55 -10.53 5.12 -7.75
CA TYR B 55 -9.74 3.87 -7.76
C TYR B 55 -9.18 3.55 -6.38
N GLU B 56 -9.08 2.26 -6.11
CA GLU B 56 -8.58 1.80 -4.81
C GLU B 56 -7.99 0.43 -4.97
N LEU B 57 -6.93 0.18 -4.18
CA LEU B 57 -6.37 -1.16 -4.07
C LEU B 57 -6.02 -1.47 -2.63
N PHE B 58 -6.11 -2.76 -2.31
CA PHE B 58 -5.78 -3.26 -0.98
C PHE B 58 -4.56 -4.16 -1.11
N ILE B 59 -3.66 -3.95 -0.16
CA ILE B 59 -2.46 -4.79 0.02
C ILE B 59 -2.67 -5.53 1.36
N VAL B 60 -2.82 -6.86 1.30
CA VAL B 60 -3.15 -7.63 2.50
C VAL B 60 -1.90 -7.96 3.31
N ILE B 61 -1.92 -7.51 4.55
CA ILE B 61 -0.73 -7.56 5.39
C ILE B 61 -0.71 -8.66 6.43
N GLN B 62 -1.79 -8.90 7.16
CA GLN B 62 -1.74 -9.92 8.20
C GLN B 62 -3.13 -10.42 8.41
N GLY B 63 -3.21 -11.72 8.69
CA GLY B 63 -4.44 -12.39 9.01
C GLY B 63 -5.18 -12.91 7.79
N ASN B 64 -6.45 -13.18 8.03
CA ASN B 64 -7.31 -13.70 6.97
C ASN B 64 -8.64 -12.98 6.96
N ALA B 65 -9.22 -12.82 5.78
CA ALA B 65 -10.52 -12.16 5.63
C ALA B 65 -11.17 -12.70 4.36
N ILE B 66 -12.45 -12.37 4.24
CA ILE B 66 -13.20 -12.51 2.99
C ILE B 66 -13.50 -11.03 2.56
N ILE B 67 -13.01 -10.64 1.38
CA ILE B 67 -13.25 -9.31 0.82
C ILE B 67 -14.41 -9.43 -0.16
N ARG B 68 -15.55 -8.82 0.11
CA ARG B 68 -16.68 -9.08 -0.77
C ARG B 68 -16.83 -7.91 -1.72
N ILE B 69 -16.85 -8.23 -3.03
CA ILE B 69 -16.91 -7.27 -4.13
C ILE B 69 -18.16 -7.69 -4.88
N ASN B 70 -19.25 -6.97 -4.63
N ASN B 70 -19.20 -6.87 -4.77
CA ASN B 70 -20.61 -7.34 -5.04
CA ASN B 70 -20.40 -7.05 -5.56
C ASN B 70 -21.05 -8.73 -4.57
C ASN B 70 -20.83 -8.52 -5.53
N ASP B 71 -21.38 -9.61 -5.52
N ASP B 71 -20.89 -9.08 -4.32
CA ASP B 71 -21.93 -10.92 -5.20
CA ASP B 71 -21.47 -10.40 -4.14
C ASP B 71 -20.84 -11.97 -5.13
C ASP B 71 -20.63 -11.53 -4.78
N GLU B 72 -19.59 -11.49 -5.05
N GLU B 72 -19.35 -11.20 -5.04
CA GLU B 72 -18.41 -12.34 -5.15
CA GLU B 72 -18.28 -12.17 -5.25
C GLU B 72 -17.55 -12.14 -3.90
C GLU B 72 -17.48 -12.10 -3.93
N ASP B 73 -17.02 -13.25 -3.43
CA ASP B 73 -16.37 -13.30 -2.12
C ASP B 73 -14.96 -13.73 -2.40
N PHE B 74 -13.99 -12.86 -2.11
CA PHE B 74 -12.59 -13.23 -2.32
C PHE B 74 -11.89 -13.49 -0.99
N PRO B 75 -11.63 -14.79 -0.65
CA PRO B 75 -10.74 -14.99 0.50
C PRO B 75 -9.36 -14.37 0.31
N VAL B 76 -8.84 -13.75 1.36
CA VAL B 76 -7.52 -13.14 1.27
C VAL B 76 -6.66 -13.44 2.49
N THR B 77 -5.37 -13.62 2.25
N THR B 77 -5.40 -13.73 2.17
CA THR B 77 -4.40 -13.52 3.33
CA THR B 77 -4.30 -13.85 3.11
C THR B 77 -3.15 -12.80 2.84
C THR B 77 -3.12 -12.90 2.79
N LYS B 78 -2.13 -12.84 3.67
CA LYS B 78 -0.94 -12.01 3.51
C LYS B 78 -0.32 -12.14 2.16
N GLY B 79 -0.08 -10.98 1.54
CA GLY B 79 0.54 -10.91 0.23
C GLY B 79 -0.45 -10.71 -0.89
N ASP B 80 -1.71 -11.02 -0.68
CA ASP B 80 -2.70 -10.81 -1.73
C ASP B 80 -2.96 -9.33 -1.98
N LEU B 81 -3.20 -9.04 -3.26
CA LEU B 81 -3.61 -7.71 -3.73
C LEU B 81 -4.96 -7.82 -4.32
N ILE B 82 -5.77 -6.81 -4.04
N ILE B 82 -5.77 -6.82 -4.06
CA ILE B 82 -7.13 -6.65 -4.50
CA ILE B 82 -7.07 -6.77 -4.66
C ILE B 82 -7.29 -5.29 -5.13
C ILE B 82 -7.44 -5.34 -5.05
N ILE B 83 -8.03 -5.23 -6.23
CA ILE B 83 -8.35 -3.96 -6.88
C ILE B 83 -9.84 -3.77 -6.69
N ILE B 84 -10.21 -2.65 -6.06
CA ILE B 84 -11.57 -2.27 -5.68
C ILE B 84 -12.16 -1.46 -6.81
N PRO B 85 -12.89 -2.15 -7.72
CA PRO B 85 -13.23 -1.59 -9.05
C PRO B 85 -14.09 -0.43 -8.86
N LEU B 86 -14.00 0.39 -9.88
CA LEU B 86 -14.65 1.64 -9.86
C LEU B 86 -16.11 1.36 -9.74
N ASP B 87 -16.65 2.00 -8.74
CA ASP B 87 -18.05 2.03 -8.53
C ASP B 87 -18.59 0.75 -7.83
N SER B 88 -17.73 -0.21 -7.51
CA SER B 88 -18.18 -1.37 -6.65
C SER B 88 -18.26 -1.22 -5.13
N GLU B 89 -19.33 -1.80 -4.58
N GLU B 89 -19.34 -1.78 -4.58
CA GLU B 89 -19.48 -2.00 -3.12
CA GLU B 89 -19.51 -1.93 -3.12
C GLU B 89 -18.37 -2.92 -2.59
C GLU B 89 -18.74 -3.16 -2.65
N HIS B 90 -17.74 -2.56 -1.45
N HIS B 90 -18.24 -3.09 -1.42
CA HIS B 90 -16.60 -3.36 -0.90
CA HIS B 90 -17.45 -4.19 -0.90
C HIS B 90 -16.39 -3.41 0.62
C HIS B 90 -17.50 -4.38 0.63
N HIS B 91 -16.46 -4.62 1.14
N HIS B 91 -17.16 -5.59 1.07
CA HIS B 91 -16.43 -4.82 2.55
CA HIS B 91 -17.14 -5.92 2.48
C HIS B 91 -15.70 -6.11 2.94
C HIS B 91 -15.78 -6.52 2.74
N VAL B 92 -14.94 -5.92 4.00
N VAL B 92 -15.23 -6.25 3.93
CA VAL B 92 -13.96 -6.84 4.53
CA VAL B 92 -14.07 -6.94 4.45
C VAL B 92 -14.55 -7.55 5.75
C VAL B 92 -14.56 -7.55 5.73
N ILE B 93 -14.60 -8.87 5.68
CA ILE B 93 -15.19 -9.68 6.72
C ILE B 93 -14.07 -10.42 7.39
N ASN B 94 -13.89 -10.22 8.70
CA ASN B 94 -12.92 -11.00 9.50
C ASN B 94 -13.65 -11.92 10.46
N ASN B 95 -13.73 -13.20 10.09
CA ASN B 95 -14.29 -14.24 10.96
C ASN B 95 -13.27 -14.96 11.82
N ASN B 96 -12.19 -14.32 12.22
CA ASN B 96 -11.10 -15.01 12.87
C ASN B 96 -10.72 -14.30 14.16
N GLN B 97 -9.98 -15.00 14.99
CA GLN B 97 -9.45 -14.49 16.25
C GLN B 97 -8.14 -13.86 16.10
N GLU B 98 -8.17 -12.86 15.32
CA GLU B 98 -6.93 -12.24 15.09
C GLU B 98 -7.34 -11.09 14.25
N ASP B 99 -6.62 -10.02 14.49
CA ASP B 99 -6.85 -8.79 13.74
C ASP B 99 -6.45 -9.07 12.29
N PHE B 100 -7.20 -8.46 11.41
CA PHE B 100 -6.92 -8.46 9.96
C PHE B 100 -6.37 -7.10 9.54
N HIS B 101 -5.14 -7.12 9.02
CA HIS B 101 -4.48 -5.86 8.62
C HIS B 101 -4.34 -5.79 7.10
N PHE B 102 -4.61 -4.58 6.56
CA PHE B 102 -4.43 -4.31 5.13
C PHE B 102 -4.09 -2.85 4.99
N TYR B 103 -3.44 -2.54 3.87
CA TYR B 103 -3.17 -1.14 3.49
C TYR B 103 -4.01 -0.85 2.28
N THR B 104 -4.73 0.28 2.33
CA THR B 104 -5.45 0.76 1.16
C THR B 104 -4.77 2.01 0.56
N ILE B 105 -4.70 2.01 -0.76
N ILE B 105 -4.68 2.00 -0.75
CA ILE B 105 -4.22 3.13 -1.60
CA ILE B 105 -4.22 3.13 -1.58
C ILE B 105 -5.39 3.51 -2.53
C ILE B 105 -5.38 3.51 -2.53
N TRP B 106 -5.70 4.79 -2.64
CA TRP B 106 -6.83 5.25 -3.45
C TRP B 106 -6.34 6.50 -4.21
N TRP B 107 -6.93 6.70 -5.38
CA TRP B 107 -6.47 7.75 -6.30
C TRP B 107 -7.56 8.03 -7.32
N ASP B 108 -7.47 9.21 -7.94
CA ASP B 108 -8.37 9.58 -9.01
C ASP B 108 -7.71 10.71 -9.75
N LYS B 109 -8.47 11.25 -10.69
CA LYS B 109 -8.00 12.37 -11.51
C LYS B 109 -7.73 13.56 -10.62
N GLU B 110 -8.61 13.85 -9.67
CA GLU B 110 -8.35 15.02 -8.85
C GLU B 110 -7.06 14.90 -8.06
N SER B 111 -6.81 13.71 -7.48
CA SER B 111 -5.62 13.52 -6.62
C SER B 111 -4.32 13.61 -7.42
N THR B 112 -4.35 13.08 -8.64
N THR B 112 -4.34 13.09 -8.64
CA THR B 112 -3.20 13.10 -9.52
CA THR B 112 -3.19 13.09 -9.51
C THR B 112 -2.88 14.52 -10.02
C THR B 112 -2.88 14.52 -10.02
N LEU B 113 -3.91 15.23 -10.47
CA LEU B 113 -3.74 16.63 -10.84
C LEU B 113 -3.25 17.49 -9.65
N ASN B 114 -3.92 17.36 -8.50
CA ASN B 114 -3.48 17.97 -7.24
C ASN B 114 -1.98 17.79 -7.07
N PHE B 115 -1.50 16.54 -7.19
CA PHE B 115 -0.07 16.30 -7.09
C PHE B 115 0.80 17.12 -8.09
N LEU B 116 0.41 17.09 -9.36
CA LEU B 116 1.12 17.84 -10.40
C LEU B 116 1.13 19.36 -10.21
N THR B 117 0.03 19.87 -9.68
CA THR B 117 -0.10 21.29 -9.44
C THR B 117 0.84 21.71 -8.32
N ARG B 118 0.97 20.83 -7.32
CA ARG B 118 1.86 21.10 -6.19
C ARG B 118 3.38 21.10 -6.54
N LEU B 119 3.86 20.23 -7.44
CA LEU B 119 5.23 20.42 -7.99
C LEU B 119 5.48 21.79 -8.58
N GLU B 120 4.49 22.29 -9.28
CA GLU B 120 4.70 23.43 -10.11
C GLU B 120 4.64 24.61 -9.18
N GLN B 121 3.78 24.54 -8.19
CA GLN B 121 3.79 25.50 -7.10
C GLN B 121 5.06 25.38 -6.27
NI NI C . 14.41 3.18 -4.48
NA NA D . 7.91 -16.16 7.96
NI NI E . -13.29 2.11 -0.70
N MSE A 2 -9.40 -7.59 -16.44
CA MSE A 2 -9.20 -6.92 -15.15
C MSE A 2 -9.17 -8.00 -14.08
O MSE A 2 -10.24 -8.29 -13.55
CB MSE A 2 -10.41 -6.04 -14.85
CG MSE A 2 -10.47 -5.34 -13.51
SE MSE A 2 -9.85 -3.52 -13.54
CE MSE A 2 -8.09 -3.82 -12.93
HA MSE A 2 -8.40 -6.39 -15.16
HB2 MSE A 2 -10.45 -5.34 -15.53
HB3 MSE A 2 -11.21 -6.58 -14.91
HG2 MSE A 2 -11.39 -5.31 -13.23
HG3 MSE A 2 -9.94 -5.84 -12.86
HE1 MSE A 2 -7.81 -4.62 -13.39
HE2 MSE A 2 -7.52 -3.08 -13.16
HE3 MSE A 2 -8.09 -3.96 -11.98
N ASN A 3 -8.02 -8.63 -13.78
CA ASN A 3 -8.01 -9.53 -12.64
C ASN A 3 -8.31 -8.65 -11.45
N ILE A 4 -9.29 -9.02 -10.63
N ILE A 4 -9.33 -8.98 -10.64
CA ILE A 4 -9.63 -8.29 -9.42
CA ILE A 4 -9.60 -8.25 -9.39
C ILE A 4 -8.69 -8.62 -8.25
C ILE A 4 -8.54 -8.57 -8.34
N ILE A 5 -8.18 -9.84 -8.27
CA ILE A 5 -7.39 -10.39 -7.17
C ILE A 5 -6.19 -11.04 -7.76
N ARG A 6 -5.06 -10.75 -7.15
N ARG A 6 -5.07 -10.76 -7.15
CA ARG A 6 -3.81 -11.45 -7.40
CA ARG A 6 -3.83 -11.45 -7.39
C ARG A 6 -3.37 -12.12 -6.11
C ARG A 6 -3.39 -12.12 -6.11
N LYS A 7 -3.46 -13.43 -6.11
CA LYS A 7 -3.00 -14.24 -4.98
C LYS A 7 -1.50 -14.17 -4.93
N MSE A 8 -0.95 -14.01 -3.75
CA MSE A 8 0.48 -14.04 -3.72
C MSE A 8 1.06 -15.43 -3.95
O MSE A 8 0.58 -16.43 -3.33
CB MSE A 8 1.00 -13.39 -2.48
CG MSE A 8 2.47 -13.53 -2.21
SE MSE A 8 3.57 -12.61 -3.56
CE MSE A 8 3.07 -10.69 -3.01
HA MSE A 8 0.83 -13.48 -4.44
HB2 MSE A 8 0.90 -12.42 -2.59
HB3 MSE A 8 0.52 -13.69 -1.71
HG2 MSE A 8 2.64 -13.09 -1.36
HG3 MSE A 8 2.70 -14.46 -2.19
HE1 MSE A 8 3.23 -10.60 -2.06
HE2 MSE A 8 3.63 -10.09 -3.51
HE3 MSE A 8 2.14 -10.50 -3.22
N ASP A 9 2.07 -15.47 -4.87
CA ASP A 9 2.94 -16.65 -5.17
C ASP A 9 4.36 -16.29 -4.82
N TRP A 10 4.72 -16.68 -3.58
CA TRP A 10 5.98 -16.26 -3.04
C TRP A 10 7.12 -16.80 -3.89
N ASP A 11 6.94 -18.01 -4.40
CA ASP A 11 7.98 -18.64 -5.25
C ASP A 11 8.27 -17.92 -6.60
N SER A 12 7.33 -17.07 -6.92
CA SER A 12 7.34 -16.40 -8.23
C SER A 12 7.98 -15.05 -8.12
N MSE A 13 8.40 -14.65 -6.96
CA MSE A 13 9.11 -13.40 -6.78
C MSE A 13 10.35 -13.42 -7.66
O MSE A 13 10.99 -14.43 -7.92
CB MSE A 13 9.48 -13.22 -5.32
CG MSE A 13 8.20 -12.99 -4.58
SE MSE A 13 8.62 -12.80 -2.71
CE MSE A 13 7.73 -11.08 -2.39
H MSE A 13 8.23 -15.05 -6.22
HA MSE A 13 8.52 -12.67 -7.03
HB2 MSE A 13 9.87 -14.07 -5.04
HB3 MSE A 13 10.11 -12.51 -5.18
HG2 MSE A 13 7.80 -12.16 -4.91
HG3 MSE A 13 7.60 -13.72 -4.69
HE1 MSE A 13 8.35 -10.45 -2.01
HE2 MSE A 13 7.45 -10.77 -3.27
HE3 MSE A 13 6.95 -11.20 -1.83
N VAL A 14 10.67 -12.22 -8.15
CA VAL A 14 11.87 -11.96 -8.92
C VAL A 14 12.91 -11.33 -8.01
N HIS A 15 14.10 -11.91 -8.00
CA HIS A 15 15.20 -11.37 -7.26
C HIS A 15 15.82 -10.21 -8.02
N GLU A 16 15.77 -9.06 -7.36
CA GLU A 16 16.35 -7.82 -7.90
C GLU A 16 16.76 -6.87 -6.77
N TYR A 17 17.78 -6.04 -7.01
CA TYR A 17 18.39 -5.19 -5.99
C TYR A 17 18.51 -5.93 -4.71
N ASP A 18 19.04 -7.14 -4.87
CA ASP A 18 19.46 -8.01 -3.79
C ASP A 18 18.33 -8.38 -2.84
N LEU A 19 17.09 -8.33 -3.30
CA LEU A 19 15.92 -8.72 -2.55
C LEU A 19 14.95 -9.49 -3.42
N ASP A 20 13.90 -10.03 -2.82
CA ASP A 20 12.87 -10.75 -3.53
C ASP A 20 11.61 -9.93 -3.63
N GLY A 21 11.21 -9.65 -4.88
CA GLY A 21 10.07 -8.75 -5.12
C GLY A 21 8.96 -9.39 -5.92
N SER A 22 7.80 -8.81 -5.68
CA SER A 22 6.55 -9.07 -6.45
C SER A 22 6.01 -7.71 -6.88
N ARG A 23 6.31 -7.39 -8.15
CA ARG A 23 5.87 -6.06 -8.68
C ARG A 23 4.39 -6.01 -8.94
N LEU A 24 3.81 -4.86 -8.63
CA LEU A 24 2.39 -4.60 -8.94
C LEU A 24 2.05 -4.70 -10.41
N LEU A 25 2.90 -4.05 -11.18
CA LEU A 25 2.65 -3.94 -12.62
C LEU A 25 3.62 -4.85 -13.30
N PRO A 26 3.29 -5.40 -14.47
CA PRO A 26 2.03 -5.15 -15.19
C PRO A 26 0.81 -5.83 -14.53
N TRP A 27 -0.38 -5.31 -14.86
CA TRP A 27 -1.61 -5.87 -14.37
C TRP A 27 -2.71 -5.38 -15.33
N GLU A 28 -3.29 -6.30 -16.11
CA GLU A 28 -4.23 -5.89 -17.17
C GLU A 28 -5.42 -5.15 -16.60
N GLY A 29 -5.74 -3.99 -17.18
CA GLY A 29 -6.90 -3.22 -16.77
C GLY A 29 -6.64 -2.31 -15.59
N LEU A 30 -5.45 -2.39 -15.01
CA LEU A 30 -5.14 -1.54 -13.83
C LEU A 30 -4.42 -0.31 -14.32
N ASN A 31 -5.05 0.81 -13.99
CA ASN A 31 -4.58 2.18 -14.34
C ASN A 31 -4.17 2.89 -13.06
N THR A 32 -2.87 3.04 -12.86
CA THR A 32 -2.30 3.69 -11.64
C THR A 32 -1.39 4.84 -12.06
N PRO A 33 -1.17 5.79 -11.15
CA PRO A 33 -0.19 6.85 -11.35
C PRO A 33 1.12 6.56 -10.61
N PHE A 34 1.26 5.31 -10.10
CA PHE A 34 2.43 4.87 -9.29
C PHE A 34 2.76 3.45 -9.71
N GLY A 35 3.95 3.05 -9.30
CA GLY A 35 4.38 1.66 -9.38
C GLY A 35 4.49 1.15 -7.93
N GLY A 36 4.60 -0.18 -7.82
CA GLY A 36 4.65 -0.77 -6.50
C GLY A 36 5.37 -2.10 -6.56
N ALA A 37 5.79 -2.55 -5.36
CA ALA A 37 6.33 -3.93 -5.19
C ALA A 37 6.26 -4.32 -3.73
N TRP A 38 5.92 -5.60 -3.59
CA TRP A 38 6.12 -6.28 -2.26
C TRP A 38 7.54 -6.84 -2.26
N CYS A 39 8.29 -6.45 -1.24
CA CYS A 39 9.69 -6.81 -1.13
C CYS A 39 9.99 -7.56 0.17
N ILE A 40 10.92 -8.50 0.02
CA ILE A 40 11.41 -9.30 1.16
C ILE A 40 12.92 -9.23 1.12
N VAL A 41 13.46 -8.74 2.22
CA VAL A 41 14.91 -8.80 2.48
C VAL A 41 15.11 -10.02 3.40
N ARG A 42 15.78 -10.99 2.85
CA ARG A 42 15.91 -12.30 3.54
C ARG A 42 16.76 -12.17 4.77
N PRO A 43 16.65 -13.11 5.71
CA PRO A 43 17.43 -13.02 6.96
C PRO A 43 18.91 -12.85 6.70
N GLU A 44 19.53 -11.94 7.45
CA GLU A 44 21.00 -11.70 7.36
C GLU A 44 21.50 -11.35 5.96
N THR A 45 20.71 -10.47 5.35
CA THR A 45 20.74 -9.93 4.00
C THR A 45 20.71 -8.44 4.04
N LYS A 46 21.24 -7.80 3.00
CA LYS A 46 20.95 -6.37 2.73
C LYS A 46 20.61 -6.19 1.30
N SER A 47 19.76 -5.20 1.02
CA SER A 47 19.32 -4.85 -0.36
C SER A 47 20.29 -3.94 -1.07
N PHE A 48 20.12 -3.75 -2.38
CA PHE A 48 21.08 -2.96 -3.18
C PHE A 48 20.92 -1.45 -3.04
N ARG A 49 22.03 -0.76 -2.81
CA ARG A 49 21.98 0.69 -2.59
C ARG A 49 21.83 1.46 -3.88
N HIS A 50 20.74 2.25 -4.00
CA HIS A 50 20.59 3.01 -5.23
C HIS A 50 19.90 4.28 -4.97
N SER A 51 19.82 5.13 -5.98
CA SER A 51 18.97 6.29 -5.93
C SER A 51 17.56 6.00 -6.46
N HIS A 52 17.05 7.06 -7.10
CA HIS A 52 16.06 7.01 -8.21
C HIS A 52 15.13 8.23 -8.08
N ASN A 53 15.43 9.32 -8.87
CA ASN A 53 14.93 10.75 -8.61
C ASN A 53 13.36 10.75 -8.39
N GLU A 54 12.76 9.62 -8.71
CA GLU A 54 11.37 9.36 -8.46
C GLU A 54 11.15 9.46 -6.95
N TYR A 55 9.91 9.79 -6.57
CA TYR A 55 9.40 9.72 -5.19
C TYR A 55 9.16 8.26 -4.87
N GLU A 56 9.39 7.93 -3.59
CA GLU A 56 9.20 6.56 -3.09
C GLU A 56 8.87 6.62 -1.64
N LEU A 57 8.06 5.68 -1.27
N LEU A 57 8.01 5.68 -1.28
CA LEU A 57 7.83 5.45 0.11
CA LEU A 57 7.42 5.45 0.07
C LEU A 57 7.67 3.95 0.39
C LEU A 57 7.60 3.94 0.39
N PHE A 58 8.07 3.61 1.60
CA PHE A 58 8.04 2.24 2.10
C PHE A 58 6.96 2.14 3.20
N ILE A 59 6.19 1.08 3.07
CA ILE A 59 5.21 0.67 4.10
C ILE A 59 5.77 -0.67 4.70
N VAL A 60 6.20 -0.56 5.95
CA VAL A 60 6.84 -1.74 6.59
C VAL A 60 5.78 -2.70 7.06
N ILE A 61 5.93 -3.93 6.60
CA ILE A 61 4.89 -4.97 6.81
C ILE A 61 5.22 -5.94 7.93
N GLN A 62 6.44 -6.45 7.98
CA GLN A 62 6.74 -7.52 8.97
C GLN A 62 8.24 -7.57 9.14
N GLY A 63 8.66 -7.96 10.35
CA GLY A 63 10.07 -8.03 10.68
C GLY A 63 10.65 -6.76 11.21
N ASN A 64 11.97 -6.73 11.27
CA ASN A 64 12.68 -5.59 11.79
C ASN A 64 13.84 -5.43 10.88
N ALA A 65 14.22 -4.19 10.59
CA ALA A 65 15.38 -3.89 9.79
C ALA A 65 15.91 -2.51 10.07
N ILE A 66 16.95 -2.15 9.30
CA ILE A 66 17.54 -0.79 9.25
C ILE A 66 17.40 -0.26 7.87
N ILE A 67 16.91 0.96 7.77
CA ILE A 67 16.92 1.63 6.49
C ILE A 67 17.97 2.65 6.61
N ARG A 68 18.94 2.53 5.73
CA ARG A 68 20.04 3.48 5.63
C ARG A 68 19.76 4.40 4.49
N ILE A 69 19.61 5.67 4.84
N ILE A 69 19.61 5.67 4.84
CA ILE A 69 19.35 6.74 3.90
CA ILE A 69 19.34 6.76 3.90
C ILE A 69 20.46 7.77 4.04
C ILE A 69 20.46 7.78 4.04
N ASN A 70 21.27 7.88 3.00
CA ASN A 70 22.51 8.67 3.07
C ASN A 70 23.22 8.51 4.42
N ASP A 71 23.62 7.30 4.75
CA ASP A 71 24.41 7.17 6.03
C ASP A 71 23.73 7.73 7.37
N GLU A 72 22.40 7.76 7.36
N GLU A 72 22.39 7.74 7.37
CA GLU A 72 21.60 7.87 8.59
CA GLU A 72 21.58 7.90 8.56
C GLU A 72 20.74 6.63 8.68
C GLU A 72 20.72 6.64 8.69
N ASP A 73 20.73 6.01 9.86
CA ASP A 73 19.98 4.79 10.07
C ASP A 73 18.59 5.11 10.60
N PHE A 74 17.64 4.30 10.17
CA PHE A 74 16.26 4.37 10.69
C PHE A 74 15.88 2.93 11.00
N PRO A 75 15.87 2.54 12.30
CA PRO A 75 15.31 1.21 12.56
C PRO A 75 13.79 1.14 12.39
N VAL A 76 13.31 0.10 11.74
CA VAL A 76 11.90 0.01 11.43
C VAL A 76 11.32 -1.35 11.59
N THR A 77 9.99 -1.35 11.81
CA THR A 77 9.22 -2.59 12.05
C THR A 77 7.80 -2.40 11.51
N LYS A 78 7.03 -3.45 11.37
CA LYS A 78 5.58 -3.39 11.14
C LYS A 78 4.92 -2.09 11.53
N GLY A 79 4.34 -1.53 10.49
CA GLY A 79 3.51 -0.31 10.58
C GLY A 79 4.26 0.94 10.26
N ASP A 80 5.56 0.99 10.34
CA ASP A 80 6.32 2.19 10.08
C ASP A 80 6.26 2.53 8.57
N LEU A 81 6.28 3.84 8.34
N LEU A 81 6.25 3.84 8.34
CA LEU A 81 6.34 4.42 6.99
CA LEU A 81 6.29 4.42 6.99
C LEU A 81 7.56 5.26 6.87
C LEU A 81 7.53 5.27 6.85
N ILE A 82 8.23 5.14 5.73
N ILE A 82 8.19 5.13 5.72
CA ILE A 82 9.39 5.93 5.40
CA ILE A 82 9.44 5.79 5.36
C ILE A 82 9.24 6.50 4.02
C ILE A 82 9.36 6.39 4.00
N ILE A 83 9.68 7.75 3.93
N ILE A 83 9.66 7.67 3.94
CA ILE A 83 9.73 8.45 2.67
CA ILE A 83 9.77 8.40 2.69
C ILE A 83 11.21 8.44 2.23
C ILE A 83 11.24 8.38 2.24
N ILE A 84 11.43 8.02 0.98
CA ILE A 84 12.78 7.89 0.41
C ILE A 84 13.08 9.17 -0.35
N PRO A 85 13.93 10.05 0.24
CA PRO A 85 14.16 11.40 -0.33
C PRO A 85 14.60 11.29 -1.76
N LEU A 86 14.15 12.33 -2.51
CA LEU A 86 14.55 12.56 -3.90
C LEU A 86 16.03 12.48 -3.92
N ASP A 87 16.53 11.53 -4.69
CA ASP A 87 17.97 11.36 -4.86
C ASP A 87 18.72 10.84 -3.65
N SER A 88 17.98 10.45 -2.60
CA SER A 88 18.51 9.78 -1.38
C SER A 88 19.48 8.69 -1.66
N GLU A 89 19.15 7.69 -2.40
CA GLU A 89 20.11 6.47 -1.97
C GLU A 89 19.87 5.84 -0.61
N HIS A 90 19.67 4.59 -0.75
CA HIS A 90 18.98 3.91 0.26
C HIS A 90 19.06 2.50 -0.08
N HIS A 91 18.87 1.71 0.98
CA HIS A 91 18.68 0.34 0.85
C HIS A 91 18.30 -0.09 2.25
N VAL A 92 18.08 -1.39 2.36
N VAL A 92 18.04 -1.38 2.34
CA VAL A 92 17.57 -2.07 3.55
CA VAL A 92 17.58 -2.04 3.57
C VAL A 92 18.51 -3.16 4.11
C VAL A 92 18.58 -3.09 4.11
N ILE A 93 18.71 -3.14 5.43
CA ILE A 93 19.64 -4.05 6.14
C ILE A 93 18.85 -4.85 7.11
N ASN A 94 18.81 -6.16 6.86
CA ASN A 94 18.11 -7.10 7.77
C ASN A 94 19.11 -8.00 8.46
N ASN A 95 19.55 -7.58 9.63
CA ASN A 95 20.55 -8.36 10.35
C ASN A 95 19.99 -9.51 11.10
N ASN A 96 18.69 -9.67 11.08
N ASN A 96 18.67 -9.62 11.17
CA ASN A 96 17.95 -10.58 11.88
CA ASN A 96 18.02 -10.64 11.96
C ASN A 96 17.64 -11.89 11.16
C ASN A 96 17.64 -11.86 11.16
N GLN A 97 17.19 -12.88 11.87
CA GLN A 97 17.00 -14.21 11.32
C GLN A 97 15.58 -14.46 10.75
N GLU A 98 14.74 -13.43 10.75
CA GLU A 98 13.36 -13.49 10.14
C GLU A 98 13.27 -12.58 8.92
N ASP A 99 12.51 -13.00 7.92
CA ASP A 99 12.25 -12.16 6.72
C ASP A 99 11.76 -10.82 7.16
N PHE A 100 12.24 -9.85 6.40
CA PHE A 100 11.77 -8.45 6.49
C PHE A 100 10.95 -8.11 5.24
N HIS A 101 9.69 -7.79 5.51
CA HIS A 101 8.76 -7.47 4.40
C HIS A 101 8.39 -5.98 4.42
N PHE A 102 8.34 -5.39 3.19
CA PHE A 102 7.83 -4.02 3.05
C PHE A 102 7.26 -3.94 1.67
N TYR A 103 6.36 -2.96 1.55
CA TYR A 103 5.82 -2.53 0.26
C TYR A 103 6.40 -1.16 -0.14
N THR A 104 6.86 -1.15 -1.35
CA THR A 104 7.33 0.15 -1.89
C THR A 104 6.35 0.64 -2.98
N ILE A 105 6.10 1.93 -2.93
N ILE A 105 6.11 1.94 -2.94
CA ILE A 105 5.35 2.66 -3.94
CA ILE A 105 5.30 2.68 -3.90
C ILE A 105 6.22 3.81 -4.40
C ILE A 105 6.20 3.81 -4.41
N TRP A 106 6.29 3.96 -5.73
CA TRP A 106 7.13 4.98 -6.31
C TRP A 106 6.30 5.71 -7.42
N TRP A 107 6.65 6.99 -7.64
CA TRP A 107 5.88 7.81 -8.57
C TRP A 107 6.74 8.98 -8.97
N ASP A 108 6.33 9.63 -10.11
CA ASP A 108 6.96 10.87 -10.58
C ASP A 108 5.97 11.47 -11.52
N LYS A 109 6.46 12.49 -12.20
CA LYS A 109 5.67 13.15 -13.30
C LYS A 109 5.46 12.24 -14.48
N GLU A 110 6.48 11.50 -14.85
CA GLU A 110 6.34 10.57 -15.97
C GLU A 110 5.17 9.57 -15.71
N SER A 111 5.01 9.14 -14.46
CA SER A 111 3.99 8.16 -14.12
C SER A 111 2.55 8.73 -13.89
N THR A 112 2.47 9.89 -13.27
N THR A 112 2.47 9.89 -13.26
CA THR A 112 1.19 10.56 -13.01
CA THR A 112 1.21 10.55 -13.01
C THR A 112 0.53 11.07 -14.30
C THR A 112 0.54 11.06 -14.31
N LEU A 113 1.30 11.73 -15.14
CA LEU A 113 0.78 12.15 -16.42
C LEU A 113 0.36 10.97 -17.24
N ASN A 114 1.11 9.87 -17.13
CA ASN A 114 0.77 8.71 -17.92
C ASN A 114 -0.56 8.13 -17.51
N PHE A 115 -0.84 8.13 -16.19
CA PHE A 115 -2.13 7.72 -15.72
C PHE A 115 -3.26 8.54 -16.40
N LEU A 116 -3.10 9.86 -16.32
CA LEU A 116 -4.15 10.75 -16.87
C LEU A 116 -4.31 10.67 -18.37
N THR A 117 -3.20 10.43 -19.03
CA THR A 117 -3.25 10.36 -20.46
C THR A 117 -3.89 9.00 -20.84
N ARG A 118 -3.56 7.94 -20.10
CA ARG A 118 -4.20 6.66 -20.32
C ARG A 118 -5.66 6.67 -19.94
N LEU A 119 -6.03 7.37 -18.89
CA LEU A 119 -7.46 7.43 -18.56
C LEU A 119 -8.31 8.03 -19.66
N GLU A 120 -7.72 8.93 -20.42
CA GLU A 120 -8.46 9.58 -21.43
C GLU A 120 -8.42 8.86 -22.80
N GLN A 121 -7.37 8.09 -23.05
CA GLN A 121 -7.26 7.34 -24.31
C GLN A 121 -8.39 6.33 -24.49
N ASP A 122 -9.10 6.04 -23.40
CA ASP A 122 -10.26 5.13 -23.45
C ASP A 122 -11.52 5.87 -23.01
N MSE B 2 11.52 17.68 5.36
CA MSE B 2 10.41 16.98 6.00
C MSE B 2 10.84 16.08 7.20
O MSE B 2 12.03 16.03 7.53
CB MSE B 2 9.72 16.11 4.95
CG MSE B 2 10.29 16.18 3.58
SE MSE B 2 9.40 14.92 2.51
CE MSE B 2 10.81 14.19 1.43
HA MSE B 2 9.78 17.66 6.30
HB2 MSE B 2 9.78 15.18 5.24
HB3 MSE B 2 8.79 16.37 4.89
HG2 MSE B 2 10.13 17.06 3.22
HG3 MSE B 2 11.24 15.97 3.58
HE1 MSE B 2 11.55 13.96 2.01
HE2 MSE B 2 10.51 13.42 0.95
HE3 MSE B 2 11.09 14.89 0.82
N ASN B 3 9.87 15.38 7.83
CA ASN B 3 10.19 14.19 8.61
C ASN B 3 10.12 13.01 7.68
N ILE B 4 11.18 12.21 7.70
N ILE B 4 11.12 12.15 7.75
CA ILE B 4 11.37 11.04 6.83
CA ILE B 4 11.28 11.05 6.79
C ILE B 4 10.57 9.83 7.26
C ILE B 4 10.52 9.82 7.26
N ILE B 5 10.34 9.72 8.57
CA ILE B 5 9.91 8.49 9.20
C ILE B 5 8.68 8.76 10.00
N ARG B 6 7.66 7.94 9.86
CA ARG B 6 6.56 7.96 10.80
C ARG B 6 6.41 6.55 11.39
N LYS B 7 6.79 6.50 12.63
CA LYS B 7 6.65 5.29 13.39
C LYS B 7 5.22 5.06 13.65
N MSE B 8 4.83 3.84 13.42
CA MSE B 8 3.46 3.50 13.69
C MSE B 8 3.15 3.62 15.18
O MSE B 8 3.84 3.02 16.03
CB MSE B 8 3.20 2.05 13.24
CG MSE B 8 1.82 1.54 13.60
SE MSE B 8 0.27 2.70 12.99
CE MSE B 8 0.28 2.27 10.94
H MSE B 8 5.31 3.22 13.05
HA MSE B 8 2.85 4.06 13.20
HB2 MSE B 8 3.23 1.99 12.28
HB3 MSE B 8 3.90 1.49 13.59
HG2 MSE B 8 1.71 0.68 13.19
HG3 MSE B 8 1.79 1.46 14.56
HE1 MSE B 8 0.30 1.30 10.85
HE2 MSE B 8 -0.52 2.62 10.54
HE3 MSE B 8 1.06 2.64 10.51
N ASP B 9 2.07 4.31 15.53
CA ASP B 9 1.57 4.34 16.93
C ASP B 9 0.24 3.66 16.92
N TRP B 10 0.28 2.42 17.39
CA TRP B 10 -0.89 1.57 17.46
C TRP B 10 -1.89 2.06 18.50
N ASP B 11 -1.51 2.97 19.38
CA ASP B 11 -2.44 3.60 20.31
C ASP B 11 -3.20 4.79 19.76
N SER B 12 -2.93 5.14 18.52
CA SER B 12 -3.51 6.34 17.94
C SER B 12 -4.28 6.01 16.69
N MSE B 13 -4.80 4.84 16.51
CA MSE B 13 -5.68 4.55 15.39
C MSE B 13 -6.99 5.36 15.59
O MSE B 13 -7.38 5.80 16.66
CB MSE B 13 -6.03 3.08 15.31
CG MSE B 13 -4.86 2.07 15.51
SE MSE B 13 -3.32 2.37 14.32
CE MSE B 13 -3.78 1.24 12.79
H MSE B 13 -4.67 4.18 17.05
HA MSE B 13 -5.30 4.80 14.55
HB2 MSE B 13 -6.71 2.94 15.99
HB3 MSE B 13 -6.38 2.85 14.45
HG2 MSE B 13 -4.54 2.11 16.43
HG3 MSE B 13 -5.13 1.18 15.23
HE1 MSE B 13 -3.23 1.52 12.04
HE2 MSE B 13 -3.64 0.30 12.96
HE3 MSE B 13 -4.73 1.39 12.57
N VAL B 14 -7.61 5.64 14.46
CA VAL B 14 -8.88 6.33 14.40
C VAL B 14 -9.91 5.42 13.79
N HIS B 15 -10.99 5.24 14.50
CA HIS B 15 -12.07 4.39 14.05
C HIS B 15 -12.88 5.11 12.96
N GLU B 16 -13.05 4.42 11.87
N GLU B 16 -13.03 4.42 11.85
CA GLU B 16 -13.86 4.97 10.75
CA GLU B 16 -13.78 4.95 10.71
C GLU B 16 -14.13 3.83 9.83
C GLU B 16 -14.89 3.93 10.43
N TYR B 17 -15.27 3.86 9.14
N TYR B 17 -15.99 4.10 11.17
CA TYR B 17 -15.58 2.84 8.17
CA TYR B 17 -17.23 3.38 10.99
C TYR B 17 -15.58 1.44 8.87
C TYR B 17 -17.19 1.97 11.56
N ASP B 18 -15.97 1.45 10.13
N ASP B 18 -16.25 1.19 11.05
CA ASP B 18 -16.13 0.23 10.95
CA ASP B 18 -16.21 -0.22 11.27
C ASP B 18 -14.86 -0.65 11.17
C ASP B 18 -14.79 -0.81 11.15
N LEU B 19 -13.73 0.02 11.18
CA LEU B 19 -12.42 -0.50 11.32
C LEU B 19 -11.56 0.55 12.01
N ASP B 20 -10.35 0.17 12.40
CA ASP B 20 -9.44 1.08 13.07
C ASP B 20 -8.27 1.33 12.17
N GLY B 21 -8.04 2.63 11.84
CA GLY B 21 -7.09 3.01 10.77
C GLY B 21 -6.08 4.04 11.20
N SER B 22 -5.08 4.12 10.35
CA SER B 22 -4.02 5.16 10.42
C SER B 22 -3.79 5.70 8.99
N ARG B 23 -4.29 6.90 8.75
CA ARG B 23 -4.18 7.52 7.42
C ARG B 23 -2.77 7.99 7.16
N LEU B 24 -2.38 7.84 5.91
CA LEU B 24 -1.11 8.39 5.42
C LEU B 24 -1.00 9.92 5.53
N LEU B 25 -2.09 10.56 5.13
CA LEU B 25 -2.20 12.04 5.05
C LEU B 25 -3.04 12.60 6.17
N PRO B 26 -2.71 13.80 6.65
CA PRO B 26 -1.66 14.65 6.15
C PRO B 26 -0.28 14.26 6.63
N TRP B 27 0.72 14.61 5.86
CA TRP B 27 2.14 14.45 6.17
C TRP B 27 2.90 15.63 5.59
N GLU B 28 3.42 16.50 6.47
CA GLU B 28 4.20 17.69 6.11
C GLU B 28 5.32 17.35 5.11
N GLY B 29 5.24 17.95 3.93
CA GLY B 29 6.33 17.84 2.95
C GLY B 29 6.19 16.76 1.89
N LEU B 30 5.19 15.90 2.04
CA LEU B 30 5.04 14.72 1.18
C LEU B 30 4.07 15.00 0.04
N ASN B 31 4.59 14.98 -1.18
CA ASN B 31 3.83 15.20 -2.41
C ASN B 31 3.41 13.85 -3.01
N THR B 32 2.15 13.47 -2.87
CA THR B 32 1.63 12.20 -3.47
C THR B 32 0.40 12.38 -4.40
N PRO B 33 0.24 11.49 -5.36
CA PRO B 33 -0.96 11.53 -6.19
C PRO B 33 -2.04 10.57 -5.74
N PHE B 34 -1.86 10.01 -4.52
CA PHE B 34 -2.79 9.02 -3.91
C PHE B 34 -2.93 9.30 -2.43
N GLY B 35 -3.97 8.74 -1.86
CA GLY B 35 -4.12 8.63 -0.39
C GLY B 35 -3.90 7.19 0.03
N GLY B 36 -3.73 7.05 1.36
CA GLY B 36 -3.43 5.73 1.94
C GLY B 36 -3.95 5.65 3.33
N ALA B 37 -4.10 4.39 3.74
CA ALA B 37 -4.39 4.09 5.15
C ALA B 37 -4.01 2.65 5.47
N TRP B 38 -3.48 2.51 6.70
CA TRP B 38 -3.30 1.18 7.34
C TRP B 38 -4.55 0.90 8.11
N CYS B 39 -5.17 -0.20 7.79
CA CYS B 39 -6.45 -0.56 8.37
C CYS B 39 -6.45 -1.89 9.11
N ILE B 40 -7.20 -1.90 10.21
CA ILE B 40 -7.31 -3.11 11.03
C ILE B 40 -8.80 -3.38 11.19
N VAL B 41 -9.20 -4.57 10.72
CA VAL B 41 -10.54 -5.09 10.90
C VAL B 41 -10.41 -6.05 12.12
N ARG B 42 -11.08 -5.68 13.17
CA ARG B 42 -10.92 -6.43 14.43
C ARG B 42 -11.62 -7.79 14.31
N PRO B 43 -11.31 -8.71 15.28
CA PRO B 43 -11.84 -10.08 15.19
C PRO B 43 -13.33 -10.09 15.21
N GLU B 44 -13.88 -10.94 14.38
CA GLU B 44 -15.34 -11.14 14.32
C GLU B 44 -16.17 -9.91 14.05
N THR B 45 -15.65 -9.14 13.11
CA THR B 45 -16.28 -7.91 12.59
C THR B 45 -16.11 -7.84 11.11
N LYS B 46 -16.89 -6.90 10.56
N LYS B 46 -16.83 -6.88 10.56
CA LYS B 46 -16.86 -6.51 9.16
CA LYS B 46 -16.64 -6.54 9.20
C LYS B 46 -16.78 -4.97 9.06
C LYS B 46 -16.76 -5.07 8.99
N SER B 47 -16.25 -4.51 7.95
N SER B 47 -16.14 -4.70 7.88
CA SER B 47 -16.15 -3.03 7.65
CA SER B 47 -16.23 -3.38 7.29
C SER B 47 -17.46 -2.41 7.08
C SER B 47 -17.04 -3.49 6.01
N PHE B 48 -17.51 -1.08 6.96
N PHE B 48 -17.80 -2.41 5.77
CA PHE B 48 -18.70 -0.42 6.41
CA PHE B 48 -18.57 -2.22 4.56
C PHE B 48 -18.71 -0.41 4.87
C PHE B 48 -18.23 -0.82 4.07
N ARG B 49 -19.83 -0.86 4.34
N ARG B 49 -18.09 -0.67 2.75
CA ARG B 49 -19.99 -1.12 2.93
CA ARG B 49 -17.71 0.58 2.16
C ARG B 49 -20.10 0.22 2.26
C ARG B 49 -18.32 0.49 0.80
N HIS B 50 -19.27 0.45 1.25
N HIS B 50 -19.16 1.47 0.45
CA HIS B 50 -19.65 1.49 0.31
CA HIS B 50 -20.05 1.21 -0.65
C HIS B 50 -18.91 1.40 -1.03
C HIS B 50 -19.48 1.91 -1.82
N SER B 51 -19.20 2.37 -1.87
N SER B 51 -20.15 1.76 -2.96
CA SER B 51 -18.69 2.37 -3.23
CA SER B 51 -19.63 2.23 -4.25
C SER B 51 -18.23 3.77 -3.60
C SER B 51 -19.11 3.67 -4.23
N HIS B 52 -17.40 3.85 -4.64
N HIS B 52 -17.80 3.85 -4.45
CA HIS B 52 -17.09 5.12 -5.30
CA HIS B 52 -17.22 5.19 -4.66
C HIS B 52 -16.33 5.07 -6.64
C HIS B 52 -16.41 5.36 -5.96
N ASN B 53 -16.47 6.13 -7.41
N ASN B 53 -16.21 6.62 -6.33
CA ASN B 53 -15.91 6.24 -8.75
CA ASN B 53 -15.64 6.95 -7.64
C ASN B 53 -14.40 6.70 -8.63
C ASN B 53 -14.10 6.82 -7.73
N GLU B 54 -13.84 6.52 -7.42
N GLU B 54 -13.39 7.03 -6.64
CA GLU B 54 -12.40 6.61 -7.12
CA GLU B 54 -11.95 6.81 -6.62
C GLU B 54 -11.77 5.21 -7.26
C GLU B 54 -11.54 5.35 -6.84
N TYR B 55 -10.50 5.16 -7.67
CA TYR B 55 -9.73 3.88 -7.74
C TYR B 55 -9.16 3.57 -6.37
N GLU B 56 -9.06 2.26 -6.11
CA GLU B 56 -8.57 1.78 -4.80
C GLU B 56 -7.98 0.42 -5.01
N LEU B 57 -6.94 0.16 -4.20
CA LEU B 57 -6.53 -1.23 -4.05
C LEU B 57 -6.09 -1.50 -2.64
N PHE B 58 -6.13 -2.80 -2.30
CA PHE B 58 -5.77 -3.27 -0.98
C PHE B 58 -4.55 -4.17 -1.12
N ILE B 59 -3.67 -3.97 -0.16
CA ILE B 59 -2.48 -4.82 0.03
C ILE B 59 -2.68 -5.54 1.39
N VAL B 60 -2.81 -6.86 1.32
CA VAL B 60 -3.16 -7.65 2.52
C VAL B 60 -1.89 -7.97 3.33
N ILE B 61 -1.92 -7.48 4.55
CA ILE B 61 -0.72 -7.48 5.42
C ILE B 61 -0.69 -8.65 6.43
N GLN B 62 -1.77 -8.93 7.15
CA GLN B 62 -1.73 -9.94 8.19
C GLN B 62 -3.10 -10.44 8.40
N GLY B 63 -3.19 -11.74 8.70
CA GLY B 63 -4.45 -12.39 9.02
C GLY B 63 -5.17 -12.93 7.78
N ASN B 64 -6.44 -13.17 7.99
CA ASN B 64 -7.26 -13.73 6.91
C ASN B 64 -8.62 -13.08 6.92
N ALA B 65 -9.17 -12.81 5.75
CA ALA B 65 -10.49 -12.21 5.66
C ALA B 65 -11.13 -12.68 4.40
N ILE B 66 -12.40 -12.28 4.26
CA ILE B 66 -13.16 -12.46 3.00
C ILE B 66 -13.45 -11.01 2.53
N ILE B 67 -12.96 -10.63 1.34
CA ILE B 67 -13.38 -9.41 0.68
C ILE B 67 -14.50 -9.85 -0.26
N ARG B 68 -15.67 -9.25 -0.11
CA ARG B 68 -16.73 -9.46 -1.10
C ARG B 68 -16.84 -8.14 -1.88
N ILE B 69 -16.56 -8.28 -3.15
CA ILE B 69 -16.61 -7.14 -4.07
C ILE B 69 -17.85 -7.43 -4.86
N ASN B 70 -18.84 -6.58 -4.60
N ASN B 70 -18.89 -6.63 -4.65
CA ASN B 70 -20.24 -6.71 -5.05
CA ASN B 70 -20.18 -6.79 -5.35
C ASN B 70 -20.88 -7.93 -4.39
C ASN B 70 -20.72 -8.23 -5.27
N ASP B 71 -21.21 -8.98 -5.15
N ASP B 71 -20.76 -8.75 -4.06
CA ASP B 71 -21.84 -10.16 -4.56
CA ASP B 71 -21.31 -10.08 -3.82
C ASP B 71 -20.93 -11.38 -4.60
C ASP B 71 -20.57 -11.27 -4.47
N GLU B 72 -19.62 -11.14 -4.72
N GLU B 72 -19.30 -11.05 -4.83
CA GLU B 72 -18.65 -12.20 -4.93
CA GLU B 72 -18.34 -12.12 -5.13
C GLU B 72 -17.57 -12.19 -3.85
C GLU B 72 -17.35 -12.24 -3.96
N ASP B 73 -17.44 -13.31 -3.17
CA ASP B 73 -16.50 -13.47 -2.08
C ASP B 73 -15.10 -13.80 -2.59
N PHE B 74 -14.09 -13.10 -2.06
CA PHE B 74 -12.70 -13.48 -2.34
C PHE B 74 -11.96 -13.70 -1.02
N PRO B 75 -11.66 -14.98 -0.64
CA PRO B 75 -10.78 -15.06 0.53
C PRO B 75 -9.41 -14.46 0.30
N VAL B 76 -8.84 -13.87 1.34
CA VAL B 76 -7.53 -13.21 1.23
C VAL B 76 -6.70 -13.33 2.51
N THR B 77 -5.40 -13.20 2.33
N THR B 77 -5.43 -13.02 2.35
CA THR B 77 -4.45 -13.23 3.41
CA THR B 77 -4.47 -13.08 3.40
C THR B 77 -3.17 -12.65 2.93
C THR B 77 -3.16 -12.60 2.91
N LYS B 78 -2.14 -12.73 3.73
CA LYS B 78 -0.89 -12.00 3.52
C LYS B 78 -0.32 -12.16 2.16
N GLY B 79 -0.09 -11.00 1.53
CA GLY B 79 0.54 -10.90 0.23
C GLY B 79 -0.45 -10.70 -0.89
N ASP B 80 -1.71 -11.00 -0.69
CA ASP B 80 -2.71 -10.82 -1.74
C ASP B 80 -2.96 -9.33 -1.98
N LEU B 81 -3.17 -9.02 -3.26
CA LEU B 81 -3.59 -7.67 -3.72
C LEU B 81 -4.97 -7.80 -4.34
N ILE B 82 -5.81 -6.82 -4.04
N ILE B 82 -5.82 -6.83 -4.05
CA ILE B 82 -7.14 -6.68 -4.61
CA ILE B 82 -7.13 -6.77 -4.67
C ILE B 82 -7.31 -5.30 -5.20
C ILE B 82 -7.44 -5.35 -5.16
N ILE B 83 -7.78 -5.26 -6.44
CA ILE B 83 -8.31 -4.05 -7.12
C ILE B 83 -9.79 -3.90 -6.82
N ILE B 84 -10.20 -2.72 -6.35
CA ILE B 84 -11.63 -2.42 -6.06
C ILE B 84 -12.24 -1.73 -7.33
N PRO B 85 -12.99 -2.47 -8.15
CA PRO B 85 -13.46 -1.76 -9.33
C PRO B 85 -14.42 -0.65 -8.94
N LEU B 86 -14.64 0.14 -9.97
CA LEU B 86 -15.16 1.48 -9.81
C LEU B 86 -16.58 1.48 -9.26
N ASP B 87 -16.80 2.39 -8.32
CA ASP B 87 -18.02 2.47 -7.57
C ASP B 87 -18.51 1.09 -7.25
N SER B 88 -17.60 0.24 -6.89
CA SER B 88 -18.02 -1.06 -6.30
C SER B 88 -18.22 -0.90 -4.83
N GLU B 89 -19.27 -1.56 -4.34
N GLU B 89 -19.21 -1.62 -4.29
CA GLU B 89 -19.42 -1.77 -2.91
CA GLU B 89 -19.28 -1.85 -2.82
C GLU B 89 -18.28 -2.66 -2.42
C GLU B 89 -18.33 -2.97 -2.43
N HIS B 90 -17.53 -2.16 -1.43
N HIS B 90 -17.79 -2.88 -1.21
CA HIS B 90 -16.55 -2.98 -0.73
CA HIS B 90 -16.95 -3.96 -0.66
C HIS B 90 -16.63 -2.88 0.76
C HIS B 90 -17.34 -4.31 0.78
N HIS B 91 -16.15 -3.97 1.36
N HIS B 91 -17.10 -5.57 1.14
CA HIS B 91 -15.95 -4.04 2.75
CA HIS B 91 -17.23 -6.07 2.48
C HIS B 91 -15.12 -5.30 2.98
C HIS B 91 -15.89 -6.67 2.78
N VAL B 92 -14.84 -5.60 4.24
N VAL B 92 -15.32 -6.30 3.92
CA VAL B 92 -13.92 -6.67 4.63
CA VAL B 92 -14.12 -6.93 4.46
C VAL B 92 -14.48 -7.53 5.79
C VAL B 92 -14.54 -7.56 5.74
N ILE B 93 -14.54 -8.87 5.65
CA ILE B 93 -15.12 -9.74 6.69
C ILE B 93 -14.02 -10.52 7.36
N ASN B 94 -13.85 -10.25 8.66
CA ASN B 94 -12.90 -11.01 9.48
C ASN B 94 -13.66 -11.91 10.45
N ASN B 95 -13.72 -13.19 10.08
CA ASN B 95 -14.20 -14.25 10.99
C ASN B 95 -13.13 -14.87 11.92
N ASN B 96 -11.85 -14.50 11.77
CA ASN B 96 -10.62 -14.98 12.49
C ASN B 96 -10.48 -14.34 13.87
N GLN B 97 -9.92 -15.07 14.80
CA GLN B 97 -9.80 -14.57 16.16
C GLN B 97 -8.74 -13.61 16.33
N GLU B 98 -8.08 -13.25 15.18
CA GLU B 98 -6.99 -12.30 15.10
C GLU B 98 -7.28 -11.13 14.18
N ASP B 99 -6.60 -10.05 14.47
CA ASP B 99 -6.79 -8.81 13.68
C ASP B 99 -6.33 -9.05 12.27
N PHE B 100 -7.14 -8.50 11.39
CA PHE B 100 -6.90 -8.48 9.94
C PHE B 100 -6.36 -7.10 9.54
N HIS B 101 -5.14 -7.11 9.03
CA HIS B 101 -4.47 -5.85 8.62
C HIS B 101 -4.35 -5.78 7.10
N PHE B 102 -4.62 -4.57 6.55
CA PHE B 102 -4.43 -4.33 5.11
C PHE B 102 -4.11 -2.87 5.00
N TYR B 103 -3.44 -2.55 3.88
CA TYR B 103 -3.21 -1.14 3.47
C TYR B 103 -4.09 -0.85 2.27
N THR B 104 -4.70 0.32 2.28
CA THR B 104 -5.47 0.76 1.13
C THR B 104 -4.76 2.00 0.57
N ILE B 105 -4.72 2.00 -0.76
N ILE B 105 -4.74 2.03 -0.76
CA ILE B 105 -4.23 3.12 -1.62
CA ILE B 105 -4.26 3.14 -1.58
C ILE B 105 -5.41 3.49 -2.52
C ILE B 105 -5.40 3.50 -2.53
N TRP B 106 -5.73 4.79 -2.61
CA TRP B 106 -6.84 5.27 -3.42
C TRP B 106 -6.31 6.49 -4.20
N TRP B 107 -6.93 6.71 -5.38
CA TRP B 107 -6.46 7.74 -6.33
C TRP B 107 -7.56 8.01 -7.33
N ASP B 108 -7.44 9.19 -8.02
CA ASP B 108 -8.40 9.67 -9.01
C ASP B 108 -7.64 10.60 -9.86
N LYS B 109 -8.40 11.14 -10.81
CA LYS B 109 -7.87 12.25 -11.67
C LYS B 109 -7.46 13.46 -10.84
N GLU B 110 -8.31 13.86 -9.90
CA GLU B 110 -8.05 15.02 -9.01
C GLU B 110 -6.83 14.91 -8.08
N SER B 111 -6.70 13.75 -7.45
CA SER B 111 -5.53 13.48 -6.57
C SER B 111 -4.24 13.60 -7.42
N THR B 112 -4.31 13.07 -8.62
N THR B 112 -4.30 13.07 -8.62
CA THR B 112 -3.17 13.07 -9.54
CA THR B 112 -3.15 13.08 -9.52
C THR B 112 -2.87 14.50 -10.04
C THR B 112 -2.86 14.50 -10.04
N LEU B 113 -3.89 15.17 -10.55
CA LEU B 113 -3.74 16.54 -10.93
C LEU B 113 -3.21 17.38 -9.78
N ASN B 114 -3.72 17.16 -8.56
CA ASN B 114 -3.20 17.98 -7.49
C ASN B 114 -1.73 17.78 -7.21
N PHE B 115 -1.27 16.52 -7.26
CA PHE B 115 0.14 16.26 -7.09
C PHE B 115 0.94 17.12 -8.11
N LEU B 116 0.45 17.09 -9.36
CA LEU B 116 1.12 17.84 -10.44
C LEU B 116 1.12 19.36 -10.25
N THR B 117 0.02 19.84 -9.69
CA THR B 117 -0.12 21.27 -9.46
C THR B 117 0.79 21.68 -8.34
N ARG B 118 0.78 20.87 -7.27
CA ARG B 118 1.54 21.23 -6.10
C ARG B 118 3.03 21.13 -6.38
N LEU B 119 3.48 20.21 -7.25
CA LEU B 119 4.88 20.26 -7.63
C LEU B 119 5.23 21.47 -8.50
N GLU B 120 4.29 21.92 -9.31
CA GLU B 120 4.54 23.08 -10.12
C GLU B 120 4.59 24.34 -9.24
N GLN B 121 3.79 24.37 -8.19
CA GLN B 121 3.86 25.45 -7.21
C GLN B 121 5.29 25.61 -6.70
NI NI C . 14.42 3.18 -4.50
NA NA D . 7.92 -16.12 8.01
NI NI E . -13.35 1.96 -0.73
N MSE A 2 -11.48 -9.42 -16.32
CA MSE A 2 -10.23 -8.82 -15.90
C MSE A 2 -9.95 -9.24 -14.43
O MSE A 2 -10.88 -9.63 -13.70
CB MSE A 2 -10.25 -7.29 -16.15
CG MSE A 2 -10.97 -6.36 -15.15
SE MSE A 2 -10.74 -4.51 -15.82
CE MSE A 2 -8.94 -4.37 -15.30
HA MSE A 2 -9.53 -9.18 -16.46
HB2 MSE A 2 -9.33 -7.00 -16.18
HB3 MSE A 2 -10.64 -7.12 -17.02
HG2 MSE A 2 -11.91 -6.58 -15.08
HG3 MSE A 2 -10.54 -6.40 -14.28
HE1 MSE A 2 -8.86 -4.78 -14.42
HE2 MSE A 2 -8.43 -4.90 -15.93
HE3 MSE A 2 -8.71 -3.46 -15.29
N ASN A 3 -8.67 -9.25 -14.03
CA ASN A 3 -8.29 -9.71 -12.68
C ASN A 3 -8.60 -8.68 -11.63
N ILE A 4 -9.15 -9.16 -10.53
N ILE A 4 -9.24 -9.14 -10.56
CA ILE A 4 -9.52 -8.37 -9.37
CA ILE A 4 -9.51 -8.34 -9.36
C ILE A 4 -8.56 -8.68 -8.23
C ILE A 4 -8.50 -8.67 -8.27
N ILE A 5 -8.27 -9.96 -8.07
CA ILE A 5 -7.36 -10.44 -7.06
C ILE A 5 -6.15 -10.99 -7.75
N ARG A 6 -5.02 -10.78 -7.11
N ARG A 6 -5.01 -10.76 -7.12
CA ARG A 6 -3.80 -11.48 -7.41
CA ARG A 6 -3.80 -11.50 -7.41
C ARG A 6 -3.35 -12.15 -6.13
C ARG A 6 -3.38 -12.16 -6.11
N LYS A 7 -3.38 -13.48 -6.10
CA LYS A 7 -2.84 -14.22 -4.97
C LYS A 7 -1.36 -14.04 -4.94
N MSE A 8 -0.78 -14.00 -3.76
CA MSE A 8 0.66 -13.89 -3.75
C MSE A 8 1.37 -15.21 -4.12
O MSE A 8 1.01 -16.22 -3.57
CB MSE A 8 1.09 -13.40 -2.40
CG MSE A 8 2.52 -13.56 -2.17
SE MSE A 8 3.54 -12.71 -3.57
CE MSE A 8 3.37 -11.01 -2.67
HA MSE A 8 0.93 -13.22 -4.40
HB2 MSE A 8 0.93 -12.45 -2.37
HB3 MSE A 8 0.61 -13.85 -1.71
HG2 MSE A 8 2.74 -13.10 -1.34
HG3 MSE A 8 2.75 -14.50 -2.12
HE1 MSE A 8 3.44 -11.11 -1.71
HE2 MSE A 8 4.09 -10.43 -2.98
HE3 MSE A 8 2.52 -10.59 -2.89
N ASP A 9 2.39 -15.20 -4.98
CA ASP A 9 3.19 -16.41 -5.30
C ASP A 9 4.59 -16.11 -4.86
N TRP A 10 4.84 -16.49 -3.60
CA TRP A 10 6.10 -16.16 -2.98
C TRP A 10 7.19 -16.77 -3.83
N ASP A 11 6.90 -17.93 -4.40
CA ASP A 11 7.91 -18.57 -5.25
C ASP A 11 8.08 -17.90 -6.64
N SER A 12 7.13 -17.03 -6.97
CA SER A 12 7.17 -16.30 -8.25
C SER A 12 7.96 -15.01 -8.10
N MSE A 13 8.39 -14.67 -6.93
CA MSE A 13 9.09 -13.40 -6.75
C MSE A 13 10.35 -13.39 -7.58
O MSE A 13 11.03 -14.38 -7.76
CB MSE A 13 9.39 -13.22 -5.28
CG MSE A 13 8.11 -12.95 -4.53
SE MSE A 13 8.61 -12.82 -2.72
CE MSE A 13 7.56 -11.19 -2.33
H MSE A 13 8.27 -15.10 -6.20
HA MSE A 13 8.50 -12.69 -7.02
HB2 MSE A 13 9.74 -14.06 -4.96
HB3 MSE A 13 10.03 -12.52 -5.11
HG2 MSE A 13 7.71 -12.11 -4.84
HG3 MSE A 13 7.48 -13.69 -4.65
HE1 MSE A 13 7.34 -10.77 -3.18
HE2 MSE A 13 6.75 -11.40 -1.86
HE3 MSE A 13 8.11 -10.59 -1.80
N VAL A 14 10.64 -12.21 -8.14
CA VAL A 14 11.82 -11.98 -8.96
C VAL A 14 12.87 -11.34 -8.06
N HIS A 15 14.06 -11.94 -8.04
CA HIS A 15 15.16 -11.41 -7.30
C HIS A 15 15.73 -10.22 -8.06
N GLU A 16 15.57 -9.08 -7.43
CA GLU A 16 16.01 -7.79 -7.99
C GLU A 16 16.40 -6.89 -6.82
N TYR A 17 17.39 -6.03 -7.07
CA TYR A 17 18.03 -5.21 -6.04
C TYR A 17 18.46 -5.97 -4.78
N ASP A 18 18.92 -7.20 -5.00
CA ASP A 18 19.36 -8.10 -3.92
C ASP A 18 18.30 -8.39 -2.87
N LEU A 19 17.06 -8.31 -3.29
CA LEU A 19 15.94 -8.72 -2.49
C LEU A 19 14.96 -9.45 -3.38
N ASP A 20 13.92 -10.01 -2.80
CA ASP A 20 12.91 -10.73 -3.53
C ASP A 20 11.67 -9.88 -3.64
N GLY A 21 11.19 -9.69 -4.87
CA GLY A 21 10.08 -8.76 -5.09
C GLY A 21 8.96 -9.37 -5.91
N SER A 22 7.78 -8.80 -5.67
CA SER A 22 6.58 -9.04 -6.48
C SER A 22 6.04 -7.68 -6.91
N ARG A 23 6.34 -7.35 -8.15
CA ARG A 23 5.93 -6.02 -8.68
C ARG A 23 4.44 -5.98 -8.93
N LEU A 24 3.83 -4.86 -8.60
CA LEU A 24 2.42 -4.60 -8.93
C LEU A 24 2.10 -4.71 -10.41
N LEU A 25 2.93 -4.07 -11.19
CA LEU A 25 2.68 -3.94 -12.62
C LEU A 25 3.61 -4.85 -13.37
N PRO A 26 3.21 -5.29 -14.57
CA PRO A 26 1.90 -5.05 -15.19
C PRO A 26 0.72 -5.72 -14.45
N TRP A 27 -0.43 -5.06 -14.51
CA TRP A 27 -1.69 -5.60 -14.06
C TRP A 27 -2.69 -5.12 -15.08
N GLU A 28 -3.03 -5.99 -16.01
CA GLU A 28 -3.83 -5.56 -17.13
C GLU A 28 -5.16 -4.98 -16.64
N GLY A 29 -5.49 -3.82 -17.22
CA GLY A 29 -6.67 -3.03 -16.93
C GLY A 29 -6.61 -2.21 -15.65
N LEU A 30 -5.51 -2.34 -14.93
CA LEU A 30 -5.23 -1.47 -13.78
C LEU A 30 -4.44 -0.28 -14.29
N ASN A 31 -4.98 0.88 -14.00
CA ASN A 31 -4.38 2.16 -14.35
C ASN A 31 -4.06 2.92 -13.06
N THR A 32 -2.78 3.10 -12.83
CA THR A 32 -2.25 3.71 -11.61
C THR A 32 -1.27 4.83 -11.97
N PRO A 33 -1.17 5.84 -11.11
CA PRO A 33 -0.18 6.89 -11.31
C PRO A 33 1.14 6.58 -10.58
N PHE A 34 1.25 5.33 -10.08
CA PHE A 34 2.41 4.89 -9.29
C PHE A 34 2.74 3.46 -9.67
N GLY A 35 3.95 3.05 -9.33
CA GLY A 35 4.36 1.65 -9.36
C GLY A 35 4.49 1.14 -7.92
N GLY A 36 4.57 -0.18 -7.80
CA GLY A 36 4.61 -0.79 -6.48
C GLY A 36 5.34 -2.12 -6.53
N ALA A 37 5.80 -2.56 -5.35
CA ALA A 37 6.32 -3.93 -5.19
C ALA A 37 6.27 -4.34 -3.74
N TRP A 38 5.90 -5.61 -3.57
CA TRP A 38 6.10 -6.29 -2.26
C TRP A 38 7.51 -6.85 -2.26
N CYS A 39 8.28 -6.46 -1.25
CA CYS A 39 9.68 -6.84 -1.15
C CYS A 39 9.99 -7.56 0.15
N ILE A 40 10.91 -8.51 0.01
CA ILE A 40 11.41 -9.28 1.16
C ILE A 40 12.91 -9.23 1.11
N VAL A 41 13.46 -8.74 2.22
CA VAL A 41 14.91 -8.82 2.46
C VAL A 41 15.10 -10.01 3.39
N ARG A 42 15.78 -10.99 2.85
CA ARG A 42 15.92 -12.29 3.54
C ARG A 42 16.79 -12.15 4.77
N PRO A 43 16.65 -13.10 5.71
CA PRO A 43 17.43 -13.02 6.95
C PRO A 43 18.92 -12.86 6.71
N GLU A 44 19.54 -11.96 7.46
CA GLU A 44 20.99 -11.71 7.37
C GLU A 44 21.49 -11.35 6.01
N THR A 45 20.69 -10.50 5.36
CA THR A 45 21.06 -9.95 4.06
C THR A 45 20.74 -8.46 4.05
N LYS A 46 21.27 -7.79 3.05
CA LYS A 46 20.92 -6.39 2.81
C LYS A 46 20.57 -6.21 1.34
N SER A 47 19.78 -5.16 1.04
CA SER A 47 19.31 -4.90 -0.33
C SER A 47 20.26 -3.96 -1.03
N PHE A 48 20.11 -3.83 -2.35
CA PHE A 48 21.05 -3.11 -3.19
C PHE A 48 20.78 -1.61 -3.20
N ARG A 49 21.82 -0.83 -2.94
CA ARG A 49 21.69 0.61 -2.71
C ARG A 49 21.46 1.38 -4.02
N HIS A 50 20.40 2.21 -4.03
CA HIS A 50 19.91 2.96 -5.21
C HIS A 50 19.87 4.42 -4.81
N SER A 51 20.01 5.36 -5.77
CA SER A 51 19.45 6.74 -5.66
C SER A 51 18.64 7.06 -6.91
N HIS A 52 17.69 7.97 -6.79
CA HIS A 52 16.88 8.37 -7.96
C HIS A 52 16.01 9.63 -7.74
N ASN A 53 15.60 10.26 -8.85
CA ASN A 53 14.68 11.40 -8.88
C ASN A 53 13.24 11.05 -8.44
N GLU A 54 12.78 9.87 -8.83
CA GLU A 54 11.45 9.36 -8.49
C GLU A 54 11.18 9.41 -6.98
N TYR A 55 9.96 9.79 -6.60
CA TYR A 55 9.45 9.73 -5.20
C TYR A 55 9.20 8.27 -4.87
N GLU A 56 9.38 7.95 -3.59
CA GLU A 56 9.21 6.58 -3.12
C GLU A 56 8.87 6.62 -1.64
N LEU A 57 8.03 5.68 -1.26
N LEU A 57 8.00 5.67 -1.26
CA LEU A 57 7.83 5.43 0.14
CA LEU A 57 7.50 5.45 0.11
C LEU A 57 7.66 3.94 0.41
C LEU A 57 7.57 3.93 0.42
N PHE A 58 8.08 3.59 1.60
CA PHE A 58 8.02 2.22 2.09
C PHE A 58 6.95 2.13 3.18
N ILE A 59 6.17 1.07 3.05
CA ILE A 59 5.21 0.66 4.09
C ILE A 59 5.78 -0.65 4.69
N VAL A 60 6.20 -0.56 5.95
CA VAL A 60 6.84 -1.73 6.59
C VAL A 60 5.77 -2.70 7.07
N ILE A 61 5.92 -3.93 6.60
CA ILE A 61 4.90 -4.97 6.81
C ILE A 61 5.22 -5.94 7.95
N GLN A 62 6.45 -6.47 7.98
CA GLN A 62 6.75 -7.52 8.96
C GLN A 62 8.24 -7.58 9.13
N GLY A 63 8.65 -7.93 10.36
CA GLY A 63 10.05 -8.08 10.68
C GLY A 63 10.70 -6.79 11.13
N ASN A 64 12.01 -6.76 10.99
CA ASN A 64 12.78 -5.62 11.43
C ASN A 64 14.00 -5.42 10.56
N ALA A 65 14.33 -4.17 10.34
CA ALA A 65 15.43 -3.81 9.50
C ALA A 65 15.91 -2.46 9.91
N ILE A 66 17.06 -2.12 9.35
CA ILE A 66 17.57 -0.76 9.31
C ILE A 66 17.40 -0.26 7.91
N ILE A 67 16.79 0.91 7.78
CA ILE A 67 16.80 1.63 6.52
C ILE A 67 17.92 2.65 6.63
N ARG A 68 18.90 2.54 5.74
CA ARG A 68 20.01 3.45 5.69
C ARG A 68 19.77 4.41 4.53
N ILE A 69 19.61 5.68 4.86
N ILE A 69 19.63 5.68 4.86
CA ILE A 69 19.31 6.74 3.92
CA ILE A 69 19.31 6.72 3.89
C ILE A 69 20.44 7.75 4.02
C ILE A 69 20.43 7.76 4.02
N ASN A 70 21.21 7.89 2.95
CA ASN A 70 22.48 8.64 2.98
C ASN A 70 23.23 8.33 4.28
N ASP A 71 23.47 7.05 4.47
CA ASP A 71 24.23 6.61 5.65
C ASP A 71 23.75 7.05 7.10
N GLU A 72 22.57 7.69 7.23
N GLU A 72 22.57 7.68 7.23
CA GLU A 72 21.86 7.70 8.53
CA GLU A 72 21.85 7.71 8.52
C GLU A 72 20.94 6.50 8.59
C GLU A 72 20.89 6.54 8.61
N ASP A 73 20.92 5.86 9.75
CA ASP A 73 20.12 4.67 9.99
C ASP A 73 18.71 5.02 10.49
N PHE A 74 17.74 4.15 10.24
CA PHE A 74 16.45 4.27 10.90
C PHE A 74 15.94 2.87 11.17
N PRO A 75 15.99 2.42 12.45
CA PRO A 75 15.31 1.14 12.69
C PRO A 75 13.80 1.20 12.49
N VAL A 76 13.30 0.18 11.84
CA VAL A 76 11.90 0.09 11.46
C VAL A 76 11.32 -1.27 11.68
N THR A 77 10.01 -1.28 11.92
CA THR A 77 9.26 -2.52 12.04
C THR A 77 7.83 -2.30 11.59
N LYS A 78 7.00 -3.30 11.73
CA LYS A 78 5.62 -3.34 11.25
C LYS A 78 4.89 -2.06 11.56
N GLY A 79 4.32 -1.51 10.48
CA GLY A 79 3.51 -0.30 10.57
C GLY A 79 4.25 0.97 10.27
N ASP A 80 5.56 0.98 10.32
CA ASP A 80 6.31 2.20 10.08
C ASP A 80 6.26 2.54 8.59
N LEU A 81 6.30 3.85 8.33
N LEU A 81 6.28 3.86 8.35
CA LEU A 81 6.35 4.39 6.97
CA LEU A 81 6.29 4.46 7.02
C LEU A 81 7.58 5.22 6.86
C LEU A 81 7.58 5.25 6.85
N ILE A 82 8.29 5.09 5.74
N ILE A 82 8.21 5.09 5.69
CA ILE A 82 9.42 5.98 5.52
CA ILE A 82 9.45 5.77 5.33
C ILE A 82 9.50 6.43 4.07
C ILE A 82 9.23 6.49 4.03
N ILE A 83 9.58 7.76 3.95
N ILE A 83 9.62 7.76 4.00
CA ILE A 83 9.65 8.44 2.67
CA ILE A 83 9.72 8.51 2.75
C ILE A 83 11.12 8.53 2.26
C ILE A 83 11.18 8.44 2.30
N ILE A 84 11.41 8.10 1.05
CA ILE A 84 12.76 8.09 0.53
C ILE A 84 13.01 9.42 -0.18
N PRO A 85 13.83 10.29 0.42
CA PRO A 85 14.11 11.58 -0.22
C PRO A 85 14.66 11.37 -1.61
N LEU A 86 14.30 12.31 -2.49
CA LEU A 86 14.70 12.18 -3.88
C LEU A 86 16.21 12.29 -4.02
N ASP A 87 16.74 11.45 -4.89
CA ASP A 87 18.20 11.23 -5.08
C ASP A 87 19.00 10.92 -3.81
N SER A 88 18.30 10.47 -2.77
CA SER A 88 18.98 9.90 -1.62
C SER A 88 19.35 8.46 -1.95
N GLU A 89 20.54 8.05 -1.56
CA GLU A 89 20.92 6.65 -1.53
C GLU A 89 20.20 5.89 -0.42
N HIS A 90 19.45 4.84 -0.79
CA HIS A 90 18.70 4.04 0.18
C HIS A 90 19.04 2.59 -0.04
N HIS A 91 19.05 1.82 1.06
CA HIS A 91 18.99 0.36 1.03
C HIS A 91 18.48 -0.13 2.41
N VAL A 92 18.11 -1.42 2.45
N VAL A 92 18.08 -1.41 2.45
CA VAL A 92 17.56 -2.09 3.63
CA VAL A 92 17.55 -2.09 3.64
C VAL A 92 18.45 -3.20 4.17
C VAL A 92 18.49 -3.17 4.15
N ILE A 93 18.84 -3.06 5.42
CA ILE A 93 19.69 -4.04 6.12
C ILE A 93 18.84 -4.89 7.03
N ASN A 94 18.86 -6.20 6.81
CA ASN A 94 18.17 -7.11 7.74
C ASN A 94 19.15 -8.00 8.48
N ASN A 95 19.51 -7.60 9.69
CA ASN A 95 20.46 -8.40 10.47
C ASN A 95 19.80 -9.48 11.31
N ASN A 96 18.50 -9.66 11.16
N ASN A 96 18.50 -9.67 11.13
CA ASN A 96 17.68 -10.52 11.99
CA ASN A 96 17.74 -10.57 11.97
C ASN A 96 17.50 -11.89 11.32
C ASN A 96 17.49 -11.91 11.29
N GLN A 97 16.97 -12.82 12.09
CA GLN A 97 16.87 -14.21 11.72
C GLN A 97 15.78 -14.54 10.77
N GLU A 98 14.95 -13.55 10.57
CA GLU A 98 13.80 -13.77 9.71
C GLU A 98 13.41 -12.65 8.78
N ASP A 99 12.53 -13.02 7.87
CA ASP A 99 12.21 -12.18 6.70
C ASP A 99 11.77 -10.83 7.14
N PHE A 100 12.25 -9.85 6.38
CA PHE A 100 11.78 -8.47 6.50
C PHE A 100 10.96 -8.11 5.25
N HIS A 101 9.71 -7.79 5.51
CA HIS A 101 8.76 -7.46 4.42
C HIS A 101 8.40 -5.97 4.42
N PHE A 102 8.33 -5.38 3.21
CA PHE A 102 7.85 -4.01 3.06
C PHE A 102 7.27 -3.91 1.67
N TYR A 103 6.32 -2.97 1.54
CA TYR A 103 5.78 -2.56 0.25
C TYR A 103 6.36 -1.20 -0.14
N THR A 104 6.85 -1.14 -1.34
CA THR A 104 7.31 0.16 -1.87
C THR A 104 6.35 0.64 -2.95
N ILE A 105 6.03 1.93 -2.86
N ILE A 105 6.06 1.94 -2.89
CA ILE A 105 5.28 2.68 -3.87
CA ILE A 105 5.29 2.68 -3.87
C ILE A 105 6.18 3.79 -4.40
C ILE A 105 6.19 3.79 -4.40
N TRP A 106 6.28 3.91 -5.72
CA TRP A 106 7.12 4.94 -6.34
C TRP A 106 6.30 5.68 -7.42
N TRP A 107 6.65 6.96 -7.63
CA TRP A 107 5.87 7.81 -8.56
C TRP A 107 6.72 9.01 -8.95
N ASP A 108 6.28 9.66 -10.04
CA ASP A 108 6.91 10.88 -10.51
C ASP A 108 5.93 11.54 -11.45
N LYS A 109 6.37 12.65 -12.02
CA LYS A 109 5.54 13.41 -12.99
C LYS A 109 5.07 12.56 -14.14
N GLU A 110 6.01 11.80 -14.71
CA GLU A 110 5.78 10.91 -15.83
C GLU A 110 4.69 9.88 -15.52
N SER A 111 4.88 9.12 -14.45
CA SER A 111 3.91 8.11 -14.11
C SER A 111 2.50 8.69 -13.88
N THR A 112 2.42 9.85 -13.27
N THR A 112 2.43 9.85 -13.27
CA THR A 112 1.14 10.50 -13.02
CA THR A 112 1.17 10.52 -13.02
C THR A 112 0.52 11.00 -14.34
C THR A 112 0.53 10.99 -14.34
N LEU A 113 1.33 11.59 -15.19
CA LEU A 113 0.84 12.07 -16.47
C LEU A 113 0.41 10.89 -17.33
N ASN A 114 1.13 9.78 -17.23
CA ASN A 114 0.77 8.61 -18.04
C ASN A 114 -0.57 8.03 -17.59
N PHE A 115 -0.83 8.03 -16.26
CA PHE A 115 -2.13 7.67 -15.75
C PHE A 115 -3.26 8.53 -16.38
N LEU A 116 -3.07 9.85 -16.32
CA LEU A 116 -4.08 10.79 -16.83
C LEU A 116 -4.31 10.66 -18.31
N THR A 117 -3.25 10.37 -19.01
CA THR A 117 -3.32 10.31 -20.41
C THR A 117 -3.90 8.93 -20.88
N ARG A 118 -3.59 7.84 -20.17
CA ARG A 118 -4.28 6.58 -20.43
C ARG A 118 -5.76 6.61 -20.10
N LEU A 119 -6.12 7.29 -19.03
CA LEU A 119 -7.53 7.48 -18.73
C LEU A 119 -8.21 8.14 -19.94
N GLU A 120 -7.63 9.22 -20.47
CA GLU A 120 -8.22 9.88 -21.63
C GLU A 120 -8.11 9.01 -22.88
N GLN A 121 -7.10 8.13 -22.88
CA GLN A 121 -7.00 7.08 -23.89
C GLN A 121 -7.68 5.81 -23.39
N ASP A 122 -8.81 5.97 -22.72
CA ASP A 122 -9.71 4.84 -22.44
C ASP A 122 -11.13 5.24 -22.81
N MSE B 2 9.04 17.86 7.99
CA MSE B 2 8.90 16.70 7.09
C MSE B 2 8.85 15.34 7.81
O MSE B 2 9.78 14.94 8.55
CB MSE B 2 10.01 16.69 6.06
CG MSE B 2 11.37 17.06 6.62
SE MSE B 2 12.36 15.47 7.16
CE MSE B 2 13.26 15.45 5.33
HA MSE B 2 8.08 16.82 6.60
HB2 MSE B 2 10.09 15.79 5.70
HB3 MSE B 2 9.79 17.30 5.34
HG2 MSE B 2 11.86 17.52 5.91
HG3 MSE B 2 11.28 17.67 7.36
HE1 MSE B 2 12.92 14.69 4.83
HE2 MSE B 2 13.02 16.24 4.82
HE3 MSE B 2 14.22 15.39 5.41
N ASN B 3 7.76 14.59 7.65
CA ASN B 3 7.59 13.46 8.58
C ASN B 3 8.57 12.25 8.30
N ILE B 4 9.23 12.25 7.13
N ILE B 4 9.30 12.27 7.17
CA ILE B 4 10.15 11.16 6.65
CA ILE B 4 10.02 11.07 6.61
C ILE B 4 10.04 9.71 7.18
C ILE B 4 9.84 9.69 7.22
N ILE B 5 10.25 9.50 8.47
CA ILE B 5 9.85 8.26 9.13
C ILE B 5 8.67 8.67 9.93
N ARG B 6 7.63 7.87 9.85
CA ARG B 6 6.55 7.95 10.80
C ARG B 6 6.48 6.58 11.43
N LYS B 7 6.80 6.53 12.70
CA LYS B 7 6.64 5.30 13.48
C LYS B 7 5.17 5.04 13.69
N MSE B 8 4.72 3.81 13.48
CA MSE B 8 3.33 3.51 13.77
C MSE B 8 3.06 3.62 15.25
O MSE B 8 3.76 3.01 16.07
CB MSE B 8 2.87 2.13 13.25
CG MSE B 8 1.46 1.70 13.70
SE MSE B 8 0.21 2.80 12.69
CE MSE B 8 0.29 1.68 11.08
H MSE B 8 5.19 3.16 13.16
HA MSE B 8 2.78 4.18 13.33
HB2 MSE B 8 2.80 2.20 12.29
HB3 MSE B 8 3.51 1.46 13.48
HG2 MSE B 8 1.33 0.77 13.46
HG3 MSE B 8 1.34 1.85 14.65
HE1 MSE B 8 -0.17 0.85 11.27
HE2 MSE B 8 -0.13 2.16 10.35
HE3 MSE B 8 1.22 1.50 10.86
N ASP B 9 2.05 4.37 15.60
CA ASP B 9 1.57 4.46 16.97
C ASP B 9 0.28 3.66 16.95
N TRP B 10 0.34 2.42 17.44
CA TRP B 10 -0.83 1.56 17.46
C TRP B 10 -1.88 2.04 18.46
N ASP B 11 -1.50 2.96 19.33
CA ASP B 11 -2.39 3.59 20.27
C ASP B 11 -3.07 4.80 19.66
N SER B 12 -2.67 5.14 18.41
CA SER B 12 -3.09 6.34 17.60
C SER B 12 -4.30 6.14 16.75
N MSE B 13 -4.75 4.92 16.54
CA MSE B 13 -5.69 4.60 15.44
C MSE B 13 -6.99 5.37 15.59
O MSE B 13 -7.39 5.78 16.66
CB MSE B 13 -6.03 3.11 15.34
CG MSE B 13 -4.86 2.15 15.59
SE MSE B 13 -3.35 2.37 14.32
CE MSE B 13 -4.22 1.57 12.73
H MSE B 13 -4.51 4.24 16.99
HA MSE B 13 -5.29 4.85 14.60
HB2 MSE B 13 -6.75 2.94 15.96
HB3 MSE B 13 -6.33 2.92 14.44
HG2 MSE B 13 -4.52 2.28 16.49
HG3 MSE B 13 -5.20 1.24 15.46
HE1 MSE B 13 -3.74 1.87 11.94
HE2 MSE B 13 -4.15 0.60 12.79
HE3 MSE B 13 -5.15 1.83 12.72
N VAL B 14 -7.62 5.63 14.45
CA VAL B 14 -8.88 6.34 14.38
C VAL B 14 -9.90 5.42 13.78
N HIS B 15 -11.00 5.24 14.50
CA HIS B 15 -12.09 4.38 14.05
C HIS B 15 -12.86 5.09 12.95
N GLU B 16 -13.05 4.39 11.85
N GLU B 16 -13.10 4.37 11.86
CA GLU B 16 -13.81 4.91 10.71
CA GLU B 16 -13.87 4.92 10.73
C GLU B 16 -14.05 3.74 9.78
C GLU B 16 -15.04 4.01 10.38
N TYR B 17 -15.18 3.77 9.07
N TYR B 17 -16.25 4.47 10.73
CA TYR B 17 -15.51 2.72 8.12
CA TYR B 17 -17.50 3.70 10.84
C TYR B 17 -15.65 1.39 8.90
C TYR B 17 -17.40 2.28 11.39
N ASP B 18 -15.99 1.52 10.18
N ASP B 18 -16.43 1.50 10.90
CA ASP B 18 -16.15 0.37 11.08
CA ASP B 18 -16.28 0.10 11.28
C ASP B 18 -14.91 -0.54 11.21
C ASP B 18 -14.89 -0.61 11.23
N LEU B 19 -13.76 0.11 11.20
CA LEU B 19 -12.45 -0.49 11.34
C LEU B 19 -11.56 0.55 11.99
N ASP B 20 -10.37 0.16 12.39
CA ASP B 20 -9.46 1.07 13.07
C ASP B 20 -8.31 1.32 12.12
N GLY B 21 -8.04 2.61 11.83
CA GLY B 21 -7.11 2.98 10.77
C GLY B 21 -6.10 4.02 11.16
N SER B 22 -5.08 4.10 10.31
CA SER B 22 -4.06 5.15 10.39
C SER B 22 -3.82 5.69 8.98
N ARG B 23 -4.33 6.89 8.72
CA ARG B 23 -4.19 7.49 7.39
C ARG B 23 -2.78 8.02 7.16
N LEU B 24 -2.36 7.87 5.91
CA LEU B 24 -1.10 8.43 5.43
C LEU B 24 -1.03 9.94 5.55
N LEU B 25 -2.12 10.56 5.12
CA LEU B 25 -2.23 12.03 5.05
C LEU B 25 -3.07 12.52 6.19
N PRO B 26 -2.74 13.70 6.70
CA PRO B 26 -1.69 14.65 6.34
C PRO B 26 -0.27 14.22 6.69
N TRP B 27 0.68 14.53 5.82
CA TRP B 27 2.10 14.35 6.08
C TRP B 27 2.82 15.57 5.57
N GLU B 28 3.23 16.43 6.50
CA GLU B 28 4.04 17.58 6.14
C GLU B 28 5.16 17.25 5.15
N GLY B 29 5.07 17.81 3.97
CA GLY B 29 6.10 17.70 2.95
C GLY B 29 5.96 16.52 2.03
N LEU B 30 5.00 15.63 2.31
CA LEU B 30 4.71 14.49 1.45
C LEU B 30 3.72 14.87 0.36
N ASN B 31 4.14 14.67 -0.88
CA ASN B 31 3.36 14.91 -2.08
C ASN B 31 3.04 13.73 -2.85
N THR B 32 1.83 13.24 -2.78
CA THR B 32 1.52 12.04 -3.51
C THR B 32 0.34 12.31 -4.40
N PRO B 33 0.21 11.47 -5.41
CA PRO B 33 -0.98 11.51 -6.26
C PRO B 33 -2.06 10.55 -5.76
N PHE B 34 -1.84 9.99 -4.54
CA PHE B 34 -2.76 9.01 -3.92
C PHE B 34 -2.90 9.30 -2.44
N GLY B 35 -3.94 8.73 -1.86
CA GLY B 35 -4.09 8.64 -0.41
C GLY B 35 -3.89 7.21 0.05
N GLY B 36 -3.75 7.05 1.36
CA GLY B 36 -3.49 5.72 1.92
C GLY B 36 -3.97 5.63 3.33
N ALA B 37 -4.11 4.38 3.76
CA ALA B 37 -4.37 4.10 5.16
C ALA B 37 -4.01 2.66 5.50
N TRP B 38 -3.46 2.51 6.71
CA TRP B 38 -3.26 1.18 7.34
C TRP B 38 -4.50 0.89 8.12
N CYS B 39 -5.17 -0.19 7.80
CA CYS B 39 -6.44 -0.53 8.38
C CYS B 39 -6.45 -1.88 9.11
N ILE B 40 -7.20 -1.91 10.21
CA ILE B 40 -7.32 -3.13 11.01
C ILE B 40 -8.80 -3.41 11.19
N VAL B 41 -9.21 -4.59 10.72
CA VAL B 41 -10.56 -5.08 10.94
C VAL B 41 -10.42 -6.06 12.11
N ARG B 42 -11.09 -5.69 13.18
CA ARG B 42 -10.93 -6.43 14.43
C ARG B 42 -11.63 -7.79 14.33
N PRO B 43 -11.30 -8.72 15.26
CA PRO B 43 -11.83 -10.08 15.18
C PRO B 43 -13.35 -10.10 15.21
N GLU B 44 -13.90 -10.94 14.35
CA GLU B 44 -15.33 -11.19 14.29
C GLU B 44 -16.17 -9.97 13.99
N THR B 45 -15.61 -9.14 13.13
CA THR B 45 -16.28 -7.92 12.63
C THR B 45 -16.17 -7.84 11.12
N LYS B 46 -16.93 -6.89 10.59
N LYS B 46 -16.98 -6.96 10.54
CA LYS B 46 -17.06 -6.58 9.17
CA LYS B 46 -16.94 -6.67 9.11
C LYS B 46 -16.86 -5.07 9.06
C LYS B 46 -16.90 -5.16 8.89
N SER B 47 -16.14 -4.63 8.05
N SER B 47 -16.27 -4.79 7.77
CA SER B 47 -15.93 -3.20 7.87
CA SER B 47 -16.25 -3.42 7.25
C SER B 47 -17.13 -2.61 7.14
C SER B 47 -16.84 -3.44 5.85
N PHE B 48 -16.92 -1.48 6.51
N PHE B 48 -17.79 -2.53 5.65
CA PHE B 48 -18.02 -0.78 5.87
CA PHE B 48 -18.50 -2.38 4.40
C PHE B 48 -18.14 -1.18 4.42
C PHE B 48 -18.37 -0.95 3.94
N ARG B 49 -19.37 -1.14 3.96
N ARG B 49 -18.18 -0.75 2.63
CA ARG B 49 -19.72 -1.47 2.60
CA ARG B 49 -18.25 0.57 2.02
C ARG B 49 -20.12 -0.17 1.94
C ARG B 49 -18.96 0.51 0.68
N HIS B 50 -19.23 0.33 1.09
N HIS B 50 -19.53 1.65 0.28
CA HIS B 50 -19.51 1.51 0.29
CA HIS B 50 -20.29 1.78 -0.99
C HIS B 50 -18.97 1.35 -1.13
C HIS B 50 -19.42 2.07 -2.19
N SER B 51 -19.54 2.12 -2.04
N SER B 51 -20.11 2.09 -3.32
CA SER B 51 -19.04 2.26 -3.42
CA SER B 51 -19.63 2.44 -4.66
C SER B 51 -18.71 3.72 -3.73
C SER B 51 -19.01 3.85 -4.84
N HIS B 52 -17.55 3.94 -4.35
N HIS B 52 -17.77 4.10 -4.41
CA HIS B 52 -17.09 5.26 -4.80
CA HIS B 52 -17.18 5.44 -4.59
C HIS B 52 -16.38 5.16 -6.15
C HIS B 52 -16.29 5.56 -5.83
N ASN B 53 -16.86 5.94 -7.13
N ASN B 53 -16.31 6.75 -6.46
CA ASN B 53 -16.32 5.97 -8.50
CA ASN B 53 -15.70 6.97 -7.79
C ASN B 53 -14.92 6.60 -8.50
C ASN B 53 -14.17 6.77 -7.86
N GLU B 54 -13.97 5.89 -7.87
N GLU B 54 -13.48 7.01 -6.76
CA GLU B 54 -12.64 6.38 -7.51
CA GLU B 54 -12.03 6.79 -6.73
C GLU B 54 -11.82 5.14 -7.26
C GLU B 54 -11.66 5.31 -6.94
N TYR B 55 -10.54 5.10 -7.64
CA TYR B 55 -9.83 3.82 -7.70
C TYR B 55 -9.19 3.53 -6.36
N GLU B 56 -9.05 2.24 -6.10
CA GLU B 56 -8.55 1.76 -4.79
C GLU B 56 -7.94 0.40 -4.98
N LEU B 57 -6.88 0.16 -4.18
CA LEU B 57 -6.06 -1.09 -4.13
C LEU B 57 -6.03 -1.48 -2.67
N PHE B 58 -6.14 -2.78 -2.34
CA PHE B 58 -5.79 -3.28 -1.00
C PHE B 58 -4.56 -4.16 -1.13
N ILE B 59 -3.67 -3.95 -0.17
CA ILE B 59 -2.48 -4.79 0.04
C ILE B 59 -2.68 -5.54 1.38
N VAL B 60 -2.82 -6.86 1.31
CA VAL B 60 -3.15 -7.63 2.51
C VAL B 60 -1.90 -7.96 3.32
N ILE B 61 -1.92 -7.49 4.56
CA ILE B 61 -0.73 -7.52 5.41
C ILE B 61 -0.71 -8.66 6.46
N GLN B 62 -1.81 -8.91 7.16
CA GLN B 62 -1.81 -9.87 8.30
C GLN B 62 -3.17 -10.45 8.41
N GLY B 63 -3.20 -11.74 8.73
CA GLY B 63 -4.44 -12.43 9.01
C GLY B 63 -5.19 -12.94 7.79
N ASN B 64 -6.48 -13.14 7.99
CA ASN B 64 -7.35 -13.64 6.92
C ASN B 64 -8.66 -12.93 6.95
N ALA B 65 -9.24 -12.78 5.78
CA ALA B 65 -10.53 -12.17 5.65
C ALA B 65 -11.17 -12.71 4.38
N ILE B 66 -12.47 -12.44 4.26
CA ILE B 66 -13.21 -12.69 3.02
C ILE B 66 -13.56 -11.29 2.56
N ILE B 67 -13.17 -10.93 1.33
CA ILE B 67 -13.49 -9.60 0.80
C ILE B 67 -14.49 -9.69 -0.33
N ARG B 68 -15.72 -9.32 -0.01
CA ARG B 68 -16.80 -9.41 -0.97
C ARG B 68 -16.77 -8.11 -1.76
N ILE B 69 -16.71 -8.25 -3.07
CA ILE B 69 -16.64 -7.11 -3.99
C ILE B 69 -17.91 -7.29 -4.77
N ASN B 70 -18.82 -6.36 -4.53
N ASN B 70 -18.85 -6.37 -4.59
CA ASN B 70 -20.24 -6.46 -4.92
CA ASN B 70 -20.18 -6.45 -5.25
C ASN B 70 -20.81 -7.74 -4.29
C ASN B 70 -20.72 -7.88 -5.27
N ASP B 71 -21.12 -8.76 -5.09
N ASP B 71 -20.91 -8.42 -4.08
CA ASP B 71 -21.68 -10.00 -4.52
CA ASP B 71 -21.55 -9.73 -3.92
C ASP B 71 -20.81 -11.22 -4.88
C ASP B 71 -20.78 -10.92 -4.51
N GLU B 72 -19.50 -10.99 -4.83
N GLU B 72 -19.46 -10.80 -4.60
CA GLU B 72 -18.49 -11.99 -5.15
CA GLU B 72 -18.58 -11.89 -5.02
C GLU B 72 -17.46 -12.10 -4.00
C GLU B 72 -17.47 -12.07 -3.96
N ASP B 73 -17.38 -13.25 -3.35
CA ASP B 73 -16.45 -13.44 -2.22
C ASP B 73 -15.01 -13.77 -2.60
N PHE B 74 -14.06 -13.01 -2.05
CA PHE B 74 -12.62 -13.24 -2.24
C PHE B 74 -11.87 -13.45 -0.90
N PRO B 75 -11.50 -14.71 -0.54
CA PRO B 75 -10.80 -15.07 0.72
C PRO B 75 -9.28 -14.83 0.81
N VAL B 76 -8.86 -13.66 1.24
CA VAL B 76 -7.46 -13.27 1.09
C VAL B 76 -6.60 -13.68 2.30
N THR B 77 -5.29 -13.55 2.13
N THR B 77 -5.32 -13.41 2.18
CA THR B 77 -4.29 -13.65 3.20
CA THR B 77 -4.42 -13.36 3.30
C THR B 77 -3.15 -12.73 2.86
C THR B 77 -3.17 -12.64 2.89
N LYS B 78 -2.21 -12.57 3.80
CA LYS B 78 -0.95 -11.92 3.56
C LYS B 78 -0.35 -12.11 2.19
N GLY B 79 -0.09 -10.96 1.54
CA GLY B 79 0.54 -10.91 0.24
C GLY B 79 -0.44 -10.70 -0.89
N ASP B 80 -1.70 -11.00 -0.69
CA ASP B 80 -2.70 -10.82 -1.72
C ASP B 80 -2.95 -9.33 -1.98
N LEU B 81 -3.20 -9.03 -3.27
CA LEU B 81 -3.57 -7.69 -3.74
C LEU B 81 -4.95 -7.79 -4.34
N ILE B 82 -5.76 -6.79 -4.03
N ILE B 82 -5.79 -6.82 -4.03
CA ILE B 82 -7.16 -6.68 -4.49
CA ILE B 82 -7.09 -6.77 -4.66
C ILE B 82 -7.36 -5.31 -5.10
C ILE B 82 -7.40 -5.35 -5.10
N ILE B 83 -7.75 -5.26 -6.37
CA ILE B 83 -8.11 -4.00 -7.04
C ILE B 83 -9.64 -3.92 -6.98
N ILE B 84 -10.14 -2.78 -6.52
CA ILE B 84 -11.59 -2.57 -6.34
C ILE B 84 -12.18 -1.85 -7.56
N PRO B 85 -13.04 -2.51 -8.31
CA PRO B 85 -13.54 -1.79 -9.49
C PRO B 85 -14.49 -0.65 -9.09
N LEU B 86 -14.65 0.28 -10.03
CA LEU B 86 -15.47 1.49 -9.85
C LEU B 86 -16.88 1.29 -9.34
N ASP B 87 -17.26 2.14 -8.39
CA ASP B 87 -18.62 2.17 -7.91
C ASP B 87 -19.02 0.75 -7.55
N SER B 88 -18.05 -0.01 -7.09
CA SER B 88 -18.37 -1.30 -6.50
C SER B 88 -18.44 -1.04 -5.03
N GLU B 89 -19.40 -1.69 -4.37
N GLU B 89 -19.41 -1.65 -4.36
CA GLU B 89 -19.49 -1.74 -2.91
CA GLU B 89 -19.38 -1.71 -2.91
C GLU B 89 -18.31 -2.59 -2.38
C GLU B 89 -18.61 -2.96 -2.57
N HIS B 90 -17.53 -2.11 -1.40
N HIS B 90 -18.27 -3.13 -1.31
CA HIS B 90 -16.44 -2.94 -0.84
CA HIS B 90 -17.48 -4.28 -0.96
C HIS B 90 -16.31 -3.01 0.70
C HIS B 90 -17.47 -4.47 0.54
N HIS B 91 -16.52 -4.22 1.18
N HIS B 91 -17.15 -5.68 0.93
CA HIS B 91 -16.39 -4.57 2.58
CA HIS B 91 -17.16 -6.07 2.31
C HIS B 91 -15.48 -5.82 2.75
C HIS B 91 -15.79 -6.59 2.62
N VAL B 92 -15.29 -6.23 4.01
N VAL B 92 -15.45 -6.52 3.91
CA VAL B 92 -14.12 -6.97 4.46
CA VAL B 92 -14.22 -7.05 4.43
C VAL B 92 -14.52 -7.66 5.74
C VAL B 92 -14.57 -7.66 5.72
N ILE B 93 -14.69 -8.95 5.64
CA ILE B 93 -15.21 -9.72 6.72
C ILE B 93 -14.04 -10.37 7.38
N ASN B 94 -13.92 -10.22 8.70
CA ASN B 94 -12.93 -10.99 9.48
C ASN B 94 -13.63 -11.91 10.47
N ASN B 95 -13.65 -13.19 10.14
CA ASN B 95 -14.25 -14.21 11.01
C ASN B 95 -13.33 -14.84 12.00
N ASN B 96 -12.09 -14.40 12.10
CA ASN B 96 -11.09 -15.05 12.91
C ASN B 96 -10.80 -14.29 14.15
N GLN B 97 -10.07 -14.95 15.03
CA GLN B 97 -9.63 -14.40 16.29
C GLN B 97 -8.35 -13.60 16.22
N GLU B 98 -7.80 -13.38 15.03
CA GLU B 98 -6.71 -12.42 14.89
C GLU B 98 -7.12 -11.21 14.07
N ASP B 99 -6.65 -10.06 14.51
CA ASP B 99 -6.81 -8.83 13.71
C ASP B 99 -6.46 -9.11 12.27
N PHE B 100 -7.18 -8.46 11.40
CA PHE B 100 -6.91 -8.47 9.95
C PHE B 100 -6.36 -7.10 9.54
N HIS B 101 -5.15 -7.11 9.02
CA HIS B 101 -4.48 -5.85 8.62
C HIS B 101 -4.35 -5.79 7.11
N PHE B 102 -4.62 -4.59 6.56
CA PHE B 102 -4.39 -4.34 5.13
C PHE B 102 -4.06 -2.87 4.99
N TYR B 103 -3.43 -2.55 3.85
CA TYR B 103 -3.17 -1.16 3.47
C TYR B 103 -4.07 -0.85 2.28
N THR B 104 -4.71 0.31 2.30
CA THR B 104 -5.46 0.76 1.13
C THR B 104 -4.76 1.99 0.56
N ILE B 105 -4.68 1.98 -0.78
N ILE B 105 -4.68 1.99 -0.77
CA ILE B 105 -4.21 3.10 -1.61
CA ILE B 105 -4.25 3.15 -1.54
C ILE B 105 -5.37 3.49 -2.52
C ILE B 105 -5.37 3.50 -2.51
N TRP B 106 -5.73 4.78 -2.55
CA TRP B 106 -6.81 5.24 -3.42
C TRP B 106 -6.34 6.49 -4.20
N TRP B 107 -6.94 6.70 -5.37
CA TRP B 107 -6.46 7.76 -6.28
C TRP B 107 -7.55 8.03 -7.29
N ASP B 108 -7.51 9.24 -7.87
CA ASP B 108 -8.38 9.58 -8.97
C ASP B 108 -7.71 10.68 -9.74
N LYS B 109 -8.46 11.21 -10.71
CA LYS B 109 -7.93 12.28 -11.58
C LYS B 109 -7.54 13.49 -10.76
N GLU B 110 -8.42 13.86 -9.83
CA GLU B 110 -8.22 15.00 -8.95
C GLU B 110 -6.98 14.89 -8.08
N SER B 111 -6.79 13.72 -7.45
CA SER B 111 -5.63 13.52 -6.55
C SER B 111 -4.34 13.64 -7.37
N THR B 112 -4.40 13.12 -8.59
N THR B 112 -4.39 13.12 -8.58
CA THR B 112 -3.25 13.11 -9.47
CA THR B 112 -3.21 13.12 -9.45
C THR B 112 -2.92 14.53 -9.95
C THR B 112 -2.91 14.54 -9.93
N LEU B 113 -3.95 15.29 -10.28
CA LEU B 113 -3.74 16.67 -10.70
C LEU B 113 -3.29 17.56 -9.56
N ASN B 114 -3.75 17.27 -8.35
CA ASN B 114 -3.29 18.05 -7.21
C ASN B 114 -1.79 17.85 -7.05
N PHE B 115 -1.36 16.57 -7.14
CA PHE B 115 0.06 16.28 -7.06
C PHE B 115 0.87 17.13 -8.08
N LEU B 116 0.42 17.11 -9.34
CA LEU B 116 1.13 17.83 -10.41
C LEU B 116 1.12 19.36 -10.20
N THR B 117 0.00 19.84 -9.69
CA THR B 117 -0.15 21.26 -9.38
C THR B 117 0.73 21.71 -8.25
N ARG B 118 0.68 20.97 -7.14
CA ARG B 118 1.58 21.25 -6.03
C ARG B 118 3.01 21.07 -6.46
N LEU B 119 3.25 20.06 -7.28
CA LEU B 119 4.59 19.79 -7.76
C LEU B 119 5.10 21.02 -8.46
N GLU B 120 4.28 21.54 -9.37
CA GLU B 120 4.65 22.72 -10.13
C GLU B 120 4.77 23.96 -9.24
N GLN B 121 3.88 24.08 -8.26
CA GLN B 121 4.09 25.05 -7.18
C GLN B 121 5.02 24.46 -6.12
NI NI C . 14.42 3.17 -4.49
NA NA D . 7.93 -16.16 8.02
NI NI E . -13.25 2.19 -0.66
N MSE A 2 -9.56 -7.61 -16.70
CA MSE A 2 -8.68 -7.29 -15.56
C MSE A 2 -9.02 -8.00 -14.26
O MSE A 2 -10.03 -7.67 -13.63
CB MSE A 2 -8.76 -5.82 -15.22
CG MSE A 2 -8.22 -5.36 -13.81
SE MSE A 2 -9.60 -4.30 -13.16
CE MSE A 2 -8.72 -2.81 -12.64
HA MSE A 2 -7.76 -7.48 -15.80
HB2 MSE A 2 -8.29 -5.34 -15.90
HB3 MSE A 2 -9.69 -5.55 -15.26
HG2 MSE A 2 -8.08 -6.09 -13.19
HG3 MSE A 2 -7.43 -4.82 -13.88
HE1 MSE A 2 -9.29 -2.33 -12.01
HE2 MSE A 2 -7.93 -3.12 -12.19
HE3 MSE A 2 -8.52 -2.25 -13.40
N ASN A 3 -8.15 -8.89 -13.80
CA ASN A 3 -8.43 -9.59 -12.55
C ASN A 3 -8.52 -8.58 -11.39
N ILE A 4 -9.43 -8.77 -10.49
N ILE A 4 -9.47 -8.80 -10.50
CA ILE A 4 -9.41 -7.91 -9.32
CA ILE A 4 -9.56 -7.98 -9.29
C ILE A 4 -8.50 -8.47 -8.22
C ILE A 4 -8.72 -8.50 -8.13
N ILE A 5 -8.37 -9.79 -8.16
CA ILE A 5 -7.49 -10.41 -7.17
C ILE A 5 -6.25 -10.96 -7.82
N ARG A 6 -5.13 -10.72 -7.15
N ARG A 6 -5.14 -10.72 -7.14
CA ARG A 6 -3.89 -11.43 -7.41
CA ARG A 6 -3.92 -11.44 -7.39
C ARG A 6 -3.42 -12.09 -6.12
C ARG A 6 -3.46 -12.09 -6.10
N LYS A 7 -3.55 -13.40 -6.07
CA LYS A 7 -3.17 -14.17 -4.92
C LYS A 7 -1.65 -14.35 -4.99
N MSE A 8 -0.99 -14.02 -3.86
CA MSE A 8 0.47 -14.09 -3.81
C MSE A 8 1.00 -15.50 -4.02
O MSE A 8 0.48 -16.46 -3.46
CB MSE A 8 0.97 -13.49 -2.51
CG MSE A 8 2.49 -13.53 -2.27
SE MSE A 8 3.59 -12.35 -3.47
CE MSE A 8 3.07 -10.49 -2.80
HA MSE A 8 0.82 -13.54 -4.52
HB2 MSE A 8 0.74 -12.54 -2.51
HB3 MSE A 8 0.53 -13.92 -1.76
HG2 MSE A 8 2.64 -13.25 -1.36
HG3 MSE A 8 2.78 -14.45 -2.40
HE1 MSE A 8 2.13 -10.33 -2.92
HE2 MSE A 8 3.31 -10.42 -1.86
HE3 MSE A 8 3.58 -9.84 -3.31
N ASP A 9 2.01 -15.59 -4.88
CA ASP A 9 2.73 -16.87 -5.14
C ASP A 9 4.15 -16.49 -4.74
N TRP A 10 4.57 -16.82 -3.50
CA TRP A 10 5.87 -16.38 -3.01
C TRP A 10 7.05 -16.88 -3.87
N ASP A 11 6.87 -18.06 -4.47
CA ASP A 11 7.87 -18.66 -5.35
C ASP A 11 7.96 -17.98 -6.73
N SER A 12 7.03 -17.06 -6.99
CA SER A 12 7.07 -16.33 -8.29
C SER A 12 7.93 -15.10 -8.22
N MSE A 13 8.38 -14.71 -7.04
CA MSE A 13 9.18 -13.48 -6.89
C MSE A 13 10.35 -13.54 -7.83
O MSE A 13 10.84 -14.62 -8.27
CB MSE A 13 9.63 -13.30 -5.45
CG MSE A 13 8.45 -12.94 -4.69
SE MSE A 13 8.65 -12.88 -2.78
CE MSE A 13 8.00 -11.05 -2.60
H MSE A 13 8.19 -15.09 -6.31
HA MSE A 13 8.62 -12.73 -7.11
HB2 MSE A 13 9.96 -14.15 -5.13
HB3 MSE A 13 10.31 -12.62 -5.37
HG2 MSE A 13 8.12 -12.09 -5.00
HG3 MSE A 13 7.79 -13.63 -4.85
HE1 MSE A 13 8.73 -10.44 -2.77
HE2 MSE A 13 7.30 -10.93 -3.26
HE3 MSE A 13 7.65 -10.91 -1.71
N VAL A 14 10.71 -12.32 -8.22
CA VAL A 14 11.91 -12.06 -8.99
C VAL A 14 12.92 -11.37 -8.08
N HIS A 15 14.10 -11.95 -8.03
CA HIS A 15 15.20 -11.41 -7.30
C HIS A 15 15.78 -10.24 -8.08
N GLU A 16 15.67 -9.09 -7.45
CA GLU A 16 16.20 -7.82 -7.96
C GLU A 16 16.38 -6.89 -6.78
N TYR A 17 17.28 -5.92 -7.02
CA TYR A 17 17.98 -5.17 -5.99
C TYR A 17 18.40 -5.94 -4.73
N ASP A 18 18.95 -7.15 -4.92
CA ASP A 18 19.45 -7.99 -3.82
C ASP A 18 18.33 -8.35 -2.81
N LEU A 19 17.08 -8.29 -3.25
CA LEU A 19 15.91 -8.68 -2.49
C LEU A 19 14.96 -9.46 -3.38
N ASP A 20 13.91 -10.01 -2.79
CA ASP A 20 12.89 -10.75 -3.51
C ASP A 20 11.62 -9.92 -3.63
N GLY A 21 11.21 -9.65 -4.87
CA GLY A 21 10.09 -8.75 -5.10
C GLY A 21 8.96 -9.37 -5.90
N SER A 22 7.79 -8.79 -5.68
CA SER A 22 6.59 -9.04 -6.50
C SER A 22 6.05 -7.69 -6.92
N ARG A 23 6.32 -7.36 -8.17
CA ARG A 23 5.89 -6.04 -8.68
C ARG A 23 4.39 -5.99 -8.94
N LEU A 24 3.80 -4.84 -8.65
CA LEU A 24 2.38 -4.60 -8.93
C LEU A 24 2.05 -4.70 -10.43
N LEU A 25 2.91 -4.07 -11.20
CA LEU A 25 2.69 -3.92 -12.64
C LEU A 25 3.53 -4.92 -13.37
N PRO A 26 3.17 -5.27 -14.61
CA PRO A 26 1.91 -4.90 -15.24
C PRO A 26 0.75 -5.72 -14.67
N TRP A 27 -0.45 -5.20 -14.86
CA TRP A 27 -1.66 -5.83 -14.38
C TRP A 27 -2.74 -5.32 -15.31
N GLU A 28 -3.21 -6.23 -16.14
CA GLU A 28 -4.08 -5.88 -17.25
C GLU A 28 -5.34 -5.17 -16.75
N GLY A 29 -5.64 -4.00 -17.28
CA GLY A 29 -6.81 -3.23 -16.89
C GLY A 29 -6.34 -2.42 -15.73
N LEU A 30 -7.01 -1.39 -15.25
CA LEU A 30 -6.26 -0.63 -14.20
C LEU A 30 -4.96 -0.01 -14.61
N ASN A 31 -4.73 0.99 -13.85
CA ASN A 31 -4.05 2.10 -14.39
C ASN A 31 -3.89 2.87 -13.16
N THR A 32 -2.64 3.06 -12.78
CA THR A 32 -2.25 3.73 -11.56
C THR A 32 -1.29 4.87 -11.91
N PRO A 33 -1.20 5.88 -11.06
CA PRO A 33 -0.19 6.91 -11.28
C PRO A 33 1.13 6.58 -10.58
N PHE A 34 1.25 5.33 -10.06
CA PHE A 34 2.43 4.88 -9.29
C PHE A 34 2.75 3.45 -9.69
N GLY A 35 3.96 3.04 -9.34
CA GLY A 35 4.36 1.63 -9.37
C GLY A 35 4.50 1.14 -7.93
N GLY A 36 4.63 -0.18 -7.81
CA GLY A 36 4.71 -0.80 -6.49
C GLY A 36 5.38 -2.13 -6.56
N ALA A 37 5.81 -2.57 -5.37
CA ALA A 37 6.32 -3.95 -5.20
C ALA A 37 6.27 -4.35 -3.74
N TRP A 38 5.90 -5.62 -3.57
CA TRP A 38 6.11 -6.30 -2.25
C TRP A 38 7.51 -6.85 -2.25
N CYS A 39 8.29 -6.45 -1.24
CA CYS A 39 9.69 -6.83 -1.15
C CYS A 39 10.00 -7.55 0.14
N ILE A 40 10.91 -8.51 0.01
CA ILE A 40 11.40 -9.29 1.16
C ILE A 40 12.91 -9.23 1.12
N VAL A 41 13.46 -8.73 2.21
CA VAL A 41 14.89 -8.81 2.47
C VAL A 41 15.09 -10.02 3.39
N ARG A 42 15.77 -11.00 2.85
CA ARG A 42 15.92 -12.29 3.55
C ARG A 42 16.78 -12.17 4.79
N PRO A 43 16.64 -13.12 5.72
CA PRO A 43 17.41 -13.02 6.96
C PRO A 43 18.88 -12.85 6.72
N GLU A 44 19.46 -11.92 7.47
CA GLU A 44 20.90 -11.68 7.45
C GLU A 44 21.44 -11.37 6.06
N THR A 45 20.66 -10.53 5.38
CA THR A 45 21.05 -9.97 4.07
C THR A 45 20.76 -8.46 4.02
N LYS A 46 21.22 -7.82 2.97
CA LYS A 46 20.92 -6.40 2.70
C LYS A 46 20.58 -6.22 1.26
N SER A 47 19.91 -5.12 0.94
CA SER A 47 19.45 -4.83 -0.43
C SER A 47 20.32 -3.81 -1.16
N PHE A 48 20.21 -3.78 -2.48
CA PHE A 48 20.97 -2.91 -3.40
C PHE A 48 20.89 -1.43 -3.13
N ARG A 49 22.06 -0.79 -2.99
CA ARG A 49 22.09 0.64 -2.73
C ARG A 49 21.93 1.38 -4.01
N HIS A 50 21.20 2.48 -3.96
CA HIS A 50 21.09 3.23 -5.19
C HIS A 50 20.55 4.61 -4.93
N SER A 51 20.16 5.36 -5.97
CA SER A 51 19.47 6.66 -5.81
C SER A 51 18.61 7.02 -7.03
N HIS A 52 17.70 7.99 -6.83
CA HIS A 52 16.68 8.37 -7.83
C HIS A 52 16.03 9.73 -7.65
N ASN A 53 15.68 10.40 -8.78
CA ASN A 53 14.87 11.64 -8.86
C ASN A 53 13.33 11.41 -8.86
N GLU A 54 12.95 10.21 -8.46
CA GLU A 54 11.56 9.80 -8.35
C GLU A 54 11.18 9.44 -6.94
N TYR A 55 9.95 9.77 -6.58
CA TYR A 55 9.46 9.67 -5.22
C TYR A 55 9.18 8.24 -4.88
N GLU A 56 9.35 7.95 -3.59
CA GLU A 56 9.20 6.60 -3.10
C GLU A 56 8.86 6.63 -1.64
N LEU A 57 8.05 5.68 -1.25
N LEU A 57 8.01 5.66 -1.26
CA LEU A 57 7.86 5.42 0.15
CA LEU A 57 7.46 5.44 0.09
C LEU A 57 7.68 3.93 0.41
C LEU A 57 7.61 3.94 0.40
N PHE A 58 8.07 3.58 1.61
CA PHE A 58 8.02 2.21 2.08
C PHE A 58 6.96 2.13 3.17
N ILE A 59 6.17 1.07 3.06
CA ILE A 59 5.21 0.67 4.08
C ILE A 59 5.77 -0.66 4.69
N VAL A 60 6.19 -0.56 5.94
CA VAL A 60 6.84 -1.73 6.57
C VAL A 60 5.78 -2.72 7.06
N ILE A 61 5.92 -3.95 6.59
CA ILE A 61 4.89 -4.99 6.75
C ILE A 61 5.20 -5.96 7.91
N GLN A 62 6.44 -6.46 7.99
CA GLN A 62 6.72 -7.53 8.96
C GLN A 62 8.22 -7.56 9.17
N GLY A 63 8.60 -7.84 10.43
CA GLY A 63 10.00 -8.01 10.75
C GLY A 63 10.68 -6.73 11.17
N ASN A 64 12.01 -6.72 11.11
CA ASN A 64 12.82 -5.66 11.71
C ASN A 64 13.89 -5.35 10.67
N ALA A 65 14.30 -4.10 10.52
CA ALA A 65 15.40 -3.82 9.62
C ALA A 65 15.86 -2.41 9.84
N ILE A 66 17.07 -2.14 9.34
CA ILE A 66 17.60 -0.77 9.29
C ILE A 66 17.39 -0.26 7.88
N ILE A 67 16.74 0.88 7.76
CA ILE A 67 16.69 1.58 6.49
C ILE A 67 17.83 2.60 6.57
N ARG A 68 18.85 2.48 5.72
CA ARG A 68 19.97 3.43 5.69
C ARG A 68 19.71 4.39 4.56
N ILE A 69 19.56 5.66 4.91
N ILE A 69 19.56 5.66 4.91
CA ILE A 69 19.27 6.72 3.96
CA ILE A 69 19.27 6.72 3.96
C ILE A 69 20.35 7.79 4.12
C ILE A 69 20.35 7.79 4.12
N ASN A 70 21.16 7.96 3.08
CA ASN A 70 22.25 8.92 3.14
C ASN A 70 23.09 8.67 4.37
N ASP A 71 23.36 7.40 4.61
CA ASP A 71 24.06 7.04 5.84
C ASP A 71 23.46 7.48 7.22
N GLU A 72 22.21 7.93 7.23
N GLU A 72 22.21 7.93 7.25
CA GLU A 72 21.39 7.98 8.45
CA GLU A 72 21.48 7.95 8.52
C GLU A 72 20.65 6.65 8.60
C GLU A 72 20.60 6.70 8.63
N ASP A 73 20.69 6.08 9.80
CA ASP A 73 20.06 4.80 10.07
C ASP A 73 18.77 5.04 10.82
N PHE A 74 17.79 4.25 10.41
CA PHE A 74 16.48 4.20 11.05
C PHE A 74 16.08 2.77 11.32
N PRO A 75 15.93 2.42 12.57
CA PRO A 75 15.29 1.13 12.78
C PRO A 75 13.81 1.18 12.38
N VAL A 76 13.35 0.16 11.69
CA VAL A 76 11.95 0.07 11.29
C VAL A 76 11.33 -1.23 11.69
N THR A 77 10.00 -1.19 11.82
CA THR A 77 9.19 -2.22 12.39
C THR A 77 7.80 -2.19 11.76
N LYS A 78 7.03 -3.24 11.82
CA LYS A 78 5.67 -3.33 11.25
C LYS A 78 4.90 -2.08 11.55
N GLY A 79 4.33 -1.52 10.48
CA GLY A 79 3.51 -0.32 10.58
C GLY A 79 4.26 0.96 10.27
N ASP A 80 5.56 0.99 10.35
CA ASP A 80 6.30 2.22 10.09
C ASP A 80 6.25 2.53 8.59
N LEU A 81 6.26 3.83 8.34
N LEU A 81 6.22 3.84 8.34
CA LEU A 81 6.32 4.36 6.98
CA LEU A 81 6.29 4.37 6.98
C LEU A 81 7.52 5.25 6.88
C LEU A 81 7.53 5.24 6.84
N ILE A 82 8.18 5.19 5.75
N ILE A 82 8.18 5.11 5.70
CA ILE A 82 9.37 5.99 5.55
CA ILE A 82 9.44 5.75 5.37
C ILE A 82 9.41 6.45 4.10
C ILE A 82 9.31 6.42 4.04
N ILE A 83 9.69 7.74 3.97
N ILE A 83 9.59 7.72 4.00
CA ILE A 83 9.58 8.46 2.70
CA ILE A 83 9.64 8.46 2.74
C ILE A 83 10.99 8.74 2.22
C ILE A 83 11.11 8.53 2.33
N ILE A 84 11.38 8.11 1.11
CA ILE A 84 12.73 8.16 0.58
C ILE A 84 12.96 9.48 -0.15
N PRO A 85 13.81 10.34 0.42
CA PRO A 85 14.02 11.63 -0.25
C PRO A 85 14.59 11.45 -1.65
N LEU A 86 14.25 12.39 -2.55
CA LEU A 86 14.70 12.32 -3.96
C LEU A 86 16.21 12.27 -4.02
N ASP A 87 16.70 11.40 -4.87
CA ASP A 87 18.12 11.27 -5.08
C ASP A 87 18.88 10.78 -3.84
N SER A 88 18.16 10.34 -2.82
CA SER A 88 18.80 9.74 -1.63
C SER A 88 19.50 8.46 -2.01
N GLU A 89 20.65 8.18 -1.42
CA GLU A 89 21.14 6.81 -1.44
C GLU A 89 20.46 5.99 -0.33
N HIS A 90 20.05 4.77 -0.66
CA HIS A 90 19.37 3.93 0.30
C HIS A 90 19.56 2.48 -0.03
N HIS A 91 20.13 1.77 0.94
CA HIS A 91 20.04 0.29 1.23
C HIS A 91 19.06 -0.12 2.47
N VAL A 92 18.60 -1.39 2.48
N VAL A 92 18.60 -1.36 2.45
CA VAL A 92 17.81 -2.00 3.55
CA VAL A 92 17.86 -1.96 3.55
C VAL A 92 18.55 -3.19 4.18
C VAL A 92 18.76 -3.03 4.15
N ILE A 93 18.80 -3.12 5.48
CA ILE A 93 19.68 -4.06 6.18
C ILE A 93 18.85 -4.88 7.11
N ASN A 94 18.84 -6.18 6.85
CA ASN A 94 18.14 -7.11 7.75
C ASN A 94 19.15 -8.01 8.46
N ASN A 95 19.58 -7.59 9.63
CA ASN A 95 20.56 -8.40 10.38
C ASN A 95 19.94 -9.52 11.16
N ASN A 96 18.66 -9.77 11.01
N ASN A 96 18.63 -9.69 11.05
CA ASN A 96 17.90 -10.59 11.90
CA ASN A 96 17.86 -10.60 11.90
C ASN A 96 17.50 -11.93 11.26
C ASN A 96 17.56 -11.95 11.27
N GLN A 97 16.95 -12.82 12.07
CA GLN A 97 16.65 -14.21 11.67
C GLN A 97 15.35 -14.38 10.87
N GLU A 98 14.54 -13.33 10.86
CA GLU A 98 13.20 -13.35 10.26
C GLU A 98 13.21 -12.55 8.95
N ASP A 99 12.47 -13.00 7.95
CA ASP A 99 12.19 -12.21 6.73
C ASP A 99 11.74 -10.82 7.14
N PHE A 100 12.24 -9.84 6.40
CA PHE A 100 11.77 -8.45 6.50
C PHE A 100 10.96 -8.12 5.26
N HIS A 101 9.69 -7.78 5.49
CA HIS A 101 8.76 -7.46 4.40
C HIS A 101 8.40 -5.97 4.41
N PHE A 102 8.34 -5.38 3.20
CA PHE A 102 7.84 -4.02 3.05
C PHE A 102 7.24 -3.93 1.67
N TYR A 103 6.33 -2.96 1.54
CA TYR A 103 5.78 -2.59 0.23
C TYR A 103 6.33 -1.23 -0.14
N THR A 104 6.86 -1.15 -1.33
CA THR A 104 7.27 0.16 -1.82
C THR A 104 6.33 0.65 -2.94
N ILE A 105 6.05 1.95 -2.87
N ILE A 105 6.07 1.95 -2.90
CA ILE A 105 5.28 2.68 -3.87
CA ILE A 105 5.30 2.63 -3.92
C ILE A 105 6.19 3.79 -4.40
C ILE A 105 6.16 3.79 -4.41
N TRP A 106 6.29 3.91 -5.73
CA TRP A 106 7.10 4.97 -6.32
C TRP A 106 6.30 5.70 -7.42
N TRP A 107 6.65 6.97 -7.64
CA TRP A 107 5.87 7.80 -8.57
C TRP A 107 6.73 8.99 -8.97
N ASP A 108 6.33 9.62 -10.10
CA ASP A 108 6.96 10.86 -10.56
C ASP A 108 5.97 11.50 -11.49
N LYS A 109 6.42 12.58 -12.13
CA LYS A 109 5.56 13.24 -13.14
C LYS A 109 5.28 12.37 -14.36
N GLU A 110 6.26 11.61 -14.82
CA GLU A 110 5.97 10.66 -15.91
C GLU A 110 4.83 9.69 -15.56
N SER A 111 4.86 9.14 -14.36
CA SER A 111 3.85 8.12 -14.01
C SER A 111 2.45 8.71 -13.82
N THR A 112 2.39 9.89 -13.21
N THR A 112 2.40 9.88 -13.21
CA THR A 112 1.14 10.60 -12.96
CA THR A 112 1.15 10.58 -12.98
C THR A 112 0.52 11.12 -14.26
C THR A 112 0.53 11.10 -14.28
N LEU A 113 1.32 11.78 -15.09
CA LEU A 113 0.85 12.21 -16.40
C LEU A 113 0.41 11.01 -17.19
N ASN A 114 1.16 9.91 -17.09
CA ASN A 114 0.79 8.69 -17.82
C ASN A 114 -0.59 8.14 -17.40
N PHE A 115 -0.91 8.18 -16.10
CA PHE A 115 -2.22 7.73 -15.65
C PHE A 115 -3.34 8.55 -16.34
N LEU A 116 -3.16 9.86 -16.30
CA LEU A 116 -4.14 10.74 -16.92
C LEU A 116 -4.30 10.58 -18.43
N THR A 117 -3.19 10.34 -19.09
CA THR A 117 -3.22 10.08 -20.53
C THR A 117 -3.96 8.79 -20.90
N ARG A 118 -3.65 7.67 -20.23
CA ARG A 118 -4.32 6.40 -20.52
C ARG A 118 -5.83 6.49 -20.23
N LEU A 119 -6.19 7.16 -19.15
CA LEU A 119 -7.59 7.41 -18.85
C LEU A 119 -8.32 8.07 -20.03
N GLU A 120 -7.74 9.15 -20.54
CA GLU A 120 -8.40 10.01 -21.49
C GLU A 120 -8.65 9.25 -22.79
N GLN A 121 -7.82 8.24 -23.04
CA GLN A 121 -7.88 7.48 -24.27
C GLN A 121 -8.86 6.34 -24.18
N ASP A 122 -8.80 5.60 -23.07
CA ASP A 122 -9.54 4.34 -22.92
C ASP A 122 -11.05 4.59 -22.94
N MSE B 2 10.75 17.69 4.85
CA MSE B 2 9.75 16.68 5.27
C MSE B 2 10.31 15.57 6.24
O MSE B 2 11.47 15.19 6.06
CB MSE B 2 9.00 16.10 4.02
CG MSE B 2 9.75 15.28 2.91
SE MSE B 2 9.40 15.64 0.93
CE MSE B 2 11.05 14.74 0.39
HA MSE B 2 9.08 17.15 5.77
HB2 MSE B 2 8.28 15.52 4.35
HB3 MSE B 2 8.64 16.86 3.56
HG2 MSE B 2 10.69 15.39 3.05
HG3 MSE B 2 9.50 14.35 3.03
HE1 MSE B 2 11.03 13.82 0.71
HE2 MSE B 2 11.11 14.74 -0.58
HE3 MSE B 2 11.81 15.20 0.78
N ASN B 3 9.52 15.16 7.26
CA ASN B 3 9.83 13.97 8.10
C ASN B 3 10.07 12.91 7.09
N ILE B 4 11.10 12.11 7.36
N ILE B 4 10.99 12.01 7.35
CA ILE B 4 11.43 10.90 6.61
CA ILE B 4 11.08 10.88 6.46
C ILE B 4 10.62 9.71 7.14
C ILE B 4 10.81 9.56 7.16
N ILE B 5 10.52 9.57 8.46
CA ILE B 5 9.89 8.39 9.10
C ILE B 5 8.70 8.76 9.94
N ARG B 6 7.66 7.94 9.85
CA ARG B 6 6.58 7.99 10.82
C ARG B 6 6.51 6.61 11.45
N LYS B 7 6.86 6.54 12.70
CA LYS B 7 6.73 5.30 13.47
C LYS B 7 5.24 5.05 13.68
N MSE B 8 4.81 3.80 13.64
CA MSE B 8 3.39 3.48 13.81
C MSE B 8 3.06 3.64 15.27
O MSE B 8 3.78 3.10 16.10
CB MSE B 8 3.07 2.04 13.35
CG MSE B 8 1.54 1.60 13.49
SE MSE B 8 0.18 2.88 12.69
CE MSE B 8 0.12 2.06 10.80
H MSE B 8 5.31 3.12 13.49
HA MSE B 8 2.84 4.10 13.32
HB2 MSE B 8 3.30 1.95 12.41
HB3 MSE B 8 3.61 1.44 13.87
HG2 MSE B 8 1.45 0.76 13.01
HG3 MSE B 8 1.35 1.48 14.44
HE1 MSE B 8 -0.07 1.11 10.88
HE2 MSE B 8 -0.61 2.48 10.29
HE3 MSE B 8 0.95 2.19 10.34
N ASP B 9 2.02 4.35 15.58
CA ASP B 9 1.53 4.49 16.95
C ASP B 9 0.26 3.70 16.95
N TRP B 10 0.32 2.46 17.42
CA TRP B 10 -0.85 1.59 17.46
C TRP B 10 -1.88 2.05 18.47
N ASP B 11 -1.51 2.98 19.36
CA ASP B 11 -2.40 3.59 20.31
C ASP B 11 -3.18 4.79 19.76
N SER B 12 -2.92 5.14 18.53
CA SER B 12 -3.52 6.35 17.96
C SER B 12 -4.31 6.04 16.70
N MSE B 13 -4.80 4.84 16.52
CA MSE B 13 -5.69 4.54 15.40
C MSE B 13 -6.97 5.36 15.56
O MSE B 13 -7.37 5.75 16.62
CB MSE B 13 -6.04 3.07 15.30
CG MSE B 13 -4.88 2.07 15.50
SE MSE B 13 -3.34 2.44 14.38
CE MSE B 13 -3.77 1.42 12.76
H MSE B 13 -4.65 4.17 17.04
HA MSE B 13 -5.25 4.80 14.57
HB2 MSE B 13 -6.72 2.89 15.96
HB3 MSE B 13 -6.39 2.87 14.43
HG2 MSE B 13 -4.59 2.12 16.42
HG3 MSE B 13 -5.16 1.18 15.24
HE1 MSE B 13 -3.23 1.75 12.02
HE2 MSE B 13 -3.59 0.48 12.89
HE3 MSE B 13 -4.71 1.55 12.56
N VAL B 14 -7.62 5.63 14.43
CA VAL B 14 -8.87 6.33 14.38
C VAL B 14 -9.90 5.42 13.78
N HIS B 15 -11.00 5.23 14.50
CA HIS B 15 -12.09 4.40 14.05
C HIS B 15 -12.88 5.10 12.95
N GLU B 16 -12.98 4.43 11.83
N GLU B 16 -12.98 4.42 11.83
CA GLU B 16 -13.81 4.95 10.74
CA GLU B 16 -13.71 4.94 10.66
C GLU B 16 -14.09 3.79 9.80
C GLU B 16 -14.82 3.96 10.37
N TYR B 17 -15.22 3.92 9.09
N TYR B 17 -15.90 4.15 11.14
CA TYR B 17 -15.87 2.87 8.32
CA TYR B 17 -17.14 3.36 11.06
C TYR B 17 -15.72 1.47 8.98
C TYR B 17 -17.06 1.95 11.61
N ASP B 18 -16.01 1.51 10.27
N ASP B 18 -16.19 1.16 11.01
CA ASP B 18 -16.11 0.34 11.16
CA ASP B 18 -16.17 -0.24 11.28
C ASP B 18 -14.88 -0.62 11.21
C ASP B 18 -14.77 -0.82 11.15
N LEU B 19 -13.73 0.03 11.16
CA LEU B 19 -12.39 -0.51 11.29
C LEU B 19 -11.55 0.53 12.01
N ASP B 20 -10.35 0.16 12.42
CA ASP B 20 -9.45 1.08 13.09
C ASP B 20 -8.27 1.33 12.19
N GLY B 21 -8.07 2.62 11.82
CA GLY B 21 -7.13 3.00 10.75
C GLY B 21 -6.11 4.02 11.17
N SER B 22 -5.10 4.11 10.32
CA SER B 22 -4.11 5.19 10.41
C SER B 22 -3.83 5.71 8.98
N ARG B 23 -4.31 6.90 8.71
CA ARG B 23 -4.14 7.44 7.36
C ARG B 23 -2.75 7.99 7.12
N LEU B 24 -2.32 7.85 5.88
CA LEU B 24 -1.07 8.41 5.40
C LEU B 24 -1.01 9.94 5.54
N LEU B 25 -2.09 10.55 5.10
CA LEU B 25 -2.13 12.01 4.99
C LEU B 25 -3.03 12.53 6.08
N PRO B 26 -2.76 13.74 6.56
CA PRO B 26 -1.71 14.65 6.15
C PRO B 26 -0.34 14.25 6.64
N TRP B 27 0.67 14.57 5.87
CA TRP B 27 2.04 14.34 6.22
C TRP B 27 2.77 15.52 5.61
N GLU B 28 3.19 16.40 6.47
CA GLU B 28 3.72 17.65 6.00
C GLU B 28 4.98 17.43 5.15
N GLY B 29 4.92 17.95 3.92
CA GLY B 29 5.96 17.80 2.92
C GLY B 29 5.61 16.75 1.85
N LEU B 30 4.88 15.73 2.26
CA LEU B 30 4.61 14.56 1.43
C LEU B 30 3.56 14.86 0.36
N ASN B 31 4.02 15.01 -0.86
CA ASN B 31 3.11 15.16 -1.97
C ASN B 31 2.99 13.89 -2.79
N THR B 32 1.81 13.29 -2.73
CA THR B 32 1.56 12.07 -3.48
C THR B 32 0.37 12.30 -4.38
N PRO B 33 0.24 11.46 -5.39
CA PRO B 33 -0.96 11.51 -6.23
C PRO B 33 -2.05 10.56 -5.76
N PHE B 34 -1.86 10.03 -4.52
CA PHE B 34 -2.75 9.02 -3.94
C PHE B 34 -2.90 9.29 -2.46
N GLY B 35 -3.93 8.70 -1.87
CA GLY B 35 -4.09 8.65 -0.41
C GLY B 35 -3.93 7.22 0.04
N GLY B 36 -3.85 7.04 1.35
CA GLY B 36 -3.78 5.69 1.87
C GLY B 36 -4.04 5.62 3.32
N ALA B 37 -4.15 4.37 3.77
CA ALA B 37 -4.38 4.09 5.17
C ALA B 37 -4.02 2.66 5.50
N TRP B 38 -3.47 2.51 6.72
CA TRP B 38 -3.28 1.19 7.34
C TRP B 38 -4.52 0.90 8.12
N CYS B 39 -5.16 -0.19 7.78
CA CYS B 39 -6.44 -0.54 8.36
C CYS B 39 -6.43 -1.88 9.10
N ILE B 40 -7.16 -1.89 10.21
CA ILE B 40 -7.32 -3.11 11.00
C ILE B 40 -8.79 -3.38 11.18
N VAL B 41 -9.21 -4.57 10.72
CA VAL B 41 -10.56 -5.08 10.91
C VAL B 41 -10.43 -6.04 12.11
N ARG B 42 -11.08 -5.67 13.18
CA ARG B 42 -10.93 -6.44 14.42
C ARG B 42 -11.62 -7.79 14.33
N PRO B 43 -11.28 -8.71 15.26
CA PRO B 43 -11.83 -10.06 15.18
C PRO B 43 -13.34 -10.08 15.20
N GLU B 44 -13.90 -10.93 14.35
CA GLU B 44 -15.34 -11.17 14.31
C GLU B 44 -16.14 -9.93 14.05
N THR B 45 -15.62 -9.15 13.10
CA THR B 45 -16.30 -7.93 12.63
C THR B 45 -16.15 -7.83 11.14
N LYS B 46 -16.92 -6.87 10.60
N LYS B 46 -16.84 -6.85 10.59
CA LYS B 46 -16.97 -6.49 9.18
CA LYS B 46 -16.66 -6.56 9.21
C LYS B 46 -16.81 -4.96 9.07
C LYS B 46 -16.75 -5.08 8.95
N SER B 47 -16.15 -4.48 8.02
N SER B 47 -16.31 -4.75 7.75
CA SER B 47 -16.06 -3.02 7.76
CA SER B 47 -16.36 -3.41 7.19
C SER B 47 -17.34 -2.40 7.11
C SER B 47 -17.17 -3.49 5.90
N PHE B 48 -17.42 -1.07 7.00
N PHE B 48 -17.93 -2.44 5.65
CA PHE B 48 -18.65 -0.39 6.57
CA PHE B 48 -18.76 -2.30 4.45
C PHE B 48 -18.59 -0.01 5.08
C PHE B 48 -18.64 -0.87 3.94
N ARG B 49 -19.42 -0.77 4.37
N ARG B 49 -18.48 -0.73 2.63
CA ARG B 49 -19.56 -0.75 2.93
CA ARG B 49 -18.49 0.58 1.98
C ARG B 49 -19.66 0.67 2.44
C ARG B 49 -19.31 0.58 0.71
N HIS B 50 -18.71 1.09 1.62
N HIS B 50 -19.89 1.76 0.42
CA HIS B 50 -18.98 2.22 0.73
CA HIS B 50 -20.49 2.08 -0.88
C HIS B 50 -18.57 1.91 -0.72
C HIS B 50 -19.37 2.20 -1.92
N SER B 51 -18.35 2.97 -1.48
N SER B 51 -19.75 1.99 -3.18
CA SER B 51 -18.17 2.87 -2.92
CA SER B 51 -18.85 2.01 -4.34
C SER B 51 -18.03 4.31 -3.36
C SER B 51 -18.55 3.45 -4.75
N HIS B 52 -17.07 4.59 -4.23
N HIS B 52 -17.85 3.75 -5.86
CA HIS B 52 -16.66 5.98 -4.46
CA HIS B 52 -17.54 5.18 -6.19
C HIS B 52 -15.60 6.06 -5.57
C HIS B 52 -16.81 5.59 -7.53
N ASN B 53 -15.95 6.79 -6.64
N ASN B 53 -16.32 6.83 -7.58
CA ASN B 53 -15.26 6.84 -7.97
CA ASN B 53 -15.59 7.39 -8.71
C ASN B 53 -13.74 6.96 -7.94
C ASN B 53 -14.13 7.60 -8.33
N GLU B 54 -13.17 7.06 -6.74
N GLU B 54 -13.60 6.65 -7.56
CA GLU B 54 -11.75 6.91 -6.60
CA GLU B 54 -12.20 6.65 -7.14
C GLU B 54 -11.45 5.42 -6.85
C GLU B 54 -11.64 5.26 -7.22
N TYR B 55 -10.37 5.16 -7.59
CA TYR B 55 -9.74 3.85 -7.73
C TYR B 55 -9.14 3.54 -6.38
N GLU B 56 -9.01 2.24 -6.10
CA GLU B 56 -8.56 1.79 -4.78
C GLU B 56 -7.97 0.41 -4.98
N LEU B 57 -6.91 0.15 -4.21
CA LEU B 57 -6.37 -1.21 -4.11
C LEU B 57 -6.10 -1.50 -2.66
N PHE B 58 -6.12 -2.80 -2.32
CA PHE B 58 -5.78 -3.26 -0.98
C PHE B 58 -4.57 -4.15 -1.11
N ILE B 59 -3.66 -3.96 -0.16
CA ILE B 59 -2.47 -4.78 0.02
C ILE B 59 -2.69 -5.53 1.36
N VAL B 60 -2.84 -6.86 1.30
CA VAL B 60 -3.17 -7.63 2.50
C VAL B 60 -1.90 -7.96 3.32
N ILE B 61 -1.91 -7.49 4.55
CA ILE B 61 -0.71 -7.53 5.42
C ILE B 61 -0.67 -8.66 6.45
N GLN B 62 -1.77 -8.93 7.15
CA GLN B 62 -1.76 -9.95 8.19
C GLN B 62 -3.14 -10.45 8.38
N GLY B 63 -3.22 -11.74 8.64
CA GLY B 63 -4.48 -12.37 9.02
C GLY B 63 -5.22 -12.89 7.82
N ASN B 64 -6.51 -13.13 8.05
CA ASN B 64 -7.41 -13.75 7.06
C ASN B 64 -8.66 -12.94 6.98
N ALA B 65 -9.25 -12.88 5.79
CA ALA B 65 -10.53 -12.21 5.61
C ALA B 65 -11.16 -12.74 4.35
N ILE B 66 -12.46 -12.52 4.25
CA ILE B 66 -13.21 -12.71 3.00
C ILE B 66 -13.54 -11.29 2.55
N ILE B 67 -13.12 -10.91 1.34
CA ILE B 67 -13.42 -9.58 0.84
C ILE B 67 -14.49 -9.77 -0.20
N ARG B 68 -15.58 -9.07 -0.01
CA ARG B 68 -16.72 -9.27 -0.88
C ARG B 68 -16.80 -8.06 -1.82
N ILE B 69 -16.71 -8.34 -3.11
CA ILE B 69 -16.69 -7.29 -4.14
C ILE B 69 -17.95 -7.56 -4.91
N ASN B 70 -18.90 -6.66 -4.73
N ASN B 70 -18.96 -6.71 -4.74
CA ASN B 70 -20.28 -6.84 -5.20
CA ASN B 70 -20.24 -6.88 -5.44
C ASN B 70 -20.84 -8.10 -4.58
C ASN B 70 -20.79 -8.31 -5.38
N ASP B 71 -21.23 -9.08 -5.39
N ASP B 71 -20.96 -8.82 -4.17
CA ASP B 71 -21.76 -10.32 -4.86
CA ASP B 71 -21.55 -10.13 -3.99
C ASP B 71 -20.62 -11.27 -4.47
C ASP B 71 -20.70 -11.24 -4.61
N GLU B 72 -19.46 -11.04 -5.07
N GLU B 72 -19.40 -10.98 -4.68
CA GLU B 72 -18.40 -12.03 -5.12
CA GLU B 72 -18.39 -11.95 -5.10
C GLU B 72 -17.54 -11.97 -3.87
C GLU B 72 -17.44 -11.98 -3.91
N ASP B 73 -17.26 -13.14 -3.31
CA ASP B 73 -16.42 -13.24 -2.13
C ASP B 73 -14.99 -13.53 -2.62
N PHE B 74 -14.02 -12.78 -2.10
CA PHE B 74 -12.61 -13.06 -2.38
C PHE B 74 -11.89 -13.28 -1.06
N PRO B 75 -11.61 -14.55 -0.75
CA PRO B 75 -10.77 -14.77 0.43
C PRO B 75 -9.37 -14.24 0.22
N VAL B 76 -8.81 -13.71 1.29
CA VAL B 76 -7.46 -13.21 1.19
C VAL B 76 -6.60 -13.60 2.38
N THR B 77 -5.30 -13.41 2.21
N THR B 77 -5.30 -13.54 2.17
CA THR B 77 -4.26 -13.93 3.05
CA THR B 77 -4.30 -13.74 3.20
C THR B 77 -3.10 -12.93 2.81
C THR B 77 -3.16 -12.81 2.87
N LYS B 78 -2.18 -12.74 3.74
CA LYS B 78 -0.99 -11.92 3.54
C LYS B 78 -0.35 -12.12 2.18
N GLY B 79 -0.10 -10.97 1.54
CA GLY B 79 0.53 -10.91 0.23
C GLY B 79 -0.45 -10.70 -0.89
N ASP B 80 -1.71 -11.01 -0.69
CA ASP B 80 -2.72 -10.82 -1.74
C ASP B 80 -2.96 -9.34 -1.98
N LEU B 81 -3.20 -9.04 -3.26
CA LEU B 81 -3.59 -7.70 -3.71
C LEU B 81 -4.95 -7.80 -4.33
N ILE B 82 -5.76 -6.78 -4.02
N ILE B 82 -5.77 -6.79 -4.05
CA ILE B 82 -7.13 -6.66 -4.49
CA ILE B 82 -7.10 -6.76 -4.60
C ILE B 82 -7.34 -5.29 -5.08
C ILE B 82 -7.46 -5.35 -5.02
N ILE B 83 -7.99 -5.27 -6.23
CA ILE B 83 -8.39 -4.01 -6.85
C ILE B 83 -9.85 -3.78 -6.45
N ILE B 84 -10.22 -2.53 -6.33
CA ILE B 84 -11.55 -2.20 -5.83
C ILE B 84 -12.17 -1.42 -6.93
N PRO B 85 -12.91 -2.10 -7.82
CA PRO B 85 -13.31 -1.40 -9.03
C PRO B 85 -14.41 -0.41 -8.75
N LEU B 86 -14.45 0.59 -9.63
CA LEU B 86 -15.44 1.67 -9.61
C LEU B 86 -16.80 1.04 -9.75
N ASP B 87 -17.66 1.49 -8.87
CA ASP B 87 -19.03 1.05 -8.73
C ASP B 87 -19.29 -0.41 -8.47
N SER B 88 -18.29 -0.96 -7.84
CA SER B 88 -18.48 -2.09 -6.99
C SER B 88 -18.50 -1.71 -5.49
N GLU B 89 -19.52 -2.16 -4.76
N GLU B 89 -19.50 -2.18 -4.75
CA GLU B 89 -19.58 -2.00 -3.29
CA GLU B 89 -19.52 -2.05 -3.28
C GLU B 89 -18.51 -2.90 -2.66
C GLU B 89 -18.67 -3.19 -2.70
N HIS B 90 -17.59 -2.30 -1.90
N HIS B 90 -18.08 -2.99 -1.53
CA HIS B 90 -16.47 -3.01 -1.27
CA HIS B 90 -17.27 -4.05 -0.90
C HIS B 90 -16.69 -3.06 0.27
C HIS B 90 -17.47 -4.32 0.61
N HIS B 91 -16.33 -4.20 0.88
N HIS B 91 -17.17 -5.55 1.02
CA HIS B 91 -16.10 -4.32 2.34
CA HIS B 91 -17.17 -5.94 2.42
C HIS B 91 -15.39 -5.66 2.72
C HIS B 91 -15.85 -6.59 2.72
N VAL B 92 -14.96 -5.76 4.00
N VAL B 92 -15.30 -6.31 3.91
CA VAL B 92 -14.01 -6.77 4.50
CA VAL B 92 -14.11 -6.97 4.43
C VAL B 92 -14.54 -7.58 5.72
C VAL B 92 -14.51 -7.62 5.72
N ILE B 93 -14.70 -8.90 5.59
CA ILE B 93 -15.20 -9.73 6.68
C ILE B 93 -14.07 -10.47 7.37
N ASN B 94 -13.89 -10.24 8.68
CA ASN B 94 -12.92 -10.99 9.49
C ASN B 94 -13.62 -11.91 10.47
N ASN B 95 -13.61 -13.20 10.14
CA ASN B 95 -14.28 -14.22 10.97
C ASN B 95 -13.38 -14.83 12.01
N ASN B 96 -12.11 -14.47 12.00
CA ASN B 96 -11.12 -15.13 12.83
C ASN B 96 -10.81 -14.34 14.03
N GLN B 97 -10.09 -14.99 14.94
CA GLN B 97 -9.91 -14.49 16.28
C GLN B 97 -8.67 -13.66 16.42
N GLU B 98 -8.15 -13.18 15.28
CA GLU B 98 -7.05 -12.22 15.27
C GLU B 98 -7.28 -11.10 14.26
N ASP B 99 -6.66 -9.98 14.55
CA ASP B 99 -6.80 -8.77 13.71
C ASP B 99 -6.49 -9.09 12.27
N PHE B 100 -7.20 -8.44 11.40
CA PHE B 100 -6.92 -8.45 9.96
C PHE B 100 -6.37 -7.09 9.54
N HIS B 101 -5.14 -7.09 9.02
CA HIS B 101 -4.46 -5.85 8.61
C HIS B 101 -4.34 -5.78 7.10
N PHE B 102 -4.61 -4.58 6.55
CA PHE B 102 -4.40 -4.33 5.13
C PHE B 102 -4.07 -2.86 4.98
N TYR B 103 -3.41 -2.54 3.85
CA TYR B 103 -3.16 -1.14 3.48
C TYR B 103 -4.01 -0.84 2.25
N THR B 104 -4.69 0.29 2.28
CA THR B 104 -5.43 0.72 1.10
C THR B 104 -4.76 1.98 0.55
N ILE B 105 -4.71 2.00 -0.78
N ILE B 105 -4.72 2.01 -0.78
CA ILE B 105 -4.21 3.12 -1.58
CA ILE B 105 -4.22 3.13 -1.58
C ILE B 105 -5.37 3.51 -2.50
C ILE B 105 -5.37 3.51 -2.50
N TRP B 106 -5.73 4.80 -2.53
CA TRP B 106 -6.80 5.27 -3.40
C TRP B 106 -6.32 6.49 -4.19
N TRP B 107 -6.91 6.70 -5.38
CA TRP B 107 -6.47 7.75 -6.30
C TRP B 107 -7.57 8.02 -7.30
N ASP B 108 -7.51 9.23 -7.89
CA ASP B 108 -8.41 9.61 -8.97
C ASP B 108 -7.74 10.71 -9.74
N LYS B 109 -8.53 11.28 -10.66
CA LYS B 109 -8.00 12.37 -11.48
C LYS B 109 -7.58 13.59 -10.67
N GLU B 110 -8.36 13.99 -9.67
CA GLU B 110 -7.94 15.17 -8.93
C GLU B 110 -6.77 14.97 -8.04
N SER B 111 -6.69 13.80 -7.42
CA SER B 111 -5.53 13.53 -6.55
C SER B 111 -4.24 13.60 -7.39
N THR B 112 -4.32 13.08 -8.60
N THR B 112 -4.31 13.08 -8.61
CA THR B 112 -3.20 13.08 -9.52
CA THR B 112 -3.17 13.08 -9.50
C THR B 112 -2.89 14.49 -10.00
C THR B 112 -2.88 14.50 -10.01
N LEU B 113 -3.93 15.20 -10.42
CA LEU B 113 -3.83 16.61 -10.75
C LEU B 113 -3.33 17.45 -9.59
N ASN B 114 -3.79 17.22 -8.35
CA ASN B 114 -3.25 18.03 -7.25
C ASN B 114 -1.77 17.83 -7.14
N PHE B 115 -1.34 16.56 -7.24
CA PHE B 115 0.06 16.26 -7.10
C PHE B 115 0.88 17.11 -8.11
N LEU B 116 0.46 17.06 -9.37
CA LEU B 116 1.14 17.80 -10.45
C LEU B 116 1.11 19.32 -10.23
N THR B 117 -0.03 19.78 -9.76
CA THR B 117 -0.26 21.19 -9.53
C THR B 117 0.64 21.61 -8.37
N ARG B 118 0.72 20.75 -7.37
CA ARG B 118 1.50 21.09 -6.20
C ARG B 118 3.01 21.07 -6.46
N LEU B 119 3.53 20.17 -7.30
CA LEU B 119 4.97 20.24 -7.64
C LEU B 119 5.32 21.52 -8.43
N GLU B 120 4.46 21.93 -9.36
CA GLU B 120 4.74 23.12 -10.15
C GLU B 120 4.69 24.34 -9.22
N GLN B 121 3.88 24.24 -8.18
CA GLN B 121 3.99 25.15 -7.05
C GLN B 121 5.12 24.70 -6.12
NI NI C . 14.42 3.17 -4.49
NA NA D . 7.90 -16.13 7.98
NI NI E . -13.15 2.70 -0.43
N MSE A 2 -11.53 -6.59 -14.40
CA MSE A 2 -10.13 -6.98 -14.56
C MSE A 2 -10.01 -8.40 -13.95
O MSE A 2 -11.02 -9.00 -13.57
CB MSE A 2 -9.17 -5.97 -13.84
CG MSE A 2 -9.79 -4.66 -13.27
SE MSE A 2 -9.61 -4.36 -11.34
CE MSE A 2 -7.69 -4.54 -11.46
HA MSE A 2 -9.89 -7.00 -15.49
HB2 MSE A 2 -8.78 -6.42 -13.10
HB3 MSE A 2 -8.46 -5.72 -14.45
HG2 MSE A 2 -9.34 -3.92 -13.70
HG3 MSE A 2 -10.74 -4.61 -13.48
HE1 MSE A 2 -7.41 -5.13 -10.75
HE2 MSE A 2 -7.44 -4.92 -12.32
HE3 MSE A 2 -7.30 -3.67 -11.37
N ASN A 3 -8.80 -8.99 -13.86
CA ASN A 3 -8.58 -9.82 -12.68
C ASN A 3 -8.65 -8.81 -11.58
N ILE A 4 -9.29 -9.23 -10.52
N ILE A 4 -9.28 -9.25 -10.52
CA ILE A 4 -9.52 -8.39 -9.38
CA ILE A 4 -9.62 -8.42 -9.41
C ILE A 4 -8.36 -8.61 -8.47
C ILE A 4 -8.57 -8.65 -8.35
N ILE A 5 -8.11 -9.90 -8.26
CA ILE A 5 -7.29 -10.34 -7.17
C ILE A 5 -6.08 -11.00 -7.75
N ARG A 6 -4.93 -10.67 -7.16
N ARG A 6 -4.93 -10.64 -7.20
CA ARG A 6 -3.73 -11.44 -7.39
CA ARG A 6 -3.71 -11.42 -7.39
C ARG A 6 -3.34 -12.10 -6.10
C ARG A 6 -3.34 -12.09 -6.09
N LYS A 7 -3.52 -13.41 -6.07
CA LYS A 7 -3.15 -14.20 -4.94
C LYS A 7 -1.63 -14.35 -4.95
N MSE A 8 -1.02 -14.03 -3.82
CA MSE A 8 0.44 -14.06 -3.75
C MSE A 8 1.05 -15.45 -3.89
O MSE A 8 0.82 -16.32 -3.05
CB MSE A 8 0.89 -13.46 -2.44
CG MSE A 8 2.43 -13.42 -2.18
SE MSE A 8 3.56 -12.43 -3.53
CE MSE A 8 3.19 -10.61 -2.74
HA MSE A 8 0.81 -13.51 -4.45
HB2 MSE A 8 0.60 -12.55 -2.41
HB3 MSE A 8 0.49 -13.95 -1.71
HG2 MSE A 8 2.55 -12.95 -1.34
HG3 MSE A 8 2.76 -14.33 -2.11
HE1 MSE A 8 3.49 -9.94 -3.38
HE2 MSE A 8 2.26 -10.49 -2.57
HE3 MSE A 8 3.70 -10.53 -1.92
N ASP A 9 1.88 -15.62 -4.92
CA ASP A 9 2.68 -16.85 -5.05
C ASP A 9 4.09 -16.47 -4.64
N TRP A 10 4.52 -16.85 -3.41
CA TRP A 10 5.80 -16.37 -2.91
C TRP A 10 7.04 -16.81 -3.73
N ASP A 11 6.91 -17.96 -4.36
CA ASP A 11 8.01 -18.51 -5.14
C ASP A 11 8.22 -17.82 -6.49
N SER A 12 7.17 -17.09 -6.91
CA SER A 12 7.17 -16.38 -8.23
C SER A 12 7.93 -15.05 -8.14
N MSE A 13 8.35 -14.66 -6.96
CA MSE A 13 9.04 -13.40 -6.76
C MSE A 13 10.32 -13.39 -7.61
O MSE A 13 10.95 -14.40 -7.82
CB MSE A 13 9.37 -13.24 -5.27
CG MSE A 13 8.19 -12.75 -4.46
SE MSE A 13 8.56 -12.62 -2.57
CE MSE A 13 7.12 -11.28 -2.47
H MSE A 13 8.23 -15.10 -6.23
HA MSE A 13 8.47 -12.68 -7.01
HB2 MSE A 13 9.59 -14.12 -4.94
HB3 MSE A 13 10.12 -12.66 -5.14
HG2 MSE A 13 7.95 -11.86 -4.78
HG3 MSE A 13 7.43 -13.33 -4.54
HE1 MSE A 13 7.33 -10.64 -1.79
HE2 MSE A 13 7.01 -10.84 -3.32
HE3 MSE A 13 6.28 -11.73 -2.25
N VAL A 14 10.64 -12.20 -8.12
CA VAL A 14 11.84 -11.97 -8.92
C VAL A 14 12.90 -11.33 -8.04
N HIS A 15 14.08 -11.93 -8.01
CA HIS A 15 15.18 -11.39 -7.28
C HIS A 15 15.76 -10.20 -8.04
N GLU A 16 15.66 -9.04 -7.40
CA GLU A 16 16.14 -7.74 -7.92
C GLU A 16 16.64 -6.90 -6.78
N TYR A 17 17.69 -6.12 -7.05
CA TYR A 17 18.26 -5.24 -6.06
C TYR A 17 18.57 -5.99 -4.79
N ASP A 18 19.02 -7.23 -4.94
CA ASP A 18 19.45 -8.03 -3.80
C ASP A 18 18.32 -8.36 -2.82
N LEU A 19 17.08 -8.29 -3.27
CA LEU A 19 15.94 -8.70 -2.50
C LEU A 19 14.95 -9.46 -3.39
N ASP A 20 13.91 -10.01 -2.78
CA ASP A 20 12.89 -10.75 -3.51
C ASP A 20 11.63 -9.92 -3.63
N GLY A 21 11.20 -9.67 -4.87
CA GLY A 21 10.08 -8.75 -5.08
C GLY A 21 8.96 -9.35 -5.90
N SER A 22 7.80 -8.78 -5.67
CA SER A 22 6.61 -9.03 -6.49
C SER A 22 6.04 -7.67 -6.89
N ARG A 23 6.28 -7.33 -8.14
CA ARG A 23 5.85 -6.01 -8.59
C ARG A 23 4.37 -5.96 -8.90
N LEU A 24 3.77 -4.81 -8.63
CA LEU A 24 2.35 -4.60 -8.92
C LEU A 24 2.04 -4.70 -10.40
N LEU A 25 2.89 -4.06 -11.18
CA LEU A 25 2.62 -3.93 -12.60
C LEU A 25 3.53 -4.87 -13.32
N PRO A 26 3.17 -5.32 -14.52
CA PRO A 26 1.91 -5.06 -15.24
C PRO A 26 0.71 -5.80 -14.60
N TRP A 27 -0.48 -5.29 -14.89
CA TRP A 27 -1.72 -5.83 -14.36
C TRP A 27 -2.78 -5.31 -15.32
N GLU A 28 -3.25 -6.21 -16.17
CA GLU A 28 -4.14 -5.89 -17.27
C GLU A 28 -5.38 -5.18 -16.71
N GLY A 29 -5.65 -3.96 -17.22
CA GLY A 29 -6.80 -3.19 -16.79
C GLY A 29 -6.50 -2.20 -15.66
N LEU A 30 -5.36 -2.37 -14.98
CA LEU A 30 -5.05 -1.54 -13.81
C LEU A 30 -4.22 -0.31 -14.15
N ASN A 31 -4.87 0.82 -14.04
CA ASN A 31 -4.28 2.12 -14.40
C ASN A 31 -3.97 2.88 -13.12
N THR A 32 -2.68 3.03 -12.84
CA THR A 32 -2.22 3.69 -11.62
C THR A 32 -1.24 4.83 -11.97
N PRO A 33 -1.19 5.85 -11.11
CA PRO A 33 -0.18 6.89 -11.29
C PRO A 33 1.13 6.58 -10.58
N PHE A 34 1.27 5.33 -10.08
CA PHE A 34 2.43 4.88 -9.31
C PHE A 34 2.77 3.45 -9.68
N GLY A 35 3.97 3.04 -9.31
CA GLY A 35 4.38 1.64 -9.36
C GLY A 35 4.49 1.13 -7.93
N GLY A 36 4.60 -0.19 -7.80
CA GLY A 36 4.64 -0.81 -6.49
C GLY A 36 5.37 -2.13 -6.54
N ALA A 37 5.79 -2.57 -5.36
CA ALA A 37 6.32 -3.94 -5.20
C ALA A 37 6.29 -4.35 -3.75
N TRP A 38 5.92 -5.62 -3.59
CA TRP A 38 6.11 -6.28 -2.26
C TRP A 38 7.52 -6.83 -2.25
N CYS A 39 8.28 -6.43 -1.23
CA CYS A 39 9.69 -6.78 -1.13
C CYS A 39 9.99 -7.54 0.16
N ILE A 40 10.89 -8.53 0.01
CA ILE A 40 11.40 -9.29 1.15
C ILE A 40 12.91 -9.23 1.12
N VAL A 41 13.45 -8.71 2.21
CA VAL A 41 14.90 -8.80 2.48
C VAL A 41 15.09 -10.02 3.41
N ARG A 42 15.78 -10.99 2.86
CA ARG A 42 15.93 -12.30 3.54
C ARG A 42 16.79 -12.16 4.77
N PRO A 43 16.66 -13.12 5.71
CA PRO A 43 17.42 -13.03 6.95
C PRO A 43 18.91 -12.86 6.71
N GLU A 44 19.51 -11.95 7.47
CA GLU A 44 20.96 -11.73 7.42
C GLU A 44 21.47 -11.36 6.05
N THR A 45 20.67 -10.52 5.40
CA THR A 45 21.03 -9.96 4.08
C THR A 45 20.74 -8.47 4.03
N LYS A 46 21.21 -7.83 2.98
CA LYS A 46 20.89 -6.41 2.74
C LYS A 46 20.52 -6.25 1.28
N SER A 47 19.77 -5.19 0.97
CA SER A 47 19.40 -4.89 -0.43
C SER A 47 20.41 -3.96 -1.10
N PHE A 48 20.34 -3.81 -2.43
CA PHE A 48 21.33 -3.08 -3.25
C PHE A 48 21.07 -1.57 -3.20
N ARG A 49 22.10 -0.82 -2.91
CA ARG A 49 21.97 0.62 -2.67
C ARG A 49 21.78 1.38 -3.98
N HIS A 50 20.77 2.24 -4.02
CA HIS A 50 20.64 3.09 -5.19
C HIS A 50 20.10 4.43 -4.82
N SER A 51 19.98 5.25 -5.86
CA SER A 51 19.36 6.56 -5.77
C SER A 51 18.62 6.83 -7.05
N HIS A 52 17.42 7.39 -6.94
CA HIS A 52 16.61 7.68 -8.14
C HIS A 52 15.99 9.02 -8.00
N ASN A 53 15.78 9.62 -9.13
CA ASN A 53 15.18 10.91 -9.11
C ASN A 53 13.69 10.82 -9.27
N GLU A 54 13.01 10.31 -8.25
CA GLU A 54 11.62 9.86 -8.33
C GLU A 54 11.16 9.46 -6.95
N TYR A 55 9.93 9.80 -6.61
CA TYR A 55 9.41 9.69 -5.24
C TYR A 55 9.18 8.25 -4.91
N GLU A 56 9.38 7.95 -3.62
CA GLU A 56 9.22 6.59 -3.11
C GLU A 56 8.87 6.63 -1.65
N LEU A 57 8.00 5.72 -1.25
N LEU A 57 8.00 5.69 -1.27
CA LEU A 57 7.84 5.45 0.14
CA LEU A 57 7.51 5.45 0.11
C LEU A 57 7.71 3.94 0.39
C LEU A 57 7.62 3.94 0.40
N PHE A 58 8.07 3.59 1.62
CA PHE A 58 8.02 2.21 2.06
C PHE A 58 6.97 2.13 3.17
N ILE A 59 6.18 1.08 3.06
CA ILE A 59 5.23 0.67 4.11
C ILE A 59 5.79 -0.65 4.69
N VAL A 60 6.20 -0.59 5.94
CA VAL A 60 6.85 -1.75 6.57
C VAL A 60 5.78 -2.70 7.08
N ILE A 61 5.92 -3.93 6.59
CA ILE A 61 4.89 -4.95 6.79
C ILE A 61 5.20 -5.96 7.91
N GLN A 62 6.42 -6.46 7.98
CA GLN A 62 6.72 -7.53 8.96
C GLN A 62 8.21 -7.59 9.14
N GLY A 63 8.65 -7.94 10.37
CA GLY A 63 10.06 -8.08 10.66
C GLY A 63 10.72 -6.80 11.14
N ASN A 64 12.06 -6.80 11.10
CA ASN A 64 12.90 -5.74 11.65
C ASN A 64 13.97 -5.48 10.62
N ALA A 65 14.29 -4.22 10.40
CA ALA A 65 15.38 -3.85 9.50
C ALA A 65 15.88 -2.48 9.86
N ILE A 66 17.04 -2.15 9.31
CA ILE A 66 17.63 -0.80 9.38
C ILE A 66 17.51 -0.22 7.99
N ILE A 67 16.84 0.92 7.84
CA ILE A 67 16.84 1.60 6.55
C ILE A 67 17.91 2.66 6.62
N ARG A 68 18.93 2.55 5.77
CA ARG A 68 20.01 3.51 5.75
C ARG A 68 19.77 4.43 4.58
N ILE A 69 19.58 5.70 4.90
N ILE A 69 19.59 5.71 4.90
CA ILE A 69 19.26 6.72 3.91
CA ILE A 69 19.27 6.72 3.92
C ILE A 69 20.31 7.80 4.07
C ILE A 69 20.33 7.79 4.08
N ASN A 70 21.16 7.93 3.06
CA ASN A 70 22.26 8.89 3.08
C ASN A 70 22.98 8.90 4.42
N ASP A 71 23.61 7.79 4.80
CA ASP A 71 24.32 7.75 6.12
C ASP A 71 23.51 8.32 7.31
N GLU A 72 22.28 7.83 7.43
N GLU A 72 22.30 7.78 7.44
CA GLU A 72 21.49 7.94 8.65
CA GLU A 72 21.49 7.91 8.64
C GLU A 72 20.69 6.64 8.69
C GLU A 72 20.66 6.64 8.70
N ASP A 73 20.70 5.97 9.83
CA ASP A 73 20.01 4.70 9.99
C ASP A 73 18.61 4.91 10.57
N PHE A 74 17.65 4.23 9.96
CA PHE A 74 16.25 4.23 10.41
C PHE A 74 15.85 2.80 10.77
N PRO A 75 15.89 2.45 12.05
CA PRO A 75 15.29 1.18 12.42
C PRO A 75 13.82 1.18 12.04
N VAL A 76 13.30 0.04 11.67
CA VAL A 76 11.90 -0.01 11.29
C VAL A 76 11.32 -1.35 11.61
N THR A 77 10.02 -1.36 11.85
CA THR A 77 9.30 -2.61 12.00
C THR A 77 7.87 -2.33 11.55
N LYS A 78 7.07 -3.37 11.51
CA LYS A 78 5.66 -3.32 11.20
C LYS A 78 4.93 -2.06 11.55
N GLY A 79 4.35 -1.50 10.49
CA GLY A 79 3.51 -0.29 10.59
C GLY A 79 4.25 0.97 10.27
N ASP A 80 5.56 0.99 10.34
CA ASP A 80 6.32 2.19 10.08
C ASP A 80 6.26 2.55 8.59
N LEU A 81 6.29 3.87 8.36
N LEU A 81 6.25 3.85 8.34
CA LEU A 81 6.33 4.47 7.04
CA LEU A 81 6.30 4.38 6.98
C LEU A 81 7.59 5.28 6.88
C LEU A 81 7.52 5.27 6.83
N ILE A 82 8.21 5.17 5.70
N ILE A 82 8.20 5.12 5.70
CA ILE A 82 9.42 5.88 5.43
CA ILE A 82 9.39 5.87 5.37
C ILE A 82 9.37 6.48 4.02
C ILE A 82 9.24 6.53 4.02
N ILE A 83 9.66 7.79 3.97
N ILE A 83 9.61 7.81 3.98
CA ILE A 83 9.65 8.58 2.73
CA ILE A 83 9.67 8.59 2.73
C ILE A 83 11.09 8.70 2.28
C ILE A 83 11.11 8.64 2.30
N ILE A 84 11.41 8.16 1.10
CA ILE A 84 12.78 8.21 0.61
C ILE A 84 13.00 9.56 -0.10
N PRO A 85 13.90 10.39 0.41
CA PRO A 85 14.17 11.56 -0.45
C PRO A 85 14.86 11.25 -1.85
N LEU A 86 14.69 12.18 -2.80
CA LEU A 86 15.30 12.07 -4.18
C LEU A 86 16.78 11.88 -4.30
N ASP A 87 17.20 11.07 -5.26
CA ASP A 87 18.60 10.76 -5.43
C ASP A 87 19.28 10.44 -4.09
N SER A 88 18.51 10.01 -3.09
CA SER A 88 19.10 9.61 -1.83
C SER A 88 19.86 8.36 -2.12
N GLU A 89 20.89 8.09 -1.36
CA GLU A 89 21.40 6.75 -1.44
C GLU A 89 20.68 6.01 -0.32
N HIS A 90 20.20 4.80 -0.58
CA HIS A 90 19.49 4.13 0.45
C HIS A 90 19.51 2.73 0.07
N HIS A 91 19.37 1.91 1.11
CA HIS A 91 19.08 0.46 1.04
C HIS A 91 18.54 -0.03 2.45
N VAL A 92 18.58 -1.35 2.70
N VAL A 92 18.52 -1.34 2.63
CA VAL A 92 17.73 -2.00 3.68
CA VAL A 92 17.73 -1.99 3.67
C VAL A 92 18.51 -3.14 4.25
C VAL A 92 18.54 -3.13 4.24
N ILE A 93 18.72 -3.12 5.56
CA ILE A 93 19.63 -4.03 6.22
C ILE A 93 18.84 -4.86 7.16
N ASN A 94 18.80 -6.16 6.87
CA ASN A 94 18.14 -7.10 7.75
C ASN A 94 19.16 -8.00 8.45
N ASN A 95 19.57 -7.58 9.63
CA ASN A 95 20.56 -8.34 10.38
C ASN A 95 19.97 -9.49 11.16
N ASN A 96 18.68 -9.74 11.00
N ASN A 96 18.67 -9.72 11.00
CA ASN A 96 17.92 -10.62 11.85
CA ASN A 96 17.92 -10.60 11.87
C ASN A 96 17.57 -11.98 11.25
C ASN A 96 17.58 -11.97 11.26
N GLN A 97 16.92 -12.79 12.08
CA GLN A 97 16.66 -14.18 11.80
C GLN A 97 15.52 -14.42 10.85
N GLU A 98 14.70 -13.39 10.71
CA GLU A 98 13.40 -13.45 10.06
C GLU A 98 13.34 -12.58 8.85
N ASP A 99 12.56 -13.02 7.87
CA ASP A 99 12.25 -12.19 6.69
C ASP A 99 11.79 -10.84 7.13
N PHE A 100 12.26 -9.84 6.38
CA PHE A 100 11.78 -8.46 6.50
C PHE A 100 10.94 -8.10 5.26
N HIS A 101 9.68 -7.79 5.50
CA HIS A 101 8.76 -7.46 4.40
C HIS A 101 8.39 -5.98 4.41
N PHE A 102 8.32 -5.39 3.20
CA PHE A 102 7.83 -4.02 3.06
C PHE A 102 7.27 -3.91 1.67
N TYR A 103 6.35 -2.95 1.54
CA TYR A 103 5.79 -2.58 0.23
C TYR A 103 6.29 -1.22 -0.15
N THR A 104 6.86 -1.13 -1.33
CA THR A 104 7.25 0.19 -1.81
C THR A 104 6.34 0.67 -2.92
N ILE A 105 6.11 1.98 -2.93
N ILE A 105 6.11 1.98 -2.93
CA ILE A 105 5.31 2.64 -3.94
CA ILE A 105 5.30 2.65 -3.92
C ILE A 105 6.17 3.79 -4.42
C ILE A 105 6.19 3.78 -4.42
N TRP A 106 6.28 3.92 -5.74
CA TRP A 106 7.12 4.97 -6.33
C TRP A 106 6.31 5.70 -7.41
N TRP A 107 6.64 6.97 -7.63
CA TRP A 107 5.88 7.81 -8.57
C TRP A 107 6.71 8.99 -8.97
N ASP A 108 6.28 9.65 -10.07
CA ASP A 108 6.91 10.90 -10.50
C ASP A 108 5.96 11.55 -11.44
N LYS A 109 6.48 12.63 -12.04
CA LYS A 109 5.78 13.40 -13.11
C LYS A 109 5.28 12.49 -14.20
N GLU A 110 6.20 11.70 -14.76
CA GLU A 110 5.89 10.81 -15.87
C GLU A 110 4.74 9.87 -15.51
N SER A 111 4.94 9.08 -14.47
CA SER A 111 3.93 8.09 -14.11
C SER A 111 2.53 8.70 -13.87
N THR A 112 2.46 9.85 -13.24
N THR A 112 2.46 9.84 -13.23
CA THR A 112 1.19 10.51 -12.99
CA THR A 112 1.20 10.52 -12.98
C THR A 112 0.53 11.02 -14.29
C THR A 112 0.53 11.03 -14.28
N LEU A 113 1.30 11.71 -15.12
CA LEU A 113 0.78 12.14 -16.41
C LEU A 113 0.29 10.96 -17.22
N ASN A 114 1.09 9.87 -17.19
CA ASN A 114 0.85 8.69 -18.03
C ASN A 114 -0.48 8.08 -17.59
N PHE A 115 -0.76 8.12 -16.28
CA PHE A 115 -2.06 7.69 -15.79
C PHE A 115 -3.23 8.51 -16.41
N LEU A 116 -3.10 9.84 -16.33
CA LEU A 116 -4.16 10.72 -16.86
C LEU A 116 -4.33 10.63 -18.36
N THR A 117 -3.23 10.38 -19.03
CA THR A 117 -3.28 10.28 -20.45
C THR A 117 -3.87 8.89 -20.88
N ARG A 118 -3.52 7.83 -20.16
CA ARG A 118 -4.09 6.50 -20.38
C ARG A 118 -5.62 6.54 -20.28
N LEU A 119 -6.14 7.21 -19.26
CA LEU A 119 -7.59 7.32 -19.09
C LEU A 119 -8.33 7.85 -20.35
N GLU A 120 -8.07 9.10 -20.77
CA GLU A 120 -8.86 9.71 -21.87
C GLU A 120 -8.86 8.91 -23.17
N GLN A 121 -7.86 8.06 -23.35
CA GLN A 121 -7.70 7.33 -24.60
C GLN A 121 -8.77 6.24 -24.84
N ASP A 122 -9.80 6.19 -23.99
CA ASP A 122 -10.86 5.20 -24.11
C ASP A 122 -11.95 5.67 -25.09
N MSE B 2 11.79 18.25 7.82
CA MSE B 2 11.57 16.96 7.12
C MSE B 2 12.11 15.75 7.96
O MSE B 2 12.89 15.94 8.88
CB MSE B 2 12.18 17.02 5.70
CG MSE B 2 11.62 16.01 4.67
SE MSE B 2 13.04 14.80 4.02
CE MSE B 2 12.82 14.80 2.18
HA MSE B 2 10.61 16.87 7.01
HB2 MSE B 2 12.02 17.91 5.35
HB3 MSE B 2 13.13 16.85 5.77
HG2 MSE B 2 10.91 15.48 5.08
HG3 MSE B 2 11.27 16.51 3.90
HE1 MSE B 2 12.12 14.25 1.89
HE2 MSE B 2 12.65 15.74 1.91
HE3 MSE B 2 13.62 14.52 1.75
N ASN B 3 11.71 14.51 7.69
CA ASN B 3 11.74 13.55 8.78
C ASN B 3 11.58 12.10 8.31
N ILE B 4 11.09 11.92 7.10
N ILE B 4 10.93 12.01 7.17
CA ILE B 4 11.31 10.66 6.44
CA ILE B 4 10.84 10.82 6.38
C ILE B 4 10.45 9.58 7.12
C ILE B 4 10.53 9.52 7.11
N ILE B 5 10.50 9.47 8.45
CA ILE B 5 9.94 8.30 9.15
C ILE B 5 8.73 8.71 9.94
N ARG B 6 7.68 7.91 9.85
CA ARG B 6 6.57 7.98 10.77
C ARG B 6 6.48 6.60 11.42
N LYS B 7 6.88 6.53 12.67
CA LYS B 7 6.74 5.31 13.45
C LYS B 7 5.28 5.07 13.66
N MSE B 8 4.88 3.82 13.56
CA MSE B 8 3.48 3.52 13.80
C MSE B 8 3.18 3.68 15.28
O MSE B 8 3.91 3.15 16.14
CB MSE B 8 3.14 2.09 13.37
CG MSE B 8 1.74 1.62 13.69
SE MSE B 8 0.26 2.76 12.95
CE MSE B 8 0.28 1.92 11.19
H MSE B 8 5.38 3.15 13.35
HA MSE B 8 2.91 4.12 13.29
HB2 MSE B 8 3.27 1.98 12.42
HB3 MSE B 8 3.77 1.51 13.84
HG2 MSE B 8 1.63 0.74 13.32
HG3 MSE B 8 1.63 1.60 14.67
HE1 MSE B 8 0.42 0.97 11.28
HE2 MSE B 8 -0.58 2.08 10.76
HE3 MSE B 8 0.97 2.31 10.63
N ASP B 9 2.09 4.35 15.58
CA ASP B 9 1.56 4.46 16.95
C ASP B 9 0.24 3.69 16.94
N TRP B 10 0.30 2.45 17.40
CA TRP B 10 -0.86 1.58 17.45
C TRP B 10 -1.88 2.05 18.48
N ASP B 11 -1.49 2.97 19.35
CA ASP B 11 -2.39 3.62 20.27
C ASP B 11 -3.12 4.83 19.67
N SER B 12 -2.77 5.20 18.40
CA SER B 12 -3.23 6.42 17.62
C SER B 12 -4.33 6.10 16.68
N MSE B 13 -4.78 4.87 16.51
CA MSE B 13 -5.69 4.55 15.40
C MSE B 13 -6.98 5.35 15.57
O MSE B 13 -7.36 5.77 16.65
CB MSE B 13 -6.02 3.06 15.28
CG MSE B 13 -4.87 2.06 15.47
SE MSE B 13 -3.33 2.42 14.36
CE MSE B 13 -3.74 1.29 12.79
H MSE B 13 -4.58 4.22 17.03
HA MSE B 13 -5.28 4.82 14.57
HB2 MSE B 13 -6.72 2.87 15.93
HB3 MSE B 13 -6.37 2.89 14.40
HG2 MSE B 13 -4.59 2.06 16.41
HG3 MSE B 13 -5.14 1.17 15.17
HE1 MSE B 13 -3.09 1.48 12.10
HE2 MSE B 13 -3.69 0.36 13.01
HE3 MSE B 13 -4.64 1.48 12.49
N VAL B 14 -7.62 5.62 14.43
CA VAL B 14 -8.88 6.33 14.37
C VAL B 14 -9.91 5.42 13.77
N HIS B 15 -11.01 5.23 14.50
CA HIS B 15 -12.10 4.39 14.05
C HIS B 15 -12.92 5.10 12.95
N GLU B 16 -13.00 4.43 11.82
N GLU B 16 -12.95 4.45 11.80
CA GLU B 16 -13.83 4.90 10.69
CA GLU B 16 -13.66 4.99 10.64
C GLU B 16 -14.02 3.72 9.76
C GLU B 16 -14.71 3.96 10.35
N TYR B 17 -15.12 3.74 9.01
N TYR B 17 -15.74 4.10 11.20
CA TYR B 17 -15.47 2.63 8.10
CA TYR B 17 -17.04 3.49 11.08
C TYR B 17 -15.64 1.33 8.89
C TYR B 17 -17.14 2.01 11.48
N ASP B 18 -16.01 1.46 10.16
N ASP B 18 -16.18 1.22 11.03
CA ASP B 18 -16.13 0.28 11.06
CA ASP B 18 -16.18 -0.20 11.29
C ASP B 18 -14.88 -0.62 11.19
C ASP B 18 -14.79 -0.79 11.17
N LEU B 19 -13.74 0.03 11.19
CA LEU B 19 -12.43 -0.52 11.37
C LEU B 19 -11.55 0.55 12.01
N ASP B 20 -10.35 0.16 12.40
CA ASP B 20 -9.43 1.08 13.06
C ASP B 20 -8.25 1.33 12.18
N GLY B 21 -8.06 2.62 11.83
CA GLY B 21 -7.13 3.01 10.76
C GLY B 21 -6.10 4.02 11.18
N SER B 22 -5.08 4.09 10.31
CA SER B 22 -3.99 5.08 10.40
C SER B 22 -3.79 5.67 8.99
N ARG B 23 -4.31 6.87 8.75
CA ARG B 23 -4.23 7.52 7.42
C ARG B 23 -2.82 8.04 7.15
N LEU B 24 -2.40 7.88 5.91
CA LEU B 24 -1.13 8.42 5.43
C LEU B 24 -1.05 9.94 5.54
N LEU B 25 -2.14 10.57 5.13
CA LEU B 25 -2.21 12.03 5.07
C LEU B 25 -3.04 12.62 6.20
N PRO B 26 -2.76 13.88 6.55
CA PRO B 26 -1.66 14.65 5.97
C PRO B 26 -0.30 14.29 6.53
N TRP B 27 0.72 14.65 5.79
CA TRP B 27 2.10 14.43 6.13
C TRP B 27 2.82 15.62 5.54
N GLU B 28 3.19 16.54 6.41
CA GLU B 28 3.77 17.79 6.00
C GLU B 28 4.98 17.52 5.11
N GLY B 29 5.01 18.12 3.92
CA GLY B 29 6.13 17.97 3.00
C GLY B 29 6.01 16.84 1.98
N LEU B 30 5.09 15.91 2.22
CA LEU B 30 4.94 14.74 1.35
C LEU B 30 4.02 15.06 0.17
N ASN B 31 4.55 15.03 -1.06
CA ASN B 31 3.76 15.24 -2.27
C ASN B 31 3.36 13.91 -2.96
N THR B 32 2.09 13.54 -2.82
CA THR B 32 1.57 12.28 -3.39
C THR B 32 0.38 12.44 -4.35
N PRO B 33 0.26 11.55 -5.34
CA PRO B 33 -0.95 11.54 -6.17
C PRO B 33 -2.03 10.57 -5.70
N PHE B 34 -1.86 10.01 -4.50
CA PHE B 34 -2.77 9.00 -3.93
C PHE B 34 -2.95 9.27 -2.45
N GLY B 35 -3.98 8.69 -1.85
CA GLY B 35 -4.08 8.65 -0.40
C GLY B 35 -3.89 7.22 0.06
N GLY B 36 -3.78 7.04 1.36
CA GLY B 36 -3.57 5.70 1.91
C GLY B 36 -3.98 5.61 3.33
N ALA B 37 -4.11 4.36 3.76
CA ALA B 37 -4.38 4.09 5.17
C ALA B 37 -4.01 2.66 5.50
N TRP B 38 -3.45 2.51 6.72
CA TRP B 38 -3.27 1.19 7.33
C TRP B 38 -4.53 0.88 8.10
N CYS B 39 -5.17 -0.22 7.78
CA CYS B 39 -6.47 -0.59 8.32
C CYS B 39 -6.44 -1.90 9.09
N ILE B 40 -7.16 -1.91 10.21
CA ILE B 40 -7.29 -3.12 11.03
C ILE B 40 -8.77 -3.39 11.20
N VAL B 41 -9.18 -4.57 10.73
CA VAL B 41 -10.54 -5.08 10.91
C VAL B 41 -10.41 -6.04 12.12
N ARG B 42 -11.09 -5.68 13.17
CA ARG B 42 -10.94 -6.43 14.42
C ARG B 42 -11.64 -7.80 14.32
N PRO B 43 -11.30 -8.73 15.25
CA PRO B 43 -11.85 -10.08 15.19
C PRO B 43 -13.36 -10.10 15.22
N GLU B 44 -13.92 -10.94 14.36
CA GLU B 44 -15.36 -11.15 14.29
C GLU B 44 -16.14 -9.87 14.07
N THR B 45 -15.66 -9.14 13.06
CA THR B 45 -16.31 -7.91 12.58
C THR B 45 -16.22 -7.85 11.07
N LYS B 46 -17.02 -6.94 10.51
N LYS B 46 -17.02 -6.96 10.50
CA LYS B 46 -17.06 -6.58 9.10
CA LYS B 46 -16.97 -6.64 9.08
C LYS B 46 -16.91 -5.05 9.03
C LYS B 46 -16.87 -5.13 8.91
N SER B 47 -16.13 -4.56 8.08
N SER B 47 -16.18 -4.74 7.83
CA SER B 47 -16.01 -3.12 7.84
CA SER B 47 -16.21 -3.39 7.26
C SER B 47 -17.24 -2.51 7.11
C SER B 47 -17.00 -3.44 5.93
N PHE B 48 -17.26 -1.20 6.89
N PHE B 48 -17.89 -2.47 5.73
CA PHE B 48 -18.47 -0.50 6.46
CA PHE B 48 -18.69 -2.33 4.51
C PHE B 48 -18.45 -0.17 4.98
C PHE B 48 -18.58 -0.88 4.03
N ARG B 49 -19.24 -0.99 4.28
N ARG B 49 -18.52 -0.74 2.72
CA ARG B 49 -19.55 -0.90 2.88
CA ARG B 49 -18.58 0.56 2.08
C ARG B 49 -19.50 0.53 2.37
C ARG B 49 -19.43 0.45 0.83
N HIS B 50 -18.80 0.71 1.27
N HIS B 50 -20.31 1.43 0.60
CA HIS B 50 -19.09 1.84 0.42
CA HIS B 50 -20.83 1.62 -0.76
C HIS B 50 -18.65 1.56 -1.01
C HIS B 50 -19.65 2.17 -1.55
N SER B 51 -18.55 2.62 -1.77
N SER B 51 -19.92 2.81 -2.68
CA SER B 51 -18.38 2.52 -3.18
CA SER B 51 -18.86 3.05 -3.64
C SER B 51 -18.01 3.91 -3.62
C SER B 51 -18.08 4.36 -3.46
N HIS B 52 -17.55 4.00 -4.87
N HIS B 52 -17.06 4.53 -4.29
CA HIS B 52 -17.07 5.27 -5.37
CA HIS B 52 -16.55 5.85 -4.65
C HIS B 52 -16.53 5.21 -6.77
C HIS B 52 -15.99 5.88 -6.08
N ASN B 53 -16.50 6.39 -7.37
N ASN B 53 -16.14 7.02 -6.78
CA ASN B 53 -15.83 6.64 -8.63
CA ASN B 53 -15.55 7.18 -8.09
C ASN B 53 -14.44 7.19 -8.28
C ASN B 53 -14.04 6.94 -8.03
N GLU B 54 -13.78 6.55 -7.32
N GLU B 54 -13.45 7.10 -6.86
CA GLU B 54 -12.36 6.70 -7.05
CA GLU B 54 -12.03 6.89 -6.72
C GLU B 54 -11.73 5.32 -7.14
C GLU B 54 -11.63 5.42 -6.96
N TYR B 55 -10.49 5.25 -7.62
CA TYR B 55 -9.74 3.98 -7.70
C TYR B 55 -9.16 3.59 -6.34
N GLU B 56 -9.07 2.28 -6.09
CA GLU B 56 -8.58 1.78 -4.79
C GLU B 56 -7.94 0.42 -4.99
N LEU B 57 -6.89 0.18 -4.18
CA LEU B 57 -6.13 -1.10 -4.13
C LEU B 57 -6.03 -1.47 -2.66
N PHE B 58 -6.14 -2.77 -2.35
CA PHE B 58 -5.78 -3.29 -1.02
C PHE B 58 -4.54 -4.17 -1.13
N ILE B 59 -3.66 -3.95 -0.16
CA ILE B 59 -2.45 -4.77 0.02
C ILE B 59 -2.68 -5.53 1.36
N VAL B 60 -2.82 -6.86 1.29
CA VAL B 60 -3.15 -7.63 2.51
C VAL B 60 -1.89 -7.95 3.31
N ILE B 61 -1.92 -7.50 4.55
CA ILE B 61 -0.73 -7.52 5.42
C ILE B 61 -0.68 -8.62 6.47
N GLN B 62 -1.77 -8.88 7.20
CA GLN B 62 -1.74 -9.92 8.22
C GLN B 62 -3.13 -10.39 8.45
N GLY B 63 -3.21 -11.70 8.74
CA GLY B 63 -4.47 -12.36 9.04
C GLY B 63 -5.20 -12.88 7.83
N ASN B 64 -6.47 -13.13 8.03
CA ASN B 64 -7.31 -13.72 6.99
C ASN B 64 -8.60 -12.94 6.95
N ALA B 65 -9.22 -12.83 5.78
CA ALA B 65 -10.53 -12.18 5.64
C ALA B 65 -11.16 -12.71 4.38
N ILE B 66 -12.48 -12.51 4.30
CA ILE B 66 -13.23 -12.71 3.06
C ILE B 66 -13.52 -11.31 2.55
N ILE B 67 -13.10 -11.06 1.31
CA ILE B 67 -13.30 -9.81 0.63
C ILE B 67 -14.47 -10.05 -0.33
N ARG B 68 -15.56 -9.36 -0.11
CA ARG B 68 -16.70 -9.48 -1.02
C ARG B 68 -16.66 -8.18 -1.83
N ILE B 69 -16.62 -8.37 -3.15
CA ILE B 69 -16.56 -7.31 -4.16
C ILE B 69 -17.73 -7.60 -5.02
N ASN B 70 -18.72 -6.75 -4.87
N ASN B 70 -18.65 -6.67 -5.08
CA ASN B 70 -20.01 -6.90 -5.52
CA ASN B 70 -19.75 -6.78 -6.05
C ASN B 70 -20.67 -8.16 -4.91
C ASN B 70 -20.40 -8.14 -5.87
N ASP B 71 -20.95 -9.17 -5.73
N ASP B 71 -20.95 -8.33 -4.68
CA ASP B 71 -21.63 -10.38 -5.28
CA ASP B 71 -21.32 -9.64 -4.13
C ASP B 71 -20.64 -11.54 -5.23
C ASP B 71 -20.66 -10.88 -4.74
N GLU B 72 -19.38 -11.20 -5.04
N GLU B 72 -19.33 -10.86 -4.77
CA GLU B 72 -18.29 -12.18 -5.21
CA GLU B 72 -18.52 -12.06 -5.03
C GLU B 72 -17.32 -12.18 -4.02
C GLU B 72 -17.41 -12.14 -3.96
N ASP B 73 -17.39 -13.23 -3.21
CA ASP B 73 -16.45 -13.38 -2.10
C ASP B 73 -15.05 -13.81 -2.54
N PHE B 74 -14.03 -13.08 -2.10
CA PHE B 74 -12.63 -13.43 -2.34
C PHE B 74 -11.95 -13.70 -1.00
N PRO B 75 -11.62 -14.98 -0.65
CA PRO B 75 -10.76 -15.09 0.53
C PRO B 75 -9.38 -14.50 0.27
N VAL B 76 -8.84 -13.77 1.25
CA VAL B 76 -7.48 -13.24 1.13
C VAL B 76 -6.61 -13.64 2.31
N THR B 77 -5.33 -13.33 2.18
N THR B 77 -5.29 -13.57 2.09
CA THR B 77 -4.31 -13.74 3.12
CA THR B 77 -4.27 -13.81 3.10
C THR B 77 -3.10 -12.90 2.77
C THR B 77 -3.12 -12.87 2.79
N LYS B 78 -2.14 -12.83 3.67
CA LYS B 78 -0.97 -11.97 3.54
C LYS B 78 -0.34 -12.11 2.18
N GLY B 79 -0.10 -10.95 1.56
CA GLY B 79 0.52 -10.87 0.24
C GLY B 79 -0.46 -10.69 -0.88
N ASP B 80 -1.72 -11.00 -0.68
CA ASP B 80 -2.71 -10.83 -1.73
C ASP B 80 -2.95 -9.35 -2.00
N LEU B 81 -3.18 -9.03 -3.28
CA LEU B 81 -3.60 -7.68 -3.69
C LEU B 81 -4.97 -7.79 -4.33
N ILE B 82 -5.77 -6.78 -4.05
N ILE B 82 -5.82 -6.84 -4.03
CA ILE B 82 -7.16 -6.66 -4.46
CA ILE B 82 -7.10 -6.79 -4.70
C ILE B 82 -7.34 -5.31 -5.08
C ILE B 82 -7.40 -5.37 -5.08
N ILE B 83 -7.85 -5.27 -6.30
CA ILE B 83 -8.33 -4.02 -6.84
C ILE B 83 -9.85 -3.90 -6.51
N ILE B 84 -10.27 -2.70 -6.19
CA ILE B 84 -11.67 -2.45 -5.83
C ILE B 84 -12.23 -1.65 -7.00
N PRO B 85 -12.82 -2.35 -8.01
CA PRO B 85 -13.19 -1.77 -9.31
C PRO B 85 -14.06 -0.58 -9.06
N LEU B 86 -13.98 0.36 -10.00
CA LEU B 86 -14.72 1.58 -9.86
C LEU B 86 -16.23 1.35 -9.75
N ASP B 87 -16.84 2.09 -8.83
CA ASP B 87 -18.28 2.30 -8.76
C ASP B 87 -18.89 1.28 -7.82
N SER B 88 -18.09 0.33 -7.35
CA SER B 88 -18.63 -0.96 -7.02
C SER B 88 -18.54 -1.13 -5.48
N GLU B 89 -19.40 -2.02 -5.00
N GLU B 89 -19.37 -1.96 -4.84
CA GLU B 89 -19.72 -2.25 -3.59
CA GLU B 89 -19.41 -2.05 -3.35
C GLU B 89 -18.82 -3.34 -3.01
C GLU B 89 -18.67 -3.27 -2.75
N HIS B 90 -18.20 -2.99 -1.89
N HIS B 90 -18.00 -3.09 -1.61
CA HIS B 90 -17.16 -3.82 -1.30
CA HIS B 90 -17.26 -4.19 -0.94
C HIS B 90 -17.01 -3.55 0.20
C HIS B 90 -17.47 -4.40 0.57
N HIS B 91 -16.69 -4.60 0.95
N HIS B 91 -17.10 -5.60 0.99
CA HIS B 91 -16.23 -4.45 2.32
CA HIS B 91 -17.15 -6.02 2.38
C HIS B 91 -15.40 -5.69 2.75
C HIS B 91 -15.79 -6.59 2.71
N VAL B 92 -14.94 -5.71 4.01
N VAL B 92 -15.25 -6.24 3.88
CA VAL B 92 -14.01 -6.71 4.55
CA VAL B 92 -14.09 -6.90 4.46
C VAL B 92 -14.58 -7.50 5.74
C VAL B 92 -14.55 -7.53 5.73
N ILE B 93 -14.66 -8.83 5.64
CA ILE B 93 -15.18 -9.66 6.71
C ILE B 93 -14.06 -10.40 7.39
N ASN B 94 -13.90 -10.21 8.70
CA ASN B 94 -12.92 -10.97 9.49
C ASN B 94 -13.63 -11.86 10.47
N ASN B 95 -13.70 -13.14 10.13
CA ASN B 95 -14.39 -14.09 10.99
C ASN B 95 -13.58 -14.62 12.15
N ASN B 96 -12.29 -14.33 12.18
CA ASN B 96 -11.29 -15.03 12.93
C ASN B 96 -10.87 -14.27 14.15
N GLN B 97 -10.14 -14.94 15.03
CA GLN B 97 -9.93 -14.45 16.36
C GLN B 97 -8.94 -13.36 16.49
N GLU B 98 -8.27 -13.09 15.36
CA GLU B 98 -7.17 -12.16 15.29
C GLU B 98 -7.44 -11.06 14.32
N ASP B 99 -6.69 -10.01 14.52
CA ASP B 99 -6.82 -8.81 13.70
C ASP B 99 -6.45 -9.09 12.26
N PHE B 100 -7.21 -8.46 11.38
CA PHE B 100 -6.93 -8.46 9.93
C PHE B 100 -6.37 -7.09 9.55
N HIS B 101 -5.14 -7.10 9.03
CA HIS B 101 -4.48 -5.86 8.62
C HIS B 101 -4.36 -5.79 7.10
N PHE B 102 -4.63 -4.60 6.57
CA PHE B 102 -4.41 -4.32 5.13
C PHE B 102 -4.12 -2.86 4.99
N TYR B 103 -3.44 -2.55 3.88
CA TYR B 103 -3.19 -1.15 3.50
C TYR B 103 -4.05 -0.85 2.29
N THR B 104 -4.66 0.32 2.28
CA THR B 104 -5.41 0.72 1.11
C THR B 104 -4.77 1.97 0.55
N ILE B 105 -4.72 1.99 -0.78
N ILE B 105 -4.75 2.01 -0.78
CA ILE B 105 -4.24 3.13 -1.57
CA ILE B 105 -4.26 3.16 -1.54
C ILE B 105 -5.38 3.51 -2.50
C ILE B 105 -5.38 3.50 -2.51
N TRP B 106 -5.75 4.78 -2.51
CA TRP B 106 -6.80 5.27 -3.39
C TRP B 106 -6.31 6.49 -4.19
N TRP B 107 -6.93 6.70 -5.36
CA TRP B 107 -6.47 7.77 -6.28
C TRP B 107 -7.57 8.03 -7.30
N ASP B 108 -7.49 9.23 -7.91
CA ASP B 108 -8.37 9.56 -9.02
C ASP B 108 -7.69 10.65 -9.81
N LYS B 109 -8.42 11.16 -10.80
CA LYS B 109 -7.85 12.21 -11.65
C LYS B 109 -7.55 13.42 -10.81
N GLU B 110 -8.48 13.74 -9.91
CA GLU B 110 -8.29 14.83 -8.97
C GLU B 110 -6.94 14.70 -8.31
N SER B 111 -6.84 13.70 -7.43
CA SER B 111 -5.64 13.53 -6.57
C SER B 111 -4.34 13.62 -7.40
N THR B 112 -4.38 13.06 -8.60
N THR B 112 -4.37 13.07 -8.60
CA THR B 112 -3.23 13.10 -9.49
CA THR B 112 -3.20 13.10 -9.47
C THR B 112 -2.90 14.52 -9.96
C THR B 112 -2.90 14.53 -9.95
N LEU B 113 -3.93 15.25 -10.37
CA LEU B 113 -3.75 16.63 -10.76
C LEU B 113 -3.25 17.50 -9.62
N ASN B 114 -3.73 17.25 -8.40
CA ASN B 114 -3.25 18.01 -7.26
C ASN B 114 -1.76 17.83 -7.10
N PHE B 115 -1.31 16.57 -7.18
CA PHE B 115 0.09 16.29 -7.08
C PHE B 115 0.89 17.13 -8.11
N LEU B 116 0.43 17.08 -9.36
CA LEU B 116 1.13 17.82 -10.43
C LEU B 116 1.11 19.34 -10.21
N THR B 117 -0.01 19.83 -9.70
CA THR B 117 -0.14 21.27 -9.41
C THR B 117 0.76 21.71 -8.27
N ARG B 118 0.75 20.93 -7.18
CA ARG B 118 1.57 21.29 -6.03
C ARG B 118 3.05 21.18 -6.38
N LEU B 119 3.38 20.21 -7.22
CA LEU B 119 4.68 20.18 -7.87
C LEU B 119 5.09 21.58 -8.40
N GLU B 120 4.39 22.06 -9.42
CA GLU B 120 4.79 23.26 -10.15
C GLU B 120 4.86 24.49 -9.25
N GLN B 121 4.02 24.52 -8.23
CA GLN B 121 4.08 25.59 -7.24
C GLN B 121 5.38 25.50 -6.45
NI NI C . 14.41 3.18 -4.48
NA NA D . 7.90 -16.12 8.00
NI NI E . -13.17 2.61 -0.50
N MSE A 2 -11.16 -7.19 -15.86
CA MSE A 2 -9.84 -7.70 -15.59
C MSE A 2 -9.75 -8.07 -14.12
O MSE A 2 -10.68 -7.82 -13.38
CB MSE A 2 -8.79 -6.67 -15.94
CG MSE A 2 -9.19 -5.26 -15.53
SE MSE A 2 -9.07 -5.08 -13.60
CE MSE A 2 -7.26 -4.72 -13.35
HA MSE A 2 -9.68 -8.49 -16.13
HB2 MSE A 2 -7.99 -6.91 -15.45
HB3 MSE A 2 -8.64 -6.69 -16.89
HG2 MSE A 2 -8.60 -4.62 -15.93
HG3 MSE A 2 -10.10 -5.08 -15.79
HE1 MSE A 2 -7.04 -3.83 -13.64
HE2 MSE A 2 -7.06 -4.80 -12.39
HE3 MSE A 2 -6.73 -5.37 -13.82
N ASN A 3 -8.61 -8.66 -13.77
CA ASN A 3 -8.49 -9.42 -12.54
C ASN A 3 -8.65 -8.53 -11.35
N ILE A 4 -9.57 -8.94 -10.48
N ILE A 4 -9.55 -8.95 -10.47
CA ILE A 4 -9.89 -8.24 -9.24
CA ILE A 4 -9.87 -8.22 -9.25
C ILE A 4 -8.86 -8.60 -8.15
C ILE A 4 -8.85 -8.59 -8.16
N ILE A 5 -8.30 -9.80 -8.22
CA ILE A 5 -7.38 -10.29 -7.20
C ILE A 5 -6.18 -10.98 -7.76
N ARG A 6 -5.04 -10.71 -7.16
N ARG A 6 -5.05 -10.71 -7.15
CA ARG A 6 -3.81 -11.45 -7.40
CA ARG A 6 -3.83 -11.45 -7.39
C ARG A 6 -3.36 -12.10 -6.12
C ARG A 6 -3.38 -12.10 -6.10
N LYS A 7 -3.50 -13.42 -6.05
CA LYS A 7 -3.03 -14.19 -4.93
C LYS A 7 -1.52 -14.10 -4.89
N MSE A 8 -0.92 -13.93 -3.71
CA MSE A 8 0.53 -13.99 -3.71
C MSE A 8 0.98 -15.42 -3.92
O MSE A 8 0.43 -16.34 -3.29
CB MSE A 8 1.14 -13.42 -2.43
CG MSE A 8 2.64 -13.50 -2.27
SE MSE A 8 3.60 -12.31 -3.47
CE MSE A 8 3.10 -10.44 -2.84
HA MSE A 8 0.89 -13.45 -4.44
HB2 MSE A 8 0.93 -12.47 -2.39
HB3 MSE A 8 0.73 -13.86 -1.67
HG2 MSE A 8 2.86 -13.25 -1.37
HG3 MSE A 8 2.92 -14.41 -2.47
HE1 MSE A 8 2.14 -10.34 -2.84
HE2 MSE A 8 3.46 -10.34 -1.95
HE3 MSE A 8 3.49 -9.81 -3.44
N ASP A 9 1.92 -15.60 -4.83
CA ASP A 9 2.71 -16.85 -4.82
C ASP A 9 4.14 -16.43 -4.54
N TRP A 10 4.65 -16.81 -3.37
CA TRP A 10 5.98 -16.34 -3.01
C TRP A 10 7.10 -16.90 -3.92
N ASP A 11 6.85 -18.09 -4.47
CA ASP A 11 7.85 -18.71 -5.35
C ASP A 11 8.01 -17.94 -6.67
N SER A 12 7.01 -17.08 -6.96
CA SER A 12 6.97 -16.28 -8.22
C SER A 12 7.78 -15.01 -8.11
N MSE A 13 8.36 -14.70 -6.99
CA MSE A 13 9.07 -13.44 -6.82
C MSE A 13 10.31 -13.48 -7.72
O MSE A 13 10.85 -14.52 -8.10
CB MSE A 13 9.42 -13.25 -5.37
CG MSE A 13 8.14 -13.09 -4.56
SE MSE A 13 8.60 -12.78 -2.68
CE MSE A 13 8.92 -10.98 -3.00
H MSE A 13 8.36 -15.20 -6.30
HA MSE A 13 8.49 -12.73 -7.09
HB2 MSE A 13 9.87 -14.05 -5.07
HB3 MSE A 13 9.99 -12.49 -5.23
HG2 MSE A 13 7.66 -12.32 -4.89
HG3 MSE A 13 7.60 -13.89 -4.65
HE1 MSE A 13 9.71 -10.97 -3.54
HE2 MSE A 13 8.15 -10.64 -3.47
HE3 MSE A 13 9.04 -10.50 -2.17
N VAL A 14 10.69 -12.27 -8.12
CA VAL A 14 11.87 -12.06 -8.92
C VAL A 14 12.91 -11.37 -8.05
N HIS A 15 14.10 -11.94 -8.03
CA HIS A 15 15.19 -11.41 -7.28
C HIS A 15 15.77 -10.23 -8.05
N GLU A 16 15.66 -9.09 -7.39
CA GLU A 16 16.17 -7.83 -7.92
C GLU A 16 16.51 -6.97 -6.76
N TYR A 17 17.50 -6.12 -7.03
CA TYR A 17 17.97 -5.20 -6.04
C TYR A 17 18.29 -5.93 -4.75
N ASP A 18 18.79 -7.15 -4.95
CA ASP A 18 19.38 -7.97 -3.91
C ASP A 18 18.32 -8.51 -2.98
N LEU A 19 17.07 -8.30 -3.33
CA LEU A 19 15.95 -8.73 -2.53
C LEU A 19 14.99 -9.47 -3.41
N ASP A 20 13.95 -10.03 -2.80
CA ASP A 20 12.95 -10.76 -3.53
C ASP A 20 11.78 -9.81 -3.63
N GLY A 21 11.22 -9.65 -4.85
CA GLY A 21 10.08 -8.75 -5.07
C GLY A 21 8.98 -9.36 -5.90
N SER A 22 7.81 -8.77 -5.68
CA SER A 22 6.62 -9.03 -6.51
C SER A 22 6.08 -7.68 -6.93
N ARG A 23 6.37 -7.35 -8.19
CA ARG A 23 5.94 -6.03 -8.70
C ARG A 23 4.44 -5.98 -8.96
N LEU A 24 3.85 -4.84 -8.64
CA LEU A 24 2.43 -4.58 -8.93
C LEU A 24 2.12 -4.70 -10.41
N LEU A 25 2.99 -4.08 -11.19
CA LEU A 25 2.77 -3.96 -12.64
C LEU A 25 3.67 -4.91 -13.44
N PRO A 26 3.20 -5.38 -14.60
CA PRO A 26 1.87 -5.04 -15.15
C PRO A 26 0.67 -5.79 -14.52
N TRP A 27 -0.52 -5.30 -14.86
CA TRP A 27 -1.78 -5.86 -14.35
C TRP A 27 -2.82 -5.36 -15.32
N GLU A 28 -3.35 -6.26 -16.12
CA GLU A 28 -4.23 -5.86 -17.20
C GLU A 28 -5.45 -5.13 -16.68
N GLY A 29 -5.65 -3.93 -17.22
CA GLY A 29 -6.76 -3.03 -16.92
C GLY A 29 -6.67 -2.32 -15.59
N LEU A 30 -5.48 -2.37 -15.00
CA LEU A 30 -5.13 -1.54 -13.86
C LEU A 30 -4.38 -0.30 -14.39
N ASN A 31 -4.90 0.86 -14.04
CA ASN A 31 -4.23 2.14 -14.36
C ASN A 31 -4.00 2.90 -13.08
N THR A 32 -2.73 3.08 -12.78
CA THR A 32 -2.26 3.71 -11.56
C THR A 32 -1.30 4.84 -11.95
N PRO A 33 -1.18 5.84 -11.09
CA PRO A 33 -0.18 6.89 -11.29
C PRO A 33 1.13 6.58 -10.56
N PHE A 34 1.27 5.33 -10.07
CA PHE A 34 2.43 4.89 -9.28
C PHE A 34 2.76 3.47 -9.69
N GLY A 35 3.97 3.05 -9.31
CA GLY A 35 4.39 1.66 -9.36
C GLY A 35 4.47 1.13 -7.93
N GLY A 36 4.48 -0.20 -7.81
CA GLY A 36 4.45 -0.87 -6.51
C GLY A 36 5.28 -2.15 -6.55
N ALA A 37 5.75 -2.57 -5.37
CA ALA A 37 6.32 -3.92 -5.19
C ALA A 37 6.27 -4.33 -3.73
N TRP A 38 5.91 -5.61 -3.57
CA TRP A 38 6.10 -6.29 -2.26
C TRP A 38 7.51 -6.85 -2.26
N CYS A 39 8.28 -6.46 -1.25
CA CYS A 39 9.69 -6.82 -1.16
C CYS A 39 9.99 -7.56 0.14
N ILE A 40 10.90 -8.52 0.00
CA ILE A 40 11.42 -9.28 1.16
C ILE A 40 12.92 -9.21 1.12
N VAL A 41 13.47 -8.72 2.23
CA VAL A 41 14.91 -8.80 2.47
C VAL A 41 15.10 -10.02 3.40
N ARG A 42 15.77 -11.00 2.85
CA ARG A 42 15.92 -12.30 3.56
C ARG A 42 16.80 -12.16 4.77
N PRO A 43 16.67 -13.11 5.72
CA PRO A 43 17.43 -13.03 6.96
C PRO A 43 18.91 -12.87 6.72
N GLU A 44 19.50 -11.95 7.49
CA GLU A 44 20.95 -11.70 7.43
C GLU A 44 21.47 -11.36 6.07
N THR A 45 20.67 -10.51 5.39
CA THR A 45 21.02 -9.96 4.08
C THR A 45 20.73 -8.48 4.09
N LYS A 46 21.26 -7.80 3.09
CA LYS A 46 20.99 -6.40 2.87
C LYS A 46 20.80 -6.25 1.42
N SER A 47 20.19 -5.13 1.04
CA SER A 47 19.75 -4.99 -0.32
C SER A 47 20.52 -3.92 -1.04
N PHE A 48 20.25 -3.70 -2.33
CA PHE A 48 21.22 -2.93 -3.12
C PHE A 48 21.01 -1.41 -3.08
N ARG A 49 22.13 -0.71 -2.95
CA ARG A 49 22.13 0.73 -2.71
C ARG A 49 21.79 1.45 -3.99
N HIS A 50 20.71 2.26 -3.98
CA HIS A 50 20.53 3.12 -5.14
C HIS A 50 19.88 4.41 -4.75
N SER A 51 19.68 5.22 -5.76
CA SER A 51 19.06 6.52 -5.61
C SER A 51 18.44 6.83 -6.97
N HIS A 52 17.41 7.67 -7.03
CA HIS A 52 16.82 7.87 -8.37
C HIS A 52 16.31 9.27 -8.73
N ASN A 53 15.08 9.35 -9.16
CA ASN A 53 14.51 10.60 -9.60
C ASN A 53 13.02 10.33 -9.45
N GLU A 54 12.65 9.35 -8.64
CA GLU A 54 11.28 8.96 -8.52
C GLU A 54 10.93 9.07 -7.02
N TYR A 55 9.85 9.74 -6.64
CA TYR A 55 9.38 9.72 -5.25
C TYR A 55 9.15 8.27 -4.89
N GLU A 56 9.39 7.94 -3.61
CA GLU A 56 9.21 6.58 -3.09
C GLU A 56 8.83 6.61 -1.64
N LEU A 57 7.97 5.68 -1.27
N LEU A 57 7.98 5.65 -1.28
CA LEU A 57 7.59 5.45 0.11
CA LEU A 57 7.41 5.43 0.07
C LEU A 57 7.62 3.95 0.41
C LEU A 57 7.62 3.94 0.39
N PHE A 58 8.06 3.61 1.61
CA PHE A 58 8.02 2.23 2.09
C PHE A 58 6.95 2.14 3.17
N ILE A 59 6.18 1.06 3.05
CA ILE A 59 5.20 0.66 4.08
C ILE A 59 5.77 -0.67 4.68
N VAL A 60 6.18 -0.57 5.94
CA VAL A 60 6.84 -1.75 6.55
C VAL A 60 5.79 -2.70 7.07
N ILE A 61 5.92 -3.92 6.62
CA ILE A 61 4.90 -4.95 6.85
C ILE A 61 5.23 -5.93 7.97
N GLN A 62 6.43 -6.46 8.00
CA GLN A 62 6.72 -7.53 8.98
C GLN A 62 8.21 -7.57 9.17
N GLY A 63 8.61 -7.85 10.42
CA GLY A 63 10.02 -8.04 10.72
C GLY A 63 10.67 -6.77 11.21
N ASN A 64 12.00 -6.75 11.16
CA ASN A 64 12.79 -5.65 11.70
C ASN A 64 13.97 -5.45 10.78
N ALA A 65 14.25 -4.20 10.47
CA ALA A 65 15.38 -3.81 9.62
C ALA A 65 15.92 -2.46 10.01
N ILE A 66 17.04 -2.12 9.37
CA ILE A 66 17.57 -0.76 9.35
C ILE A 66 17.44 -0.24 7.95
N ILE A 67 16.92 0.97 7.83
CA ILE A 67 16.91 1.67 6.55
C ILE A 67 17.96 2.72 6.59
N ARG A 68 18.98 2.55 5.77
CA ARG A 68 20.05 3.50 5.70
C ARG A 68 19.75 4.41 4.56
N ILE A 69 19.62 5.70 4.88
N ILE A 69 19.64 5.69 4.88
CA ILE A 69 19.30 6.74 3.92
CA ILE A 69 19.31 6.74 3.92
C ILE A 69 20.34 7.83 4.09
C ILE A 69 20.35 7.83 4.10
N ASN A 70 21.18 7.98 3.07
CA ASN A 70 22.27 8.92 3.07
C ASN A 70 23.31 8.54 4.10
N ASP A 71 23.47 9.22 5.22
CA ASP A 71 24.17 8.51 6.30
C ASP A 71 23.42 8.56 7.64
N GLU A 72 22.09 8.36 7.59
N GLU A 72 22.08 8.41 7.59
CA GLU A 72 21.32 8.14 8.82
CA GLU A 72 21.32 8.14 8.82
C GLU A 72 20.64 6.76 8.78
C GLU A 72 20.67 6.75 8.78
N ASP A 73 20.65 6.10 9.94
CA ASP A 73 20.06 4.77 10.10
C ASP A 73 18.70 4.93 10.77
N PHE A 74 17.70 4.29 10.18
CA PHE A 74 16.33 4.31 10.71
C PHE A 74 15.95 2.85 11.07
N PRO A 75 15.92 2.49 12.37
CA PRO A 75 15.31 1.16 12.56
C PRO A 75 13.81 1.15 12.35
N VAL A 76 13.32 0.11 11.70
CA VAL A 76 11.90 0.00 11.37
C VAL A 76 11.32 -1.37 11.56
N THR A 77 10.01 -1.38 11.82
CA THR A 77 9.23 -2.58 12.04
C THR A 77 7.83 -2.36 11.46
N LYS A 78 7.03 -3.39 11.46
CA LYS A 78 5.61 -3.36 11.18
C LYS A 78 4.92 -2.07 11.55
N GLY A 79 4.33 -1.50 10.50
CA GLY A 79 3.51 -0.29 10.62
C GLY A 79 4.26 0.96 10.27
N ASP A 80 5.56 1.01 10.35
CA ASP A 80 6.31 2.21 10.09
C ASP A 80 6.25 2.55 8.59
N LEU A 81 6.28 3.86 8.36
N LEU A 81 6.22 3.85 8.35
CA LEU A 81 6.32 4.45 7.03
CA LEU A 81 6.29 4.38 6.99
C LEU A 81 7.55 5.26 6.90
C LEU A 81 7.53 5.24 6.84
N ILE A 82 8.19 5.18 5.75
N ILE A 82 8.17 5.10 5.69
CA ILE A 82 9.36 5.98 5.54
CA ILE A 82 9.43 5.72 5.36
C ILE A 82 9.42 6.43 4.11
C ILE A 82 9.29 6.40 4.02
N ILE A 83 9.79 7.67 3.95
N ILE A 83 9.72 7.64 3.96
CA ILE A 83 9.77 8.31 2.66
CA ILE A 83 9.76 8.34 2.67
C ILE A 83 11.22 8.36 2.22
C ILE A 83 11.22 8.34 2.22
N ILE A 84 11.45 8.11 0.94
CA ILE A 84 12.81 8.02 0.45
C ILE A 84 13.05 9.37 -0.21
N PRO A 85 13.82 10.24 0.43
CA PRO A 85 13.97 11.60 -0.17
C PRO A 85 14.56 11.49 -1.55
N LEU A 86 14.16 12.44 -2.38
CA LEU A 86 14.56 12.46 -3.78
C LEU A 86 16.06 12.45 -3.89
N ASP A 87 16.53 11.52 -4.72
CA ASP A 87 17.96 11.34 -4.96
C ASP A 87 18.82 10.93 -3.76
N SER A 88 18.17 10.57 -2.66
CA SER A 88 18.88 9.95 -1.53
C SER A 88 19.30 8.54 -1.88
N GLU A 89 20.53 8.25 -1.49
CA GLU A 89 21.13 6.92 -1.46
C GLU A 89 20.38 6.07 -0.43
N HIS A 90 19.85 4.91 -0.80
CA HIS A 90 19.18 4.06 0.20
C HIS A 90 19.42 2.62 -0.11
N HIS A 91 19.43 1.86 0.97
CA HIS A 91 19.20 0.40 0.95
C HIS A 91 18.57 -0.08 2.31
N VAL A 92 18.43 -1.39 2.44
N VAL A 92 18.35 -1.38 2.41
CA VAL A 92 17.74 -2.03 3.56
CA VAL A 92 17.73 -2.01 3.56
C VAL A 92 18.65 -3.10 4.11
C VAL A 92 18.64 -3.09 4.11
N ILE A 93 18.79 -3.11 5.44
CA ILE A 93 19.67 -4.03 6.16
C ILE A 93 18.85 -4.86 7.07
N ASN A 94 18.84 -6.17 6.83
CA ASN A 94 18.15 -7.10 7.74
C ASN A 94 19.16 -8.01 8.45
N ASN A 95 19.54 -7.60 9.64
CA ASN A 95 20.52 -8.37 10.41
C ASN A 95 19.93 -9.53 11.19
N ASN A 96 18.66 -9.79 10.99
N ASN A 96 18.62 -9.71 11.06
CA ASN A 96 17.92 -10.68 11.85
CA ASN A 96 17.86 -10.64 11.89
C ASN A 96 17.59 -11.99 11.18
C ASN A 96 17.61 -11.97 11.21
N GLN A 97 17.02 -12.91 11.95
CA GLN A 97 16.78 -14.27 11.46
C GLN A 97 15.41 -14.45 10.80
N GLU A 98 14.56 -13.42 10.83
CA GLU A 98 13.20 -13.47 10.21
C GLU A 98 13.22 -12.59 8.94
N ASP A 99 12.49 -13.03 7.93
CA ASP A 99 12.25 -12.20 6.73
C ASP A 99 11.77 -10.84 7.16
N PHE A 100 12.25 -9.84 6.39
CA PHE A 100 11.78 -8.46 6.50
C PHE A 100 10.96 -8.11 5.26
N HIS A 101 9.70 -7.78 5.51
CA HIS A 101 8.75 -7.47 4.41
C HIS A 101 8.40 -5.99 4.43
N PHE A 102 8.35 -5.39 3.21
CA PHE A 102 7.85 -4.02 3.07
C PHE A 102 7.25 -3.92 1.69
N TYR A 103 6.32 -2.95 1.57
CA TYR A 103 5.79 -2.55 0.26
C TYR A 103 6.39 -1.19 -0.12
N THR A 104 6.84 -1.13 -1.35
CA THR A 104 7.32 0.15 -1.91
C THR A 104 6.34 0.63 -2.96
N ILE A 105 6.03 1.92 -2.87
N ILE A 105 6.09 1.94 -2.92
CA ILE A 105 5.25 2.69 -3.85
CA ILE A 105 5.29 2.67 -3.88
C ILE A 105 6.18 3.78 -4.39
C ILE A 105 6.19 3.78 -4.40
N TRP A 106 6.28 3.91 -5.72
CA TRP A 106 7.10 4.96 -6.33
C TRP A 106 6.29 5.68 -7.43
N TRP A 107 6.64 6.95 -7.64
CA TRP A 107 5.87 7.79 -8.57
C TRP A 107 6.72 8.99 -8.96
N ASP A 108 6.29 9.64 -10.07
CA ASP A 108 7.00 10.77 -10.64
C ASP A 108 5.98 11.49 -11.48
N LYS A 109 6.42 12.65 -11.98
CA LYS A 109 5.59 13.43 -12.92
C LYS A 109 5.22 12.59 -14.11
N GLU A 110 6.15 11.82 -14.62
CA GLU A 110 5.79 10.98 -15.74
C GLU A 110 4.80 9.88 -15.48
N SER A 111 4.92 9.20 -14.35
CA SER A 111 3.98 8.13 -14.07
C SER A 111 2.57 8.71 -13.89
N THR A 112 2.48 9.87 -13.27
N THR A 112 2.50 9.86 -13.27
CA THR A 112 1.19 10.51 -13.03
CA THR A 112 1.23 10.52 -13.03
C THR A 112 0.61 11.03 -14.34
C THR A 112 0.62 11.02 -14.35
N LEU A 113 1.39 11.77 -15.11
CA LEU A 113 0.91 12.19 -16.43
C LEU A 113 0.47 10.99 -17.25
N ASN A 114 1.25 9.89 -17.20
CA ASN A 114 0.86 8.72 -17.98
C ASN A 114 -0.49 8.13 -17.51
N PHE A 115 -0.77 8.17 -16.20
CA PHE A 115 -2.06 7.75 -15.73
C PHE A 115 -3.22 8.54 -16.38
N LEU A 116 -3.08 9.87 -16.34
CA LEU A 116 -4.11 10.76 -16.90
C LEU A 116 -4.30 10.60 -18.42
N THR A 117 -3.20 10.38 -19.08
CA THR A 117 -3.18 10.07 -20.49
C THR A 117 -4.04 8.86 -20.82
N ARG A 118 -3.75 7.77 -20.09
CA ARG A 118 -4.33 6.48 -20.39
C ARG A 118 -5.80 6.53 -20.05
N LEU A 119 -6.15 7.28 -19.01
CA LEU A 119 -7.55 7.57 -18.75
C LEU A 119 -8.20 8.05 -20.04
N GLU A 120 -7.58 9.02 -20.72
CA GLU A 120 -8.14 9.56 -21.95
C GLU A 120 -7.97 8.73 -23.20
N GLN A 121 -6.90 7.93 -23.29
CA GLN A 121 -6.79 6.95 -24.36
C GLN A 121 -8.05 6.07 -24.28
N ASP A 122 -8.48 5.79 -23.05
CA ASP A 122 -9.65 4.92 -22.81
C ASP A 122 -10.95 5.71 -22.89
N MSE B 2 10.05 18.09 5.75
CA MSE B 2 9.41 16.79 5.80
C MSE B 2 9.71 16.17 7.18
O MSE B 2 10.40 16.75 7.99
CB MSE B 2 9.87 15.88 4.62
CG MSE B 2 9.70 14.33 4.91
SE MSE B 2 9.49 12.93 3.58
CE MSE B 2 9.13 14.24 2.15
HA MSE B 2 8.45 16.93 5.72
HB2 MSE B 2 9.40 16.12 3.82
HB3 MSE B 2 10.83 16.03 4.49
HG2 MSE B 2 10.48 14.08 5.35
HG3 MSE B 2 8.92 14.23 5.47
HE1 MSE B 2 8.45 14.79 2.51
HE2 MSE B 2 9.93 14.74 1.99
HE3 MSE B 2 8.84 13.78 1.34
N ASN B 3 9.15 15.04 7.53
CA ASN B 3 9.94 14.21 8.46
C ASN B 3 10.84 13.30 7.66
N ILE B 4 10.70 11.99 7.77
N ILE B 4 10.70 11.99 7.81
CA ILE B 4 11.21 10.98 6.82
CA ILE B 4 11.17 10.98 6.85
C ILE B 4 10.54 9.68 7.26
C ILE B 4 10.47 9.70 7.27
N ILE B 5 10.50 9.46 8.57
CA ILE B 5 9.93 8.28 9.17
C ILE B 5 8.73 8.69 9.96
N ARG B 6 7.65 7.93 9.82
CA ARG B 6 6.57 7.97 10.78
C ARG B 6 6.45 6.59 11.39
N LYS B 7 6.82 6.52 12.64
CA LYS B 7 6.68 5.28 13.40
C LYS B 7 5.21 5.04 13.59
N MSE B 8 4.78 3.80 13.49
CA MSE B 8 3.38 3.48 13.74
C MSE B 8 3.14 3.63 15.24
O MSE B 8 3.92 3.10 16.04
CB MSE B 8 2.99 2.06 13.27
CG MSE B 8 1.55 1.65 13.63
SE MSE B 8 0.22 2.85 12.83
CE MSE B 8 0.35 2.11 11.02
H MSE B 8 5.26 3.14 13.23
HA MSE B 8 2.81 4.11 13.28
HB2 MSE B 8 3.07 1.99 12.32
HB3 MSE B 8 3.59 1.43 13.69
HG2 MSE B 8 1.40 0.77 13.24
HG3 MSE B 8 1.45 1.65 14.60
HE1 MSE B 8 1.14 2.46 10.56
HE2 MSE B 8 0.42 1.15 11.09
HE3 MSE B 8 -0.45 2.37 10.55
N ASP B 9 2.10 4.34 15.59
CA ASP B 9 1.58 4.43 16.96
C ASP B 9 0.25 3.69 16.95
N TRP B 10 0.30 2.46 17.45
CA TRP B 10 -0.85 1.58 17.49
C TRP B 10 -1.88 2.07 18.50
N ASP B 11 -1.50 2.99 19.36
CA ASP B 11 -2.40 3.60 20.31
C ASP B 11 -3.15 4.79 19.72
N SER B 12 -2.85 5.10 18.45
CA SER B 12 -3.38 6.29 17.73
C SER B 12 -4.41 5.96 16.69
N MSE B 13 -4.65 4.69 16.33
CA MSE B 13 -5.66 4.32 15.28
C MSE B 13 -6.94 5.23 15.48
O MSE B 13 -7.29 5.65 16.53
CB MSE B 13 -6.02 2.75 15.13
CG MSE B 13 -4.84 1.37 14.86
SE MSE B 13 -3.31 2.34 14.26
CE MSE B 13 -2.79 1.37 12.52
H MSE B 13 -4.17 4.03 16.59
HA MSE B 13 -5.29 4.60 14.44
HB2 MSE B 13 -6.51 2.50 15.92
HB3 MSE B 13 -6.63 2.68 14.38
HG2 MSE B 13 -4.63 0.94 15.70
HG3 MSE B 13 -5.07 0.74 14.18
HE1 MSE B 13 -1.83 1.33 12.44
HE2 MSE B 13 -3.17 0.48 12.54
HE3 MSE B 13 -3.16 1.87 11.77
N VAL B 14 -7.59 5.58 14.38
CA VAL B 14 -8.85 6.32 14.37
C VAL B 14 -9.90 5.41 13.77
N HIS B 15 -11.00 5.23 14.48
CA HIS B 15 -12.09 4.38 14.04
C HIS B 15 -12.86 5.09 12.94
N GLU B 16 -13.05 4.38 11.84
N GLU B 16 -13.05 4.36 11.83
CA GLU B 16 -13.82 4.94 10.74
CA GLU B 16 -13.73 4.89 10.63
C GLU B 16 -14.11 3.78 9.82
C GLU B 16 -14.85 3.97 10.16
N TYR B 17 -15.28 3.80 9.18
N TYR B 17 -16.04 4.54 10.20
CA TYR B 17 -15.63 2.76 8.22
CA TYR B 17 -17.30 3.81 10.43
C TYR B 17 -15.63 1.39 8.91
C TYR B 17 -17.09 2.49 11.19
N ASP B 18 -16.06 1.43 10.17
N ASP B 18 -16.31 1.55 10.64
CA ASP B 18 -16.15 0.28 11.07
CA ASP B 18 -16.25 0.17 11.18
C ASP B 18 -14.89 -0.58 11.16
C ASP B 18 -14.89 -0.59 11.19
N LEU B 19 -13.76 0.11 11.20
CA LEU B 19 -12.45 -0.49 11.31
C LEU B 19 -11.58 0.54 12.00
N ASP B 20 -10.38 0.16 12.39
CA ASP B 20 -9.46 1.07 13.07
C ASP B 20 -8.28 1.33 12.17
N GLY B 21 -8.07 2.62 11.82
CA GLY B 21 -7.12 2.99 10.77
C GLY B 21 -6.11 4.02 11.18
N SER B 22 -5.11 4.11 10.30
CA SER B 22 -4.08 5.14 10.39
C SER B 22 -3.83 5.70 8.98
N ARG B 23 -4.33 6.91 8.74
CA ARG B 23 -4.22 7.52 7.41
C ARG B 23 -2.82 8.03 7.16
N LEU B 24 -2.40 7.87 5.90
CA LEU B 24 -1.12 8.40 5.41
C LEU B 24 -1.03 9.90 5.53
N LEU B 25 -2.11 10.55 5.12
CA LEU B 25 -2.14 12.00 4.97
C LEU B 25 -3.02 12.65 6.02
N PRO B 26 -2.66 13.87 6.45
CA PRO B 26 -1.56 14.60 5.86
C PRO B 26 -0.21 14.22 6.47
N TRP B 27 0.82 14.64 5.77
CA TRP B 27 2.20 14.42 6.11
C TRP B 27 2.92 15.59 5.51
N GLU B 28 3.43 16.45 6.37
CA GLU B 28 4.07 17.66 5.92
C GLU B 28 5.27 17.34 5.01
N GLY B 29 5.25 17.88 3.78
CA GLY B 29 6.29 17.60 2.78
C GLY B 29 6.09 16.28 2.03
N LEU B 30 4.91 15.71 2.14
CA LEU B 30 4.63 14.51 1.40
C LEU B 30 3.58 14.89 0.39
N ASN B 31 4.01 14.83 -0.85
CA ASN B 31 3.14 15.11 -1.96
C ASN B 31 3.02 13.87 -2.83
N THR B 32 1.83 13.32 -2.77
CA THR B 32 1.55 12.09 -3.46
C THR B 32 0.35 12.31 -4.38
N PRO B 33 0.23 11.47 -5.39
CA PRO B 33 -0.97 11.52 -6.25
C PRO B 33 -2.06 10.55 -5.76
N PHE B 34 -1.85 9.98 -4.55
CA PHE B 34 -2.77 9.02 -3.95
C PHE B 34 -2.91 9.30 -2.46
N GLY B 35 -3.94 8.71 -1.86
CA GLY B 35 -4.08 8.64 -0.41
C GLY B 35 -3.91 7.20 0.03
N GLY B 36 -3.79 7.03 1.34
CA GLY B 36 -3.66 5.68 1.89
C GLY B 36 -4.02 5.62 3.33
N ALA B 37 -4.11 4.36 3.76
CA ALA B 37 -4.34 4.09 5.17
C ALA B 37 -4.00 2.65 5.49
N TRP B 38 -3.45 2.49 6.71
CA TRP B 38 -3.28 1.19 7.36
C TRP B 38 -4.54 0.89 8.12
N CYS B 39 -5.18 -0.21 7.80
CA CYS B 39 -6.45 -0.57 8.39
C CYS B 39 -6.43 -1.90 9.11
N ILE B 40 -7.16 -1.90 10.23
CA ILE B 40 -7.31 -3.12 11.03
C ILE B 40 -8.78 -3.39 11.19
N VAL B 41 -9.19 -4.57 10.72
CA VAL B 41 -10.53 -5.07 10.90
C VAL B 41 -10.41 -6.04 12.11
N ARG B 42 -11.07 -5.68 13.18
CA ARG B 42 -10.93 -6.43 14.43
C ARG B 42 -11.63 -7.79 14.33
N PRO B 43 -11.30 -8.73 15.25
CA PRO B 43 -11.84 -10.07 15.18
C PRO B 43 -13.34 -10.11 15.20
N GLU B 44 -13.88 -10.95 14.34
CA GLU B 44 -15.30 -11.28 14.29
C GLU B 44 -16.16 -10.00 14.09
N THR B 45 -15.65 -9.17 13.17
CA THR B 45 -16.31 -7.93 12.66
C THR B 45 -16.15 -7.83 11.16
N LYS B 46 -16.92 -6.90 10.58
N LYS B 46 -16.82 -6.84 10.60
CA LYS B 46 -16.85 -6.54 9.18
CA LYS B 46 -16.59 -6.52 9.23
C LYS B 46 -16.85 -5.02 9.06
C LYS B 46 -16.75 -5.05 8.95
N SER B 47 -16.10 -4.50 8.09
N SER B 47 -16.42 -4.73 7.71
CA SER B 47 -16.08 -3.03 7.82
CA SER B 47 -16.44 -3.39 7.18
C SER B 47 -17.34 -2.52 7.10
C SER B 47 -17.26 -3.48 5.92
N PHE B 48 -17.45 -1.19 6.98
N PHE B 48 -18.00 -2.41 5.64
CA PHE B 48 -18.63 -0.54 6.40
CA PHE B 48 -18.78 -2.30 4.42
C PHE B 48 -18.62 -0.73 4.88
C PHE B 48 -18.74 -0.88 3.93
N ARG B 49 -19.79 -0.93 4.27
N ARG B 49 -18.66 -0.72 2.61
CA ARG B 49 -19.85 -1.21 2.83
CA ARG B 49 -18.89 0.57 1.95
C ARG B 49 -20.20 0.10 2.14
C ARG B 49 -19.67 0.33 0.65
N HIS B 50 -19.31 0.53 1.24
N HIS B 50 -20.73 1.11 0.43
CA HIS B 50 -19.61 1.63 0.32
CA HIS B 50 -21.36 1.25 -0.90
C HIS B 50 -18.65 1.57 -0.87
C HIS B 50 -20.28 1.75 -1.90
N SER B 51 -18.23 2.71 -1.41
N SER B 51 -20.68 2.34 -3.01
CA SER B 51 -17.64 2.68 -2.73
CA SER B 51 -19.75 2.61 -4.12
C SER B 51 -16.94 3.96 -3.16
C SER B 51 -18.73 3.77 -3.90
N HIS B 52 -15.71 4.28 -2.75
N HIS B 52 -17.69 3.85 -4.74
CA HIS B 52 -15.18 5.59 -3.24
CA HIS B 52 -17.03 5.13 -5.04
C HIS B 52 -14.98 5.51 -4.77
C HIS B 52 -16.40 5.21 -6.44
N ASN B 53 -15.35 6.57 -5.53
N ASN B 53 -16.25 6.45 -6.90
CA ASN B 53 -15.45 6.47 -7.00
CA ASN B 53 -15.70 6.76 -8.21
C ASN B 53 -14.04 6.56 -7.53
C ASN B 53 -14.20 6.93 -8.22
N GLU B 54 -13.24 7.17 -6.70
N GLU B 54 -13.59 6.82 -7.05
CA GLU B 54 -11.83 6.92 -6.68
CA GLU B 54 -12.14 6.72 -6.92
C GLU B 54 -11.53 5.43 -6.91
C GLU B 54 -11.67 5.31 -7.17
N TYR B 55 -10.41 5.19 -7.57
CA TYR B 55 -9.78 3.87 -7.70
C TYR B 55 -9.18 3.55 -6.37
N GLU B 56 -9.05 2.25 -6.10
CA GLU B 56 -8.54 1.78 -4.80
C GLU B 56 -7.97 0.42 -5.00
N LEU B 57 -6.93 0.15 -4.18
CA LEU B 57 -6.45 -1.22 -4.09
C LEU B 57 -6.07 -1.49 -2.66
N PHE B 58 -6.15 -2.79 -2.31
CA PHE B 58 -5.79 -3.27 -0.97
C PHE B 58 -4.57 -4.16 -1.11
N ILE B 59 -3.67 -3.95 -0.17
CA ILE B 59 -2.47 -4.78 0.02
C ILE B 59 -2.68 -5.53 1.36
N VAL B 60 -2.83 -6.85 1.29
CA VAL B 60 -3.18 -7.64 2.50
C VAL B 60 -1.92 -7.98 3.31
N ILE B 61 -1.93 -7.52 4.55
CA ILE B 61 -0.72 -7.54 5.39
C ILE B 61 -0.68 -8.65 6.43
N GLN B 62 -1.79 -8.95 7.08
CA GLN B 62 -1.78 -10.00 8.10
C GLN B 62 -3.16 -10.45 8.38
N GLY B 63 -3.24 -11.74 8.69
CA GLY B 63 -4.49 -12.38 9.04
C GLY B 63 -5.20 -12.91 7.82
N ASN B 64 -6.47 -13.17 8.02
CA ASN B 64 -7.31 -13.75 6.98
C ASN B 64 -8.63 -13.05 6.97
N ALA B 65 -9.18 -12.80 5.79
CA ALA B 65 -10.48 -12.17 5.66
C ALA B 65 -11.14 -12.62 4.38
N ILE B 66 -12.39 -12.20 4.25
CA ILE B 66 -13.14 -12.36 3.01
C ILE B 66 -13.40 -10.93 2.54
N ILE B 67 -13.06 -10.67 1.30
CA ILE B 67 -13.42 -9.42 0.70
C ILE B 67 -14.54 -9.72 -0.31
N ARG B 68 -15.69 -9.10 -0.07
CA ARG B 68 -16.85 -9.32 -0.93
C ARG B 68 -16.94 -8.11 -1.84
N ILE B 69 -16.87 -8.37 -3.12
CA ILE B 69 -16.86 -7.30 -4.12
C ILE B 69 -18.10 -7.53 -4.91
N ASN B 70 -19.03 -6.59 -4.73
N ASN B 70 -19.06 -6.60 -4.79
CA ASN B 70 -20.39 -6.74 -5.22
CA ASN B 70 -20.33 -6.68 -5.53
C ASN B 70 -20.81 -8.18 -4.89
C ASN B 70 -20.91 -8.09 -5.48
N ASP B 71 -20.90 -9.04 -5.91
N ASP B 71 -21.05 -8.60 -4.26
CA ASP B 71 -21.47 -10.37 -5.76
CA ASP B 71 -21.72 -9.86 -3.99
C ASP B 71 -20.46 -11.51 -5.70
C ASP B 71 -20.93 -11.13 -4.38
N GLU B 72 -19.23 -11.23 -5.27
N GLU B 72 -19.63 -10.97 -4.61
CA GLU B 72 -18.27 -12.30 -5.17
CA GLU B 72 -18.72 -12.08 -4.87
C GLU B 72 -17.40 -12.15 -3.94
C GLU B 72 -17.59 -12.08 -3.82
N ASP B 73 -17.32 -13.25 -3.22
CA ASP B 73 -16.44 -13.33 -2.06
C ASP B 73 -15.06 -13.80 -2.47
N PHE B 74 -14.06 -13.03 -2.03
CA PHE B 74 -12.66 -13.29 -2.34
C PHE B 74 -11.90 -13.54 -1.02
N PRO B 75 -11.57 -14.81 -0.70
CA PRO B 75 -10.79 -14.89 0.52
C PRO B 75 -9.37 -14.44 0.29
N VAL B 76 -8.77 -13.80 1.29
CA VAL B 76 -7.40 -13.33 1.13
C VAL B 76 -6.54 -13.71 2.31
N THR B 77 -5.23 -13.75 2.13
N THR B 77 -5.24 -13.78 2.04
CA THR B 77 -4.31 -13.59 3.25
CA THR B 77 -4.16 -13.95 3.01
C THR B 77 -3.15 -12.76 2.83
C THR B 77 -3.08 -12.88 2.78
N LYS B 78 -2.18 -12.70 3.72
CA LYS B 78 -0.96 -11.94 3.52
C LYS B 78 -0.34 -12.13 2.17
N GLY B 79 -0.07 -10.97 1.55
CA GLY B 79 0.55 -10.90 0.22
C GLY B 79 -0.45 -10.70 -0.88
N ASP B 80 -1.71 -11.00 -0.68
CA ASP B 80 -2.71 -10.82 -1.73
C ASP B 80 -2.96 -9.34 -1.98
N LEU B 81 -3.20 -9.04 -3.25
CA LEU B 81 -3.57 -7.68 -3.68
C LEU B 81 -4.95 -7.78 -4.30
N ILE B 82 -5.80 -6.81 -3.96
N ILE B 82 -5.77 -6.78 -4.05
CA ILE B 82 -7.16 -6.69 -4.52
CA ILE B 82 -7.08 -6.77 -4.64
C ILE B 82 -7.35 -5.30 -5.09
C ILE B 82 -7.45 -5.35 -5.04
N ILE B 83 -8.02 -5.26 -6.23
CA ILE B 83 -8.40 -4.00 -6.87
C ILE B 83 -9.89 -3.81 -6.51
N ILE B 84 -10.25 -2.61 -6.10
CA ILE B 84 -11.65 -2.31 -5.79
C ILE B 84 -12.23 -1.54 -6.97
N PRO B 85 -12.99 -2.25 -7.82
CA PRO B 85 -13.49 -1.60 -9.05
C PRO B 85 -14.35 -0.39 -8.74
N LEU B 86 -14.31 0.54 -9.71
CA LEU B 86 -15.13 1.75 -9.70
C LEU B 86 -16.57 1.41 -9.45
N ASP B 87 -17.13 2.18 -8.54
CA ASP B 87 -18.48 2.06 -8.11
C ASP B 87 -18.90 0.66 -7.69
N SER B 88 -17.92 -0.23 -7.50
CA SER B 88 -18.26 -1.44 -6.74
C SER B 88 -18.40 -1.13 -5.29
N GLU B 89 -19.38 -1.80 -4.73
N GLU B 89 -19.25 -1.89 -4.62
CA GLU B 89 -19.59 -1.88 -3.32
CA GLU B 89 -19.28 -1.92 -3.15
C GLU B 89 -18.58 -2.87 -2.78
C GLU B 89 -18.52 -3.15 -2.63
N HIS B 90 -17.85 -2.44 -1.77
N HIS B 90 -17.87 -3.01 -1.47
CA HIS B 90 -16.83 -3.28 -1.16
CA HIS B 90 -17.15 -4.14 -0.86
C HIS B 90 -16.82 -3.12 0.35
C HIS B 90 -17.45 -4.40 0.63
N HIS B 91 -16.52 -4.24 1.02
N HIS B 91 -17.13 -5.62 1.07
CA HIS B 91 -16.25 -4.27 2.45
CA HIS B 91 -17.21 -6.01 2.46
C HIS B 91 -15.45 -5.54 2.82
C HIS B 91 -15.84 -6.59 2.78
N VAL B 92 -14.95 -5.61 4.06
N VAL B 92 -15.22 -6.17 3.89
CA VAL B 92 -14.02 -6.66 4.53
CA VAL B 92 -14.06 -6.87 4.47
C VAL B 92 -14.58 -7.47 5.74
C VAL B 92 -14.57 -7.50 5.72
N ILE B 93 -14.61 -8.81 5.65
CA ILE B 93 -15.16 -9.65 6.72
C ILE B 93 -14.05 -10.41 7.39
N ASN B 94 -13.90 -10.22 8.71
CA ASN B 94 -12.93 -11.00 9.49
C ASN B 94 -13.64 -11.91 10.47
N ASN B 95 -13.72 -13.19 10.11
CA ASN B 95 -14.37 -14.20 10.98
C ASN B 95 -13.45 -14.80 12.01
N ASN B 96 -12.24 -14.34 12.06
CA ASN B 96 -11.16 -15.07 12.60
C ASN B 96 -11.00 -14.36 13.93
N GLN B 97 -9.96 -14.75 14.63
CA GLN B 97 -9.88 -14.52 16.04
C GLN B 97 -8.72 -13.59 16.29
N GLU B 98 -7.94 -13.31 15.23
CA GLU B 98 -6.92 -12.27 15.26
C GLU B 98 -7.34 -11.11 14.35
N ASP B 99 -6.62 -10.02 14.53
CA ASP B 99 -6.83 -8.84 13.69
C ASP B 99 -6.46 -9.13 12.26
N PHE B 100 -7.19 -8.48 11.38
CA PHE B 100 -6.91 -8.46 9.93
C PHE B 100 -6.37 -7.10 9.53
N HIS B 101 -5.14 -7.10 9.03
CA HIS B 101 -4.47 -5.84 8.62
C HIS B 101 -4.36 -5.79 7.11
N PHE B 102 -4.64 -4.59 6.55
CA PHE B 102 -4.41 -4.33 5.12
C PHE B 102 -4.10 -2.86 5.00
N TYR B 103 -3.42 -2.54 3.88
CA TYR B 103 -3.19 -1.14 3.49
C TYR B 103 -4.04 -0.84 2.26
N THR B 104 -4.72 0.29 2.29
CA THR B 104 -5.46 0.75 1.12
C THR B 104 -4.77 1.99 0.54
N ILE B 105 -4.73 2.00 -0.79
N ILE B 105 -4.71 2.00 -0.78
CA ILE B 105 -4.22 3.13 -1.61
CA ILE B 105 -4.21 3.12 -1.58
C ILE B 105 -5.39 3.50 -2.51
C ILE B 105 -5.38 3.50 -2.51
N TRP B 106 -5.73 4.78 -2.55
CA TRP B 106 -6.82 5.27 -3.41
C TRP B 106 -6.32 6.49 -4.19
N TRP B 107 -6.92 6.68 -5.37
CA TRP B 107 -6.48 7.75 -6.29
C TRP B 107 -7.59 8.03 -7.29
N ASP B 108 -7.53 9.25 -7.86
CA ASP B 108 -8.41 9.65 -8.94
C ASP B 108 -7.73 10.74 -9.71
N LYS B 109 -8.51 11.31 -10.63
CA LYS B 109 -8.00 12.44 -11.42
C LYS B 109 -7.73 13.63 -10.55
N GLU B 110 -8.60 13.89 -9.59
CA GLU B 110 -8.38 15.01 -8.69
C GLU B 110 -7.10 14.87 -7.89
N SER B 111 -6.81 13.66 -7.43
CA SER B 111 -5.62 13.48 -6.59
C SER B 111 -4.32 13.58 -7.41
N THR B 112 -4.37 13.06 -8.62
N THR B 112 -4.36 13.07 -8.63
CA THR B 112 -3.23 13.06 -9.51
CA THR B 112 -3.18 13.08 -9.50
C THR B 112 -2.90 14.49 -10.01
C THR B 112 -2.88 14.50 -10.00
N LEU B 113 -3.90 15.21 -10.45
CA LEU B 113 -3.70 16.59 -10.87
C LEU B 113 -3.20 17.43 -9.71
N ASN B 114 -3.77 17.20 -8.52
CA ASN B 114 -3.36 18.00 -7.38
C ASN B 114 -1.88 17.79 -7.09
N PHE B 115 -1.40 16.54 -7.19
CA PHE B 115 0.02 16.27 -7.07
C PHE B 115 0.84 17.13 -8.06
N LEU B 116 0.38 17.12 -9.30
CA LEU B 116 1.11 17.87 -10.34
C LEU B 116 1.07 19.37 -10.15
N THR B 117 -0.04 19.90 -9.68
CA THR B 117 -0.09 21.36 -9.52
C THR B 117 0.73 21.76 -8.31
N ARG B 118 0.71 20.94 -7.26
CA ARG B 118 1.48 21.28 -6.07
C ARG B 118 2.97 21.26 -6.37
N LEU B 119 3.36 20.30 -7.18
CA LEU B 119 4.71 20.24 -7.68
C LEU B 119 5.08 21.50 -8.49
N GLU B 120 4.24 21.94 -9.41
CA GLU B 120 4.48 23.21 -10.06
C GLU B 120 4.39 24.38 -9.07
N GLN B 121 3.46 24.34 -8.13
CA GLN B 121 3.30 25.45 -7.19
C GLN B 121 4.49 25.56 -6.25
NI NI C . 14.42 3.17 -4.48
NA NA D . 7.92 -16.16 7.98
NI NI E . -13.37 1.93 -0.80
N MSE A 2 -10.56 -7.31 -16.39
CA MSE A 2 -9.26 -7.33 -15.72
C MSE A 2 -9.36 -8.38 -14.60
O MSE A 2 -10.50 -8.74 -14.26
CB MSE A 2 -8.91 -5.90 -15.22
CG MSE A 2 -7.95 -5.71 -14.00
SE MSE A 2 -7.16 -3.99 -13.39
CE MSE A 2 -8.81 -3.16 -12.88
HA MSE A 2 -8.58 -7.61 -16.35
HB2 MSE A 2 -8.54 -5.41 -15.97
HB3 MSE A 2 -9.74 -5.49 -14.94
HG2 MSE A 2 -8.49 -5.99 -13.26
HG3 MSE A 2 -7.21 -6.32 -14.13
HE1 MSE A 2 -9.46 -3.35 -13.56
HE2 MSE A 2 -9.12 -3.54 -12.05
HE3 MSE A 2 -8.65 -2.21 -12.78
N ASN A 3 -8.21 -8.87 -14.09
CA ASN A 3 -8.07 -9.56 -12.81
C ASN A 3 -8.48 -8.67 -11.64
N ILE A 4 -9.19 -9.22 -10.67
N ILE A 4 -9.29 -9.17 -10.71
CA ILE A 4 -9.68 -8.49 -9.53
CA ILE A 4 -9.65 -8.45 -9.48
C ILE A 4 -8.82 -8.76 -8.29
C ILE A 4 -8.60 -8.67 -8.39
N ILE A 5 -8.19 -9.92 -8.29
CA ILE A 5 -7.40 -10.40 -7.18
C ILE A 5 -6.16 -10.92 -7.81
N ARG A 6 -5.04 -10.75 -7.11
N ARG A 6 -5.05 -10.73 -7.14
CA ARG A 6 -3.80 -11.43 -7.41
CA ARG A 6 -3.82 -11.45 -7.39
C ARG A 6 -3.31 -12.10 -6.12
C ARG A 6 -3.34 -12.10 -6.12
N LYS A 7 -3.54 -13.41 -6.04
CA LYS A 7 -3.06 -14.15 -4.91
C LYS A 7 -1.56 -14.22 -4.94
N MSE A 8 -0.97 -14.00 -3.78
CA MSE A 8 0.45 -14.03 -3.74
C MSE A 8 1.01 -15.41 -4.01
O MSE A 8 0.52 -16.38 -3.46
CB MSE A 8 0.94 -13.51 -2.43
CG MSE A 8 2.41 -13.66 -2.22
SE MSE A 8 3.57 -12.75 -3.50
CE MSE A 8 3.27 -11.01 -2.70
HA MSE A 8 0.81 -13.44 -4.43
HB2 MSE A 8 0.79 -12.55 -2.41
HB3 MSE A 8 0.48 -13.94 -1.71
HG2 MSE A 8 2.60 -13.27 -1.35
HG3 MSE A 8 2.64 -14.60 -2.22
HE1 MSE A 8 3.08 -10.34 -3.36
HE2 MSE A 8 2.51 -11.10 -2.12
HE3 MSE A 8 4.04 -10.75 -2.15
N ASP A 9 2.03 -15.50 -4.88
CA ASP A 9 2.83 -16.79 -5.00
C ASP A 9 4.24 -16.35 -4.63
N TRP A 10 4.68 -16.68 -3.42
CA TRP A 10 6.02 -16.25 -3.01
C TRP A 10 7.14 -16.87 -3.92
N ASP A 11 6.85 -18.04 -4.45
CA ASP A 11 7.82 -18.65 -5.37
C ASP A 11 7.78 -17.99 -6.76
N SER A 12 6.90 -17.00 -6.89
CA SER A 12 6.84 -16.26 -8.17
C SER A 12 7.61 -14.98 -8.08
N MSE A 13 8.36 -14.70 -7.02
CA MSE A 13 9.03 -13.41 -6.81
C MSE A 13 10.31 -13.43 -7.63
O MSE A 13 10.98 -14.42 -7.83
CB MSE A 13 9.34 -13.22 -5.33
CG MSE A 13 8.01 -13.18 -4.53
SE MSE A 13 8.64 -12.86 -2.77
CE MSE A 13 7.57 -11.22 -2.42
H MSE A 13 8.46 -15.23 -6.37
HA MSE A 13 8.46 -12.70 -7.10
HB2 MSE A 13 9.87 -13.97 -5.08
HB3 MSE A 13 9.85 -12.41 -5.16
HG2 MSE A 13 7.46 -12.44 -4.80
HG3 MSE A 13 7.54 -14.02 -4.63
HE1 MSE A 13 6.64 -11.43 -2.24
HE2 MSE A 13 7.95 -10.72 -1.69
HE3 MSE A 13 7.60 -10.70 -3.24
N VAL A 14 10.63 -12.25 -8.14
CA VAL A 14 11.83 -12.01 -8.92
C VAL A 14 12.87 -11.34 -8.05
N HIS A 15 14.05 -11.92 -8.03
CA HIS A 15 15.16 -11.40 -7.31
C HIS A 15 15.75 -10.26 -8.10
N GLU A 16 15.82 -9.14 -7.43
CA GLU A 16 16.32 -7.92 -8.07
C GLU A 16 16.55 -6.95 -6.90
N TYR A 17 17.51 -6.03 -7.04
CA TYR A 17 17.87 -5.11 -5.99
C TYR A 17 18.43 -5.90 -4.78
N ASP A 18 18.84 -7.13 -5.10
CA ASP A 18 19.37 -8.08 -4.16
C ASP A 18 18.36 -8.62 -3.12
N LEU A 19 17.09 -8.30 -3.30
CA LEU A 19 15.95 -8.73 -2.53
C LEU A 19 14.96 -9.47 -3.41
N ASP A 20 13.92 -10.02 -2.82
CA ASP A 20 12.91 -10.75 -3.52
C ASP A 20 11.69 -9.88 -3.63
N GLY A 21 11.20 -9.66 -4.86
CA GLY A 21 10.07 -8.74 -5.09
C GLY A 21 8.97 -9.36 -5.91
N SER A 22 7.81 -8.79 -5.67
CA SER A 22 6.60 -9.02 -6.48
C SER A 22 6.05 -7.67 -6.91
N ARG A 23 6.34 -7.38 -8.17
CA ARG A 23 5.90 -6.05 -8.70
C ARG A 23 4.41 -5.99 -8.92
N LEU A 24 3.83 -4.85 -8.62
CA LEU A 24 2.41 -4.56 -8.93
C LEU A 24 2.08 -4.68 -10.42
N LEU A 25 2.94 -4.06 -11.18
CA LEU A 25 2.70 -3.89 -12.62
C LEU A 25 3.58 -4.84 -13.35
N PRO A 26 3.13 -5.38 -14.50
CA PRO A 26 1.83 -5.07 -15.10
C PRO A 26 0.65 -5.78 -14.38
N TRP A 27 -0.54 -5.24 -14.62
CA TRP A 27 -1.80 -5.79 -14.15
C TRP A 27 -2.78 -5.28 -15.21
N GLU A 28 -3.24 -6.17 -16.09
CA GLU A 28 -4.02 -5.75 -17.24
C GLU A 28 -5.20 -4.89 -16.82
N GLY A 29 -5.28 -3.70 -17.40
CA GLY A 29 -6.21 -2.63 -17.07
C GLY A 29 -5.66 -1.70 -16.01
N LEU A 30 -5.26 -2.29 -14.92
CA LEU A 30 -4.94 -1.51 -13.73
C LEU A 30 -4.09 -0.34 -14.11
N ASN A 31 -4.77 0.76 -14.05
CA ASN A 31 -4.14 2.03 -14.35
C ASN A 31 -3.93 2.87 -13.10
N THR A 32 -2.68 3.07 -12.81
CA THR A 32 -2.23 3.72 -11.58
C THR A 32 -1.29 4.84 -11.96
N PRO A 33 -1.18 5.83 -11.10
CA PRO A 33 -0.20 6.89 -11.32
C PRO A 33 1.12 6.59 -10.59
N PHE A 34 1.27 5.34 -10.09
CA PHE A 34 2.43 4.87 -9.30
C PHE A 34 2.74 3.44 -9.70
N GLY A 35 3.94 3.05 -9.32
CA GLY A 35 4.39 1.65 -9.35
C GLY A 35 4.49 1.15 -7.91
N GLY A 36 4.58 -0.17 -7.80
CA GLY A 36 4.58 -0.81 -6.50
C GLY A 36 5.33 -2.13 -6.56
N ALA A 37 5.76 -2.56 -5.36
CA ALA A 37 6.32 -3.93 -5.18
C ALA A 37 6.25 -4.33 -3.73
N TRP A 38 5.90 -5.61 -3.57
CA TRP A 38 6.10 -6.28 -2.26
C TRP A 38 7.52 -6.84 -2.26
N CYS A 39 8.27 -6.46 -1.23
CA CYS A 39 9.67 -6.84 -1.13
C CYS A 39 9.99 -7.56 0.17
N ILE A 40 10.92 -8.49 0.01
CA ILE A 40 11.41 -9.30 1.16
C ILE A 40 12.91 -9.23 1.12
N VAL A 41 13.45 -8.73 2.21
CA VAL A 41 14.91 -8.83 2.47
C VAL A 41 15.10 -10.03 3.41
N ARG A 42 15.79 -11.01 2.86
CA ARG A 42 15.93 -12.31 3.56
C ARG A 42 16.79 -12.16 4.77
N PRO A 43 16.65 -13.10 5.71
CA PRO A 43 17.41 -13.01 6.96
C PRO A 43 18.89 -12.86 6.72
N GLU A 44 19.50 -11.95 7.49
CA GLU A 44 20.96 -11.72 7.43
C GLU A 44 21.48 -11.38 6.06
N THR A 45 20.69 -10.54 5.39
CA THR A 45 21.07 -9.97 4.10
C THR A 45 20.74 -8.49 4.06
N LYS A 46 21.17 -7.87 2.99
CA LYS A 46 20.85 -6.49 2.82
C LYS A 46 20.62 -6.25 1.37
N SER A 47 19.82 -5.21 1.10
CA SER A 47 19.68 -4.58 -0.20
C SER A 47 20.62 -3.29 -0.05
N PHE A 48 20.77 -2.51 -1.14
CA PHE A 48 22.10 -2.25 -1.63
C PHE A 48 22.38 -0.98 -2.36
N ARG A 49 23.32 -0.22 -1.86
CA ARG A 49 23.28 1.20 -1.90
C ARG A 49 23.04 1.89 -3.33
N HIS A 50 21.78 2.34 -3.65
CA HIS A 50 21.41 3.12 -4.92
C HIS A 50 20.56 4.43 -4.79
N SER A 51 20.31 5.12 -5.92
CA SER A 51 19.48 6.39 -5.91
C SER A 51 18.67 6.83 -7.14
N HIS A 52 17.66 7.69 -6.92
CA HIS A 52 16.78 8.13 -8.00
C HIS A 52 16.01 9.48 -7.78
N ASN A 53 15.60 10.11 -8.88
CA ASN A 53 14.69 11.27 -8.85
C ASN A 53 13.28 10.95 -8.39
N GLU A 54 12.83 9.77 -8.77
CA GLU A 54 11.49 9.35 -8.46
C GLU A 54 11.18 9.38 -6.96
N TYR A 55 9.96 9.76 -6.61
CA TYR A 55 9.42 9.71 -5.23
C TYR A 55 9.18 8.25 -4.90
N GLU A 56 9.36 7.94 -3.60
CA GLU A 56 9.21 6.56 -3.09
C GLU A 56 8.87 6.63 -1.64
N LEU A 57 8.03 5.70 -1.26
N LEU A 57 8.00 5.69 -1.27
CA LEU A 57 7.74 5.45 0.11
CA LEU A 57 7.44 5.45 0.08
C LEU A 57 7.68 3.93 0.37
C LEU A 57 7.57 3.93 0.39
N PHE A 58 8.06 3.58 1.59
CA PHE A 58 8.04 2.21 2.07
C PHE A 58 6.96 2.13 3.17
N ILE A 59 6.19 1.07 3.07
CA ILE A 59 5.21 0.67 4.09
C ILE A 59 5.78 -0.68 4.68
N VAL A 60 6.18 -0.57 5.95
CA VAL A 60 6.84 -1.74 6.60
C VAL A 60 5.77 -2.71 7.07
N ILE A 61 5.89 -3.93 6.56
CA ILE A 61 4.86 -4.98 6.75
C ILE A 61 5.21 -5.94 7.91
N GLN A 62 6.44 -6.46 7.99
CA GLN A 62 6.69 -7.51 8.98
C GLN A 62 8.17 -7.54 9.17
N GLY A 63 8.55 -7.82 10.43
CA GLY A 63 9.96 -7.99 10.76
C GLY A 63 10.66 -6.74 11.22
N ASN A 64 11.99 -6.77 11.17
CA ASN A 64 12.80 -5.64 11.59
C ASN A 64 13.92 -5.43 10.63
N ALA A 65 14.34 -4.19 10.51
CA ALA A 65 15.42 -3.83 9.59
C ALA A 65 15.92 -2.47 9.97
N ILE A 66 17.05 -2.13 9.35
CA ILE A 66 17.60 -0.75 9.30
C ILE A 66 17.49 -0.23 7.91
N ILE A 67 16.80 0.90 7.75
CA ILE A 67 16.77 1.60 6.48
C ILE A 67 17.89 2.62 6.59
N ARG A 68 18.90 2.53 5.74
CA ARG A 68 20.01 3.48 5.74
C ARG A 68 19.77 4.41 4.60
N ILE A 69 19.55 5.68 4.92
N ILE A 69 19.55 5.68 4.92
CA ILE A 69 19.25 6.69 3.93
CA ILE A 69 19.25 6.70 3.93
C ILE A 69 20.33 7.77 4.07
C ILE A 69 20.33 7.77 4.07
N ASN A 70 21.15 7.89 3.03
CA ASN A 70 22.23 8.83 3.04
C ASN A 70 23.03 8.48 4.25
N ASP A 71 23.37 9.48 5.06
CA ASP A 71 24.20 9.22 6.24
C ASP A 71 23.50 8.25 7.27
N GLU A 72 22.31 8.62 7.75
N GLU A 72 22.31 8.64 7.75
CA GLU A 72 21.74 7.96 8.94
CA GLU A 72 21.62 8.06 8.94
C GLU A 72 20.90 6.67 8.79
C GLU A 72 20.87 6.69 8.80
N ASP A 73 20.76 5.98 9.91
CA ASP A 73 20.06 4.72 9.98
C ASP A 73 18.76 4.93 10.77
N PHE A 74 17.77 4.20 10.32
CA PHE A 74 16.41 4.20 10.92
C PHE A 74 16.10 2.74 11.31
N PRO A 75 16.06 2.42 12.60
CA PRO A 75 15.27 1.22 12.94
C PRO A 75 13.82 1.29 12.39
N VAL A 76 13.33 0.17 11.92
CA VAL A 76 11.92 0.07 11.46
C VAL A 76 11.33 -1.26 11.72
N THR A 77 10.02 -1.28 11.88
CA THR A 77 9.27 -2.51 12.02
C THR A 77 7.84 -2.33 11.57
N LYS A 78 7.01 -3.30 11.68
CA LYS A 78 5.62 -3.32 11.22
C LYS A 78 4.91 -2.06 11.57
N GLY A 79 4.33 -1.51 10.50
CA GLY A 79 3.49 -0.29 10.57
C GLY A 79 4.26 0.96 10.28
N ASP A 80 5.55 0.99 10.32
CA ASP A 80 6.30 2.20 10.07
C ASP A 80 6.25 2.54 8.58
N LEU A 81 6.27 3.84 8.34
N LEU A 81 6.26 3.85 8.34
CA LEU A 81 6.31 4.44 7.00
CA LEU A 81 6.29 4.45 7.01
C LEU A 81 7.54 5.27 6.87
C LEU A 81 7.55 5.26 6.85
N ILE A 82 8.21 5.13 5.74
N ILE A 82 8.19 5.10 5.70
CA ILE A 82 9.39 5.91 5.50
CA ILE A 82 9.44 5.75 5.35
C ILE A 82 9.49 6.35 4.05
C ILE A 82 9.29 6.43 4.02
N ILE A 83 9.70 7.66 3.95
N ILE A 83 9.71 7.68 3.97
CA ILE A 83 9.80 8.31 2.67
CA ILE A 83 9.82 8.38 2.70
C ILE A 83 11.25 8.27 2.24
C ILE A 83 11.26 8.29 2.24
N ILE A 84 11.45 8.05 0.97
CA ILE A 84 12.80 7.97 0.44
C ILE A 84 13.03 9.34 -0.24
N PRO A 85 13.84 10.22 0.38
CA PRO A 85 14.05 11.55 -0.22
C PRO A 85 14.61 11.38 -1.59
N LEU A 86 14.17 12.34 -2.41
CA LEU A 86 14.62 12.46 -3.79
C LEU A 86 16.11 12.50 -3.84
N ASP A 87 16.67 11.63 -4.65
CA ASP A 87 18.11 11.56 -4.91
C ASP A 87 18.99 11.03 -3.77
N SER A 88 18.34 10.61 -2.69
CA SER A 88 19.11 10.01 -1.58
C SER A 88 19.43 8.54 -1.85
N GLU A 89 20.59 8.10 -1.36
CA GLU A 89 21.07 6.70 -1.42
C GLU A 89 20.54 5.71 -0.29
N HIS A 90 20.18 4.44 -0.57
CA HIS A 90 19.44 3.68 0.45
C HIS A 90 19.93 2.17 0.82
N HIS A 91 19.96 1.70 2.13
CA HIS A 91 20.14 0.29 2.58
C HIS A 91 18.99 -0.23 3.50
N VAL A 92 18.44 -1.39 3.11
N VAL A 92 18.40 -1.34 3.07
CA VAL A 92 17.50 -2.12 3.90
CA VAL A 92 17.49 -2.10 3.88
C VAL A 92 18.34 -3.24 4.40
C VAL A 92 18.36 -3.22 4.39
N ILE A 93 18.86 -3.04 5.59
CA ILE A 93 19.70 -4.00 6.24
C ILE A 93 18.86 -4.84 7.12
N ASN A 94 18.85 -6.15 6.84
CA ASN A 94 18.15 -7.09 7.75
C ASN A 94 19.13 -8.01 8.49
N ASN A 95 19.46 -7.59 9.70
CA ASN A 95 20.33 -8.41 10.56
C ASN A 95 19.69 -9.50 11.44
N ASN A 96 18.43 -9.75 11.19
N ASN A 96 18.40 -9.71 11.23
CA ASN A 96 17.56 -10.54 12.01
CA ASN A 96 17.62 -10.59 12.06
C ASN A 96 17.31 -11.92 11.42
C ASN A 96 17.30 -11.93 11.41
N GLN A 97 16.72 -12.81 12.20
CA GLN A 97 16.49 -14.18 11.81
C GLN A 97 15.31 -14.38 10.95
N GLU A 98 14.50 -13.35 10.87
CA GLU A 98 13.21 -13.45 10.19
C GLU A 98 13.20 -12.56 8.97
N ASP A 99 12.49 -12.99 7.94
CA ASP A 99 12.26 -12.17 6.72
C ASP A 99 11.77 -10.83 7.17
N PHE A 100 12.22 -9.85 6.39
CA PHE A 100 11.76 -8.46 6.51
C PHE A 100 10.95 -8.10 5.25
N HIS A 101 9.70 -7.77 5.51
CA HIS A 101 8.75 -7.46 4.40
C HIS A 101 8.39 -5.98 4.42
N PHE A 102 8.32 -5.39 3.20
CA PHE A 102 7.84 -4.01 3.05
C PHE A 102 7.26 -3.95 1.67
N TYR A 103 6.34 -2.99 1.54
CA TYR A 103 5.79 -2.58 0.23
C TYR A 103 6.32 -1.22 -0.15
N THR A 104 6.88 -1.14 -1.34
CA THR A 104 7.34 0.14 -1.89
C THR A 104 6.35 0.64 -2.98
N ILE A 105 6.04 1.93 -2.88
N ILE A 105 6.08 1.93 -2.91
CA ILE A 105 5.30 2.68 -3.90
CA ILE A 105 5.31 2.67 -3.89
C ILE A 105 6.21 3.80 -4.39
C ILE A 105 6.21 3.79 -4.40
N TRP A 106 6.29 3.94 -5.72
CA TRP A 106 7.14 4.96 -6.31
C TRP A 106 6.30 5.70 -7.39
N TRP A 107 6.65 6.98 -7.61
CA TRP A 107 5.86 7.82 -8.55
C TRP A 107 6.70 9.01 -8.95
N ASP A 108 6.24 9.69 -10.03
CA ASP A 108 6.92 10.88 -10.52
C ASP A 108 5.91 11.53 -11.42
N LYS A 109 6.37 12.65 -11.96
CA LYS A 109 5.54 13.54 -12.86
C LYS A 109 4.95 12.73 -13.97
N GLU A 110 5.87 12.01 -14.59
CA GLU A 110 5.60 11.11 -15.68
C GLU A 110 4.61 10.00 -15.39
N SER A 111 4.86 9.22 -14.37
CA SER A 111 3.92 8.17 -14.06
C SER A 111 2.50 8.74 -13.87
N THR A 112 2.41 9.88 -13.22
N THR A 112 2.41 9.87 -13.22
CA THR A 112 1.14 10.58 -12.99
CA THR A 112 1.14 10.55 -13.01
C THR A 112 0.52 11.06 -14.31
C THR A 112 0.53 11.03 -14.34
N LEU A 113 1.31 11.71 -15.15
CA LEU A 113 0.81 12.12 -16.44
C LEU A 113 0.34 10.94 -17.26
N ASN A 114 1.04 9.80 -17.15
CA ASN A 114 0.66 8.64 -17.97
C ASN A 114 -0.69 8.06 -17.52
N PHE A 115 -0.93 8.03 -16.19
CA PHE A 115 -2.22 7.68 -15.69
C PHE A 115 -3.30 8.53 -16.39
N LEU A 116 -3.08 9.84 -16.32
CA LEU A 116 -4.08 10.74 -16.92
C LEU A 116 -4.21 10.61 -18.44
N THR A 117 -3.11 10.35 -19.10
CA THR A 117 -3.19 10.16 -20.56
C THR A 117 -3.97 8.91 -20.85
N ARG A 118 -3.62 7.80 -20.16
CA ARG A 118 -4.29 6.54 -20.43
C ARG A 118 -5.74 6.57 -20.01
N LEU A 119 -6.10 7.33 -19.00
CA LEU A 119 -7.54 7.50 -18.73
C LEU A 119 -8.25 8.26 -19.83
N GLU A 120 -7.73 9.43 -20.17
CA GLU A 120 -8.34 10.18 -21.25
C GLU A 120 -8.35 9.32 -22.51
N GLN A 121 -7.30 8.49 -22.67
CA GLN A 121 -7.16 7.70 -23.89
C GLN A 121 -8.07 6.47 -23.89
N ASP A 122 -7.87 5.60 -22.88
CA ASP A 122 -8.64 4.34 -22.71
C ASP A 122 -10.11 4.68 -22.92
N MSE B 2 9.68 17.77 5.48
CA MSE B 2 9.60 16.39 5.03
C MSE B 2 10.26 15.47 6.07
O MSE B 2 11.47 15.22 5.98
CB MSE B 2 10.28 16.16 3.66
CG MSE B 2 9.35 15.98 2.47
SE MSE B 2 9.33 14.22 1.69
CE MSE B 2 8.80 14.42 -0.12
HA MSE B 2 8.67 16.15 4.94
HB2 MSE B 2 10.86 16.91 3.50
HB3 MSE B 2 10.81 15.35 3.70
HG2 MSE B 2 8.47 16.15 2.77
HG3 MSE B 2 9.59 16.62 1.77
HE1 MSE B 2 8.78 13.53 -0.54
HE2 MSE B 2 7.94 14.83 -0.15
HE3 MSE B 2 9.46 14.99 -0.57
N ASN B 3 9.51 15.02 7.07
CA ASN B 3 10.05 13.96 7.90
C ASN B 3 10.13 12.71 7.05
N ILE B 4 11.24 12.04 7.25
N ILE B 4 11.20 12.00 7.15
CA ILE B 4 11.55 10.84 6.55
CA ILE B 4 11.19 10.82 6.33
C ILE B 4 10.72 9.67 7.12
C ILE B 4 10.69 9.58 7.10
N ILE B 5 10.51 9.63 8.44
CA ILE B 5 9.96 8.45 9.15
C ILE B 5 8.71 8.78 9.95
N ARG B 6 7.69 7.96 9.85
CA ARG B 6 6.57 7.98 10.80
C ARG B 6 6.51 6.59 11.43
N LYS B 7 6.92 6.51 12.67
CA LYS B 7 6.84 5.21 13.35
C LYS B 7 5.39 5.04 13.69
N MSE B 8 4.94 3.83 13.53
CA MSE B 8 3.56 3.56 13.84
C MSE B 8 3.26 3.75 15.31
O MSE B 8 4.11 3.41 16.21
CB MSE B 8 3.24 2.10 13.47
CG MSE B 8 1.94 1.57 14.06
SE MSE B 8 0.30 2.42 13.39
CE MSE B 8 0.38 2.00 11.61
H MSE B 8 5.39 3.18 13.19
HA MSE B 8 2.96 4.11 13.33
HB2 MSE B 8 3.18 1.97 12.51
HB3 MSE B 8 3.98 1.58 13.81
HG2 MSE B 8 1.91 0.63 13.82
HG3 MSE B 8 1.95 1.64 15.03
HE1 MSE B 8 1.28 1.77 11.37
HE2 MSE B 8 -0.20 1.23 11.44
HE3 MSE B 8 0.05 2.75 11.10
N ASP B 9 2.09 4.30 15.58
CA ASP B 9 1.54 4.44 16.95
C ASP B 9 0.24 3.67 16.91
N TRP B 10 0.31 2.44 17.40
CA TRP B 10 -0.86 1.57 17.47
C TRP B 10 -1.87 2.06 18.50
N ASP B 11 -1.50 2.98 19.38
CA ASP B 11 -2.42 3.61 20.30
C ASP B 11 -3.16 4.82 19.73
N SER B 12 -2.80 5.22 18.51
CA SER B 12 -3.31 6.45 17.89
C SER B 12 -4.27 6.11 16.75
N MSE B 13 -4.77 4.92 16.56
CA MSE B 13 -5.66 4.58 15.42
C MSE B 13 -6.98 5.35 15.58
O MSE B 13 -7.41 5.71 16.60
CB MSE B 13 -5.97 3.10 15.29
CG MSE B 13 -4.78 2.09 15.46
SE MSE B 13 -3.31 2.30 14.25
CE MSE B 13 -4.07 1.29 12.69
H MSE B 13 -4.59 4.26 17.07
HA MSE B 13 -5.26 4.87 14.59
HB2 MSE B 13 -6.67 2.91 15.93
HB3 MSE B 13 -6.32 2.89 14.41
HG2 MSE B 13 -4.43 2.16 16.38
HG3 MSE B 13 -5.07 1.19 15.24
HE1 MSE B 13 -3.61 1.61 11.89
HE2 MSE B 13 -3.90 0.34 12.79
HE3 MSE B 13 -5.03 1.47 12.61
N VAL B 14 -7.61 5.63 14.45
CA VAL B 14 -8.88 6.32 14.38
C VAL B 14 -9.90 5.41 13.79
N HIS B 15 -11.01 5.23 14.49
CA HIS B 15 -12.10 4.38 14.05
C HIS B 15 -12.87 5.08 12.94
N GLU B 16 -13.03 4.37 11.84
N GLU B 16 -13.06 4.36 11.84
CA GLU B 16 -13.78 4.91 10.68
CA GLU B 16 -13.83 4.87 10.69
C GLU B 16 -14.05 3.73 9.78
C GLU B 16 -15.03 3.95 10.46
N TYR B 17 -15.18 3.81 9.05
N TYR B 17 -16.15 4.26 11.11
CA TYR B 17 -15.64 2.71 8.19
CA TYR B 17 -17.38 3.50 11.02
C TYR B 17 -15.70 1.38 8.96
C TYR B 17 -17.26 2.10 11.58
N ASP B 18 -16.03 1.50 10.22
N ASP B 18 -16.34 1.31 11.01
CA ASP B 18 -16.18 0.32 11.09
CA ASP B 18 -16.24 -0.09 11.28
C ASP B 18 -14.92 -0.58 11.22
C ASP B 18 -14.84 -0.72 11.19
N LEU B 19 -13.77 0.07 11.19
CA LEU B 19 -12.44 -0.48 11.32
C LEU B 19 -11.57 0.55 12.01
N ASP B 20 -10.38 0.17 12.41
CA ASP B 20 -9.45 1.08 13.07
C ASP B 20 -8.27 1.33 12.18
N GLY B 21 -8.06 2.61 11.82
CA GLY B 21 -7.11 2.97 10.76
C GLY B 21 -6.11 4.02 11.18
N SER B 22 -5.12 4.11 10.31
CA SER B 22 -4.08 5.13 10.41
C SER B 22 -3.79 5.69 8.98
N ARG B 23 -4.30 6.89 8.74
CA ARG B 23 -4.18 7.52 7.41
C ARG B 23 -2.78 7.98 7.14
N LEU B 24 -2.37 7.84 5.88
CA LEU B 24 -1.10 8.42 5.39
C LEU B 24 -1.02 9.96 5.53
N LEU B 25 -2.12 10.58 5.13
CA LEU B 25 -2.23 12.05 5.03
C LEU B 25 -3.01 12.60 6.18
N PRO B 26 -2.66 13.78 6.65
CA PRO B 26 -1.59 14.65 6.19
C PRO B 26 -0.17 14.27 6.63
N TRP B 27 0.77 14.48 5.73
CA TRP B 27 2.20 14.30 5.96
C TRP B 27 2.86 15.55 5.40
N GLU B 28 3.21 16.45 6.30
CA GLU B 28 3.79 17.70 5.86
C GLU B 28 5.10 17.37 5.12
N GLY B 29 5.17 17.83 3.88
CA GLY B 29 6.33 17.63 3.01
C GLY B 29 6.18 16.49 2.01
N LEU B 30 5.33 15.50 2.31
CA LEU B 30 5.05 14.49 1.33
C LEU B 30 4.32 15.27 0.22
N ASN B 31 4.33 14.67 -0.97
CA ASN B 31 3.62 15.15 -2.16
C ASN B 31 3.19 13.88 -2.84
N THR B 32 1.96 13.44 -2.74
CA THR B 32 1.54 12.17 -3.41
C THR B 32 0.33 12.36 -4.36
N PRO B 33 0.23 11.49 -5.35
CA PRO B 33 -0.97 11.53 -6.20
C PRO B 33 -2.06 10.58 -5.73
N PHE B 34 -1.85 10.00 -4.53
CA PHE B 34 -2.79 9.01 -3.92
C PHE B 34 -2.92 9.29 -2.44
N GLY B 35 -3.97 8.75 -1.88
CA GLY B 35 -4.14 8.63 -0.41
C GLY B 35 -3.92 7.19 0.04
N GLY B 36 -3.77 7.02 1.36
CA GLY B 36 -3.49 5.70 1.94
C GLY B 36 -3.97 5.64 3.33
N ALA B 37 -4.09 4.38 3.75
CA ALA B 37 -4.37 4.09 5.16
C ALA B 37 -4.01 2.65 5.49
N TRP B 38 -3.46 2.52 6.71
CA TRP B 38 -3.28 1.18 7.34
C TRP B 38 -4.52 0.89 8.12
N CYS B 39 -5.19 -0.19 7.78
CA CYS B 39 -6.45 -0.56 8.39
C CYS B 39 -6.42 -1.90 9.11
N ILE B 40 -7.19 -1.92 10.22
CA ILE B 40 -7.32 -3.13 11.03
C ILE B 40 -8.79 -3.39 11.19
N VAL B 41 -9.21 -4.57 10.72
CA VAL B 41 -10.56 -5.08 10.90
C VAL B 41 -10.41 -6.04 12.13
N ARG B 42 -11.09 -5.67 13.18
CA ARG B 42 -10.93 -6.41 14.43
C ARG B 42 -11.62 -7.78 14.32
N PRO B 43 -11.30 -8.70 15.26
CA PRO B 43 -11.81 -10.07 15.17
C PRO B 43 -13.31 -10.10 15.21
N GLU B 44 -13.88 -10.92 14.36
CA GLU B 44 -15.33 -11.15 14.32
C GLU B 44 -16.16 -9.94 14.04
N THR B 45 -15.64 -9.15 13.12
CA THR B 45 -16.29 -7.90 12.61
C THR B 45 -16.16 -7.85 11.11
N LYS B 46 -16.93 -6.90 10.58
N LYS B 46 -16.87 -6.88 10.57
CA LYS B 46 -17.03 -6.57 9.16
CA LYS B 46 -16.74 -6.55 9.19
C LYS B 46 -16.97 -5.03 9.02
C LYS B 46 -16.71 -5.05 8.98
N SER B 47 -16.24 -4.54 8.02
N SER B 47 -16.19 -4.71 7.82
CA SER B 47 -16.15 -3.07 7.72
CA SER B 47 -16.17 -3.36 7.24
C SER B 47 -17.44 -2.44 7.14
C SER B 47 -16.85 -3.43 5.88
N PHE B 48 -17.49 -1.10 7.02
N PHE B 48 -17.84 -2.54 5.71
CA PHE B 48 -18.67 -0.44 6.50
CA PHE B 48 -18.56 -2.38 4.46
C PHE B 48 -18.48 -0.16 5.00
C PHE B 48 -18.40 -0.94 4.00
N ARG B 49 -19.37 -0.83 4.28
N ARG B 49 -18.19 -0.76 2.70
CA ARG B 49 -19.40 -0.90 2.85
CA ARG B 49 -18.15 0.56 2.12
C ARG B 49 -19.51 0.50 2.29
C ARG B 49 -18.99 0.57 0.87
N HIS B 50 -18.63 0.83 1.37
N HIS B 50 -19.53 1.75 0.62
CA HIS B 50 -18.93 1.97 0.47
CA HIS B 50 -20.35 2.03 -0.51
C HIS B 50 -18.55 1.72 -0.99
C HIS B 50 -19.51 2.40 -1.64
N SER B 51 -18.68 2.79 -1.79
N SER B 51 -20.05 2.37 -2.84
CA SER B 51 -18.61 2.74 -3.26
CA SER B 51 -19.25 2.66 -4.02
C SER B 51 -17.78 3.87 -3.89
C SER B 51 -18.52 3.99 -3.92
N HIS B 52 -17.48 4.91 -3.12
N HIS B 52 -17.51 4.12 -4.77
CA HIS B 52 -16.63 6.07 -3.51
CA HIS B 52 -16.99 5.40 -5.15
C HIS B 52 -16.04 6.10 -4.96
C HIS B 52 -16.51 5.31 -6.59
N ASN B 53 -16.44 7.12 -5.69
N ASN B 53 -16.31 6.48 -7.15
CA ASN B 53 -16.00 7.38 -7.11
CA ASN B 53 -15.98 6.63 -8.52
C ASN B 53 -14.49 7.63 -7.23
C ASN B 53 -14.51 6.97 -8.57
N GLU B 54 -13.69 6.60 -6.93
N GLU B 54 -13.79 6.47 -7.56
CA GLU B 54 -12.23 6.65 -6.89
CA GLU B 54 -12.34 6.53 -7.49
C GLU B 54 -11.62 5.23 -6.99
C GLU B 54 -11.73 5.18 -7.27
N TYR B 55 -10.47 5.13 -7.65
CA TYR B 55 -9.71 3.89 -7.75
C TYR B 55 -9.16 3.55 -6.38
N GLU B 56 -9.07 2.24 -6.11
CA GLU B 56 -8.59 1.74 -4.81
C GLU B 56 -7.97 0.40 -5.01
N LEU B 57 -6.93 0.16 -4.17
CA LEU B 57 -6.12 -1.09 -4.15
C LEU B 57 -6.00 -1.46 -2.67
N PHE B 58 -6.13 -2.75 -2.34
CA PHE B 58 -5.78 -3.26 -1.00
C PHE B 58 -4.56 -4.14 -1.14
N ILE B 59 -3.67 -3.95 -0.16
CA ILE B 59 -2.47 -4.81 0.03
C ILE B 59 -2.68 -5.54 1.38
N VAL B 60 -2.81 -6.87 1.29
CA VAL B 60 -3.15 -7.63 2.52
C VAL B 60 -1.88 -7.96 3.33
N ILE B 61 -1.92 -7.47 4.55
CA ILE B 61 -0.72 -7.48 5.44
C ILE B 61 -0.68 -8.64 6.44
N GLN B 62 -1.77 -8.91 7.16
CA GLN B 62 -1.72 -9.94 8.17
C GLN B 62 -3.11 -10.43 8.40
N GLY B 63 -3.19 -11.73 8.71
CA GLY B 63 -4.46 -12.38 9.03
C GLY B 63 -5.20 -12.88 7.79
N ASN B 64 -6.46 -13.13 8.01
CA ASN B 64 -7.37 -13.76 7.01
C ASN B 64 -8.65 -12.98 6.96
N ALA B 65 -9.24 -12.88 5.77
CA ALA B 65 -10.52 -12.22 5.65
C ALA B 65 -11.19 -12.67 4.38
N ILE B 66 -12.43 -12.16 4.25
CA ILE B 66 -13.15 -12.07 2.97
C ILE B 66 -13.32 -10.59 2.58
N ILE B 67 -12.87 -10.26 1.36
CA ILE B 67 -13.27 -9.04 0.68
C ILE B 67 -14.49 -9.43 -0.15
N ARG B 68 -15.61 -8.80 0.13
CA ARG B 68 -16.76 -9.03 -0.72
C ARG B 68 -16.87 -7.82 -1.62
N ILE B 69 -16.89 -8.09 -2.91
CA ILE B 69 -16.91 -7.07 -3.98
C ILE B 69 -18.21 -7.35 -4.75
N ASN B 70 -19.19 -6.48 -4.61
N ASN B 70 -19.18 -6.46 -4.61
CA ASN B 70 -20.55 -6.73 -5.16
CA ASN B 70 -20.49 -6.61 -5.27
C ASN B 70 -21.01 -8.09 -4.60
C ASN B 70 -21.00 -8.05 -5.16
N ASP B 71 -21.25 -9.09 -5.43
N ASP B 71 -21.19 -8.52 -3.93
CA ASP B 71 -21.69 -10.40 -4.95
CA ASP B 71 -21.76 -9.85 -3.69
C ASP B 71 -20.53 -11.38 -4.66
C ASP B 71 -20.79 -11.01 -3.94
N GLU B 72 -19.32 -11.04 -5.09
N GLU B 72 -19.62 -10.76 -4.53
CA GLU B 72 -18.24 -12.04 -5.21
CA GLU B 72 -18.66 -11.82 -4.80
C GLU B 72 -17.32 -12.01 -3.97
C GLU B 72 -17.70 -11.91 -3.64
N ASP B 73 -17.32 -13.13 -3.27
CA ASP B 73 -16.41 -13.35 -2.13
C ASP B 73 -14.99 -13.65 -2.55
N PHE B 74 -14.05 -12.85 -2.04
CA PHE B 74 -12.63 -13.07 -2.30
C PHE B 74 -11.92 -13.36 -0.99
N PRO B 75 -11.60 -14.66 -0.73
CA PRO B 75 -10.78 -14.83 0.47
C PRO B 75 -9.35 -14.39 0.29
N VAL B 76 -8.83 -13.80 1.36
CA VAL B 76 -7.53 -13.15 1.28
C VAL B 76 -6.69 -13.35 2.52
N THR B 77 -5.40 -13.44 2.27
N THR B 77 -5.39 -13.49 2.24
CA THR B 77 -4.46 -13.30 3.33
CA THR B 77 -4.34 -13.67 3.23
C THR B 77 -3.19 -12.64 2.91
C THR B 77 -3.16 -12.80 2.87
N LYS B 78 -2.21 -12.63 3.78
CA LYS B 78 -0.96 -11.92 3.55
C LYS B 78 -0.33 -12.13 2.19
N GLY B 79 -0.11 -10.98 1.55
CA GLY B 79 0.52 -10.90 0.24
C GLY B 79 -0.45 -10.70 -0.88
N ASP B 80 -1.71 -11.01 -0.69
CA ASP B 80 -2.70 -10.82 -1.74
C ASP B 80 -2.96 -9.32 -1.97
N LEU B 81 -3.18 -9.03 -3.26
CA LEU B 81 -3.55 -7.69 -3.75
C LEU B 81 -4.95 -7.81 -4.34
N ILE B 82 -5.78 -6.82 -4.04
N ILE B 82 -5.78 -6.82 -4.07
CA ILE B 82 -7.12 -6.70 -4.58
CA ILE B 82 -7.08 -6.78 -4.70
C ILE B 82 -7.32 -5.31 -5.15
C ILE B 82 -7.43 -5.36 -5.10
N ILE B 83 -7.91 -5.26 -6.32
CA ILE B 83 -8.29 -3.98 -6.98
C ILE B 83 -9.77 -3.86 -6.92
N ILE B 84 -10.27 -2.81 -6.23
CA ILE B 84 -11.73 -2.57 -6.09
C ILE B 84 -12.21 -1.81 -7.39
N PRO B 85 -12.98 -2.49 -8.24
CA PRO B 85 -13.35 -1.76 -9.46
C PRO B 85 -14.26 -0.61 -9.09
N LEU B 86 -14.21 0.48 -9.86
CA LEU B 86 -15.00 1.67 -9.53
C LEU B 86 -16.49 1.34 -9.50
N ASP B 87 -17.22 1.96 -8.59
CA ASP B 87 -18.66 1.90 -8.60
C ASP B 87 -19.14 0.48 -8.20
N SER B 88 -18.20 -0.22 -7.54
CA SER B 88 -18.51 -1.47 -6.83
C SER B 88 -18.88 -1.14 -5.38
N GLU B 89 -19.31 -2.13 -4.63
N GLU B 89 -19.37 -2.16 -4.67
CA GLU B 89 -19.30 -1.96 -3.17
CA GLU B 89 -19.51 -2.14 -3.20
C GLU B 89 -18.17 -2.77 -2.57
C GLU B 89 -18.59 -3.20 -2.62
N HIS B 90 -17.51 -2.23 -1.52
N HIS B 90 -17.90 -2.89 -1.51
CA HIS B 90 -16.40 -2.95 -0.87
CA HIS B 90 -17.06 -3.89 -0.82
C HIS B 90 -16.36 -2.87 0.66
C HIS B 90 -17.41 -4.24 0.65
N HIS B 91 -16.28 -4.05 1.25
N HIS B 91 -17.16 -5.49 1.02
CA HIS B 91 -16.06 -4.13 2.64
CA HIS B 91 -17.18 -5.89 2.42
C HIS B 91 -15.32 -5.45 2.92
C HIS B 91 -15.82 -6.48 2.73
N VAL B 92 -14.82 -5.59 4.15
N VAL B 92 -15.32 -6.22 3.93
CA VAL B 92 -13.94 -6.65 4.63
CA VAL B 92 -14.13 -6.87 4.48
C VAL B 92 -14.61 -7.49 5.76
C VAL B 92 -14.56 -7.53 5.75
N ILE B 93 -14.69 -8.82 5.63
CA ILE B 93 -15.22 -9.66 6.70
C ILE B 93 -14.06 -10.35 7.40
N ASN B 94 -13.92 -10.17 8.71
CA ASN B 94 -12.95 -10.95 9.53
C ASN B 94 -13.71 -11.82 10.48
N ASN B 95 -13.93 -13.03 10.05
CA ASN B 95 -14.55 -14.02 10.89
C ASN B 95 -13.64 -14.64 11.99
N ASN B 96 -12.39 -14.23 12.12
CA ASN B 96 -11.39 -14.94 12.84
C ASN B 96 -10.94 -14.23 14.08
N GLN B 97 -10.13 -14.93 14.89
CA GLN B 97 -9.60 -14.47 16.19
C GLN B 97 -8.28 -13.73 16.26
N GLU B 98 -7.65 -13.41 15.10
CA GLU B 98 -6.61 -12.38 15.06
C GLU B 98 -7.08 -11.23 14.14
N ASP B 99 -6.51 -10.08 14.43
CA ASP B 99 -6.85 -8.90 13.59
C ASP B 99 -6.39 -9.12 12.21
N PHE B 100 -7.15 -8.48 11.37
CA PHE B 100 -6.90 -8.48 9.92
C PHE B 100 -6.37 -7.10 9.54
N HIS B 101 -5.15 -7.11 9.03
CA HIS B 101 -4.47 -5.86 8.62
C HIS B 101 -4.35 -5.79 7.10
N PHE B 102 -4.63 -4.57 6.57
CA PHE B 102 -4.40 -4.32 5.13
C PHE B 102 -4.03 -2.84 5.01
N TYR B 103 -3.41 -2.55 3.86
CA TYR B 103 -3.16 -1.14 3.48
C TYR B 103 -4.00 -0.83 2.25
N THR B 104 -4.70 0.29 2.29
CA THR B 104 -5.45 0.73 1.11
C THR B 104 -4.77 1.98 0.56
N ILE B 105 -4.70 1.99 -0.76
N ILE B 105 -4.69 2.00 -0.76
CA ILE B 105 -4.20 3.10 -1.62
CA ILE B 105 -4.23 3.12 -1.56
C ILE B 105 -5.39 3.49 -2.51
C ILE B 105 -5.38 3.50 -2.51
N TRP B 106 -5.73 4.78 -2.55
CA TRP B 106 -6.79 5.25 -3.41
C TRP B 106 -6.30 6.50 -4.19
N TRP B 107 -6.91 6.70 -5.37
CA TRP B 107 -6.44 7.75 -6.30
C TRP B 107 -7.57 8.03 -7.30
N ASP B 108 -7.50 9.24 -7.91
CA ASP B 108 -8.36 9.59 -9.03
C ASP B 108 -7.67 10.67 -9.78
N LYS B 109 -8.42 11.20 -10.74
CA LYS B 109 -7.87 12.26 -11.64
C LYS B 109 -7.39 13.45 -10.85
N GLU B 110 -8.22 13.90 -9.91
CA GLU B 110 -7.96 15.04 -9.02
C GLU B 110 -6.78 14.89 -8.09
N SER B 111 -6.70 13.73 -7.46
CA SER B 111 -5.54 13.50 -6.58
C SER B 111 -4.26 13.61 -7.42
N THR B 112 -4.33 13.07 -8.62
N THR B 112 -4.33 13.07 -8.62
CA THR B 112 -3.20 13.08 -9.53
CA THR B 112 -3.18 13.08 -9.53
C THR B 112 -2.87 14.49 -10.04
C THR B 112 -2.87 14.50 -10.04
N LEU B 113 -3.89 15.18 -10.52
CA LEU B 113 -3.73 16.55 -10.94
C LEU B 113 -3.25 17.42 -9.77
N ASN B 114 -3.69 17.08 -8.55
CA ASN B 114 -3.36 17.94 -7.45
C ASN B 114 -1.88 17.78 -7.13
N PHE B 115 -1.40 16.53 -7.19
CA PHE B 115 0.03 16.29 -7.06
C PHE B 115 0.85 17.14 -8.07
N LEU B 116 0.42 17.10 -9.34
CA LEU B 116 1.17 17.86 -10.36
C LEU B 116 1.11 19.40 -10.22
N THR B 117 -0.01 19.86 -9.70
CA THR B 117 -0.18 21.29 -9.42
C THR B 117 0.66 21.73 -8.25
N ARG B 118 0.64 20.94 -7.18
CA ARG B 118 1.37 21.34 -6.01
C ARG B 118 2.85 21.26 -6.30
N LEU B 119 3.23 20.26 -7.09
CA LEU B 119 4.58 20.15 -7.60
C LEU B 119 5.00 21.47 -8.24
N GLU B 120 4.33 21.82 -9.34
CA GLU B 120 4.68 22.99 -10.13
C GLU B 120 4.68 24.27 -9.29
N GLN B 121 3.82 24.34 -8.29
CA GLN B 121 3.72 25.55 -7.48
C GLN B 121 4.80 25.52 -6.40
NI NI C . 14.43 3.17 -4.47
NA NA D . 7.90 -16.20 7.97
NI NI E . -13.29 2.07 -0.71
#